data_6CP6
#
_entry.id   6CP6
#
_cell.length_a   1.00
_cell.length_b   1.00
_cell.length_c   1.00
_cell.angle_alpha   90.00
_cell.angle_beta   90.00
_cell.angle_gamma   90.00
#
_symmetry.space_group_name_H-M   'P 1'
#
loop_
_entity.id
_entity.type
_entity.pdbx_description
1 polymer 'ATP synthase subunit 9, mitochondrial'
2 polymer 'ATP synthase subunit 5, mitochondrial'
3 polymer 'ATP synthase subunit alpha, mitochondrial'
4 polymer 'ATP synthase subunit beta, mitochondrial'
5 polymer 'ATP synthase subunit gamma, mitochondrial'
6 polymer 'ATP synthase subunit delta, mitochondrial'
7 polymer 'ATP synthase subunit epsilon, mitochondrial'
8 polymer 'ATP synthase subunit 4, mitochondrial'
9 polymer 'ATP synthase subunit d, mitochondrial'
10 polymer 'ATP synthase subunit H, mitochondrial'
11 polymer 'ATP synthase subunit f, mitochondrial'
12 polymer 'ATP synthase protein 8'
13 polymer 'ATP synthase subunit a'
14 polymer 'ATP synthase subunit J, mitochondrial'
15 non-polymer "ADENOSINE-5'-TRIPHOSPHATE"
16 non-polymer "ADENOSINE-5'-DIPHOSPHATE"
#
loop_
_entity_poly.entity_id
_entity_poly.type
_entity_poly.pdbx_seq_one_letter_code
_entity_poly.pdbx_strand_id
1 'polypeptide(L)' (FME)QLVLAAKYIGAGISTIGLLGAGIGIAIVFAALINGVSRNPSIKDTVFPMAILGFALSEATGLFCLMVSFLLLFGV K,L,M,N,O,P,Q,R,S,T
2 'polypeptide(L)'
;ASKAAAPPPVRLFGVEGTYATALYQAAAKNSSIDAAFQSLQKVESTVKKNPKLGHLLLNPALSLKDRNSVIDAIVETHKN
LDGYVVNLLKVLSENNRLGCFEKIASDFGVLNDAHNGLLKGTVTSAEPLDPKSFKRIEKALSASKLVGQGKSLKLENVVK
PEIKGGLIVELGDKTVDLSISTKIQKLNKVLEDSI
;
Y
3 'polypeptide(L)'
;ASTKAQPTEVSSILEERIKGVSDEANLNETGRVLAVGDGIARVFGLNNIQAEELVEFSSGVKGMALNLEPGQVGIVLFGS
DRLVKEGELVKRTGNIVDVPVGPGLLGRVVDALGNPIDGKGPIDAAGRSRAQVKAPGILPRRSVHEPVQTGLKAVDALVP
IGRGQRELIIGDRQTGKTAVALDTILNQKRWNNGSDESKKLYCVYVAVGQKRSTVAQLVQTLEQHDAMKYSIIVAATASE
AAPLQYLAPFTAASIGEWFRDNGKHALIVYDDLSKQAVAYRQLSLLLRRPPGREAYPGDVFYLHSRLLERAAKLSEKEGS
GSLTALPVIETQGGDVSAYIPTNVISITDGQIFLEAELFYKGIRPAINVGLSVSRVGSAAQVKALKQVAGSLKLFLAQYR
EVAAFAQFGSDLDASTKQTLVRGERLTQLLKQNQYSPLATEEQVPLIYAGVNGHLDGIELSRIGEFESSFLSYLKSNHNE
LLTEIREKGELSKELLASLKSATESFVATF
;
A,B,C
4 'polypeptide(L)'
;ASAAQSTPITGKVTAVIGAIVDVHFEQSELPAILNALEIKTPQGKLVLEVAQHLGENTVRTIAMDGTEGLVRGEKVLDTG
GPISVPVGRETLGRIINVIGEPIDERGPIKSKLRKPIHADPPSFAEQSTSAEILETGIKVVDLLAPYARGGKIGLFGGAG
VGKTVFIQELINNIAKAHGGFSVFTGVGERTREGNDLYREMKETGVINLEGESKVALVFGQMNEPPGARARVALTGLTIA
EYFRDEEGQDVLLFIDNIFRFTQAGSEVSALLGRIPSAVGYQPTLATDMGLLQERITTTKKGSVTSVQAVYVPADDLTDP
APATTFAHLDATTVLSRGISELGIYPAVDPLDSKSRLLDAAVVGQEHYDVASKVQETLQTYKSLQDIIAILGMDELSEQD
KLTVERARKIQRFLSQPFAVAEVFTGIPGKLVRLKDTVASFKAVLEGKYDNIPEHAFYMVGGIEDVVAKAEKLAAEAN
;
D,E,F
5 'polypeptide(L)'
;ATLKEVEMRLKSIKNIEKITKTMKIVASTRLSKAEKAKISAKKMDEAEQLFYKNAETKNLDVEATETGAPKELIVAITSD
KGLCGSIHSQLAKAVRRHLNDQPNADIVTIGDKIKMQLLRTHPNNIKLSINGIGKDAPTFQESALIADKLLSVMKAGTYP
KISIFYNDPVSSLSFEPSEKPIFNAKTIEQSPSFGKFEIDTDANVPRDLFEYTLANQMLTAMAQGYAAEISARRNAMDNA
SKNAGDMINRYSILYNRTRQAVITNELVDIITGASSLG
;
G
6 'polypeptide(L)'
;AEAAAASSGLKLQFALPHETLYSGSEVTQVNLPAKSGRIGVLANHVPTVEQLLPGVVEVMEGSNSKKFFISGGFATVQPD
SQLCVTAIEAFPLESFSQENIKNLLAEAKKNVSSSDAREAAEAAIQVEVLENLQSVLK
;
H
7 'polypeptide(L)' SAWRKAGISYAAYLNVAAQAIRSSLKTELQTASVLNRSQTDAFYTQYKNGTAASEPTPITK I
8 'polypeptide(L)'
;MSSTPEKQTDPKAKANSIINAIPGNNILTKTGVLGTSAAAVIYAISNELYVINDESILLLTFLGFTGLVAKYLAPAYKDF
ADARMKKVSDVLNASRNKHVEAVKDRIDSVSQLQNVAETTKVLFDVSKETVELESEAFELKQKVELAHEAKAVLDSWVRY
EASLRQLEQRQLAKSVISRVQSELGNPKFQEKVLQQSISEIEQLLSKLK
;
Z
9 'polypeptide(L)'
;SLAKSAANKLDWAKVISSLRITGSTATQLSSFKKRNDEARRQLLELQSQPTEVDFSHYRSVLKNTSVIDKIESYVKQYKP
VKIDASKQLQVIESFEKHAMTNAKETESLVSKELKDLQSTLDNIQSARPFDELTVDDLTKIKPEIDAKVEEMVKKGKWDV
PGYKDRFGNLNVM
;
7
10 'polypeptide(L)'
;NVIQDLYLRELKDTKLAPSTLQDAEGNVKPWNPPQKPNLPELELQGPEALKAYTEQNVETAHVAKESEEGESEPIEEDWL
VLDDAEETKESH
;
6
11 'polypeptide(L)'
;VSTLIPPKVVSSKNIGSAPNAKRIANVVHFYKSLPQGPAPAIKANTRLARYKAKYFDGDNASGKPLWHFALGIIAFGYSM
EYYFHLRHHKGAEEH
;
U
12 'polypeptide(L)' MPQLVPFYFMNQLTYGFLLMITLLILFSQFFLPMILRLYVSRLFISKL 8
13 'polypeptide(L)'
;SPLDQFEIRTLFGLQSSFIDLSCLNLTTFSLYTIIVLLVITSLYTLTNNNNKIIGSRWLISQEAIYDTIMNMTKGQIGGK
NWGLYFPMIFTLFMFIFIANLISMIPYSFALSAHLVFIISLSIVIWLGNTILGLYKHGWVFFSLFVPAGTPLPLVPLLVI
IETLSYFARAISLGLRLGSNILAGHLLMVILAGLTFNFMLINLFTLVFGFVPLAMILAIMMLEFAIGIIQGYVWAILTAS
YLKDAVYLH
;
X
14 'polypeptide(L)' MLKRFPTPILKVYWPFFVAGAAVYYGMSKAADLSSNT J
#
loop_
_chem_comp.id
_chem_comp.type
_chem_comp.name
_chem_comp.formula
ADP non-polymer ADENOSINE-5'-DIPHOSPHATE 'C10 H15 N5 O10 P2'
ATP non-polymer ADENOSINE-5'-TRIPHOSPHATE 'C10 H16 N5 O13 P3'
#
# COMPACT_ATOMS: atom_id res chain seq x y z
N FME A 1 112.57 -23.47 39.27
CN FME A 1 112.45 -22.26 38.61
O1 FME A 1 112.70 -22.13 37.40
CA FME A 1 112.97 -24.67 38.61
CB FME A 1 114.22 -25.32 39.25
CG FME A 1 115.22 -24.31 39.71
SD FME A 1 114.58 -23.59 41.20
CE FME A 1 115.15 -21.93 41.08
C FME A 1 111.86 -25.71 38.63
O FME A 1 111.59 -26.45 37.69
N GLN A 2 111.19 -25.74 39.77
CA GLN A 2 110.04 -26.62 39.97
C GLN A 2 108.76 -25.91 39.55
N LEU A 3 108.90 -24.63 39.21
CA LEU A 3 107.74 -23.82 38.91
C LEU A 3 107.49 -23.69 37.42
N VAL A 4 108.47 -24.08 36.60
CA VAL A 4 108.34 -23.85 35.15
C VAL A 4 107.32 -24.80 34.52
N LEU A 5 107.07 -25.97 35.11
CA LEU A 5 105.99 -26.83 34.66
C LEU A 5 104.77 -26.75 35.56
N ALA A 6 104.95 -26.35 36.82
CA ALA A 6 103.82 -26.12 37.71
C ALA A 6 102.99 -24.93 37.25
N ALA A 7 103.65 -23.90 36.72
CA ALA A 7 102.99 -22.71 36.22
C ALA A 7 102.26 -22.98 34.91
N LYS A 8 102.75 -23.93 34.11
CA LYS A 8 102.02 -24.34 32.91
C LYS A 8 100.68 -24.97 33.27
N TYR A 9 100.63 -25.67 34.41
CA TYR A 9 99.38 -26.26 34.88
C TYR A 9 98.37 -25.18 35.30
N ILE A 10 98.84 -24.14 35.99
CA ILE A 10 97.90 -23.10 36.42
C ILE A 10 97.54 -22.21 35.24
N GLY A 11 98.43 -22.10 34.24
CA GLY A 11 98.08 -21.40 33.02
C GLY A 11 97.05 -22.15 32.20
N ALA A 12 97.13 -23.48 32.20
CA ALA A 12 96.08 -24.31 31.62
C ALA A 12 94.77 -24.18 32.41
N GLY A 13 94.88 -23.94 33.72
CA GLY A 13 93.69 -23.73 34.53
C GLY A 13 92.97 -22.44 34.21
N ILE A 14 93.72 -21.33 34.14
CA ILE A 14 93.11 -20.04 33.81
C ILE A 14 92.77 -19.89 32.34
N SER A 15 93.45 -20.60 31.45
CA SER A 15 93.30 -20.39 30.01
C SER A 15 92.30 -21.36 29.40
N THR A 16 91.27 -21.76 30.14
CA THR A 16 90.29 -22.71 29.65
C THR A 16 88.87 -22.18 29.77
N ILE A 17 88.63 -21.23 30.68
CA ILE A 17 87.29 -20.78 31.05
C ILE A 17 86.66 -19.83 30.04
N GLY A 18 87.34 -19.57 28.92
CA GLY A 18 86.79 -18.70 27.89
C GLY A 18 85.51 -19.22 27.25
N LEU A 19 85.36 -20.55 27.18
CA LEU A 19 84.11 -21.20 26.78
C LEU A 19 82.93 -20.79 27.66
N LEU A 20 83.20 -20.35 28.89
CA LEU A 20 82.28 -19.63 29.75
C LEU A 20 81.42 -18.64 29.00
N GLY A 21 82.08 -17.75 28.25
CA GLY A 21 81.34 -16.78 27.44
C GLY A 21 80.59 -17.45 26.33
N ALA A 22 81.17 -18.51 25.75
CA ALA A 22 80.44 -19.37 24.83
C ALA A 22 79.24 -20.00 25.52
N GLY A 23 79.40 -20.40 26.79
CA GLY A 23 78.27 -20.88 27.57
C GLY A 23 77.23 -19.81 27.84
N ILE A 24 77.64 -18.55 27.75
CA ILE A 24 76.67 -17.46 27.68
C ILE A 24 76.24 -17.20 26.24
N GLY A 25 77.17 -17.24 25.29
CA GLY A 25 76.96 -16.67 23.97
C GLY A 25 75.97 -17.39 23.08
N ILE A 26 76.33 -18.58 22.63
CA ILE A 26 75.54 -19.31 21.64
C ILE A 26 74.17 -19.71 22.16
N ALA A 27 74.01 -19.73 23.48
CA ALA A 27 72.72 -19.92 24.15
C ALA A 27 71.68 -18.97 23.59
N ILE A 28 72.00 -17.66 23.49
CA ILE A 28 71.00 -16.77 22.94
C ILE A 28 70.89 -16.93 21.44
N VAL A 29 71.94 -17.44 20.79
CA VAL A 29 71.84 -17.81 19.39
C VAL A 29 70.84 -18.95 19.22
N PHE A 30 70.65 -19.76 20.25
CA PHE A 30 69.46 -20.61 20.28
C PHE A 30 68.25 -19.88 20.84
N ALA A 31 68.43 -19.08 21.90
CA ALA A 31 67.28 -18.59 22.66
C ALA A 31 66.53 -17.51 21.90
N ALA A 32 67.24 -16.55 21.31
CA ALA A 32 66.60 -15.66 20.36
C ALA A 32 66.12 -16.38 19.13
N LEU A 33 66.71 -17.54 18.81
CA LEU A 33 66.11 -18.43 17.83
C LEU A 33 64.74 -18.89 18.27
N ILE A 34 64.56 -19.18 19.56
CA ILE A 34 63.29 -19.71 20.06
C ILE A 34 62.20 -18.65 19.97
N ASN A 35 62.39 -17.54 20.69
CA ASN A 35 61.35 -16.50 20.72
C ASN A 35 61.26 -15.76 19.41
N GLY A 36 62.29 -15.85 18.57
CA GLY A 36 62.14 -15.49 17.19
C GLY A 36 61.16 -16.42 16.50
N VAL A 37 61.49 -17.72 16.49
CA VAL A 37 60.73 -18.64 15.65
C VAL A 37 59.42 -19.06 16.30
N SER A 38 59.27 -18.87 17.61
CA SER A 38 57.94 -18.99 18.18
C SER A 38 57.06 -17.87 17.68
N ARG A 39 57.65 -16.68 17.49
CA ARG A 39 56.94 -15.53 16.95
C ARG A 39 56.53 -15.75 15.49
N ASN A 40 57.37 -16.42 14.72
CA ASN A 40 57.07 -16.72 13.32
C ASN A 40 57.47 -18.17 13.08
N PRO A 41 56.49 -19.09 13.10
CA PRO A 41 56.83 -20.52 13.00
C PRO A 41 57.43 -20.94 11.67
N SER A 42 56.99 -20.35 10.56
CA SER A 42 57.49 -20.74 9.25
C SER A 42 58.65 -19.87 8.79
N ILE A 43 59.37 -19.22 9.72
CA ILE A 43 60.65 -18.63 9.40
C ILE A 43 61.79 -19.62 9.66
N LYS A 44 61.46 -20.82 10.14
CA LYS A 44 62.41 -21.76 10.76
C LYS A 44 63.48 -22.21 9.77
N ASP A 45 63.07 -22.81 8.66
CA ASP A 45 64.01 -23.20 7.61
C ASP A 45 64.69 -21.99 6.99
N THR A 46 64.06 -20.82 7.06
CA THR A 46 64.70 -19.56 6.73
C THR A 46 65.87 -19.25 7.64
N VAL A 47 65.74 -19.56 8.92
CA VAL A 47 66.70 -19.08 9.93
C VAL A 47 67.56 -20.18 10.52
N PHE A 48 67.13 -21.44 10.49
CA PHE A 48 67.89 -22.50 11.15
C PHE A 48 69.24 -22.80 10.51
N PRO A 49 69.45 -22.70 9.17
CA PRO A 49 70.84 -22.61 8.69
C PRO A 49 71.54 -21.36 9.18
N MET A 50 70.87 -20.21 9.08
CA MET A 50 71.47 -18.94 9.48
C MET A 50 71.83 -18.94 10.96
N ALA A 51 70.93 -19.46 11.81
CA ALA A 51 71.24 -19.65 13.21
C ALA A 51 72.41 -20.62 13.39
N ILE A 52 72.41 -21.73 12.65
CA ILE A 52 73.54 -22.64 12.77
C ILE A 52 74.73 -22.09 12.00
N LEU A 53 74.50 -21.09 11.15
CA LEU A 53 75.60 -20.22 10.76
C LEU A 53 76.06 -19.42 11.98
N GLY A 54 75.16 -18.62 12.55
CA GLY A 54 75.50 -17.70 13.63
C GLY A 54 75.89 -18.39 14.92
N PHE A 55 75.58 -19.67 15.05
CA PHE A 55 76.19 -20.49 16.09
C PHE A 55 77.70 -20.60 15.86
N ALA A 56 78.08 -21.21 14.74
CA ALA A 56 79.37 -21.89 14.61
C ALA A 56 80.54 -20.91 14.67
N LEU A 57 80.51 -19.89 13.82
CA LEU A 57 81.59 -18.91 13.79
C LEU A 57 81.56 -17.97 14.99
N SER A 58 80.53 -18.04 15.84
CA SER A 58 80.57 -17.36 17.12
C SER A 58 81.06 -18.25 18.24
N GLU A 59 81.12 -19.56 18.02
CA GLU A 59 81.55 -20.48 19.07
C GLU A 59 83.05 -20.72 19.06
N ALA A 60 83.64 -20.83 17.87
CA ALA A 60 85.00 -21.36 17.72
C ALA A 60 86.05 -20.48 18.35
N THR A 61 85.74 -19.19 18.52
CA THR A 61 86.61 -18.27 19.26
C THR A 61 86.87 -18.78 20.68
N GLY A 62 85.81 -19.16 21.38
CA GLY A 62 85.97 -19.79 22.68
C GLY A 62 86.69 -21.13 22.59
N LEU A 63 86.52 -21.83 21.47
CA LEU A 63 87.25 -23.06 21.25
C LEU A 63 88.73 -22.82 21.02
N PHE A 64 89.12 -21.58 20.70
CA PHE A 64 90.53 -21.23 20.66
C PHE A 64 91.14 -21.27 22.05
N CYS A 65 90.33 -20.89 23.07
CA CYS A 65 90.84 -20.56 24.39
C CYS A 65 91.51 -21.75 25.06
N LEU A 66 90.76 -22.85 25.21
CA LEU A 66 91.33 -24.08 25.75
C LEU A 66 92.38 -24.67 24.82
N MET A 67 92.33 -24.33 23.53
CA MET A 67 93.41 -24.68 22.62
C MET A 67 94.72 -24.04 23.04
N VAL A 68 94.65 -22.77 23.47
CA VAL A 68 95.78 -22.09 24.09
C VAL A 68 96.17 -22.79 25.38
N SER A 69 95.20 -23.38 26.07
CA SER A 69 95.52 -24.25 27.20
C SER A 69 96.27 -25.49 26.76
N PHE A 70 95.88 -26.08 25.63
CA PHE A 70 96.38 -27.39 25.22
C PHE A 70 97.87 -27.33 24.90
N LEU A 71 98.27 -26.38 24.07
CA LEU A 71 99.67 -26.10 23.81
C LEU A 71 100.42 -25.67 25.07
N LEU A 72 99.73 -25.07 26.05
CA LEU A 72 100.38 -24.73 27.29
C LEU A 72 100.41 -25.92 28.25
N LEU A 73 99.65 -26.98 27.96
CA LEU A 73 99.80 -28.19 28.75
C LEU A 73 100.89 -29.07 28.16
N PHE A 74 101.05 -29.05 26.85
CA PHE A 74 102.07 -29.86 26.19
C PHE A 74 103.18 -28.97 25.63
N FME B 1 115.65 -15.24 35.97
CN FME B 1 114.52 -14.70 36.53
O1 FME B 1 113.46 -14.54 35.91
CA FME B 1 115.71 -15.66 34.60
CB FME B 1 117.14 -15.63 34.03
C FME B 1 115.17 -17.08 34.40
O FME B 1 114.76 -17.50 33.31
N GLN B 2 115.17 -17.83 35.49
CA GLN B 2 114.58 -19.17 35.50
C GLN B 2 113.08 -19.05 35.72
N LEU B 3 112.67 -17.87 36.18
CA LEU B 3 111.29 -17.58 36.50
C LEU B 3 110.56 -16.85 35.39
N VAL B 4 111.29 -16.17 34.50
CA VAL B 4 110.68 -15.27 33.53
C VAL B 4 109.97 -16.04 32.42
N LEU B 5 110.38 -17.27 32.11
CA LEU B 5 109.69 -18.01 31.04
C LEU B 5 108.38 -18.61 31.55
N ALA B 6 108.36 -19.07 32.81
CA ALA B 6 107.09 -19.49 33.40
C ALA B 6 106.18 -18.30 33.63
N ALA B 7 106.75 -17.14 33.93
CA ALA B 7 105.98 -15.91 34.02
C ALA B 7 105.38 -15.54 32.68
N LYS B 8 106.11 -15.76 31.59
CA LYS B 8 105.56 -15.53 30.25
C LYS B 8 104.51 -16.57 29.89
N TYR B 9 104.64 -17.79 30.42
CA TYR B 9 103.62 -18.81 30.18
C TYR B 9 102.31 -18.46 30.85
N ILE B 10 102.37 -18.05 32.12
CA ILE B 10 101.13 -17.64 32.78
C ILE B 10 100.67 -16.27 32.28
N GLY B 11 101.58 -15.48 31.69
CA GLY B 11 101.17 -14.27 31.01
C GLY B 11 100.41 -14.54 29.74
N ALA B 12 100.79 -15.60 29.02
CA ALA B 12 99.98 -16.07 27.90
C ALA B 12 98.66 -16.65 28.39
N GLY B 13 98.64 -17.19 29.61
CA GLY B 13 97.41 -17.67 30.20
C GLY B 13 96.43 -16.55 30.52
N ILE B 14 96.92 -15.45 31.07
CA ILE B 14 96.03 -14.33 31.41
C ILE B 14 95.74 -13.43 30.21
N SER B 15 96.53 -13.50 29.15
CA SER B 15 96.29 -12.73 27.93
C SER B 15 95.56 -13.57 26.91
N THR B 16 94.59 -14.37 27.37
CA THR B 16 93.90 -15.35 26.53
C THR B 16 92.44 -15.03 26.29
N ILE B 17 91.71 -14.58 27.31
CA ILE B 17 90.25 -14.66 27.29
C ILE B 17 89.57 -13.39 26.81
N GLY B 18 90.30 -12.54 26.09
CA GLY B 18 89.68 -11.39 25.46
C GLY B 18 88.82 -11.75 24.27
N LEU B 19 88.98 -12.97 23.73
CA LEU B 19 88.01 -13.58 22.82
C LEU B 19 86.67 -13.86 23.48
N LEU B 20 86.62 -13.81 24.82
CA LEU B 20 85.38 -13.64 25.57
C LEU B 20 84.55 -12.49 25.01
N GLY B 21 85.21 -11.38 24.64
CA GLY B 21 84.53 -10.29 23.95
C GLY B 21 83.92 -10.69 22.62
N ALA B 22 84.53 -11.65 21.93
CA ALA B 22 83.82 -12.31 20.84
C ALA B 22 82.83 -13.32 21.39
N GLY B 23 83.24 -14.09 22.40
CA GLY B 23 82.53 -15.32 22.77
C GLY B 23 81.13 -15.09 23.29
N ILE B 24 80.83 -13.87 23.72
CA ILE B 24 79.44 -13.46 23.81
C ILE B 24 79.09 -12.53 22.65
N GLY B 25 79.91 -11.49 22.47
CA GLY B 25 79.57 -10.25 21.80
C GLY B 25 78.98 -10.34 20.41
N ILE B 26 79.77 -10.85 19.46
CA ILE B 26 79.33 -11.03 18.09
C ILE B 26 78.12 -11.96 18.01
N ALA B 27 78.02 -12.90 18.95
CA ALA B 27 76.90 -13.83 19.02
C ALA B 27 75.59 -13.09 19.21
N ILE B 28 75.60 -12.02 20.01
CA ILE B 28 74.35 -11.32 20.27
C ILE B 28 73.93 -10.56 19.05
N VAL B 29 74.88 -10.20 18.17
CA VAL B 29 74.56 -9.61 16.88
C VAL B 29 73.71 -10.57 16.08
N PHE B 30 74.12 -11.84 16.04
CA PHE B 30 73.33 -12.86 15.36
C PHE B 30 72.01 -13.07 16.06
N ALA B 31 71.99 -12.92 17.40
CA ALA B 31 70.72 -12.98 18.13
C ALA B 31 69.82 -11.85 17.70
N ALA B 32 70.39 -10.64 17.58
CA ALA B 32 69.64 -9.52 17.05
C ALA B 32 69.33 -9.69 15.58
N LEU B 33 70.10 -10.53 14.89
CA LEU B 33 69.74 -10.89 13.53
C LEU B 33 68.44 -11.70 13.52
N ILE B 34 68.32 -12.65 14.46
CA ILE B 34 67.22 -13.63 14.40
C ILE B 34 65.88 -12.95 14.61
N ASN B 35 65.75 -12.22 15.72
CA ASN B 35 64.61 -11.34 15.93
C ASN B 35 64.49 -10.35 14.78
N GLY B 36 65.62 -9.80 14.33
CA GLY B 36 65.67 -8.88 13.21
C GLY B 36 65.24 -9.46 11.88
N VAL B 37 65.01 -10.76 11.81
CA VAL B 37 64.38 -11.34 10.64
C VAL B 37 63.10 -12.10 10.98
N SER B 38 62.86 -12.44 12.25
CA SER B 38 61.65 -13.20 12.57
C SER B 38 60.43 -12.32 12.52
N ARG B 39 60.53 -11.11 13.06
CA ARG B 39 59.50 -10.10 12.85
C ARG B 39 59.64 -9.42 11.50
N ASN B 40 60.75 -9.62 10.81
CA ASN B 40 60.91 -8.84 9.59
C ASN B 40 61.68 -9.64 8.55
N PRO B 41 61.03 -10.59 7.85
CA PRO B 41 61.76 -11.46 6.92
C PRO B 41 62.23 -10.76 5.66
N SER B 42 61.56 -9.70 5.22
CA SER B 42 61.94 -9.00 3.99
C SER B 42 63.18 -8.15 4.17
N ILE B 43 63.65 -7.97 5.39
CA ILE B 43 64.80 -7.13 5.70
C ILE B 43 65.88 -8.09 6.23
N LYS B 44 65.96 -9.27 5.62
CA LYS B 44 67.12 -10.12 5.88
C LYS B 44 68.36 -9.61 5.14
N ASP B 45 68.34 -9.66 3.81
CA ASP B 45 69.52 -9.41 3.02
C ASP B 45 69.78 -7.92 2.83
N THR B 46 68.83 -7.08 3.23
CA THR B 46 69.10 -5.67 3.44
C THR B 46 70.16 -5.49 4.52
N VAL B 47 70.15 -6.35 5.53
CA VAL B 47 71.05 -6.19 6.65
C VAL B 47 72.21 -7.17 6.57
N PHE B 48 71.95 -8.36 6.02
CA PHE B 48 72.81 -9.53 6.26
C PHE B 48 74.25 -9.42 5.75
N PRO B 49 74.56 -8.79 4.61
CA PRO B 49 75.98 -8.44 4.39
C PRO B 49 76.49 -7.41 5.39
N MET B 50 75.77 -6.29 5.52
CA MET B 50 76.15 -5.21 6.43
C MET B 50 76.30 -5.71 7.86
N ALA B 51 75.33 -6.52 8.32
CA ALA B 51 75.39 -7.13 9.64
C ALA B 51 76.59 -8.06 9.76
N ILE B 52 76.87 -8.86 8.72
CA ILE B 52 78.04 -9.72 8.85
C ILE B 52 79.30 -8.91 8.62
N LEU B 53 79.17 -7.74 7.96
CA LEU B 53 80.20 -6.72 8.05
C LEU B 53 80.46 -6.35 9.49
N GLY B 54 79.39 -6.05 10.23
CA GLY B 54 79.43 -5.83 11.67
C GLY B 54 79.88 -7.03 12.47
N PHE B 55 79.95 -8.22 11.86
CA PHE B 55 80.69 -9.31 12.44
C PHE B 55 82.17 -8.93 12.62
N ALA B 56 82.85 -8.71 11.49
CA ALA B 56 84.31 -8.87 11.41
C ALA B 56 85.05 -7.89 12.30
N LEU B 57 84.80 -6.59 12.11
CA LEU B 57 85.47 -5.54 12.85
C LEU B 57 85.04 -5.46 14.32
N SER B 58 84.17 -6.36 14.79
CA SER B 58 84.07 -6.61 16.22
C SER B 58 85.00 -7.73 16.66
N GLU B 59 84.87 -8.91 16.02
CA GLU B 59 85.47 -10.13 16.55
C GLU B 59 86.99 -10.12 16.46
N ALA B 60 87.52 -9.39 15.47
CA ALA B 60 88.96 -9.26 15.30
C ALA B 60 89.61 -8.60 16.50
N THR B 61 88.88 -7.70 17.19
CA THR B 61 89.37 -7.12 18.44
C THR B 61 89.67 -8.20 19.46
N GLY B 62 88.73 -9.15 19.63
CA GLY B 62 88.97 -10.29 20.49
C GLY B 62 90.15 -11.13 20.04
N LEU B 63 90.36 -11.22 18.72
CA LEU B 63 91.47 -12.01 18.17
C LEU B 63 92.80 -11.42 18.60
N PHE B 64 92.84 -10.08 18.77
CA PHE B 64 94.04 -9.37 19.21
C PHE B 64 94.57 -9.94 20.50
N CYS B 65 93.66 -10.31 21.42
CA CYS B 65 94.04 -10.85 22.71
C CYS B 65 94.92 -12.08 22.58
N LEU B 66 94.49 -13.05 21.76
CA LEU B 66 95.29 -14.27 21.73
C LEU B 66 96.57 -14.10 20.93
N MET B 67 96.66 -13.10 20.04
CA MET B 67 97.95 -12.96 19.39
C MET B 67 98.93 -12.27 20.34
N VAL B 68 98.39 -11.48 21.28
CA VAL B 68 99.21 -11.00 22.40
C VAL B 68 99.76 -12.18 23.17
N SER B 69 98.93 -13.23 23.34
CA SER B 69 99.35 -14.47 23.97
C SER B 69 100.56 -15.07 23.27
N PHE B 70 100.56 -15.04 21.92
CA PHE B 70 101.70 -15.59 21.21
C PHE B 70 102.95 -14.75 21.41
N LEU B 71 102.80 -13.43 21.46
CA LEU B 71 104.00 -12.64 21.70
C LEU B 71 104.39 -12.62 23.16
N LEU B 72 103.57 -13.20 24.04
CA LEU B 72 104.01 -13.47 25.39
C LEU B 72 104.25 -14.97 25.59
N LEU B 73 104.03 -15.78 24.55
CA LEU B 73 104.50 -17.15 24.54
C LEU B 73 105.80 -17.32 23.77
N PHE B 74 105.89 -16.71 22.60
CA PHE B 74 107.09 -16.80 21.78
C PHE B 74 107.71 -15.42 21.57
N FME C 1 113.83 -6.91 40.94
CN FME C 1 112.50 -7.22 41.05
O1 FME C 1 111.63 -6.94 40.21
CA FME C 1 114.40 -6.21 39.81
CB FME C 1 115.60 -5.33 40.20
CG FME C 1 115.13 -4.04 40.79
C FME C 1 114.85 -7.19 38.73
O FME C 1 115.15 -6.87 37.58
N GLN C 2 114.92 -8.46 39.15
CA GLN C 2 115.12 -9.56 38.24
C GLN C 2 113.73 -10.01 37.77
N LEU C 3 112.73 -9.59 38.53
CA LEU C 3 111.34 -9.89 38.25
C LEU C 3 110.63 -8.78 37.49
N VAL C 4 111.23 -7.58 37.42
CA VAL C 4 110.50 -6.40 36.97
C VAL C 4 110.20 -6.46 35.48
N LEU C 5 111.02 -7.16 34.69
CA LEU C 5 110.67 -7.39 33.30
C LEU C 5 109.55 -8.41 33.18
N ALA C 6 109.57 -9.43 34.04
CA ALA C 6 108.45 -10.38 34.09
C ALA C 6 107.22 -9.74 34.70
N ALA C 7 107.43 -8.78 35.61
CA ALA C 7 106.32 -8.00 36.15
C ALA C 7 105.67 -7.16 35.06
N LYS C 8 106.48 -6.56 34.19
CA LYS C 8 105.94 -5.87 33.02
C LYS C 8 105.23 -6.82 32.05
N TYR C 9 105.79 -8.02 31.88
CA TYR C 9 105.17 -9.04 31.02
C TYR C 9 103.78 -9.42 31.51
N ILE C 10 103.67 -9.76 32.79
CA ILE C 10 102.37 -10.22 33.28
C ILE C 10 101.44 -9.04 33.55
N GLY C 11 101.98 -7.84 33.77
CA GLY C 11 101.13 -6.66 33.80
C GLY C 11 100.54 -6.36 32.44
N ALA C 12 101.31 -6.60 31.37
CA ALA C 12 100.76 -6.54 30.03
C ALA C 12 99.74 -7.64 29.79
N GLY C 13 99.93 -8.79 30.44
CA GLY C 13 98.95 -9.88 30.33
C GLY C 13 97.62 -9.54 30.98
N ILE C 14 97.64 -8.90 32.16
CA ILE C 14 96.41 -8.47 32.81
C ILE C 14 95.92 -7.12 32.32
N SER C 15 96.63 -6.50 31.39
CA SER C 15 96.10 -5.35 30.67
C SER C 15 95.85 -5.67 29.21
N THR C 16 95.57 -6.94 28.91
CA THR C 16 95.32 -7.40 27.54
C THR C 16 93.84 -7.44 27.21
N ILE C 17 93.01 -7.92 28.14
CA ILE C 17 91.62 -8.27 27.83
C ILE C 17 90.68 -7.08 27.88
N GLY C 18 91.20 -5.85 27.96
CA GLY C 18 90.36 -4.66 27.87
C GLY C 18 89.68 -4.48 26.53
N LEU C 19 90.20 -5.11 25.48
CA LEU C 19 89.52 -5.23 24.20
C LEU C 19 88.21 -6.00 24.30
N LEU C 20 88.06 -6.85 25.32
CA LEU C 20 86.76 -7.32 25.80
C LEU C 20 85.73 -6.19 25.85
N GLY C 21 86.09 -5.09 26.51
CA GLY C 21 85.22 -3.93 26.59
C GLY C 21 84.99 -3.25 25.26
N ALA C 22 85.86 -3.53 24.28
CA ALA C 22 85.54 -3.20 22.90
C ALA C 22 84.70 -4.29 22.26
N GLY C 23 85.12 -5.55 22.42
CA GLY C 23 84.67 -6.63 21.55
C GLY C 23 83.20 -6.98 21.71
N ILE C 24 82.63 -6.68 22.87
CA ILE C 24 81.19 -6.82 23.03
C ILE C 24 80.49 -5.52 22.66
N GLY C 25 81.08 -4.39 23.05
CA GLY C 25 80.35 -3.13 23.14
C GLY C 25 79.85 -2.63 21.80
N ILE C 26 80.76 -2.51 20.82
CA ILE C 26 80.38 -2.12 19.47
C ILE C 26 79.43 -3.12 18.85
N ALA C 27 79.54 -4.40 19.26
CA ALA C 27 78.64 -5.44 18.79
C ALA C 27 77.19 -5.13 19.14
N ILE C 28 76.95 -4.55 20.34
CA ILE C 28 75.57 -4.27 20.70
C ILE C 28 75.05 -3.12 19.85
N VAL C 29 75.96 -2.24 19.41
CA VAL C 29 75.59 -1.18 18.47
C VAL C 29 75.17 -1.80 17.15
N PHE C 30 75.91 -2.82 16.70
CA PHE C 30 75.51 -3.55 15.51
C PHE C 30 74.19 -4.26 15.72
N ALA C 31 73.97 -4.76 16.94
CA ALA C 31 72.67 -5.29 17.33
C ALA C 31 71.60 -4.23 17.17
N ALA C 32 71.88 -3.03 17.71
CA ALA C 32 70.97 -1.91 17.57
C ALA C 32 70.87 -1.48 16.13
N LEU C 33 71.96 -1.67 15.35
CA LEU C 33 71.92 -1.39 13.93
C LEU C 33 70.86 -2.24 13.24
N ILE C 34 70.80 -3.52 13.59
CA ILE C 34 69.72 -4.37 13.09
C ILE C 34 68.38 -3.86 13.62
N ASN C 35 68.37 -3.50 14.90
CA ASN C 35 67.18 -2.91 15.51
C ASN C 35 66.87 -1.52 14.97
N GLY C 36 67.78 -0.91 14.23
CA GLY C 36 67.34 0.18 13.39
C GLY C 36 66.52 -0.36 12.25
N VAL C 37 67.21 -1.08 11.35
CA VAL C 37 66.70 -1.27 10.01
C VAL C 37 65.65 -2.39 9.95
N SER C 38 65.74 -3.39 10.84
CA SER C 38 64.65 -4.34 10.95
C SER C 38 63.40 -3.70 11.54
N ARG C 39 63.56 -2.66 12.35
CA ARG C 39 62.39 -1.90 12.80
C ARG C 39 62.02 -0.82 11.82
N ASN C 40 63.00 -0.08 11.35
CA ASN C 40 62.78 1.05 10.48
C ASN C 40 63.70 0.89 9.27
N PRO C 41 63.24 0.26 8.19
CA PRO C 41 64.10 0.12 7.00
C PRO C 41 64.44 1.44 6.32
N SER C 42 63.74 2.53 6.65
CA SER C 42 64.05 3.85 6.14
C SER C 42 65.01 4.61 7.04
N ILE C 43 65.56 3.98 8.08
CA ILE C 43 66.48 4.66 8.98
C ILE C 43 67.93 4.28 8.73
N LYS C 44 68.18 3.30 7.84
CA LYS C 44 69.50 2.70 7.66
C LYS C 44 70.55 3.72 7.27
N ASP C 45 70.33 4.44 6.18
CA ASP C 45 71.27 5.47 5.78
C ASP C 45 71.27 6.66 6.73
N THR C 46 70.22 6.80 7.54
CA THR C 46 70.30 7.64 8.74
C THR C 46 71.35 7.11 9.71
N VAL C 47 71.26 5.83 10.06
CA VAL C 47 71.99 5.32 11.22
C VAL C 47 73.38 4.78 10.85
N PHE C 48 73.53 4.28 9.62
CA PHE C 48 74.77 3.60 9.24
C PHE C 48 76.02 4.49 9.29
N PRO C 49 75.97 5.81 9.00
CA PRO C 49 77.06 6.67 9.50
C PRO C 49 77.17 6.65 11.01
N MET C 50 76.07 7.03 11.69
CA MET C 50 76.12 7.28 13.14
C MET C 50 76.49 6.03 13.92
N ALA C 51 75.91 4.88 13.54
CA ALA C 51 76.26 3.61 14.17
C ALA C 51 77.72 3.26 13.96
N ILE C 52 78.24 3.48 12.75
CA ILE C 52 79.65 3.16 12.58
C ILE C 52 80.48 4.27 13.20
N LEU C 53 79.91 5.49 13.32
CA LEU C 53 80.47 6.49 14.20
C LEU C 53 80.46 5.97 15.64
N GLY C 54 79.33 5.39 16.04
CA GLY C 54 79.21 4.68 17.30
C GLY C 54 80.12 3.47 17.43
N PHE C 55 80.69 3.01 16.31
CA PHE C 55 81.82 2.10 16.37
C PHE C 55 82.99 2.74 17.11
N ALA C 56 83.55 3.81 16.52
CA ALA C 56 84.95 4.18 16.76
C ALA C 56 85.18 4.60 18.20
N LEU C 57 84.46 5.64 18.65
CA LEU C 57 84.59 6.21 19.99
C LEU C 57 84.20 5.23 21.08
N SER C 58 83.59 4.09 20.76
CA SER C 58 83.51 3.04 21.75
C SER C 58 84.80 2.22 21.78
N GLU C 59 85.10 1.54 20.68
CA GLU C 59 86.07 0.44 20.73
C GLU C 59 87.50 0.94 20.87
N ALA C 60 87.76 2.17 20.43
CA ALA C 60 89.06 2.79 20.62
C ALA C 60 89.42 2.90 22.10
N THR C 61 88.41 3.12 22.96
CA THR C 61 88.63 3.11 24.40
C THR C 61 89.20 1.77 24.85
N GLY C 62 88.58 0.67 24.37
CA GLY C 62 89.12 -0.64 24.63
C GLY C 62 90.50 -0.84 24.02
N LEU C 63 90.73 -0.21 22.86
CA LEU C 63 92.05 -0.26 22.23
C LEU C 63 93.11 0.34 23.14
N PHE C 64 92.72 1.39 23.88
CA PHE C 64 93.56 2.05 24.89
C PHE C 64 94.20 1.04 25.82
N CYS C 65 93.43 0.05 26.27
CA CYS C 65 93.92 -0.92 27.25
C CYS C 65 95.09 -1.72 26.68
N LEU C 66 94.93 -2.24 25.44
CA LEU C 66 96.04 -3.02 24.93
C LEU C 66 97.21 -2.14 24.51
N MET C 67 96.97 -0.87 24.16
CA MET C 67 98.15 -0.07 23.85
C MET C 67 98.84 0.35 25.13
N VAL C 68 98.09 0.43 26.24
CA VAL C 68 98.74 0.55 27.56
C VAL C 68 99.57 -0.70 27.83
N SER C 69 99.02 -1.86 27.44
CA SER C 69 99.75 -3.12 27.50
C SER C 69 101.03 -3.05 26.68
N PHE C 70 100.97 -2.36 25.54
CA PHE C 70 102.15 -2.19 24.70
C PHE C 70 103.19 -1.35 25.42
N LEU C 71 102.76 -0.25 26.06
CA LEU C 71 103.70 0.53 26.84
C LEU C 71 103.93 -0.07 28.22
N LEU C 72 103.28 -1.19 28.53
CA LEU C 72 103.68 -1.98 29.68
C LEU C 72 104.44 -3.23 29.24
N LEU C 73 104.58 -3.44 27.94
CA LEU C 73 105.46 -4.51 27.46
C LEU C 73 106.88 -4.03 27.27
N PHE C 74 107.09 -2.97 26.49
CA PHE C 74 108.40 -2.40 26.25
C PHE C 74 108.66 -1.17 27.09
N GLY C 75 107.70 -0.24 27.17
CA GLY C 75 107.88 0.97 27.95
C GLY C 75 107.78 0.74 29.45
N FME D 1 112.31 -4.03 48.40
CN FME D 1 111.03 -4.51 48.52
O1 FME D 1 110.04 -3.93 48.05
CA FME D 1 112.62 -2.82 47.69
CB FME D 1 113.99 -2.24 48.06
C FME D 1 112.61 -3.03 46.18
O FME D 1 112.33 -2.17 45.36
N GLN D 2 112.93 -4.26 45.81
CA GLN D 2 112.82 -4.70 44.44
C GLN D 2 111.39 -5.13 44.17
N LEU D 3 110.67 -5.40 45.25
CA LEU D 3 109.30 -5.85 45.17
C LEU D 3 108.32 -4.72 44.91
N VAL D 4 108.66 -3.50 45.31
CA VAL D 4 107.65 -2.44 45.33
C VAL D 4 107.37 -1.89 43.93
N LEU D 5 108.39 -1.80 43.05
CA LEU D 5 108.10 -1.29 41.70
C LEU D 5 107.42 -2.35 40.84
N ALA D 6 107.75 -3.63 41.07
CA ALA D 6 107.02 -4.72 40.44
C ALA D 6 105.58 -4.74 40.91
N ALA D 7 105.35 -4.45 42.20
CA ALA D 7 104.01 -4.36 42.73
C ALA D 7 103.25 -3.18 42.15
N LYS D 8 103.94 -2.05 41.92
CA LYS D 8 103.30 -0.93 41.25
C LYS D 8 102.95 -1.26 39.80
N TYR D 9 103.79 -2.05 39.13
CA TYR D 9 103.50 -2.43 37.76
C TYR D 9 102.31 -3.39 37.68
N ILE D 10 102.21 -4.33 38.62
CA ILE D 10 101.07 -5.22 38.58
C ILE D 10 99.81 -4.53 39.10
N GLY D 11 99.96 -3.53 39.97
CA GLY D 11 98.81 -2.73 40.38
C GLY D 11 98.31 -1.83 39.27
N ALA D 12 99.21 -1.41 38.38
CA ALA D 12 98.78 -0.73 37.16
C ALA D 12 98.11 -1.70 36.18
N GLY D 13 98.58 -2.95 36.16
CA GLY D 13 97.98 -3.92 35.27
C GLY D 13 96.58 -4.33 35.69
N ILE D 14 96.35 -4.53 36.99
CA ILE D 14 95.05 -5.00 37.47
C ILE D 14 93.95 -3.97 37.32
N SER D 15 94.27 -2.69 37.29
CA SER D 15 93.27 -1.65 37.23
C SER D 15 93.15 -1.05 35.83
N THR D 16 93.86 -1.63 34.85
CA THR D 16 93.84 -1.13 33.49
C THR D 16 92.52 -1.43 32.79
N ILE D 17 91.83 -2.47 33.24
CA ILE D 17 90.58 -2.91 32.63
C ILE D 17 89.39 -2.24 33.30
N GLY D 18 89.66 -1.20 34.10
CA GLY D 18 88.61 -0.38 34.68
C GLY D 18 87.99 0.62 33.71
N LEU D 19 88.34 0.55 32.43
CA LEU D 19 87.57 1.14 31.35
C LEU D 19 86.69 0.11 30.66
N LEU D 20 86.70 -1.13 31.16
CA LEU D 20 86.20 -2.30 30.46
C LEU D 20 84.70 -2.25 30.18
N GLY D 21 83.90 -2.42 31.22
CA GLY D 21 82.47 -2.59 31.03
C GLY D 21 81.77 -1.29 30.68
N ALA D 22 82.26 -0.19 31.23
CA ALA D 22 81.78 1.13 30.82
C ALA D 22 82.12 1.38 29.36
N GLY D 23 83.23 0.81 28.87
CA GLY D 23 83.52 0.86 27.44
C GLY D 23 82.52 0.07 26.61
N ILE D 24 81.84 -0.90 27.23
CA ILE D 24 80.64 -1.46 26.63
C ILE D 24 79.45 -0.55 26.94
N GLY D 25 79.41 0.00 28.17
CA GLY D 25 78.23 0.67 28.65
C GLY D 25 77.93 1.98 27.92
N ILE D 26 78.98 2.65 27.44
CA ILE D 26 78.81 3.83 26.59
C ILE D 26 78.03 3.47 25.33
N ALA D 27 78.31 2.29 24.77
CA ALA D 27 77.62 1.81 23.58
C ALA D 27 76.14 1.59 23.84
N ILE D 28 75.75 1.35 25.10
CA ILE D 28 74.35 1.08 25.38
C ILE D 28 73.53 2.33 25.15
N VAL D 29 74.14 3.51 25.36
CA VAL D 29 73.48 4.75 25.04
C VAL D 29 73.27 4.85 23.55
N PHE D 30 74.33 4.54 22.79
CA PHE D 30 74.26 4.46 21.34
C PHE D 30 73.26 3.41 20.90
N ALA D 31 73.16 2.31 21.67
CA ALA D 31 72.19 1.29 21.38
C ALA D 31 70.78 1.84 21.49
N ALA D 32 70.50 2.55 22.59
CA ALA D 32 69.20 3.17 22.76
C ALA D 32 69.01 4.29 21.75
N LEU D 33 70.12 4.92 21.34
CA LEU D 33 70.07 5.90 20.27
C LEU D 33 69.54 5.29 18.99
N ILE D 34 70.05 4.11 18.61
CA ILE D 34 69.53 3.50 17.41
C ILE D 34 68.19 2.87 17.71
N ASN D 35 67.91 2.59 18.99
CA ASN D 35 66.59 2.17 19.38
C ASN D 35 65.64 3.35 19.53
N GLY D 36 66.15 4.56 19.48
CA GLY D 36 65.28 5.71 19.50
C GLY D 36 64.87 6.14 18.12
N VAL D 37 65.87 6.34 17.26
CA VAL D 37 65.64 6.88 15.93
C VAL D 37 64.94 5.88 15.02
N SER D 38 65.02 4.59 15.33
CA SER D 38 64.23 3.61 14.61
C SER D 38 62.75 3.75 14.93
N ARG D 39 62.42 4.18 16.14
CA ARG D 39 61.03 4.37 16.52
C ARG D 39 60.66 5.84 16.65
N ASN D 40 61.62 6.75 16.54
CA ASN D 40 61.34 8.18 16.56
C ASN D 40 62.49 8.87 15.86
N PRO D 41 62.42 9.03 14.54
CA PRO D 41 63.44 9.84 13.85
C PRO D 41 63.39 11.31 14.22
N SER D 42 62.26 11.79 14.70
CA SER D 42 62.09 13.19 15.09
C SER D 42 62.34 13.38 16.58
N ILE D 43 63.47 12.87 17.06
CA ILE D 43 63.84 13.12 18.45
C ILE D 43 65.34 13.44 18.51
N LYS D 44 65.97 13.52 17.34
CA LYS D 44 67.43 13.54 17.21
C LYS D 44 68.07 14.71 17.95
N ASP D 45 67.46 15.89 17.87
CA ASP D 45 68.01 17.05 18.56
C ASP D 45 67.85 16.93 20.07
N THR D 46 66.78 16.28 20.52
CA THR D 46 66.61 16.03 21.95
C THR D 46 67.63 15.03 22.45
N VAL D 47 67.83 13.94 21.71
CA VAL D 47 68.57 12.82 22.26
C VAL D 47 70.08 12.89 21.98
N PHE D 48 70.49 13.27 20.77
CA PHE D 48 71.84 12.99 20.29
C PHE D 48 72.92 13.88 20.94
N PRO D 49 72.73 15.19 21.14
CA PRO D 49 73.65 15.90 22.03
C PRO D 49 73.54 15.44 23.47
N MET D 50 72.34 15.09 23.92
CA MET D 50 72.19 14.51 25.25
C MET D 50 72.83 13.12 25.31
N ALA D 51 72.84 12.41 24.17
CA ALA D 51 73.48 11.08 24.12
C ALA D 51 75.00 11.21 24.22
N ILE D 52 75.60 12.12 23.46
CA ILE D 52 77.05 12.29 23.57
C ILE D 52 77.42 12.96 24.90
N LEU D 53 76.49 13.71 25.51
CA LEU D 53 76.68 14.24 26.85
C LEU D 53 76.76 13.11 27.88
N GLY D 54 75.77 12.20 27.84
CA GLY D 54 75.79 11.04 28.72
C GLY D 54 76.97 10.14 28.48
N PHE D 55 77.36 10.00 27.20
CA PHE D 55 78.61 9.32 26.82
C PHE D 55 79.81 9.92 27.54
N ALA D 56 79.92 11.25 27.53
CA ALA D 56 81.09 11.90 28.13
C ALA D 56 81.11 11.74 29.64
N LEU D 57 80.02 12.14 30.29
CA LEU D 57 79.89 12.06 31.74
C LEU D 57 80.05 10.65 32.27
N SER D 58 79.60 9.66 31.50
CA SER D 58 79.69 8.28 31.94
C SER D 58 81.05 7.66 31.65
N GLU D 59 81.69 8.04 30.53
CA GLU D 59 83.03 7.59 30.21
C GLU D 59 84.07 8.18 31.14
N ALA D 60 83.78 9.36 31.72
CA ALA D 60 84.76 10.08 32.54
C ALA D 60 85.19 9.29 33.78
N THR D 61 84.32 8.43 34.30
CA THR D 61 84.69 7.58 35.43
C THR D 61 85.78 6.58 35.05
N GLY D 62 85.64 5.91 33.92
CA GLY D 62 86.68 5.00 33.46
C GLY D 62 87.92 5.73 32.98
N LEU D 63 87.76 6.97 32.51
CA LEU D 63 88.93 7.77 32.13
C LEU D 63 89.76 8.13 33.35
N PHE D 64 89.11 8.60 34.41
CA PHE D 64 89.79 8.84 35.68
C PHE D 64 90.35 7.54 36.27
N CYS D 65 89.68 6.42 36.00
CA CYS D 65 90.16 5.12 36.46
C CYS D 65 91.49 4.76 35.80
N LEU D 66 91.60 4.85 34.47
CA LEU D 66 92.87 4.47 33.89
C LEU D 66 93.94 5.54 34.06
N MET D 67 93.58 6.80 34.37
CA MET D 67 94.66 7.70 34.74
C MET D 67 95.14 7.46 36.17
N VAL D 68 94.28 6.93 37.05
CA VAL D 68 94.76 6.40 38.33
C VAL D 68 95.71 5.23 38.08
N SER D 69 95.37 4.37 37.09
CA SER D 69 96.23 3.27 36.71
C SER D 69 97.58 3.74 36.20
N PHE D 70 97.60 4.83 35.41
CA PHE D 70 98.88 5.30 34.88
C PHE D 70 99.69 6.06 35.93
N LEU D 71 99.04 6.76 36.86
CA LEU D 71 99.81 7.43 37.90
C LEU D 71 100.36 6.43 38.91
N LEU D 72 99.70 5.28 39.07
CA LEU D 72 100.36 4.19 39.78
C LEU D 72 101.43 3.53 38.93
N LEU D 73 101.29 3.56 37.61
CA LEU D 73 102.37 3.11 36.73
C LEU D 73 103.55 4.08 36.74
N PHE D 74 103.27 5.37 36.57
CA PHE D 74 104.33 6.37 36.50
C PHE D 74 104.46 7.10 37.84
N FME E 1 110.28 -5.46 54.37
CN FME E 1 109.54 -6.59 54.15
O1 FME E 1 108.40 -6.77 54.59
CA FME E 1 109.78 -4.36 55.15
CB FME E 1 110.82 -3.79 56.12
CG FME E 1 110.27 -3.76 57.52
C FME E 1 109.30 -3.20 54.27
O FME E 1 108.72 -2.21 54.70
N GLN E 2 109.57 -3.36 52.98
CA GLN E 2 109.10 -2.43 51.97
C GLN E 2 107.92 -3.08 51.26
N LEU E 3 107.37 -4.07 51.95
CA LEU E 3 106.19 -4.77 51.49
C LEU E 3 104.91 -3.98 51.74
N VAL E 4 104.89 -3.13 52.77
CA VAL E 4 103.62 -2.55 53.19
C VAL E 4 103.19 -1.42 52.26
N LEU E 5 104.13 -0.64 51.72
CA LEU E 5 103.72 0.43 50.80
C LEU E 5 103.41 -0.14 49.42
N ALA E 6 104.10 -1.22 49.04
CA ALA E 6 103.75 -1.99 47.85
C ALA E 6 102.34 -2.57 47.98
N ALA E 7 102.00 -3.04 49.18
CA ALA E 7 100.67 -3.56 49.41
C ALA E 7 99.64 -2.44 49.45
N LYS E 8 100.03 -1.25 49.93
CA LYS E 8 99.15 -0.09 49.84
C LYS E 8 98.86 0.29 48.40
N TYR E 9 99.86 0.18 47.54
CA TYR E 9 99.66 0.53 46.13
C TYR E 9 98.82 -0.50 45.40
N ILE E 10 99.02 -1.79 45.69
CA ILE E 10 98.15 -2.77 45.04
C ILE E 10 96.78 -2.79 45.70
N GLY E 11 96.69 -2.29 46.94
CA GLY E 11 95.39 -2.08 47.56
C GLY E 11 94.64 -0.92 46.95
N ALA E 12 95.36 0.10 46.51
CA ALA E 12 94.78 1.11 45.65
C ALA E 12 94.43 0.56 44.28
N GLY E 13 95.10 -0.51 43.85
CA GLY E 13 94.77 -1.12 42.56
C GLY E 13 93.50 -1.94 42.59
N ILE E 14 93.15 -2.51 43.76
CA ILE E 14 92.00 -3.39 43.89
C ILE E 14 90.81 -2.62 44.45
N SER E 15 91.05 -1.37 44.84
CA SER E 15 90.00 -0.47 45.26
C SER E 15 89.66 0.50 44.13
N THR E 16 89.67 -0.02 42.91
CA THR E 16 89.65 0.83 41.73
C THR E 16 88.51 0.53 40.77
N ILE E 17 88.21 -0.75 40.53
CA ILE E 17 87.30 -1.12 39.46
C ILE E 17 85.86 -1.17 39.94
N GLY E 18 85.65 -0.94 41.24
CA GLY E 18 84.30 -0.96 41.81
C GLY E 18 83.46 0.25 41.48
N LEU E 19 83.89 1.07 40.53
CA LEU E 19 83.07 2.09 39.92
C LEU E 19 82.66 1.74 38.49
N LEU E 20 83.32 0.75 37.88
CA LEU E 20 83.25 0.44 36.45
C LEU E 20 81.83 0.19 35.95
N GLY E 21 81.19 -0.85 36.49
CA GLY E 21 79.79 -1.08 36.21
C GLY E 21 78.87 0.03 36.69
N ALA E 22 79.30 0.78 37.72
CA ALA E 22 78.60 1.99 38.10
C ALA E 22 78.56 2.97 36.94
N GLY E 23 79.69 3.10 36.22
CA GLY E 23 79.72 3.84 34.97
C GLY E 23 78.88 3.20 33.87
N ILE E 24 78.63 1.91 33.97
CA ILE E 24 77.60 1.29 33.13
C ILE E 24 76.22 1.79 33.54
N GLY E 25 75.96 1.80 34.86
CA GLY E 25 74.59 1.91 35.34
C GLY E 25 73.96 3.26 35.05
N ILE E 26 74.68 4.34 35.37
CA ILE E 26 74.28 5.69 34.97
C ILE E 26 74.12 5.78 33.46
N ALA E 27 74.98 5.08 32.71
CA ALA E 27 74.90 5.02 31.25
C ALA E 27 73.58 4.41 30.81
N ILE E 28 73.14 3.33 31.47
CA ILE E 28 71.89 2.75 31.03
C ILE E 28 70.74 3.62 31.51
N VAL E 29 70.97 4.40 32.58
CA VAL E 29 70.07 5.50 32.96
C VAL E 29 69.84 6.41 31.77
N PHE E 30 70.93 6.83 31.13
CA PHE E 30 70.80 7.67 29.95
C PHE E 30 70.14 6.91 28.81
N ALA E 31 70.43 5.60 28.71
CA ALA E 31 69.73 4.78 27.74
C ALA E 31 68.26 4.68 28.10
N ALA E 32 67.97 4.53 29.40
CA ALA E 32 66.59 4.61 29.87
C ALA E 32 66.03 6.00 29.67
N LEU E 33 66.89 7.02 29.78
CA LEU E 33 66.46 8.38 29.47
C LEU E 33 66.11 8.49 28.00
N ILE E 34 66.84 7.78 27.13
CA ILE E 34 66.43 7.68 25.74
C ILE E 34 65.11 6.94 25.65
N ASN E 35 64.97 5.85 26.43
CA ASN E 35 63.68 5.19 26.55
C ASN E 35 62.68 6.06 27.30
N GLY E 36 63.16 7.05 28.04
CA GLY E 36 62.29 8.09 28.53
C GLY E 36 61.72 8.91 27.39
N VAL E 37 62.58 9.41 26.51
CA VAL E 37 62.16 10.53 25.68
C VAL E 37 62.04 10.18 24.19
N SER E 38 62.79 9.21 23.69
CA SER E 38 62.56 8.79 22.31
C SER E 38 61.25 8.04 22.18
N ARG E 39 60.80 7.40 23.24
CA ARG E 39 59.46 6.88 23.31
C ARG E 39 58.45 7.97 23.67
N ASN E 40 58.72 8.72 24.73
CA ASN E 40 57.79 9.74 25.22
C ASN E 40 58.48 11.09 25.19
N PRO E 41 58.39 11.84 24.09
CA PRO E 41 59.04 13.17 24.03
C PRO E 41 58.44 14.20 24.98
N SER E 42 57.23 13.98 25.47
CA SER E 42 56.57 14.91 26.37
C SER E 42 57.07 14.81 27.81
N ILE E 43 57.91 13.82 28.12
CA ILE E 43 58.29 13.55 29.50
C ILE E 43 59.64 14.17 29.85
N LYS E 44 60.28 14.84 28.88
CA LYS E 44 61.71 15.19 28.92
C LYS E 44 62.09 16.03 30.12
N ASP E 45 61.50 17.23 30.23
CA ASP E 45 61.79 18.08 31.38
C ASP E 45 61.11 17.55 32.64
N THR E 46 60.14 16.66 32.46
CA THR E 46 59.64 15.86 33.56
C THR E 46 60.75 14.94 34.09
N VAL E 47 61.54 14.34 33.20
CA VAL E 47 62.54 13.38 33.66
C VAL E 47 63.91 14.04 33.82
N PHE E 48 64.46 14.65 32.75
CA PHE E 48 65.89 14.96 32.59
C PHE E 48 66.54 15.77 33.71
N PRO E 49 65.85 16.72 34.40
CA PRO E 49 66.40 17.19 35.67
C PRO E 49 66.46 16.09 36.72
N MET E 50 65.30 15.50 37.05
CA MET E 50 65.25 14.46 38.07
C MET E 50 66.06 13.24 37.65
N ALA E 51 66.05 12.94 36.34
CA ALA E 51 66.89 11.87 35.80
C ALA E 51 68.36 12.13 36.01
N ILE E 52 68.80 13.38 35.83
CA ILE E 52 70.22 13.62 36.07
C ILE E 52 70.47 13.73 37.57
N LEU E 53 69.42 13.98 38.36
CA LEU E 53 69.45 13.70 39.79
C LEU E 53 69.80 12.25 40.02
N GLY E 54 69.08 11.36 39.33
CA GLY E 54 69.41 9.94 39.30
C GLY E 54 70.78 9.63 38.72
N PHE E 55 71.38 10.58 38.02
CA PHE E 55 72.69 10.38 37.43
C PHE E 55 73.80 10.93 38.33
N ALA E 56 73.41 11.62 39.39
CA ALA E 56 74.37 12.20 40.32
C ALA E 56 74.66 11.32 41.54
N LEU E 57 73.93 11.57 42.63
CA LEU E 57 74.11 10.84 43.87
C LEU E 57 74.01 9.32 43.68
N SER E 58 73.82 8.85 42.45
CA SER E 58 74.18 7.47 42.16
C SER E 58 75.69 7.35 41.98
N GLU E 59 76.22 8.01 40.95
CA GLU E 59 77.56 7.70 40.47
C GLU E 59 78.65 8.18 41.41
N ALA E 60 78.36 9.21 42.22
CA ALA E 60 79.30 9.66 43.24
C ALA E 60 79.59 8.57 44.25
N THR E 61 78.60 7.71 44.53
CA THR E 61 78.85 6.54 45.37
C THR E 61 79.90 5.64 44.72
N GLY E 62 79.78 5.43 43.40
CA GLY E 62 80.83 4.73 42.68
C GLY E 62 82.15 5.48 42.71
N LEU E 63 82.09 6.82 42.75
CA LEU E 63 83.31 7.61 42.83
C LEU E 63 84.00 7.40 44.18
N PHE E 64 83.22 6.99 45.20
CA PHE E 64 83.78 6.60 46.50
C PHE E 64 84.86 5.54 46.35
N CYS E 65 84.66 4.62 45.38
CA CYS E 65 85.66 3.60 45.06
C CYS E 65 87.02 4.22 44.79
N LEU E 66 87.09 5.18 43.85
CA LEU E 66 88.43 5.65 43.55
C LEU E 66 88.93 6.64 44.59
N MET E 67 88.06 7.17 45.46
CA MET E 67 88.65 8.00 46.50
C MET E 67 89.25 7.12 47.59
N VAL E 68 88.77 5.88 47.69
CA VAL E 68 89.50 4.89 48.48
C VAL E 68 90.88 4.66 47.86
N SER E 69 90.94 4.68 46.53
CA SER E 69 92.21 4.58 45.81
C SER E 69 93.12 5.79 46.03
N PHE E 70 92.63 6.85 46.68
CA PHE E 70 93.54 7.90 47.12
C PHE E 70 94.02 7.66 48.55
N LEU E 71 93.13 7.19 49.44
CA LEU E 71 93.46 7.19 50.87
C LEU E 71 94.43 6.08 51.25
N LEU E 72 94.61 5.08 50.40
CA LEU E 72 95.70 4.14 50.57
C LEU E 72 96.85 4.45 49.62
N LEU E 73 96.64 5.37 48.68
CA LEU E 73 97.75 5.91 47.91
C LEU E 73 98.60 6.85 48.75
N PHE E 74 97.96 7.75 49.50
CA PHE E 74 98.63 8.54 50.53
C PHE E 74 99.12 7.62 51.64
N FME F 1 105.88 -9.94 61.03
CN FME F 1 106.03 -11.05 60.22
O1 FME F 1 105.09 -11.58 59.62
CA FME F 1 104.61 -9.30 61.24
CB FME F 1 104.30 -9.10 62.75
CG FME F 1 102.87 -9.48 63.02
SD FME F 1 102.72 -9.88 64.74
CE FME F 1 101.30 -10.91 64.74
C FME F 1 104.51 -7.93 60.58
O FME F 1 103.79 -7.02 60.96
N GLN F 2 105.29 -7.81 59.50
CA GLN F 2 105.23 -6.65 58.63
C GLN F 2 104.06 -6.86 57.67
N LEU F 3 103.69 -8.13 57.53
CA LEU F 3 102.65 -8.52 56.60
C LEU F 3 101.26 -8.15 57.08
N VAL F 4 101.04 -7.95 58.38
CA VAL F 4 99.67 -7.95 58.89
C VAL F 4 98.96 -6.63 58.63
N LEU F 5 99.65 -5.49 58.76
CA LEU F 5 98.98 -4.21 58.47
C LEU F 5 98.86 -4.00 56.97
N ALA F 6 99.83 -4.50 56.22
CA ALA F 6 99.76 -4.54 54.77
C ALA F 6 98.58 -5.38 54.29
N ALA F 7 98.32 -6.50 54.97
CA ALA F 7 97.21 -7.34 54.60
C ALA F 7 95.89 -6.76 55.08
N LYS F 8 95.90 -6.00 56.17
CA LYS F 8 94.75 -5.17 56.52
C LYS F 8 94.43 -4.17 55.40
N TYR F 9 95.47 -3.59 54.82
CA TYR F 9 95.30 -2.61 53.76
C TYR F 9 94.75 -3.25 52.49
N ILE F 10 95.28 -4.41 52.12
CA ILE F 10 94.77 -5.03 50.91
C ILE F 10 93.43 -5.72 51.17
N GLY F 11 93.14 -6.10 52.41
CA GLY F 11 91.81 -6.59 52.74
C GLY F 11 90.79 -5.47 52.67
N ALA F 12 91.18 -4.27 53.12
CA ALA F 12 90.38 -3.07 52.89
C ALA F 12 90.17 -2.82 51.41
N GLY F 13 91.20 -3.05 50.59
CA GLY F 13 91.06 -2.82 49.16
C GLY F 13 90.13 -3.79 48.46
N ILE F 14 90.25 -5.08 48.79
CA ILE F 14 89.32 -6.06 48.21
C ILE F 14 87.94 -6.00 48.82
N SER F 15 87.78 -5.39 49.99
CA SER F 15 86.46 -5.18 50.56
C SER F 15 85.87 -3.83 50.16
N THR F 16 86.23 -3.33 48.98
CA THR F 16 85.65 -2.12 48.41
C THR F 16 84.57 -2.39 47.39
N ILE F 17 84.80 -3.34 46.49
CA ILE F 17 84.09 -3.38 45.21
C ILE F 17 82.71 -4.04 45.33
N GLY F 18 82.26 -4.27 46.56
CA GLY F 18 80.87 -4.65 46.74
C GLY F 18 79.92 -3.50 46.48
N LEU F 19 80.40 -2.26 46.65
CA LEU F 19 79.61 -1.07 46.34
C LEU F 19 79.40 -0.89 44.84
N LEU F 20 80.15 -1.63 44.01
CA LEU F 20 79.89 -1.67 42.58
C LEU F 20 78.49 -2.21 42.30
N GLY F 21 78.01 -3.12 43.14
CA GLY F 21 76.64 -3.58 43.00
C GLY F 21 75.65 -2.48 43.32
N ALA F 22 75.91 -1.75 44.41
CA ALA F 22 75.15 -0.53 44.68
C ALA F 22 75.35 0.49 43.57
N GLY F 23 76.60 0.70 43.14
CA GLY F 23 76.92 1.67 42.09
C GLY F 23 76.23 1.41 40.77
N ILE F 24 75.96 0.16 40.44
CA ILE F 24 75.04 -0.15 39.36
C ILE F 24 73.61 0.14 39.78
N GLY F 25 73.17 -0.51 40.86
CA GLY F 25 71.77 -0.70 41.09
C GLY F 25 70.98 0.48 41.58
N ILE F 26 71.63 1.42 42.27
CA ILE F 26 70.90 2.61 42.70
C ILE F 26 70.66 3.56 41.54
N ALA F 27 71.40 3.39 40.45
CA ALA F 27 71.11 4.10 39.21
C ALA F 27 69.95 3.47 38.47
N ILE F 28 69.88 2.14 38.43
CA ILE F 28 68.88 1.49 37.59
C ILE F 28 67.48 1.58 38.18
N VAL F 29 67.35 1.83 39.49
CA VAL F 29 66.03 2.07 40.05
C VAL F 29 65.46 3.38 39.53
N PHE F 30 66.27 4.43 39.51
CA PHE F 30 65.83 5.68 38.90
C PHE F 30 65.73 5.57 37.39
N ALA F 31 66.51 4.68 36.76
CA ALA F 31 66.35 4.44 35.33
C ALA F 31 64.98 3.82 35.03
N ALA F 32 64.57 2.86 35.85
CA ALA F 32 63.23 2.30 35.75
C ALA F 32 62.17 3.32 36.12
N LEU F 33 62.51 4.28 36.97
CA LEU F 33 61.59 5.37 37.27
C LEU F 33 61.38 6.26 36.06
N ILE F 34 62.47 6.58 35.35
CA ILE F 34 62.42 7.30 34.07
C ILE F 34 61.50 6.57 33.11
N ASN F 35 61.72 5.26 32.98
CA ASN F 35 60.93 4.45 32.06
C ASN F 35 59.47 4.38 32.47
N GLY F 36 59.19 4.19 33.75
CA GLY F 36 57.84 4.06 34.25
C GLY F 36 57.03 5.33 34.12
N VAL F 37 57.62 6.47 34.45
CA VAL F 37 56.86 7.71 34.29
C VAL F 37 56.82 8.15 32.83
N SER F 38 57.77 7.71 32.00
CA SER F 38 57.62 7.95 30.57
C SER F 38 56.51 7.10 30.00
N ARG F 39 56.34 5.89 30.54
CA ARG F 39 55.13 5.12 30.28
C ARG F 39 53.93 5.78 30.93
N ASN F 40 54.03 6.11 32.21
CA ASN F 40 52.89 6.53 33.02
C ASN F 40 53.18 7.87 33.66
N PRO F 41 52.92 8.99 32.96
CA PRO F 41 53.13 10.31 33.55
C PRO F 41 52.12 10.67 34.63
N SER F 42 51.12 9.84 34.88
CA SER F 42 50.13 10.14 35.90
C SER F 42 50.73 10.06 37.30
N ILE F 43 51.38 8.95 37.62
CA ILE F 43 51.98 8.77 38.93
C ILE F 43 53.49 8.92 38.76
N LYS F 44 53.97 10.14 39.00
CA LYS F 44 55.39 10.45 38.96
C LYS F 44 56.02 10.35 40.34
N ASP F 45 55.57 11.19 41.26
CA ASP F 45 56.25 11.38 42.53
C ASP F 45 55.45 10.83 43.70
N THR F 46 54.59 9.86 43.45
CA THR F 46 54.02 9.07 44.53
C THR F 46 54.79 7.76 44.69
N VAL F 47 55.54 7.38 43.67
CA VAL F 47 56.46 6.26 43.74
C VAL F 47 57.92 6.69 43.81
N PHE F 48 58.21 7.95 43.47
CA PHE F 48 59.51 8.53 43.80
C PHE F 48 59.89 8.44 45.28
N PRO F 49 58.97 8.52 46.28
CA PRO F 49 59.39 8.14 47.65
C PRO F 49 59.80 6.68 47.77
N MET F 50 59.04 5.78 47.16
CA MET F 50 59.42 4.37 47.13
C MET F 50 60.71 4.16 46.35
N ALA F 51 60.90 4.94 45.27
CA ALA F 51 62.10 4.82 44.45
C ALA F 51 63.33 5.29 45.22
N ILE F 52 63.21 6.41 45.94
CA ILE F 52 64.35 6.88 46.71
C ILE F 52 64.54 6.05 47.98
N LEU F 53 63.49 5.35 48.43
CA LEU F 53 63.64 4.41 49.53
C LEU F 53 64.48 3.21 49.11
N GLY F 54 64.14 2.63 47.96
CA GLY F 54 64.94 1.55 47.39
C GLY F 54 66.35 2.00 47.05
N PHE F 55 66.49 3.25 46.60
CA PHE F 55 67.79 3.89 46.44
C PHE F 55 68.59 3.88 47.75
N ALA F 56 67.96 4.33 48.83
CA ALA F 56 68.64 4.52 50.10
C ALA F 56 69.14 3.19 50.66
N LEU F 57 68.23 2.24 50.79
CA LEU F 57 68.56 0.92 51.30
C LEU F 57 69.45 0.15 50.31
N SER F 58 69.39 0.48 49.02
CA SER F 58 70.21 -0.22 48.05
C SER F 58 71.64 0.28 48.04
N GLU F 59 71.88 1.56 48.29
CA GLU F 59 73.25 2.03 48.45
C GLU F 59 73.76 1.86 49.87
N ALA F 60 72.87 1.52 50.81
CA ALA F 60 73.32 1.15 52.16
C ALA F 60 74.13 -0.14 52.15
N THR F 61 73.93 -0.99 51.13
CA THR F 61 74.79 -2.14 50.92
C THR F 61 76.24 -1.72 50.68
N GLY F 62 76.45 -0.79 49.75
CA GLY F 62 77.80 -0.29 49.51
C GLY F 62 78.34 0.54 50.67
N LEU F 63 77.44 1.17 51.43
CA LEU F 63 77.84 1.84 52.66
C LEU F 63 78.42 0.85 53.67
N PHE F 64 77.71 -0.27 53.87
CA PHE F 64 78.22 -1.34 54.73
C PHE F 64 79.53 -1.90 54.19
N CYS F 65 79.67 -1.98 52.86
CA CYS F 65 80.87 -2.51 52.24
C CYS F 65 82.08 -1.62 52.52
N LEU F 66 81.97 -0.32 52.24
CA LEU F 66 83.15 0.49 52.46
C LEU F 66 83.35 0.85 53.92
N MET F 67 82.35 0.69 54.80
CA MET F 67 82.66 0.83 56.22
C MET F 67 83.32 -0.42 56.78
N VAL F 68 83.05 -1.59 56.20
CA VAL F 68 83.89 -2.76 56.47
C VAL F 68 85.32 -2.50 56.02
N SER F 69 85.48 -1.90 54.84
CA SER F 69 86.82 -1.57 54.35
C SER F 69 87.51 -0.54 55.24
N PHE F 70 86.74 0.38 55.82
CA PHE F 70 87.33 1.40 56.68
C PHE F 70 87.70 0.83 58.05
N LEU F 71 86.87 -0.08 58.58
CA LEU F 71 87.21 -0.67 59.87
C LEU F 71 88.34 -1.68 59.74
N LEU F 72 88.54 -2.26 58.57
CA LEU F 72 89.73 -3.08 58.35
C LEU F 72 90.94 -2.24 57.93
N LEU F 73 90.71 -1.00 57.49
CA LEU F 73 91.80 -0.08 57.23
C LEU F 73 92.52 0.29 58.52
N PHE F 74 91.80 0.90 59.46
CA PHE F 74 92.36 1.24 60.76
C PHE F 74 92.13 0.12 61.75
N FME G 1 102.35 -17.53 63.12
CN FME G 1 102.69 -18.09 61.91
O1 FME G 1 101.87 -18.26 60.99
CA FME G 1 101.04 -17.10 63.48
CB FME G 1 100.72 -17.33 64.97
C FME G 1 100.79 -15.61 63.20
O FME G 1 99.79 -14.99 63.58
N GLN G 2 101.76 -15.03 62.51
CA GLN G 2 101.70 -13.63 62.10
C GLN G 2 100.93 -13.56 60.79
N LEU G 3 100.82 -14.72 60.14
CA LEU G 3 100.17 -14.85 58.84
C LEU G 3 98.68 -15.13 58.98
N VAL G 4 98.25 -15.76 60.08
CA VAL G 4 96.90 -16.32 60.13
C VAL G 4 95.86 -15.25 60.44
N LEU G 5 96.18 -14.27 61.29
CA LEU G 5 95.23 -13.19 61.55
C LEU G 5 95.14 -12.26 60.36
N ALA G 6 96.25 -12.06 59.66
CA ALA G 6 96.24 -11.28 58.43
C ALA G 6 95.47 -12.00 57.33
N ALA G 7 95.55 -13.33 57.32
CA ALA G 7 94.75 -14.11 56.38
C ALA G 7 93.27 -14.06 56.74
N LYS G 8 92.95 -14.00 58.04
CA LYS G 8 91.56 -13.76 58.46
C LYS G 8 91.09 -12.39 57.99
N TYR G 9 91.97 -11.41 58.02
CA TYR G 9 91.65 -10.07 57.56
C TYR G 9 91.36 -10.04 56.06
N ILE G 10 92.21 -10.68 55.26
CA ILE G 10 91.96 -10.67 53.82
C ILE G 10 90.81 -11.63 53.47
N GLY G 11 90.53 -12.61 54.32
CA GLY G 11 89.35 -13.44 54.13
C GLY G 11 88.07 -12.69 54.37
N ALA G 12 88.05 -11.83 55.40
CA ALA G 12 86.93 -10.93 55.60
C ALA G 12 86.84 -9.90 54.47
N GLY G 13 87.98 -9.59 53.84
CA GLY G 13 87.95 -8.71 52.67
C GLY G 13 87.28 -9.34 51.46
N ILE G 14 87.67 -10.58 51.12
CA ILE G 14 87.05 -11.26 49.98
C ILE G 14 85.63 -11.72 50.28
N SER G 15 85.27 -11.93 51.55
CA SER G 15 83.92 -12.33 51.91
C SER G 15 83.00 -11.14 52.16
N THR G 16 83.36 -9.97 51.66
CA THR G 16 82.56 -8.75 51.79
C THR G 16 81.75 -8.44 50.55
N ILE G 17 82.26 -8.76 49.36
CA ILE G 17 81.73 -8.24 48.12
C ILE G 17 80.59 -9.09 47.58
N GLY G 18 80.06 -9.99 48.42
CA GLY G 18 78.84 -10.70 48.07
C GLY G 18 77.58 -9.85 48.05
N LEU G 19 77.65 -8.64 48.60
CA LEU G 19 76.51 -7.72 48.58
C LEU G 19 76.34 -7.00 47.25
N LEU G 20 77.23 -7.28 46.31
CA LEU G 20 77.16 -6.71 44.98
C LEU G 20 75.89 -7.21 44.29
N GLY G 21 75.70 -8.53 44.23
CA GLY G 21 74.52 -9.08 43.61
C GLY G 21 73.28 -8.92 44.47
N ALA G 22 73.47 -8.73 45.79
CA ALA G 22 72.34 -8.42 46.65
C ALA G 22 71.74 -7.06 46.32
N GLY G 23 72.59 -6.05 46.19
CA GLY G 23 72.14 -4.74 45.75
C GLY G 23 71.60 -4.75 44.34
N ILE G 24 72.22 -5.54 43.45
CA ILE G 24 71.70 -5.71 42.09
C ILE G 24 70.30 -6.32 42.10
N GLY G 25 70.10 -7.36 42.90
CA GLY G 25 68.80 -8.02 42.92
C GLY G 25 67.71 -7.17 43.53
N ILE G 26 68.03 -6.43 44.59
CA ILE G 26 67.00 -5.60 45.20
C ILE G 26 66.72 -4.39 44.32
N ALA G 27 67.70 -3.95 43.53
CA ALA G 27 67.46 -2.93 42.55
C ALA G 27 66.55 -3.42 41.44
N ILE G 28 66.72 -4.68 41.04
CA ILE G 28 65.82 -5.25 40.04
C ILE G 28 64.42 -5.44 40.61
N VAL G 29 64.33 -5.73 41.91
CA VAL G 29 63.04 -5.80 42.59
C VAL G 29 62.32 -4.46 42.55
N PHE G 30 63.00 -3.39 42.96
CA PHE G 30 62.36 -2.07 42.93
C PHE G 30 62.15 -1.58 41.50
N ALA G 31 62.98 -2.02 40.56
CA ALA G 31 62.82 -1.62 39.16
C ALA G 31 61.57 -2.24 38.57
N ALA G 32 61.36 -3.53 38.79
CA ALA G 32 60.12 -4.16 38.41
C ALA G 32 58.94 -3.66 39.21
N LEU G 33 59.18 -3.16 40.43
CA LEU G 33 58.11 -2.57 41.21
C LEU G 33 57.63 -1.27 40.58
N ILE G 34 58.56 -0.44 40.13
CA ILE G 34 58.21 0.77 39.40
C ILE G 34 57.52 0.43 38.08
N ASN G 35 58.05 -0.56 37.37
CA ASN G 35 57.45 -0.93 36.08
C ASN G 35 56.09 -1.60 36.24
N GLY G 36 55.84 -2.22 37.37
CA GLY G 36 54.56 -2.84 37.62
C GLY G 36 53.54 -1.82 38.05
N VAL G 37 53.95 -0.85 38.87
CA VAL G 37 53.01 0.18 39.28
C VAL G 37 52.78 1.19 38.17
N SER G 38 53.70 1.30 37.20
CA SER G 38 53.47 2.15 36.05
C SER G 38 52.37 1.59 35.16
N ARG G 39 52.26 0.27 35.09
CA ARG G 39 51.17 -0.38 34.38
C ARG G 39 50.05 -0.80 35.31
N ASN G 40 50.27 -0.78 36.61
CA ASN G 40 49.18 -1.06 37.53
C ASN G 40 49.30 -0.13 38.74
N PRO G 41 48.85 1.13 38.63
CA PRO G 41 48.77 1.96 39.83
C PRO G 41 47.65 1.53 40.74
N SER G 42 46.63 0.86 40.18
CA SER G 42 45.46 0.46 40.95
C SER G 42 45.80 -0.57 42.01
N ILE G 43 46.71 -1.48 41.71
CA ILE G 43 47.22 -2.42 42.69
C ILE G 43 48.66 -2.03 42.94
N LYS G 44 48.86 -1.21 43.96
CA LYS G 44 50.16 -0.66 44.30
C LYS G 44 50.68 -1.21 45.62
N ASP G 45 49.91 -1.06 46.70
CA ASP G 45 50.32 -1.53 48.01
C ASP G 45 49.64 -2.83 48.41
N THR G 46 49.32 -3.67 47.43
CA THR G 46 49.10 -5.09 47.70
C THR G 46 50.30 -5.90 47.25
N VAL G 47 50.86 -5.52 46.10
CA VAL G 47 52.12 -6.06 45.62
C VAL G 47 53.27 -5.64 46.53
N PHE G 48 53.24 -4.38 46.96
CA PHE G 48 54.33 -3.80 47.74
C PHE G 48 54.61 -4.45 49.08
N PRO G 49 53.65 -4.98 49.86
CA PRO G 49 54.05 -5.85 50.98
C PRO G 49 54.77 -7.10 50.54
N MET G 50 54.27 -7.76 49.49
CA MET G 50 54.97 -8.91 48.92
C MET G 50 56.30 -8.50 48.30
N ALA G 51 56.35 -7.33 47.66
CA ALA G 51 57.58 -6.84 47.07
C ALA G 51 58.64 -6.56 48.14
N ILE G 52 58.24 -5.89 49.22
CA ILE G 52 59.21 -5.56 50.26
C ILE G 52 59.53 -6.80 51.10
N LEU G 53 58.63 -7.80 51.13
CA LEU G 53 58.93 -9.04 51.83
C LEU G 53 59.99 -9.85 51.09
N GLY G 54 59.81 -10.00 49.77
CA GLY G 54 60.83 -10.62 48.96
C GLY G 54 62.13 -9.83 48.94
N PHE G 55 62.03 -8.50 48.96
CA PHE G 55 63.17 -7.62 49.17
C PHE G 55 63.90 -7.94 50.47
N ALA G 56 63.14 -8.16 51.55
CA ALA G 56 63.72 -8.38 52.86
C ALA G 56 64.49 -9.69 52.91
N LEU G 57 63.81 -10.78 52.60
CA LEU G 57 64.42 -12.10 52.60
C LEU G 57 65.48 -12.27 51.51
N SER G 58 65.43 -11.46 50.46
CA SER G 58 66.41 -11.59 49.39
C SER G 58 67.67 -10.77 49.65
N GLU G 59 67.55 -9.62 50.31
CA GLU G 59 68.72 -8.89 50.78
C GLU G 59 69.33 -9.54 52.02
N ALA G 60 68.55 -10.36 52.74
CA ALA G 60 69.07 -11.11 53.87
C ALA G 60 70.18 -12.09 53.47
N THR G 61 70.26 -12.48 52.20
CA THR G 61 71.39 -13.27 51.71
C THR G 61 72.70 -12.51 51.84
N GLY G 62 72.75 -11.28 51.32
CA GLY G 62 73.94 -10.47 51.47
C GLY G 62 74.18 -10.01 52.90
N LEU G 63 73.09 -9.89 53.67
CA LEU G 63 73.23 -9.60 55.10
C LEU G 63 73.94 -10.73 55.83
N PHE G 64 73.54 -11.97 55.54
CA PHE G 64 74.21 -13.13 56.11
C PHE G 64 75.63 -13.26 55.58
N CYS G 65 75.87 -12.82 54.34
CA CYS G 65 77.21 -12.85 53.77
C CYS G 65 78.16 -11.93 54.52
N LEU G 66 77.76 -10.67 54.76
CA LEU G 66 78.70 -9.82 55.45
C LEU G 66 78.72 -10.06 56.96
N MET G 67 77.71 -10.74 57.54
CA MET G 67 77.91 -11.13 58.93
C MET G 67 78.78 -12.37 59.04
N VAL G 68 78.84 -13.19 57.99
CA VAL G 68 79.88 -14.21 57.89
C VAL G 68 81.26 -13.55 57.80
N SER G 69 81.35 -12.44 57.06
CA SER G 69 82.58 -11.66 57.05
C SER G 69 82.90 -11.07 58.42
N PHE G 70 81.87 -10.68 59.18
CA PHE G 70 82.04 -10.17 60.53
C PHE G 70 82.61 -11.23 61.46
N LEU G 71 82.03 -12.43 61.46
CA LEU G 71 82.53 -13.50 62.32
C LEU G 71 83.87 -14.04 61.82
N LEU G 72 84.18 -13.89 60.54
CA LEU G 72 85.49 -14.26 60.04
C LEU G 72 86.56 -13.24 60.42
N LEU G 73 86.17 -11.98 60.60
CA LEU G 73 87.06 -11.02 61.25
C LEU G 73 87.39 -11.45 62.68
N PHE G 74 86.37 -11.85 63.43
CA PHE G 74 86.57 -12.29 64.81
C PHE G 74 87.07 -13.74 64.83
N FME H 1 101.96 -26.08 58.96
CN FME H 1 101.80 -25.84 57.61
O1 FME H 1 100.72 -25.48 57.11
CA FME H 1 100.92 -25.95 59.93
CB FME H 1 101.13 -26.85 61.15
CG FME H 1 100.41 -28.16 60.98
C FME H 1 100.75 -24.52 60.45
O FME H 1 99.84 -24.17 61.19
N GLN H 2 101.69 -23.68 60.04
CA GLN H 2 101.62 -22.24 60.30
C GLN H 2 100.92 -21.56 59.14
N LEU H 3 100.54 -22.36 58.14
CA LEU H 3 100.01 -21.86 56.90
C LEU H 3 98.69 -22.50 56.50
N VAL H 4 98.36 -23.69 57.03
CA VAL H 4 97.27 -24.47 56.47
C VAL H 4 95.90 -23.92 56.91
N LEU H 5 95.76 -23.54 58.19
CA LEU H 5 94.46 -23.03 58.65
C LEU H 5 94.22 -21.60 58.17
N ALA H 6 95.30 -20.85 57.92
CA ALA H 6 95.18 -19.53 57.30
C ALA H 6 94.66 -19.66 55.86
N ALA H 7 95.20 -20.63 55.12
CA ALA H 7 94.68 -20.91 53.79
C ALA H 7 93.27 -21.47 53.84
N LYS H 8 92.93 -22.20 54.90
CA LYS H 8 91.55 -22.64 55.11
C LYS H 8 90.61 -21.46 55.30
N TYR H 9 91.08 -20.44 56.03
CA TYR H 9 90.25 -19.27 56.28
C TYR H 9 90.06 -18.45 55.01
N ILE H 10 91.12 -18.31 54.19
CA ILE H 10 90.93 -17.55 52.96
C ILE H 10 90.16 -18.38 51.93
N GLY H 11 90.21 -19.71 52.04
CA GLY H 11 89.37 -20.55 51.20
C GLY H 11 87.90 -20.48 51.58
N ALA H 12 87.63 -20.31 52.88
CA ALA H 12 86.28 -19.98 53.30
C ALA H 12 85.88 -18.57 52.85
N GLY H 13 86.86 -17.67 52.71
CA GLY H 13 86.59 -16.33 52.21
C GLY H 13 86.16 -16.34 50.75
N ILE H 14 86.92 -17.02 49.88
CA ILE H 14 86.54 -17.10 48.47
C ILE H 14 85.32 -17.97 48.22
N SER H 15 84.97 -18.86 49.15
CA SER H 15 83.76 -19.66 49.05
C SER H 15 82.58 -19.03 49.79
N THR H 16 82.53 -17.70 49.84
CA THR H 16 81.45 -16.98 50.49
C THR H 16 80.64 -16.16 49.50
N ILE H 17 81.26 -15.73 48.40
CA ILE H 17 80.60 -14.85 47.44
C ILE H 17 79.84 -15.61 46.36
N GLY H 18 79.90 -16.95 46.36
CA GLY H 18 79.14 -17.72 45.39
C GLY H 18 77.64 -17.72 45.62
N LEU H 19 77.19 -17.27 46.80
CA LEU H 19 75.79 -16.97 47.05
C LEU H 19 75.39 -15.58 46.54
N LEU H 20 76.29 -14.94 45.79
CA LEU H 20 76.00 -13.75 45.02
C LEU H 20 74.74 -13.92 44.19
N GLY H 21 74.64 -15.04 43.47
CA GLY H 21 73.48 -15.41 42.70
C GLY H 21 72.28 -15.79 43.52
N ALA H 22 72.46 -15.97 44.83
CA ALA H 22 71.31 -15.92 45.73
C ALA H 22 70.71 -14.52 45.71
N GLY H 23 71.53 -13.51 46.01
CA GLY H 23 71.03 -12.15 46.18
C GLY H 23 70.49 -11.55 44.89
N ILE H 24 71.02 -11.99 43.76
CA ILE H 24 70.34 -11.75 42.50
C ILE H 24 69.08 -12.62 42.43
N GLY H 25 69.27 -13.93 42.46
CA GLY H 25 68.37 -14.91 41.89
C GLY H 25 66.92 -14.88 42.32
N ILE H 26 66.68 -15.20 43.60
CA ILE H 26 65.35 -15.16 44.18
C ILE H 26 64.71 -13.79 43.97
N ALA H 27 65.52 -12.73 44.08
CA ALA H 27 65.04 -11.36 43.94
C ALA H 27 64.49 -11.12 42.54
N ILE H 28 65.21 -11.59 41.52
CA ILE H 28 64.72 -11.29 40.18
C ILE H 28 63.53 -12.19 39.85
N VAL H 29 63.43 -13.33 40.54
CA VAL H 29 62.19 -14.12 40.53
C VAL H 29 61.03 -13.27 41.02
N PHE H 30 61.23 -12.61 42.17
CA PHE H 30 60.22 -11.70 42.70
C PHE H 30 59.93 -10.56 41.73
N ALA H 31 60.95 -10.16 40.94
CA ALA H 31 60.76 -9.10 39.95
C ALA H 31 59.73 -9.52 38.92
N ALA H 32 59.85 -10.75 38.42
CA ALA H 32 58.84 -11.25 37.49
C ALA H 32 57.51 -11.45 38.19
N LEU H 33 57.56 -11.78 39.49
CA LEU H 33 56.36 -11.83 40.31
C LEU H 33 55.66 -10.49 40.34
N ILE H 34 56.44 -9.40 40.46
CA ILE H 34 55.84 -8.08 40.41
C ILE H 34 55.30 -7.81 39.00
N ASN H 35 55.98 -8.35 37.99
CA ASN H 35 55.43 -8.30 36.64
C ASN H 35 54.19 -9.16 36.54
N GLY H 36 54.21 -10.34 37.19
CA GLY H 36 53.16 -11.32 37.01
C GLY H 36 51.82 -10.86 37.56
N VAL H 37 51.84 -10.14 38.68
CA VAL H 37 50.63 -9.55 39.21
C VAL H 37 50.26 -8.27 38.46
N SER H 38 51.23 -7.59 37.84
CA SER H 38 50.93 -6.32 37.21
C SER H 38 50.15 -6.53 35.91
N ARG H 39 50.67 -7.37 35.03
CA ARG H 39 49.99 -7.68 33.80
C ARG H 39 48.87 -8.71 33.98
N ASN H 40 48.73 -9.27 35.19
CA ASN H 40 47.71 -10.28 35.45
C ASN H 40 47.39 -10.24 36.94
N PRO H 41 46.38 -9.47 37.34
CA PRO H 41 46.13 -9.26 38.78
C PRO H 41 45.64 -10.48 39.53
N SER H 42 44.79 -11.30 38.91
CA SER H 42 44.16 -12.42 39.60
C SER H 42 44.98 -13.71 39.52
N ILE H 43 46.21 -13.62 39.04
CA ILE H 43 47.10 -14.79 38.96
C ILE H 43 48.03 -14.86 40.16
N LYS H 44 48.02 -13.81 41.02
CA LYS H 44 48.97 -13.64 42.12
C LYS H 44 48.94 -14.82 43.09
N ASP H 45 47.75 -15.12 43.64
CA ASP H 45 47.61 -16.28 44.52
C ASP H 45 47.79 -17.59 43.77
N THR H 46 47.61 -17.56 42.45
CA THR H 46 48.02 -18.68 41.61
C THR H 46 49.53 -18.86 41.64
N VAL H 47 50.28 -17.77 41.45
CA VAL H 47 51.69 -17.92 41.14
C VAL H 47 52.55 -17.90 42.39
N PHE H 48 52.08 -17.27 43.47
CA PHE H 48 52.95 -17.03 44.62
C PHE H 48 53.36 -18.29 45.39
N PRO H 49 52.54 -19.34 45.54
CA PRO H 49 53.14 -20.62 45.98
C PRO H 49 54.14 -21.17 44.99
N MET H 50 53.82 -21.16 43.69
CA MET H 50 54.79 -21.54 42.68
C MET H 50 56.02 -20.62 42.73
N ALA H 51 55.79 -19.32 42.91
CA ALA H 51 56.89 -18.38 43.10
C ALA H 51 57.62 -18.66 44.41
N ILE H 52 56.91 -19.09 45.46
CA ILE H 52 57.67 -19.42 46.66
C ILE H 52 58.36 -20.76 46.45
N LEU H 53 57.81 -21.61 45.58
CA LEU H 53 58.59 -22.68 44.98
C LEU H 53 59.80 -22.09 44.28
N GLY H 54 59.55 -21.13 43.38
CA GLY H 54 60.59 -20.34 42.76
C GLY H 54 61.38 -19.47 43.72
N PHE H 55 61.03 -19.45 45.00
CA PHE H 55 61.95 -18.93 46.00
C PHE H 55 62.90 -20.02 46.48
N ALA H 56 62.34 -21.11 47.02
CA ALA H 56 63.05 -21.91 48.02
C ALA H 56 64.22 -22.65 47.42
N LEU H 57 63.93 -23.51 46.45
CA LEU H 57 64.98 -24.24 45.76
C LEU H 57 65.92 -23.27 45.02
N SER H 58 65.45 -22.06 44.73
CA SER H 58 66.26 -21.08 44.04
C SER H 58 67.36 -20.48 44.91
N GLU H 59 67.19 -20.48 46.25
CA GLU H 59 68.23 -19.89 47.09
C GLU H 59 69.19 -20.91 47.67
N ALA H 60 68.76 -22.18 47.78
CA ALA H 60 69.51 -23.18 48.54
C ALA H 60 70.85 -23.51 47.90
N THR H 61 70.97 -23.27 46.58
CA THR H 61 72.26 -23.37 45.88
C THR H 61 73.31 -22.51 46.55
N GLY H 62 72.96 -21.25 46.85
CA GLY H 62 73.87 -20.37 47.55
C GLY H 62 74.21 -20.84 48.94
N LEU H 63 73.28 -21.61 49.56
CA LEU H 63 73.55 -22.26 50.85
C LEU H 63 74.79 -23.14 50.76
N PHE H 64 74.90 -23.89 49.65
CA PHE H 64 76.06 -24.75 49.40
C PHE H 64 77.35 -23.95 49.45
N CYS H 65 77.31 -22.74 48.87
CA CYS H 65 78.39 -21.77 48.94
C CYS H 65 78.91 -21.60 50.35
N LEU H 66 78.05 -21.13 51.26
CA LEU H 66 78.60 -20.82 52.56
C LEU H 66 78.80 -22.06 53.41
N MET H 67 78.24 -23.21 53.02
CA MET H 67 78.55 -24.36 53.87
C MET H 67 79.93 -24.87 53.55
N VAL H 68 80.43 -24.61 52.34
CA VAL H 68 81.86 -24.75 52.09
C VAL H 68 82.62 -23.78 52.98
N SER H 69 82.12 -22.54 53.04
CA SER H 69 82.67 -21.56 53.96
C SER H 69 82.33 -21.88 55.40
N PHE H 70 81.42 -22.82 55.67
CA PHE H 70 81.26 -23.29 57.04
C PHE H 70 82.20 -24.43 57.34
N LEU H 71 82.59 -25.22 56.34
CA LEU H 71 83.41 -26.38 56.65
C LEU H 71 84.89 -26.04 56.67
N LEU H 72 85.38 -25.30 55.67
CA LEU H 72 86.79 -24.99 55.62
C LEU H 72 87.16 -23.92 56.64
N LEU H 73 86.16 -23.20 57.18
CA LEU H 73 86.40 -22.42 58.38
C LEU H 73 86.72 -23.32 59.56
N PHE H 74 85.97 -24.41 59.72
CA PHE H 74 86.12 -25.24 60.90
C PHE H 74 87.00 -26.46 60.64
N GLY H 75 86.65 -27.26 59.64
CA GLY H 75 87.41 -28.46 59.34
C GLY H 75 87.84 -28.56 57.89
N FME I 1 105.00 -29.29 50.72
CN FME I 1 104.44 -28.39 49.83
O1 FME I 1 103.26 -28.46 49.47
CA FME I 1 104.28 -30.38 51.30
CB FME I 1 105.19 -31.43 51.93
C FME I 1 103.31 -29.91 52.37
O FME I 1 102.26 -30.48 52.66
N GLN I 2 103.70 -28.79 52.97
CA GLN I 2 102.85 -28.11 53.95
C GLN I 2 101.92 -27.17 53.21
N LEU I 3 102.19 -26.99 51.93
CA LEU I 3 101.38 -26.17 51.05
C LEU I 3 100.39 -26.97 50.22
N VAL I 4 100.68 -28.24 49.92
CA VAL I 4 99.87 -28.98 48.97
C VAL I 4 98.49 -29.31 49.53
N LEU I 5 98.39 -29.52 50.84
CA LEU I 5 97.07 -29.66 51.45
C LEU I 5 96.36 -28.31 51.51
N ALA I 6 97.11 -27.24 51.77
CA ALA I 6 96.57 -25.89 51.67
C ALA I 6 96.20 -25.57 50.23
N ALA I 7 96.96 -26.10 49.26
CA ALA I 7 96.61 -25.92 47.86
C ALA I 7 95.35 -26.68 47.51
N LYS I 8 95.15 -27.88 48.08
CA LYS I 8 93.88 -28.57 47.92
C LYS I 8 92.73 -27.76 48.48
N TYR I 9 92.94 -27.15 49.64
CA TYR I 9 91.88 -26.36 50.28
C TYR I 9 91.52 -25.12 49.48
N ILE I 10 92.53 -24.37 49.01
CA ILE I 10 92.19 -23.15 48.29
C ILE I 10 91.80 -23.45 46.85
N GLY I 11 92.28 -24.56 46.28
CA GLY I 11 91.76 -25.01 44.99
C GLY I 11 90.33 -25.47 45.07
N ALA I 12 89.95 -26.06 46.21
CA ALA I 12 88.54 -26.32 46.46
C ALA I 12 87.76 -25.02 46.61
N GLY I 13 88.38 -23.99 47.19
CA GLY I 13 87.68 -22.72 47.38
C GLY I 13 87.42 -21.98 46.08
N ILE I 14 88.39 -21.98 45.18
CA ILE I 14 88.18 -21.31 43.90
C ILE I 14 87.27 -22.12 43.00
N SER I 15 87.18 -23.42 43.23
CA SER I 15 86.28 -24.26 42.45
C SER I 15 84.83 -24.11 42.88
N THR I 16 84.59 -23.50 44.03
CA THR I 16 83.30 -23.54 44.73
C THR I 16 82.23 -22.69 44.04
N ILE I 17 82.60 -21.50 43.54
CA ILE I 17 81.60 -20.51 43.18
C ILE I 17 80.91 -20.77 41.86
N GLY I 18 81.21 -21.89 41.19
CA GLY I 18 80.53 -22.30 39.97
C GLY I 18 79.04 -22.51 40.14
N LEU I 19 78.60 -22.90 41.35
CA LEU I 19 77.19 -22.98 41.69
C LEU I 19 76.46 -21.64 41.58
N LEU I 20 77.20 -20.53 41.71
CA LEU I 20 76.74 -19.20 41.31
C LEU I 20 76.04 -19.21 39.96
N GLY I 21 76.64 -19.87 38.97
CA GLY I 21 76.04 -19.91 37.65
C GLY I 21 74.79 -20.77 37.60
N ALA I 22 74.65 -21.69 38.53
CA ALA I 22 73.35 -22.31 38.71
C ALA I 22 72.37 -21.32 39.33
N GLY I 23 72.81 -20.64 40.40
CA GLY I 23 71.88 -19.92 41.25
C GLY I 23 71.28 -18.69 40.59
N ILE I 24 71.94 -18.16 39.56
CA ILE I 24 71.30 -17.16 38.72
C ILE I 24 70.36 -17.82 37.74
N GLY I 25 70.86 -18.84 37.02
CA GLY I 25 70.21 -19.43 35.86
C GLY I 25 68.82 -19.99 36.12
N ILE I 26 68.71 -20.82 37.16
CA ILE I 26 67.43 -21.39 37.56
C ILE I 26 66.39 -20.31 37.81
N ALA I 27 66.84 -19.16 38.33
CA ALA I 27 65.98 -18.04 38.68
C ALA I 27 65.24 -17.51 37.47
N ILE I 28 65.95 -17.32 36.35
CA ILE I 28 65.26 -16.71 35.23
C ILE I 28 64.31 -17.72 34.60
N VAL I 29 64.60 -19.01 34.75
CA VAL I 29 63.65 -20.05 34.38
C VAL I 29 62.35 -19.85 35.12
N PHE I 30 62.45 -19.69 36.45
CA PHE I 30 61.26 -19.38 37.25
C PHE I 30 60.67 -18.04 36.84
N ALA I 31 61.52 -17.07 36.50
CA ALA I 31 61.02 -15.78 36.04
C ALA I 31 60.28 -15.95 34.72
N ALA I 32 60.85 -16.77 33.82
CA ALA I 32 60.16 -17.08 32.59
C ALA I 32 58.92 -17.89 32.86
N LEU I 33 58.98 -18.72 33.91
CA LEU I 33 57.81 -19.47 34.35
C LEU I 33 56.68 -18.52 34.75
N ILE I 34 57.03 -17.40 35.39
CA ILE I 34 56.01 -16.39 35.67
C ILE I 34 55.54 -15.76 34.37
N ASN I 35 56.47 -15.50 33.46
CA ASN I 35 56.06 -15.06 32.14
C ASN I 35 55.66 -16.23 31.26
N GLY I 36 55.61 -17.44 31.81
CA GLY I 36 54.87 -18.50 31.14
C GLY I 36 53.41 -18.48 31.52
N VAL I 37 53.07 -17.81 32.61
CA VAL I 37 51.72 -17.90 33.17
C VAL I 37 51.06 -16.54 33.34
N SER I 38 51.83 -15.45 33.48
CA SER I 38 51.24 -14.12 33.55
C SER I 38 50.58 -13.76 32.24
N ARG I 39 51.26 -13.99 31.13
CA ARG I 39 50.67 -13.80 29.81
C ARG I 39 49.89 -15.02 29.34
N ASN I 40 50.05 -16.17 29.97
CA ASN I 40 49.32 -17.34 29.50
C ASN I 40 48.99 -18.26 30.67
N PRO I 41 47.92 -17.98 31.41
CA PRO I 41 47.60 -18.81 32.58
C PRO I 41 47.17 -20.22 32.24
N SER I 42 46.68 -20.45 31.02
CA SER I 42 46.09 -21.73 30.64
C SER I 42 47.12 -22.71 30.10
N ILE I 43 48.41 -22.48 30.35
CA ILE I 43 49.42 -23.31 29.70
C ILE I 43 50.42 -23.78 30.75
N LYS I 44 50.21 -23.34 32.00
CA LYS I 44 51.23 -23.48 33.04
C LYS I 44 51.52 -24.94 33.38
N ASP I 45 50.51 -25.81 33.37
CA ASP I 45 50.75 -27.23 33.62
C ASP I 45 51.54 -27.83 32.48
N THR I 46 51.30 -27.34 31.26
CA THR I 46 52.14 -27.61 30.09
C THR I 46 53.61 -27.35 30.38
N VAL I 47 53.90 -26.25 31.07
CA VAL I 47 55.28 -25.95 31.40
C VAL I 47 55.61 -26.28 32.84
N PHE I 48 54.70 -26.96 33.55
CA PHE I 48 55.01 -27.19 34.96
C PHE I 48 56.10 -28.24 35.16
N PRO I 49 56.17 -29.34 34.36
CA PRO I 49 57.44 -30.08 34.33
C PRO I 49 58.47 -29.39 33.46
N MET I 50 58.04 -28.83 32.33
CA MET I 50 58.96 -28.37 31.31
C MET I 50 59.82 -27.20 31.76
N ALA I 51 59.34 -26.39 32.72
CA ALA I 51 60.23 -25.42 33.33
C ALA I 51 61.18 -26.10 34.31
N ILE I 52 60.65 -26.94 35.20
CA ILE I 52 61.46 -27.47 36.30
C ILE I 52 62.44 -28.52 35.78
N LEU I 53 62.12 -29.14 34.64
CA LEU I 53 63.08 -29.92 33.86
C LEU I 53 64.34 -29.13 33.59
N GLY I 54 64.17 -27.91 33.07
CA GLY I 54 65.29 -27.01 32.88
C GLY I 54 66.02 -26.70 34.16
N PHE I 55 65.28 -26.61 35.29
CA PHE I 55 65.88 -26.50 36.61
C PHE I 55 66.88 -27.62 36.84
N ALA I 56 66.44 -28.85 36.61
CA ALA I 56 67.29 -30.01 36.84
C ALA I 56 68.45 -30.06 35.87
N LEU I 57 68.38 -29.33 34.76
CA LEU I 57 69.55 -29.29 33.90
C LEU I 57 70.50 -28.19 34.34
N SER I 58 69.99 -27.12 34.92
CA SER I 58 70.86 -26.04 35.34
C SER I 58 71.45 -26.31 36.73
N GLU I 59 70.60 -26.81 37.64
CA GLU I 59 71.01 -27.12 39.01
C GLU I 59 72.19 -28.08 39.04
N ALA I 60 72.13 -29.11 38.17
CA ALA I 60 73.18 -30.12 38.11
C ALA I 60 74.52 -29.53 37.69
N THR I 61 74.50 -28.45 36.89
CA THR I 61 75.75 -27.79 36.54
C THR I 61 76.40 -27.19 37.77
N GLY I 62 75.61 -26.56 38.63
CA GLY I 62 76.12 -26.16 39.93
C GLY I 62 76.54 -27.37 40.75
N LEU I 63 75.78 -28.47 40.62
CA LEU I 63 76.15 -29.70 41.30
C LEU I 63 77.37 -30.37 40.70
N PHE I 64 77.90 -29.81 39.61
CA PHE I 64 79.08 -30.36 38.95
C PHE I 64 80.32 -29.54 39.29
N CYS I 65 80.25 -28.79 40.38
CA CYS I 65 81.36 -27.96 40.82
C CYS I 65 81.81 -28.30 42.24
N LEU I 66 80.93 -28.06 43.20
CA LEU I 66 81.22 -28.35 44.60
C LEU I 66 81.71 -29.77 44.81
N MET I 67 81.23 -30.76 44.04
CA MET I 67 81.80 -32.07 44.25
C MET I 67 83.14 -32.20 43.56
N VAL I 68 83.40 -31.37 42.54
CA VAL I 68 84.75 -31.21 42.04
C VAL I 68 85.61 -30.54 43.09
N SER I 69 84.99 -29.70 43.94
CA SER I 69 85.65 -29.25 45.16
C SER I 69 85.94 -30.42 46.09
N PHE I 70 84.99 -31.35 46.23
CA PHE I 70 85.03 -32.32 47.33
C PHE I 70 86.09 -33.37 47.11
N LEU I 71 86.28 -33.81 45.87
CA LEU I 71 87.38 -34.69 45.52
C LEU I 71 88.74 -34.04 45.75
N LEU I 72 88.82 -32.72 45.67
CA LEU I 72 90.03 -32.05 46.09
C LEU I 72 90.03 -31.83 47.59
N LEU I 73 88.84 -31.73 48.20
CA LEU I 73 88.74 -31.75 49.65
C LEU I 73 89.08 -33.12 50.20
N PHE I 74 88.62 -34.19 49.55
CA PHE I 74 88.96 -35.54 49.95
C PHE I 74 89.58 -36.30 48.79
N FME J 1 108.57 -30.56 44.06
CN FME J 1 108.26 -29.28 43.68
O1 FME J 1 107.31 -29.02 42.93
CA FME J 1 107.79 -31.69 43.62
CB FME J 1 108.57 -33.01 43.61
CG FME J 1 108.51 -33.63 42.25
C FME J 1 106.57 -31.89 44.52
O FME J 1 105.60 -32.56 44.21
N GLN J 2 106.64 -31.25 45.69
CA GLN J 2 105.52 -31.17 46.60
C GLN J 2 104.72 -29.92 46.24
N LEU J 3 105.30 -29.13 45.35
CA LEU J 3 104.73 -27.88 44.90
C LEU J 3 104.07 -27.97 43.53
N VAL J 4 104.51 -28.89 42.68
CA VAL J 4 103.97 -28.94 41.32
C VAL J 4 102.58 -29.58 41.31
N LEU J 5 102.37 -30.59 42.16
CA LEU J 5 101.03 -31.16 42.24
C LEU J 5 100.09 -30.25 43.03
N ALA J 6 100.65 -29.45 43.93
CA ALA J 6 99.91 -28.38 44.58
C ALA J 6 99.40 -27.37 43.56
N ALA J 7 100.26 -27.00 42.62
CA ALA J 7 99.88 -26.05 41.58
C ALA J 7 98.89 -26.66 40.60
N LYS J 8 98.98 -27.96 40.33
CA LYS J 8 97.99 -28.53 39.43
C LYS J 8 96.66 -28.75 40.15
N TYR J 9 96.68 -28.89 41.49
CA TYR J 9 95.46 -28.85 42.28
C TYR J 9 94.76 -27.50 42.17
N ILE J 10 95.52 -26.41 42.33
CA ILE J 10 94.86 -25.12 42.23
C ILE J 10 94.53 -24.78 40.77
N GLY J 11 95.26 -25.37 39.82
CA GLY J 11 94.92 -25.22 38.41
C GLY J 11 93.64 -25.94 38.06
N ALA J 12 93.37 -27.07 38.70
CA ALA J 12 92.06 -27.70 38.57
C ALA J 12 90.99 -26.88 39.29
N GLY J 13 91.38 -26.14 40.33
CA GLY J 13 90.43 -25.28 41.02
C GLY J 13 89.96 -24.11 40.17
N ILE J 14 90.89 -23.42 39.50
CA ILE J 14 90.51 -22.31 38.62
C ILE J 14 89.84 -22.77 37.33
N SER J 15 90.10 -23.99 36.88
CA SER J 15 89.47 -24.51 35.66
C SER J 15 88.15 -25.20 35.97
N THR J 16 87.46 -24.79 37.03
CA THR J 16 86.19 -25.37 37.42
C THR J 16 85.01 -24.53 37.00
N ILE J 17 85.09 -23.21 37.16
CA ILE J 17 83.94 -22.34 37.15
C ILE J 17 83.53 -21.93 35.74
N GLY J 18 84.18 -22.51 34.73
CA GLY J 18 83.80 -22.29 33.34
C GLY J 18 82.43 -22.82 32.97
N LEU J 19 81.85 -23.67 33.81
CA LEU J 19 80.45 -24.08 33.70
C LEU J 19 79.49 -22.93 33.96
N LEU J 20 79.96 -21.90 34.69
CA LEU J 20 79.14 -20.91 35.40
C LEU J 20 78.07 -20.30 34.51
N GLY J 21 78.51 -19.52 33.51
CA GLY J 21 77.58 -18.91 32.58
C GLY J 21 76.87 -19.93 31.72
N ALA J 22 77.54 -21.05 31.42
CA ALA J 22 76.88 -22.16 30.77
C ALA J 22 75.76 -22.72 31.65
N GLY J 23 76.00 -22.83 32.96
CA GLY J 23 74.94 -23.15 33.89
C GLY J 23 73.88 -22.07 33.95
N ILE J 24 74.26 -20.84 33.64
CA ILE J 24 73.27 -19.83 33.32
C ILE J 24 72.64 -20.13 31.96
N GLY J 25 73.49 -20.32 30.94
CA GLY J 25 73.10 -20.22 29.54
C GLY J 25 72.09 -21.22 29.06
N ILE J 26 72.22 -22.47 29.51
CA ILE J 26 71.22 -23.48 29.20
C ILE J 26 69.85 -23.02 29.70
N ALA J 27 69.83 -22.44 30.91
CA ALA J 27 68.62 -21.92 31.53
C ALA J 27 68.01 -20.81 30.70
N ILE J 28 68.83 -19.98 30.06
CA ILE J 28 68.24 -18.86 29.35
C ILE J 28 67.64 -19.35 28.06
N VAL J 29 68.18 -20.44 27.50
CA VAL J 29 67.52 -21.15 26.42
C VAL J 29 66.16 -21.65 26.89
N PHE J 30 66.15 -22.27 28.09
CA PHE J 30 64.91 -22.66 28.74
C PHE J 30 64.01 -21.48 29.01
N ALA J 31 64.60 -20.32 29.32
CA ALA J 31 63.78 -19.13 29.53
C ALA J 31 63.02 -18.78 28.27
N ALA J 32 63.71 -18.82 27.13
CA ALA J 32 63.06 -18.59 25.85
C ALA J 32 62.06 -19.68 25.55
N LEU J 33 62.36 -20.90 26.01
CA LEU J 33 61.44 -22.01 25.83
C LEU J 33 60.14 -21.76 26.58
N ILE J 34 60.23 -21.16 27.78
CA ILE J 34 58.99 -20.88 28.49
C ILE J 34 58.29 -19.70 27.84
N ASN J 35 59.06 -18.84 27.18
CA ASN J 35 58.41 -17.81 26.37
C ASN J 35 58.18 -18.27 24.95
N GLY J 36 58.56 -19.50 24.61
CA GLY J 36 58.29 -19.99 23.28
C GLY J 36 56.88 -20.52 23.18
N VAL J 37 56.50 -21.31 24.17
CA VAL J 37 55.21 -21.99 24.08
C VAL J 37 54.10 -21.16 24.75
N SER J 38 54.41 -20.40 25.80
CA SER J 38 53.39 -19.54 26.38
C SER J 38 53.01 -18.40 25.45
N ARG J 39 53.91 -18.04 24.52
CA ARG J 39 53.57 -17.18 23.39
C ARG J 39 52.92 -18.01 22.30
N ASN J 40 53.59 -19.06 21.87
CA ASN J 40 53.17 -19.85 20.73
C ASN J 40 52.94 -21.29 21.15
N PRO J 41 51.72 -21.65 21.57
CA PRO J 41 51.49 -23.03 22.04
C PRO J 41 51.61 -24.08 20.94
N SER J 42 51.30 -23.73 19.70
CA SER J 42 51.41 -24.70 18.63
C SER J 42 52.76 -24.63 17.93
N ILE J 43 53.83 -24.57 18.72
CA ILE J 43 55.16 -24.82 18.21
C ILE J 43 55.87 -25.67 19.26
N LYS J 44 55.07 -26.10 20.25
CA LYS J 44 55.57 -26.74 21.48
C LYS J 44 56.50 -27.91 21.22
N ASP J 45 56.14 -28.79 20.29
CA ASP J 45 56.97 -29.93 19.98
C ASP J 45 57.74 -29.75 18.67
N THR J 46 57.93 -28.51 18.25
CA THR J 46 58.81 -28.20 17.13
C THR J 46 60.11 -27.56 17.59
N VAL J 47 60.02 -26.59 18.51
CA VAL J 47 61.22 -25.97 19.05
C VAL J 47 61.92 -26.84 20.08
N PHE J 48 61.17 -27.51 20.94
CA PHE J 48 61.66 -28.42 21.99
C PHE J 48 62.55 -29.55 21.48
N PRO J 49 62.37 -30.07 20.24
CA PRO J 49 63.47 -30.84 19.65
C PRO J 49 64.76 -30.06 19.49
N MET J 50 64.75 -28.93 18.78
CA MET J 50 66.02 -28.27 18.51
C MET J 50 66.55 -27.53 19.74
N ALA J 51 65.66 -27.10 20.65
CA ALA J 51 66.10 -26.37 21.83
C ALA J 51 66.88 -27.27 22.77
N ILE J 52 66.41 -28.50 22.96
CA ILE J 52 67.19 -29.46 23.73
C ILE J 52 68.42 -29.90 22.94
N LEU J 53 68.41 -29.72 21.62
CA LEU J 53 69.66 -29.74 20.87
C LEU J 53 70.55 -28.58 21.32
N GLY J 54 70.00 -27.37 21.30
CA GLY J 54 70.72 -26.20 21.74
C GLY J 54 71.08 -26.21 23.20
N PHE J 55 70.37 -26.98 24.01
CA PHE J 55 70.82 -27.32 25.35
C PHE J 55 72.19 -27.99 25.32
N ALA J 56 72.29 -29.10 24.58
CA ALA J 56 73.48 -29.94 24.64
C ALA J 56 74.69 -29.21 24.08
N LEU J 57 74.50 -28.44 23.01
CA LEU J 57 75.56 -27.60 22.50
C LEU J 57 75.96 -26.53 23.51
N SER J 58 74.99 -25.98 24.25
CA SER J 58 75.33 -25.10 25.35
C SER J 58 75.97 -25.85 26.50
N GLU J 59 75.67 -27.15 26.63
CA GLU J 59 76.50 -27.99 27.48
C GLU J 59 77.90 -28.14 26.90
N ALA J 60 78.00 -28.31 25.57
CA ALA J 60 79.28 -28.58 24.93
C ALA J 60 80.22 -27.39 24.99
N THR J 61 79.70 -26.19 25.25
CA THR J 61 80.53 -25.09 25.67
C THR J 61 81.14 -25.39 27.04
N GLY J 62 80.28 -25.53 28.04
CA GLY J 62 80.74 -25.46 29.41
C GLY J 62 80.90 -26.78 30.13
N LEU J 63 81.36 -27.80 29.44
CA LEU J 63 81.62 -29.08 30.07
C LEU J 63 83.08 -29.49 30.02
N PHE J 64 83.76 -29.19 28.90
CA PHE J 64 85.10 -29.70 28.66
C PHE J 64 86.13 -29.06 29.58
N CYS J 65 85.95 -27.79 29.93
CA CYS J 65 86.76 -27.16 30.97
C CYS J 65 86.68 -27.92 32.28
N LEU J 66 85.48 -28.46 32.57
CA LEU J 66 85.27 -29.35 33.70
C LEU J 66 86.22 -30.54 33.66
N MET J 67 86.34 -31.21 32.51
CA MET J 67 87.25 -32.35 32.48
C MET J 67 88.70 -31.92 32.35
N VAL J 68 88.95 -30.65 31.99
CA VAL J 68 90.28 -30.08 32.15
C VAL J 68 90.65 -30.06 33.62
N SER J 69 89.65 -29.85 34.49
CA SER J 69 89.83 -30.05 35.92
C SER J 69 90.20 -31.49 36.27
N PHE J 70 89.68 -32.47 35.53
CA PHE J 70 89.91 -33.84 35.94
C PHE J 70 91.23 -34.39 35.42
N LEU J 71 91.59 -34.06 34.17
CA LEU J 71 92.89 -34.49 33.65
C LEU J 71 94.04 -33.77 34.32
N LEU J 72 93.83 -32.55 34.81
CA LEU J 72 94.83 -31.93 35.66
C LEU J 72 94.69 -32.42 37.09
N LEU J 73 93.58 -33.09 37.40
CA LEU J 73 93.52 -33.86 38.64
C LEU J 73 94.49 -35.03 38.60
N PHE J 74 94.70 -35.61 37.42
CA PHE J 74 95.64 -36.71 37.27
C PHE J 74 96.72 -36.36 36.25
N PRO K 7 -80.22 13.93 -15.68
CA PRO K 7 -80.23 12.78 -16.60
C PRO K 7 -79.84 13.15 -18.03
N PRO K 8 -78.55 13.16 -18.32
CA PRO K 8 -78.09 13.45 -19.67
C PRO K 8 -78.39 12.31 -20.62
N PRO K 9 -78.30 12.53 -21.93
CA PRO K 9 -78.33 11.41 -22.89
C PRO K 9 -77.03 10.64 -22.92
N VAL K 10 -76.90 9.79 -23.94
CA VAL K 10 -75.65 9.13 -24.32
C VAL K 10 -74.53 10.15 -24.40
N ARG K 11 -73.44 9.86 -23.69
CA ARG K 11 -72.34 10.80 -23.48
C ARG K 11 -71.63 11.10 -24.78
N LEU K 12 -71.28 12.37 -24.96
CA LEU K 12 -70.36 12.77 -26.02
C LEU K 12 -68.92 12.76 -25.55
N PHE K 13 -68.71 12.50 -24.26
CA PHE K 13 -67.42 12.12 -23.69
C PHE K 13 -66.35 13.21 -23.85
N GLY K 14 -66.64 14.37 -23.27
CA GLY K 14 -65.57 15.31 -23.05
C GLY K 14 -65.28 16.27 -24.18
N VAL K 15 -64.31 15.91 -25.02
CA VAL K 15 -63.61 16.86 -25.88
C VAL K 15 -64.57 17.36 -26.96
N GLU K 16 -65.04 18.59 -26.78
CA GLU K 16 -65.66 19.43 -27.82
C GLU K 16 -67.04 18.93 -28.24
N GLY K 17 -67.51 17.83 -27.65
CA GLY K 17 -68.91 17.49 -27.75
C GLY K 17 -69.61 18.16 -26.60
N THR K 18 -68.82 18.66 -25.66
CA THR K 18 -69.36 19.32 -24.48
C THR K 18 -70.11 20.60 -24.83
N TYR K 19 -69.71 21.28 -25.91
CA TYR K 19 -70.55 22.34 -26.47
C TYR K 19 -71.88 21.79 -26.89
N ALA K 20 -71.87 20.73 -27.70
CA ALA K 20 -73.09 20.08 -28.14
C ALA K 20 -73.84 19.46 -26.97
N THR K 21 -73.12 18.94 -25.98
CA THR K 21 -73.76 18.34 -24.81
C THR K 21 -74.53 19.37 -24.01
N ALA K 22 -73.88 20.50 -23.71
CA ALA K 22 -74.53 21.57 -22.97
C ALA K 22 -75.67 22.16 -23.79
N LEU K 23 -75.48 22.27 -25.11
CA LEU K 23 -76.50 22.82 -25.98
C LEU K 23 -77.76 21.97 -25.97
N TYR K 24 -77.60 20.65 -26.03
CA TYR K 24 -78.72 19.75 -25.88
C TYR K 24 -79.35 19.89 -24.50
N GLN K 25 -78.59 19.60 -23.45
CA GLN K 25 -79.18 19.43 -22.12
C GLN K 25 -79.67 20.74 -21.52
N ALA K 26 -79.27 21.89 -22.06
CA ALA K 26 -79.90 23.14 -21.72
C ALA K 26 -81.06 23.47 -22.64
N ALA K 27 -80.98 23.06 -23.91
CA ALA K 27 -82.13 23.21 -24.78
C ALA K 27 -83.25 22.26 -24.40
N ALA K 28 -82.94 21.02 -24.05
CA ALA K 28 -83.96 19.98 -23.90
C ALA K 28 -84.83 20.16 -22.68
N LYS K 29 -84.37 20.98 -21.72
CA LYS K 29 -85.15 21.24 -20.51
C LYS K 29 -86.55 21.74 -20.87
N ASN K 30 -86.71 22.13 -22.14
CA ASN K 30 -87.99 22.59 -22.65
C ASN K 30 -88.13 22.16 -24.11
N SER K 31 -87.81 20.90 -24.36
CA SER K 31 -87.90 20.32 -25.71
C SER K 31 -87.18 21.19 -26.74
N SER K 32 -87.91 21.65 -27.76
CA SER K 32 -87.37 22.49 -28.81
C SER K 32 -86.09 21.96 -29.44
N ILE K 33 -85.68 20.75 -29.06
CA ILE K 33 -84.47 20.17 -29.63
C ILE K 33 -84.71 19.64 -31.02
N ASP K 34 -85.97 19.43 -31.40
CA ASP K 34 -86.25 19.22 -32.81
C ASP K 34 -86.18 20.52 -33.57
N ALA K 35 -86.66 21.61 -32.96
CA ALA K 35 -86.53 22.92 -33.58
C ALA K 35 -85.09 23.40 -33.54
N ALA K 36 -84.41 23.20 -32.40
CA ALA K 36 -82.98 23.51 -32.33
C ALA K 36 -82.19 22.63 -33.27
N PHE K 37 -82.59 21.36 -33.38
CA PHE K 37 -81.98 20.41 -34.30
C PHE K 37 -82.14 20.86 -35.75
N GLN K 38 -83.32 21.32 -36.11
CA GLN K 38 -83.56 21.76 -37.48
C GLN K 38 -82.83 23.06 -37.76
N SER K 39 -82.69 23.91 -36.75
CA SER K 39 -81.86 25.10 -36.88
C SER K 39 -80.41 24.73 -37.09
N LEU K 40 -79.94 23.68 -36.41
CA LEU K 40 -78.56 23.23 -36.59
C LEU K 40 -78.35 22.62 -37.97
N GLN K 41 -79.32 21.83 -38.44
CA GLN K 41 -79.29 21.32 -39.79
C GLN K 41 -79.27 22.45 -40.80
N LYS K 42 -80.05 23.50 -40.55
CA LYS K 42 -80.16 24.60 -41.49
C LYS K 42 -78.90 25.45 -41.48
N VAL K 43 -78.28 25.61 -40.31
CA VAL K 43 -77.08 26.44 -40.29
C VAL K 43 -75.89 25.66 -40.82
N GLU K 44 -75.82 24.34 -40.61
CA GLU K 44 -74.77 23.57 -41.23
C GLU K 44 -75.00 23.45 -42.73
N SER K 45 -76.27 23.53 -43.13
CA SER K 45 -76.60 23.58 -44.54
C SER K 45 -76.13 24.88 -45.17
N THR K 46 -76.41 26.02 -44.54
CA THR K 46 -76.00 27.28 -45.14
C THR K 46 -74.50 27.51 -45.01
N VAL K 47 -73.84 26.83 -44.07
CA VAL K 47 -72.39 26.70 -44.16
C VAL K 47 -72.02 25.88 -45.39
N LYS K 48 -72.76 24.82 -45.64
CA LYS K 48 -72.46 23.95 -46.77
C LYS K 48 -72.92 24.56 -48.09
N LYS K 49 -74.07 25.26 -48.07
CA LYS K 49 -74.57 25.94 -49.26
C LYS K 49 -73.71 27.10 -49.68
N ASN K 50 -72.94 27.67 -48.75
CA ASN K 50 -71.90 28.64 -49.08
C ASN K 50 -70.57 28.06 -48.64
N PRO K 51 -70.01 27.11 -49.41
CA PRO K 51 -68.80 26.44 -48.95
C PRO K 51 -67.57 27.31 -49.00
N LYS K 52 -67.48 28.22 -49.96
CA LYS K 52 -66.38 29.18 -49.98
C LYS K 52 -66.60 30.19 -48.87
N LEU K 53 -65.68 30.20 -47.90
CA LEU K 53 -65.70 31.03 -46.70
C LEU K 53 -66.95 30.81 -45.86
N GLY K 54 -67.55 29.63 -45.93
CA GLY K 54 -68.42 29.19 -44.87
C GLY K 54 -67.64 28.19 -44.06
N HIS K 55 -66.91 27.33 -44.76
CA HIS K 55 -65.94 26.43 -44.17
C HIS K 55 -64.56 27.06 -44.14
N LEU K 56 -64.19 27.77 -45.22
CA LEU K 56 -62.93 28.48 -45.30
C LEU K 56 -62.87 29.71 -44.41
N LEU K 57 -63.96 30.04 -43.72
CA LEU K 57 -63.97 31.09 -42.73
C LEU K 57 -64.43 30.52 -41.40
N LEU K 58 -63.81 29.41 -41.02
CA LEU K 58 -63.84 28.95 -39.64
C LEU K 58 -62.42 28.93 -39.11
N ASN K 59 -61.62 29.80 -39.72
CA ASN K 59 -60.21 29.94 -39.37
C ASN K 59 -60.06 30.67 -38.05
N PRO K 60 -58.96 30.40 -37.35
CA PRO K 60 -58.79 31.05 -36.04
C PRO K 60 -58.09 32.39 -36.10
N ALA K 61 -57.48 32.74 -37.23
CA ALA K 61 -56.58 33.88 -37.29
C ALA K 61 -57.28 35.18 -37.64
N LEU K 62 -58.60 35.17 -37.61
CA LEU K 62 -59.33 36.34 -38.01
C LEU K 62 -59.35 37.49 -37.02
N SER K 63 -60.19 37.31 -36.01
CA SER K 63 -60.51 38.34 -35.02
C SER K 63 -61.45 37.82 -33.94
N LEU K 64 -61.74 38.67 -32.97
CA LEU K 64 -62.94 38.51 -32.18
C LEU K 64 -64.11 39.23 -32.85
N LYS K 65 -63.85 40.44 -33.35
CA LYS K 65 -64.91 41.25 -33.94
C LYS K 65 -65.40 40.65 -35.25
N ASP K 66 -64.47 40.20 -36.10
CA ASP K 66 -64.86 39.70 -37.41
C ASP K 66 -65.53 38.35 -37.29
N ARG K 67 -65.12 37.53 -36.31
CA ARG K 67 -65.84 36.30 -35.99
C ARG K 67 -67.28 36.60 -35.58
N ASN K 68 -67.47 37.63 -34.76
CA ASN K 68 -68.81 38.01 -34.34
C ASN K 68 -69.61 38.55 -35.51
N SER K 69 -68.95 39.23 -36.44
CA SER K 69 -69.62 39.69 -37.65
C SER K 69 -69.96 38.56 -38.60
N VAL K 70 -69.18 37.48 -38.60
CA VAL K 70 -69.58 36.31 -39.40
C VAL K 70 -70.78 35.64 -38.76
N ILE K 71 -70.86 35.64 -37.42
CA ILE K 71 -72.08 35.21 -36.74
C ILE K 71 -73.25 36.13 -37.12
N ASP K 72 -72.96 37.41 -37.31
CA ASP K 72 -73.99 38.34 -37.77
C ASP K 72 -74.41 38.07 -39.21
N ALA K 73 -73.49 37.62 -40.06
CA ALA K 73 -73.84 37.21 -41.40
C ALA K 73 -74.66 35.92 -41.39
N ILE K 74 -74.39 35.03 -40.45
CA ILE K 74 -75.21 33.83 -40.29
C ILE K 74 -76.61 34.16 -39.84
N VAL K 75 -76.78 35.09 -38.89
CA VAL K 75 -78.14 35.48 -38.52
C VAL K 75 -78.73 36.47 -39.51
N GLU K 76 -77.91 36.97 -40.44
CA GLU K 76 -78.38 37.91 -41.45
C GLU K 76 -79.12 37.12 -42.52
N THR K 77 -78.75 35.86 -42.68
CA THR K 77 -79.39 34.99 -43.66
C THR K 77 -80.73 34.54 -43.11
N HIS K 78 -81.74 35.37 -43.30
CA HIS K 78 -83.10 35.10 -42.84
C HIS K 78 -83.13 34.68 -41.38
N LYS K 79 -83.90 33.63 -41.09
CA LYS K 79 -84.01 33.13 -39.72
C LYS K 79 -83.24 31.83 -39.60
N ASN K 80 -82.03 31.82 -40.14
CA ASN K 80 -81.17 30.64 -40.10
C ASN K 80 -81.00 30.12 -38.67
N LEU K 81 -80.69 31.02 -37.75
CA LEU K 81 -80.53 30.65 -36.35
C LEU K 81 -81.85 30.82 -35.62
N ASP K 82 -82.08 29.99 -34.60
CA ASP K 82 -83.32 30.06 -33.84
C ASP K 82 -83.18 29.44 -32.46
N GLY K 83 -83.39 30.25 -31.43
CA GLY K 83 -83.29 29.78 -30.06
C GLY K 83 -81.93 29.98 -29.46
N TYR K 84 -81.47 28.98 -28.71
CA TYR K 84 -80.18 29.03 -28.06
C TYR K 84 -79.02 29.01 -29.04
N VAL K 85 -79.24 28.47 -30.25
CA VAL K 85 -78.16 28.17 -31.19
C VAL K 85 -77.43 29.41 -31.69
N VAL K 86 -78.05 30.58 -31.63
CA VAL K 86 -77.31 31.79 -31.93
C VAL K 86 -76.34 32.13 -30.81
N ASN K 87 -76.79 31.99 -29.55
CA ASN K 87 -75.95 32.37 -28.42
C ASN K 87 -74.80 31.41 -28.24
N LEU K 88 -75.14 30.20 -28.72
CA LEU K 88 -74.31 29.06 -28.81
C LEU K 88 -73.15 29.61 -29.59
N LEU K 89 -73.41 30.13 -30.81
CA LEU K 89 -72.51 30.75 -31.77
C LEU K 89 -71.87 32.02 -31.25
N LYS K 90 -72.58 32.71 -30.36
CA LYS K 90 -72.05 33.94 -29.77
C LYS K 90 -70.87 33.58 -28.88
N VAL K 91 -71.08 32.46 -28.18
CA VAL K 91 -70.13 31.89 -27.27
C VAL K 91 -69.10 31.22 -28.11
N LEU K 92 -69.52 30.40 -29.06
CA LEU K 92 -68.60 29.70 -29.95
C LEU K 92 -67.69 30.68 -30.68
N SER K 93 -68.26 31.76 -31.20
CA SER K 93 -67.49 32.77 -31.90
C SER K 93 -66.45 33.36 -30.95
N GLU K 94 -66.89 33.73 -29.76
CA GLU K 94 -66.00 34.30 -28.76
C GLU K 94 -64.97 33.25 -28.36
N ASN K 95 -65.43 32.02 -28.17
CA ASN K 95 -64.57 30.91 -27.80
C ASN K 95 -63.76 30.43 -28.98
N ASN K 96 -64.05 30.99 -30.18
CA ASN K 96 -63.24 30.71 -31.34
C ASN K 96 -63.11 29.23 -31.62
N ARG K 97 -64.02 28.42 -31.08
CA ARG K 97 -64.09 27.02 -31.44
C ARG K 97 -65.00 26.79 -32.64
N LEU K 98 -65.10 27.80 -33.50
CA LEU K 98 -65.95 27.71 -34.67
C LEU K 98 -65.51 26.66 -35.68
N GLY K 99 -64.20 26.46 -35.78
CA GLY K 99 -63.69 25.49 -36.75
C GLY K 99 -64.22 24.10 -36.49
N CYS K 100 -64.20 23.66 -35.24
CA CYS K 100 -64.77 22.36 -34.86
C CYS K 100 -66.27 22.55 -34.61
N PHE K 101 -66.95 22.93 -35.69
CA PHE K 101 -68.38 23.17 -35.65
C PHE K 101 -69.07 22.04 -36.38
N GLU K 102 -68.39 21.51 -37.39
CA GLU K 102 -68.91 20.40 -38.17
C GLU K 102 -69.10 19.23 -37.21
N LYS K 103 -68.07 18.96 -36.40
CA LYS K 103 -68.12 17.90 -35.41
C LYS K 103 -69.36 18.04 -34.52
N ILE K 104 -69.57 19.24 -33.99
CA ILE K 104 -70.73 19.50 -33.14
C ILE K 104 -72.03 19.10 -33.83
N ALA K 105 -72.19 19.51 -35.08
CA ALA K 105 -73.39 19.19 -35.86
C ALA K 105 -73.66 17.69 -35.88
N SER K 106 -72.77 16.94 -36.52
CA SER K 106 -72.87 15.50 -36.63
C SER K 106 -73.13 14.87 -35.27
N ASP K 107 -72.46 15.37 -34.24
CA ASP K 107 -72.64 14.80 -32.91
C ASP K 107 -74.03 15.10 -32.35
N PHE K 108 -74.53 16.31 -32.55
CA PHE K 108 -75.90 16.55 -32.14
C PHE K 108 -76.85 15.68 -32.93
N GLY K 109 -76.54 15.42 -34.20
CA GLY K 109 -77.35 14.49 -34.95
C GLY K 109 -77.35 13.12 -34.33
N VAL K 110 -76.17 12.65 -33.89
CA VAL K 110 -76.09 11.35 -33.25
C VAL K 110 -76.92 11.33 -31.99
N LEU K 111 -76.82 12.38 -31.19
CA LEU K 111 -77.61 12.41 -29.96
C LEU K 111 -79.10 12.45 -30.28
N ASN K 112 -79.48 13.22 -31.29
CA ASN K 112 -80.88 13.36 -31.63
C ASN K 112 -81.46 12.04 -32.11
N ASP K 113 -80.81 11.41 -33.09
CA ASP K 113 -81.32 10.14 -33.59
C ASP K 113 -81.09 9.01 -32.60
N ALA K 114 -80.29 9.23 -31.56
CA ALA K 114 -80.34 8.34 -30.41
C ALA K 114 -81.63 8.54 -29.63
N HIS K 115 -82.06 9.80 -29.50
CA HIS K 115 -83.33 10.05 -28.83
C HIS K 115 -84.47 9.41 -29.62
N ASN K 116 -84.43 9.51 -30.95
CA ASN K 116 -85.34 8.74 -31.77
C ASN K 116 -85.10 7.25 -31.61
N GLY K 117 -83.86 6.86 -31.38
CA GLY K 117 -83.52 5.47 -31.24
C GLY K 117 -83.05 4.79 -32.49
N LEU K 118 -82.75 5.55 -33.55
CA LEU K 118 -82.15 4.96 -34.74
C LEU K 118 -80.80 4.34 -34.39
N LEU K 119 -80.78 3.05 -34.17
CA LEU K 119 -79.54 2.37 -33.83
C LEU K 119 -78.84 2.03 -35.13
N LYS K 120 -78.09 3.01 -35.65
CA LYS K 120 -77.31 2.81 -36.85
C LYS K 120 -76.51 1.52 -36.75
N GLY K 121 -76.52 0.75 -37.83
CA GLY K 121 -75.75 -0.47 -37.88
C GLY K 121 -74.83 -0.48 -39.08
N THR K 122 -74.33 -1.66 -39.45
CA THR K 122 -73.53 -1.77 -40.65
C THR K 122 -73.43 -3.24 -41.03
N VAL K 123 -73.31 -3.50 -42.32
CA VAL K 123 -73.17 -4.86 -42.80
C VAL K 123 -71.98 -4.90 -43.74
N THR K 124 -70.79 -4.88 -43.15
CA THR K 124 -69.57 -4.74 -43.93
C THR K 124 -69.40 -5.93 -44.88
N SER K 125 -68.92 -5.62 -46.08
CA SER K 125 -68.55 -6.61 -47.08
C SER K 125 -67.36 -6.07 -47.86
N ALA K 126 -66.85 -6.89 -48.79
CA ALA K 126 -65.86 -6.44 -49.75
C ALA K 126 -66.47 -6.10 -51.10
N GLU K 127 -67.78 -6.20 -51.23
CA GLU K 127 -68.48 -5.85 -52.46
C GLU K 127 -69.94 -5.63 -52.12
N PRO K 128 -70.60 -4.64 -52.73
CA PRO K 128 -72.00 -4.38 -52.39
C PRO K 128 -72.88 -5.53 -52.84
N LEU K 129 -74.02 -5.66 -52.17
CA LEU K 129 -74.86 -6.84 -52.30
C LEU K 129 -76.24 -6.47 -52.83
N ASP K 130 -76.99 -7.52 -53.14
CA ASP K 130 -78.35 -7.43 -53.66
C ASP K 130 -79.31 -6.89 -52.59
N PRO K 131 -80.45 -6.37 -53.04
CA PRO K 131 -81.34 -5.78 -52.04
C PRO K 131 -82.01 -6.83 -51.17
N LYS K 132 -82.24 -8.03 -51.69
CA LYS K 132 -82.94 -9.03 -50.89
C LYS K 132 -82.16 -9.34 -49.62
N SER K 133 -80.85 -9.50 -49.72
CA SER K 133 -80.03 -9.70 -48.53
C SER K 133 -80.16 -8.51 -47.60
N PHE K 134 -80.05 -7.30 -48.14
CA PHE K 134 -80.20 -6.11 -47.30
C PHE K 134 -81.49 -6.19 -46.51
N LYS K 135 -82.59 -6.46 -47.20
CA LYS K 135 -83.90 -6.39 -46.58
C LYS K 135 -84.05 -7.46 -45.52
N ARG K 136 -83.64 -8.68 -45.85
CA ARG K 136 -83.81 -9.76 -44.87
C ARG K 136 -82.98 -9.48 -43.62
N ILE K 137 -81.76 -8.97 -43.80
CA ILE K 137 -80.93 -8.68 -42.64
C ILE K 137 -81.53 -7.54 -41.83
N GLU K 138 -81.98 -6.52 -42.54
CA GLU K 138 -82.57 -5.32 -41.96
C GLU K 138 -83.64 -5.70 -40.93
N LYS K 139 -84.63 -6.47 -41.37
CA LYS K 139 -85.71 -6.88 -40.49
C LYS K 139 -85.23 -7.78 -39.37
N ALA K 140 -84.24 -8.63 -39.67
CA ALA K 140 -83.69 -9.54 -38.68
C ALA K 140 -83.24 -8.80 -37.43
N LEU K 141 -82.27 -7.90 -37.58
CA LEU K 141 -81.76 -7.12 -36.46
C LEU K 141 -82.86 -6.26 -35.85
N SER K 142 -83.67 -5.66 -36.71
CA SER K 142 -84.76 -4.80 -36.27
C SER K 142 -85.66 -5.49 -35.24
N ALA K 143 -86.06 -6.72 -35.55
CA ALA K 143 -86.93 -7.48 -34.66
C ALA K 143 -86.14 -8.27 -33.61
N SER K 144 -84.81 -8.23 -33.71
CA SER K 144 -83.95 -8.94 -32.78
C SER K 144 -83.92 -8.24 -31.43
N LYS K 145 -83.51 -8.97 -30.39
CA LYS K 145 -83.45 -8.41 -29.06
C LYS K 145 -82.59 -7.17 -29.01
N LEU K 146 -81.60 -7.08 -29.91
CA LEU K 146 -80.78 -5.89 -30.02
C LEU K 146 -81.66 -4.65 -29.93
N VAL K 147 -82.43 -4.40 -30.97
CA VAL K 147 -83.42 -3.34 -30.94
C VAL K 147 -84.57 -3.80 -30.06
N GLY K 148 -84.91 -3.01 -29.05
CA GLY K 148 -86.05 -3.29 -28.22
C GLY K 148 -87.36 -2.82 -28.82
N GLN K 149 -87.36 -2.42 -30.09
CA GLN K 149 -88.54 -1.86 -30.72
C GLN K 149 -89.00 -0.61 -29.98
N GLY K 150 -89.91 0.14 -30.59
CA GLY K 150 -90.09 1.53 -30.25
C GLY K 150 -88.98 2.41 -30.75
N LYS K 151 -87.96 1.82 -31.37
CA LYS K 151 -86.82 2.54 -31.90
C LYS K 151 -86.39 1.90 -33.20
N SER K 152 -85.87 2.73 -34.11
CA SER K 152 -85.67 2.34 -35.49
C SER K 152 -84.47 1.43 -35.68
N LEU K 153 -83.95 1.41 -36.90
CA LEU K 153 -82.77 0.62 -37.23
C LEU K 153 -82.33 0.91 -38.65
N LYS K 154 -81.43 1.87 -38.81
CA LYS K 154 -80.80 2.07 -40.11
C LYS K 154 -80.00 0.83 -40.44
N LEU K 155 -79.26 0.86 -41.55
CA LEU K 155 -78.33 -0.21 -41.88
C LEU K 155 -77.60 0.08 -43.18
N GLU K 156 -76.28 0.05 -43.13
CA GLU K 156 -75.44 0.50 -44.23
C GLU K 156 -74.52 -0.64 -44.62
N ASN K 157 -74.57 -1.02 -45.89
CA ASN K 157 -73.52 -1.88 -46.44
C ASN K 157 -72.37 -1.00 -46.88
N VAL K 158 -71.16 -1.43 -46.54
CA VAL K 158 -69.95 -0.77 -46.99
C VAL K 158 -69.09 -1.81 -47.69
N VAL K 159 -68.18 -1.33 -48.52
CA VAL K 159 -67.28 -2.18 -49.28
C VAL K 159 -65.90 -2.06 -48.66
N LYS K 160 -65.32 -3.19 -48.30
CA LYS K 160 -64.03 -3.23 -47.62
C LYS K 160 -63.11 -4.19 -48.35
N PRO K 161 -62.01 -3.73 -48.94
CA PRO K 161 -61.08 -4.66 -49.58
C PRO K 161 -60.18 -5.31 -48.56
N GLU K 162 -59.91 -4.60 -47.46
CA GLU K 162 -59.05 -5.13 -46.42
C GLU K 162 -59.59 -6.43 -45.85
N ILE K 163 -60.88 -6.69 -46.03
CA ILE K 163 -61.47 -7.99 -45.77
C ILE K 163 -61.58 -8.75 -47.08
N LYS K 164 -61.55 -10.07 -47.00
CA LYS K 164 -61.54 -10.93 -48.18
C LYS K 164 -62.93 -11.36 -48.61
N GLY K 165 -63.97 -10.69 -48.12
CA GLY K 165 -65.32 -11.08 -48.48
C GLY K 165 -66.16 -11.40 -47.27
N GLY K 166 -67.18 -12.25 -47.44
CA GLY K 166 -68.07 -12.54 -46.34
C GLY K 166 -68.86 -11.30 -45.96
N LEU K 167 -69.25 -11.24 -44.69
CA LEU K 167 -69.97 -10.09 -44.17
C LEU K 167 -69.75 -10.02 -42.67
N ILE K 168 -69.96 -8.82 -42.11
CA ILE K 168 -69.95 -8.67 -40.66
C ILE K 168 -71.03 -7.68 -40.29
N VAL K 169 -71.82 -8.00 -39.27
CA VAL K 169 -72.89 -7.13 -38.80
C VAL K 169 -72.39 -6.38 -37.59
N GLU K 170 -72.77 -5.10 -37.51
CA GLU K 170 -72.23 -4.21 -36.49
C GLU K 170 -73.31 -3.28 -35.99
N LEU K 171 -73.37 -3.09 -34.67
CA LEU K 171 -74.18 -2.04 -34.08
C LEU K 171 -74.16 -2.16 -32.56
N GLY K 172 -74.31 -1.04 -31.86
CA GLY K 172 -74.31 -1.06 -30.41
C GLY K 172 -73.04 -1.69 -29.89
N ASP K 173 -71.91 -1.26 -30.46
CA ASP K 173 -70.56 -1.76 -30.18
C ASP K 173 -70.62 -3.27 -30.00
N LYS K 174 -71.53 -3.91 -30.72
CA LYS K 174 -71.76 -5.33 -30.65
C LYS K 174 -71.82 -5.84 -32.08
N THR K 175 -71.05 -6.88 -32.36
CA THR K 175 -70.79 -7.26 -33.74
C THR K 175 -70.77 -8.76 -33.85
N VAL K 176 -71.01 -9.24 -35.06
CA VAL K 176 -70.78 -10.64 -35.40
C VAL K 176 -70.06 -10.69 -36.73
N ASP K 177 -68.92 -11.37 -36.76
CA ASP K 177 -68.19 -11.65 -37.97
C ASP K 177 -68.30 -13.13 -38.28
N LEU K 178 -68.90 -13.46 -39.42
CA LEU K 178 -68.86 -14.82 -39.95
C LEU K 178 -68.19 -14.84 -41.31
N SER K 179 -67.36 -13.83 -41.60
CA SER K 179 -66.84 -13.61 -42.94
C SER K 179 -65.80 -14.65 -43.30
N ILE K 180 -64.96 -14.33 -44.28
CA ILE K 180 -63.94 -15.24 -44.75
C ILE K 180 -62.59 -14.94 -44.11
N SER K 181 -62.17 -13.68 -44.12
CA SER K 181 -60.82 -13.34 -43.71
C SER K 181 -60.53 -13.88 -42.31
N THR K 182 -61.40 -13.58 -41.35
CA THR K 182 -61.16 -14.03 -39.99
C THR K 182 -61.13 -15.54 -39.92
N LYS K 183 -61.98 -16.20 -40.70
CA LYS K 183 -62.01 -17.66 -40.63
C LYS K 183 -60.75 -18.27 -41.21
N ILE K 184 -60.25 -17.71 -42.32
CA ILE K 184 -58.94 -18.13 -42.79
C ILE K 184 -57.92 -17.96 -41.69
N GLN K 185 -57.97 -16.81 -41.00
CA GLN K 185 -57.03 -16.56 -39.92
C GLN K 185 -57.08 -17.68 -38.89
N LYS K 186 -58.30 -18.00 -38.45
CA LYS K 186 -58.48 -19.07 -37.49
C LYS K 186 -58.08 -20.41 -38.11
N LEU K 187 -58.10 -20.44 -39.44
CA LEU K 187 -57.72 -21.64 -40.18
C LEU K 187 -56.22 -21.81 -40.18
N ASN K 188 -55.50 -20.69 -40.17
CA ASN K 188 -54.05 -20.71 -40.15
C ASN K 188 -53.50 -20.87 -38.75
N LYS K 189 -54.21 -20.34 -37.77
CA LYS K 189 -53.79 -20.43 -36.38
C LYS K 189 -53.84 -21.86 -35.89
N VAL K 190 -54.94 -22.54 -36.16
CA VAL K 190 -55.10 -23.89 -35.66
C VAL K 190 -54.07 -24.81 -36.30
N LEU K 191 -53.72 -24.58 -37.56
CA LEU K 191 -52.70 -25.38 -38.23
C LEU K 191 -51.29 -24.91 -37.93
N GLU K 192 -51.13 -23.86 -37.13
CA GLU K 192 -49.81 -23.34 -36.79
C GLU K 192 -49.20 -24.06 -35.59
N ASP K 193 -49.91 -25.01 -35.00
CA ASP K 193 -49.38 -25.83 -33.92
C ASP K 193 -48.70 -27.07 -34.49
N SER K 194 -47.88 -27.69 -33.65
CA SER K 194 -47.22 -28.94 -34.01
C SER K 194 -48.23 -30.09 -34.02
N LYS L 4 -83.60 32.89 -51.78
CA LYS L 4 -83.16 32.75 -53.18
C LYS L 4 -82.15 33.84 -53.53
N ALA L 5 -82.37 35.05 -53.03
CA ALA L 5 -81.49 36.17 -53.28
C ALA L 5 -80.65 36.55 -52.07
N GLN L 6 -81.24 36.55 -50.88
CA GLN L 6 -80.51 36.94 -49.67
C GLN L 6 -79.40 36.00 -49.20
N PRO L 7 -79.44 34.67 -49.43
CA PRO L 7 -78.19 33.91 -49.25
C PRO L 7 -77.07 34.35 -50.19
N THR L 8 -77.41 34.69 -51.44
CA THR L 8 -76.39 35.26 -52.33
C THR L 8 -75.93 36.63 -51.86
N GLU L 9 -76.82 37.38 -51.21
CA GLU L 9 -76.44 38.66 -50.61
C GLU L 9 -75.47 38.45 -49.45
N VAL L 10 -75.75 37.49 -48.58
CA VAL L 10 -74.86 37.18 -47.46
C VAL L 10 -73.51 36.68 -47.97
N SER L 11 -73.53 35.88 -49.04
CA SER L 11 -72.27 35.39 -49.62
C SER L 11 -71.47 36.52 -50.25
N SER L 12 -72.14 37.41 -50.98
CA SER L 12 -71.44 38.51 -51.63
C SER L 12 -70.94 39.53 -50.62
N ILE L 13 -71.61 39.65 -49.47
CA ILE L 13 -71.05 40.47 -48.40
C ILE L 13 -69.85 39.78 -47.77
N LEU L 14 -69.98 38.48 -47.48
CA LEU L 14 -68.99 37.78 -46.68
C LEU L 14 -67.69 37.54 -47.45
N GLU L 15 -67.79 37.36 -48.77
CA GLU L 15 -66.59 37.30 -49.60
C GLU L 15 -65.91 38.66 -49.69
N GLU L 16 -66.67 39.74 -49.47
CA GLU L 16 -66.14 41.10 -49.54
C GLU L 16 -65.96 41.71 -48.15
N ARG L 17 -66.45 41.03 -47.11
CA ARG L 17 -66.25 41.50 -45.74
C ARG L 17 -64.83 41.29 -45.26
N ILE L 18 -64.22 40.17 -45.62
CA ILE L 18 -62.83 39.90 -45.28
C ILE L 18 -61.99 39.95 -46.55
N LYS L 19 -62.39 40.81 -47.49
CA LYS L 19 -61.75 40.90 -48.79
C LYS L 19 -60.28 41.31 -48.68
N GLY L 20 -59.92 42.06 -47.64
CA GLY L 20 -58.51 42.26 -47.37
C GLY L 20 -57.80 41.02 -46.85
N VAL L 21 -58.51 40.12 -46.19
CA VAL L 21 -57.93 38.91 -45.65
C VAL L 21 -58.13 37.71 -46.58
N SER L 22 -59.28 37.65 -47.26
CA SER L 22 -59.57 36.56 -48.17
C SER L 22 -58.90 36.71 -49.53
N ASP L 23 -58.61 37.92 -49.97
CA ASP L 23 -57.94 38.15 -51.24
C ASP L 23 -56.54 38.68 -50.99
N GLU L 24 -55.74 38.70 -52.06
CA GLU L 24 -54.27 38.76 -52.00
C GLU L 24 -53.74 37.70 -51.06
N ALA L 25 -54.30 36.50 -51.20
CA ALA L 25 -54.36 35.53 -50.14
C ALA L 25 -54.48 34.12 -50.69
N ASN L 26 -55.15 33.27 -49.89
CA ASN L 26 -55.30 31.82 -50.04
C ASN L 26 -54.01 31.11 -49.75
N LEU L 27 -53.08 31.83 -49.12
CA LEU L 27 -51.96 31.34 -48.33
C LEU L 27 -51.01 30.50 -49.17
N ASN L 28 -51.05 30.68 -50.49
CA ASN L 28 -50.03 30.14 -51.37
C ASN L 28 -48.67 30.73 -51.04
N GLU L 29 -48.56 32.05 -51.08
CA GLU L 29 -47.31 32.71 -50.71
C GLU L 29 -47.58 33.84 -49.73
N THR L 30 -48.70 33.79 -49.01
CA THR L 30 -49.10 34.85 -48.11
C THR L 30 -49.37 34.27 -46.72
N GLY L 31 -49.18 35.12 -45.71
CA GLY L 31 -49.49 34.70 -44.36
C GLY L 31 -49.72 35.89 -43.47
N ARG L 32 -50.39 35.63 -42.35
CA ARG L 32 -50.62 36.64 -41.34
C ARG L 32 -49.88 36.26 -40.06
N VAL L 33 -49.29 37.27 -39.42
CA VAL L 33 -48.54 37.06 -38.18
C VAL L 33 -49.56 36.71 -37.11
N LEU L 34 -49.62 35.43 -36.75
CA LEU L 34 -50.59 34.99 -35.76
C LEU L 34 -50.16 35.40 -34.37
N ALA L 35 -48.95 35.00 -33.96
CA ALA L 35 -48.48 35.37 -32.63
C ALA L 35 -46.96 35.41 -32.64
N VAL L 36 -46.37 36.47 -32.11
CA VAL L 36 -44.93 36.56 -32.07
C VAL L 36 -44.48 36.55 -30.62
N GLY L 37 -43.31 35.97 -30.40
CA GLY L 37 -42.68 35.92 -29.10
C GLY L 37 -41.25 35.41 -29.23
N ASP L 38 -40.33 36.11 -28.57
CA ASP L 38 -38.94 35.70 -28.38
C ASP L 38 -38.21 35.49 -29.71
N GLY L 39 -38.41 36.39 -30.65
CA GLY L 39 -37.80 36.24 -31.96
C GLY L 39 -38.38 35.12 -32.79
N ILE L 40 -39.61 34.71 -32.52
CA ILE L 40 -40.29 33.70 -33.31
C ILE L 40 -41.70 34.16 -33.61
N ALA L 41 -42.04 34.20 -34.88
CA ALA L 41 -43.41 34.41 -35.30
C ALA L 41 -44.02 33.06 -35.66
N ARG L 42 -45.05 32.66 -34.94
CA ARG L 42 -45.96 31.65 -35.42
C ARG L 42 -46.93 32.36 -36.36
N VAL L 43 -47.00 31.87 -37.59
CA VAL L 43 -47.68 32.55 -38.67
C VAL L 43 -48.74 31.62 -39.22
N PHE L 44 -49.97 32.10 -39.23
CA PHE L 44 -51.03 31.38 -39.93
C PHE L 44 -50.87 31.53 -41.42
N GLY L 45 -51.08 30.44 -42.15
CA GLY L 45 -51.06 30.50 -43.59
C GLY L 45 -49.84 29.87 -44.22
N LEU L 46 -49.46 30.37 -45.39
CA LEU L 46 -48.26 29.97 -46.13
C LEU L 46 -48.28 28.46 -46.44
N ASN L 47 -49.29 28.08 -47.21
CA ASN L 47 -49.50 26.68 -47.54
C ASN L 47 -48.48 26.15 -48.52
N ASN L 48 -48.20 26.90 -49.59
CA ASN L 48 -47.26 26.39 -50.57
C ASN L 48 -45.82 26.72 -50.24
N ILE L 49 -45.51 26.97 -48.97
CA ILE L 49 -44.18 27.38 -48.57
C ILE L 49 -43.30 26.15 -48.52
N GLN L 50 -41.99 26.34 -48.54
CA GLN L 50 -41.09 25.21 -48.43
C GLN L 50 -40.45 25.17 -47.05
N ALA L 51 -39.86 24.03 -46.73
CA ALA L 51 -39.05 23.92 -45.53
C ALA L 51 -37.75 24.68 -45.71
N GLU L 52 -37.36 25.40 -44.66
CA GLU L 52 -36.13 26.20 -44.61
C GLU L 52 -36.07 27.23 -45.73
N GLU L 53 -37.18 27.92 -45.91
CA GLU L 53 -37.33 28.92 -46.94
C GLU L 53 -37.29 30.31 -46.29
N LEU L 54 -36.59 31.24 -46.93
CA LEU L 54 -36.55 32.60 -46.44
C LEU L 54 -37.89 33.27 -46.66
N VAL L 55 -38.36 34.00 -45.67
CA VAL L 55 -39.59 34.75 -45.76
C VAL L 55 -39.30 36.21 -45.45
N GLU L 56 -40.16 37.09 -45.95
CA GLU L 56 -39.99 38.52 -45.77
C GLU L 56 -41.25 39.10 -45.16
N PHE L 57 -41.05 39.98 -44.18
CA PHE L 57 -42.15 40.69 -43.56
C PHE L 57 -42.45 41.97 -44.33
N SER L 58 -43.63 42.53 -44.04
CA SER L 58 -43.96 43.83 -44.60
C SER L 58 -43.11 44.93 -43.99
N SER L 59 -42.63 44.73 -42.75
CA SER L 59 -41.69 45.67 -42.16
C SER L 59 -40.30 45.57 -42.77
N GLY L 60 -40.00 44.50 -43.48
CA GLY L 60 -38.75 44.38 -44.19
C GLY L 60 -37.68 43.57 -43.48
N VAL L 61 -37.92 43.14 -42.25
CA VAL L 61 -37.00 42.25 -41.56
C VAL L 61 -37.34 40.83 -41.98
N LYS L 62 -36.31 40.03 -42.26
CA LYS L 62 -36.51 38.72 -42.83
C LYS L 62 -36.45 37.65 -41.77
N GLY L 63 -37.11 36.53 -42.05
CA GLY L 63 -37.06 35.37 -41.19
C GLY L 63 -36.91 34.12 -42.03
N MET L 64 -36.86 32.99 -41.35
CA MET L 64 -36.91 31.72 -42.06
C MET L 64 -37.80 30.75 -41.32
N ALA L 65 -38.43 29.88 -42.09
CA ALA L 65 -39.39 28.93 -41.57
C ALA L 65 -38.68 27.65 -41.18
N LEU L 66 -39.00 27.13 -40.00
CA LEU L 66 -38.46 25.85 -39.56
C LEU L 66 -39.54 24.82 -39.29
N ASN L 67 -40.60 25.18 -38.57
CA ASN L 67 -41.60 24.18 -38.21
C ASN L 67 -42.81 24.31 -39.11
N LEU L 68 -42.85 23.46 -40.11
CA LEU L 68 -44.06 23.28 -40.89
C LEU L 68 -45.06 22.49 -40.07
N GLU L 69 -46.24 23.05 -39.90
CA GLU L 69 -47.32 22.48 -39.11
C GLU L 69 -48.62 22.61 -39.87
N PRO L 70 -49.63 21.79 -39.55
CA PRO L 70 -50.92 21.93 -40.24
C PRO L 70 -51.61 23.23 -39.91
N GLY L 71 -51.53 23.62 -38.64
CA GLY L 71 -52.14 24.87 -38.23
C GLY L 71 -51.38 26.10 -38.67
N GLN L 72 -50.06 26.06 -38.63
CA GLN L 72 -49.30 27.29 -38.76
C GLN L 72 -47.89 26.98 -39.20
N VAL L 73 -47.04 28.01 -39.16
CA VAL L 73 -45.64 27.91 -39.54
C VAL L 73 -44.82 28.64 -38.50
N GLY L 74 -43.85 27.95 -37.92
CA GLY L 74 -42.90 28.61 -37.04
C GLY L 74 -41.80 29.24 -37.86
N ILE L 75 -41.56 30.53 -37.62
CA ILE L 75 -40.54 31.29 -38.33
C ILE L 75 -39.65 31.96 -37.29
N VAL L 76 -38.36 31.70 -37.37
CA VAL L 76 -37.40 32.39 -36.54
C VAL L 76 -36.92 33.61 -37.29
N LEU L 77 -36.41 34.58 -36.55
CA LEU L 77 -36.20 35.92 -37.06
C LEU L 77 -34.72 36.24 -37.09
N PHE L 78 -34.29 36.99 -38.10
CA PHE L 78 -32.91 37.39 -38.20
C PHE L 78 -32.66 38.76 -37.59
N GLY L 79 -33.72 39.49 -37.25
CA GLY L 79 -33.58 40.78 -36.60
C GLY L 79 -34.34 40.80 -35.29
N SER L 80 -34.47 42.01 -34.75
CA SER L 80 -35.24 42.19 -33.53
C SER L 80 -36.72 42.01 -33.82
N ASP L 81 -37.43 41.47 -32.85
CA ASP L 81 -38.87 41.25 -32.98
C ASP L 81 -39.70 42.49 -32.72
N ARG L 82 -39.05 43.63 -32.46
CA ARG L 82 -39.78 44.86 -32.25
C ARG L 82 -40.48 45.31 -33.53
N LEU L 83 -39.89 44.99 -34.68
CA LEU L 83 -40.49 45.32 -35.96
C LEU L 83 -41.61 44.38 -36.37
N VAL L 84 -42.12 43.55 -35.47
CA VAL L 84 -43.11 42.53 -35.80
C VAL L 84 -44.39 42.83 -35.03
N LYS L 85 -45.51 42.86 -35.73
CA LYS L 85 -46.81 43.01 -35.09
C LYS L 85 -47.74 41.91 -35.57
N GLU L 86 -48.69 41.57 -34.71
CA GLU L 86 -49.66 40.52 -35.00
C GLU L 86 -50.54 40.89 -36.19
N GLY L 87 -50.67 39.97 -37.14
CA GLY L 87 -51.50 40.17 -38.29
C GLY L 87 -50.80 40.85 -39.45
N GLU L 88 -49.50 41.07 -39.36
CA GLU L 88 -48.75 41.64 -40.46
C GLU L 88 -48.67 40.64 -41.61
N LEU L 89 -48.78 41.16 -42.83
CA LEU L 89 -48.59 40.33 -44.00
C LEU L 89 -47.13 39.89 -44.11
N VAL L 90 -46.95 38.60 -44.34
CA VAL L 90 -45.63 38.03 -44.62
C VAL L 90 -45.72 37.28 -45.94
N LYS L 91 -44.74 37.49 -46.80
CA LYS L 91 -44.70 36.83 -48.09
C LYS L 91 -43.46 35.96 -48.20
N ARG L 92 -43.51 35.03 -49.14
CA ARG L 92 -42.40 34.15 -49.41
C ARG L 92 -41.35 34.87 -50.23
N THR L 93 -40.15 34.29 -50.24
CA THR L 93 -39.10 34.73 -51.13
C THR L 93 -38.81 33.70 -52.21
N GLY L 94 -39.40 32.51 -52.11
CA GLY L 94 -39.08 31.44 -53.04
C GLY L 94 -37.66 30.95 -52.94
N ASN L 95 -37.05 31.07 -51.76
CA ASN L 95 -35.62 30.92 -51.64
C ASN L 95 -35.26 30.08 -50.44
N ILE L 96 -34.64 28.93 -50.70
CA ILE L 96 -33.85 28.27 -49.68
C ILE L 96 -32.62 29.13 -49.41
N VAL L 97 -32.09 29.03 -48.20
CA VAL L 97 -31.02 29.89 -47.72
C VAL L 97 -29.77 29.72 -48.58
N ASP L 98 -29.31 30.81 -49.16
CA ASP L 98 -28.18 30.80 -50.08
C ASP L 98 -27.22 31.94 -49.72
N VAL L 99 -26.11 31.97 -50.44
CA VAL L 99 -25.05 32.94 -50.20
C VAL L 99 -24.30 33.16 -51.51
N PRO L 100 -24.00 34.42 -51.86
CA PRO L 100 -23.18 34.67 -53.05
C PRO L 100 -21.73 34.23 -52.79
N VAL L 101 -21.27 33.28 -53.59
CA VAL L 101 -19.94 32.72 -53.42
C VAL L 101 -19.10 33.08 -54.64
N GLY L 102 -17.79 33.06 -54.45
CA GLY L 102 -16.87 33.39 -55.52
C GLY L 102 -15.60 34.06 -54.99
N PRO L 103 -14.75 34.52 -55.90
CA PRO L 103 -13.45 35.02 -55.48
C PRO L 103 -13.49 36.42 -54.92
N GLY L 104 -14.58 37.16 -55.15
CA GLY L 104 -14.71 38.50 -54.63
C GLY L 104 -14.87 38.58 -53.13
N LEU L 105 -15.14 37.45 -52.48
CA LEU L 105 -15.29 37.39 -51.05
C LEU L 105 -13.97 37.61 -50.30
N LEU L 106 -12.84 37.52 -50.98
CA LEU L 106 -11.56 37.67 -50.33
C LEU L 106 -11.35 39.11 -49.88
N GLY L 107 -10.78 39.25 -48.68
CA GLY L 107 -10.62 40.56 -48.10
C GLY L 107 -11.90 41.21 -47.64
N ARG L 108 -12.98 40.46 -47.51
CA ARG L 108 -14.25 41.05 -47.14
C ARG L 108 -14.71 40.44 -45.82
N VAL L 109 -15.57 41.17 -45.12
CA VAL L 109 -16.09 40.74 -43.83
C VAL L 109 -17.60 40.76 -43.96
N VAL L 110 -18.22 39.57 -43.89
CA VAL L 110 -19.62 39.43 -44.24
C VAL L 110 -20.40 38.94 -43.04
N ASP L 111 -21.72 39.01 -43.18
CA ASP L 111 -22.66 38.46 -42.23
C ASP L 111 -22.83 36.96 -42.47
N ALA L 112 -23.87 36.41 -41.90
CA ALA L 112 -24.28 35.04 -42.19
C ALA L 112 -24.97 34.90 -43.54
N LEU L 113 -25.19 35.98 -44.27
CA LEU L 113 -25.89 35.91 -45.53
C LEU L 113 -25.08 36.42 -46.72
N GLY L 114 -23.88 36.97 -46.50
CA GLY L 114 -23.08 37.49 -47.57
C GLY L 114 -23.13 39.00 -47.70
N ASN L 115 -23.84 39.68 -46.82
CA ASN L 115 -23.86 41.13 -46.84
C ASN L 115 -22.57 41.63 -46.20
N PRO L 116 -21.76 42.39 -46.91
CA PRO L 116 -20.47 42.83 -46.35
C PRO L 116 -20.66 43.93 -45.33
N ILE L 117 -20.08 43.71 -44.16
CA ILE L 117 -20.14 44.67 -43.07
C ILE L 117 -18.81 45.38 -42.90
N ASP L 118 -17.89 45.17 -43.84
CA ASP L 118 -16.61 45.84 -43.80
C ASP L 118 -16.69 47.28 -44.26
N GLY L 119 -17.81 47.69 -44.83
CA GLY L 119 -17.93 49.02 -45.39
C GLY L 119 -17.16 49.20 -46.67
N LYS L 120 -16.96 48.12 -47.42
CA LYS L 120 -16.16 48.19 -48.64
C LYS L 120 -17.02 48.00 -49.89
N GLY L 121 -18.26 48.46 -49.86
CA GLY L 121 -19.13 48.35 -50.99
C GLY L 121 -19.64 46.95 -51.19
N PRO L 122 -20.21 46.67 -52.35
CA PRO L 122 -20.81 45.35 -52.58
C PRO L 122 -19.79 44.28 -52.89
N ILE L 123 -20.27 43.08 -53.19
CA ILE L 123 -19.41 41.93 -53.45
C ILE L 123 -19.71 41.40 -54.83
N ASP L 124 -18.70 41.39 -55.69
CA ASP L 124 -18.81 40.77 -57.00
C ASP L 124 -18.49 39.30 -56.84
N ALA L 125 -19.52 38.52 -56.52
CA ALA L 125 -19.35 37.09 -56.36
C ALA L 125 -19.56 36.37 -57.68
N ALA L 126 -19.19 35.10 -57.69
CA ALA L 126 -19.38 34.24 -58.85
C ALA L 126 -20.69 33.47 -58.79
N GLY L 127 -21.70 34.05 -58.16
CA GLY L 127 -23.00 33.42 -58.08
C GLY L 127 -23.33 32.94 -56.68
N ARG L 128 -24.59 32.59 -56.49
CA ARG L 128 -25.06 32.12 -55.20
C ARG L 128 -25.07 30.61 -55.14
N SER L 129 -25.10 30.10 -53.91
CA SER L 129 -25.16 28.67 -53.66
C SER L 129 -25.92 28.46 -52.37
N ARG L 130 -26.65 27.34 -52.31
CA ARG L 130 -27.48 27.02 -51.17
C ARG L 130 -26.62 26.76 -49.94
N ALA L 131 -27.16 27.13 -48.77
CA ALA L 131 -26.48 26.82 -47.53
C ALA L 131 -26.45 25.33 -47.27
N GLN L 132 -27.62 24.70 -47.20
CA GLN L 132 -27.72 23.28 -46.93
C GLN L 132 -27.42 22.50 -48.22
N VAL L 133 -26.19 22.04 -48.32
CA VAL L 133 -25.74 21.21 -49.44
C VAL L 133 -25.38 19.85 -48.89
N LYS L 134 -25.84 18.80 -49.57
CA LYS L 134 -25.46 17.44 -49.23
C LYS L 134 -23.96 17.24 -49.44
N ALA L 135 -23.31 16.64 -48.46
CA ALA L 135 -21.88 16.41 -48.52
C ALA L 135 -21.56 15.35 -49.57
N PRO L 136 -20.37 15.39 -50.16
CA PRO L 136 -20.00 14.35 -51.14
C PRO L 136 -19.84 12.99 -50.48
N GLY L 137 -20.27 11.96 -51.20
CA GLY L 137 -20.32 10.61 -50.67
C GLY L 137 -18.98 9.90 -50.63
N ILE L 138 -19.05 8.57 -50.58
CA ILE L 138 -17.85 7.73 -50.51
C ILE L 138 -16.99 7.92 -51.75
N LEU L 139 -17.55 7.65 -52.91
CA LEU L 139 -16.83 7.59 -54.17
C LEU L 139 -16.16 8.89 -54.62
N PRO L 140 -16.83 10.11 -54.67
CA PRO L 140 -16.16 11.27 -55.28
C PRO L 140 -15.12 11.93 -54.38
N ARG L 141 -14.17 11.15 -53.89
CA ARG L 141 -13.16 11.64 -52.97
C ARG L 141 -11.79 11.12 -53.39
N ARG L 142 -10.81 11.38 -52.54
CA ARG L 142 -9.53 10.69 -52.54
C ARG L 142 -9.13 10.43 -51.11
N SER L 143 -7.90 9.92 -50.94
CA SER L 143 -7.30 9.85 -49.63
C SER L 143 -6.62 11.17 -49.32
N VAL L 144 -5.98 11.24 -48.16
CA VAL L 144 -5.33 12.45 -47.69
C VAL L 144 -3.83 12.26 -47.82
N HIS L 145 -3.22 13.02 -48.72
CA HIS L 145 -1.79 12.85 -48.98
C HIS L 145 -1.07 14.17 -49.19
N GLU L 146 -1.69 15.30 -48.86
CA GLU L 146 -1.09 16.59 -49.08
C GLU L 146 -1.10 17.37 -47.77
N PRO L 147 0.06 17.64 -47.18
CA PRO L 147 0.12 18.22 -45.84
C PRO L 147 -0.32 19.68 -45.81
N VAL L 148 -0.60 20.13 -44.59
CA VAL L 148 -0.91 21.53 -44.31
C VAL L 148 0.14 22.04 -43.35
N GLN L 149 1.04 22.87 -43.84
CA GLN L 149 2.12 23.38 -43.00
C GLN L 149 1.56 24.53 -42.17
N THR L 150 1.34 24.28 -40.88
CA THR L 150 0.72 25.30 -40.06
C THR L 150 1.69 26.40 -39.68
N GLY L 151 2.99 26.15 -39.78
CA GLY L 151 3.97 27.09 -39.30
C GLY L 151 4.27 26.95 -37.83
N LEU L 152 3.57 26.06 -37.13
CA LEU L 152 3.87 25.82 -35.74
C LEU L 152 4.77 24.60 -35.58
N LYS L 153 5.50 24.55 -34.48
CA LYS L 153 6.51 23.52 -34.33
C LYS L 153 5.89 22.19 -33.93
N ALA L 154 5.30 22.12 -32.75
CA ALA L 154 4.74 20.88 -32.25
C ALA L 154 3.50 20.45 -33.02
N VAL L 155 2.82 21.38 -33.68
CA VAL L 155 1.64 21.03 -34.46
C VAL L 155 2.04 20.23 -35.69
N ASP L 156 2.86 20.83 -36.54
CA ASP L 156 3.31 20.20 -37.78
C ASP L 156 4.09 18.93 -37.55
N ALA L 157 4.87 18.86 -36.47
CA ALA L 157 5.67 17.68 -36.21
C ALA L 157 4.88 16.52 -35.67
N LEU L 158 4.09 16.73 -34.63
CA LEU L 158 3.51 15.65 -33.87
C LEU L 158 2.15 15.21 -34.39
N VAL L 159 1.24 16.14 -34.60
CA VAL L 159 -0.08 15.81 -35.09
C VAL L 159 -0.25 16.51 -36.43
N PRO L 160 0.23 15.92 -37.52
CA PRO L 160 0.19 16.61 -38.81
C PRO L 160 -1.22 16.63 -39.38
N ILE L 161 -1.43 17.60 -40.26
CA ILE L 161 -2.75 17.87 -40.82
C ILE L 161 -2.62 17.86 -42.34
N GLY L 162 -3.48 17.10 -43.00
CA GLY L 162 -3.51 17.10 -44.43
C GLY L 162 -4.67 17.89 -44.99
N ARG L 163 -4.58 18.19 -46.29
CA ARG L 163 -5.59 18.96 -46.97
C ARG L 163 -6.84 18.10 -47.13
N GLY L 164 -7.84 18.36 -46.29
CA GLY L 164 -9.08 17.63 -46.37
C GLY L 164 -9.34 16.81 -45.12
N GLN L 165 -8.73 17.22 -44.01
CA GLN L 165 -8.85 16.48 -42.76
C GLN L 165 -9.80 17.22 -41.84
N ARG L 166 -10.69 16.48 -41.20
CA ARG L 166 -11.59 17.03 -40.19
C ARG L 166 -10.88 16.98 -38.83
N GLU L 167 -9.88 17.84 -38.68
CA GLU L 167 -9.08 17.82 -37.46
C GLU L 167 -9.56 18.89 -36.49
N LEU L 168 -9.67 18.51 -35.22
CA LEU L 168 -10.37 19.30 -34.22
C LEU L 168 -9.38 20.08 -33.35
N ILE L 169 -9.70 21.35 -33.12
CA ILE L 169 -9.05 22.12 -32.06
C ILE L 169 -10.01 22.11 -30.88
N ILE L 170 -9.55 21.55 -29.78
CA ILE L 170 -10.40 21.41 -28.61
C ILE L 170 -9.66 21.87 -27.37
N GLY L 171 -10.39 22.42 -26.41
CA GLY L 171 -9.79 22.74 -25.14
C GLY L 171 -10.66 23.68 -24.34
N ASP L 172 -10.11 24.13 -23.22
CA ASP L 172 -10.78 25.13 -22.41
C ASP L 172 -10.54 26.51 -22.98
N ARG L 173 -11.06 27.50 -22.27
CA ARG L 173 -11.09 28.86 -22.76
C ARG L 173 -9.73 29.53 -22.67
N GLN L 174 -9.52 30.49 -23.57
CA GLN L 174 -8.44 31.47 -23.50
C GLN L 174 -7.07 30.81 -23.54
N THR L 175 -6.96 29.80 -24.39
CA THR L 175 -5.72 29.04 -24.50
C THR L 175 -5.10 29.15 -25.88
N GLY L 176 -5.33 30.23 -26.60
CA GLY L 176 -4.66 30.41 -27.87
C GLY L 176 -5.12 29.51 -28.97
N LYS L 177 -6.25 28.84 -28.79
CA LYS L 177 -6.87 28.05 -29.87
C LYS L 177 -7.09 28.94 -31.09
N THR L 178 -7.69 30.10 -30.85
CA THR L 178 -7.81 31.13 -31.85
C THR L 178 -6.45 31.55 -32.37
N ALA L 179 -5.47 31.67 -31.47
CA ALA L 179 -4.12 32.05 -31.90
C ALA L 179 -3.46 30.94 -32.70
N VAL L 180 -3.73 29.68 -32.35
CA VAL L 180 -3.20 28.55 -33.10
C VAL L 180 -3.73 28.57 -34.52
N ALA L 181 -5.04 28.69 -34.67
CA ALA L 181 -5.64 28.73 -36.00
C ALA L 181 -5.25 30.00 -36.74
N LEU L 182 -5.00 31.07 -35.99
CA LEU L 182 -4.62 32.34 -36.58
C LEU L 182 -3.25 32.27 -37.22
N ASP L 183 -2.26 31.74 -36.49
CA ASP L 183 -0.94 31.63 -37.06
C ASP L 183 -0.89 30.52 -38.11
N THR L 184 -1.82 29.56 -38.00
CA THR L 184 -2.00 28.58 -39.05
C THR L 184 -2.41 29.24 -40.35
N ILE L 185 -3.30 30.22 -40.27
CA ILE L 185 -3.63 31.03 -41.44
C ILE L 185 -2.42 31.84 -41.88
N LEU L 186 -1.72 32.43 -40.92
CA LEU L 186 -0.61 33.33 -41.21
C LEU L 186 0.58 32.63 -41.86
N ASN L 187 0.67 31.31 -41.77
CA ASN L 187 1.72 30.62 -42.51
C ASN L 187 1.49 30.70 -44.02
N GLN L 188 0.26 30.91 -44.46
CA GLN L 188 -0.06 30.75 -45.86
C GLN L 188 0.39 31.92 -46.73
N LYS L 189 1.06 32.91 -46.14
CA LYS L 189 1.80 33.88 -46.92
C LYS L 189 2.87 33.21 -47.77
N ARG L 190 3.47 32.14 -47.26
CA ARG L 190 4.55 31.43 -47.94
C ARG L 190 4.13 30.85 -49.29
N TRP L 191 2.86 30.66 -49.51
CA TRP L 191 2.49 30.13 -50.81
C TRP L 191 1.50 31.01 -51.54
N ASN L 192 0.65 31.73 -50.82
CA ASN L 192 -0.31 32.59 -51.50
C ASN L 192 0.37 33.78 -52.13
N ASN L 193 1.54 34.16 -51.65
CA ASN L 193 2.35 35.13 -52.34
C ASN L 193 3.06 34.53 -53.54
N GLY L 194 3.13 33.21 -53.62
CA GLY L 194 3.70 32.52 -54.75
C GLY L 194 2.73 32.44 -55.91
N SER L 195 2.76 31.30 -56.60
CA SER L 195 1.90 31.14 -57.77
C SER L 195 1.16 29.82 -57.86
N ASP L 196 1.63 28.74 -57.25
CA ASP L 196 1.02 27.43 -57.47
C ASP L 196 -0.25 27.31 -56.66
N GLU L 197 -1.39 27.39 -57.35
CA GLU L 197 -2.69 27.29 -56.69
C GLU L 197 -2.91 25.93 -56.05
N SER L 198 -2.36 24.86 -56.62
CA SER L 198 -2.43 23.55 -56.00
C SER L 198 -1.58 23.45 -54.74
N LYS L 199 -0.67 24.39 -54.54
CA LYS L 199 -0.02 24.51 -53.25
C LYS L 199 -0.53 25.72 -52.47
N LYS L 200 -1.25 26.64 -53.10
CA LYS L 200 -1.88 27.71 -52.36
C LYS L 200 -3.05 27.21 -51.52
N LEU L 201 -3.50 28.06 -50.62
CA LEU L 201 -4.51 27.67 -49.64
C LEU L 201 -5.27 28.94 -49.22
N TYR L 202 -6.56 28.98 -49.55
CA TYR L 202 -7.37 30.12 -49.15
C TYR L 202 -8.04 29.83 -47.83
N CYS L 203 -8.15 30.86 -46.99
CA CYS L 203 -8.58 30.67 -45.61
C CYS L 203 -9.88 31.41 -45.33
N VAL L 204 -10.76 30.76 -44.59
CA VAL L 204 -12.04 31.35 -44.17
C VAL L 204 -12.12 31.19 -42.66
N TYR L 205 -12.02 32.30 -41.94
CA TYR L 205 -12.23 32.30 -40.51
C TYR L 205 -13.69 32.61 -40.22
N VAL L 206 -14.28 31.87 -39.29
CA VAL L 206 -15.70 31.96 -39.01
C VAL L 206 -15.82 32.30 -37.53
N ALA L 207 -16.05 33.58 -37.24
CA ALA L 207 -16.26 34.03 -35.88
C ALA L 207 -17.73 33.85 -35.53
N VAL L 208 -18.02 33.13 -34.46
CA VAL L 208 -19.37 32.78 -34.06
C VAL L 208 -19.54 33.09 -32.60
N GLY L 209 -20.54 33.92 -32.28
CA GLY L 209 -20.90 34.18 -30.90
C GLY L 209 -19.83 34.95 -30.15
N GLN L 210 -19.09 35.79 -30.84
CA GLN L 210 -17.98 36.50 -30.24
C GLN L 210 -18.35 37.97 -30.13
N LYS L 211 -17.38 38.77 -29.69
CA LYS L 211 -17.61 40.20 -29.61
C LYS L 211 -16.94 40.90 -30.77
N ARG L 212 -17.57 42.00 -31.20
CA ARG L 212 -17.16 42.74 -32.38
C ARG L 212 -15.74 43.26 -32.27
N SER L 213 -15.33 43.64 -31.07
CA SER L 213 -13.99 44.18 -30.86
C SER L 213 -12.93 43.12 -31.12
N THR L 214 -13.18 41.88 -30.70
CA THR L 214 -12.26 40.80 -30.97
C THR L 214 -12.16 40.53 -32.47
N VAL L 215 -13.29 40.61 -33.16
CA VAL L 215 -13.30 40.34 -34.59
C VAL L 215 -12.55 41.42 -35.35
N ALA L 216 -12.78 42.68 -34.98
CA ALA L 216 -12.09 43.79 -35.63
C ALA L 216 -10.61 43.77 -35.30
N GLN L 217 -10.27 43.36 -34.08
CA GLN L 217 -8.87 43.21 -33.70
C GLN L 217 -8.20 42.14 -34.53
N LEU L 218 -8.91 41.04 -34.78
CA LEU L 218 -8.40 39.99 -35.62
C LEU L 218 -8.21 40.45 -37.05
N VAL L 219 -9.17 41.22 -37.58
CA VAL L 219 -9.07 41.70 -38.95
C VAL L 219 -7.91 42.66 -39.10
N GLN L 220 -7.74 43.54 -38.11
CA GLN L 220 -6.60 44.44 -38.07
C GLN L 220 -5.29 43.66 -37.98
N THR L 221 -5.31 42.55 -37.25
CA THR L 221 -4.10 41.75 -37.12
C THR L 221 -3.75 41.06 -38.42
N LEU L 222 -4.77 40.60 -39.15
CA LEU L 222 -4.56 40.05 -40.48
C LEU L 222 -4.04 41.10 -41.44
N GLU L 223 -4.48 42.35 -41.26
CA GLU L 223 -3.93 43.45 -42.05
C GLU L 223 -2.48 43.71 -41.68
N GLN L 224 -2.11 43.44 -40.44
CA GLN L 224 -0.73 43.68 -40.01
C GLN L 224 0.25 42.69 -40.63
N HIS L 225 -0.22 41.60 -41.20
CA HIS L 225 0.64 40.68 -41.90
C HIS L 225 0.24 40.51 -43.35
N ASP L 226 -0.73 41.31 -43.82
CA ASP L 226 -1.38 41.15 -45.12
C ASP L 226 -1.91 39.73 -45.29
N ALA L 227 -2.74 39.32 -44.35
CA ALA L 227 -3.47 38.09 -44.53
C ALA L 227 -4.81 38.33 -45.19
N MET L 228 -5.26 39.57 -45.24
CA MET L 228 -6.50 39.93 -45.91
C MET L 228 -6.41 39.79 -47.42
N LYS L 229 -5.23 39.53 -47.97
CA LYS L 229 -5.11 39.13 -49.35
C LYS L 229 -5.91 37.86 -49.64
N TYR L 230 -5.94 36.92 -48.70
CA TYR L 230 -6.62 35.65 -48.93
C TYR L 230 -7.59 35.30 -47.81
N SER L 231 -8.03 36.27 -47.03
CA SER L 231 -8.89 36.01 -45.90
C SER L 231 -10.35 36.23 -46.28
N ILE L 232 -11.23 35.45 -45.68
CA ILE L 232 -12.67 35.64 -45.78
C ILE L 232 -13.24 35.51 -44.38
N ILE L 233 -13.91 36.56 -43.92
CA ILE L 233 -14.38 36.63 -42.54
C ILE L 233 -15.90 36.59 -42.52
N VAL L 234 -16.45 35.68 -41.73
CA VAL L 234 -17.88 35.53 -41.58
C VAL L 234 -18.21 35.85 -40.13
N ALA L 235 -19.00 36.90 -39.93
CA ALA L 235 -19.26 37.42 -38.60
C ALA L 235 -20.59 36.91 -38.07
N ALA L 236 -20.54 36.22 -36.94
CA ALA L 236 -21.73 35.71 -36.27
C ALA L 236 -21.66 36.10 -34.80
N THR L 237 -21.48 37.39 -34.56
CA THR L 237 -21.19 37.90 -33.23
C THR L 237 -22.41 37.76 -32.32
N ALA L 238 -22.17 37.95 -31.03
CA ALA L 238 -23.20 37.84 -30.01
C ALA L 238 -24.22 38.96 -30.09
N SER L 239 -23.90 40.06 -30.77
CA SER L 239 -24.91 41.05 -31.09
C SER L 239 -25.97 40.49 -32.01
N GLU L 240 -25.59 39.59 -32.91
CA GLU L 240 -26.47 39.17 -33.98
C GLU L 240 -27.51 38.20 -33.43
N ALA L 241 -28.52 37.94 -34.26
CA ALA L 241 -29.60 37.07 -33.84
C ALA L 241 -29.14 35.61 -33.84
N ALA L 242 -29.86 34.80 -33.09
CA ALA L 242 -29.54 33.37 -33.00
C ALA L 242 -29.59 32.61 -34.32
N PRO L 243 -30.55 32.81 -35.24
CA PRO L 243 -30.47 32.06 -36.51
C PRO L 243 -29.35 32.51 -37.41
N LEU L 244 -28.86 33.74 -37.26
CA LEU L 244 -27.65 34.13 -37.96
C LEU L 244 -26.47 33.29 -37.49
N GLN L 245 -26.35 33.11 -36.17
CA GLN L 245 -25.31 32.27 -35.63
C GLN L 245 -25.52 30.82 -36.01
N TYR L 246 -26.77 30.42 -36.22
CA TYR L 246 -27.03 29.07 -36.69
C TYR L 246 -26.58 28.88 -38.13
N LEU L 247 -26.93 29.82 -39.01
CA LEU L 247 -26.70 29.62 -40.43
C LEU L 247 -25.29 29.95 -40.88
N ALA L 248 -24.56 30.75 -40.10
CA ALA L 248 -23.23 31.17 -40.52
C ALA L 248 -22.21 30.04 -40.76
N PRO L 249 -22.13 28.96 -39.98
CA PRO L 249 -21.23 27.87 -40.37
C PRO L 249 -21.59 27.22 -41.69
N PHE L 250 -22.88 27.02 -41.97
CA PHE L 250 -23.26 26.43 -43.26
C PHE L 250 -23.04 27.41 -44.38
N THR L 251 -23.19 28.71 -44.09
CA THR L 251 -22.89 29.75 -45.06
C THR L 251 -21.44 29.67 -45.49
N ALA L 252 -20.53 29.66 -44.51
CA ALA L 252 -19.13 29.54 -44.83
C ALA L 252 -18.77 28.17 -45.39
N ALA L 253 -19.56 27.15 -45.07
CA ALA L 253 -19.36 25.85 -45.67
C ALA L 253 -19.63 25.89 -47.17
N SER L 254 -20.70 26.56 -47.58
CA SER L 254 -20.96 26.73 -49.00
C SER L 254 -19.88 27.58 -49.65
N ILE L 255 -19.39 28.58 -48.93
CA ILE L 255 -18.30 29.41 -49.42
C ILE L 255 -17.06 28.56 -49.68
N GLY L 256 -16.73 27.67 -48.75
CA GLY L 256 -15.57 26.82 -48.93
C GLY L 256 -15.78 25.78 -50.01
N GLU L 257 -17.00 25.28 -50.15
CA GLU L 257 -17.30 24.33 -51.21
C GLU L 257 -17.19 24.96 -52.59
N TRP L 258 -17.40 26.27 -52.70
CA TRP L 258 -17.14 26.94 -53.96
C TRP L 258 -15.69 26.78 -54.40
N PHE L 259 -14.74 27.03 -53.49
CA PHE L 259 -13.34 26.79 -53.78
C PHE L 259 -13.05 25.33 -54.00
N ARG L 260 -13.68 24.46 -53.20
CA ARG L 260 -13.45 23.03 -53.27
C ARG L 260 -13.84 22.47 -54.62
N ASP L 261 -14.92 22.97 -55.19
CA ASP L 261 -15.32 22.54 -56.51
C ASP L 261 -14.70 23.39 -57.62
N ASN L 262 -13.58 24.04 -57.33
CA ASN L 262 -12.78 24.68 -58.36
C ASN L 262 -11.45 23.98 -58.49
N GLY L 263 -11.33 22.80 -57.87
CA GLY L 263 -10.06 22.10 -57.82
C GLY L 263 -9.02 22.83 -57.02
N LYS L 264 -9.42 23.54 -55.98
CA LYS L 264 -8.53 24.40 -55.22
C LYS L 264 -8.39 23.86 -53.81
N HIS L 265 -7.79 24.67 -52.94
CA HIS L 265 -7.53 24.26 -51.57
C HIS L 265 -8.01 25.34 -50.63
N ALA L 266 -8.95 24.98 -49.76
CA ALA L 266 -9.54 25.92 -48.82
C ALA L 266 -9.45 25.34 -47.42
N LEU L 267 -8.93 26.14 -46.50
CA LEU L 267 -9.00 25.86 -45.08
C LEU L 267 -10.08 26.73 -44.48
N ILE L 268 -10.96 26.13 -43.71
CA ILE L 268 -11.94 26.87 -42.95
C ILE L 268 -11.66 26.63 -41.47
N VAL L 269 -11.92 27.64 -40.66
CA VAL L 269 -11.79 27.54 -39.21
C VAL L 269 -13.09 28.00 -38.60
N TYR L 270 -13.85 27.07 -38.05
CA TYR L 270 -15.02 27.40 -37.25
C TYR L 270 -14.56 27.77 -35.86
N ASP L 271 -15.02 28.91 -35.35
CA ASP L 271 -14.59 29.35 -34.03
C ASP L 271 -15.74 30.15 -33.43
N ASP L 272 -16.55 29.51 -32.58
CA ASP L 272 -16.40 28.11 -32.21
C ASP L 272 -17.55 27.33 -32.78
N LEU L 273 -17.77 26.13 -32.27
CA LEU L 273 -19.03 25.47 -32.51
C LEU L 273 -19.88 25.38 -31.25
N SER L 274 -19.31 25.68 -30.09
CA SER L 274 -20.07 25.54 -28.85
C SER L 274 -21.15 26.60 -28.75
N LYS L 275 -20.81 27.86 -29.06
CA LYS L 275 -21.79 28.92 -29.12
C LYS L 275 -22.84 28.64 -30.18
N GLN L 276 -22.43 28.03 -31.28
CA GLN L 276 -23.36 27.71 -32.35
C GLN L 276 -24.34 26.64 -31.91
N ALA L 277 -23.86 25.68 -31.13
CA ALA L 277 -24.75 24.68 -30.56
C ALA L 277 -25.69 25.30 -29.54
N VAL L 278 -25.22 26.28 -28.78
CA VAL L 278 -26.07 26.97 -27.82
C VAL L 278 -27.17 27.73 -28.56
N ALA L 279 -26.81 28.36 -29.68
CA ALA L 279 -27.79 29.11 -30.46
C ALA L 279 -28.84 28.19 -31.05
N TYR L 280 -28.41 27.05 -31.59
CA TYR L 280 -29.38 26.10 -32.14
C TYR L 280 -30.25 25.49 -31.05
N ARG L 281 -29.67 25.30 -29.86
CA ARG L 281 -30.45 24.85 -28.72
C ARG L 281 -31.52 25.85 -28.35
N GLN L 282 -31.16 27.13 -28.32
CA GLN L 282 -32.13 28.19 -28.03
C GLN L 282 -33.23 28.24 -29.06
N LEU L 283 -32.87 28.12 -30.34
CA LEU L 283 -33.87 28.15 -31.40
C LEU L 283 -34.82 26.97 -31.30
N SER L 284 -34.29 25.80 -30.99
CA SER L 284 -35.15 24.63 -30.92
C SER L 284 -36.01 24.61 -29.68
N LEU L 285 -35.48 25.05 -28.54
CA LEU L 285 -36.26 25.14 -27.33
C LEU L 285 -37.37 26.18 -27.41
N LEU L 286 -37.10 27.32 -28.03
CA LEU L 286 -38.18 28.29 -28.20
C LEU L 286 -39.15 27.86 -29.28
N LEU L 287 -38.73 26.98 -30.18
CA LEU L 287 -39.67 26.38 -31.13
C LEU L 287 -40.40 25.19 -30.58
N ARG L 288 -40.30 24.93 -29.27
CA ARG L 288 -41.04 23.91 -28.54
C ARG L 288 -40.75 22.50 -29.08
N ARG L 289 -39.57 22.29 -29.63
CA ARG L 289 -39.15 20.94 -29.94
C ARG L 289 -38.71 20.27 -28.64
N PRO L 290 -38.94 18.96 -28.50
CA PRO L 290 -38.63 18.29 -27.24
C PRO L 290 -37.14 18.20 -27.01
N PRO L 291 -36.68 18.64 -25.85
CA PRO L 291 -35.23 18.67 -25.60
C PRO L 291 -34.69 17.31 -25.21
N GLY L 292 -33.39 17.15 -25.32
CA GLY L 292 -32.75 15.94 -24.84
C GLY L 292 -31.77 16.26 -23.74
N ARG L 293 -30.65 15.55 -23.72
CA ARG L 293 -29.62 15.71 -22.69
C ARG L 293 -29.07 17.12 -22.69
N GLU L 294 -29.07 17.73 -21.49
CA GLU L 294 -28.66 19.12 -21.26
C GLU L 294 -29.47 20.08 -22.14
N ALA L 295 -30.76 19.75 -22.30
CA ALA L 295 -31.75 20.48 -23.08
C ALA L 295 -31.39 20.62 -24.55
N TYR L 296 -30.46 19.81 -25.06
CA TYR L 296 -30.10 19.92 -26.45
C TYR L 296 -31.15 19.21 -27.31
N PRO L 297 -31.24 19.57 -28.58
CA PRO L 297 -32.08 18.81 -29.49
C PRO L 297 -31.48 17.45 -29.80
N GLY L 298 -32.25 16.58 -30.44
CA GLY L 298 -31.71 15.29 -30.80
C GLY L 298 -30.74 15.40 -31.96
N ASP L 299 -31.07 16.23 -32.95
CA ASP L 299 -30.38 16.26 -34.23
C ASP L 299 -29.13 17.14 -34.22
N VAL L 300 -28.68 17.57 -33.04
CA VAL L 300 -27.54 18.47 -32.96
C VAL L 300 -26.27 17.77 -33.42
N PHE L 301 -26.14 16.48 -33.09
CA PHE L 301 -25.12 15.64 -33.70
C PHE L 301 -25.31 15.60 -35.21
N TYR L 302 -26.56 15.37 -35.63
CA TYR L 302 -26.96 15.49 -37.03
C TYR L 302 -26.65 16.86 -37.60
N LEU L 303 -26.65 17.90 -36.76
CA LEU L 303 -26.15 19.19 -37.18
C LEU L 303 -24.70 19.08 -37.63
N HIS L 304 -23.83 18.69 -36.71
CA HIS L 304 -22.40 18.84 -36.96
C HIS L 304 -21.91 17.82 -37.96
N SER L 305 -22.48 16.61 -37.92
CA SER L 305 -22.20 15.62 -38.95
C SER L 305 -22.65 16.08 -40.33
N ARG L 306 -23.71 16.87 -40.41
CA ARG L 306 -24.05 17.44 -41.70
C ARG L 306 -23.12 18.58 -42.05
N LEU L 307 -22.52 19.20 -41.05
CA LEU L 307 -21.57 20.27 -41.31
C LEU L 307 -20.24 19.71 -41.79
N LEU L 308 -19.58 18.93 -40.92
CA LEU L 308 -18.15 18.68 -41.08
C LEU L 308 -17.84 17.77 -42.24
N GLU L 309 -18.80 16.95 -42.65
CA GLU L 309 -18.61 16.11 -43.82
C GLU L 309 -18.59 16.91 -45.11
N ARG L 310 -18.97 18.18 -45.09
CA ARG L 310 -18.84 19.01 -46.26
C ARG L 310 -17.40 19.36 -46.59
N ALA L 311 -16.48 19.16 -45.65
CA ALA L 311 -15.05 19.27 -45.93
C ALA L 311 -14.50 17.92 -46.35
N ALA L 312 -13.73 17.91 -47.43
CA ALA L 312 -13.28 16.65 -48.00
C ALA L 312 -12.04 16.90 -48.86
N LYS L 313 -11.62 15.85 -49.57
CA LYS L 313 -10.54 15.94 -50.54
C LYS L 313 -11.01 15.22 -51.79
N LEU L 314 -11.12 15.94 -52.90
CA LEU L 314 -11.86 15.42 -54.03
C LEU L 314 -11.00 14.54 -54.92
N SER L 315 -11.66 13.93 -55.90
CA SER L 315 -11.00 13.03 -56.82
C SER L 315 -10.33 13.81 -57.95
N GLU L 316 -9.33 13.16 -58.55
CA GLU L 316 -8.75 13.65 -59.78
C GLU L 316 -9.76 13.65 -60.92
N LYS L 317 -10.70 12.70 -60.90
CA LYS L 317 -11.89 12.79 -61.72
C LYS L 317 -12.64 14.08 -61.49
N GLU L 318 -12.84 14.44 -60.23
CA GLU L 318 -13.48 15.71 -59.94
C GLU L 318 -12.55 16.89 -60.15
N GLY L 319 -11.28 16.75 -59.80
CA GLY L 319 -10.36 17.85 -59.96
C GLY L 319 -9.51 18.07 -58.73
N SER L 320 -9.71 17.19 -57.74
CA SER L 320 -8.91 17.12 -56.51
C SER L 320 -8.94 18.43 -55.73
N GLY L 321 -10.12 18.98 -55.55
CA GLY L 321 -10.29 20.07 -54.63
C GLY L 321 -10.21 19.59 -53.20
N SER L 322 -9.98 20.53 -52.29
CA SER L 322 -9.80 20.14 -50.90
C SER L 322 -10.34 21.21 -49.99
N LEU L 323 -11.30 20.84 -49.15
CA LEU L 323 -11.76 21.68 -48.07
C LEU L 323 -11.32 21.05 -46.76
N THR L 324 -10.72 21.87 -45.90
CA THR L 324 -10.18 21.38 -44.64
C THR L 324 -10.77 22.23 -43.52
N ALA L 325 -11.18 21.56 -42.45
CA ALA L 325 -11.95 22.20 -41.38
C ALA L 325 -11.16 22.17 -40.08
N LEU L 326 -11.12 23.31 -39.40
CA LEU L 326 -10.58 23.40 -38.05
C LEU L 326 -11.66 23.93 -37.13
N PRO L 327 -12.49 23.06 -36.57
CA PRO L 327 -13.48 23.51 -35.60
C PRO L 327 -12.85 23.68 -34.23
N VAL L 328 -13.52 24.47 -33.41
CA VAL L 328 -13.05 24.83 -32.09
C VAL L 328 -14.11 24.46 -31.07
N ILE L 329 -13.72 23.66 -30.08
CA ILE L 329 -14.63 23.26 -29.02
C ILE L 329 -14.11 23.83 -27.71
N GLU L 330 -14.87 24.76 -27.15
CA GLU L 330 -14.59 25.28 -25.82
C GLU L 330 -15.12 24.29 -24.81
N THR L 331 -14.22 23.55 -24.17
CA THR L 331 -14.65 22.64 -23.13
C THR L 331 -14.90 23.40 -21.85
N GLN L 332 -15.51 22.73 -20.88
CA GLN L 332 -15.80 23.33 -19.58
C GLN L 332 -15.12 22.50 -18.52
N GLY L 333 -14.16 23.10 -17.83
CA GLY L 333 -13.46 22.40 -16.77
C GLY L 333 -12.54 21.31 -17.26
N GLY L 334 -12.17 21.36 -18.54
CA GLY L 334 -11.36 20.31 -19.12
C GLY L 334 -12.09 18.99 -19.18
N ASP L 335 -13.28 19.00 -19.78
CA ASP L 335 -14.11 17.81 -19.83
C ASP L 335 -14.42 17.45 -21.27
N VAL L 336 -14.31 16.17 -21.57
CA VAL L 336 -14.73 15.62 -22.84
C VAL L 336 -16.01 14.81 -22.71
N SER L 337 -16.39 14.47 -21.49
CA SER L 337 -17.61 13.73 -21.24
C SER L 337 -18.86 14.55 -21.44
N ALA L 338 -18.74 15.86 -21.57
CA ALA L 338 -19.88 16.71 -21.91
C ALA L 338 -20.38 16.36 -23.31
N TYR L 339 -21.68 16.60 -23.50
CA TYR L 339 -22.43 16.00 -24.59
C TYR L 339 -21.95 16.49 -25.95
N ILE L 340 -21.85 17.81 -26.11
CA ILE L 340 -21.37 18.38 -27.38
C ILE L 340 -19.91 18.04 -27.65
N PRO L 341 -18.96 18.12 -26.69
CA PRO L 341 -17.60 17.65 -27.00
C PRO L 341 -17.51 16.18 -27.29
N THR L 342 -18.31 15.36 -26.62
CA THR L 342 -18.32 13.93 -26.91
C THR L 342 -18.79 13.67 -28.34
N ASN L 343 -19.80 14.43 -28.77
CA ASN L 343 -20.28 14.33 -30.14
C ASN L 343 -19.22 14.73 -31.14
N VAL L 344 -18.54 15.85 -30.90
CA VAL L 344 -17.57 16.34 -31.87
C VAL L 344 -16.35 15.43 -31.92
N ILE L 345 -15.92 14.94 -30.76
CA ILE L 345 -14.84 13.94 -30.69
C ILE L 345 -15.23 12.69 -31.44
N SER L 346 -16.50 12.27 -31.33
CA SER L 346 -16.96 11.15 -32.12
C SER L 346 -16.99 11.45 -33.61
N ILE L 347 -17.09 12.72 -34.00
CA ILE L 347 -17.12 13.04 -35.43
C ILE L 347 -15.73 13.12 -36.01
N THR L 348 -14.87 13.93 -35.42
CA THR L 348 -13.69 14.46 -36.08
C THR L 348 -12.61 13.40 -36.30
N ASP L 349 -11.53 13.80 -36.96
CA ASP L 349 -10.45 12.90 -37.31
C ASP L 349 -9.35 12.95 -36.27
N GLY L 350 -9.69 13.25 -35.03
CA GLY L 350 -8.72 13.40 -33.98
C GLY L 350 -8.66 14.85 -33.50
N GLN L 351 -7.96 15.02 -32.38
CA GLN L 351 -8.01 16.26 -31.63
C GLN L 351 -6.65 16.93 -31.63
N ILE L 352 -6.67 18.24 -31.47
CA ILE L 352 -5.47 18.98 -31.08
C ILE L 352 -5.78 19.55 -29.71
N PHE L 353 -5.43 18.81 -28.67
CA PHE L 353 -5.95 19.07 -27.35
C PHE L 353 -5.03 20.03 -26.62
N LEU L 354 -5.62 21.01 -25.92
CA LEU L 354 -4.84 21.97 -25.16
C LEU L 354 -5.17 21.87 -23.68
N GLU L 355 -4.27 22.40 -22.85
CA GLU L 355 -4.43 22.39 -21.42
C GLU L 355 -4.04 23.75 -20.85
N ALA L 356 -4.71 24.14 -19.78
CA ALA L 356 -4.39 25.42 -19.17
C ALA L 356 -3.04 25.38 -18.46
N GLU L 357 -2.76 24.26 -17.80
CA GLU L 357 -1.61 24.15 -16.91
C GLU L 357 -0.30 24.32 -17.67
N LEU L 358 -0.22 23.77 -18.87
CA LEU L 358 0.96 23.91 -19.69
C LEU L 358 1.17 25.35 -20.13
N PHE L 359 0.10 26.07 -20.41
CA PHE L 359 0.19 27.49 -20.68
C PHE L 359 0.66 28.26 -19.46
N TYR L 360 0.26 27.82 -18.27
CA TYR L 360 0.81 28.42 -17.07
C TYR L 360 2.20 27.92 -16.74
N LYS L 361 2.63 26.84 -17.38
CA LYS L 361 4.06 26.57 -17.45
C LYS L 361 4.71 27.24 -18.65
N GLY L 362 4.01 28.16 -19.31
CA GLY L 362 4.55 28.88 -20.42
C GLY L 362 4.73 28.08 -21.69
N ILE L 363 4.29 26.83 -21.70
CA ILE L 363 4.34 26.03 -22.92
C ILE L 363 3.35 26.64 -23.89
N ARG L 364 3.87 27.28 -24.93
CA ARG L 364 3.04 28.03 -25.86
C ARG L 364 3.41 27.57 -27.26
N PRO L 365 2.52 26.87 -27.98
CA PRO L 365 1.16 26.45 -27.61
C PRO L 365 1.12 25.29 -26.61
N ALA L 366 0.08 25.25 -25.80
CA ALA L 366 0.02 24.36 -24.64
C ALA L 366 -0.57 23.02 -25.03
N ILE L 367 0.13 22.33 -25.91
CA ILE L 367 -0.36 21.10 -26.51
C ILE L 367 -0.11 19.95 -25.55
N ASN L 368 -1.18 19.25 -25.18
CA ASN L 368 -1.01 17.93 -24.59
C ASN L 368 -0.77 16.97 -25.73
N VAL L 369 0.49 16.60 -25.92
CA VAL L 369 0.85 15.62 -26.93
C VAL L 369 0.31 14.24 -26.58
N GLY L 370 0.16 13.95 -25.28
CA GLY L 370 -0.35 12.67 -24.83
C GLY L 370 -1.82 12.42 -25.16
N LEU L 371 -2.53 13.42 -25.64
CA LEU L 371 -3.91 13.22 -26.08
C LEU L 371 -4.16 13.59 -27.53
N SER L 372 -3.41 14.54 -28.08
CA SER L 372 -3.66 15.02 -29.43
C SER L 372 -3.19 13.96 -30.43
N VAL L 373 -4.10 13.49 -31.28
CA VAL L 373 -3.81 12.46 -32.25
C VAL L 373 -4.37 12.87 -33.60
N SER L 374 -3.98 12.13 -34.63
CA SER L 374 -4.57 12.26 -35.96
C SER L 374 -4.70 10.87 -36.52
N ARG L 375 -5.92 10.46 -36.86
CA ARG L 375 -6.11 9.20 -37.55
C ARG L 375 -5.54 9.23 -38.95
N VAL L 376 -5.54 10.40 -39.59
CA VAL L 376 -4.77 10.56 -40.82
C VAL L 376 -3.30 10.43 -40.53
N GLY L 377 -2.77 11.31 -39.69
CA GLY L 377 -1.41 11.23 -39.21
C GLY L 377 -0.35 11.35 -40.27
N SER L 378 0.58 10.41 -40.27
CA SER L 378 1.79 10.41 -41.06
C SER L 378 1.55 10.26 -42.54
N ALA L 379 0.34 9.97 -42.99
CA ALA L 379 0.06 9.85 -44.41
C ALA L 379 0.15 11.18 -45.14
N ALA L 380 0.01 12.29 -44.42
CA ALA L 380 0.07 13.61 -45.01
C ALA L 380 0.98 14.50 -44.19
N GLN L 381 2.20 14.03 -43.98
CA GLN L 381 3.25 14.82 -43.36
C GLN L 381 4.37 15.02 -44.37
N VAL L 382 5.12 16.10 -44.20
CA VAL L 382 6.31 16.33 -45.02
C VAL L 382 7.34 15.26 -44.70
N LYS L 383 7.89 14.64 -45.76
CA LYS L 383 8.73 13.47 -45.58
C LYS L 383 10.05 13.80 -44.92
N ALA L 384 10.59 14.99 -45.17
CA ALA L 384 11.76 15.45 -44.43
C ALA L 384 11.45 15.57 -42.95
N LEU L 385 10.28 16.10 -42.63
CA LEU L 385 9.84 16.14 -41.24
C LEU L 385 9.48 14.75 -40.75
N LYS L 386 8.98 13.89 -41.64
CA LYS L 386 8.56 12.55 -41.24
C LYS L 386 9.75 11.69 -40.82
N GLN L 387 10.86 11.80 -41.53
CA GLN L 387 11.99 10.91 -41.29
C GLN L 387 12.77 11.26 -40.03
N VAL L 388 12.41 12.31 -39.32
CA VAL L 388 13.06 12.64 -38.05
C VAL L 388 12.00 12.74 -36.96
N ALA L 389 10.75 12.92 -37.36
CA ALA L 389 9.70 13.15 -36.39
C ALA L 389 9.28 11.91 -35.64
N GLY L 390 9.50 10.72 -36.22
CA GLY L 390 9.05 9.49 -35.60
C GLY L 390 9.76 9.17 -34.31
N SER L 391 11.04 9.49 -34.22
CA SER L 391 11.78 9.42 -32.97
C SER L 391 11.22 10.35 -31.91
N LEU L 392 10.81 11.55 -32.31
CA LEU L 392 10.39 12.59 -31.38
C LEU L 392 9.17 12.15 -30.57
N LYS L 393 8.20 11.51 -31.24
CA LYS L 393 7.04 10.97 -30.55
C LYS L 393 7.46 9.91 -29.55
N LEU L 394 8.47 9.12 -29.90
CA LEU L 394 8.95 8.08 -29.00
C LEU L 394 9.64 8.69 -27.78
N PHE L 395 10.49 9.71 -27.99
CA PHE L 395 11.14 10.38 -26.88
C PHE L 395 10.13 11.02 -25.94
N LEU L 396 9.09 11.64 -26.49
CA LEU L 396 8.11 12.28 -25.62
C LEU L 396 7.25 11.26 -24.90
N ALA L 397 6.94 10.14 -25.55
CA ALA L 397 6.19 9.08 -24.89
C ALA L 397 7.00 8.45 -23.78
N GLN L 398 8.32 8.33 -23.97
CA GLN L 398 9.19 7.91 -22.89
C GLN L 398 9.18 8.95 -21.77
N TYR L 399 9.33 10.22 -22.14
CA TYR L 399 9.56 11.28 -21.18
C TYR L 399 8.37 11.54 -20.28
N ARG L 400 7.16 11.44 -20.84
CA ARG L 400 5.97 11.63 -20.03
C ARG L 400 5.77 10.54 -18.99
N GLU L 401 6.27 9.34 -19.25
CA GLU L 401 6.20 8.30 -18.25
C GLU L 401 7.17 8.55 -17.11
N VAL L 402 8.25 9.25 -17.39
CA VAL L 402 9.37 9.35 -16.47
C VAL L 402 9.38 10.67 -15.71
N ALA L 403 8.83 11.76 -16.29
CA ALA L 403 9.05 13.13 -15.85
C ALA L 403 8.60 13.44 -14.43
N ALA L 404 7.86 12.54 -13.77
CA ALA L 404 7.59 12.73 -12.35
C ALA L 404 8.83 12.50 -11.50
N PHE L 405 9.84 11.80 -12.02
CA PHE L 405 11.11 11.63 -11.33
C PHE L 405 11.90 12.92 -11.18
N ALA L 406 11.58 13.95 -11.97
CA ALA L 406 12.32 15.20 -11.98
C ALA L 406 12.21 15.99 -10.69
N GLN L 407 11.29 15.63 -9.81
CA GLN L 407 11.07 16.37 -8.58
C GLN L 407 11.79 15.68 -7.43
N PHE L 408 12.93 15.08 -7.72
CA PHE L 408 13.68 14.32 -6.74
C PHE L 408 15.16 14.64 -6.92
N GLY L 409 16.01 13.85 -6.30
CA GLY L 409 17.44 14.04 -6.41
C GLY L 409 18.00 13.42 -7.67
N SER L 410 19.30 13.11 -7.62
CA SER L 410 20.01 12.55 -8.76
C SER L 410 20.08 11.03 -8.71
N ASP L 411 19.03 10.38 -8.21
CA ASP L 411 19.00 8.93 -8.08
C ASP L 411 18.57 8.23 -9.35
N LEU L 412 18.69 8.90 -10.49
CA LEU L 412 18.33 8.34 -11.78
C LEU L 412 19.58 7.86 -12.50
N ASP L 413 19.42 6.77 -13.24
CA ASP L 413 20.46 6.33 -14.13
C ASP L 413 20.56 7.28 -15.32
N ALA L 414 21.65 7.17 -16.08
CA ALA L 414 21.88 8.05 -17.22
C ALA L 414 20.88 7.83 -18.34
N SER L 415 20.23 6.67 -18.39
CA SER L 415 19.14 6.46 -19.32
C SER L 415 17.95 7.38 -19.05
N THR L 416 17.42 7.33 -17.84
CA THR L 416 16.28 8.16 -17.48
C THR L 416 16.65 9.61 -17.23
N LYS L 417 17.87 9.87 -16.77
CA LYS L 417 18.30 11.25 -16.67
C LYS L 417 18.55 11.84 -18.05
N GLN L 418 19.05 11.02 -18.99
CA GLN L 418 19.12 11.43 -20.38
C GLN L 418 17.73 11.65 -20.95
N THR L 419 16.76 10.86 -20.49
CA THR L 419 15.38 11.05 -20.92
C THR L 419 14.82 12.37 -20.42
N LEU L 420 15.10 12.72 -19.17
CA LEU L 420 14.75 14.03 -18.65
C LEU L 420 15.41 15.17 -19.41
N VAL L 421 16.70 14.99 -19.73
CA VAL L 421 17.45 16.00 -20.50
C VAL L 421 16.81 16.23 -21.85
N ARG L 422 16.59 15.15 -22.60
CA ARG L 422 15.97 15.23 -23.91
C ARG L 422 14.55 15.79 -23.82
N GLY L 423 13.79 15.36 -22.82
CA GLY L 423 12.41 15.77 -22.72
C GLY L 423 12.26 17.24 -22.39
N GLU L 424 13.04 17.73 -21.42
CA GLU L 424 12.98 19.14 -21.08
C GLU L 424 13.49 20.01 -22.22
N ARG L 425 14.53 19.56 -22.90
CA ARG L 425 15.07 20.39 -23.96
C ARG L 425 14.19 20.40 -25.20
N LEU L 426 13.60 19.27 -25.55
CA LEU L 426 12.63 19.23 -26.64
C LEU L 426 11.36 19.99 -26.28
N THR L 427 10.98 19.97 -25.00
CA THR L 427 9.86 20.76 -24.54
C THR L 427 10.14 22.25 -24.67
N GLN L 428 11.34 22.65 -24.28
CA GLN L 428 11.74 24.05 -24.39
C GLN L 428 11.88 24.48 -25.83
N LEU L 429 12.15 23.52 -26.74
CA LEU L 429 12.04 23.82 -28.16
C LEU L 429 10.62 24.19 -28.55
N LEU L 430 9.64 23.45 -28.08
CA LEU L 430 8.28 23.64 -28.57
C LEU L 430 7.59 24.89 -28.03
N LYS L 431 8.15 25.53 -27.02
CA LYS L 431 7.66 26.84 -26.65
C LYS L 431 8.01 27.84 -27.73
N GLN L 432 7.00 28.55 -28.23
CA GLN L 432 7.26 29.59 -29.21
C GLN L 432 6.20 30.66 -29.09
N ASN L 433 6.46 31.77 -29.74
CA ASN L 433 5.62 32.93 -29.55
C ASN L 433 4.42 32.89 -30.48
N GLN L 434 3.42 33.67 -30.11
CA GLN L 434 2.32 33.94 -31.01
C GLN L 434 2.84 34.79 -32.16
N TYR L 435 2.23 34.62 -33.34
CA TYR L 435 2.59 35.27 -34.59
C TYR L 435 4.01 34.92 -35.00
N SER L 436 4.40 33.68 -34.75
CA SER L 436 5.72 33.19 -35.14
C SER L 436 5.56 31.96 -36.01
N PRO L 437 5.17 32.14 -37.28
CA PRO L 437 5.11 30.99 -38.17
C PRO L 437 6.51 30.60 -38.62
N LEU L 438 6.77 29.30 -38.56
CA LEU L 438 8.08 28.79 -38.90
C LEU L 438 7.94 27.86 -40.09
N ALA L 439 8.73 28.13 -41.13
CA ALA L 439 8.74 27.28 -42.30
C ALA L 439 9.27 25.89 -41.96
N THR L 440 8.90 24.92 -42.80
CA THR L 440 9.26 23.54 -42.51
C THR L 440 10.76 23.34 -42.67
N GLU L 441 11.36 24.01 -43.65
CA GLU L 441 12.80 24.12 -43.78
C GLU L 441 13.47 24.71 -42.54
N GLU L 442 12.76 25.54 -41.78
CA GLU L 442 13.26 26.00 -40.50
C GLU L 442 13.01 25.03 -39.37
N GLN L 443 11.91 24.27 -39.43
CA GLN L 443 11.54 23.42 -38.32
C GLN L 443 12.33 22.12 -38.30
N VAL L 444 12.74 21.65 -39.50
CA VAL L 444 13.50 20.40 -39.59
C VAL L 444 14.81 20.40 -38.82
N PRO L 445 15.72 21.40 -38.95
CA PRO L 445 17.00 21.27 -38.26
C PRO L 445 16.89 21.40 -36.76
N LEU L 446 15.86 22.10 -36.28
CA LEU L 446 15.61 22.16 -34.84
C LEU L 446 15.28 20.79 -34.30
N ILE L 447 14.45 20.04 -35.02
CA ILE L 447 14.10 18.70 -34.61
C ILE L 447 15.29 17.76 -34.74
N TYR L 448 16.08 17.94 -35.81
CA TYR L 448 17.27 17.12 -36.01
C TYR L 448 18.27 17.32 -34.90
N ALA L 449 18.44 18.56 -34.46
CA ALA L 449 19.38 18.83 -33.38
C ALA L 449 18.83 18.37 -32.03
N GLY L 450 17.53 18.56 -31.80
CA GLY L 450 16.97 18.17 -30.52
C GLY L 450 16.87 16.66 -30.33
N VAL L 451 16.61 15.93 -31.41
CA VAL L 451 16.57 14.48 -31.32
C VAL L 451 17.96 13.92 -31.10
N ASN L 452 18.94 14.45 -31.81
CA ASN L 452 20.25 13.81 -31.86
C ASN L 452 21.17 14.27 -30.75
N GLY L 453 20.62 14.74 -29.63
CA GLY L 453 21.39 14.97 -28.43
C GLY L 453 22.35 16.14 -28.46
N HIS L 454 22.30 16.98 -29.49
CA HIS L 454 23.24 18.07 -29.60
C HIS L 454 22.98 19.18 -28.59
N LEU L 455 21.79 19.24 -28.02
CA LEU L 455 21.43 20.30 -27.10
C LEU L 455 21.63 19.92 -25.65
N ASP L 456 22.09 18.70 -25.39
CA ASP L 456 22.07 18.16 -24.03
C ASP L 456 22.99 18.92 -23.11
N GLY L 457 24.13 19.41 -23.62
CA GLY L 457 25.00 20.23 -22.81
C GLY L 457 24.57 21.67 -22.70
N ILE L 458 23.71 22.13 -23.61
CA ILE L 458 23.29 23.53 -23.61
C ILE L 458 22.34 23.77 -22.46
N GLU L 459 22.50 24.91 -21.80
CA GLU L 459 21.64 25.30 -20.69
C GLU L 459 20.20 25.46 -21.14
N LEU L 460 19.29 25.21 -20.19
CA LEU L 460 17.87 25.15 -20.49
C LEU L 460 17.31 26.51 -20.87
N SER L 461 17.88 27.58 -20.31
CA SER L 461 17.34 28.90 -20.56
C SER L 461 17.69 29.41 -21.95
N ARG L 462 18.87 29.07 -22.44
CA ARG L 462 19.35 29.68 -23.68
C ARG L 462 18.74 29.09 -24.93
N ILE L 463 18.00 27.98 -24.79
CA ILE L 463 17.59 27.13 -25.91
C ILE L 463 16.87 27.92 -26.98
N GLY L 464 15.82 28.64 -26.57
CA GLY L 464 15.03 29.49 -27.45
C GLY L 464 15.81 30.56 -28.17
N GLU L 465 16.80 31.16 -27.53
CA GLU L 465 17.61 32.09 -28.31
C GLU L 465 18.69 31.36 -29.09
N PHE L 466 19.14 30.22 -28.55
CA PHE L 466 20.05 29.33 -29.26
C PHE L 466 19.51 28.97 -30.61
N GLU L 467 18.31 28.37 -30.60
CA GLU L 467 17.43 28.16 -31.74
C GLU L 467 17.46 29.31 -32.72
N SER L 468 17.21 30.51 -32.19
CA SER L 468 17.14 31.70 -33.03
C SER L 468 18.47 31.95 -33.71
N SER L 469 19.54 31.94 -32.91
CA SER L 469 20.88 32.07 -33.45
C SER L 469 21.20 30.94 -34.41
N PHE L 470 20.74 29.73 -34.06
CA PHE L 470 20.91 28.56 -34.91
C PHE L 470 20.28 28.80 -36.25
N LEU L 471 19.06 29.37 -36.25
CA LEU L 471 18.37 29.72 -37.49
C LEU L 471 19.19 30.68 -38.31
N SER L 472 19.72 31.73 -37.65
CA SER L 472 20.52 32.71 -38.33
C SER L 472 21.78 32.08 -38.89
N TYR L 473 22.34 31.13 -38.14
CA TYR L 473 23.51 30.39 -38.60
C TYR L 473 23.20 29.65 -39.88
N LEU L 474 22.06 28.98 -39.92
CA LEU L 474 21.69 28.30 -41.13
C LEU L 474 21.18 29.25 -42.19
N LYS L 475 20.76 30.43 -41.78
CA LYS L 475 20.45 31.48 -42.74
C LYS L 475 21.68 32.30 -43.08
N SER L 476 22.84 31.91 -42.55
CA SER L 476 24.09 32.53 -42.93
C SER L 476 24.93 31.65 -43.84
N ASN L 477 24.89 30.34 -43.66
CA ASN L 477 25.93 29.47 -44.18
C ASN L 477 25.40 28.28 -44.94
N HIS L 478 24.18 27.83 -44.66
CA HIS L 478 23.66 26.59 -45.20
C HIS L 478 22.27 26.82 -45.75
N ASN L 479 22.07 28.00 -46.33
CA ASN L 479 20.77 28.40 -46.83
C ASN L 479 20.35 27.53 -48.01
N GLU L 480 21.31 27.10 -48.83
CA GLU L 480 21.02 26.23 -49.96
C GLU L 480 20.51 24.88 -49.51
N LEU L 481 21.03 24.39 -48.38
CA LEU L 481 20.51 23.16 -47.79
C LEU L 481 19.06 23.34 -47.36
N LEU L 482 18.73 24.51 -46.83
CA LEU L 482 17.37 24.78 -46.40
C LEU L 482 16.42 24.86 -47.59
N THR L 483 16.87 25.49 -48.67
CA THR L 483 16.08 25.53 -49.88
C THR L 483 15.91 24.14 -50.47
N GLU L 484 16.92 23.29 -50.35
CA GLU L 484 16.80 21.92 -50.82
C GLU L 484 15.80 21.14 -49.96
N ILE L 485 15.80 21.39 -48.65
CA ILE L 485 14.80 20.81 -47.76
C ILE L 485 13.40 21.23 -48.16
N ARG L 486 13.24 22.52 -48.45
CA ARG L 486 11.93 23.05 -48.81
C ARG L 486 11.48 22.54 -50.17
N GLU L 487 12.40 22.40 -51.12
CA GLU L 487 12.02 21.96 -52.45
C GLU L 487 11.75 20.47 -52.52
N LYS L 488 12.63 19.66 -51.94
CA LYS L 488 12.42 18.22 -52.00
C LYS L 488 11.40 17.74 -51.00
N GLY L 489 11.41 18.28 -49.79
CA GLY L 489 10.54 17.76 -48.75
C GLY L 489 10.97 16.43 -48.20
N GLU L 490 12.18 15.99 -48.53
CA GLU L 490 12.72 14.73 -48.04
C GLU L 490 14.11 14.96 -47.48
N LEU L 491 14.77 13.89 -47.05
CA LEU L 491 16.12 13.98 -46.50
C LEU L 491 17.04 13.12 -47.33
N SER L 492 17.92 13.74 -48.08
CA SER L 492 19.02 13.02 -48.70
C SER L 492 20.02 12.64 -47.62
N LYS L 493 20.86 11.65 -47.93
CA LYS L 493 21.92 11.28 -47.02
C LYS L 493 22.95 12.39 -46.91
N GLU L 494 23.17 13.11 -48.03
CA GLU L 494 24.01 14.30 -48.01
C GLU L 494 23.39 15.39 -47.17
N LEU L 495 22.06 15.50 -47.20
CA LEU L 495 21.37 16.46 -46.35
C LEU L 495 21.56 16.12 -44.88
N LEU L 496 21.46 14.84 -44.54
CA LEU L 496 21.69 14.42 -43.16
C LEU L 496 23.12 14.67 -42.73
N ALA L 497 24.07 14.41 -43.63
CA ALA L 497 25.48 14.57 -43.32
C ALA L 497 25.84 16.03 -43.11
N SER L 498 25.48 16.88 -44.08
CA SER L 498 25.78 18.31 -43.98
C SER L 498 24.97 18.97 -42.87
N LEU L 499 23.78 18.42 -42.59
CA LEU L 499 22.95 18.91 -41.52
C LEU L 499 23.57 18.63 -40.16
N LYS L 500 24.05 17.41 -39.96
CA LYS L 500 24.73 17.10 -38.70
C LYS L 500 26.07 17.82 -38.61
N SER L 501 26.71 18.07 -39.76
CA SER L 501 27.93 18.85 -39.80
C SER L 501 27.71 20.25 -39.28
N ALA L 502 26.75 20.97 -39.87
CA ALA L 502 26.41 22.31 -39.40
C ALA L 502 25.86 22.29 -37.99
N THR L 503 25.18 21.20 -37.61
CA THR L 503 24.61 21.07 -36.27
C THR L 503 25.70 21.03 -35.21
N GLU L 504 26.64 20.10 -35.37
CA GLU L 504 27.77 19.99 -34.46
C GLU L 504 28.65 21.23 -34.53
N SER L 505 28.73 21.87 -35.70
CA SER L 505 29.49 23.10 -35.85
C SER L 505 28.90 24.21 -34.99
N PHE L 506 27.59 24.41 -35.05
CA PHE L 506 27.02 25.50 -34.28
C PHE L 506 26.90 25.15 -32.81
N VAL L 507 26.73 23.87 -32.47
CA VAL L 507 26.77 23.46 -31.07
C VAL L 507 28.16 23.71 -30.49
N ALA L 508 29.20 23.47 -31.30
CA ALA L 508 30.56 23.77 -30.87
C ALA L 508 30.78 25.26 -30.70
N THR L 509 30.28 26.07 -31.65
CA THR L 509 30.53 27.50 -31.50
C THR L 509 29.52 28.19 -30.59
N PHE L 510 28.45 27.52 -30.18
CA PHE L 510 27.59 28.07 -29.14
C PHE L 510 28.13 27.57 -27.80
N LYS M 4 -48.85 -36.22 -38.78
CA LYS M 4 -49.64 -36.87 -39.81
C LYS M 4 -50.95 -36.14 -40.05
N ALA M 5 -52.01 -36.89 -40.33
CA ALA M 5 -53.33 -36.29 -40.43
C ALA M 5 -54.01 -36.16 -39.09
N GLN M 6 -53.50 -36.83 -38.06
CA GLN M 6 -53.99 -36.60 -36.70
C GLN M 6 -53.77 -35.18 -36.19
N PRO M 7 -52.69 -34.46 -36.54
CA PRO M 7 -52.72 -33.00 -36.35
C PRO M 7 -53.84 -32.30 -37.11
N THR M 8 -54.17 -32.74 -38.33
CA THR M 8 -55.32 -32.13 -39.02
C THR M 8 -56.62 -32.53 -38.35
N GLU M 9 -56.67 -33.72 -37.74
CA GLU M 9 -57.84 -34.13 -36.96
C GLU M 9 -58.04 -33.23 -35.75
N VAL M 10 -56.97 -33.02 -34.98
CA VAL M 10 -57.05 -32.16 -33.79
C VAL M 10 -57.34 -30.73 -34.18
N SER M 11 -56.70 -30.25 -35.25
CA SER M 11 -56.95 -28.88 -35.71
C SER M 11 -58.36 -28.73 -36.29
N SER M 12 -58.93 -29.80 -36.82
CA SER M 12 -60.31 -29.72 -37.33
C SER M 12 -61.33 -29.78 -36.19
N ILE M 13 -61.01 -30.48 -35.10
CA ILE M 13 -61.82 -30.36 -33.89
C ILE M 13 -61.74 -28.94 -33.35
N LEU M 14 -60.55 -28.35 -33.44
CA LEU M 14 -60.42 -26.94 -33.09
C LEU M 14 -61.13 -26.03 -34.10
N GLU M 15 -61.26 -26.48 -35.36
CA GLU M 15 -62.06 -25.77 -36.34
C GLU M 15 -63.55 -25.83 -35.98
N GLU M 16 -63.99 -26.96 -35.43
CA GLU M 16 -65.34 -27.07 -34.88
C GLU M 16 -65.55 -26.06 -33.75
N ARG M 17 -64.53 -25.91 -32.90
CA ARG M 17 -64.61 -24.89 -31.85
C ARG M 17 -64.59 -23.47 -32.45
N ILE M 18 -63.85 -23.30 -33.53
CA ILE M 18 -63.75 -22.00 -34.19
C ILE M 18 -65.10 -21.55 -34.72
N GLY M 20 -68.37 -23.34 -33.61
CA GLY M 20 -69.36 -23.37 -32.54
C GLY M 20 -69.32 -22.04 -31.83
N VAL M 21 -68.13 -21.45 -31.74
CA VAL M 21 -67.94 -20.16 -31.11
C VAL M 21 -68.47 -19.04 -32.00
N SER M 22 -68.48 -19.30 -33.32
CA SER M 22 -68.98 -18.34 -34.31
C SER M 22 -70.52 -18.30 -34.28
N ASP M 23 -71.15 -19.37 -33.79
CA ASP M 23 -72.60 -19.45 -33.66
C ASP M 23 -73.05 -18.69 -32.40
N GLU M 24 -72.12 -18.41 -31.50
CA GLU M 24 -72.41 -17.65 -30.30
C GLU M 24 -71.37 -16.54 -30.21
N ALA M 25 -71.08 -15.93 -31.35
CA ALA M 25 -70.08 -14.87 -31.42
C ALA M 25 -70.67 -13.46 -31.39
N ASN M 26 -71.40 -13.14 -30.32
CA ASN M 26 -71.97 -11.82 -30.16
C ASN M 26 -71.21 -11.13 -29.05
N LEU M 27 -70.00 -10.68 -29.37
CA LEU M 27 -69.14 -10.03 -28.41
C LEU M 27 -69.63 -8.65 -27.98
N ASN M 28 -69.78 -8.42 -26.67
CA ASN M 28 -70.19 -7.11 -26.17
C ASN M 28 -68.90 -6.42 -25.75
N GLU M 29 -68.13 -6.01 -26.75
CA GLU M 29 -66.83 -5.38 -26.51
C GLU M 29 -66.22 -4.55 -27.65
N THR M 30 -66.21 -5.11 -28.87
CA THR M 30 -65.70 -4.48 -30.11
C THR M 30 -65.85 -2.96 -30.17
N GLY M 31 -64.76 -2.16 -30.46
CA GLY M 31 -64.58 -0.73 -30.55
C GLY M 31 -63.39 -0.34 -31.40
N ARG M 32 -63.44 0.83 -32.03
CA ARG M 32 -62.37 1.28 -32.91
C ARG M 32 -61.15 1.79 -32.16
N VAL M 33 -59.98 1.67 -32.77
CA VAL M 33 -58.74 2.14 -32.17
C VAL M 33 -58.47 3.58 -32.59
N LEU M 34 -58.46 4.48 -31.61
CA LEU M 34 -58.23 5.90 -31.90
C LEU M 34 -56.80 6.14 -32.39
N ALA M 35 -55.83 5.91 -31.52
CA ALA M 35 -54.43 6.04 -31.90
C ALA M 35 -53.63 4.89 -31.33
N VAL M 36 -52.43 4.67 -31.86
CA VAL M 36 -51.59 3.58 -31.38
C VAL M 36 -50.13 3.80 -31.72
N GLY M 37 -49.43 4.53 -30.86
CA GLY M 37 -48.03 4.80 -31.06
C GLY M 37 -47.25 4.65 -29.76
N ASP M 38 -45.94 4.44 -29.88
CA ASP M 38 -45.07 4.29 -28.71
C ASP M 38 -45.61 3.27 -27.69
N GLY M 39 -45.69 2.01 -28.12
CA GLY M 39 -46.17 0.93 -27.27
C GLY M 39 -47.40 1.20 -26.43
N ILE M 40 -48.44 1.73 -27.06
CA ILE M 40 -49.70 2.01 -26.38
C ILE M 40 -50.78 2.23 -27.42
N ALA M 41 -52.04 2.16 -27.02
CA ALA M 41 -53.12 2.35 -27.97
C ALA M 41 -54.39 2.84 -27.31
N ARG M 42 -54.95 3.93 -27.84
CA ARG M 42 -56.18 4.49 -27.30
C ARG M 42 -57.34 3.92 -28.11
N VAL M 43 -58.30 3.31 -27.43
CA VAL M 43 -59.42 2.69 -28.10
C VAL M 43 -60.71 3.33 -27.62
N PHE M 44 -61.53 3.75 -28.56
CA PHE M 44 -62.86 4.26 -28.32
C PHE M 44 -63.83 3.10 -28.07
N GLY M 45 -64.83 3.35 -27.23
CA GLY M 45 -65.86 2.36 -26.98
C GLY M 45 -65.57 1.49 -25.78
N LEU M 46 -65.88 0.19 -25.91
CA LEU M 46 -65.68 -0.82 -24.86
C LEU M 46 -66.27 -0.28 -23.58
N ASN M 47 -67.59 -0.16 -23.55
CA ASN M 47 -68.18 0.53 -22.42
C ASN M 47 -68.54 -0.40 -21.28
N ASN M 48 -68.34 -1.69 -21.45
CA ASN M 48 -68.50 -2.63 -20.36
C ASN M 48 -67.20 -3.38 -20.13
N ILE M 49 -66.09 -2.71 -20.42
CA ILE M 49 -64.78 -3.30 -20.22
C ILE M 49 -64.50 -3.26 -18.72
N GLN M 50 -63.64 -4.14 -18.27
CA GLN M 50 -63.25 -4.21 -16.88
C GLN M 50 -61.84 -3.64 -16.73
N ALA M 51 -61.48 -3.34 -15.50
CA ALA M 51 -60.14 -2.82 -15.25
C ALA M 51 -59.14 -3.95 -15.26
N GLU M 52 -58.03 -3.72 -15.96
CA GLU M 52 -56.96 -4.71 -16.21
C GLU M 52 -57.52 -5.96 -16.87
N GLU M 53 -58.38 -5.73 -17.85
CA GLU M 53 -59.00 -6.81 -18.60
C GLU M 53 -58.15 -7.13 -19.82
N LEU M 54 -58.01 -8.42 -20.08
CA LEU M 54 -57.41 -8.87 -21.32
C LEU M 54 -58.35 -8.59 -22.48
N VAL M 55 -57.81 -7.99 -23.54
CA VAL M 55 -58.50 -7.83 -24.80
C VAL M 55 -57.62 -8.44 -25.87
N GLU M 56 -58.18 -8.53 -27.08
CA GLU M 56 -57.40 -9.01 -28.22
C GLU M 56 -57.70 -8.13 -29.41
N PHE M 57 -56.65 -7.69 -30.09
CA PHE M 57 -56.81 -6.85 -31.26
C PHE M 57 -57.16 -7.70 -32.46
N SER M 58 -57.52 -7.02 -33.55
CA SER M 58 -57.90 -7.68 -34.79
C SER M 58 -56.74 -8.35 -35.49
N SER M 59 -55.52 -7.95 -35.17
CA SER M 59 -54.34 -8.58 -35.75
C SER M 59 -53.82 -9.71 -34.87
N GLY M 60 -54.64 -10.23 -33.96
CA GLY M 60 -54.29 -11.37 -33.15
C GLY M 60 -53.50 -11.05 -31.90
N VAL M 61 -52.86 -9.88 -31.85
CA VAL M 61 -52.08 -9.50 -30.67
C VAL M 61 -53.04 -9.18 -29.55
N LYS M 62 -52.80 -9.75 -28.38
CA LYS M 62 -53.60 -9.41 -27.22
C LYS M 62 -53.05 -8.17 -26.54
N GLY M 63 -53.78 -7.70 -25.54
CA GLY M 63 -53.36 -6.52 -24.81
C GLY M 63 -54.10 -6.45 -23.49
N MET M 64 -53.57 -5.65 -22.57
CA MET M 64 -54.24 -5.40 -21.31
C MET M 64 -54.71 -3.97 -21.29
N ALA M 65 -56.00 -3.77 -21.00
CA ALA M 65 -56.54 -2.43 -20.86
C ALA M 65 -56.12 -1.93 -19.49
N LEU M 66 -55.18 -1.00 -19.45
CA LEU M 66 -54.67 -0.61 -18.15
C LEU M 66 -55.29 0.67 -17.62
N ASN M 67 -55.58 1.67 -18.45
CA ASN M 67 -56.18 2.86 -17.83
C ASN M 67 -57.46 3.28 -18.53
N LEU M 68 -58.48 3.51 -17.73
CA LEU M 68 -59.83 3.74 -18.23
C LEU M 68 -60.15 5.21 -18.07
N GLU M 69 -60.79 5.77 -19.08
CA GLU M 69 -61.09 7.19 -19.15
C GLU M 69 -62.50 7.37 -19.65
N PRO M 70 -63.13 8.49 -19.34
CA PRO M 70 -64.38 8.82 -20.04
C PRO M 70 -64.07 9.29 -21.44
N GLY M 71 -64.32 8.43 -22.42
CA GLY M 71 -64.03 8.77 -23.79
C GLY M 71 -63.24 7.73 -24.51
N GLN M 72 -62.30 7.12 -23.82
CA GLN M 72 -61.44 6.12 -24.43
C GLN M 72 -60.86 5.25 -23.33
N VAL M 73 -60.11 4.26 -23.74
CA VAL M 73 -59.36 3.43 -22.82
C VAL M 73 -57.99 3.17 -23.41
N GLY M 74 -56.96 3.36 -22.59
CA GLY M 74 -55.60 3.11 -22.99
C GLY M 74 -55.24 1.67 -22.69
N ILE M 75 -54.92 0.94 -23.75
CA ILE M 75 -54.60 -0.47 -23.73
C ILE M 75 -53.15 -0.62 -24.15
N VAL M 76 -52.40 -1.33 -23.35
CA VAL M 76 -51.02 -1.61 -23.70
C VAL M 76 -51.00 -2.80 -24.67
N LEU M 77 -49.95 -2.86 -25.48
CA LEU M 77 -49.79 -3.96 -26.42
C LEU M 77 -49.06 -5.11 -25.73
N PHE M 78 -49.13 -6.29 -26.32
CA PHE M 78 -48.35 -7.44 -25.87
C PHE M 78 -47.44 -7.90 -26.98
N GLY M 79 -46.97 -6.98 -27.79
CA GLY M 79 -46.12 -7.31 -28.91
C GLY M 79 -45.68 -6.05 -29.60
N SER M 80 -45.23 -6.22 -30.84
CA SER M 80 -44.85 -5.05 -31.63
C SER M 80 -46.09 -4.32 -32.11
N ASP M 81 -45.97 -3.01 -32.21
CA ASP M 81 -47.04 -2.19 -32.75
C ASP M 81 -47.14 -2.27 -34.26
N ARG M 82 -46.20 -2.96 -34.91
CA ARG M 82 -46.20 -3.13 -36.35
C ARG M 82 -47.42 -3.93 -36.82
N LEU M 83 -47.96 -4.79 -35.97
CA LEU M 83 -49.13 -5.57 -36.34
C LEU M 83 -50.42 -4.80 -36.13
N VAL M 84 -50.49 -3.98 -35.09
CA VAL M 84 -51.71 -3.25 -34.78
C VAL M 84 -51.79 -2.04 -35.72
N LYS M 85 -52.92 -1.88 -36.37
CA LYS M 85 -53.16 -0.74 -37.25
C LYS M 85 -54.32 0.07 -36.70
N GLU M 86 -54.31 1.37 -37.01
CA GLU M 86 -55.32 2.29 -36.49
C GLU M 86 -56.68 1.99 -37.08
N GLY M 87 -57.73 2.24 -36.29
CA GLY M 87 -59.09 2.10 -36.74
C GLY M 87 -59.65 0.70 -36.73
N GLU M 88 -58.95 -0.26 -36.13
CA GLU M 88 -59.41 -1.63 -36.21
C GLU M 88 -60.37 -2.01 -35.10
N LEU M 89 -60.64 -3.29 -35.00
CA LEU M 89 -61.70 -3.83 -34.16
C LEU M 89 -61.07 -4.57 -33.00
N VAL M 90 -61.44 -4.19 -31.77
CA VAL M 90 -60.74 -4.65 -30.58
C VAL M 90 -61.72 -5.44 -29.74
N LYS M 91 -61.72 -6.76 -29.89
CA LYS M 91 -62.56 -7.61 -29.06
C LYS M 91 -61.95 -7.77 -27.68
N ARG M 92 -62.79 -7.72 -26.66
CA ARG M 92 -62.36 -8.04 -25.32
C ARG M 92 -62.56 -9.51 -25.05
N THR M 93 -61.69 -10.07 -24.22
CA THR M 93 -61.83 -11.47 -23.82
C THR M 93 -63.03 -11.65 -22.91
N GLY M 94 -63.26 -10.70 -22.02
CA GLY M 94 -64.17 -10.92 -20.92
C GLY M 94 -63.45 -11.29 -19.64
N ASN M 95 -62.13 -11.16 -19.59
CA ASN M 95 -61.36 -11.66 -18.48
C ASN M 95 -60.24 -10.70 -18.10
N ILE M 96 -60.08 -10.52 -16.79
CA ILE M 96 -58.81 -10.12 -16.22
C ILE M 96 -57.77 -11.14 -16.66
N VAL M 97 -56.53 -10.67 -16.87
CA VAL M 97 -55.47 -11.45 -17.49
C VAL M 97 -55.12 -12.68 -16.67
N ASP M 98 -55.42 -13.85 -17.24
CA ASP M 98 -55.23 -15.14 -16.59
C ASP M 98 -54.30 -16.00 -17.42
N VAL M 99 -53.70 -16.98 -16.75
CA VAL M 99 -52.76 -17.89 -17.40
C VAL M 99 -53.11 -19.32 -17.06
N PRO M 100 -52.76 -20.26 -17.95
CA PRO M 100 -52.98 -21.67 -17.66
C PRO M 100 -52.13 -22.14 -16.49
N VAL M 101 -52.75 -22.89 -15.59
CA VAL M 101 -52.09 -23.56 -14.49
C VAL M 101 -52.48 -25.01 -14.51
N GLY M 102 -51.59 -25.85 -13.99
CA GLY M 102 -51.80 -27.27 -14.01
C GLY M 102 -50.52 -28.07 -14.02
N PRO M 103 -50.64 -29.39 -13.90
CA PRO M 103 -49.45 -30.24 -13.83
C PRO M 103 -48.82 -30.47 -15.18
N GLY M 104 -49.58 -30.41 -16.27
CA GLY M 104 -49.06 -30.62 -17.61
C GLY M 104 -48.12 -29.54 -18.09
N LEU M 105 -48.06 -28.43 -17.36
CA LEU M 105 -47.10 -27.37 -17.59
C LEU M 105 -45.66 -27.82 -17.37
N LEU M 106 -45.46 -28.87 -16.55
CA LEU M 106 -44.13 -29.42 -16.31
C LEU M 106 -43.54 -29.94 -17.61
N GLY M 107 -42.28 -29.63 -17.86
CA GLY M 107 -41.61 -30.00 -19.08
C GLY M 107 -41.78 -29.02 -20.21
N ARG M 108 -42.91 -28.33 -20.26
CA ARG M 108 -43.19 -27.42 -21.37
C ARG M 108 -42.43 -26.13 -21.17
N VAL M 109 -42.28 -25.38 -22.27
CA VAL M 109 -41.65 -24.06 -22.27
C VAL M 109 -42.65 -23.11 -22.93
N VAL M 110 -43.09 -22.09 -22.19
CA VAL M 110 -44.17 -21.24 -22.64
C VAL M 110 -43.71 -19.79 -22.69
N ASP M 111 -44.60 -18.95 -23.19
CA ASP M 111 -44.47 -17.50 -23.20
C ASP M 111 -44.96 -16.94 -21.87
N ALA M 112 -45.24 -15.64 -21.85
CA ALA M 112 -45.86 -15.03 -20.69
C ALA M 112 -47.33 -15.38 -20.54
N LEU M 113 -47.94 -16.05 -21.52
CA LEU M 113 -49.37 -16.30 -21.50
C LEU M 113 -49.68 -17.79 -21.47
N GLY M 114 -48.67 -18.62 -21.24
CA GLY M 114 -48.89 -20.05 -21.26
C GLY M 114 -49.00 -20.65 -22.63
N ASN M 115 -48.80 -19.86 -23.68
CA ASN M 115 -48.79 -20.40 -25.03
C ASN M 115 -47.43 -21.02 -25.22
N PRO M 116 -47.37 -22.31 -25.49
CA PRO M 116 -46.09 -23.01 -25.52
C PRO M 116 -45.27 -22.65 -26.75
N ILE M 117 -43.97 -22.50 -26.54
CA ILE M 117 -43.03 -22.20 -27.60
C ILE M 117 -42.10 -23.38 -27.85
N ASP M 118 -42.32 -24.49 -27.14
CA ASP M 118 -41.51 -25.67 -27.34
C ASP M 118 -41.93 -26.44 -28.59
N GLY M 119 -43.13 -26.16 -29.10
CA GLY M 119 -43.63 -26.86 -30.27
C GLY M 119 -44.07 -28.25 -29.92
N LYS M 120 -44.57 -28.42 -28.71
CA LYS M 120 -44.97 -29.74 -28.22
C LYS M 120 -46.47 -29.82 -28.08
N GLY M 121 -47.19 -29.13 -28.94
CA GLY M 121 -48.63 -29.17 -28.93
C GLY M 121 -49.24 -28.33 -27.82
N PRO M 122 -50.50 -28.58 -27.49
CA PRO M 122 -51.19 -27.73 -26.52
C PRO M 122 -50.74 -28.00 -25.09
N ILE M 123 -51.38 -27.29 -24.18
CA ILE M 123 -51.04 -27.37 -22.76
C ILE M 123 -52.15 -28.09 -22.01
N ASP M 124 -51.80 -29.16 -21.31
CA ASP M 124 -52.76 -29.75 -20.39
C ASP M 124 -52.87 -28.90 -19.14
N ALA M 125 -53.74 -27.90 -19.18
CA ALA M 125 -53.92 -26.97 -18.08
C ALA M 125 -55.03 -27.48 -17.16
N ALA M 126 -54.83 -27.36 -15.86
CA ALA M 126 -55.88 -27.67 -14.90
C ALA M 126 -56.73 -26.47 -14.54
N GLY M 127 -56.50 -25.33 -15.17
CA GLY M 127 -57.35 -24.18 -14.93
C GLY M 127 -56.68 -22.91 -15.41
N ARG M 128 -57.38 -21.81 -15.20
CA ARG M 128 -56.86 -20.49 -15.50
C ARG M 128 -56.84 -19.68 -14.21
N SER M 129 -55.78 -18.89 -14.04
CA SER M 129 -55.64 -18.13 -12.82
C SER M 129 -55.20 -16.71 -13.14
N ARG M 130 -55.72 -15.75 -12.37
CA ARG M 130 -55.44 -14.34 -12.59
C ARG M 130 -53.97 -14.04 -12.36
N ALA M 131 -53.51 -12.91 -12.91
CA ALA M 131 -52.13 -12.53 -12.73
C ALA M 131 -51.91 -11.78 -11.41
N GLN M 132 -52.75 -10.78 -11.13
CA GLN M 132 -52.54 -9.90 -10.00
C GLN M 132 -53.39 -10.41 -8.83
N VAL M 133 -53.11 -11.63 -8.42
CA VAL M 133 -53.75 -12.24 -7.27
C VAL M 133 -53.22 -11.52 -6.03
N LYS M 134 -54.07 -11.37 -5.02
CA LYS M 134 -53.62 -10.87 -3.74
C LYS M 134 -52.66 -11.85 -3.11
N ALA M 135 -51.62 -11.30 -2.49
CA ALA M 135 -50.77 -12.11 -1.63
C ALA M 135 -51.57 -12.53 -0.41
N PRO M 136 -51.28 -13.72 0.14
CA PRO M 136 -52.03 -14.18 1.31
C PRO M 136 -51.72 -13.35 2.54
N GLY M 137 -52.71 -13.23 3.41
CA GLY M 137 -52.58 -12.43 4.62
C GLY M 137 -51.69 -13.10 5.64
N ILE M 138 -51.51 -12.42 6.77
CA ILE M 138 -50.57 -12.89 7.78
C ILE M 138 -51.06 -14.14 8.49
N LEU M 139 -52.34 -14.43 8.45
CA LEU M 139 -52.85 -15.57 9.20
C LEU M 139 -52.66 -16.90 8.47
N PRO M 140 -52.91 -17.06 7.14
CA PRO M 140 -52.61 -18.36 6.53
C PRO M 140 -51.15 -18.56 6.18
N ARG M 141 -50.25 -18.20 7.09
CA ARG M 141 -48.82 -18.37 6.89
C ARG M 141 -48.30 -19.28 7.99
N ARG M 142 -47.05 -19.71 7.83
CA ARG M 142 -46.30 -20.32 8.90
C ARG M 142 -44.84 -19.94 8.72
N SER M 143 -44.16 -19.69 9.84
CA SER M 143 -42.72 -19.56 9.83
C SER M 143 -42.07 -20.81 9.26
N VAL M 144 -41.01 -20.61 8.47
CA VAL M 144 -40.41 -21.70 7.73
C VAL M 144 -39.69 -22.65 8.67
N HIS M 145 -39.83 -23.93 8.41
CA HIS M 145 -39.23 -24.95 9.27
C HIS M 145 -38.73 -26.13 8.47
N GLU M 146 -38.68 -26.01 7.14
CA GLU M 146 -38.27 -27.10 6.30
C GLU M 146 -37.13 -26.65 5.40
N PRO M 147 -36.07 -27.44 5.27
CA PRO M 147 -34.91 -27.00 4.53
C PRO M 147 -35.14 -27.00 3.03
N VAL M 148 -34.29 -26.25 2.34
CA VAL M 148 -34.19 -26.31 0.89
C VAL M 148 -32.75 -26.68 0.58
N GLN M 149 -32.50 -27.94 0.29
CA GLN M 149 -31.12 -28.39 0.14
C GLN M 149 -30.66 -28.04 -1.25
N THR M 150 -29.84 -26.98 -1.37
CA THR M 150 -29.48 -26.48 -2.68
C THR M 150 -28.42 -27.33 -3.35
N GLY M 151 -27.67 -28.12 -2.60
CA GLY M 151 -26.61 -28.91 -3.14
C GLY M 151 -25.27 -28.22 -3.19
N LEU M 152 -25.25 -26.90 -3.04
CA LEU M 152 -23.99 -26.19 -3.01
C LEU M 152 -23.40 -26.25 -1.61
N LYS M 153 -22.09 -26.04 -1.54
CA LYS M 153 -21.39 -26.22 -0.28
C LYS M 153 -21.64 -25.05 0.66
N ALA M 154 -21.17 -23.86 0.29
CA ALA M 154 -21.24 -22.74 1.20
C ALA M 154 -22.65 -22.20 1.33
N VAL M 155 -23.50 -22.47 0.33
CA VAL M 155 -24.88 -22.05 0.40
C VAL M 155 -25.62 -22.82 1.48
N ASP M 156 -25.60 -24.15 1.40
CA ASP M 156 -26.22 -24.97 2.41
C ASP M 156 -25.48 -24.93 3.74
N ALA M 157 -24.21 -24.53 3.73
CA ALA M 157 -23.47 -24.40 4.98
C ALA M 157 -23.85 -23.14 5.73
N LEU M 158 -23.80 -22.00 5.05
CA LEU M 158 -23.84 -20.70 5.70
C LEU M 158 -25.18 -20.00 5.59
N VAL M 159 -25.85 -20.14 4.46
CA VAL M 159 -27.14 -19.47 4.26
C VAL M 159 -28.22 -20.49 3.94
N PRO M 160 -28.73 -21.21 4.93
CA PRO M 160 -29.81 -22.17 4.66
C PRO M 160 -31.10 -21.48 4.31
N ILE M 161 -31.95 -22.20 3.60
CA ILE M 161 -33.14 -21.64 2.98
C ILE M 161 -34.35 -22.45 3.43
N GLY M 162 -35.36 -21.76 3.93
CA GLY M 162 -36.61 -22.39 4.29
C GLY M 162 -37.53 -22.49 3.09
N ARG M 163 -38.48 -23.41 3.18
CA ARG M 163 -39.48 -23.56 2.12
C ARG M 163 -40.39 -22.36 2.14
N GLY M 164 -40.14 -21.41 1.24
CA GLY M 164 -40.85 -20.15 1.22
C GLY M 164 -40.06 -18.96 1.69
N GLN M 165 -38.79 -19.15 2.06
CA GLN M 165 -37.95 -18.05 2.53
C GLN M 165 -37.46 -17.30 1.30
N ARG M 166 -37.78 -16.02 1.23
CA ARG M 166 -37.54 -15.24 0.04
C ARG M 166 -36.10 -14.73 0.06
N GLU M 167 -35.22 -15.44 -0.63
CA GLU M 167 -33.79 -15.17 -0.55
C GLU M 167 -33.27 -14.61 -1.86
N LEU M 168 -32.64 -13.45 -1.79
CA LEU M 168 -32.10 -12.77 -2.94
C LEU M 168 -30.74 -13.36 -3.31
N ILE M 169 -30.52 -13.55 -4.60
CA ILE M 169 -29.18 -13.79 -5.14
C ILE M 169 -28.79 -12.52 -5.90
N ILE M 170 -27.83 -11.80 -5.37
CA ILE M 170 -27.40 -10.55 -5.98
C ILE M 170 -25.96 -10.69 -6.44
N GLY M 171 -25.67 -10.11 -7.60
CA GLY M 171 -24.33 -10.17 -8.12
C GLY M 171 -24.16 -9.23 -9.29
N ASP M 172 -23.17 -9.54 -10.12
CA ASP M 172 -22.87 -8.74 -11.28
C ASP M 172 -22.87 -9.60 -12.53
N ARG M 173 -22.48 -8.99 -13.63
CA ARG M 173 -22.57 -9.62 -14.92
C ARG M 173 -21.56 -10.75 -15.05
N GLN M 174 -22.05 -11.91 -15.52
CA GLN M 174 -21.23 -13.09 -15.81
C GLN M 174 -20.50 -13.58 -14.57
N THR M 175 -21.16 -13.46 -13.42
CA THR M 175 -20.55 -13.79 -12.14
C THR M 175 -21.11 -15.06 -11.53
N GLY M 176 -21.53 -16.00 -12.35
CA GLY M 176 -21.96 -17.28 -11.80
C GLY M 176 -23.29 -17.26 -11.11
N LYS M 177 -24.10 -16.23 -11.36
CA LYS M 177 -25.37 -16.10 -10.67
C LYS M 177 -26.37 -17.16 -11.09
N THR M 178 -26.51 -17.35 -12.40
CA THR M 178 -27.52 -18.25 -12.94
C THR M 178 -27.22 -19.69 -12.57
N ALA M 179 -25.93 -20.03 -12.50
CA ALA M 179 -25.50 -21.38 -12.20
C ALA M 179 -25.90 -21.82 -10.80
N VAL M 180 -26.07 -20.87 -9.88
CA VAL M 180 -26.42 -21.19 -8.51
C VAL M 180 -27.82 -21.82 -8.44
N ALA M 181 -28.82 -21.08 -8.92
CA ALA M 181 -30.17 -21.60 -8.92
C ALA M 181 -30.31 -22.77 -9.86
N LEU M 182 -29.50 -22.78 -10.93
CA LEU M 182 -29.48 -23.91 -11.85
C LEU M 182 -29.07 -25.19 -11.14
N ASP M 183 -27.99 -25.15 -10.37
CA ASP M 183 -27.55 -26.33 -9.65
C ASP M 183 -28.46 -26.64 -8.48
N THR M 184 -29.19 -25.65 -7.98
CA THR M 184 -30.18 -25.92 -6.95
C THR M 184 -31.30 -26.78 -7.51
N ILE M 185 -31.81 -26.39 -8.68
CA ILE M 185 -32.80 -27.18 -9.42
C ILE M 185 -32.25 -28.57 -9.70
N LEU M 186 -30.97 -28.66 -10.09
CA LEU M 186 -30.37 -29.96 -10.34
C LEU M 186 -30.23 -30.79 -9.08
N ASN M 187 -30.07 -30.16 -7.91
CA ASN M 187 -30.09 -30.92 -6.67
C ASN M 187 -31.48 -31.48 -6.40
N GLN M 188 -32.51 -30.76 -6.81
CA GLN M 188 -33.87 -31.22 -6.51
C GLN M 188 -34.26 -32.52 -7.23
N LYS M 189 -33.43 -32.97 -8.16
CA LYS M 189 -33.55 -34.29 -8.79
C LYS M 189 -33.54 -35.43 -7.76
N ARG M 190 -32.90 -35.25 -6.60
CA ARG M 190 -32.85 -36.29 -5.58
C ARG M 190 -34.22 -36.70 -5.10
N TRP M 191 -35.07 -35.73 -4.78
CA TRP M 191 -36.38 -36.04 -4.27
C TRP M 191 -37.44 -36.04 -5.34
N ASN M 192 -37.21 -35.36 -6.46
CA ASN M 192 -38.16 -35.47 -7.54
C ASN M 192 -38.09 -36.83 -8.22
N ASN M 193 -36.96 -37.52 -8.09
CA ASN M 193 -36.95 -38.94 -8.40
C ASN M 193 -37.64 -39.76 -7.32
N GLY M 194 -37.75 -39.22 -6.11
CA GLY M 194 -38.37 -39.95 -5.02
C GLY M 194 -39.89 -40.04 -5.11
N SER M 195 -40.54 -40.18 -3.97
CA SER M 195 -41.97 -40.43 -3.96
C SER M 195 -42.76 -39.54 -3.02
N ASP M 196 -42.19 -39.12 -1.91
CA ASP M 196 -42.91 -38.25 -1.00
C ASP M 196 -43.01 -36.84 -1.56
N GLU M 197 -44.25 -36.36 -1.71
CA GLU M 197 -44.47 -35.06 -2.33
C GLU M 197 -43.98 -33.93 -1.43
N SER M 198 -44.10 -34.10 -0.12
CA SER M 198 -43.55 -33.08 0.77
C SER M 198 -42.04 -33.04 0.74
N LYS M 199 -41.39 -34.16 0.42
CA LYS M 199 -39.99 -34.11 0.04
C LYS M 199 -39.77 -33.55 -1.35
N LYS M 200 -40.71 -33.72 -2.26
CA LYS M 200 -40.56 -33.17 -3.60
C LYS M 200 -40.65 -31.65 -3.57
N LEU M 201 -40.15 -31.04 -4.64
CA LEU M 201 -40.02 -29.59 -4.71
C LEU M 201 -39.90 -29.23 -6.18
N TYR M 202 -40.85 -28.45 -6.67
CA TYR M 202 -41.00 -28.27 -8.10
C TYR M 202 -40.41 -26.94 -8.54
N CYS M 203 -39.83 -26.93 -9.73
CA CYS M 203 -38.95 -25.85 -10.14
C CYS M 203 -39.55 -25.07 -11.31
N VAL M 204 -39.64 -23.76 -11.15
CA VAL M 204 -40.05 -22.84 -12.20
C VAL M 204 -38.94 -21.83 -12.38
N TYR M 205 -38.36 -21.80 -13.56
CA TYR M 205 -37.33 -20.84 -13.91
C TYR M 205 -37.90 -19.81 -14.87
N VAL M 206 -37.63 -18.54 -14.58
CA VAL M 206 -38.25 -17.43 -15.29
C VAL M 206 -37.12 -16.65 -15.93
N ALA M 207 -36.85 -16.94 -17.20
CA ALA M 207 -35.84 -16.18 -17.93
C ALA M 207 -36.53 -15.04 -18.65
N VAL M 208 -36.20 -13.81 -18.27
CA VAL M 208 -36.80 -12.64 -18.88
C VAL M 208 -35.69 -11.82 -19.52
N GLY M 209 -36.00 -11.21 -20.66
CA GLY M 209 -35.12 -10.28 -21.34
C GLY M 209 -33.79 -10.83 -21.78
N GLN M 210 -33.65 -12.14 -21.92
CA GLN M 210 -32.35 -12.71 -22.17
C GLN M 210 -32.25 -13.25 -23.58
N LYS M 211 -31.13 -13.90 -23.87
CA LYS M 211 -30.93 -14.41 -25.20
C LYS M 211 -31.62 -15.75 -25.37
N ARG M 212 -32.31 -15.89 -26.51
CA ARG M 212 -33.03 -17.12 -26.81
C ARG M 212 -32.08 -18.30 -26.93
N SER M 213 -30.88 -18.04 -27.43
CA SER M 213 -29.84 -19.06 -27.45
C SER M 213 -29.46 -19.49 -26.04
N THR M 214 -29.38 -18.54 -25.11
CA THR M 214 -29.05 -18.86 -23.74
C THR M 214 -30.13 -19.70 -23.09
N VAL M 215 -31.39 -19.34 -23.32
CA VAL M 215 -32.49 -20.09 -22.77
C VAL M 215 -32.57 -21.48 -23.39
N ALA M 216 -32.26 -21.57 -24.68
CA ALA M 216 -32.26 -22.85 -25.37
C ALA M 216 -31.19 -23.77 -24.82
N GLN M 217 -30.00 -23.22 -24.56
CA GLN M 217 -28.95 -24.03 -23.97
C GLN M 217 -29.28 -24.42 -22.54
N LEU M 218 -29.96 -23.56 -21.81
CA LEU M 218 -30.37 -23.89 -20.46
C LEU M 218 -31.39 -25.02 -20.43
N VAL M 219 -32.39 -24.94 -21.30
CA VAL M 219 -33.39 -26.00 -21.42
C VAL M 219 -32.75 -27.30 -21.88
N GLN M 220 -31.80 -27.19 -22.81
CA GLN M 220 -31.01 -28.33 -23.25
C GLN M 220 -30.26 -28.97 -22.10
N THR M 221 -29.65 -28.15 -21.25
CA THR M 221 -28.88 -28.66 -20.13
C THR M 221 -29.78 -29.31 -19.10
N LEU M 222 -30.95 -28.74 -18.87
CA LEU M 222 -31.90 -29.34 -17.95
C LEU M 222 -32.50 -30.63 -18.49
N GLU M 223 -32.56 -30.79 -19.80
CA GLU M 223 -32.88 -32.09 -20.36
C GLU M 223 -31.74 -33.08 -20.25
N GLN M 224 -30.49 -32.60 -20.29
CA GLN M 224 -29.35 -33.52 -20.18
C GLN M 224 -29.28 -34.14 -18.79
N HIS M 225 -29.41 -33.32 -17.76
CA HIS M 225 -29.44 -33.83 -16.40
C HIS M 225 -30.83 -34.33 -16.00
N ASP M 226 -31.80 -34.22 -16.89
CA ASP M 226 -33.19 -34.65 -16.71
C ASP M 226 -33.80 -33.98 -15.47
N ALA M 227 -33.81 -32.66 -15.53
CA ALA M 227 -34.61 -31.89 -14.59
C ALA M 227 -35.93 -31.48 -15.19
N MET M 228 -36.14 -31.76 -16.47
CA MET M 228 -37.26 -31.25 -17.23
C MET M 228 -38.59 -31.82 -16.77
N LYS M 229 -38.60 -33.04 -16.24
CA LYS M 229 -39.81 -33.66 -15.74
C LYS M 229 -40.38 -32.97 -14.51
N TYR M 230 -39.63 -32.07 -13.89
CA TYR M 230 -40.20 -31.22 -12.85
C TYR M 230 -39.94 -29.74 -13.11
N SER M 231 -39.64 -29.35 -14.35
CA SER M 231 -39.25 -27.99 -14.63
C SER M 231 -40.32 -27.27 -15.45
N ILE M 232 -40.43 -25.97 -15.22
CA ILE M 232 -41.29 -25.10 -16.01
C ILE M 232 -40.52 -23.84 -16.35
N ILE M 233 -40.36 -23.58 -17.64
CA ILE M 233 -39.57 -22.46 -18.12
C ILE M 233 -40.50 -21.40 -18.66
N VAL M 234 -40.34 -20.17 -18.18
CA VAL M 234 -41.10 -19.04 -18.69
C VAL M 234 -40.12 -18.12 -19.41
N ALA M 235 -40.30 -17.98 -20.72
CA ALA M 235 -39.40 -17.22 -21.56
C ALA M 235 -40.01 -15.88 -21.92
N ALA M 236 -39.29 -14.81 -21.60
CA ALA M 236 -39.67 -13.44 -21.89
C ALA M 236 -38.47 -12.70 -22.46
N THR M 237 -37.92 -13.28 -23.51
CA THR M 237 -36.64 -12.87 -24.07
C THR M 237 -36.63 -11.44 -24.57
N ALA M 238 -35.42 -10.91 -24.79
CA ALA M 238 -35.17 -9.51 -25.06
C ALA M 238 -35.78 -9.03 -26.37
N SER M 239 -36.04 -9.92 -27.33
CA SER M 239 -36.69 -9.50 -28.56
C SER M 239 -38.15 -9.13 -28.30
N GLU M 240 -38.75 -9.72 -27.28
CA GLU M 240 -40.16 -9.58 -27.07
C GLU M 240 -40.48 -8.23 -26.46
N ALA M 241 -41.77 -7.94 -26.35
CA ALA M 241 -42.21 -6.64 -25.89
C ALA M 241 -41.97 -6.49 -24.39
N ALA M 242 -41.68 -5.27 -24.00
CA ALA M 242 -41.56 -4.86 -22.61
C ALA M 242 -42.75 -5.21 -21.71
N PRO M 243 -44.03 -5.11 -22.13
CA PRO M 243 -45.09 -5.57 -21.23
C PRO M 243 -45.10 -7.05 -21.00
N LEU M 244 -44.63 -7.84 -21.96
CA LEU M 244 -44.50 -9.27 -21.75
C LEU M 244 -43.49 -9.55 -20.65
N GLN M 245 -42.38 -8.81 -20.66
CA GLN M 245 -41.36 -8.99 -19.64
C GLN M 245 -41.83 -8.45 -18.31
N TYR M 246 -42.64 -7.40 -18.34
CA TYR M 246 -43.34 -6.93 -17.16
C TYR M 246 -44.27 -7.98 -16.58
N LEU M 247 -44.96 -8.71 -17.44
CA LEU M 247 -46.09 -9.51 -17.03
C LEU M 247 -45.72 -10.91 -16.61
N ALA M 248 -44.75 -11.50 -17.31
CA ALA M 248 -44.40 -12.92 -17.12
C ALA M 248 -44.09 -13.38 -15.69
N PRO M 249 -43.33 -12.65 -14.84
CA PRO M 249 -43.11 -13.17 -13.49
C PRO M 249 -44.36 -13.26 -12.65
N PHE M 250 -45.33 -12.39 -12.89
CA PHE M 250 -46.61 -12.51 -12.19
C PHE M 250 -47.32 -13.79 -12.58
N THR M 251 -47.24 -14.15 -13.85
CA THR M 251 -47.86 -15.38 -14.33
C THR M 251 -47.19 -16.60 -13.73
N ALA M 252 -45.87 -16.59 -13.69
CA ALA M 252 -45.17 -17.70 -13.06
C ALA M 252 -45.42 -17.74 -11.56
N ALA M 253 -45.63 -16.58 -10.95
CA ALA M 253 -46.04 -16.54 -9.55
C ALA M 253 -47.41 -17.15 -9.36
N SER M 254 -48.31 -16.97 -10.33
CA SER M 254 -49.60 -17.63 -10.25
C SER M 254 -49.45 -19.14 -10.39
N ILE M 255 -48.48 -19.58 -11.21
CA ILE M 255 -48.22 -21.00 -11.33
C ILE M 255 -47.69 -21.56 -10.01
N GLY M 256 -46.79 -20.82 -9.38
CA GLY M 256 -46.29 -21.23 -8.08
C GLY M 256 -47.38 -21.25 -7.02
N GLU M 257 -48.33 -20.33 -7.13
CA GLU M 257 -49.48 -20.36 -6.24
C GLU M 257 -50.37 -21.55 -6.51
N TRP M 258 -50.47 -21.98 -7.78
CA TRP M 258 -51.23 -23.18 -8.08
C TRP M 258 -50.62 -24.39 -7.41
N PHE M 259 -49.30 -24.50 -7.47
CA PHE M 259 -48.64 -25.60 -6.77
C PHE M 259 -48.73 -25.48 -5.27
N ARG M 260 -48.65 -24.25 -4.75
CA ARG M 260 -48.64 -24.05 -3.31
C ARG M 260 -50.01 -24.31 -2.71
N ASP M 261 -51.06 -23.94 -3.44
CA ASP M 261 -52.40 -24.11 -2.92
C ASP M 261 -52.90 -25.53 -3.08
N ASN M 262 -52.15 -26.38 -3.78
CA ASN M 262 -52.41 -27.81 -3.79
C ASN M 262 -51.68 -28.51 -2.65
N GLY M 263 -51.14 -27.76 -1.70
CA GLY M 263 -50.41 -28.33 -0.59
C GLY M 263 -48.96 -28.64 -0.91
N LYS M 264 -48.62 -28.65 -2.19
CA LYS M 264 -47.30 -29.06 -2.62
C LYS M 264 -46.28 -27.98 -2.33
N HIS M 265 -45.03 -28.31 -2.61
CA HIS M 265 -43.92 -27.39 -2.41
C HIS M 265 -43.29 -27.07 -3.75
N ALA M 266 -42.97 -25.81 -3.97
CA ALA M 266 -42.51 -25.39 -5.28
C ALA M 266 -41.47 -24.29 -5.15
N LEU M 267 -40.61 -24.21 -6.15
CA LEU M 267 -39.55 -23.23 -6.20
C LEU M 267 -39.70 -22.39 -7.46
N ILE M 268 -39.68 -21.07 -7.29
CA ILE M 268 -39.66 -20.16 -8.42
C ILE M 268 -38.34 -19.41 -8.38
N VAL M 269 -37.81 -19.13 -9.57
CA VAL M 269 -36.53 -18.43 -9.72
C VAL M 269 -36.74 -17.30 -10.70
N TYR M 270 -36.50 -16.07 -10.25
CA TYR M 270 -36.63 -14.90 -11.10
C TYR M 270 -35.27 -14.53 -11.65
N ASP M 271 -35.18 -14.36 -12.97
CA ASP M 271 -33.90 -14.02 -13.59
C ASP M 271 -34.18 -13.24 -14.85
N ASP M 272 -34.06 -11.91 -14.79
CA ASP M 272 -33.76 -11.18 -13.56
C ASP M 272 -34.81 -10.12 -13.31
N LEU M 273 -34.94 -9.66 -12.08
CA LEU M 273 -35.88 -8.58 -11.84
C LEU M 273 -35.36 -7.24 -12.35
N SER M 274 -34.05 -7.14 -12.56
CA SER M 274 -33.42 -5.94 -13.07
C SER M 274 -33.95 -5.54 -14.44
N LYS M 275 -34.00 -6.45 -15.39
CA LYS M 275 -34.59 -6.16 -16.68
C LYS M 275 -36.09 -5.93 -16.60
N GLN M 276 -36.77 -6.53 -15.62
CA GLN M 276 -38.18 -6.26 -15.45
C GLN M 276 -38.40 -4.81 -15.02
N ALA M 277 -37.53 -4.29 -14.18
CA ALA M 277 -37.57 -2.87 -13.84
C ALA M 277 -37.32 -2.00 -15.06
N VAL M 278 -36.45 -2.45 -15.98
CA VAL M 278 -36.19 -1.71 -17.20
C VAL M 278 -37.44 -1.67 -18.07
N ALA M 279 -38.09 -2.81 -18.22
CA ALA M 279 -39.32 -2.89 -18.98
C ALA M 279 -40.42 -2.06 -18.35
N TYR M 280 -40.47 -2.03 -17.03
CA TYR M 280 -41.54 -1.30 -16.36
C TYR M 280 -41.34 0.20 -16.45
N ARG M 281 -40.11 0.67 -16.33
CA ARG M 281 -39.90 2.09 -16.53
C ARG M 281 -40.05 2.45 -18.00
N GLN M 282 -39.79 1.52 -18.91
CA GLN M 282 -40.10 1.73 -20.31
C GLN M 282 -41.59 1.90 -20.53
N LEU M 283 -42.39 1.11 -19.83
CA LEU M 283 -43.84 1.29 -19.84
C LEU M 283 -44.25 2.63 -19.30
N SER M 284 -43.81 2.96 -18.10
CA SER M 284 -44.24 4.16 -17.41
C SER M 284 -43.81 5.44 -18.10
N LEU M 285 -42.63 5.45 -18.72
CA LEU M 285 -42.23 6.59 -19.52
C LEU M 285 -43.03 6.69 -20.81
N LEU M 286 -43.46 5.56 -21.36
CA LEU M 286 -44.37 5.61 -22.47
C LEU M 286 -45.81 5.78 -22.02
N LEU M 287 -46.06 5.75 -20.71
CA LEU M 287 -47.32 6.19 -20.15
C LEU M 287 -47.31 7.67 -19.83
N ARG M 288 -46.22 8.37 -20.20
CA ARG M 288 -45.96 9.77 -19.87
C ARG M 288 -46.00 10.05 -18.38
N ARG M 289 -45.77 9.04 -17.56
CA ARG M 289 -45.78 9.23 -16.12
C ARG M 289 -44.42 9.73 -15.67
N PRO M 290 -44.35 10.58 -14.67
CA PRO M 290 -43.07 11.17 -14.26
C PRO M 290 -42.22 10.15 -13.53
N PRO M 291 -40.92 10.14 -13.80
CA PRO M 291 -40.03 9.23 -13.09
C PRO M 291 -39.58 9.83 -11.77
N GLY M 292 -38.85 9.02 -11.02
CA GLY M 292 -38.25 9.49 -9.78
C GLY M 292 -36.76 9.25 -9.77
N ARG M 293 -36.28 8.48 -8.81
CA ARG M 293 -34.84 8.26 -8.68
C ARG M 293 -34.34 7.35 -9.79
N GLU M 294 -33.24 7.77 -10.43
CA GLU M 294 -32.59 7.04 -11.52
C GLU M 294 -33.54 6.75 -12.67
N ALA M 295 -34.44 7.71 -12.93
CA ALA M 295 -35.51 7.62 -13.90
C ALA M 295 -36.39 6.39 -13.71
N TYR M 296 -36.74 6.10 -12.50
CA TYR M 296 -37.73 5.05 -12.34
C TYR M 296 -39.01 5.66 -11.77
N PRO M 297 -40.17 5.16 -12.16
CA PRO M 297 -41.40 5.54 -11.47
C PRO M 297 -41.39 4.99 -10.06
N GLY M 298 -42.00 5.76 -9.14
CA GLY M 298 -41.86 5.47 -7.73
C GLY M 298 -42.54 4.21 -7.26
N ASP M 299 -43.42 3.64 -8.08
CA ASP M 299 -44.14 2.42 -7.74
C ASP M 299 -43.34 1.16 -8.04
N VAL M 300 -42.10 1.32 -8.52
CA VAL M 300 -41.32 0.14 -8.88
C VAL M 300 -40.90 -0.65 -7.66
N PHE M 301 -40.81 0.00 -6.51
CA PHE M 301 -40.73 -0.72 -5.25
C PHE M 301 -41.98 -1.54 -5.01
N TYR M 302 -43.16 -0.94 -5.22
CA TYR M 302 -44.42 -1.66 -5.08
C TYR M 302 -44.54 -2.78 -6.09
N LEU M 303 -43.91 -2.64 -7.25
CA LEU M 303 -43.97 -3.65 -8.28
C LEU M 303 -43.34 -4.97 -7.80
N HIS M 304 -42.06 -4.93 -7.49
CA HIS M 304 -41.36 -6.12 -7.03
C HIS M 304 -41.84 -6.56 -5.66
N SER M 305 -42.31 -5.61 -4.85
CA SER M 305 -43.02 -5.94 -3.63
C SER M 305 -44.20 -6.86 -3.87
N ARG M 306 -45.18 -6.36 -4.62
CA ARG M 306 -46.42 -7.09 -4.89
C ARG M 306 -46.15 -8.35 -5.70
N LEU M 307 -45.03 -8.43 -6.40
CA LEU M 307 -44.60 -9.69 -6.96
C LEU M 307 -44.16 -10.66 -5.86
N LEU M 308 -43.16 -10.28 -5.08
CA LEU M 308 -42.51 -11.25 -4.20
C LEU M 308 -43.30 -11.55 -2.95
N GLU M 309 -44.33 -10.77 -2.65
CA GLU M 309 -45.16 -11.11 -1.50
C GLU M 309 -46.00 -12.35 -1.72
N ARG M 310 -46.14 -12.82 -2.95
CA ARG M 310 -46.90 -14.04 -3.19
C ARG M 310 -46.02 -15.26 -3.13
N ALA M 311 -45.25 -15.39 -2.06
CA ALA M 311 -44.35 -16.53 -1.89
C ALA M 311 -44.07 -16.68 -0.40
N ALA M 312 -44.61 -17.73 0.20
CA ALA M 312 -44.42 -17.98 1.62
C ALA M 312 -44.73 -19.45 1.90
N LYS M 313 -44.73 -19.80 3.18
CA LYS M 313 -45.08 -21.13 3.65
C LYS M 313 -46.50 -21.08 4.21
N LEU M 314 -47.39 -21.85 3.61
CA LEU M 314 -48.75 -21.93 4.12
C LEU M 314 -48.77 -22.72 5.42
N SER M 315 -49.77 -22.45 6.24
CA SER M 315 -49.95 -23.20 7.46
C SER M 315 -50.61 -24.53 7.15
N GLU M 316 -50.80 -25.35 8.18
CA GLU M 316 -51.45 -26.64 8.03
C GLU M 316 -52.92 -26.50 7.70
N LYS M 317 -53.53 -25.37 8.09
CA LYS M 317 -54.90 -25.09 7.70
C LYS M 317 -55.05 -24.97 6.20
N GLU M 318 -54.02 -24.47 5.52
CA GLU M 318 -54.04 -24.36 4.07
C GLU M 318 -53.46 -25.57 3.37
N GLY M 319 -52.95 -26.55 4.11
CA GLY M 319 -52.43 -27.73 3.46
C GLY M 319 -50.92 -27.74 3.41
N SER M 320 -50.30 -26.79 4.12
CA SER M 320 -48.86 -26.69 4.30
C SER M 320 -48.12 -26.59 2.98
N GLY M 321 -48.68 -25.85 2.03
CA GLY M 321 -47.97 -25.54 0.82
C GLY M 321 -46.87 -24.53 1.07
N SER M 322 -45.96 -24.45 0.12
CA SER M 322 -44.89 -23.46 0.23
C SER M 322 -44.51 -23.02 -1.17
N LEU M 323 -43.91 -21.83 -1.23
CA LEU M 323 -43.38 -21.34 -2.49
C LEU M 323 -42.17 -20.48 -2.21
N THR M 324 -41.01 -20.96 -2.62
CA THR M 324 -39.75 -20.30 -2.34
C THR M 324 -39.32 -19.54 -3.59
N ALA M 325 -38.78 -18.35 -3.40
CA ALA M 325 -38.47 -17.45 -4.49
C ALA M 325 -36.98 -17.11 -4.51
N LEU M 326 -36.39 -17.16 -5.70
CA LEU M 326 -34.99 -16.80 -5.90
C LEU M 326 -34.91 -15.68 -6.92
N PRO M 327 -34.96 -14.44 -6.48
CA PRO M 327 -34.73 -13.33 -7.40
C PRO M 327 -33.25 -13.15 -7.70
N VAL M 328 -32.97 -12.61 -8.87
CA VAL M 328 -31.62 -12.32 -9.32
C VAL M 328 -31.55 -10.84 -9.67
N ILE M 329 -30.56 -10.14 -9.12
CA ILE M 329 -30.35 -8.74 -9.41
C ILE M 329 -28.94 -8.55 -9.94
N GLU M 330 -28.84 -8.10 -11.18
CA GLU M 330 -27.58 -7.69 -11.75
C GLU M 330 -27.33 -6.25 -11.33
N THR M 331 -26.24 -6.00 -10.62
CA THR M 331 -25.92 -4.63 -10.24
C THR M 331 -24.88 -4.07 -11.21
N GLN M 332 -24.36 -2.90 -10.89
CA GLN M 332 -23.38 -2.21 -11.74
C GLN M 332 -22.11 -2.04 -10.93
N GLY M 333 -21.12 -2.89 -11.20
CA GLY M 333 -19.81 -2.77 -10.59
C GLY M 333 -19.78 -2.99 -9.10
N GLY M 334 -20.53 -3.98 -8.62
CA GLY M 334 -20.54 -4.27 -7.21
C GLY M 334 -21.24 -3.25 -6.35
N ASP M 335 -22.02 -2.36 -6.95
CA ASP M 335 -22.76 -1.37 -6.18
C ASP M 335 -23.93 -2.02 -5.47
N VAL M 336 -24.08 -1.68 -4.20
CA VAL M 336 -25.25 -2.08 -3.43
C VAL M 336 -26.01 -0.85 -2.93
N SER M 337 -25.92 0.25 -3.66
CA SER M 337 -26.58 1.47 -3.26
C SER M 337 -27.30 2.10 -4.43
N ALA M 338 -27.55 1.33 -5.48
CA ALA M 338 -28.42 1.79 -6.55
C ALA M 338 -29.86 1.68 -6.06
N TYR M 339 -30.77 2.36 -6.74
CA TYR M 339 -32.14 2.46 -6.24
C TYR M 339 -32.89 1.14 -6.35
N ILE M 340 -32.66 0.39 -7.42
CA ILE M 340 -33.34 -0.87 -7.64
C ILE M 340 -32.95 -1.96 -6.62
N PRO M 341 -31.67 -2.26 -6.34
CA PRO M 341 -31.39 -3.35 -5.40
C PRO M 341 -31.76 -3.03 -3.97
N THR M 342 -31.54 -1.80 -3.52
CA THR M 342 -31.89 -1.37 -2.17
C THR M 342 -33.37 -1.50 -1.88
N ASN M 343 -34.20 -1.40 -2.89
CA ASN M 343 -35.59 -1.80 -2.79
C ASN M 343 -35.76 -3.28 -2.56
N VAL M 344 -35.06 -4.11 -3.33
CA VAL M 344 -35.23 -5.55 -3.25
C VAL M 344 -34.71 -6.07 -1.92
N ILE M 345 -33.61 -5.48 -1.45
CA ILE M 345 -33.03 -5.84 -0.16
C ILE M 345 -34.00 -5.54 0.97
N SER M 346 -34.78 -4.49 0.82
CA SER M 346 -35.83 -4.17 1.78
C SER M 346 -37.02 -5.11 1.67
N ILE M 347 -37.03 -6.04 0.73
CA ILE M 347 -38.16 -6.93 0.56
C ILE M 347 -37.77 -8.35 0.95
N THR M 348 -36.64 -8.83 0.43
CA THR M 348 -36.29 -10.23 0.59
C THR M 348 -35.83 -10.53 2.00
N ASP M 349 -35.75 -11.82 2.31
CA ASP M 349 -35.40 -12.29 3.64
C ASP M 349 -33.91 -12.52 3.81
N GLY M 350 -33.09 -11.92 2.95
CA GLY M 350 -31.66 -12.14 3.02
C GLY M 350 -30.98 -12.03 1.68
N GLN M 351 -29.67 -12.14 1.66
CA GLN M 351 -28.86 -11.80 0.50
C GLN M 351 -27.84 -12.90 0.25
N ILE M 352 -27.53 -13.11 -1.01
CA ILE M 352 -26.41 -13.95 -1.42
C ILE M 352 -25.59 -13.10 -2.37
N PHE M 353 -24.57 -12.45 -1.86
CA PHE M 353 -23.77 -11.54 -2.65
C PHE M 353 -22.70 -12.35 -3.38
N LEU M 354 -22.54 -12.11 -4.68
CA LEU M 354 -21.44 -12.72 -5.40
C LEU M 354 -20.41 -11.65 -5.76
N GLU M 355 -19.26 -11.73 -5.11
CA GLU M 355 -18.16 -10.82 -5.41
C GLU M 355 -17.54 -11.14 -6.76
N ALA M 356 -17.32 -10.09 -7.56
CA ALA M 356 -16.72 -10.28 -8.87
C ALA M 356 -15.27 -10.71 -8.79
N GLU M 357 -14.57 -10.30 -7.73
CA GLU M 357 -13.14 -10.60 -7.64
C GLU M 357 -12.88 -12.05 -7.32
N LEU M 358 -13.77 -12.68 -6.54
CA LEU M 358 -13.59 -14.07 -6.18
C LEU M 358 -13.73 -14.96 -7.40
N PHE M 359 -14.72 -14.68 -8.24
CA PHE M 359 -14.82 -15.39 -9.51
C PHE M 359 -13.71 -14.96 -10.45
N TYR M 360 -13.22 -13.73 -10.30
CA TYR M 360 -12.04 -13.33 -11.03
C TYR M 360 -10.81 -14.09 -10.55
N LYS M 361 -10.80 -14.50 -9.28
CA LYS M 361 -9.83 -15.47 -8.81
C LYS M 361 -10.23 -16.90 -9.10
N GLY M 362 -11.28 -17.10 -9.88
CA GLY M 362 -11.74 -18.44 -10.22
C GLY M 362 -12.48 -19.15 -9.13
N ILE M 363 -12.67 -18.53 -7.97
CA ILE M 363 -13.35 -19.17 -6.85
C ILE M 363 -14.83 -19.24 -7.19
N ARG M 364 -15.26 -20.37 -7.67
CA ARG M 364 -16.63 -20.56 -8.06
C ARG M 364 -17.28 -21.62 -7.17
N PRO M 365 -18.32 -21.27 -6.40
CA PRO M 365 -19.06 -20.01 -6.25
C PRO M 365 -18.30 -18.88 -5.58
N ALA M 366 -18.59 -17.66 -6.01
CA ALA M 366 -17.85 -16.47 -5.59
C ALA M 366 -18.56 -15.76 -4.44
N ILE M 367 -18.78 -16.52 -3.37
CA ILE M 367 -19.64 -16.04 -2.29
C ILE M 367 -18.85 -15.14 -1.38
N ASN M 368 -19.29 -13.89 -1.25
CA ASN M 368 -18.84 -13.05 -0.15
C ASN M 368 -19.68 -13.38 1.07
N VAL M 369 -19.08 -14.07 2.03
CA VAL M 369 -19.81 -14.48 3.22
C VAL M 369 -20.16 -13.28 4.08
N GLY M 370 -19.26 -12.30 4.14
CA GLY M 370 -19.45 -11.12 4.96
C GLY M 370 -20.64 -10.26 4.57
N LEU M 371 -21.06 -10.31 3.32
CA LEU M 371 -22.28 -9.65 2.91
C LEU M 371 -23.48 -10.58 2.86
N SER M 372 -23.27 -11.83 2.49
CA SER M 372 -24.39 -12.73 2.28
C SER M 372 -24.89 -13.25 3.61
N VAL M 373 -26.20 -13.21 3.81
CA VAL M 373 -26.82 -13.66 5.05
C VAL M 373 -28.26 -14.03 4.74
N SER M 374 -28.82 -14.89 5.58
CA SER M 374 -30.25 -15.15 5.59
C SER M 374 -30.76 -14.79 6.97
N ARG M 375 -32.04 -14.45 7.05
CA ARG M 375 -32.58 -14.03 8.33
C ARG M 375 -33.16 -15.16 9.15
N VAL M 376 -33.99 -16.02 8.56
CA VAL M 376 -34.66 -17.07 9.34
C VAL M 376 -34.27 -18.45 8.83
N GLY M 377 -33.14 -18.52 8.12
CA GLY M 377 -32.69 -19.79 7.58
C GLY M 377 -32.24 -20.77 8.65
N SER M 378 -31.74 -20.24 9.76
CA SER M 378 -31.23 -21.09 10.84
C SER M 378 -32.34 -21.89 11.50
N ALA M 379 -33.57 -21.40 11.45
CA ALA M 379 -34.71 -22.16 11.93
C ALA M 379 -35.02 -23.38 11.06
N ALA M 380 -34.63 -23.35 9.80
CA ALA M 380 -34.88 -24.49 8.93
C ALA M 380 -33.61 -25.06 8.32
N GLN M 381 -32.47 -24.90 8.97
CA GLN M 381 -31.28 -25.60 8.50
C GLN M 381 -31.43 -27.09 8.85
N VAL M 382 -30.75 -27.93 8.08
CA VAL M 382 -30.62 -29.34 8.44
C VAL M 382 -29.92 -29.44 9.79
N LYS M 383 -30.51 -30.25 10.68
CA LYS M 383 -30.12 -30.27 12.08
C LYS M 383 -28.67 -30.72 12.27
N ALA M 384 -28.20 -31.66 11.44
CA ALA M 384 -26.80 -32.04 11.48
C ALA M 384 -25.91 -30.88 11.06
N LEU M 385 -26.30 -30.18 9.99
CA LEU M 385 -25.55 -29.02 9.54
C LEU M 385 -25.59 -27.91 10.57
N LYS M 386 -26.73 -27.79 11.26
CA LYS M 386 -26.83 -26.84 12.36
C LYS M 386 -25.91 -27.23 13.51
N GLN M 387 -25.69 -28.53 13.69
CA GLN M 387 -24.75 -28.97 14.71
C GLN M 387 -23.31 -28.69 14.33
N VAL M 388 -22.96 -28.87 13.06
CA VAL M 388 -21.55 -28.91 12.69
C VAL M 388 -21.07 -27.59 12.13
N ALA M 389 -21.96 -26.61 11.94
CA ALA M 389 -21.49 -25.37 11.33
C ALA M 389 -21.62 -24.18 12.28
N GLY M 390 -21.80 -24.43 13.57
CA GLY M 390 -21.91 -23.35 14.53
C GLY M 390 -20.66 -22.51 14.68
N SER M 391 -19.49 -23.14 14.74
CA SER M 391 -18.24 -22.41 14.77
C SER M 391 -17.77 -22.00 13.39
N LEU M 392 -18.44 -22.48 12.36
CA LEU M 392 -17.90 -22.35 11.01
C LEU M 392 -17.97 -20.92 10.50
N LYS M 393 -19.14 -20.28 10.59
CA LYS M 393 -19.26 -18.90 10.17
C LYS M 393 -18.43 -17.97 11.04
N LEU M 394 -18.34 -18.30 12.32
CA LEU M 394 -17.47 -17.57 13.23
C LEU M 394 -16.01 -17.69 12.82
N PHE M 395 -15.58 -18.89 12.46
CA PHE M 395 -14.19 -19.08 12.07
C PHE M 395 -13.90 -18.44 10.73
N LEU M 396 -14.90 -18.40 9.84
CA LEU M 396 -14.67 -17.78 8.54
C LEU M 396 -14.65 -16.27 8.63
N ALA M 397 -15.49 -15.69 9.48
CA ALA M 397 -15.39 -14.26 9.75
C ALA M 397 -14.07 -13.94 10.45
N GLN M 398 -13.61 -14.86 11.30
CA GLN M 398 -12.32 -14.70 11.97
C GLN M 398 -11.17 -14.71 10.98
N TYR M 399 -11.20 -15.66 10.06
CA TYR M 399 -10.21 -15.71 8.98
C TYR M 399 -10.31 -14.50 8.07
N ARG M 400 -11.52 -13.97 7.89
CA ARG M 400 -11.69 -12.75 7.12
C ARG M 400 -11.08 -11.56 7.85
N GLU M 401 -11.09 -11.58 9.18
CA GLU M 401 -10.47 -10.50 9.94
C GLU M 401 -8.97 -10.49 9.73
N VAL M 402 -8.35 -11.67 9.73
CA VAL M 402 -6.92 -11.77 9.49
C VAL M 402 -6.61 -11.93 8.00
N ALA M 403 -7.64 -11.85 7.14
CA ALA M 403 -7.39 -11.89 5.71
C ALA M 403 -6.71 -10.61 5.24
N ALA M 404 -7.37 -9.47 5.44
CA ALA M 404 -6.78 -8.19 5.12
C ALA M 404 -5.67 -7.80 6.08
N PHE M 405 -5.61 -8.41 7.26
CA PHE M 405 -4.55 -8.12 8.20
C PHE M 405 -3.22 -8.75 7.81
N ALA M 406 -3.24 -9.87 7.12
CA ALA M 406 -2.01 -10.60 6.79
C ALA M 406 -1.36 -10.15 5.49
N GLN M 407 -1.92 -9.13 4.83
CA GLN M 407 -1.35 -8.68 3.56
C GLN M 407 -0.05 -7.91 3.74
N PHE M 408 0.29 -7.51 4.96
CA PHE M 408 1.46 -6.67 5.18
C PHE M 408 2.74 -7.48 5.29
N GLY M 409 2.65 -8.80 5.24
CA GLY M 409 3.82 -9.64 5.31
C GLY M 409 4.42 -9.81 6.68
N SER M 410 3.80 -9.27 7.71
CA SER M 410 4.31 -9.39 9.07
C SER M 410 4.01 -10.77 9.62
N ASP M 411 5.01 -11.38 10.24
CA ASP M 411 4.83 -12.68 10.87
C ASP M 411 3.96 -12.57 12.11
N LEU M 412 3.30 -13.67 12.46
CA LEU M 412 2.32 -13.62 13.54
C LEU M 412 2.44 -14.81 14.48
N ASP M 413 1.60 -14.85 15.52
CA ASP M 413 1.61 -15.93 16.48
C ASP M 413 0.96 -17.17 15.87
N ALA M 414 1.07 -18.30 16.57
CA ALA M 414 0.56 -19.57 16.07
C ALA M 414 -0.96 -19.60 16.05
N SER M 415 -1.62 -18.76 16.85
CA SER M 415 -3.08 -18.73 16.84
C SER M 415 -3.60 -18.10 15.56
N THR M 416 -3.15 -16.89 15.24
CA THR M 416 -3.64 -16.22 14.04
C THR M 416 -3.10 -16.86 12.77
N LYS M 417 -1.87 -17.38 12.80
CA LYS M 417 -1.38 -18.13 11.64
C LYS M 417 -2.13 -19.46 11.49
N GLN M 418 -2.54 -20.04 12.61
CA GLN M 418 -3.37 -21.24 12.57
C GLN M 418 -4.72 -20.96 11.91
N THR M 419 -5.36 -19.87 12.33
CA THR M 419 -6.60 -19.44 11.70
C THR M 419 -6.39 -19.10 10.23
N LEU M 420 -5.24 -18.52 9.90
CA LEU M 420 -4.90 -18.20 8.52
C LEU M 420 -4.83 -19.46 7.67
N VAL M 421 -4.09 -20.47 8.14
CA VAL M 421 -3.93 -21.71 7.38
C VAL M 421 -5.26 -22.44 7.25
N ARG M 422 -6.00 -22.56 8.35
CA ARG M 422 -7.25 -23.30 8.30
C ARG M 422 -8.30 -22.55 7.49
N GLY M 423 -8.28 -21.22 7.50
CA GLY M 423 -9.21 -20.48 6.68
C GLY M 423 -8.85 -20.51 5.21
N GLU M 424 -7.56 -20.60 4.89
CA GLU M 424 -7.15 -20.86 3.52
C GLU M 424 -7.66 -22.21 3.06
N ARG M 425 -7.56 -23.22 3.93
CA ARG M 425 -8.07 -24.54 3.58
C ARG M 425 -9.59 -24.53 3.42
N LEU M 426 -10.29 -23.77 4.25
CA LEU M 426 -11.75 -23.68 4.11
C LEU M 426 -12.16 -22.87 2.89
N THR M 427 -11.35 -21.87 2.53
CA THR M 427 -11.65 -21.06 1.37
C THR M 427 -11.47 -21.87 0.09
N GLN M 428 -10.35 -22.56 -0.03
CA GLN M 428 -10.14 -23.44 -1.16
C GLN M 428 -11.03 -24.67 -1.09
N LEU M 429 -11.58 -24.97 0.09
CA LEU M 429 -12.53 -26.08 0.22
C LEU M 429 -13.82 -25.80 -0.51
N LEU M 430 -14.42 -24.64 -0.30
CA LEU M 430 -15.79 -24.42 -0.72
C LEU M 430 -15.96 -24.13 -2.20
N LYS M 431 -14.91 -24.29 -3.01
CA LYS M 431 -15.11 -24.25 -4.44
C LYS M 431 -15.87 -25.49 -4.88
N GLN M 432 -16.56 -25.36 -6.01
CA GLN M 432 -17.46 -26.41 -6.46
C GLN M 432 -17.76 -26.16 -7.92
N ASN M 433 -17.60 -27.20 -8.73
CA ASN M 433 -17.80 -27.02 -10.16
C ASN M 433 -19.29 -26.97 -10.46
N GLN M 434 -19.60 -26.47 -11.66
CA GLN M 434 -20.97 -26.39 -12.10
C GLN M 434 -21.49 -27.79 -12.36
N TYR M 435 -22.80 -27.95 -12.15
CA TYR M 435 -23.55 -29.20 -12.33
C TYR M 435 -23.08 -30.26 -11.36
N SER M 436 -22.52 -29.83 -10.22
CA SER M 436 -22.01 -30.75 -9.21
C SER M 436 -22.67 -30.43 -7.88
N PRO M 437 -23.94 -30.80 -7.69
CA PRO M 437 -24.55 -30.58 -6.38
C PRO M 437 -24.08 -31.65 -5.41
N LEU M 438 -24.16 -31.34 -4.13
CA LEU M 438 -23.74 -32.27 -3.10
C LEU M 438 -24.87 -32.51 -2.11
N ALA M 439 -25.16 -33.77 -1.83
CA ALA M 439 -26.15 -34.10 -0.82
C ALA M 439 -25.65 -33.73 0.57
N THR M 440 -26.59 -33.65 1.51
CA THR M 440 -26.27 -33.26 2.88
C THR M 440 -25.36 -34.26 3.55
N GLU M 441 -25.65 -35.55 3.36
CA GLU M 441 -24.78 -36.64 3.78
C GLU M 441 -23.37 -36.53 3.19
N GLU M 442 -23.24 -35.93 2.01
CA GLU M 442 -21.95 -35.64 1.44
C GLU M 442 -21.32 -34.37 1.99
N GLN M 443 -22.13 -33.40 2.41
CA GLN M 443 -21.59 -32.12 2.83
C GLN M 443 -21.13 -32.14 4.28
N VAL M 444 -21.75 -32.97 5.11
CA VAL M 444 -21.38 -33.12 6.53
C VAL M 444 -19.90 -33.45 6.78
N PRO M 445 -19.29 -34.48 6.15
CA PRO M 445 -17.93 -34.85 6.58
C PRO M 445 -16.88 -33.84 6.17
N LEU M 446 -17.10 -33.11 5.09
CA LEU M 446 -16.17 -32.07 4.69
C LEU M 446 -16.16 -30.94 5.71
N ILE M 447 -17.33 -30.60 6.23
CA ILE M 447 -17.42 -29.62 7.30
C ILE M 447 -16.76 -30.13 8.55
N TYR M 448 -16.98 -31.42 8.88
CA TYR M 448 -16.42 -31.96 10.11
C TYR M 448 -14.91 -32.06 10.04
N ALA M 449 -14.37 -32.28 8.84
CA ALA M 449 -12.92 -32.22 8.66
C ALA M 449 -12.41 -30.79 8.69
N GLY M 450 -13.17 -29.85 8.16
CA GLY M 450 -12.72 -28.48 8.11
C GLY M 450 -12.72 -27.78 9.44
N VAL M 451 -13.64 -28.17 10.31
CA VAL M 451 -13.69 -27.57 11.64
C VAL M 451 -12.52 -28.06 12.49
N ASN M 452 -12.25 -29.35 12.45
CA ASN M 452 -11.34 -29.98 13.40
C ASN M 452 -9.89 -29.97 12.93
N GLY M 453 -9.54 -29.05 12.04
CA GLY M 453 -8.16 -28.76 11.70
C GLY M 453 -7.41 -29.84 10.96
N HIS M 454 -8.10 -30.86 10.46
CA HIS M 454 -7.42 -31.97 9.80
C HIS M 454 -6.87 -31.57 8.44
N LEU M 455 -7.43 -30.54 7.82
CA LEU M 455 -6.97 -30.07 6.53
C LEU M 455 -5.67 -29.31 6.60
N ASP M 456 -5.22 -28.95 7.81
CA ASP M 456 -4.10 -28.04 7.97
C ASP M 456 -2.78 -28.65 7.51
N GLY M 457 -2.57 -29.94 7.79
CA GLY M 457 -1.39 -30.61 7.28
C GLY M 457 -1.45 -30.94 5.81
N ILE M 458 -2.64 -31.02 5.24
CA ILE M 458 -2.81 -31.28 3.82
C ILE M 458 -2.38 -30.04 3.07
N GLU M 459 -1.81 -30.22 1.88
CA GLU M 459 -1.47 -29.10 1.02
C GLU M 459 -2.71 -28.34 0.60
N LEU M 460 -2.53 -27.05 0.35
CA LEU M 460 -3.64 -26.20 -0.07
C LEU M 460 -4.15 -26.58 -1.46
N SER M 461 -3.25 -26.98 -2.35
CA SER M 461 -3.66 -27.46 -3.65
C SER M 461 -4.25 -28.86 -3.60
N ARG M 462 -3.91 -29.63 -2.57
CA ARG M 462 -4.34 -31.03 -2.48
C ARG M 462 -5.80 -31.14 -2.04
N ILE M 463 -6.42 -30.05 -1.60
CA ILE M 463 -7.76 -30.09 -1.01
C ILE M 463 -8.81 -30.56 -2.01
N GLY M 464 -8.66 -30.16 -3.28
CA GLY M 464 -9.66 -30.49 -4.29
C GLY M 464 -9.72 -31.97 -4.59
N GLU M 465 -8.57 -32.61 -4.75
CA GLU M 465 -8.58 -34.05 -4.89
C GLU M 465 -8.89 -34.74 -3.57
N PHE M 466 -8.58 -34.10 -2.44
CA PHE M 466 -8.84 -34.69 -1.14
C PHE M 466 -10.33 -34.82 -0.89
N GLU M 467 -11.10 -33.86 -1.38
CA GLU M 467 -12.54 -33.87 -1.22
C GLU M 467 -13.17 -35.11 -1.85
N SER M 468 -12.95 -35.27 -3.16
CA SER M 468 -13.47 -36.42 -3.89
C SER M 468 -12.88 -37.73 -3.38
N SER M 469 -11.62 -37.69 -2.95
CA SER M 469 -10.97 -38.88 -2.43
C SER M 469 -11.62 -39.34 -1.15
N PHE M 470 -11.87 -38.41 -0.23
CA PHE M 470 -12.48 -38.75 1.04
C PHE M 470 -13.94 -39.11 0.87
N LEU M 471 -14.61 -38.52 -0.11
CA LEU M 471 -15.99 -38.89 -0.40
C LEU M 471 -16.08 -40.31 -0.95
N SER M 472 -15.23 -40.65 -1.92
CA SER M 472 -15.23 -42.00 -2.46
C SER M 472 -14.75 -43.00 -1.43
N TYR M 473 -13.88 -42.56 -0.52
CA TYR M 473 -13.49 -43.34 0.63
C TYR M 473 -14.67 -43.71 1.51
N LEU M 474 -15.49 -42.72 1.88
CA LEU M 474 -16.63 -43.00 2.74
C LEU M 474 -17.71 -43.78 2.02
N LYS M 475 -18.00 -43.43 0.76
CA LYS M 475 -18.98 -44.15 -0.03
C LYS M 475 -18.58 -45.60 -0.25
N SER M 476 -17.28 -45.84 -0.36
CA SER M 476 -16.80 -47.21 -0.38
C SER M 476 -17.00 -47.88 0.97
N ASN M 477 -16.74 -47.16 2.06
CA ASN M 477 -16.54 -47.82 3.33
C ASN M 477 -17.58 -47.43 4.38
N HIS M 478 -17.68 -46.15 4.71
CA HIS M 478 -18.59 -45.73 5.77
C HIS M 478 -19.92 -45.29 5.16
N ASN M 479 -20.44 -46.16 4.30
CA ASN M 479 -21.70 -45.90 3.62
C ASN M 479 -22.86 -45.94 4.60
N GLU M 480 -22.70 -46.75 5.65
CA GLU M 480 -23.65 -46.77 6.76
C GLU M 480 -23.78 -45.40 7.44
N LEU M 481 -22.68 -44.67 7.59
CA LEU M 481 -22.75 -43.34 8.20
C LEU M 481 -23.45 -42.36 7.28
N LEU M 482 -23.26 -42.52 5.98
CA LEU M 482 -23.96 -41.71 5.00
C LEU M 482 -25.45 -41.93 5.08
N THR M 483 -25.86 -43.20 5.21
CA THR M 483 -27.27 -43.50 5.42
C THR M 483 -27.77 -42.96 6.75
N GLU M 484 -26.93 -42.94 7.77
CA GLU M 484 -27.35 -42.38 9.06
C GLU M 484 -27.60 -40.88 8.95
N ILE M 485 -26.73 -40.17 8.22
CA ILE M 485 -26.94 -38.75 8.03
C ILE M 485 -28.17 -38.51 7.16
N ARG M 486 -28.41 -39.38 6.18
CA ARG M 486 -29.59 -39.27 5.34
C ARG M 486 -30.87 -39.47 6.14
N GLU M 487 -30.89 -40.49 6.98
CA GLU M 487 -32.11 -40.84 7.71
C GLU M 487 -32.37 -39.86 8.85
N LYS M 488 -31.32 -39.48 9.58
CA LYS M 488 -31.53 -38.65 10.75
C LYS M 488 -31.52 -37.17 10.39
N GLY M 489 -30.54 -36.75 9.60
CA GLY M 489 -30.28 -35.33 9.47
C GLY M 489 -29.75 -34.71 10.74
N GLU M 490 -29.16 -35.52 11.61
CA GLU M 490 -28.82 -35.12 12.96
C GLU M 490 -27.80 -36.11 13.50
N LEU M 491 -26.71 -35.62 14.03
CA LEU M 491 -25.60 -36.45 14.46
C LEU M 491 -25.67 -36.66 15.96
N SER M 492 -25.76 -37.91 16.37
CA SER M 492 -25.62 -38.25 17.77
C SER M 492 -24.15 -38.29 18.14
N LYS M 493 -23.88 -38.43 19.44
CA LYS M 493 -22.51 -38.52 19.93
C LYS M 493 -21.81 -39.77 19.40
N GLU M 494 -22.55 -40.87 19.29
CA GLU M 494 -21.97 -42.08 18.71
C GLU M 494 -21.68 -41.89 17.23
N LEU M 495 -22.61 -41.27 16.50
CA LEU M 495 -22.35 -40.89 15.12
C LEU M 495 -21.21 -39.90 15.03
N LEU M 496 -21.10 -39.01 16.03
CA LEU M 496 -20.02 -38.03 16.07
C LEU M 496 -18.66 -38.71 16.21
N ALA M 497 -18.56 -39.68 17.11
CA ALA M 497 -17.28 -40.34 17.33
C ALA M 497 -16.94 -41.29 16.20
N SER M 498 -17.95 -41.97 15.64
CA SER M 498 -17.72 -42.82 14.49
C SER M 498 -17.30 -42.01 13.29
N LEU M 499 -17.91 -40.83 13.13
CA LEU M 499 -17.50 -39.87 12.13
C LEU M 499 -16.07 -39.41 12.36
N LYS M 500 -15.70 -39.19 13.62
CA LYS M 500 -14.34 -38.76 13.96
C LYS M 500 -13.32 -39.82 13.56
N SER M 501 -13.63 -41.08 13.87
CA SER M 501 -12.72 -42.17 13.52
C SER M 501 -12.64 -42.32 12.00
N ALA M 502 -13.78 -42.23 11.32
CA ALA M 502 -13.82 -42.39 9.88
C ALA M 502 -13.09 -41.26 9.17
N THR M 503 -13.16 -40.05 9.71
CA THR M 503 -12.34 -38.95 9.20
C THR M 503 -10.87 -39.23 9.42
N GLU M 504 -10.47 -39.38 10.69
CA GLU M 504 -9.07 -39.42 11.07
C GLU M 504 -8.32 -40.60 10.46
N SER M 505 -9.06 -41.66 10.13
CA SER M 505 -8.55 -42.73 9.28
C SER M 505 -8.02 -42.20 7.96
N PHE M 506 -8.84 -41.54 7.16
CA PHE M 506 -8.35 -41.07 5.88
C PHE M 506 -7.49 -39.82 6.02
N VAL M 507 -7.61 -39.12 7.15
CA VAL M 507 -6.73 -38.00 7.47
C VAL M 507 -5.30 -38.51 7.70
N ALA M 508 -5.15 -39.77 8.13
CA ALA M 508 -3.81 -40.35 8.18
C ALA M 508 -3.15 -40.45 6.80
N THR M 509 -3.93 -40.42 5.71
CA THR M 509 -3.37 -40.07 4.41
C THR M 509 -3.87 -38.70 3.96
N THR N 3 -57.65 22.73 -30.53
CA THR N 3 -56.28 22.49 -30.12
C THR N 3 -56.24 21.73 -28.81
N LYS N 4 -56.85 22.29 -27.77
CA LYS N 4 -56.89 21.64 -26.46
C LYS N 4 -58.09 22.16 -25.69
N ALA N 5 -58.66 21.32 -24.83
CA ALA N 5 -59.81 21.72 -24.04
C ALA N 5 -59.42 22.93 -23.21
N GLN N 6 -60.25 23.97 -23.18
CA GLN N 6 -59.93 25.17 -22.42
C GLN N 6 -60.49 25.01 -20.99
N PRO N 7 -60.30 26.02 -20.13
CA PRO N 7 -60.78 25.82 -18.76
C PRO N 7 -62.14 26.40 -18.37
N THR N 8 -62.79 27.09 -19.28
CA THR N 8 -64.11 27.64 -19.00
C THR N 8 -65.08 26.94 -19.94
N GLU N 9 -65.01 25.62 -19.96
CA GLU N 9 -65.84 24.84 -20.85
C GLU N 9 -66.52 23.65 -20.18
N VAL N 10 -66.80 23.75 -18.88
CA VAL N 10 -67.46 22.65 -18.20
C VAL N 10 -68.96 22.67 -18.54
N SER N 11 -69.62 21.53 -18.37
CA SER N 11 -71.03 21.40 -18.68
C SER N 11 -71.96 22.23 -17.80
N SER N 12 -71.53 22.50 -16.57
CA SER N 12 -72.36 23.28 -15.64
C SER N 12 -72.23 24.78 -15.85
N ILE N 13 -71.23 25.20 -16.61
CA ILE N 13 -71.01 26.63 -16.85
C ILE N 13 -71.47 27.10 -18.23
N LEU N 14 -71.31 26.26 -19.26
CA LEU N 14 -71.74 26.64 -20.61
C LEU N 14 -73.26 26.61 -20.68
N GLU N 15 -73.87 25.70 -19.92
CA GLU N 15 -75.32 25.57 -19.88
C GLU N 15 -75.97 26.91 -19.57
N GLU N 16 -75.48 27.58 -18.53
CA GLU N 16 -76.02 28.87 -18.13
C GLU N 16 -75.78 29.95 -19.18
N ARG N 17 -74.66 29.87 -19.89
CA ARG N 17 -74.34 30.84 -20.93
C ARG N 17 -75.19 30.67 -22.17
N ILE N 18 -75.69 29.45 -22.38
CA ILE N 18 -76.55 29.15 -23.52
C ILE N 18 -77.92 29.76 -23.34
N LYS N 19 -78.34 29.86 -22.08
CA LYS N 19 -79.62 30.43 -21.72
C LYS N 19 -79.73 31.92 -22.03
N GLY N 20 -78.61 32.62 -21.96
CA GLY N 20 -78.59 34.05 -22.16
C GLY N 20 -78.75 34.78 -20.85
N VAL N 21 -78.61 34.08 -19.72
CA VAL N 21 -78.73 34.69 -18.41
C VAL N 21 -77.49 35.51 -18.12
N SER N 22 -76.35 35.08 -18.68
CA SER N 22 -75.07 35.75 -18.51
C SER N 22 -74.78 36.02 -17.04
N ASP N 23 -74.59 34.96 -16.27
CA ASP N 23 -74.35 35.08 -14.83
C ASP N 23 -72.91 35.39 -14.43
N GLU N 24 -71.99 35.38 -15.38
CA GLU N 24 -70.58 35.67 -15.08
C GLU N 24 -70.32 37.13 -14.71
N ALA N 25 -71.18 38.03 -15.16
CA ALA N 25 -71.02 39.46 -14.88
C ALA N 25 -71.56 39.83 -13.50
N ASN N 26 -72.50 39.03 -13.01
CA ASN N 26 -73.10 39.27 -11.70
C ASN N 26 -72.12 39.02 -10.58
N LEU N 27 -71.23 38.06 -10.80
CA LEU N 27 -70.22 37.70 -9.80
C LEU N 27 -69.04 38.66 -9.88
N ASN N 28 -69.00 39.61 -8.95
CA ASN N 28 -67.92 40.58 -8.90
C ASN N 28 -67.29 40.58 -7.52
N GLU N 29 -68.12 40.41 -6.51
CA GLU N 29 -67.66 40.38 -5.13
C GLU N 29 -67.80 38.99 -4.54
N THR N 30 -68.03 38.01 -5.40
CA THR N 30 -68.18 36.62 -4.96
C THR N 30 -67.76 35.67 -6.07
N GLY N 31 -67.70 34.38 -5.74
CA GLY N 31 -67.31 33.38 -6.72
C GLY N 31 -67.72 31.98 -6.29
N ARG N 32 -67.91 31.11 -7.26
CA ARG N 32 -68.29 29.73 -6.97
C ARG N 32 -67.05 28.85 -7.00
N VAL N 33 -67.12 27.69 -6.36
CA VAL N 33 -65.99 26.80 -6.33
C VAL N 33 -66.10 25.83 -7.50
N LEU N 34 -65.25 25.99 -8.51
CA LEU N 34 -65.19 24.99 -9.54
C LEU N 34 -64.44 23.76 -9.04
N ALA N 35 -63.17 23.93 -8.70
CA ALA N 35 -62.31 22.80 -8.40
C ALA N 35 -61.58 23.07 -7.10
N VAL N 36 -62.00 22.39 -6.03
CA VAL N 36 -61.29 22.44 -4.76
C VAL N 36 -60.56 21.12 -4.60
N GLY N 37 -59.29 21.21 -4.20
CA GLY N 37 -58.45 20.05 -4.03
C GLY N 37 -57.05 20.48 -3.66
N ASP N 38 -56.46 19.77 -2.69
CA ASP N 38 -55.10 20.02 -2.19
C ASP N 38 -54.94 21.42 -1.61
N GLY N 39 -56.00 21.92 -0.98
CA GLY N 39 -55.99 23.29 -0.50
C GLY N 39 -56.00 24.33 -1.60
N ILE N 40 -56.40 23.94 -2.80
CA ILE N 40 -56.34 24.78 -3.97
C ILE N 40 -57.74 24.90 -4.51
N ALA N 41 -58.18 26.12 -4.75
CA ALA N 41 -59.54 26.37 -5.22
C ALA N 41 -59.48 27.18 -6.51
N ARG N 42 -59.76 26.53 -7.61
CA ARG N 42 -60.14 27.18 -8.84
C ARG N 42 -61.57 27.62 -8.64
N VAL N 43 -61.79 28.93 -8.57
CA VAL N 43 -63.09 29.49 -8.26
C VAL N 43 -63.50 30.41 -9.38
N PHE N 44 -64.67 30.16 -9.95
CA PHE N 44 -65.18 31.01 -11.01
C PHE N 44 -65.90 32.21 -10.43
N GLY N 45 -65.67 33.36 -11.05
CA GLY N 45 -66.30 34.61 -10.64
C GLY N 45 -65.27 35.62 -10.18
N LEU N 46 -65.72 36.58 -9.37
CA LEU N 46 -64.86 37.52 -8.64
C LEU N 46 -64.03 38.36 -9.60
N ASN N 47 -64.72 39.11 -10.45
CA ASN N 47 -64.02 39.93 -11.42
C ASN N 47 -63.39 41.14 -10.76
N ASN N 48 -64.02 41.58 -9.68
CA ASN N 48 -63.56 42.72 -8.90
C ASN N 48 -62.64 42.29 -7.77
N ILE N 49 -61.98 41.14 -7.92
CA ILE N 49 -61.03 40.68 -6.95
C ILE N 49 -59.71 41.39 -7.23
N GLN N 50 -58.84 41.45 -6.23
CA GLN N 50 -57.55 42.06 -6.41
C GLN N 50 -56.47 40.99 -6.34
N ALA N 51 -55.26 41.36 -6.71
CA ALA N 51 -54.12 40.47 -6.60
C ALA N 51 -53.66 40.43 -5.16
N GLU N 52 -53.32 39.22 -4.70
CA GLU N 52 -52.92 38.94 -3.32
C GLU N 52 -54.00 39.39 -2.32
N GLU N 53 -55.24 39.11 -2.66
CA GLU N 53 -56.36 39.53 -1.84
C GLU N 53 -56.85 38.38 -0.97
N LEU N 54 -57.10 38.69 0.29
CA LEU N 54 -57.78 37.77 1.19
C LEU N 54 -59.22 37.59 0.75
N VAL N 55 -59.71 36.35 0.84
CA VAL N 55 -61.10 36.02 0.57
C VAL N 55 -61.58 35.05 1.63
N GLU N 56 -62.90 34.89 1.71
CA GLU N 56 -63.50 34.01 2.70
C GLU N 56 -64.43 33.03 2.01
N PHE N 57 -64.59 31.85 2.59
CA PHE N 57 -65.53 30.91 2.05
C PHE N 57 -66.75 30.81 2.93
N SER N 58 -67.80 30.22 2.38
CA SER N 58 -69.05 30.04 3.12
C SER N 58 -68.89 29.02 4.24
N SER N 59 -67.89 28.15 4.18
CA SER N 59 -67.58 27.30 5.31
C SER N 59 -66.99 28.10 6.46
N GLY N 60 -66.12 29.05 6.15
CA GLY N 60 -65.56 29.89 7.19
C GLY N 60 -64.06 29.97 7.15
N VAL N 61 -63.44 29.09 6.38
CA VAL N 61 -62.00 29.11 6.19
C VAL N 61 -61.67 30.28 5.26
N LYS N 62 -60.48 30.83 5.40
CA LYS N 62 -60.08 31.94 4.58
C LYS N 62 -58.97 31.53 3.62
N GLY N 63 -58.84 32.29 2.54
CA GLY N 63 -57.91 31.94 1.50
C GLY N 63 -57.30 33.17 0.86
N MET N 64 -56.29 32.93 0.05
CA MET N 64 -55.57 33.98 -0.64
C MET N 64 -55.68 33.76 -2.14
N ALA N 65 -56.04 34.82 -2.87
CA ALA N 65 -56.05 34.77 -4.32
C ALA N 65 -54.65 35.07 -4.81
N LEU N 66 -54.09 34.18 -5.64
CA LEU N 66 -52.76 34.43 -6.17
C LEU N 66 -52.75 34.59 -7.68
N ASN N 67 -53.19 33.58 -8.42
CA ASN N 67 -53.15 33.64 -9.87
C ASN N 67 -54.48 34.10 -10.40
N LEU N 68 -54.46 35.18 -11.16
CA LEU N 68 -55.66 35.76 -11.72
C LEU N 68 -55.75 35.32 -13.16
N GLU N 69 -56.31 34.15 -13.37
CA GLU N 69 -56.51 33.64 -14.72
C GLU N 69 -57.76 34.30 -15.28
N PRO N 70 -57.89 34.43 -16.60
CA PRO N 70 -59.08 35.09 -17.15
C PRO N 70 -60.35 34.30 -16.90
N GLY N 71 -60.23 32.97 -16.81
CA GLY N 71 -61.38 32.17 -16.48
C GLY N 71 -61.73 32.25 -15.01
N GLN N 72 -60.78 31.95 -14.14
CA GLN N 72 -61.08 31.74 -12.74
C GLN N 72 -59.96 32.29 -11.87
N VAL N 73 -60.14 32.14 -10.57
CA VAL N 73 -59.21 32.62 -9.57
C VAL N 73 -58.59 31.41 -8.89
N GLY N 74 -57.27 31.40 -8.78
CA GLY N 74 -56.59 30.44 -7.95
C GLY N 74 -56.50 30.95 -6.52
N ILE N 75 -57.06 30.22 -5.58
CA ILE N 75 -57.05 30.60 -4.17
C ILE N 75 -56.46 29.46 -3.35
N VAL N 76 -55.42 29.76 -2.61
CA VAL N 76 -54.86 28.82 -1.68
C VAL N 76 -55.53 29.01 -0.33
N LEU N 77 -55.45 27.99 0.51
CA LEU N 77 -56.27 27.90 1.70
C LEU N 77 -55.43 27.89 2.96
N PHE N 78 -55.88 28.62 3.97
CA PHE N 78 -55.17 28.68 5.24
C PHE N 78 -55.72 27.70 6.25
N GLY N 79 -56.54 26.77 5.81
CA GLY N 79 -56.94 25.66 6.62
C GLY N 79 -57.06 24.46 5.74
N SER N 80 -57.74 23.45 6.26
CA SER N 80 -57.98 22.25 5.47
C SER N 80 -59.06 22.51 4.45
N ASP N 81 -59.01 21.75 3.36
CA ASP N 81 -60.10 21.72 2.39
C ASP N 81 -61.16 20.68 2.75
N ARG N 82 -61.18 20.26 4.01
CA ARG N 82 -62.07 19.21 4.47
C ARG N 82 -63.52 19.66 4.50
N LEU N 83 -63.76 20.97 4.54
CA LEU N 83 -65.12 21.50 4.66
C LEU N 83 -65.54 22.30 3.45
N VAL N 84 -64.83 22.21 2.34
CA VAL N 84 -65.11 23.00 1.15
C VAL N 84 -65.57 22.07 0.04
N LYS N 85 -66.65 22.42 -0.63
CA LYS N 85 -67.19 21.62 -1.71
C LYS N 85 -67.25 22.42 -3.01
N GLU N 86 -67.56 21.71 -4.08
CA GLU N 86 -67.76 22.33 -5.38
C GLU N 86 -68.95 23.28 -5.35
N GLY N 87 -68.78 24.46 -5.96
CA GLY N 87 -69.86 25.39 -6.11
C GLY N 87 -70.25 26.13 -4.86
N GLU N 88 -69.44 26.07 -3.81
CA GLU N 88 -69.75 26.78 -2.58
C GLU N 88 -69.57 28.28 -2.81
N LEU N 89 -70.38 29.08 -2.12
CA LEU N 89 -70.33 30.52 -2.29
C LEU N 89 -69.05 31.08 -1.70
N VAL N 90 -68.44 32.01 -2.45
CA VAL N 90 -67.13 32.55 -2.12
C VAL N 90 -67.28 34.05 -1.95
N LYS N 91 -67.06 34.54 -0.73
CA LYS N 91 -67.22 35.95 -0.46
C LYS N 91 -65.86 36.62 -0.56
N ARG N 92 -65.85 37.84 -1.11
CA ARG N 92 -64.62 38.60 -1.22
C ARG N 92 -64.48 39.53 -0.03
N THR N 93 -63.34 39.43 0.65
CA THR N 93 -63.14 40.17 1.89
C THR N 93 -62.97 41.66 1.62
N GLY N 94 -62.19 42.02 0.62
CA GLY N 94 -61.98 43.42 0.33
C GLY N 94 -60.66 43.90 0.89
N ASN N 95 -59.79 42.97 1.24
CA ASN N 95 -58.55 43.32 1.91
C ASN N 95 -57.37 42.60 1.28
N ILE N 96 -56.33 43.37 0.99
CA ILE N 96 -55.01 42.79 0.90
C ILE N 96 -54.65 42.30 2.28
N VAL N 97 -53.92 41.17 2.34
CA VAL N 97 -53.78 40.41 3.57
C VAL N 97 -52.98 41.20 4.58
N ASP N 98 -53.67 41.70 5.60
CA ASP N 98 -53.08 42.55 6.62
C ASP N 98 -53.09 41.82 7.95
N VAL N 99 -52.21 42.27 8.83
CA VAL N 99 -52.04 41.67 10.14
C VAL N 99 -52.14 42.73 11.22
N PRO N 100 -52.65 42.39 12.40
CA PRO N 100 -52.65 43.36 13.50
C PRO N 100 -51.26 43.49 14.10
N VAL N 101 -50.86 44.73 14.36
CA VAL N 101 -49.57 45.05 14.96
C VAL N 101 -49.80 45.99 16.13
N GLY N 102 -48.83 46.00 17.04
CA GLY N 102 -48.92 46.83 18.23
C GLY N 102 -48.08 46.36 19.39
N PRO N 103 -48.20 47.06 20.51
CA PRO N 103 -47.34 46.75 21.67
C PRO N 103 -47.76 45.50 22.39
N GLY N 104 -49.07 45.24 22.49
CA GLY N 104 -49.60 44.12 23.26
C GLY N 104 -49.29 42.76 22.68
N LEU N 105 -48.69 42.70 21.50
CA LEU N 105 -48.24 41.46 20.90
C LEU N 105 -47.08 40.84 21.67
N LEU N 106 -46.35 41.64 22.44
CA LEU N 106 -45.24 41.17 23.26
C LEU N 106 -45.72 40.15 24.28
N GLY N 107 -45.03 39.01 24.32
CA GLY N 107 -45.42 37.91 25.16
C GLY N 107 -46.40 36.96 24.51
N ARG N 108 -47.25 37.48 23.63
CA ARG N 108 -48.28 36.65 23.04
C ARG N 108 -47.68 35.77 21.96
N VAL N 109 -48.39 34.68 21.66
CA VAL N 109 -48.00 33.75 20.62
C VAL N 109 -49.16 33.63 19.64
N VAL N 110 -48.92 33.98 18.39
CA VAL N 110 -49.98 34.02 17.39
C VAL N 110 -49.56 33.21 16.17
N ASP N 111 -50.49 33.15 15.22
CA ASP N 111 -50.29 32.54 13.92
C ASP N 111 -49.74 33.56 12.93
N ALA N 112 -49.84 33.22 11.64
CA ALA N 112 -49.54 34.20 10.59
C ALA N 112 -50.55 35.33 10.58
N LEU N 113 -51.78 35.06 11.02
CA LEU N 113 -52.86 36.04 10.92
C LEU N 113 -53.13 36.74 12.24
N GLY N 114 -52.19 36.67 13.18
CA GLY N 114 -52.37 37.36 14.45
C GLY N 114 -53.37 36.75 15.39
N ASN N 115 -53.90 35.59 15.06
CA ASN N 115 -54.86 34.95 15.93
C ASN N 115 -54.13 34.37 17.13
N PRO N 116 -54.55 34.66 18.35
CA PRO N 116 -53.82 34.19 19.51
C PRO N 116 -53.96 32.70 19.72
N ILE N 117 -52.86 31.99 19.47
CA ILE N 117 -52.86 30.54 19.59
C ILE N 117 -52.38 30.19 20.99
N ASP N 118 -51.89 31.18 21.71
CA ASP N 118 -51.43 30.98 23.07
C ASP N 118 -52.57 30.77 24.05
N GLY N 119 -53.78 31.21 23.71
CA GLY N 119 -54.89 31.10 24.63
C GLY N 119 -54.83 32.06 25.79
N LYS N 120 -54.07 33.15 25.68
CA LYS N 120 -54.01 34.16 26.72
C LYS N 120 -54.98 35.30 26.45
N GLY N 121 -56.10 34.99 25.80
CA GLY N 121 -57.07 36.00 25.47
C GLY N 121 -56.81 36.58 24.09
N PRO N 122 -57.51 37.65 23.73
CA PRO N 122 -57.33 38.26 22.42
C PRO N 122 -56.08 39.11 22.36
N ILE N 123 -55.94 39.83 21.25
CA ILE N 123 -54.74 40.59 20.96
C ILE N 123 -55.08 42.07 20.93
N ASP N 124 -54.35 42.84 21.72
CA ASP N 124 -54.46 44.29 21.65
C ASP N 124 -53.53 44.84 20.59
N ALA N 125 -54.07 45.17 19.43
CA ALA N 125 -53.23 45.74 18.38
C ALA N 125 -53.10 47.24 18.55
N ALA N 126 -52.32 47.83 17.65
CA ALA N 126 -52.32 49.28 17.44
C ALA N 126 -52.78 49.63 16.05
N GLY N 127 -52.22 48.98 15.03
CA GLY N 127 -52.67 49.18 13.67
C GLY N 127 -52.74 47.84 12.96
N ARG N 128 -52.87 47.90 11.65
CA ARG N 128 -52.78 46.71 10.81
C ARG N 128 -51.92 47.04 9.60
N SER N 129 -51.02 46.13 9.28
CA SER N 129 -50.08 46.34 8.19
C SER N 129 -50.25 45.29 7.10
N ARG N 130 -49.87 45.65 5.89
CA ARG N 130 -49.91 44.72 4.77
C ARG N 130 -48.90 43.60 4.94
N ALA N 131 -49.05 42.58 4.10
CA ALA N 131 -48.06 41.51 4.07
C ALA N 131 -46.86 41.89 3.22
N GLN N 132 -47.07 42.17 1.94
CA GLN N 132 -45.99 42.51 1.04
C GLN N 132 -45.73 44.02 1.05
N VAL N 133 -45.34 44.51 2.23
CA VAL N 133 -44.93 45.90 2.33
C VAL N 133 -43.61 46.07 1.60
N LYS N 134 -43.53 47.12 0.78
CA LYS N 134 -42.30 47.45 0.08
C LYS N 134 -41.18 47.74 1.05
N ALA N 135 -40.01 47.18 0.77
CA ALA N 135 -38.81 47.43 1.54
C ALA N 135 -38.43 48.91 1.45
N PRO N 136 -37.77 49.45 2.48
CA PRO N 136 -37.38 50.86 2.44
C PRO N 136 -36.35 51.13 1.36
N GLY N 137 -36.33 52.37 0.89
CA GLY N 137 -35.44 52.76 -0.19
C GLY N 137 -34.00 52.93 0.24
N ILE N 138 -33.24 53.70 -0.52
CA ILE N 138 -31.83 53.91 -0.22
C ILE N 138 -31.63 55.14 0.65
N LEU N 139 -32.26 56.23 0.27
CA LEU N 139 -32.21 57.49 0.96
C LEU N 139 -32.64 57.46 2.44
N PRO N 140 -33.74 56.74 2.88
CA PRO N 140 -34.05 56.72 4.30
C PRO N 140 -33.29 55.64 5.08
N ARG N 141 -31.98 55.53 4.84
CA ARG N 141 -31.18 54.51 5.49
C ARG N 141 -30.02 55.15 6.23
N ARG N 142 -29.55 54.44 7.26
CA ARG N 142 -28.33 54.80 7.95
C ARG N 142 -27.37 53.61 7.88
N SER N 143 -26.09 53.90 7.66
CA SER N 143 -25.08 52.88 7.79
C SER N 143 -25.02 52.37 9.22
N VAL N 144 -24.94 51.05 9.36
CA VAL N 144 -25.16 50.40 10.64
C VAL N 144 -23.94 50.58 11.52
N HIS N 145 -24.14 51.13 12.70
CA HIS N 145 -23.06 51.32 13.66
C HIS N 145 -23.41 50.89 15.08
N GLU N 146 -24.67 50.83 15.45
CA GLU N 146 -25.04 50.43 16.80
C GLU N 146 -24.93 48.93 16.94
N PRO N 147 -24.14 48.42 17.87
CA PRO N 147 -23.92 46.98 17.96
C PRO N 147 -25.14 46.22 18.46
N VAL N 148 -25.05 44.90 18.33
CA VAL N 148 -26.03 43.99 18.90
C VAL N 148 -25.28 43.05 19.84
N GLN N 149 -25.72 43.00 21.09
CA GLN N 149 -25.03 42.22 22.11
C GLN N 149 -25.53 40.80 22.05
N THR N 150 -24.70 39.90 21.55
CA THR N 150 -25.14 38.51 21.44
C THR N 150 -24.83 37.72 22.70
N GLY N 151 -23.76 38.07 23.40
CA GLY N 151 -23.34 37.34 24.56
C GLY N 151 -22.44 36.17 24.25
N LEU N 152 -22.29 35.81 22.99
CA LEU N 152 -21.37 34.76 22.62
C LEU N 152 -20.00 35.35 22.32
N LYS N 153 -18.97 34.57 22.64
CA LYS N 153 -17.61 35.08 22.59
C LYS N 153 -17.16 35.30 21.14
N ALA N 154 -17.05 34.22 20.37
CA ALA N 154 -16.56 34.31 19.01
C ALA N 154 -17.52 35.02 18.07
N VAL N 155 -18.81 35.06 18.41
CA VAL N 155 -19.75 35.84 17.64
C VAL N 155 -19.45 37.32 17.76
N ASP N 156 -19.34 37.80 19.00
CA ASP N 156 -19.01 39.19 19.22
C ASP N 156 -17.59 39.51 18.78
N ALA N 157 -16.67 38.56 18.89
CA ALA N 157 -15.29 38.83 18.53
C ALA N 157 -15.08 38.91 17.03
N LEU N 158 -15.61 37.96 16.28
CA LEU N 158 -15.22 37.80 14.89
C LEU N 158 -16.26 38.27 13.91
N VAL N 159 -17.53 38.03 14.18
CA VAL N 159 -18.60 38.40 13.27
C VAL N 159 -19.60 39.30 13.99
N PRO N 160 -19.25 40.54 14.26
CA PRO N 160 -20.07 41.36 15.14
C PRO N 160 -21.35 41.82 14.45
N ILE N 161 -22.40 41.90 15.24
CA ILE N 161 -23.74 42.15 14.74
C ILE N 161 -24.13 43.57 15.09
N GLY N 162 -24.60 44.30 14.10
CA GLY N 162 -25.03 45.67 14.29
C GLY N 162 -26.54 45.77 14.13
N ARG N 163 -27.12 46.75 14.81
CA ARG N 163 -28.55 46.98 14.72
C ARG N 163 -28.86 47.49 13.33
N GLY N 164 -29.31 46.59 12.46
CA GLY N 164 -29.69 47.01 11.14
C GLY N 164 -29.30 46.06 10.04
N GLN N 165 -28.20 45.35 10.20
CA GLN N 165 -27.80 44.41 9.17
C GLN N 165 -28.57 43.11 9.33
N ARG N 166 -28.41 42.22 8.36
CA ARG N 166 -28.98 40.90 8.40
C ARG N 166 -27.84 39.90 8.41
N GLU N 167 -28.08 38.74 9.01
CA GLU N 167 -26.97 37.82 9.15
C GLU N 167 -27.50 36.40 9.18
N LEU N 168 -26.99 35.57 8.28
CA LEU N 168 -27.50 34.23 8.08
C LEU N 168 -26.80 33.27 9.02
N ILE N 169 -27.59 32.58 9.84
CA ILE N 169 -27.10 31.41 10.55
C ILE N 169 -27.39 30.22 9.64
N ILE N 170 -26.36 29.74 8.99
CA ILE N 170 -26.47 28.61 8.10
C ILE N 170 -25.74 27.44 8.73
N GLY N 171 -26.27 26.24 8.56
CA GLY N 171 -25.61 25.08 9.11
C GLY N 171 -26.44 23.84 8.91
N ASP N 172 -25.86 22.72 9.29
CA ASP N 172 -26.60 21.48 9.21
C ASP N 172 -27.57 21.38 10.38
N ARG N 173 -28.37 20.33 10.35
CA ARG N 173 -29.41 20.15 11.35
C ARG N 173 -28.82 19.83 12.70
N GLN N 174 -29.58 20.17 13.75
CA GLN N 174 -29.26 19.86 15.14
C GLN N 174 -27.92 20.44 15.57
N THR N 175 -27.59 21.62 15.07
CA THR N 175 -26.28 22.20 15.31
C THR N 175 -26.39 23.46 16.14
N GLY N 176 -27.45 23.57 16.94
CA GLY N 176 -27.54 24.66 17.89
C GLY N 176 -27.79 26.02 17.31
N LYS N 177 -28.18 26.09 16.04
CA LYS N 177 -28.52 27.34 15.39
C LYS N 177 -29.63 28.04 16.14
N THR N 178 -30.68 27.27 16.46
CA THR N 178 -31.75 27.73 17.32
C THR N 178 -31.22 28.15 18.68
N ALA N 179 -30.25 27.40 19.22
CA ALA N 179 -29.66 27.76 20.50
C ALA N 179 -28.85 29.05 20.39
N VAL N 180 -28.23 29.30 19.22
CA VAL N 180 -27.48 30.53 19.02
C VAL N 180 -28.41 31.74 19.07
N ALA N 181 -29.47 31.70 18.26
CA ALA N 181 -30.41 32.82 18.26
C ALA N 181 -31.13 32.95 19.58
N LEU N 182 -31.39 31.82 20.25
CA LEU N 182 -32.05 31.82 21.53
C LEU N 182 -31.20 32.50 22.59
N ASP N 183 -29.92 32.16 22.66
CA ASP N 183 -29.06 32.76 23.66
C ASP N 183 -28.76 34.21 23.32
N THR N 184 -28.87 34.58 22.05
CA THR N 184 -28.80 36.00 21.71
C THR N 184 -29.97 36.76 22.31
N ILE N 185 -31.17 36.23 22.12
CA ILE N 185 -32.37 36.80 22.71
C ILE N 185 -32.26 36.84 24.24
N LEU N 186 -31.69 35.80 24.83
CA LEU N 186 -31.52 35.77 26.27
C LEU N 186 -30.47 36.74 26.75
N ASN N 187 -29.47 37.08 25.92
CA ASN N 187 -28.57 38.16 26.29
C ASN N 187 -29.29 39.48 26.26
N GLN N 188 -30.28 39.62 25.38
CA GLN N 188 -30.98 40.91 25.32
C GLN N 188 -31.87 41.24 26.58
N LYS N 189 -31.88 40.35 27.56
CA LYS N 189 -32.45 40.61 28.87
C LYS N 189 -31.86 41.85 29.53
N ARG N 190 -30.57 42.12 29.34
CA ARG N 190 -29.87 43.12 30.14
C ARG N 190 -30.22 44.55 29.76
N TRP N 191 -30.95 44.76 28.68
CA TRP N 191 -31.26 46.13 28.28
C TRP N 191 -32.75 46.31 28.22
N ASN N 192 -33.45 45.22 27.95
CA ASN N 192 -34.89 45.25 27.97
C ASN N 192 -35.43 45.40 29.38
N ASN N 193 -34.69 44.92 30.38
CA ASN N 193 -34.95 45.28 31.76
C ASN N 193 -34.37 46.62 32.12
N GLY N 194 -33.54 47.21 31.26
CA GLY N 194 -33.09 48.57 31.44
C GLY N 194 -34.17 49.55 31.06
N SER N 195 -33.78 50.83 31.06
CA SER N 195 -34.73 51.90 30.85
C SER N 195 -34.63 52.58 29.49
N ASP N 196 -33.49 52.50 28.82
CA ASP N 196 -33.32 53.21 27.56
C ASP N 196 -34.08 52.51 26.45
N GLU N 197 -34.94 53.27 25.77
CA GLU N 197 -35.62 52.79 24.58
C GLU N 197 -34.65 52.48 23.45
N SER N 198 -33.66 53.35 23.24
CA SER N 198 -32.71 53.18 22.15
C SER N 198 -31.77 52.01 22.37
N LYS N 199 -31.68 51.50 23.59
CA LYS N 199 -30.86 50.33 23.86
C LYS N 199 -31.68 49.06 24.01
N LYS N 200 -33.00 49.17 24.04
CA LYS N 200 -33.80 47.95 24.04
C LYS N 200 -33.85 47.36 22.64
N LEU N 201 -34.29 46.11 22.59
CA LEU N 201 -34.28 45.33 21.35
C LEU N 201 -35.35 44.27 21.48
N TYR N 202 -36.49 44.50 20.84
CA TYR N 202 -37.58 43.55 20.96
C TYR N 202 -37.35 42.38 20.03
N CYS N 203 -37.67 41.18 20.49
CA CYS N 203 -37.31 39.96 19.79
C CYS N 203 -38.54 39.27 19.24
N VAL N 204 -38.50 38.95 17.95
CA VAL N 204 -39.58 38.27 17.27
C VAL N 204 -39.00 37.01 16.65
N TYR N 205 -39.23 35.88 17.29
CA TYR N 205 -38.83 34.59 16.75
C TYR N 205 -39.98 34.00 15.96
N VAL N 206 -39.63 33.37 14.84
CA VAL N 206 -40.61 32.83 13.90
C VAL N 206 -40.29 31.37 13.69
N ALA N 207 -41.26 30.51 13.99
CA ALA N 207 -41.15 29.07 13.76
C ALA N 207 -41.95 28.71 12.52
N VAL N 208 -41.27 28.14 11.53
CA VAL N 208 -41.84 27.86 10.22
C VAL N 208 -41.75 26.37 10.01
N GLY N 209 -42.89 25.68 10.11
CA GLY N 209 -42.94 24.24 9.94
C GLY N 209 -42.35 23.46 11.09
N GLN N 210 -41.85 24.13 12.12
CA GLN N 210 -41.27 23.45 13.26
C GLN N 210 -42.38 22.80 14.08
N LYS N 211 -42.04 21.71 14.75
CA LYS N 211 -43.08 20.99 15.47
C LYS N 211 -43.47 21.72 16.75
N ARG N 212 -44.77 21.63 17.06
CA ARG N 212 -45.39 22.41 18.13
C ARG N 212 -44.81 22.11 19.49
N SER N 213 -44.39 20.87 19.72
CA SER N 213 -43.81 20.51 21.00
C SER N 213 -42.51 21.25 21.24
N THR N 214 -41.68 21.38 20.22
CA THR N 214 -40.43 22.12 20.35
C THR N 214 -40.71 23.60 20.55
N VAL N 215 -41.75 24.12 19.92
CA VAL N 215 -42.11 25.52 20.08
C VAL N 215 -42.62 25.78 21.50
N ALA N 216 -43.40 24.85 22.04
CA ALA N 216 -43.91 24.99 23.40
C ALA N 216 -42.80 24.89 24.41
N GLN N 217 -41.85 23.97 24.18
CA GLN N 217 -40.66 23.90 25.01
C GLN N 217 -39.84 25.18 24.90
N LEU N 218 -39.81 25.78 23.72
CA LEU N 218 -39.05 26.99 23.52
C LEU N 218 -39.65 28.16 24.27
N VAL N 219 -40.96 28.32 24.21
CA VAL N 219 -41.57 29.43 24.91
C VAL N 219 -41.61 29.15 26.40
N GLN N 220 -41.57 27.88 26.81
CA GLN N 220 -41.38 27.58 28.21
C GLN N 220 -40.00 27.98 28.67
N THR N 221 -38.99 27.78 27.82
CA THR N 221 -37.63 28.20 28.14
C THR N 221 -37.53 29.72 28.18
N LEU N 222 -38.29 30.39 27.31
CA LEU N 222 -38.38 31.84 27.38
C LEU N 222 -39.07 32.31 28.64
N GLU N 223 -40.03 31.54 29.14
CA GLU N 223 -40.58 31.80 30.46
C GLU N 223 -39.58 31.57 31.57
N GLN N 224 -38.60 30.66 31.36
CA GLN N 224 -37.61 30.40 32.39
C GLN N 224 -36.70 31.61 32.61
N HIS N 225 -36.14 32.14 31.53
CA HIS N 225 -35.21 33.25 31.68
C HIS N 225 -35.90 34.59 31.55
N ASP N 226 -37.23 34.60 31.38
CA ASP N 226 -38.09 35.78 31.31
C ASP N 226 -37.64 36.73 30.19
N ALA N 227 -37.68 36.19 28.98
CA ALA N 227 -37.55 37.01 27.78
C ALA N 227 -38.92 37.40 27.25
N MET N 228 -39.97 37.00 27.95
CA MET N 228 -41.33 37.12 27.44
C MET N 228 -41.81 38.57 27.43
N LYS N 229 -41.13 39.46 28.15
CA LYS N 229 -41.45 40.87 28.08
C LYS N 229 -41.21 41.43 26.68
N TYR N 230 -40.23 40.89 25.97
CA TYR N 230 -39.88 41.37 24.64
C TYR N 230 -39.96 40.26 23.60
N SER N 231 -40.80 39.28 23.83
CA SER N 231 -40.94 38.14 22.94
C SER N 231 -42.24 38.22 22.15
N ILE N 232 -42.13 37.96 20.85
CA ILE N 232 -43.29 37.81 19.97
C ILE N 232 -43.06 36.56 19.16
N ILE N 233 -43.99 35.62 19.22
CA ILE N 233 -43.81 34.32 18.60
C ILE N 233 -44.86 34.10 17.53
N VAL N 234 -44.42 33.85 16.31
CA VAL N 234 -45.28 33.46 15.22
C VAL N 234 -44.86 32.05 14.84
N ALA N 235 -45.78 31.11 14.95
CA ALA N 235 -45.47 29.69 14.80
C ALA N 235 -46.32 29.08 13.70
N ALA N 236 -45.83 29.17 12.46
CA ALA N 236 -46.47 28.47 11.36
C ALA N 236 -45.96 27.04 11.39
N THR N 237 -46.61 26.21 12.18
CA THR N 237 -46.12 24.88 12.44
C THR N 237 -46.45 23.94 11.28
N ALA N 238 -45.89 22.72 11.36
CA ALA N 238 -46.13 21.73 10.33
C ALA N 238 -47.54 21.18 10.35
N SER N 239 -48.27 21.33 11.46
CA SER N 239 -49.68 21.01 11.49
C SER N 239 -50.46 21.90 10.54
N GLU N 240 -50.03 23.14 10.38
CA GLU N 240 -50.82 24.13 9.69
C GLU N 240 -50.59 24.05 8.20
N ALA N 241 -51.36 24.83 7.46
CA ALA N 241 -51.30 24.76 6.02
C ALA N 241 -50.04 25.45 5.50
N ALA N 242 -49.54 24.93 4.40
CA ALA N 242 -48.43 25.51 3.66
C ALA N 242 -48.58 26.98 3.24
N PRO N 243 -49.76 27.51 2.88
CA PRO N 243 -49.85 28.96 2.68
C PRO N 243 -49.64 29.77 3.94
N LEU N 244 -50.01 29.24 5.11
CA LEU N 244 -49.68 29.91 6.36
C LEU N 244 -48.18 29.99 6.54
N GLN N 245 -47.48 28.91 6.23
CA GLN N 245 -46.03 28.91 6.33
C GLN N 245 -45.39 29.79 5.29
N TYR N 246 -46.02 29.93 4.14
CA TYR N 246 -45.57 30.91 3.17
C TYR N 246 -45.78 32.33 3.68
N LEU N 247 -46.88 32.56 4.37
CA LEU N 247 -47.31 33.89 4.71
C LEU N 247 -46.60 34.48 5.91
N ALA N 248 -46.36 33.65 6.92
CA ALA N 248 -45.94 34.13 8.24
C ALA N 248 -44.67 34.98 8.31
N PRO N 249 -43.57 34.72 7.56
CA PRO N 249 -42.43 35.63 7.67
C PRO N 249 -42.71 37.05 7.22
N PHE N 250 -43.55 37.25 6.21
CA PHE N 250 -43.89 38.61 5.81
C PHE N 250 -44.72 39.31 6.87
N THR N 251 -45.58 38.56 7.55
CA THR N 251 -46.39 39.14 8.61
C THR N 251 -45.51 39.56 9.78
N ALA N 252 -44.58 38.69 10.16
CA ALA N 252 -43.63 39.07 11.21
C ALA N 252 -42.71 40.18 10.76
N ALA N 253 -42.43 40.28 9.46
CA ALA N 253 -41.66 41.41 8.95
C ALA N 253 -42.44 42.70 9.13
N SER N 254 -43.74 42.66 8.92
CA SER N 254 -44.56 43.84 9.15
C SER N 254 -44.60 44.20 10.63
N ILE N 255 -44.62 43.18 11.49
CA ILE N 255 -44.53 43.41 12.92
C ILE N 255 -43.22 44.10 13.28
N GLY N 256 -42.13 43.66 12.67
CA GLY N 256 -40.85 44.30 12.92
C GLY N 256 -40.78 45.72 12.38
N GLU N 257 -41.40 45.94 11.22
CA GLU N 257 -41.48 47.27 10.65
C GLU N 257 -42.30 48.21 11.50
N TRP N 258 -43.29 47.69 12.24
CA TRP N 258 -44.05 48.52 13.16
C TRP N 258 -43.15 49.12 14.24
N PHE N 259 -42.29 48.29 14.83
CA PHE N 259 -41.31 48.80 15.79
C PHE N 259 -40.29 49.70 15.12
N ARG N 260 -39.85 49.33 13.92
CA ARG N 260 -38.79 50.08 13.25
C ARG N 260 -39.24 51.48 12.88
N ASP N 261 -40.49 51.63 12.49
CA ASP N 261 -41.03 52.93 12.17
C ASP N 261 -41.51 53.67 13.39
N ASN N 262 -41.41 53.04 14.57
CA ASN N 262 -41.60 53.75 15.82
C ASN N 262 -40.25 54.07 16.45
N GLY N 263 -39.20 54.09 15.64
CA GLY N 263 -37.87 54.47 16.09
C GLY N 263 -37.14 53.46 16.92
N LYS N 264 -37.79 52.37 17.30
CA LYS N 264 -37.22 51.42 18.24
C LYS N 264 -36.32 50.44 17.50
N HIS N 265 -35.93 49.36 18.17
CA HIS N 265 -35.00 48.41 17.58
C HIS N 265 -35.52 47.01 17.83
N ALA N 266 -35.62 46.22 16.77
CA ALA N 266 -36.18 44.89 16.86
C ALA N 266 -35.30 43.91 16.12
N LEU N 267 -35.05 42.77 16.76
CA LEU N 267 -34.40 41.64 16.13
C LEU N 267 -35.45 40.61 15.75
N ILE N 268 -35.53 40.29 14.47
CA ILE N 268 -36.36 39.20 14.00
C ILE N 268 -35.45 38.01 13.73
N VAL N 269 -35.96 36.83 14.03
CA VAL N 269 -35.25 35.58 13.78
C VAL N 269 -36.21 34.67 13.04
N TYR N 270 -36.00 34.51 11.74
CA TYR N 270 -36.74 33.52 10.97
C TYR N 270 -36.14 32.16 11.25
N ASP N 271 -36.99 31.15 11.35
CA ASP N 271 -36.49 29.80 11.50
C ASP N 271 -37.55 28.88 10.89
N ASP N 272 -37.39 28.50 9.63
CA ASP N 272 -36.28 28.94 8.80
C ASP N 272 -36.78 29.46 7.48
N LEU N 273 -35.86 29.82 6.59
CA LEU N 273 -36.28 30.14 5.23
C LEU N 273 -36.48 28.90 4.39
N SER N 274 -35.93 27.77 4.82
CA SER N 274 -35.99 26.57 4.00
C SER N 274 -37.40 25.99 3.95
N LYS N 275 -38.07 25.89 5.10
CA LYS N 275 -39.45 25.42 5.10
C LYS N 275 -40.36 26.39 4.37
N GLN N 276 -40.05 27.68 4.44
CA GLN N 276 -40.79 28.65 3.66
C GLN N 276 -40.60 28.41 2.17
N ALA N 277 -39.37 28.08 1.75
CA ALA N 277 -39.13 27.79 0.35
C ALA N 277 -39.85 26.53 -0.09
N VAL N 278 -39.91 25.53 0.79
CA VAL N 278 -40.63 24.30 0.48
C VAL N 278 -42.12 24.58 0.33
N ALA N 279 -42.67 25.40 1.23
CA ALA N 279 -44.10 25.70 1.17
C ALA N 279 -44.43 26.52 -0.07
N TYR N 280 -43.55 27.46 -0.43
CA TYR N 280 -43.79 28.26 -1.62
C TYR N 280 -43.67 27.43 -2.89
N ARG N 281 -42.75 26.47 -2.89
CA ARG N 281 -42.66 25.53 -3.99
C ARG N 281 -43.93 24.69 -4.09
N GLN N 282 -44.47 24.29 -2.93
CA GLN N 282 -45.68 23.50 -2.92
C GLN N 282 -46.87 24.27 -3.46
N LEU N 283 -46.99 25.54 -3.06
CA LEU N 283 -48.08 26.35 -3.56
C LEU N 283 -47.95 26.62 -5.05
N SER N 284 -46.74 26.89 -5.53
CA SER N 284 -46.58 27.18 -6.94
C SER N 284 -46.79 25.96 -7.82
N LEU N 285 -46.36 24.80 -7.36
CA LEU N 285 -46.61 23.59 -8.13
C LEU N 285 -48.08 23.21 -8.09
N LEU N 286 -48.74 23.43 -6.96
CA LEU N 286 -50.17 23.17 -6.95
C LEU N 286 -50.95 24.23 -7.70
N LEU N 287 -50.41 25.43 -7.86
CA LEU N 287 -51.02 26.41 -8.74
C LEU N 287 -50.53 26.30 -10.17
N ARG N 288 -49.84 25.19 -10.49
CA ARG N 288 -49.46 24.82 -11.85
C ARG N 288 -48.50 25.84 -12.46
N ARG N 289 -47.75 26.50 -11.60
CA ARG N 289 -46.75 27.36 -12.15
C ARG N 289 -45.55 26.54 -12.58
N PRO N 290 -44.96 26.83 -13.73
CA PRO N 290 -43.83 26.04 -14.21
C PRO N 290 -42.62 26.25 -13.33
N PRO N 291 -42.10 25.17 -12.75
CA PRO N 291 -40.98 25.31 -11.82
C PRO N 291 -39.67 25.58 -12.53
N GLY N 292 -38.76 26.21 -11.79
CA GLY N 292 -37.43 26.45 -12.30
C GLY N 292 -36.49 25.37 -11.81
N ARG N 293 -35.29 25.76 -11.40
CA ARG N 293 -34.24 24.81 -11.07
C ARG N 293 -34.56 24.10 -9.78
N GLU N 294 -34.29 22.80 -9.76
CA GLU N 294 -34.54 21.89 -8.63
C GLU N 294 -36.01 21.88 -8.24
N ALA N 295 -36.87 22.06 -9.24
CA ALA N 295 -38.33 22.15 -9.15
C ALA N 295 -38.82 23.32 -8.30
N TYR N 296 -37.94 24.24 -7.93
CA TYR N 296 -38.37 25.40 -7.19
C TYR N 296 -38.97 26.42 -8.15
N PRO N 297 -39.79 27.33 -7.63
CA PRO N 297 -40.26 28.43 -8.48
C PRO N 297 -39.11 29.37 -8.80
N GLY N 298 -39.30 30.12 -9.88
CA GLY N 298 -38.21 30.96 -10.37
C GLY N 298 -37.91 32.15 -9.49
N ASP N 299 -38.93 32.75 -8.88
CA ASP N 299 -38.80 34.01 -8.18
C ASP N 299 -38.56 33.84 -6.69
N VAL N 300 -38.04 32.67 -6.29
CA VAL N 300 -37.80 32.44 -4.87
C VAL N 300 -36.62 33.28 -4.40
N PHE N 301 -35.69 33.59 -5.30
CA PHE N 301 -34.66 34.57 -5.00
C PHE N 301 -35.28 35.93 -4.77
N TYR N 302 -36.23 36.31 -5.62
CA TYR N 302 -37.01 37.52 -5.41
C TYR N 302 -37.83 37.44 -4.13
N LEU N 303 -38.33 36.25 -3.81
CA LEU N 303 -39.12 36.06 -2.60
C LEU N 303 -38.32 36.38 -1.35
N HIS N 304 -37.12 35.83 -1.26
CA HIS N 304 -36.34 36.11 -0.07
C HIS N 304 -35.69 37.48 -0.11
N SER N 305 -35.47 38.03 -1.30
CA SER N 305 -34.92 39.37 -1.38
C SER N 305 -35.92 40.40 -0.88
N ARG N 306 -37.18 40.22 -1.24
CA ARG N 306 -38.17 41.13 -0.68
C ARG N 306 -38.56 40.75 0.73
N LEU N 307 -38.07 39.63 1.25
CA LEU N 307 -38.25 39.39 2.67
C LEU N 307 -37.17 40.08 3.49
N LEU N 308 -35.91 39.94 3.09
CA LEU N 308 -34.81 40.35 3.93
C LEU N 308 -34.42 41.82 3.75
N GLU N 309 -34.88 42.47 2.71
CA GLU N 309 -34.62 43.90 2.58
C GLU N 309 -35.62 44.74 3.36
N ARG N 310 -36.64 44.12 3.94
CA ARG N 310 -37.54 44.85 4.82
C ARG N 310 -36.91 45.10 6.17
N ALA N 311 -35.81 44.43 6.49
CA ALA N 311 -35.09 44.63 7.75
C ALA N 311 -33.88 45.50 7.44
N ALA N 312 -33.83 46.69 8.05
CA ALA N 312 -32.72 47.60 7.81
C ALA N 312 -32.64 48.60 8.97
N LYS N 313 -31.63 49.45 8.89
CA LYS N 313 -31.48 50.57 9.82
C LYS N 313 -32.01 51.85 9.21
N LEU N 314 -32.98 52.48 9.87
CA LEU N 314 -33.50 53.73 9.36
C LEU N 314 -32.53 54.87 9.63
N SER N 315 -32.68 55.91 8.82
CA SER N 315 -31.96 57.15 9.02
C SER N 315 -32.56 57.92 10.19
N GLU N 316 -31.93 59.06 10.49
CA GLU N 316 -32.28 59.82 11.69
C GLU N 316 -33.65 60.48 11.57
N LYS N 317 -33.92 61.10 10.42
CA LYS N 317 -35.22 61.73 10.19
C LYS N 317 -36.35 60.71 10.11
N GLU N 318 -36.04 59.44 9.91
CA GLU N 318 -37.03 58.39 10.06
C GLU N 318 -37.19 57.95 11.51
N GLY N 319 -36.31 58.41 12.39
CA GLY N 319 -36.45 58.10 13.80
C GLY N 319 -35.39 57.14 14.30
N SER N 320 -34.44 56.83 13.41
CA SER N 320 -33.30 55.95 13.69
C SER N 320 -33.77 54.56 14.16
N GLY N 321 -34.88 54.11 13.62
CA GLY N 321 -35.34 52.77 13.92
C GLY N 321 -34.52 51.73 13.21
N SER N 322 -34.63 50.49 13.68
CA SER N 322 -33.88 49.43 13.07
C SER N 322 -34.60 48.11 13.22
N LEU N 323 -34.58 47.33 12.15
CA LEU N 323 -35.00 45.94 12.19
C LEU N 323 -33.81 45.09 11.80
N THR N 324 -33.41 44.20 12.69
CA THR N 324 -32.25 43.35 12.50
C THR N 324 -32.74 41.93 12.28
N ALA N 325 -32.09 41.20 11.39
CA ALA N 325 -32.64 39.96 10.88
C ALA N 325 -31.67 38.80 11.07
N LEU N 326 -32.21 37.68 11.53
CA LEU N 326 -31.47 36.42 11.61
C LEU N 326 -32.22 35.35 10.84
N PRO N 327 -31.93 35.21 9.55
CA PRO N 327 -32.38 34.03 8.82
C PRO N 327 -31.58 32.81 9.22
N VAL N 328 -32.20 31.65 9.05
CA VAL N 328 -31.62 30.37 9.39
C VAL N 328 -31.75 29.47 8.17
N ILE N 329 -30.69 28.73 7.86
CA ILE N 329 -30.75 27.69 6.85
C ILE N 329 -30.27 26.38 7.43
N GLU N 330 -31.11 25.35 7.33
CA GLU N 330 -30.66 23.98 7.44
C GLU N 330 -30.10 23.52 6.10
N THR N 331 -28.93 22.93 6.12
CA THR N 331 -28.28 22.45 4.91
C THR N 331 -28.35 20.92 4.86
N GLN N 332 -27.82 20.37 3.78
CA GLN N 332 -27.93 18.95 3.48
C GLN N 332 -26.54 18.37 3.35
N GLY N 333 -26.11 17.66 4.40
CA GLY N 333 -24.81 17.01 4.39
C GLY N 333 -23.64 17.97 4.32
N GLY N 334 -23.82 19.16 4.85
CA GLY N 334 -22.78 20.18 4.74
C GLY N 334 -22.61 20.71 3.33
N ASP N 335 -23.71 20.98 2.64
CA ASP N 335 -23.65 21.57 1.32
C ASP N 335 -24.01 23.04 1.40
N VAL N 336 -23.24 23.84 0.67
CA VAL N 336 -23.61 25.22 0.39
C VAL N 336 -23.93 25.44 -1.08
N SER N 337 -23.66 24.46 -1.93
CA SER N 337 -23.82 24.64 -3.36
C SER N 337 -25.25 24.42 -3.83
N ALA N 338 -26.18 24.13 -2.93
CA ALA N 338 -27.56 24.00 -3.33
C ALA N 338 -28.15 25.36 -3.68
N TYR N 339 -29.27 25.30 -4.41
CA TYR N 339 -29.89 26.49 -5.02
C TYR N 339 -30.36 27.48 -3.97
N ILE N 340 -30.96 27.00 -2.89
CA ILE N 340 -31.50 27.87 -1.86
C ILE N 340 -30.40 28.57 -1.07
N PRO N 341 -29.35 27.91 -0.55
CA PRO N 341 -28.32 28.70 0.13
C PRO N 341 -27.51 29.57 -0.80
N THR N 342 -27.33 29.15 -2.04
CA THR N 342 -26.64 30.01 -3.00
C THR N 342 -27.45 31.26 -3.29
N ASN N 343 -28.79 31.17 -3.24
CA ASN N 343 -29.59 32.38 -3.32
C ASN N 343 -29.44 33.22 -2.07
N VAL N 344 -29.45 32.60 -0.89
CA VAL N 344 -29.58 33.38 0.33
C VAL N 344 -28.28 34.08 0.70
N ILE N 345 -27.14 33.40 0.52
CA ILE N 345 -25.84 34.01 0.80
C ILE N 345 -25.58 35.17 -0.16
N SER N 346 -26.16 35.11 -1.35
CA SER N 346 -26.13 36.26 -2.23
C SER N 346 -26.92 37.45 -1.70
N ILE N 347 -27.82 37.25 -0.75
CA ILE N 347 -28.65 38.34 -0.23
C ILE N 347 -28.02 38.99 1.00
N THR N 348 -27.61 38.18 1.97
CA THR N 348 -27.42 38.65 3.32
C THR N 348 -26.17 39.53 3.47
N ASP N 349 -26.02 40.10 4.66
CA ASP N 349 -24.92 41.01 4.95
C ASP N 349 -23.80 40.27 5.68
N GLY N 350 -23.62 39.00 5.33
CA GLY N 350 -22.65 38.13 5.96
C GLY N 350 -23.30 36.83 6.33
N GLN N 351 -22.50 35.92 6.87
CA GLN N 351 -22.96 34.56 7.10
C GLN N 351 -22.31 34.01 8.37
N ILE N 352 -22.97 33.02 8.97
CA ILE N 352 -22.45 32.34 10.15
C ILE N 352 -22.57 30.84 9.89
N PHE N 353 -21.44 30.15 9.85
CA PHE N 353 -21.38 28.81 9.34
C PHE N 353 -20.97 27.85 10.45
N LEU N 354 -21.65 26.70 10.53
CA LEU N 354 -21.71 25.91 11.78
C LEU N 354 -21.49 24.42 11.53
N GLU N 355 -20.34 24.07 10.95
CA GLU N 355 -19.88 22.69 10.80
C GLU N 355 -20.05 21.87 12.08
N ALA N 356 -20.81 20.77 11.95
CA ALA N 356 -21.09 19.92 13.10
C ALA N 356 -19.87 19.18 13.58
N GLU N 357 -18.87 19.02 12.70
CA GLU N 357 -17.61 18.40 13.05
C GLU N 357 -16.93 19.09 14.23
N LEU N 358 -16.97 20.42 14.24
CA LEU N 358 -16.45 21.16 15.37
C LEU N 358 -17.30 20.95 16.61
N PHE N 359 -18.60 20.77 16.44
CA PHE N 359 -19.49 20.52 17.57
C PHE N 359 -19.18 19.17 18.21
N TYR N 360 -18.79 18.20 17.40
CA TYR N 360 -18.31 16.95 17.98
C TYR N 360 -16.93 17.07 18.57
N LYS N 361 -16.16 18.08 18.19
CA LYS N 361 -14.88 18.35 18.84
C LYS N 361 -15.02 19.31 20.00
N GLY N 362 -16.20 19.35 20.64
CA GLY N 362 -16.42 20.14 21.83
C GLY N 362 -16.49 21.63 21.62
N ILE N 363 -16.37 22.10 20.38
CA ILE N 363 -16.41 23.54 20.12
C ILE N 363 -17.87 23.95 20.14
N ARG N 364 -18.30 24.55 21.23
CA ARG N 364 -19.67 25.00 21.37
C ARG N 364 -19.66 26.51 21.58
N PRO N 365 -20.23 27.30 20.66
CA PRO N 365 -20.82 26.91 19.38
C PRO N 365 -19.77 26.62 18.33
N ALA N 366 -20.15 25.88 17.30
CA ALA N 366 -19.21 25.29 16.36
C ALA N 366 -18.98 26.21 15.16
N ILE N 367 -18.39 27.36 15.44
CA ILE N 367 -18.30 28.41 14.44
C ILE N 367 -17.06 28.20 13.59
N ASN N 368 -17.26 28.01 12.29
CA ASN N 368 -16.15 27.99 11.35
C ASN N 368 -15.70 29.43 11.15
N VAL N 369 -14.54 29.75 11.72
CA VAL N 369 -13.98 31.10 11.59
C VAL N 369 -13.60 31.39 10.15
N GLY N 370 -13.08 30.38 9.45
CA GLY N 370 -12.60 30.58 8.09
C GLY N 370 -13.68 30.90 7.08
N LEU N 371 -14.94 30.60 7.39
CA LEU N 371 -16.01 30.92 6.49
C LEU N 371 -17.02 31.93 7.02
N SER N 372 -17.31 31.90 8.31
CA SER N 372 -18.27 32.85 8.86
C SER N 372 -17.66 34.24 8.87
N VAL N 373 -18.17 35.11 8.02
CA VAL N 373 -17.67 36.46 7.87
C VAL N 373 -18.82 37.42 8.13
N SER N 374 -18.47 38.68 8.34
CA SER N 374 -19.45 39.74 8.43
C SER N 374 -19.09 40.78 7.39
N ARG N 375 -20.01 41.01 6.44
CA ARG N 375 -19.75 41.99 5.39
C ARG N 375 -19.62 43.39 5.94
N VAL N 376 -20.37 43.72 7.00
CA VAL N 376 -20.12 44.97 7.70
C VAL N 376 -18.92 44.82 8.62
N GLY N 377 -19.01 43.89 9.56
CA GLY N 377 -17.87 43.63 10.43
C GLY N 377 -17.68 44.72 11.47
N SER N 378 -16.44 45.19 11.58
CA SER N 378 -15.96 45.98 12.70
C SER N 378 -16.65 47.33 12.84
N ALA N 379 -17.28 47.84 11.77
CA ALA N 379 -17.89 49.16 11.79
C ALA N 379 -19.00 49.30 12.81
N ALA N 380 -19.68 48.21 13.14
CA ALA N 380 -20.65 48.23 14.22
C ALA N 380 -20.21 47.45 15.44
N GLN N 381 -18.96 47.00 15.47
CA GLN N 381 -18.44 46.30 16.63
C GLN N 381 -18.22 47.29 17.78
N VAL N 382 -18.27 46.78 19.01
CA VAL N 382 -17.87 47.55 20.17
C VAL N 382 -16.41 47.95 20.04
N LYS N 383 -16.12 49.23 20.25
CA LYS N 383 -14.79 49.75 19.96
C LYS N 383 -13.77 49.24 20.97
N ALA N 384 -14.15 49.09 22.24
CA ALA N 384 -13.27 48.45 23.20
C ALA N 384 -12.97 47.03 22.81
N LEU N 385 -13.96 46.32 22.28
CA LEU N 385 -13.74 44.99 21.75
C LEU N 385 -12.91 45.04 20.48
N LYS N 386 -13.01 46.13 19.72
CA LYS N 386 -12.20 46.27 18.51
C LYS N 386 -10.73 46.42 18.84
N GLN N 387 -10.43 47.22 19.87
CA GLN N 387 -9.06 47.55 20.22
C GLN N 387 -8.29 46.34 20.73
N VAL N 388 -8.98 45.35 21.30
CA VAL N 388 -8.32 44.18 21.83
C VAL N 388 -8.30 43.02 20.85
N ALA N 389 -9.03 43.10 19.75
CA ALA N 389 -9.04 42.06 18.75
C ALA N 389 -8.93 42.68 17.36
N GLY N 390 -8.01 43.62 17.21
CA GLY N 390 -7.86 44.32 15.96
C GLY N 390 -7.27 43.47 14.86
N SER N 391 -6.59 42.39 15.22
CA SER N 391 -5.92 41.54 14.24
C SER N 391 -6.15 40.08 14.56
N LEU N 392 -7.17 39.80 15.38
CA LEU N 392 -7.35 38.46 15.93
C LEU N 392 -7.81 37.48 14.86
N LYS N 393 -8.71 37.92 13.98
CA LYS N 393 -9.35 37.03 13.01
C LYS N 393 -8.35 36.53 11.98
N LEU N 394 -7.59 37.46 11.39
CA LEU N 394 -6.55 37.07 10.44
C LEU N 394 -5.42 36.31 11.12
N PHE N 395 -5.18 36.58 12.40
CA PHE N 395 -4.24 35.77 13.16
C PHE N 395 -4.71 34.32 13.27
N LEU N 396 -5.99 34.11 13.54
CA LEU N 396 -6.49 32.74 13.61
C LEU N 396 -6.53 32.09 12.24
N ALA N 397 -6.73 32.89 11.19
CA ALA N 397 -6.67 32.38 9.84
C ALA N 397 -5.27 31.86 9.51
N GLN N 398 -4.25 32.67 9.77
CA GLN N 398 -2.90 32.21 9.51
C GLN N 398 -2.45 31.17 10.53
N TYR N 399 -3.04 31.16 11.72
CA TYR N 399 -2.88 30.06 12.67
C TYR N 399 -3.34 28.75 12.08
N ARG N 400 -4.53 28.74 11.51
CA ARG N 400 -5.02 27.51 10.90
C ARG N 400 -4.29 27.18 9.60
N GLU N 401 -3.74 28.18 8.92
CA GLU N 401 -2.95 27.94 7.73
C GLU N 401 -1.64 27.26 8.06
N VAL N 402 -0.88 27.86 8.96
CA VAL N 402 0.42 27.32 9.36
C VAL N 402 0.23 26.03 10.17
N ALA N 403 -0.87 25.95 10.92
CA ALA N 403 -1.21 24.76 11.69
C ALA N 403 -1.46 23.55 10.81
N ALA N 404 -1.80 23.74 9.54
CA ALA N 404 -1.92 22.62 8.61
C ALA N 404 -0.57 21.98 8.34
N PHE N 405 0.52 22.76 8.40
CA PHE N 405 1.85 22.18 8.25
C PHE N 405 2.21 21.32 9.46
N ALA N 406 1.71 21.68 10.63
CA ALA N 406 1.90 20.87 11.82
C ALA N 406 1.04 19.63 11.82
N GLN N 407 0.01 19.57 10.96
CA GLN N 407 -0.77 18.35 10.84
C GLN N 407 0.04 17.26 10.14
N PHE N 408 1.02 17.67 9.33
CA PHE N 408 1.99 16.71 8.79
C PHE N 408 2.84 16.11 9.91
N GLY N 409 3.05 16.86 10.98
CA GLY N 409 3.79 16.35 12.12
C GLY N 409 5.28 16.50 11.96
N SER N 410 5.70 17.62 11.40
CA SER N 410 7.11 17.96 11.28
C SER N 410 7.46 18.99 12.34
N ASP N 411 8.75 19.23 12.53
CA ASP N 411 9.23 20.20 13.49
C ASP N 411 9.13 21.62 12.92
N LEU N 412 8.74 22.55 13.78
CA LEU N 412 8.60 23.94 13.38
C LEU N 412 9.26 24.79 14.45
N ASP N 413 9.66 26.00 14.07
CA ASP N 413 10.38 26.89 14.97
C ASP N 413 9.42 27.46 16.02
N ALA N 414 10.00 28.05 17.07
CA ALA N 414 9.24 28.52 18.22
C ALA N 414 8.38 29.73 17.91
N SER N 415 8.62 30.42 16.81
CA SER N 415 7.68 31.45 16.35
C SER N 415 6.37 30.80 15.91
N THR N 416 6.46 29.88 14.96
CA THR N 416 5.28 29.15 14.50
C THR N 416 4.72 28.25 15.58
N LYS N 417 5.58 27.65 16.40
CA LYS N 417 5.09 26.84 17.52
C LYS N 417 4.42 27.70 18.56
N GLN N 418 4.90 28.93 18.75
CA GLN N 418 4.27 29.87 19.68
C GLN N 418 2.90 30.29 19.17
N THR N 419 2.80 30.60 17.88
CA THR N 419 1.50 30.92 17.30
C THR N 419 0.55 29.73 17.33
N LEU N 420 1.09 28.52 17.15
CA LEU N 420 0.32 27.29 17.31
C LEU N 420 -0.25 27.17 18.72
N VAL N 421 0.58 27.42 19.73
CA VAL N 421 0.15 27.36 21.13
C VAL N 421 -0.90 28.42 21.41
N ARG N 422 -0.67 29.64 20.94
CA ARG N 422 -1.58 30.72 21.28
C ARG N 422 -2.91 30.57 20.56
N GLY N 423 -2.88 30.15 19.29
CA GLY N 423 -4.13 29.90 18.58
C GLY N 423 -4.87 28.70 19.10
N GLU N 424 -4.14 27.69 19.60
CA GLU N 424 -4.80 26.55 20.24
C GLU N 424 -5.47 26.97 21.53
N ARG N 425 -4.80 27.81 22.32
CA ARG N 425 -5.42 28.33 23.54
C ARG N 425 -6.61 29.23 23.22
N LEU N 426 -6.55 29.98 22.13
CA LEU N 426 -7.68 30.80 21.73
C LEU N 426 -8.84 29.95 21.25
N THR N 427 -8.52 28.84 20.56
CA THR N 427 -9.55 27.93 20.08
C THR N 427 -10.25 27.26 21.25
N GLN N 428 -9.48 26.80 22.22
CA GLN N 428 -10.05 26.26 23.44
C GLN N 428 -10.79 27.33 24.23
N LEU N 429 -10.35 28.58 24.12
CA LEU N 429 -10.96 29.68 24.86
C LEU N 429 -12.39 29.95 24.40
N LEU N 430 -12.68 29.73 23.11
CA LEU N 430 -13.96 30.11 22.55
C LEU N 430 -15.08 29.13 22.83
N LYS N 431 -14.82 28.07 23.60
CA LYS N 431 -15.91 27.18 23.98
C LYS N 431 -16.82 27.86 24.97
N GLN N 432 -18.11 27.78 24.72
CA GLN N 432 -19.06 28.53 25.52
C GLN N 432 -20.32 27.69 25.71
N ASN N 433 -20.77 27.60 26.94
CA ASN N 433 -21.86 26.70 27.26
C ASN N 433 -23.18 27.23 26.74
N GLN N 434 -24.09 26.30 26.48
CA GLN N 434 -25.44 26.66 26.11
C GLN N 434 -26.12 27.33 27.29
N TYR N 435 -26.99 28.29 26.98
CA TYR N 435 -27.67 29.17 27.94
C TYR N 435 -26.70 29.94 28.83
N SER N 436 -25.55 30.31 28.29
CA SER N 436 -24.55 31.06 29.06
C SER N 436 -24.23 32.36 28.33
N PRO N 437 -25.09 33.36 28.45
CA PRO N 437 -24.77 34.64 27.84
C PRO N 437 -23.75 35.38 28.69
N LEU N 438 -23.00 36.24 28.03
CA LEU N 438 -22.01 37.03 28.73
C LEU N 438 -22.30 38.51 28.51
N ALA N 439 -21.38 39.35 28.96
CA ALA N 439 -21.39 40.76 28.62
C ALA N 439 -20.10 41.10 27.91
N THR N 440 -20.12 42.23 27.21
CA THR N 440 -18.92 42.68 26.50
C THR N 440 -17.82 43.06 27.48
N GLU N 441 -18.21 43.61 28.62
CA GLU N 441 -17.26 43.91 29.69
C GLU N 441 -16.63 42.63 30.26
N GLU N 442 -17.30 41.50 30.11
CA GLU N 442 -16.79 40.23 30.58
C GLU N 442 -15.90 39.56 29.55
N GLN N 443 -16.08 39.86 28.28
CA GLN N 443 -15.38 39.18 27.21
C GLN N 443 -14.10 39.88 26.78
N VAL N 444 -14.06 41.21 26.88
CA VAL N 444 -12.85 41.94 26.50
C VAL N 444 -11.59 41.55 27.28
N PRO N 445 -11.60 41.40 28.62
CA PRO N 445 -10.36 40.97 29.29
C PRO N 445 -9.93 39.57 28.93
N LEU N 446 -10.87 38.71 28.57
CA LEU N 446 -10.52 37.39 28.06
C LEU N 446 -9.76 37.50 26.76
N ILE N 447 -10.20 38.39 25.89
CA ILE N 447 -9.50 38.62 24.62
C ILE N 447 -8.13 39.23 24.87
N TYR N 448 -8.03 40.13 25.84
CA TYR N 448 -6.74 40.75 26.15
C TYR N 448 -5.77 39.72 26.72
N ALA N 449 -6.28 38.77 27.50
CA ALA N 449 -5.45 37.68 27.98
C ALA N 449 -5.04 36.77 26.85
N GLY N 450 -5.92 36.58 25.86
CA GLY N 450 -5.60 35.67 24.78
C GLY N 450 -4.57 36.22 23.82
N VAL N 451 -4.76 37.46 23.36
CA VAL N 451 -3.99 37.97 22.23
C VAL N 451 -2.56 38.32 22.59
N ASN N 452 -2.22 38.38 23.86
CA ASN N 452 -0.93 38.91 24.28
C ASN N 452 -0.07 37.86 24.97
N GLY N 453 -0.34 36.59 24.70
CA GLY N 453 0.51 35.53 25.19
C GLY N 453 0.42 35.27 26.68
N HIS N 454 -0.54 35.87 27.38
CA HIS N 454 -0.67 35.69 28.81
C HIS N 454 -1.15 34.29 29.19
N LEU N 455 -1.66 33.52 28.24
CA LEU N 455 -2.26 32.24 28.53
C LEU N 455 -1.45 31.09 27.96
N ASP N 456 -0.34 31.38 27.30
CA ASP N 456 0.35 30.34 26.54
C ASP N 456 1.13 29.40 27.44
N GLY N 457 1.52 29.87 28.62
CA GLY N 457 2.21 29.00 29.55
C GLY N 457 1.26 28.30 30.49
N ILE N 458 -0.03 28.35 30.18
CA ILE N 458 -1.06 27.76 31.02
C ILE N 458 -1.57 26.51 30.33
N GLU N 459 -1.85 25.48 31.13
CA GLU N 459 -2.37 24.22 30.65
C GLU N 459 -3.69 24.41 29.89
N LEU N 460 -3.81 23.72 28.76
CA LEU N 460 -4.93 23.87 27.86
C LEU N 460 -6.24 23.47 28.53
N SER N 461 -6.28 22.30 29.15
CA SER N 461 -7.47 21.77 29.81
C SER N 461 -7.91 22.59 31.01
N ARG N 462 -7.08 23.51 31.49
CA ARG N 462 -7.48 24.44 32.52
C ARG N 462 -8.20 25.66 32.00
N ILE N 463 -7.84 26.10 30.77
CA ILE N 463 -8.06 27.46 30.25
C ILE N 463 -9.46 27.98 30.49
N GLY N 464 -10.45 27.20 30.05
CA GLY N 464 -11.86 27.50 30.19
C GLY N 464 -12.29 27.79 31.60
N GLU N 465 -12.04 26.87 32.53
CA GLU N 465 -12.40 27.17 33.90
C GLU N 465 -11.44 28.16 34.51
N PHE N 466 -10.19 28.20 34.00
CA PHE N 466 -9.29 29.29 34.33
C PHE N 466 -9.91 30.62 33.92
N GLU N 467 -10.52 30.63 32.73
CA GLU N 467 -11.37 31.72 32.27
C GLU N 467 -12.37 32.14 33.33
N SER N 468 -13.13 31.16 33.84
CA SER N 468 -14.12 31.47 34.87
C SER N 468 -13.44 31.93 36.14
N SER N 469 -12.28 31.34 36.44
CA SER N 469 -11.50 31.75 37.60
C SER N 469 -11.03 33.19 37.44
N PHE N 470 -10.69 33.56 36.21
CA PHE N 470 -10.32 34.95 35.95
C PHE N 470 -11.52 35.86 36.08
N LEU N 471 -12.70 35.37 35.71
CA LEU N 471 -13.92 36.07 36.04
C LEU N 471 -14.08 36.18 37.55
N SER N 472 -13.75 35.10 38.25
CA SER N 472 -13.74 35.10 39.71
C SER N 472 -12.71 36.08 40.25
N TYR N 473 -11.68 36.39 39.47
CA TYR N 473 -10.79 37.48 39.82
C TYR N 473 -11.51 38.81 39.70
N LEU N 474 -12.06 39.09 38.51
CA LEU N 474 -12.51 40.43 38.20
C LEU N 474 -13.80 40.81 38.88
N LYS N 475 -14.67 39.84 39.13
CA LYS N 475 -15.84 40.10 39.97
C LYS N 475 -15.43 40.41 41.39
N SER N 476 -14.29 39.87 41.82
CA SER N 476 -13.75 40.17 43.14
C SER N 476 -13.16 41.57 43.19
N ASN N 477 -12.14 41.83 42.37
CA ASN N 477 -11.30 42.99 42.63
C ASN N 477 -11.70 44.19 41.78
N HIS N 478 -11.52 44.07 40.47
CA HIS N 478 -11.55 45.23 39.59
C HIS N 478 -12.92 45.40 38.96
N ASN N 479 -13.91 45.56 39.84
CA ASN N 479 -15.27 45.84 39.38
C ASN N 479 -15.34 47.22 38.75
N GLU N 480 -14.48 48.14 39.19
CA GLU N 480 -14.46 49.48 38.62
C GLU N 480 -14.00 49.48 37.18
N LEU N 481 -13.00 48.66 36.86
CA LEU N 481 -12.52 48.55 35.49
C LEU N 481 -13.60 47.99 34.58
N LEU N 482 -14.33 46.97 35.06
CA LEU N 482 -15.46 46.42 34.33
C LEU N 482 -16.55 47.45 34.10
N THR N 483 -16.81 48.27 35.13
CA THR N 483 -17.77 49.35 35.00
C THR N 483 -17.33 50.36 33.95
N GLU N 484 -16.03 50.63 33.89
CA GLU N 484 -15.51 51.55 32.89
C GLU N 484 -15.62 50.97 31.49
N ILE N 485 -15.41 49.67 31.35
CA ILE N 485 -15.57 49.01 30.06
C ILE N 485 -17.03 49.07 29.63
N ARG N 486 -17.95 48.91 30.59
CA ARG N 486 -19.37 49.04 30.31
C ARG N 486 -19.72 50.44 29.86
N GLU N 487 -19.27 51.45 30.60
CA GLU N 487 -19.74 52.81 30.37
C GLU N 487 -19.09 53.44 29.15
N LYS N 488 -17.83 53.09 28.89
CA LYS N 488 -17.14 53.70 27.76
C LYS N 488 -17.54 53.04 26.45
N GLY N 489 -17.36 51.72 26.37
CA GLY N 489 -17.34 51.06 25.08
C GLY N 489 -16.04 51.24 24.34
N GLU N 490 -15.08 51.95 24.93
CA GLU N 490 -13.74 52.15 24.41
C GLU N 490 -12.80 51.87 25.56
N LEU N 491 -11.49 51.99 25.33
CA LEU N 491 -10.54 51.80 26.40
C LEU N 491 -9.49 52.90 26.37
N SER N 492 -9.29 53.53 27.51
CA SER N 492 -8.18 54.45 27.69
C SER N 492 -6.92 53.65 27.98
N LYS N 493 -5.77 54.30 27.78
CA LYS N 493 -4.50 53.63 28.03
C LYS N 493 -4.28 53.39 29.51
N GLU N 494 -4.90 54.21 30.36
CA GLU N 494 -4.91 53.92 31.79
C GLU N 494 -5.74 52.68 32.08
N LEU N 495 -6.87 52.54 31.37
CA LEU N 495 -7.67 51.33 31.48
C LEU N 495 -6.90 50.15 30.93
N LEU N 496 -6.12 50.37 29.87
CA LEU N 496 -5.28 49.31 29.33
C LEU N 496 -4.19 48.91 30.32
N ALA N 497 -3.64 49.88 31.03
CA ALA N 497 -2.60 49.58 31.99
C ALA N 497 -3.16 48.85 33.20
N SER N 498 -4.34 49.26 33.67
CA SER N 498 -4.99 48.56 34.77
C SER N 498 -5.41 47.16 34.36
N LEU N 499 -5.82 47.02 33.10
CA LEU N 499 -6.16 45.73 32.53
C LEU N 499 -4.94 44.83 32.47
N LYS N 500 -3.81 45.37 32.02
CA LYS N 500 -2.57 44.61 31.97
C LYS N 500 -2.10 44.24 33.36
N SER N 501 -2.32 45.12 34.33
CA SER N 501 -1.91 44.87 35.70
C SER N 501 -2.71 43.74 36.31
N ALA N 502 -4.05 43.82 36.22
CA ALA N 502 -4.91 42.75 36.72
C ALA N 502 -4.71 41.46 35.93
N THR N 503 -4.40 41.59 34.64
CA THR N 503 -4.15 40.45 33.78
C THR N 503 -2.94 39.68 34.24
N GLU N 504 -1.80 40.36 34.36
CA GLU N 504 -0.59 39.70 34.80
C GLU N 504 -0.66 39.33 36.28
N SER N 505 -1.54 39.98 37.03
CA SER N 505 -1.80 39.57 38.40
C SER N 505 -2.47 38.20 38.46
N PHE N 506 -3.47 37.98 37.62
CA PHE N 506 -4.08 36.66 37.65
C PHE N 506 -3.31 35.65 36.82
N VAL N 507 -2.42 36.11 35.95
CA VAL N 507 -1.42 35.21 35.37
C VAL N 507 -0.47 34.73 36.45
N ALA N 508 -0.10 35.62 37.38
CA ALA N 508 0.67 35.22 38.55
C ALA N 508 -0.14 34.30 39.45
N THR N 509 -1.45 34.46 39.48
CA THR N 509 -2.31 33.53 40.16
C THR N 509 -2.40 32.26 39.33
N PHE N 510 -2.69 31.13 40.00
CA PHE N 510 -2.74 29.79 39.41
C PHE N 510 -1.41 29.39 38.76
N SER O 6 -54.50 62.85 -31.30
CA SER O 6 -53.98 61.49 -31.20
C SER O 6 -54.65 60.73 -30.07
N THR O 7 -55.23 59.59 -30.40
CA THR O 7 -55.87 58.88 -29.30
C THR O 7 -54.88 57.95 -28.61
N PRO O 8 -54.99 57.82 -27.29
CA PRO O 8 -54.20 56.81 -26.59
C PRO O 8 -54.89 55.47 -26.62
N ILE O 9 -54.09 54.41 -26.57
CA ILE O 9 -54.58 53.05 -26.64
C ILE O 9 -54.69 52.51 -25.23
N THR O 10 -55.92 52.22 -24.82
CA THR O 10 -56.16 51.59 -23.54
C THR O 10 -56.32 50.09 -23.73
N GLY O 11 -56.17 49.37 -22.63
CA GLY O 11 -56.38 47.94 -22.64
C GLY O 11 -56.90 47.47 -21.29
N LYS O 12 -57.30 46.21 -21.24
CA LYS O 12 -57.82 45.63 -20.01
C LYS O 12 -56.84 44.61 -19.45
N VAL O 13 -56.74 44.58 -18.14
CA VAL O 13 -55.89 43.61 -17.45
C VAL O 13 -56.64 42.29 -17.47
N THR O 14 -56.36 41.45 -18.44
CA THR O 14 -57.10 40.22 -18.57
C THR O 14 -56.55 39.10 -17.71
N ALA O 15 -55.28 39.17 -17.29
CA ALA O 15 -54.70 38.09 -16.49
C ALA O 15 -53.50 38.60 -15.72
N VAL O 16 -53.48 38.33 -14.42
CA VAL O 16 -52.33 38.61 -13.56
C VAL O 16 -51.81 37.27 -13.09
N ILE O 17 -50.60 36.92 -13.51
CA ILE O 17 -49.97 35.71 -13.02
C ILE O 17 -48.62 36.07 -12.44
N GLY O 18 -48.48 35.93 -11.13
CA GLY O 18 -47.21 36.16 -10.47
C GLY O 18 -46.76 37.60 -10.58
N ALA O 19 -45.76 37.83 -11.42
CA ALA O 19 -45.32 39.18 -11.77
C ALA O 19 -45.44 39.41 -13.27
N ILE O 20 -46.40 38.74 -13.88
CA ILE O 20 -46.59 38.78 -15.33
C ILE O 20 -48.03 39.14 -15.61
N VAL O 21 -48.23 40.21 -16.38
CA VAL O 21 -49.55 40.79 -16.57
C VAL O 21 -49.94 40.65 -18.03
N ASP O 22 -51.17 40.24 -18.28
CA ASP O 22 -51.67 40.11 -19.63
C ASP O 22 -52.73 41.17 -19.89
N VAL O 23 -52.71 41.74 -21.09
CA VAL O 23 -53.63 42.81 -21.47
C VAL O 23 -54.36 42.40 -22.72
N HIS O 24 -55.68 42.47 -22.67
CA HIS O 24 -56.49 42.42 -23.88
C HIS O 24 -56.67 43.84 -24.42
N PHE O 25 -56.19 44.07 -25.62
CA PHE O 25 -56.39 45.33 -26.31
C PHE O 25 -57.56 45.23 -27.25
N GLU O 26 -57.70 46.23 -28.11
CA GLU O 26 -58.74 46.19 -29.12
C GLU O 26 -58.12 46.08 -30.51
N GLN O 27 -58.98 46.21 -31.51
CA GLN O 27 -58.65 45.80 -32.87
C GLN O 27 -57.59 46.70 -33.50
N SER O 28 -56.49 46.06 -33.92
CA SER O 28 -55.32 46.66 -34.54
C SER O 28 -54.68 47.75 -33.68
N GLU O 29 -54.85 47.65 -32.37
CA GLU O 29 -54.32 48.64 -31.45
C GLU O 29 -53.10 48.11 -30.73
N LEU O 30 -52.50 47.06 -31.24
CA LEU O 30 -51.46 46.36 -30.50
C LEU O 30 -50.16 47.12 -30.56
N PRO O 31 -49.56 47.44 -29.43
CA PRO O 31 -48.22 48.03 -29.44
C PRO O 31 -47.21 47.00 -29.91
N ALA O 32 -46.15 47.49 -30.52
CA ALA O 32 -45.05 46.63 -30.89
C ALA O 32 -44.29 46.19 -29.64
N ILE O 33 -43.40 45.22 -29.84
CA ILE O 33 -42.66 44.59 -28.76
C ILE O 33 -41.75 45.61 -28.09
N LEU O 34 -41.61 45.48 -26.76
CA LEU O 34 -40.76 46.29 -25.89
C LEU O 34 -41.26 47.73 -25.82
N ASN O 35 -42.55 47.93 -25.60
CA ASN O 35 -43.09 49.26 -25.40
C ASN O 35 -43.54 49.41 -23.95
N ALA O 36 -43.28 50.58 -23.39
CA ALA O 36 -43.71 50.83 -22.03
C ALA O 36 -45.22 51.04 -21.98
N LEU O 37 -45.84 50.50 -20.93
CA LEU O 37 -47.26 50.61 -20.71
C LEU O 37 -47.47 51.09 -19.29
N GLU O 38 -48.39 52.01 -19.10
CA GLU O 38 -48.64 52.52 -17.77
C GLU O 38 -50.04 52.17 -17.30
N ILE O 39 -50.13 51.97 -16.00
CA ILE O 39 -51.41 51.80 -15.32
C ILE O 39 -51.35 52.57 -14.01
N LYS O 40 -52.35 53.40 -13.78
CA LYS O 40 -52.35 54.27 -12.61
C LYS O 40 -52.94 53.49 -11.44
N THR O 41 -52.08 53.06 -10.53
CA THR O 41 -52.53 52.49 -9.29
C THR O 41 -53.03 53.61 -8.38
N PRO O 42 -53.76 53.29 -7.32
CA PRO O 42 -53.96 54.30 -6.26
C PRO O 42 -52.71 54.61 -5.48
N GLN O 43 -51.63 53.84 -5.64
CA GLN O 43 -50.38 54.11 -4.97
C GLN O 43 -49.42 54.89 -5.85
N GLY O 44 -49.47 54.66 -7.14
CA GLY O 44 -48.62 55.40 -8.07
C GLY O 44 -48.96 54.99 -9.49
N LYS O 45 -47.94 54.99 -10.33
CA LYS O 45 -48.08 54.41 -11.65
C LYS O 45 -47.22 53.16 -11.74
N LEU O 46 -47.60 52.26 -12.64
CA LEU O 46 -46.99 50.95 -12.74
C LEU O 46 -46.73 50.64 -14.21
N VAL O 47 -45.58 50.04 -14.48
CA VAL O 47 -45.04 49.95 -15.82
C VAL O 47 -45.04 48.50 -16.27
N LEU O 48 -45.43 48.29 -17.52
CA LEU O 48 -45.32 47.01 -18.19
C LEU O 48 -44.48 47.20 -19.43
N GLU O 49 -43.96 46.09 -19.97
CA GLU O 49 -43.17 46.14 -21.19
C GLU O 49 -43.62 45.04 -22.13
N VAL O 50 -43.87 45.42 -23.38
CA VAL O 50 -44.52 44.53 -24.34
C VAL O 50 -43.58 43.40 -24.71
N ALA O 51 -43.84 42.22 -24.19
CA ALA O 51 -42.96 41.07 -24.40
C ALA O 51 -43.50 40.11 -25.45
N GLN O 52 -44.73 39.65 -25.32
CA GLN O 52 -45.26 38.62 -26.20
C GLN O 52 -46.61 39.03 -26.76
N HIS O 53 -46.73 39.01 -28.07
CA HIS O 53 -48.04 39.00 -28.71
C HIS O 53 -48.56 37.59 -28.58
N LEU O 54 -49.48 37.37 -27.66
CA LEU O 54 -50.06 36.05 -27.50
C LEU O 54 -51.16 35.76 -28.50
N GLY O 55 -51.38 36.63 -29.47
CA GLY O 55 -52.46 36.43 -30.42
C GLY O 55 -53.78 36.95 -29.89
N GLU O 56 -54.63 37.34 -30.84
CA GLU O 56 -56.00 37.79 -30.61
C GLU O 56 -56.08 38.99 -29.68
N ASN O 57 -55.26 40.01 -29.99
CA ASN O 57 -55.23 41.29 -29.29
C ASN O 57 -54.91 41.10 -27.81
N THR O 58 -54.05 40.14 -27.50
CA THR O 58 -53.71 39.80 -26.14
C THR O 58 -52.21 39.76 -26.01
N VAL O 59 -51.67 40.56 -25.09
CA VAL O 59 -50.25 40.79 -24.99
C VAL O 59 -49.80 40.46 -23.58
N ARG O 60 -48.79 39.60 -23.47
CA ARG O 60 -48.15 39.26 -22.22
C ARG O 60 -46.97 40.20 -21.96
N THR O 61 -46.96 40.80 -20.77
CA THR O 61 -45.96 41.78 -20.38
C THR O 61 -45.42 41.45 -19.01
N ILE O 62 -44.31 42.08 -18.70
CA ILE O 62 -43.59 41.88 -17.44
C ILE O 62 -43.80 43.10 -16.57
N ALA O 63 -44.04 42.86 -15.28
CA ALA O 63 -44.25 43.94 -14.34
C ALA O 63 -42.96 44.69 -14.05
N MET O 64 -43.10 45.84 -13.39
CA MET O 64 -41.95 46.63 -13.00
C MET O 64 -41.97 47.08 -11.55
N ASP O 65 -43.03 46.80 -10.80
CA ASP O 65 -43.06 47.11 -9.37
C ASP O 65 -43.98 46.09 -8.71
N GLY O 66 -44.36 46.35 -7.46
CA GLY O 66 -45.27 45.52 -6.70
C GLY O 66 -46.62 45.39 -7.35
N THR O 67 -46.95 44.18 -7.77
CA THR O 67 -48.11 43.92 -8.59
C THR O 67 -49.34 43.52 -7.79
N GLU O 68 -49.32 43.70 -6.48
CA GLU O 68 -50.45 43.27 -5.68
C GLU O 68 -51.63 44.23 -5.87
N GLY O 69 -52.79 43.78 -5.43
CA GLY O 69 -53.97 44.62 -5.39
C GLY O 69 -54.62 44.89 -6.73
N LEU O 70 -54.19 44.24 -7.80
CA LEU O 70 -54.66 44.60 -9.12
C LEU O 70 -55.96 43.90 -9.43
N VAL O 71 -56.96 44.67 -9.85
CA VAL O 71 -58.19 44.09 -10.34
C VAL O 71 -57.98 43.67 -11.79
N ARG O 72 -58.64 42.61 -12.20
CA ARG O 72 -58.72 42.28 -13.62
C ARG O 72 -59.40 43.40 -14.39
N GLY O 73 -58.96 43.60 -15.62
CA GLY O 73 -59.65 44.52 -16.49
C GLY O 73 -59.44 45.98 -16.19
N GLU O 74 -58.36 46.33 -15.49
CA GLU O 74 -58.08 47.74 -15.29
C GLU O 74 -57.58 48.38 -16.57
N LYS O 75 -57.91 49.64 -16.75
CA LYS O 75 -57.67 50.31 -18.03
C LYS O 75 -56.22 50.75 -18.08
N VAL O 76 -55.38 49.88 -18.59
CA VAL O 76 -53.97 50.21 -18.78
C VAL O 76 -53.84 51.14 -19.97
N LEU O 77 -52.72 51.85 -20.00
CA LEU O 77 -52.50 52.92 -20.95
C LEU O 77 -51.21 52.70 -21.71
N ASP O 78 -51.26 52.87 -23.02
CA ASP O 78 -50.08 52.82 -23.84
C ASP O 78 -49.24 54.07 -23.62
N THR O 79 -47.93 53.93 -23.84
CA THR O 79 -47.03 55.08 -23.91
C THR O 79 -46.44 55.21 -25.31
N GLY O 80 -46.78 54.29 -26.21
CA GLY O 80 -46.26 54.35 -27.55
C GLY O 80 -44.90 53.70 -27.69
N GLY O 81 -43.89 54.25 -27.02
CA GLY O 81 -42.55 53.78 -27.19
C GLY O 81 -42.05 52.94 -26.03
N PRO O 82 -40.76 52.65 -26.02
CA PRO O 82 -40.17 51.88 -24.92
C PRO O 82 -39.97 52.73 -23.69
N ILE O 83 -39.32 52.17 -22.69
CA ILE O 83 -38.95 52.95 -21.52
C ILE O 83 -37.82 53.89 -21.89
N SER O 84 -38.11 55.19 -21.86
CA SER O 84 -37.10 56.21 -22.09
C SER O 84 -36.75 56.89 -20.78
N VAL O 85 -35.46 57.13 -20.58
CA VAL O 85 -34.95 57.71 -19.36
C VAL O 85 -34.42 59.10 -19.70
N PRO O 86 -34.31 60.03 -18.75
CA PRO O 86 -33.70 61.31 -19.08
C PRO O 86 -32.19 61.16 -19.12
N VAL O 87 -31.56 61.99 -19.93
CA VAL O 87 -30.11 61.97 -20.04
C VAL O 87 -29.58 63.38 -19.90
N GLY O 88 -28.27 63.54 -20.08
CA GLY O 88 -27.65 64.84 -19.92
C GLY O 88 -27.00 64.99 -18.57
N ARG O 89 -26.25 66.08 -18.44
CA ARG O 89 -25.52 66.37 -17.22
C ARG O 89 -26.43 66.75 -16.06
N GLU O 90 -27.70 67.02 -16.33
CA GLU O 90 -28.72 67.14 -15.30
C GLU O 90 -28.90 65.86 -14.49
N THR O 91 -28.56 64.71 -15.07
CA THR O 91 -28.74 63.43 -14.40
C THR O 91 -27.61 63.11 -13.45
N LEU O 92 -26.55 63.90 -13.44
CA LEU O 92 -25.36 63.56 -12.68
C LEU O 92 -25.60 63.69 -11.19
N GLY O 93 -24.97 62.79 -10.42
CA GLY O 93 -25.06 62.82 -8.98
C GLY O 93 -26.41 62.55 -8.40
N ARG O 94 -27.33 61.95 -9.17
CA ARG O 94 -28.67 61.73 -8.70
C ARG O 94 -29.01 60.25 -8.77
N ILE O 95 -29.97 59.86 -7.93
CA ILE O 95 -30.31 58.45 -7.72
C ILE O 95 -31.59 58.16 -8.49
N ILE O 96 -31.48 57.35 -9.52
CA ILE O 96 -32.57 57.09 -10.45
C ILE O 96 -32.99 55.64 -10.31
N ASN O 97 -34.29 55.39 -10.36
CA ASN O 97 -34.81 54.03 -10.39
C ASN O 97 -34.70 53.47 -11.80
N VAL O 98 -35.38 52.35 -12.05
CA VAL O 98 -35.29 51.72 -13.36
C VAL O 98 -36.07 52.50 -14.41
N ILE O 99 -37.15 53.18 -14.01
CA ILE O 99 -38.05 53.79 -14.99
C ILE O 99 -37.70 55.23 -15.29
N GLY O 100 -36.50 55.68 -14.96
CA GLY O 100 -36.07 57.01 -15.27
C GLY O 100 -36.45 58.05 -14.24
N GLU O 101 -37.10 57.65 -13.17
CA GLU O 101 -37.51 58.60 -12.14
C GLU O 101 -36.42 58.78 -11.10
N PRO O 102 -36.11 60.01 -10.74
CA PRO O 102 -35.21 60.23 -9.61
C PRO O 102 -35.90 59.91 -8.29
N ILE O 103 -35.18 59.18 -7.44
CA ILE O 103 -35.72 58.84 -6.12
C ILE O 103 -34.84 59.46 -5.06
N ASP O 104 -34.02 60.41 -5.47
CA ASP O 104 -33.16 61.15 -4.57
C ASP O 104 -33.90 62.21 -3.76
N GLU O 105 -35.21 62.37 -4.00
CA GLU O 105 -36.06 63.39 -3.37
C GLU O 105 -35.52 64.79 -3.63
N ARG O 106 -34.94 64.98 -4.81
CA ARG O 106 -34.39 66.26 -5.23
C ARG O 106 -35.25 66.83 -6.35
N GLY O 107 -36.53 66.46 -6.35
CA GLY O 107 -37.43 66.83 -7.41
C GLY O 107 -37.14 66.03 -8.66
N PRO O 108 -37.74 66.40 -9.78
CA PRO O 108 -37.50 65.68 -11.02
C PRO O 108 -36.21 66.13 -11.68
N ILE O 109 -35.73 65.29 -12.58
CA ILE O 109 -34.61 65.64 -13.44
C ILE O 109 -35.19 66.17 -14.74
N LYS O 110 -35.15 67.49 -14.91
CA LYS O 110 -35.48 68.09 -16.18
C LYS O 110 -34.37 67.73 -17.16
N SER O 111 -34.75 67.41 -18.39
CA SER O 111 -33.80 66.99 -19.41
C SER O 111 -34.47 67.16 -20.76
N LYS O 112 -33.68 67.67 -21.71
CA LYS O 112 -34.24 67.92 -23.03
C LYS O 112 -34.40 66.63 -23.82
N LEU O 113 -33.75 65.55 -23.39
CA LEU O 113 -33.82 64.31 -24.14
C LEU O 113 -34.26 63.16 -23.25
N ARG O 114 -35.25 62.42 -23.74
CA ARG O 114 -35.60 61.11 -23.24
C ARG O 114 -35.03 60.12 -24.24
N LYS O 115 -34.41 59.07 -23.75
CA LYS O 115 -33.90 58.10 -24.71
C LYS O 115 -34.33 56.70 -24.32
N PRO O 116 -34.72 55.88 -25.29
CA PRO O 116 -35.16 54.52 -25.00
C PRO O 116 -34.00 53.63 -24.62
N ILE O 117 -34.33 52.56 -23.91
CA ILE O 117 -33.32 51.65 -23.38
C ILE O 117 -33.15 50.45 -24.29
N HIS O 118 -33.77 50.49 -25.46
CA HIS O 118 -33.67 49.40 -26.43
C HIS O 118 -33.18 50.00 -27.73
N ALA O 119 -31.87 50.16 -27.84
CA ALA O 119 -31.24 50.63 -29.06
C ALA O 119 -30.37 49.52 -29.61
N ASP O 120 -29.82 49.76 -30.77
CA ASP O 120 -29.00 48.77 -31.42
C ASP O 120 -27.56 48.86 -30.92
N PRO O 121 -26.86 47.72 -30.84
CA PRO O 121 -25.42 47.78 -30.61
C PRO O 121 -24.72 48.35 -31.83
N PRO O 122 -23.56 48.97 -31.63
CA PRO O 122 -22.88 49.62 -32.76
C PRO O 122 -22.35 48.62 -33.77
N SER O 123 -22.14 49.12 -34.98
CA SER O 123 -21.80 48.26 -36.09
C SER O 123 -20.34 47.82 -36.02
N PHE O 124 -20.03 46.81 -36.83
CA PHE O 124 -18.66 46.31 -36.90
C PHE O 124 -17.73 47.34 -37.50
N ALA O 125 -18.19 48.09 -38.50
CA ALA O 125 -17.41 49.22 -38.98
C ALA O 125 -17.32 50.34 -37.98
N GLU O 126 -18.26 50.40 -37.03
CA GLU O 126 -18.26 51.42 -35.99
C GLU O 126 -17.39 51.05 -34.81
N GLN O 127 -16.67 49.94 -34.88
CA GLN O 127 -15.83 49.53 -33.76
C GLN O 127 -14.55 50.35 -33.73
N SER O 128 -13.80 50.17 -32.64
CA SER O 128 -12.55 50.90 -32.45
C SER O 128 -11.67 50.09 -31.51
N THR O 129 -10.46 49.78 -31.97
CA THR O 129 -9.51 48.97 -31.22
C THR O 129 -8.57 49.89 -30.45
N SER O 130 -8.67 49.86 -29.13
CA SER O 130 -7.81 50.65 -28.26
C SER O 130 -6.80 49.75 -27.58
N ALA O 131 -5.55 50.22 -27.49
CA ALA O 131 -4.50 49.50 -26.81
C ALA O 131 -3.95 50.30 -25.62
N GLU O 132 -4.76 51.19 -25.07
CA GLU O 132 -4.31 52.06 -23.99
C GLU O 132 -4.35 51.31 -22.67
N ILE O 133 -3.20 51.16 -22.03
CA ILE O 133 -3.14 50.58 -20.70
C ILE O 133 -3.76 51.54 -19.70
N LEU O 134 -4.38 51.01 -18.67
CA LEU O 134 -4.92 51.81 -17.58
C LEU O 134 -4.17 51.44 -16.30
N GLU O 135 -3.44 52.40 -15.75
CA GLU O 135 -2.74 52.15 -14.49
C GLU O 135 -3.73 52.33 -13.35
N THR O 136 -3.98 51.24 -12.63
CA THR O 136 -4.92 51.31 -11.51
C THR O 136 -4.23 51.81 -10.25
N GLY O 137 -3.18 51.11 -9.85
CA GLY O 137 -2.52 51.39 -8.60
C GLY O 137 -2.49 50.17 -7.73
N ILE O 138 -3.02 49.07 -8.25
CA ILE O 138 -3.11 47.80 -7.53
C ILE O 138 -2.12 46.84 -8.15
N LYS O 139 -1.35 46.16 -7.29
CA LYS O 139 -0.17 45.42 -7.76
C LYS O 139 -0.55 44.23 -8.61
N VAL O 140 -1.51 43.42 -8.13
CA VAL O 140 -1.84 42.16 -8.80
C VAL O 140 -2.51 42.43 -10.14
N VAL O 141 -3.20 43.56 -10.27
CA VAL O 141 -3.77 43.93 -11.56
C VAL O 141 -2.69 44.44 -12.49
N ASP O 142 -1.97 45.48 -12.05
CA ASP O 142 -1.04 46.19 -12.91
C ASP O 142 0.17 45.36 -13.29
N LEU O 143 0.47 44.31 -12.52
CA LEU O 143 1.46 43.35 -12.97
C LEU O 143 0.88 42.40 -14.01
N LEU O 144 -0.18 41.70 -13.66
CA LEU O 144 -0.58 40.51 -14.39
C LEU O 144 -1.57 40.82 -15.50
N ALA O 145 -2.71 41.43 -15.15
CA ALA O 145 -3.77 41.70 -16.11
C ALA O 145 -3.93 43.20 -16.23
N PRO O 146 -3.20 43.83 -17.14
CA PRO O 146 -3.32 45.29 -17.28
C PRO O 146 -4.65 45.66 -17.91
N TYR O 147 -5.26 46.70 -17.34
CA TYR O 147 -6.59 47.08 -17.78
C TYR O 147 -6.50 48.05 -18.96
N ALA O 148 -7.53 48.05 -19.79
CA ALA O 148 -7.59 48.89 -20.97
C ALA O 148 -8.47 50.09 -20.67
N ARG O 149 -7.90 51.28 -20.79
CA ARG O 149 -8.73 52.48 -20.88
C ARG O 149 -9.56 52.38 -22.14
N GLY O 150 -10.85 52.08 -21.99
CA GLY O 150 -11.70 51.82 -23.12
C GLY O 150 -12.04 50.37 -23.35
N GLY O 151 -11.53 49.46 -22.51
CA GLY O 151 -11.81 48.06 -22.64
C GLY O 151 -12.90 47.59 -21.71
N LYS O 152 -13.14 46.29 -21.73
CA LYS O 152 -14.15 45.67 -20.89
C LYS O 152 -13.48 44.77 -19.87
N ILE O 153 -13.81 45.01 -18.60
CA ILE O 153 -13.14 44.37 -17.47
C ILE O 153 -14.18 43.64 -16.65
N GLY O 154 -13.94 42.36 -16.40
CA GLY O 154 -14.85 41.54 -15.62
C GLY O 154 -14.25 41.13 -14.29
N LEU O 155 -15.10 41.05 -13.29
CA LEU O 155 -14.73 40.60 -11.94
C LEU O 155 -15.49 39.33 -11.64
N PHE O 156 -14.80 38.21 -11.79
CA PHE O 156 -15.37 36.89 -11.60
C PHE O 156 -15.12 36.42 -10.17
N GLY O 157 -16.18 36.34 -9.38
CA GLY O 157 -16.03 35.93 -7.99
C GLY O 157 -17.31 35.34 -7.44
N GLY O 158 -17.15 34.53 -6.41
CA GLY O 158 -18.26 33.97 -5.67
C GLY O 158 -18.82 34.93 -4.64
N ALA O 159 -19.54 34.36 -3.69
CA ALA O 159 -20.28 35.17 -2.73
C ALA O 159 -19.35 35.72 -1.65
N GLY O 160 -19.41 37.02 -1.41
CA GLY O 160 -18.72 37.62 -0.29
C GLY O 160 -17.22 37.71 -0.42
N VAL O 161 -16.69 37.39 -1.58
CA VAL O 161 -15.24 37.28 -1.72
C VAL O 161 -14.60 38.66 -1.76
N GLY O 162 -15.35 39.69 -2.10
CA GLY O 162 -14.80 41.02 -2.02
C GLY O 162 -14.94 41.82 -3.27
N LYS O 163 -15.86 41.40 -4.14
CA LYS O 163 -16.04 42.06 -5.44
C LYS O 163 -16.53 43.48 -5.27
N THR O 164 -17.51 43.68 -4.37
CA THR O 164 -18.01 45.01 -4.12
C THR O 164 -16.94 45.87 -3.45
N VAL O 165 -16.15 45.26 -2.57
CA VAL O 165 -15.02 45.95 -1.94
C VAL O 165 -13.98 46.33 -2.99
N PHE O 166 -13.71 45.41 -3.91
CA PHE O 166 -12.68 45.65 -4.91
C PHE O 166 -13.10 46.72 -5.90
N ILE O 167 -14.36 46.69 -6.34
CA ILE O 167 -14.82 47.71 -7.27
C ILE O 167 -14.98 49.05 -6.57
N GLN O 168 -15.24 49.03 -5.26
CA GLN O 168 -15.33 50.28 -4.52
C GLN O 168 -13.95 50.91 -4.38
N GLU O 169 -12.94 50.07 -4.19
CA GLU O 169 -11.57 50.55 -4.21
C GLU O 169 -11.18 51.07 -5.57
N LEU O 170 -11.67 50.44 -6.63
CA LEU O 170 -11.41 50.92 -7.99
C LEU O 170 -12.04 52.28 -8.24
N ILE O 171 -13.26 52.47 -7.77
CA ILE O 171 -13.93 53.76 -7.92
C ILE O 171 -13.21 54.82 -7.10
N ASN O 172 -12.74 54.44 -5.91
CA ASN O 172 -11.92 55.33 -5.09
C ASN O 172 -10.64 55.72 -5.80
N ASN O 173 -10.05 54.80 -6.55
CA ASN O 173 -8.78 55.07 -7.20
C ASN O 173 -8.92 55.86 -8.49
N ILE O 174 -9.88 55.52 -9.35
CA ILE O 174 -9.82 55.92 -10.73
C ILE O 174 -10.77 57.06 -11.07
N ALA O 175 -11.95 57.11 -10.42
CA ALA O 175 -13.00 58.04 -10.84
C ALA O 175 -12.61 59.49 -10.61
N LYS O 176 -11.97 59.80 -9.49
CA LYS O 176 -11.46 61.14 -9.27
C LYS O 176 -10.27 61.45 -10.15
N ALA O 177 -9.55 60.44 -10.61
CA ALA O 177 -8.40 60.61 -11.49
C ALA O 177 -8.80 60.42 -12.95
N HIS O 178 -10.04 60.73 -13.28
CA HIS O 178 -10.55 60.52 -14.62
C HIS O 178 -11.22 61.78 -15.12
N GLY O 179 -10.81 62.25 -16.28
CA GLY O 179 -11.36 63.46 -16.85
C GLY O 179 -12.60 63.23 -17.70
N GLY O 180 -13.54 62.46 -17.17
CA GLY O 180 -14.75 62.18 -17.90
C GLY O 180 -15.94 62.06 -16.97
N PHE O 181 -16.75 61.04 -17.16
CA PHE O 181 -17.89 60.82 -16.28
C PHE O 181 -18.06 59.34 -16.03
N SER O 182 -18.35 59.00 -14.78
CA SER O 182 -18.53 57.62 -14.37
C SER O 182 -20.01 57.38 -14.10
N VAL O 183 -20.46 56.19 -14.44
CA VAL O 183 -21.84 55.79 -14.20
C VAL O 183 -21.83 54.49 -13.43
N PHE O 184 -22.43 54.51 -12.24
CA PHE O 184 -22.61 53.29 -11.48
C PHE O 184 -24.05 52.82 -11.64
N THR O 185 -24.21 51.51 -11.73
CA THR O 185 -25.53 50.91 -11.88
C THR O 185 -25.61 49.71 -10.94
N GLY O 186 -26.09 49.95 -9.72
CA GLY O 186 -26.30 48.88 -8.77
C GLY O 186 -27.49 48.02 -9.12
N VAL O 187 -27.22 46.79 -9.57
CA VAL O 187 -28.25 45.92 -10.13
C VAL O 187 -28.49 44.78 -9.16
N GLY O 188 -29.69 44.72 -8.60
CA GLY O 188 -30.12 43.63 -7.75
C GLY O 188 -29.31 43.56 -6.47
N GLU O 189 -28.97 44.72 -5.95
CA GLU O 189 -27.94 44.77 -4.93
C GLU O 189 -28.54 44.86 -3.55
N ARG O 190 -27.68 44.87 -2.55
CA ARG O 190 -28.11 45.15 -1.19
C ARG O 190 -28.34 46.64 -1.08
N THR O 191 -29.47 47.01 -0.47
CA THR O 191 -29.86 48.41 -0.45
C THR O 191 -28.94 49.23 0.44
N ARG O 192 -28.50 48.65 1.55
CA ARG O 192 -27.58 49.35 2.43
C ARG O 192 -26.20 49.52 1.78
N GLU O 193 -25.82 48.62 0.87
CA GLU O 193 -24.64 48.85 0.05
C GLU O 193 -24.80 50.08 -0.81
N GLY O 194 -26.00 50.31 -1.35
CA GLY O 194 -26.24 51.53 -2.10
C GLY O 194 -26.20 52.76 -1.22
N ASN O 195 -26.74 52.64 0.00
CA ASN O 195 -26.63 53.72 0.99
C ASN O 195 -25.17 54.06 1.27
N ASP O 196 -24.36 53.04 1.51
CA ASP O 196 -22.97 53.25 1.86
C ASP O 196 -22.20 53.83 0.69
N LEU O 197 -22.51 53.37 -0.52
CA LEU O 197 -21.83 53.90 -1.69
C LEU O 197 -22.21 55.34 -1.95
N TYR O 198 -23.49 55.68 -1.83
CA TYR O 198 -23.94 57.05 -2.02
C TYR O 198 -23.32 57.97 -0.97
N ARG O 199 -23.25 57.49 0.27
CA ARG O 199 -22.64 58.26 1.34
C ARG O 199 -21.15 58.48 1.10
N GLU O 200 -20.44 57.45 0.64
CA GLU O 200 -19.02 57.61 0.41
C GLU O 200 -18.72 58.41 -0.85
N MET O 201 -19.65 58.43 -1.80
CA MET O 201 -19.42 59.27 -2.96
C MET O 201 -19.74 60.73 -2.68
N LYS O 202 -20.62 60.99 -1.73
CA LYS O 202 -20.74 62.35 -1.21
C LYS O 202 -19.48 62.76 -0.46
N GLU O 203 -19.06 61.91 0.48
CA GLU O 203 -17.92 62.21 1.34
C GLU O 203 -16.61 62.26 0.57
N THR O 204 -16.53 61.58 -0.56
CA THR O 204 -15.37 61.72 -1.43
C THR O 204 -15.34 63.11 -2.05
N GLY O 205 -16.51 63.69 -2.26
CA GLY O 205 -16.62 64.95 -2.94
C GLY O 205 -16.82 64.82 -4.43
N VAL O 206 -16.88 63.59 -4.96
CA VAL O 206 -17.28 63.42 -6.33
C VAL O 206 -18.74 63.80 -6.50
N ILE O 207 -19.60 63.28 -5.65
CA ILE O 207 -20.94 63.86 -5.55
C ILE O 207 -20.84 65.19 -4.83
N ASN O 208 -21.18 66.26 -5.54
CA ASN O 208 -21.52 67.52 -4.91
C ASN O 208 -23.00 67.72 -5.13
N LEU O 209 -23.76 67.73 -4.03
CA LEU O 209 -25.19 67.98 -4.10
C LEU O 209 -25.49 69.39 -4.57
N GLU O 210 -24.58 70.32 -4.35
CA GLU O 210 -24.72 71.69 -4.82
C GLU O 210 -23.58 72.03 -5.77
N GLY O 211 -23.28 71.10 -6.65
CA GLY O 211 -22.26 71.33 -7.66
C GLY O 211 -22.18 70.20 -8.65
N GLU O 212 -21.00 70.02 -9.23
CA GLU O 212 -20.84 69.02 -10.27
C GLU O 212 -20.71 67.63 -9.67
N SER O 213 -20.83 66.63 -10.54
CA SER O 213 -20.62 65.24 -10.15
C SER O 213 -20.18 64.47 -11.36
N LYS O 214 -19.02 63.82 -11.27
CA LYS O 214 -18.52 63.01 -12.36
C LYS O 214 -19.14 61.61 -12.40
N VAL O 215 -20.28 61.41 -11.74
CA VAL O 215 -20.88 60.10 -11.59
C VAL O 215 -22.39 60.24 -11.66
N ALA O 216 -23.02 59.19 -12.17
CA ALA O 216 -24.47 59.09 -12.25
C ALA O 216 -24.89 57.76 -11.67
N LEU O 217 -25.90 57.77 -10.82
CA LEU O 217 -26.27 56.61 -10.02
C LEU O 217 -27.60 56.03 -10.45
N VAL O 218 -27.58 54.77 -10.84
CA VAL O 218 -28.79 54.02 -11.16
C VAL O 218 -28.81 52.83 -10.21
N PHE O 219 -29.98 52.53 -9.66
CA PHE O 219 -30.08 51.50 -8.64
C PHE O 219 -31.39 50.73 -8.75
N GLY O 220 -31.32 49.50 -9.22
CA GLY O 220 -32.38 48.56 -9.04
C GLY O 220 -31.92 47.53 -8.04
N GLN O 221 -32.56 47.48 -6.88
CA GLN O 221 -32.06 46.62 -5.83
C GLN O 221 -32.72 45.26 -5.93
N MET O 222 -32.32 44.35 -5.05
CA MET O 222 -32.85 43.00 -5.09
C MET O 222 -34.31 42.93 -4.68
N ASN O 223 -34.82 43.92 -3.94
CA ASN O 223 -36.23 43.96 -3.61
C ASN O 223 -37.12 44.24 -4.81
N GLU O 224 -36.55 44.76 -5.90
CA GLU O 224 -37.30 45.04 -7.10
C GLU O 224 -37.72 43.75 -7.79
N PRO O 225 -38.85 43.78 -8.50
CA PRO O 225 -39.26 42.61 -9.27
C PRO O 225 -38.32 42.34 -10.43
N PRO O 226 -38.32 41.12 -10.97
CA PRO O 226 -37.28 40.75 -11.95
C PRO O 226 -37.25 41.55 -13.23
N GLY O 227 -38.37 42.12 -13.66
CA GLY O 227 -38.35 42.96 -14.84
C GLY O 227 -37.55 44.23 -14.62
N ALA O 228 -37.71 44.82 -13.44
CA ALA O 228 -36.90 45.98 -13.08
C ALA O 228 -35.43 45.61 -13.01
N ARG O 229 -35.13 44.44 -12.48
CA ARG O 229 -33.75 43.99 -12.39
C ARG O 229 -33.21 43.53 -13.73
N ALA O 230 -34.08 43.37 -14.73
CA ALA O 230 -33.61 43.06 -16.06
C ALA O 230 -33.50 44.29 -16.94
N ARG O 231 -34.13 45.39 -16.56
CA ARG O 231 -34.04 46.61 -17.36
C ARG O 231 -33.13 47.68 -16.78
N VAL O 232 -32.74 47.56 -15.50
CA VAL O 232 -31.89 48.58 -14.90
C VAL O 232 -30.50 48.62 -15.52
N ALA O 233 -30.02 47.47 -16.02
CA ALA O 233 -28.77 47.45 -16.77
C ALA O 233 -28.90 48.20 -18.07
N LEU O 234 -30.05 48.08 -18.73
CA LEU O 234 -30.29 48.84 -19.95
C LEU O 234 -30.39 50.34 -19.66
N THR O 235 -30.89 50.69 -18.48
CA THR O 235 -30.95 52.10 -18.08
C THR O 235 -29.56 52.70 -17.95
N GLY O 236 -28.71 52.05 -17.14
CA GLY O 236 -27.34 52.50 -17.01
C GLY O 236 -26.58 52.48 -18.32
N LEU O 237 -26.87 51.48 -19.16
CA LEU O 237 -26.33 51.41 -20.50
C LEU O 237 -26.73 52.60 -21.34
N THR O 238 -27.99 53.03 -21.24
CA THR O 238 -28.48 54.12 -22.06
C THR O 238 -27.80 55.42 -21.68
N ILE O 239 -27.63 55.63 -20.37
CA ILE O 239 -26.91 56.82 -19.90
C ILE O 239 -25.47 56.78 -20.35
N ALA O 240 -24.86 55.60 -20.34
CA ALA O 240 -23.48 55.46 -20.78
C ALA O 240 -23.35 55.73 -22.27
N GLU O 241 -24.31 55.27 -23.06
CA GLU O 241 -24.30 55.52 -24.49
C GLU O 241 -24.48 57.00 -24.79
N TYR O 242 -25.29 57.67 -24.00
CA TYR O 242 -25.46 59.10 -24.17
C TYR O 242 -24.16 59.84 -23.87
N PHE O 243 -23.51 59.50 -22.77
CA PHE O 243 -22.28 60.22 -22.45
C PHE O 243 -21.09 59.75 -23.27
N ARG O 244 -21.22 58.66 -24.00
CA ARG O 244 -20.20 58.36 -24.99
C ARG O 244 -20.46 59.14 -26.27
N ASP O 245 -21.58 58.88 -26.92
CA ASP O 245 -21.75 59.30 -28.30
C ASP O 245 -22.22 60.74 -28.39
N GLU O 246 -23.20 61.10 -27.57
CA GLU O 246 -23.74 62.45 -27.58
C GLU O 246 -22.87 63.43 -26.81
N GLU O 247 -21.77 62.99 -26.30
CA GLU O 247 -20.90 63.85 -25.51
C GLU O 247 -19.48 63.87 -26.04
N GLY O 248 -18.98 62.74 -26.54
CA GLY O 248 -17.61 62.65 -27.00
C GLY O 248 -16.63 62.79 -25.87
N GLN O 249 -16.63 61.82 -24.95
CA GLN O 249 -15.85 61.94 -23.73
C GLN O 249 -15.65 60.54 -23.17
N ASP O 250 -14.52 60.37 -22.47
CA ASP O 250 -14.22 59.09 -21.85
C ASP O 250 -15.21 58.80 -20.73
N VAL O 251 -15.73 57.58 -20.69
CA VAL O 251 -16.76 57.21 -19.74
C VAL O 251 -16.32 55.95 -19.01
N LEU O 252 -16.25 56.04 -17.69
CA LEU O 252 -16.09 54.86 -16.86
C LEU O 252 -17.46 54.28 -16.58
N LEU O 253 -17.52 52.97 -16.43
CA LEU O 253 -18.80 52.29 -16.24
C LEU O 253 -18.62 51.18 -15.21
N PHE O 254 -19.51 51.15 -14.24
CA PHE O 254 -19.38 50.24 -13.11
C PHE O 254 -20.70 49.51 -12.91
N ILE O 255 -20.74 48.27 -13.41
CA ILE O 255 -21.96 47.50 -13.36
C ILE O 255 -21.80 46.34 -12.39
N ASP O 256 -22.68 46.30 -11.40
CA ASP O 256 -22.85 45.13 -10.54
C ASP O 256 -24.29 45.14 -10.05
N ASN O 257 -25.01 44.04 -10.21
CA ASN O 257 -24.50 42.77 -10.70
C ASN O 257 -25.01 42.44 -12.08
N ILE O 258 -24.08 42.07 -12.97
CA ILE O 258 -24.45 41.59 -14.28
C ILE O 258 -25.13 40.22 -14.22
N PHE O 259 -24.88 39.44 -13.16
CA PHE O 259 -25.49 38.12 -13.06
C PHE O 259 -26.97 38.22 -12.71
N ARG O 260 -27.36 39.30 -12.02
CA ARG O 260 -28.76 39.50 -11.68
C ARG O 260 -29.62 39.69 -12.92
N PHE O 261 -29.03 40.24 -13.98
CA PHE O 261 -29.72 40.40 -15.26
C PHE O 261 -30.18 39.05 -15.80
N THR O 262 -29.23 38.16 -16.06
CA THR O 262 -29.54 36.83 -16.58
C THR O 262 -30.36 36.03 -15.59
N GLN O 263 -30.07 36.22 -14.30
CA GLN O 263 -30.81 35.54 -13.25
C GLN O 263 -32.29 35.91 -13.28
N ALA O 264 -32.58 37.20 -13.32
CA ALA O 264 -33.96 37.67 -13.36
C ALA O 264 -34.65 37.32 -14.67
N GLY O 265 -33.91 37.25 -15.77
CA GLY O 265 -34.51 36.73 -16.99
C GLY O 265 -34.93 35.28 -16.85
N SER O 266 -34.11 34.49 -16.17
CA SER O 266 -34.47 33.11 -15.89
C SER O 266 -35.65 33.03 -14.92
N GLU O 267 -35.72 33.98 -13.98
CA GLU O 267 -36.76 34.01 -12.96
C GLU O 267 -38.15 34.18 -13.54
N VAL O 268 -38.26 34.75 -14.74
CA VAL O 268 -39.57 34.97 -15.35
C VAL O 268 -39.79 34.14 -16.59
N SER O 269 -38.73 33.69 -17.27
CA SER O 269 -38.86 33.01 -18.55
C SER O 269 -39.64 31.71 -18.46
N ALA O 270 -39.62 31.05 -17.31
CA ALA O 270 -40.51 29.90 -17.09
C ALA O 270 -41.96 30.33 -17.15
N LEU O 271 -42.29 31.45 -16.54
CA LEU O 271 -43.67 31.93 -16.57
C LEU O 271 -43.98 32.72 -17.82
N LEU O 272 -43.00 32.94 -18.70
CA LEU O 272 -43.31 33.38 -20.05
C LEU O 272 -43.69 32.24 -20.97
N GLY O 273 -43.81 31.02 -20.46
CA GLY O 273 -44.18 29.91 -21.29
C GLY O 273 -43.05 29.44 -22.17
N ARG O 274 -41.82 29.71 -21.76
CA ARG O 274 -40.65 29.17 -22.42
C ARG O 274 -40.32 27.85 -21.76
N ILE O 275 -39.86 26.89 -22.57
CA ILE O 275 -39.38 25.63 -22.03
C ILE O 275 -38.08 25.91 -21.29
N PRO O 276 -37.91 25.41 -20.08
CA PRO O 276 -36.67 25.67 -19.34
C PRO O 276 -35.48 25.02 -20.03
N SER O 277 -34.43 25.82 -20.22
CA SER O 277 -33.24 25.35 -20.90
C SER O 277 -32.27 24.57 -20.01
N ALA O 278 -30.98 24.91 -20.14
CA ALA O 278 -29.96 24.25 -19.35
C ALA O 278 -29.70 24.93 -18.02
N VAL O 279 -29.23 24.15 -17.06
CA VAL O 279 -28.90 24.63 -15.71
C VAL O 279 -30.02 25.34 -14.95
N GLY O 280 -31.13 25.67 -15.59
CA GLY O 280 -32.17 26.35 -14.84
C GLY O 280 -32.23 27.77 -15.34
N TYR O 281 -31.45 28.05 -16.36
CA TYR O 281 -31.50 29.35 -17.00
C TYR O 281 -32.49 29.36 -18.15
N GLN O 282 -32.67 30.54 -18.72
CA GLN O 282 -33.56 30.72 -19.84
C GLN O 282 -32.86 30.24 -21.10
N PRO O 283 -33.61 29.95 -22.15
CA PRO O 283 -32.97 29.67 -23.44
C PRO O 283 -32.31 30.88 -24.04
N THR O 284 -32.86 32.06 -23.75
CA THR O 284 -32.37 33.30 -24.36
C THR O 284 -31.26 33.90 -23.51
N LEU O 285 -30.25 33.08 -23.23
CA LEU O 285 -29.14 33.53 -22.41
C LEU O 285 -28.11 34.26 -23.24
N ALA O 286 -27.55 33.58 -24.25
CA ALA O 286 -26.45 34.15 -25.03
C ALA O 286 -26.91 35.33 -25.87
N THR O 287 -28.17 35.34 -26.29
CA THR O 287 -28.67 36.46 -27.05
C THR O 287 -28.85 37.69 -26.19
N ASP O 288 -29.42 37.53 -24.99
CA ASP O 288 -29.61 38.68 -24.12
C ASP O 288 -28.30 39.18 -23.57
N MET O 289 -27.40 38.25 -23.22
CA MET O 289 -26.05 38.63 -22.82
C MET O 289 -25.33 39.34 -23.93
N GLY O 290 -25.50 38.88 -25.18
CA GLY O 290 -24.85 39.54 -26.29
C GLY O 290 -25.38 40.94 -26.53
N LEU O 291 -26.71 41.08 -26.56
CA LEU O 291 -27.31 42.39 -26.76
C LEU O 291 -27.02 43.34 -25.62
N LEU O 292 -26.82 42.84 -24.41
CA LEU O 292 -26.39 43.73 -23.35
C LEU O 292 -24.92 44.10 -23.45
N GLN O 293 -24.05 43.15 -23.80
CA GLN O 293 -22.63 43.43 -23.86
C GLN O 293 -22.22 44.21 -25.09
N GLU O 294 -22.85 43.95 -26.23
CA GLU O 294 -22.42 44.60 -27.45
C GLU O 294 -22.87 46.03 -27.58
N ARG O 295 -23.82 46.46 -26.75
CA ARG O 295 -24.08 47.88 -26.64
C ARG O 295 -23.08 48.56 -25.72
N ILE O 296 -22.24 47.79 -25.05
CA ILE O 296 -21.17 48.34 -24.21
C ILE O 296 -19.88 48.17 -25.01
N THR O 297 -19.45 49.25 -25.66
CA THR O 297 -18.20 49.19 -26.40
C THR O 297 -17.59 50.58 -26.50
N THR O 298 -16.33 50.59 -26.91
CA THR O 298 -15.63 51.83 -27.22
C THR O 298 -15.72 52.06 -28.71
N THR O 299 -16.31 53.18 -29.09
CA THR O 299 -16.46 53.50 -30.49
C THR O 299 -15.38 54.48 -30.92
N LYS O 300 -15.38 54.78 -32.21
CA LYS O 300 -14.58 55.88 -32.73
C LYS O 300 -15.14 57.23 -32.33
N LYS O 301 -16.40 57.27 -31.88
CA LYS O 301 -17.00 58.47 -31.36
C LYS O 301 -16.62 58.75 -29.92
N GLY O 302 -16.25 57.73 -29.15
CA GLY O 302 -15.98 57.94 -27.75
C GLY O 302 -15.64 56.63 -27.08
N SER O 303 -15.07 56.76 -25.88
CA SER O 303 -14.51 55.64 -25.16
C SER O 303 -15.39 55.25 -23.99
N VAL O 304 -15.65 53.95 -23.89
CA VAL O 304 -16.33 53.37 -22.73
C VAL O 304 -15.38 52.36 -22.11
N THR O 305 -15.04 52.59 -20.84
CA THR O 305 -14.29 51.61 -20.07
C THR O 305 -15.28 50.89 -19.16
N SER O 306 -15.41 49.59 -19.36
CA SER O 306 -16.41 48.80 -18.68
C SER O 306 -15.79 47.98 -17.56
N VAL O 307 -16.34 48.14 -16.36
CA VAL O 307 -15.96 47.34 -15.20
C VAL O 307 -17.22 46.62 -14.74
N GLN O 308 -17.22 45.30 -14.85
CA GLN O 308 -18.41 44.51 -14.56
C GLN O 308 -18.05 43.51 -13.47
N ALA O 309 -18.72 43.62 -12.34
CA ALA O 309 -18.57 42.61 -11.30
C ALA O 309 -19.61 41.52 -11.50
N VAL O 310 -19.13 40.28 -11.54
CA VAL O 310 -19.93 39.16 -12.00
C VAL O 310 -20.03 38.17 -10.86
N TYR O 311 -21.24 37.67 -10.60
CA TYR O 311 -21.39 36.67 -9.57
C TYR O 311 -21.17 35.27 -10.14
N VAL O 312 -20.44 34.46 -9.38
CA VAL O 312 -20.17 33.08 -9.74
C VAL O 312 -20.91 32.21 -8.73
N PRO O 313 -21.94 31.47 -9.15
CA PRO O 313 -22.72 30.66 -8.20
C PRO O 313 -21.92 29.47 -7.72
N ALA O 314 -21.66 29.43 -6.41
CA ALA O 314 -20.96 28.36 -5.71
C ALA O 314 -19.58 28.08 -6.29
N ASP O 315 -18.94 29.13 -6.80
CA ASP O 315 -17.57 29.11 -7.33
C ASP O 315 -17.42 28.15 -8.50
N ASP O 316 -18.45 28.03 -9.34
CA ASP O 316 -18.41 27.17 -10.51
C ASP O 316 -18.25 28.07 -11.74
N LEU O 317 -17.07 27.99 -12.36
CA LEU O 317 -16.87 28.70 -13.60
C LEU O 317 -17.50 28.00 -14.80
N THR O 318 -17.71 26.69 -14.70
CA THR O 318 -18.34 25.96 -15.79
C THR O 318 -19.84 26.16 -15.85
N ASP O 319 -20.41 26.83 -14.85
CA ASP O 319 -21.75 27.37 -14.97
C ASP O 319 -21.80 28.30 -16.18
N PRO O 320 -22.70 28.07 -17.14
CA PRO O 320 -22.66 28.83 -18.40
C PRO O 320 -22.90 30.32 -18.25
N ALA O 321 -23.70 30.75 -17.30
CA ALA O 321 -24.00 32.16 -17.16
C ALA O 321 -22.78 32.96 -16.71
N PRO O 322 -21.87 32.42 -15.88
CA PRO O 322 -20.53 33.02 -15.86
C PRO O 322 -19.71 32.67 -17.10
N ALA O 323 -19.86 31.45 -17.64
CA ALA O 323 -18.96 31.03 -18.71
C ALA O 323 -19.22 31.75 -20.01
N THR O 324 -20.43 32.25 -20.23
CA THR O 324 -20.69 33.02 -21.42
C THR O 324 -20.01 34.38 -21.35
N THR O 325 -19.89 34.91 -20.14
CA THR O 325 -19.39 36.26 -19.93
C THR O 325 -17.93 36.42 -20.29
N PHE O 326 -17.14 35.34 -20.17
CA PHE O 326 -15.74 35.32 -20.58
C PHE O 326 -15.54 35.73 -22.03
N ALA O 327 -16.49 35.37 -22.91
CA ALA O 327 -16.39 35.73 -24.30
C ALA O 327 -16.56 37.21 -24.56
N HIS O 328 -17.09 37.96 -23.59
CA HIS O 328 -17.38 39.37 -23.81
C HIS O 328 -16.33 40.28 -23.22
N LEU O 329 -15.30 39.73 -22.58
CA LEU O 329 -14.43 40.51 -21.74
C LEU O 329 -12.99 40.41 -22.18
N ASP O 330 -12.33 41.56 -22.20
CA ASP O 330 -10.90 41.63 -22.44
C ASP O 330 -10.11 41.35 -21.17
N ALA O 331 -10.31 42.14 -20.14
CA ALA O 331 -9.55 42.02 -18.90
C ALA O 331 -10.40 41.22 -17.92
N THR O 332 -10.13 39.94 -17.85
CA THR O 332 -10.82 39.06 -16.91
C THR O 332 -10.01 39.08 -15.64
N THR O 333 -10.67 39.27 -14.51
CA THR O 333 -10.00 39.28 -13.22
C THR O 333 -10.81 38.44 -12.25
N VAL O 334 -10.19 37.42 -11.70
CA VAL O 334 -10.91 36.33 -11.07
C VAL O 334 -10.59 36.34 -9.59
N LEU O 335 -11.61 36.41 -8.75
CA LEU O 335 -11.39 36.14 -7.35
C LEU O 335 -11.60 34.66 -7.05
N SER O 336 -11.17 34.25 -5.88
CA SER O 336 -11.25 32.84 -5.52
C SER O 336 -11.44 32.71 -4.01
N ARG O 337 -12.40 31.88 -3.61
CA ARG O 337 -12.73 31.75 -2.20
C ARG O 337 -11.62 31.04 -1.43
N GLY O 338 -10.98 30.07 -2.06
CA GLY O 338 -9.84 29.41 -1.45
C GLY O 338 -8.67 30.32 -1.18
N ILE O 339 -8.45 31.32 -2.02
CA ILE O 339 -7.48 32.35 -1.73
C ILE O 339 -7.93 33.24 -0.58
N SER O 340 -9.23 33.54 -0.48
CA SER O 340 -9.75 34.26 0.66
C SER O 340 -9.63 33.48 1.96
N GLU O 341 -9.59 32.15 1.87
CA GLU O 341 -9.38 31.34 3.06
C GLU O 341 -7.98 31.50 3.62
N LEU O 342 -7.03 31.95 2.81
CA LEU O 342 -5.75 32.39 3.32
C LEU O 342 -5.82 33.78 3.92
N GLY O 343 -6.97 34.45 3.85
CA GLY O 343 -7.13 35.78 4.39
C GLY O 343 -6.50 36.88 3.58
N ILE O 344 -5.82 36.54 2.49
CA ILE O 344 -5.08 37.54 1.73
C ILE O 344 -6.04 38.33 0.86
N TYR O 345 -5.86 39.65 0.84
CA TYR O 345 -6.67 40.49 0.00
C TYR O 345 -5.78 41.38 -0.87
N PRO O 346 -6.16 41.62 -2.13
CA PRO O 346 -7.32 41.07 -2.84
C PRO O 346 -7.09 39.65 -3.30
N ALA O 347 -8.05 38.77 -3.02
CA ALA O 347 -7.86 37.33 -3.21
C ALA O 347 -8.02 36.96 -4.69
N VAL O 348 -7.08 37.45 -5.49
CA VAL O 348 -7.12 37.26 -6.93
C VAL O 348 -6.40 35.96 -7.24
N ASP O 349 -6.97 35.17 -8.13
CA ASP O 349 -6.20 34.12 -8.76
C ASP O 349 -5.15 34.79 -9.64
N PRO O 350 -3.85 34.61 -9.37
CA PRO O 350 -2.84 35.14 -10.27
C PRO O 350 -2.78 34.43 -11.61
N LEU O 351 -3.40 33.25 -11.71
CA LEU O 351 -3.36 32.48 -12.94
C LEU O 351 -4.48 32.86 -13.88
N ASP O 352 -5.74 32.64 -13.47
CA ASP O 352 -6.84 32.70 -14.41
C ASP O 352 -7.19 34.13 -14.81
N SER O 353 -6.78 35.11 -14.02
CA SER O 353 -7.04 36.51 -14.33
C SER O 353 -6.14 36.92 -15.48
N LYS O 354 -6.57 36.58 -16.69
CA LYS O 354 -5.77 36.85 -17.86
C LYS O 354 -6.03 38.25 -18.39
N SER O 355 -5.35 38.58 -19.47
CA SER O 355 -5.53 39.84 -20.14
C SER O 355 -5.37 39.64 -21.62
N ARG O 356 -5.97 40.53 -22.39
CA ARG O 356 -5.64 40.65 -23.79
C ARG O 356 -4.50 41.62 -24.00
N LEU O 357 -4.29 42.52 -23.05
CA LEU O 357 -3.19 43.48 -23.12
C LEU O 357 -1.89 42.92 -22.64
N LEU O 358 -1.78 41.63 -22.39
CA LEU O 358 -0.53 41.09 -21.88
C LEU O 358 0.40 40.70 -23.03
N ASP O 359 0.73 41.70 -23.84
CA ASP O 359 1.70 41.55 -24.91
C ASP O 359 2.97 42.28 -24.52
N ALA O 360 4.11 41.63 -24.78
CA ALA O 360 5.42 42.22 -24.50
C ALA O 360 5.61 43.50 -25.29
N ALA O 361 5.12 43.54 -26.52
CA ALA O 361 5.13 44.74 -27.34
C ALA O 361 4.21 45.83 -26.84
N VAL O 362 3.32 45.53 -25.88
CA VAL O 362 2.45 46.51 -25.28
C VAL O 362 2.93 46.93 -23.90
N VAL O 363 3.13 45.96 -23.00
CA VAL O 363 3.49 46.28 -21.62
C VAL O 363 4.98 46.13 -21.38
N GLY O 364 5.78 46.20 -22.43
CA GLY O 364 7.21 46.11 -22.16
C GLY O 364 7.67 44.68 -22.03
N GLN O 365 8.77 44.38 -22.74
CA GLN O 365 9.32 43.04 -22.78
C GLN O 365 9.75 42.55 -21.41
N GLU O 366 10.41 43.42 -20.64
CA GLU O 366 10.92 43.02 -19.33
C GLU O 366 9.79 42.73 -18.36
N HIS O 367 8.81 43.63 -18.30
CA HIS O 367 7.62 43.43 -17.47
C HIS O 367 6.88 42.16 -17.87
N TYR O 368 6.79 41.90 -19.17
CA TYR O 368 6.17 40.68 -19.66
C TYR O 368 6.90 39.45 -19.17
N ASP O 369 8.23 39.48 -19.22
CA ASP O 369 9.01 38.34 -18.78
C ASP O 369 8.92 38.15 -17.27
N VAL O 370 8.85 39.25 -16.54
CA VAL O 370 8.70 39.19 -15.08
C VAL O 370 7.38 38.54 -14.72
N ALA O 371 6.29 38.97 -15.37
CA ALA O 371 4.99 38.37 -15.11
C ALA O 371 4.97 36.91 -15.54
N SER O 372 5.68 36.59 -16.61
CA SER O 372 5.75 35.21 -17.09
C SER O 372 6.45 34.32 -16.08
N LYS O 373 7.55 34.80 -15.50
CA LYS O 373 8.28 34.00 -14.54
C LYS O 373 7.52 33.87 -13.23
N VAL O 374 6.80 34.91 -12.84
CA VAL O 374 5.93 34.84 -11.67
C VAL O 374 4.84 33.80 -11.89
N GLN O 375 4.21 33.84 -13.06
CA GLN O 375 3.20 32.88 -13.47
C GLN O 375 3.71 31.45 -13.40
N GLU O 376 4.88 31.19 -13.98
CA GLU O 376 5.42 29.84 -13.99
C GLU O 376 5.86 29.42 -12.60
N THR O 377 6.32 30.36 -11.78
CA THR O 377 6.71 30.05 -10.42
C THR O 377 5.52 29.60 -9.60
N LEU O 378 4.41 30.34 -9.71
CA LEU O 378 3.21 29.97 -8.98
C LEU O 378 2.61 28.68 -9.52
N GLN O 379 2.77 28.42 -10.81
CA GLN O 379 2.26 27.18 -11.37
C GLN O 379 3.05 25.98 -10.85
N THR O 380 4.38 26.11 -10.77
CA THR O 380 5.18 25.06 -10.17
C THR O 380 4.88 24.88 -8.70
N TYR O 381 4.55 25.97 -8.01
CA TYR O 381 4.15 25.86 -6.61
C TYR O 381 2.87 25.05 -6.46
N LYS O 382 1.84 25.43 -7.22
CA LYS O 382 0.57 24.73 -7.21
C LYS O 382 0.72 23.28 -7.64
N SER O 383 1.67 23.00 -8.52
CA SER O 383 2.01 21.64 -8.88
C SER O 383 2.61 20.88 -7.70
N LEU O 384 3.54 21.50 -6.97
CA LEU O 384 4.18 20.81 -5.86
C LEU O 384 3.29 20.70 -4.63
N GLN O 385 2.11 21.34 -4.64
CA GLN O 385 1.21 21.27 -3.49
C GLN O 385 0.68 19.87 -3.17
N ASP O 386 0.84 18.88 -4.05
CA ASP O 386 0.36 17.55 -3.70
C ASP O 386 1.33 16.82 -2.80
N ILE O 387 2.63 17.03 -3.01
CA ILE O 387 3.63 16.31 -2.24
C ILE O 387 3.70 16.82 -0.82
N ILE O 388 3.81 18.15 -0.67
CA ILE O 388 4.07 18.76 0.62
C ILE O 388 2.89 18.62 1.55
N ALA O 389 1.67 18.54 1.00
CA ALA O 389 0.50 18.20 1.79
C ALA O 389 0.54 16.77 2.30
N ILE O 390 1.30 15.88 1.66
CA ILE O 390 1.36 14.47 2.03
C ILE O 390 2.72 14.09 2.57
N LEU O 391 3.78 14.39 1.82
CA LEU O 391 5.11 13.95 2.21
C LEU O 391 5.94 15.07 2.80
N GLY O 392 5.36 16.24 3.00
CA GLY O 392 6.04 17.34 3.66
C GLY O 392 7.05 18.03 2.76
N MET O 393 7.71 19.02 3.36
CA MET O 393 8.68 19.83 2.65
C MET O 393 9.97 19.05 2.37
N ASP O 394 10.27 18.06 3.20
CA ASP O 394 11.58 17.42 3.24
C ASP O 394 11.96 16.68 1.97
N GLU O 395 10.98 16.18 1.21
CA GLU O 395 11.27 15.33 0.07
C GLU O 395 11.77 16.10 -1.14
N LEU O 396 11.65 17.41 -1.13
CA LEU O 396 12.00 18.22 -2.29
C LEU O 396 13.50 18.36 -2.42
N SER O 397 13.91 18.99 -3.52
CA SER O 397 15.27 19.45 -3.67
C SER O 397 15.42 20.85 -3.08
N GLU O 398 16.66 21.31 -3.04
CA GLU O 398 16.92 22.64 -2.48
C GLU O 398 16.46 23.73 -3.43
N GLN O 399 16.63 23.52 -4.73
CA GLN O 399 16.05 24.42 -5.71
C GLN O 399 14.53 24.38 -5.65
N ASP O 400 13.97 23.20 -5.37
CA ASP O 400 12.52 23.06 -5.25
C ASP O 400 12.00 23.81 -4.03
N LYS O 401 12.67 23.67 -2.89
CA LYS O 401 12.25 24.36 -1.70
C LYS O 401 12.48 25.86 -1.81
N LEU O 402 13.55 26.28 -2.51
CA LEU O 402 13.74 27.68 -2.84
C LEU O 402 12.60 28.23 -3.68
N THR O 403 12.14 27.42 -4.64
CA THR O 403 11.05 27.86 -5.51
C THR O 403 9.75 27.95 -4.73
N VAL O 404 9.52 27.01 -3.80
CA VAL O 404 8.35 27.05 -2.93
C VAL O 404 8.37 28.30 -2.06
N GLU O 405 9.53 28.59 -1.46
CA GLU O 405 9.71 29.78 -0.64
C GLU O 405 9.43 31.03 -1.43
N ARG O 406 10.13 31.22 -2.56
CA ARG O 406 9.95 32.40 -3.40
C ARG O 406 8.53 32.51 -3.94
N ALA O 407 7.86 31.39 -4.17
CA ALA O 407 6.50 31.45 -4.66
C ALA O 407 5.56 31.95 -3.59
N ARG O 408 5.72 31.48 -2.36
CA ARG O 408 4.89 32.02 -1.28
C ARG O 408 5.25 33.46 -0.97
N LYS O 409 6.52 33.82 -1.19
CA LYS O 409 6.95 35.21 -1.08
C LYS O 409 6.20 36.10 -2.04
N ILE O 410 6.19 35.73 -3.33
CA ILE O 410 5.44 36.46 -4.35
C ILE O 410 3.95 36.45 -4.03
N GLN O 411 3.46 35.32 -3.51
CA GLN O 411 2.04 35.16 -3.22
C GLN O 411 1.57 36.14 -2.17
N ARG O 412 2.21 36.14 -1.00
CA ARG O 412 1.84 37.09 0.02
C ARG O 412 2.31 38.51 -0.30
N PHE O 413 3.23 38.68 -1.24
CA PHE O 413 3.61 40.01 -1.68
C PHE O 413 2.53 40.64 -2.55
N LEU O 414 1.62 39.84 -3.11
CA LEU O 414 0.47 40.38 -3.82
C LEU O 414 -0.56 41.03 -2.91
N SER O 415 -0.50 40.78 -1.62
CA SER O 415 -1.44 41.37 -0.68
C SER O 415 -1.26 42.88 -0.60
N GLN O 416 -2.39 43.58 -0.52
CA GLN O 416 -2.34 45.02 -0.69
C GLN O 416 -3.47 45.66 0.09
N PRO O 417 -3.18 46.54 1.03
CA PRO O 417 -4.23 47.16 1.83
C PRO O 417 -5.04 48.15 1.02
N PHE O 418 -6.30 48.27 1.39
CA PHE O 418 -7.26 49.12 0.71
C PHE O 418 -7.82 50.14 1.66
N ALA O 419 -7.81 51.40 1.22
CA ALA O 419 -8.39 52.49 2.00
C ALA O 419 -9.89 52.30 2.18
N VAL O 420 -10.55 51.67 1.21
CA VAL O 420 -11.94 51.26 1.39
C VAL O 420 -12.03 50.20 2.49
N ALA O 421 -11.15 49.21 2.45
CA ALA O 421 -11.16 48.13 3.42
C ALA O 421 -10.38 48.47 4.68
N GLU O 422 -10.07 49.75 4.90
CA GLU O 422 -9.34 50.15 6.08
C GLU O 422 -10.18 49.98 7.33
N VAL O 423 -11.50 50.00 7.19
CA VAL O 423 -12.39 49.66 8.29
C VAL O 423 -12.31 48.19 8.65
N PHE O 424 -11.81 47.35 7.74
CA PHE O 424 -11.63 45.93 8.02
C PHE O 424 -10.25 45.64 8.57
N THR O 425 -9.22 46.29 8.04
CA THR O 425 -7.85 45.98 8.39
C THR O 425 -7.26 46.90 9.43
N GLY O 426 -7.75 48.14 9.53
CA GLY O 426 -7.05 49.13 10.32
C GLY O 426 -5.76 49.59 9.70
N ILE O 427 -5.58 49.35 8.41
CA ILE O 427 -4.33 49.60 7.70
C ILE O 427 -4.65 50.50 6.52
N PRO O 428 -3.96 51.63 6.36
CA PRO O 428 -4.24 52.51 5.22
C PRO O 428 -3.82 51.90 3.90
N GLY O 429 -4.56 52.26 2.85
CA GLY O 429 -4.35 51.70 1.55
C GLY O 429 -3.07 52.14 0.88
N LYS O 430 -2.50 51.28 0.05
CA LYS O 430 -1.31 51.63 -0.71
C LYS O 430 -1.66 51.71 -2.19
N LEU O 431 -1.44 52.86 -2.80
CA LEU O 431 -1.54 53.00 -4.24
C LEU O 431 -0.14 52.81 -4.80
N VAL O 432 0.15 51.60 -5.27
CA VAL O 432 1.49 51.24 -5.71
C VAL O 432 1.56 51.44 -7.21
N ARG O 433 2.57 52.17 -7.65
CA ARG O 433 2.68 52.50 -9.06
C ARG O 433 3.20 51.31 -9.84
N LEU O 434 3.18 51.46 -11.17
CA LEU O 434 3.58 50.38 -12.06
C LEU O 434 5.08 50.14 -12.01
N LYS O 435 5.88 51.20 -12.11
CA LYS O 435 7.31 51.03 -12.25
C LYS O 435 7.96 50.58 -10.95
N ASP O 436 7.35 50.93 -9.82
CA ASP O 436 7.77 50.31 -8.57
C ASP O 436 7.43 48.84 -8.54
N THR O 437 6.27 48.47 -9.09
CA THR O 437 5.81 47.08 -9.03
C THR O 437 6.69 46.18 -9.89
N VAL O 438 7.07 46.68 -11.07
CA VAL O 438 7.94 45.95 -11.98
C VAL O 438 9.27 45.64 -11.34
N ALA O 439 9.93 46.67 -10.80
CA ALA O 439 11.23 46.47 -10.16
C ALA O 439 11.10 45.66 -8.89
N SER O 440 9.97 45.76 -8.20
CA SER O 440 9.76 44.99 -6.98
C SER O 440 9.70 43.50 -7.26
N PHE O 441 8.84 43.11 -8.20
CA PHE O 441 8.80 41.70 -8.59
C PHE O 441 10.07 41.27 -9.30
N LYS O 442 10.78 42.19 -9.93
CA LYS O 442 12.07 41.88 -10.53
C LYS O 442 13.08 41.48 -9.45
N ALA O 443 13.13 42.24 -8.37
CA ALA O 443 14.07 41.93 -7.29
C ALA O 443 13.65 40.67 -6.55
N VAL O 444 12.34 40.41 -6.46
CA VAL O 444 11.91 39.21 -5.77
C VAL O 444 12.20 37.97 -6.61
N LEU O 445 12.00 38.05 -7.93
CA LEU O 445 12.37 36.95 -8.81
C LEU O 445 13.87 36.75 -8.84
N GLU O 446 14.65 37.83 -8.69
CA GLU O 446 16.08 37.67 -8.55
C GLU O 446 16.49 37.21 -7.15
N GLY O 447 15.55 37.12 -6.22
CA GLY O 447 15.83 36.56 -4.92
C GLY O 447 16.67 37.42 -4.02
N LYS O 448 16.60 38.75 -4.16
CA LYS O 448 17.39 39.64 -3.33
C LYS O 448 16.95 39.62 -1.88
N TYR O 449 15.73 39.17 -1.60
CA TYR O 449 15.17 39.31 -0.26
C TYR O 449 14.71 37.96 0.24
N ASP O 450 15.40 36.89 -0.18
CA ASP O 450 15.06 35.55 0.26
C ASP O 450 15.33 35.38 1.74
N ASN O 451 16.30 36.11 2.27
CA ASN O 451 16.57 36.16 3.71
C ASN O 451 15.39 36.71 4.49
N ILE O 452 14.67 37.66 3.91
CA ILE O 452 13.50 38.25 4.59
C ILE O 452 12.38 37.22 4.63
N PRO O 453 11.78 36.97 5.79
CA PRO O 453 10.72 35.96 5.88
C PRO O 453 9.45 36.40 5.15
N GLU O 454 8.59 35.41 4.90
CA GLU O 454 7.41 35.63 4.08
C GLU O 454 6.38 36.46 4.82
N HIS O 455 6.42 36.42 6.15
CA HIS O 455 5.47 37.17 6.96
C HIS O 455 5.64 38.68 6.81
N ALA O 456 6.83 39.14 6.45
CA ALA O 456 7.08 40.55 6.23
C ALA O 456 6.60 41.05 4.87
N PHE O 457 5.79 40.26 4.16
CA PHE O 457 5.26 40.66 2.87
C PHE O 457 3.76 40.87 2.91
N TYR O 458 3.12 40.51 4.02
CA TYR O 458 1.68 40.46 4.09
C TYR O 458 1.08 41.85 4.23
N MET O 459 0.19 42.19 3.29
CA MET O 459 -0.58 43.43 3.26
C MET O 459 0.35 44.64 3.19
N VAL O 460 1.25 44.60 2.21
CA VAL O 460 2.35 45.54 2.08
C VAL O 460 2.26 46.18 0.72
N GLY O 461 2.59 47.47 0.65
CA GLY O 461 2.74 48.16 -0.61
C GLY O 461 4.06 47.82 -1.27
N GLY O 462 4.84 48.84 -1.62
CA GLY O 462 6.07 48.64 -2.37
C GLY O 462 7.16 47.90 -1.62
N ILE O 463 8.27 47.67 -2.35
CA ILE O 463 9.40 46.95 -1.81
C ILE O 463 10.12 47.76 -0.72
N GLU O 464 9.97 49.08 -0.74
CA GLU O 464 10.47 49.89 0.35
C GLU O 464 9.66 49.65 1.62
N ASP O 465 8.35 49.48 1.45
CA ASP O 465 7.50 49.10 2.56
C ASP O 465 7.77 47.66 3.00
N VAL O 466 8.21 46.81 2.09
CA VAL O 466 8.72 45.48 2.44
C VAL O 466 9.91 45.61 3.36
N VAL O 467 10.86 46.47 3.01
CA VAL O 467 12.05 46.69 3.84
C VAL O 467 11.65 47.27 5.19
N ALA O 468 10.66 48.16 5.18
CA ALA O 468 10.17 48.78 6.41
C ALA O 468 9.54 47.76 7.34
N LYS O 469 8.70 46.88 6.81
CA LYS O 469 8.10 45.85 7.65
C LYS O 469 9.13 44.82 8.09
N ALA O 470 10.12 44.54 7.24
CA ALA O 470 11.16 43.58 7.61
C ALA O 470 12.00 44.11 8.76
N GLU O 471 12.34 45.38 8.73
CA GLU O 471 13.04 45.99 9.84
C GLU O 471 12.13 46.19 11.04
N LYS O 472 10.83 46.31 10.80
CA LYS O 472 9.87 46.44 11.89
C LYS O 472 9.75 45.13 12.67
N LEU O 473 9.79 44.01 11.96
CA LEU O 473 9.69 42.70 12.58
C LEU O 473 10.97 42.24 13.24
N ALA O 474 12.00 43.10 13.29
CA ALA O 474 13.17 42.79 14.10
C ALA O 474 12.83 42.74 15.58
N ALA O 475 11.87 43.56 16.00
CA ALA O 475 11.40 43.53 17.38
C ALA O 475 10.54 42.29 17.62
N SER P 6 -51.06 -0.33 -58.59
CA SER P 6 -52.47 -0.65 -58.76
C SER P 6 -53.35 0.30 -57.96
N THR P 7 -53.09 0.37 -56.65
CA THR P 7 -53.84 1.20 -55.73
C THR P 7 -52.88 2.21 -55.11
N PRO P 8 -52.72 3.38 -55.71
CA PRO P 8 -51.85 4.40 -55.12
C PRO P 8 -52.48 5.03 -53.89
N ILE P 9 -51.87 4.73 -52.75
CA ILE P 9 -52.31 5.34 -51.50
C ILE P 9 -51.65 6.70 -51.42
N THR P 10 -52.34 7.72 -51.89
CA THR P 10 -51.80 9.06 -51.93
C THR P 10 -52.00 9.70 -50.57
N GLY P 11 -50.91 10.16 -49.97
CA GLY P 11 -51.00 10.88 -48.72
C GLY P 11 -50.60 12.32 -48.90
N LYS P 12 -50.90 13.16 -47.92
CA LYS P 12 -50.60 14.57 -47.98
C LYS P 12 -49.74 14.96 -46.79
N VAL P 13 -48.70 15.74 -47.08
CA VAL P 13 -47.82 16.20 -46.02
C VAL P 13 -48.52 17.31 -45.24
N THR P 14 -48.54 17.17 -43.92
CA THR P 14 -49.17 18.18 -43.09
C THR P 14 -48.22 18.86 -42.15
N ALA P 15 -47.16 18.17 -41.73
CA ALA P 15 -46.24 18.76 -40.76
C ALA P 15 -44.84 18.24 -41.01
N VAL P 16 -43.89 19.15 -41.17
CA VAL P 16 -42.48 18.82 -41.27
C VAL P 16 -41.76 19.54 -40.15
N ILE P 17 -41.21 18.78 -39.21
CA ILE P 17 -40.47 19.33 -38.09
C ILE P 17 -39.13 18.60 -38.08
N GLY P 18 -38.13 19.20 -38.71
CA GLY P 18 -36.80 18.60 -38.78
C GLY P 18 -36.78 17.32 -39.58
N ALA P 19 -36.66 16.20 -38.88
CA ALA P 19 -36.77 14.89 -39.50
C ALA P 19 -38.15 14.27 -39.32
N ILE P 20 -39.02 14.90 -38.55
CA ILE P 20 -40.35 14.37 -38.27
C ILE P 20 -41.29 14.84 -39.37
N VAL P 21 -41.99 13.90 -40.00
CA VAL P 21 -42.93 14.21 -41.06
C VAL P 21 -44.29 13.65 -40.64
N ASP P 22 -45.35 14.40 -40.89
CA ASP P 22 -46.70 13.94 -40.61
C ASP P 22 -47.50 13.93 -41.91
N VAL P 23 -48.27 12.86 -42.12
CA VAL P 23 -49.02 12.68 -43.36
C VAL P 23 -50.46 12.36 -43.01
N HIS P 24 -51.37 13.19 -43.53
CA HIS P 24 -52.80 12.85 -43.54
C HIS P 24 -53.13 12.06 -44.78
N PHE P 25 -53.76 10.91 -44.58
CA PHE P 25 -54.19 10.06 -45.67
C PHE P 25 -55.68 10.18 -45.89
N GLU P 26 -56.14 9.65 -47.02
CA GLU P 26 -57.56 9.48 -47.19
C GLU P 26 -58.02 8.27 -46.38
N GLN P 27 -59.33 8.16 -46.24
CA GLN P 27 -59.94 7.25 -45.27
C GLN P 27 -59.72 5.79 -45.65
N SER P 28 -59.51 4.98 -44.61
CA SER P 28 -59.31 3.53 -44.68
C SER P 28 -58.14 3.15 -45.57
N GLU P 29 -57.15 4.03 -45.66
CA GLU P 29 -55.98 3.77 -46.49
C GLU P 29 -54.71 3.68 -45.68
N LEU P 30 -54.79 3.59 -44.35
CA LEU P 30 -53.63 3.81 -43.50
C LEU P 30 -52.68 2.63 -43.58
N PRO P 31 -51.41 2.88 -43.86
CA PRO P 31 -50.42 1.81 -43.74
C PRO P 31 -50.16 1.51 -42.28
N ALA P 32 -49.65 0.32 -42.03
CA ALA P 32 -49.24 -0.07 -40.69
C ALA P 32 -47.95 0.64 -40.31
N ILE P 33 -47.55 0.46 -39.06
CA ILE P 33 -46.29 0.98 -38.57
C ILE P 33 -45.15 0.22 -39.25
N LEU P 34 -44.01 0.92 -39.43
CA LEU P 34 -42.78 0.39 -40.03
C LEU P 34 -43.00 0.04 -41.50
N ASN P 35 -43.45 1.01 -42.28
CA ASN P 35 -43.57 0.85 -43.71
C ASN P 35 -42.85 1.97 -44.43
N ALA P 36 -42.22 1.63 -45.55
CA ALA P 36 -41.54 2.61 -46.36
C ALA P 36 -42.54 3.46 -47.11
N LEU P 37 -42.29 4.76 -47.14
CA LEU P 37 -43.11 5.73 -47.85
C LEU P 37 -42.22 6.56 -48.75
N GLU P 38 -42.66 6.78 -49.99
CA GLU P 38 -41.83 7.46 -50.96
C GLU P 38 -42.39 8.83 -51.29
N ILE P 39 -41.48 9.76 -51.52
CA ILE P 39 -41.79 11.09 -52.02
C ILE P 39 -40.85 11.40 -53.16
N LYS P 40 -41.39 11.63 -54.34
CA LYS P 40 -40.56 11.90 -55.50
C LYS P 40 -40.06 13.33 -55.45
N THR P 41 -38.87 13.51 -54.93
CA THR P 41 -38.20 14.79 -54.88
C THR P 41 -37.58 15.10 -56.23
N PRO P 42 -37.22 16.36 -56.47
CA PRO P 42 -36.37 16.65 -57.65
C PRO P 42 -34.98 16.06 -57.56
N GLN P 43 -34.53 15.67 -56.38
CA GLN P 43 -33.19 15.16 -56.19
C GLN P 43 -33.14 13.65 -56.07
N GLY P 44 -34.29 12.99 -56.22
CA GLY P 44 -34.36 11.54 -56.11
C GLY P 44 -35.67 11.14 -55.48
N LYS P 45 -35.64 10.19 -54.56
CA LYS P 45 -36.79 9.92 -53.73
C LYS P 45 -36.41 10.11 -52.27
N LEU P 46 -37.39 10.46 -51.47
CA LEU P 46 -37.24 10.64 -50.04
C LEU P 46 -38.07 9.56 -49.36
N VAL P 47 -37.48 8.89 -48.39
CA VAL P 47 -38.08 7.72 -47.77
C VAL P 47 -38.51 8.08 -46.37
N LEU P 48 -39.70 7.60 -46.00
CA LEU P 48 -40.26 7.80 -44.67
C LEU P 48 -40.64 6.46 -44.09
N GLU P 49 -40.81 6.43 -42.78
CA GLU P 49 -40.97 5.20 -42.04
C GLU P 49 -42.04 5.39 -40.98
N VAL P 50 -43.21 4.79 -41.18
CA VAL P 50 -44.36 5.00 -40.32
C VAL P 50 -44.07 4.46 -38.93
N ALA P 51 -44.05 5.36 -37.95
CA ALA P 51 -43.73 4.97 -36.59
C ALA P 51 -44.82 5.30 -35.59
N GLN P 52 -45.76 6.19 -35.90
CA GLN P 52 -46.75 6.52 -34.90
C GLN P 52 -48.07 6.91 -35.55
N HIS P 53 -49.08 6.06 -35.42
CA HIS P 53 -50.42 6.39 -35.90
C HIS P 53 -51.00 7.40 -34.94
N LEU P 54 -51.07 8.65 -35.36
CA LEU P 54 -51.61 9.71 -34.52
C LEU P 54 -53.12 9.83 -34.62
N GLY P 55 -53.76 8.92 -35.34
CA GLY P 55 -55.18 9.03 -35.57
C GLY P 55 -55.49 10.09 -36.61
N GLU P 56 -56.79 10.25 -36.86
CA GLU P 56 -57.35 11.22 -37.79
C GLU P 56 -56.80 11.05 -39.20
N ASN P 57 -56.62 9.78 -39.59
CA ASN P 57 -56.07 9.38 -40.89
C ASN P 57 -54.70 9.96 -41.12
N THR P 58 -53.95 10.17 -40.03
CA THR P 58 -52.74 10.98 -40.06
C THR P 58 -51.70 10.33 -39.18
N VAL P 59 -50.55 10.06 -39.77
CA VAL P 59 -49.50 9.31 -39.10
C VAL P 59 -48.23 10.15 -39.05
N ARG P 60 -47.28 9.66 -38.26
CA ARG P 60 -46.02 10.32 -38.01
C ARG P 60 -44.90 9.36 -38.40
N THR P 61 -44.08 9.81 -39.35
CA THR P 61 -42.92 9.09 -39.82
C THR P 61 -41.68 9.90 -39.50
N ILE P 62 -40.54 9.24 -39.60
CA ILE P 62 -39.25 9.90 -39.49
C ILE P 62 -38.56 9.83 -40.83
N ALA P 63 -37.63 10.76 -41.04
CA ALA P 63 -37.00 10.90 -42.33
C ALA P 63 -35.93 9.83 -42.51
N MET P 64 -35.52 9.66 -43.76
CA MET P 64 -34.38 8.83 -44.09
C MET P 64 -33.33 9.62 -44.86
N ASP P 65 -33.60 10.88 -45.18
CA ASP P 65 -32.61 11.76 -45.79
C ASP P 65 -33.00 13.18 -45.38
N GLY P 66 -32.36 14.17 -46.00
CA GLY P 66 -32.62 15.56 -45.69
C GLY P 66 -34.01 16.02 -46.10
N THR P 67 -34.60 16.90 -45.29
CA THR P 67 -35.99 17.32 -45.45
C THR P 67 -36.11 18.76 -45.88
N GLU P 68 -35.21 19.22 -46.74
CA GLU P 68 -35.24 20.61 -47.15
C GLU P 68 -36.31 20.83 -48.22
N GLY P 69 -36.78 22.07 -48.29
CA GLY P 69 -37.60 22.55 -49.38
C GLY P 69 -38.95 21.89 -49.55
N LEU P 70 -39.48 21.25 -48.51
CA LEU P 70 -40.68 20.44 -48.67
C LEU P 70 -41.91 21.31 -48.51
N VAL P 71 -42.87 21.15 -49.42
CA VAL P 71 -44.15 21.79 -49.29
C VAL P 71 -45.12 20.83 -48.62
N ARG P 72 -45.81 21.29 -47.58
CA ARG P 72 -46.81 20.44 -46.97
C ARG P 72 -48.00 20.32 -47.91
N GLY P 73 -48.54 19.11 -48.03
CA GLY P 73 -49.61 18.84 -48.95
C GLY P 73 -49.20 18.08 -50.20
N GLU P 74 -47.94 17.68 -50.32
CA GLU P 74 -47.52 16.96 -51.51
C GLU P 74 -47.98 15.52 -51.46
N LYS P 75 -47.94 14.87 -52.62
CA LYS P 75 -48.40 13.50 -52.73
C LYS P 75 -47.40 12.56 -52.10
N VAL P 76 -47.89 11.70 -51.21
CA VAL P 76 -47.06 10.75 -50.50
C VAL P 76 -47.40 9.37 -51.01
N LEU P 77 -46.40 8.66 -51.52
CA LEU P 77 -46.61 7.33 -52.03
C LEU P 77 -46.23 6.29 -50.98
N ASP P 78 -47.14 5.35 -50.75
CA ASP P 78 -46.96 4.27 -49.81
C ASP P 78 -46.51 3.01 -50.52
N THR P 79 -45.53 2.32 -49.92
CA THR P 79 -45.05 1.06 -50.46
C THR P 79 -45.76 -0.14 -49.87
N GLY P 80 -46.60 0.05 -48.86
CA GLY P 80 -47.32 -1.06 -48.29
C GLY P 80 -46.53 -1.83 -47.26
N GLY P 81 -45.44 -2.44 -47.67
CA GLY P 81 -44.61 -3.19 -46.77
C GLY P 81 -43.53 -2.33 -46.18
N PRO P 82 -42.61 -2.93 -45.42
CA PRO P 82 -41.46 -2.20 -44.92
C PRO P 82 -40.41 -2.00 -45.99
N ILE P 83 -39.24 -1.53 -45.57
CA ILE P 83 -38.17 -1.23 -46.51
C ILE P 83 -37.64 -2.51 -47.13
N SER P 84 -37.95 -2.69 -48.41
CA SER P 84 -37.38 -3.78 -49.17
C SER P 84 -35.93 -3.47 -49.51
N VAL P 85 -35.05 -4.41 -49.20
CA VAL P 85 -33.64 -4.26 -49.55
C VAL P 85 -33.24 -5.44 -50.43
N PRO P 86 -32.46 -5.21 -51.49
CA PRO P 86 -32.13 -6.30 -52.40
C PRO P 86 -31.12 -7.25 -51.77
N VAL P 87 -31.30 -8.54 -52.04
CA VAL P 87 -30.47 -9.58 -51.46
C VAL P 87 -30.00 -10.52 -52.56
N GLY P 88 -28.89 -11.19 -52.30
CA GLY P 88 -28.38 -12.17 -53.24
C GLY P 88 -26.96 -11.94 -53.68
N ARG P 89 -26.52 -12.73 -54.66
CA ARG P 89 -25.14 -12.69 -55.14
C ARG P 89 -24.79 -11.34 -55.75
N GLU P 90 -25.80 -10.63 -56.27
CA GLU P 90 -25.63 -9.28 -56.79
C GLU P 90 -25.15 -8.30 -55.73
N THR P 91 -25.43 -8.55 -54.47
CA THR P 91 -25.12 -7.61 -53.40
C THR P 91 -23.66 -7.63 -52.99
N LEU P 92 -22.91 -8.67 -53.36
CA LEU P 92 -21.51 -8.75 -52.97
C LEU P 92 -20.69 -7.69 -53.69
N GLY P 93 -19.91 -6.95 -52.92
CA GLY P 93 -19.08 -5.92 -53.51
C GLY P 93 -19.83 -4.72 -54.02
N ARG P 94 -20.97 -4.39 -53.43
CA ARG P 94 -21.69 -3.18 -53.78
C ARG P 94 -21.80 -2.32 -52.53
N ILE P 95 -21.72 -1.00 -52.71
CA ILE P 95 -21.87 -0.07 -51.60
C ILE P 95 -23.34 0.34 -51.59
N ILE P 96 -24.04 -0.01 -50.51
CA ILE P 96 -25.49 0.13 -50.45
C ILE P 96 -25.83 1.09 -49.32
N ASN P 97 -26.81 1.95 -49.56
CA ASN P 97 -27.34 2.82 -48.52
C ASN P 97 -28.27 2.02 -47.61
N VAL P 98 -28.92 2.70 -46.68
CA VAL P 98 -29.98 2.07 -45.90
C VAL P 98 -31.23 1.86 -46.74
N ILE P 99 -31.36 2.58 -47.85
CA ILE P 99 -32.57 2.47 -48.65
C ILE P 99 -32.57 1.17 -49.44
N GLY P 100 -31.38 0.74 -49.84
CA GLY P 100 -31.28 -0.42 -50.70
C GLY P 100 -30.73 0.01 -52.04
N GLU P 101 -30.31 1.26 -52.11
CA GLU P 101 -29.81 1.64 -53.41
C GLU P 101 -28.30 1.50 -53.45
N PRO P 102 -27.77 1.06 -54.58
CA PRO P 102 -26.33 1.07 -54.76
C PRO P 102 -25.82 2.49 -54.95
N ILE P 103 -24.78 2.83 -54.18
CA ILE P 103 -24.19 4.15 -54.24
C ILE P 103 -22.73 4.09 -54.62
N ASP P 104 -22.24 2.93 -55.04
CA ASP P 104 -20.92 2.80 -55.61
C ASP P 104 -20.85 3.28 -57.05
N GLU P 105 -21.99 3.69 -57.62
CA GLU P 105 -22.15 4.14 -59.01
C GLU P 105 -21.72 3.08 -60.00
N ARG P 106 -21.92 1.81 -59.63
CA ARG P 106 -21.73 0.70 -60.55
C ARG P 106 -23.04 0.24 -61.15
N GLY P 107 -24.00 1.16 -61.29
CA GLY P 107 -25.27 0.85 -61.87
C GLY P 107 -26.21 0.24 -60.83
N PRO P 108 -27.40 -0.13 -61.26
CA PRO P 108 -28.36 -0.73 -60.33
C PRO P 108 -27.99 -2.16 -59.99
N ILE P 109 -28.35 -2.56 -58.79
CA ILE P 109 -28.22 -3.94 -58.35
C ILE P 109 -29.38 -4.73 -58.92
N LYS P 110 -29.06 -5.72 -59.75
CA LYS P 110 -30.08 -6.53 -60.40
C LYS P 110 -30.36 -7.79 -59.59
N SER P 111 -30.61 -7.58 -58.30
CA SER P 111 -30.97 -8.67 -57.42
C SER P 111 -32.35 -9.19 -57.74
N LYS P 112 -32.54 -10.48 -57.51
CA LYS P 112 -33.82 -11.11 -57.79
C LYS P 112 -34.83 -10.86 -56.69
N LEU P 113 -34.43 -10.99 -55.43
CA LEU P 113 -35.35 -10.80 -54.32
C LEU P 113 -35.08 -9.48 -53.63
N ARG P 114 -36.10 -8.99 -52.93
CA ARG P 114 -35.97 -7.85 -52.04
C ARG P 114 -36.66 -8.21 -50.74
N LYS P 115 -36.03 -7.88 -49.63
CA LYS P 115 -36.59 -8.35 -48.38
C LYS P 115 -36.91 -7.21 -47.44
N PRO P 116 -38.00 -7.31 -46.70
CA PRO P 116 -38.28 -6.32 -45.66
C PRO P 116 -37.30 -6.46 -44.51
N ILE P 117 -36.97 -5.31 -43.93
CA ILE P 117 -35.92 -5.25 -42.92
C ILE P 117 -36.40 -5.58 -41.52
N HIS P 118 -37.68 -5.39 -41.22
CA HIS P 118 -38.18 -5.68 -39.88
C HIS P 118 -38.80 -7.08 -39.83
N ALA P 119 -37.99 -8.06 -40.16
CA ALA P 119 -38.42 -9.43 -40.00
C ALA P 119 -38.37 -9.81 -38.53
N ASP P 120 -39.03 -10.87 -38.20
CA ASP P 120 -39.06 -11.30 -36.82
C ASP P 120 -37.79 -12.09 -36.50
N PRO P 121 -37.38 -12.15 -35.24
CA PRO P 121 -36.32 -13.06 -34.86
C PRO P 121 -36.77 -14.50 -34.99
N PRO P 122 -35.84 -15.42 -35.20
CA PRO P 122 -36.20 -16.84 -35.24
C PRO P 122 -36.75 -17.30 -33.90
N SER P 123 -37.61 -18.30 -33.98
CA SER P 123 -38.33 -18.78 -32.80
C SER P 123 -37.38 -19.49 -31.83
N PHE P 124 -37.88 -19.70 -30.63
CA PHE P 124 -37.17 -20.46 -29.62
C PHE P 124 -36.95 -21.90 -30.04
N ALA P 125 -37.88 -22.47 -30.80
CA ALA P 125 -37.69 -23.82 -31.31
C ALA P 125 -36.58 -23.89 -32.34
N GLU P 126 -36.30 -22.80 -33.04
CA GLU P 126 -35.29 -22.78 -34.08
C GLU P 126 -33.89 -22.48 -33.55
N GLN P 127 -33.75 -22.29 -32.24
CA GLN P 127 -32.45 -22.02 -31.67
C GLN P 127 -31.63 -23.29 -31.58
N SER P 128 -30.40 -23.24 -32.11
CA SER P 128 -29.49 -24.35 -31.95
C SER P 128 -29.01 -24.42 -30.52
N THR P 129 -29.26 -25.55 -29.86
CA THR P 129 -29.21 -25.64 -28.41
C THR P 129 -27.80 -25.84 -27.85
N SER P 130 -26.76 -25.70 -28.67
CA SER P 130 -25.39 -25.82 -28.18
C SER P 130 -24.50 -25.02 -29.13
N ALA P 131 -23.82 -24.03 -28.58
CA ALA P 131 -22.95 -23.19 -29.40
C ALA P 131 -21.61 -23.88 -29.57
N GLU P 132 -21.32 -24.31 -30.78
CA GLU P 132 -19.98 -24.77 -31.10
C GLU P 132 -19.06 -23.57 -31.29
N ILE P 133 -17.79 -23.84 -31.47
CA ILE P 133 -16.79 -22.81 -31.66
C ILE P 133 -16.67 -22.51 -33.14
N LEU P 134 -16.86 -21.26 -33.51
CA LEU P 134 -16.55 -20.82 -34.86
C LEU P 134 -15.03 -20.80 -35.02
N GLU P 135 -14.51 -21.70 -35.84
CA GLU P 135 -13.09 -21.72 -36.12
C GLU P 135 -12.77 -20.56 -37.05
N THR P 136 -12.06 -19.56 -36.53
CA THR P 136 -11.76 -18.37 -37.32
C THR P 136 -10.60 -18.63 -38.26
N GLY P 137 -9.43 -18.93 -37.69
CA GLY P 137 -8.22 -19.11 -38.47
C GLY P 137 -7.07 -18.42 -37.77
N ILE P 138 -7.40 -17.43 -36.95
CA ILE P 138 -6.39 -16.71 -36.20
C ILE P 138 -6.07 -17.46 -34.92
N LYS P 139 -4.77 -17.59 -34.62
CA LYS P 139 -4.30 -18.44 -33.53
C LYS P 139 -4.82 -17.95 -32.18
N VAL P 140 -4.70 -16.65 -31.94
CA VAL P 140 -5.00 -16.11 -30.62
C VAL P 140 -6.49 -16.15 -30.36
N VAL P 141 -7.29 -15.87 -31.37
CA VAL P 141 -8.75 -15.88 -31.23
C VAL P 141 -9.23 -17.29 -31.01
N ASP P 142 -8.76 -18.22 -31.83
CA ASP P 142 -9.14 -19.62 -31.68
C ASP P 142 -8.55 -20.24 -30.42
N LEU P 143 -7.55 -19.62 -29.81
CA LEU P 143 -6.97 -20.11 -28.58
C LEU P 143 -7.65 -19.55 -27.35
N LEU P 144 -7.67 -18.23 -27.22
CA LEU P 144 -7.98 -17.62 -25.94
C LEU P 144 -9.46 -17.27 -25.79
N ALA P 145 -9.99 -16.49 -26.72
CA ALA P 145 -11.40 -16.09 -26.69
C ALA P 145 -12.06 -16.68 -27.93
N PRO P 146 -12.50 -17.93 -27.85
CA PRO P 146 -13.07 -18.58 -29.03
C PRO P 146 -14.44 -18.03 -29.34
N TYR P 147 -14.75 -17.94 -30.63
CA TYR P 147 -15.99 -17.32 -31.05
C TYR P 147 -17.07 -18.38 -31.22
N ALA P 148 -18.26 -18.07 -30.71
CA ALA P 148 -19.41 -18.93 -30.95
C ALA P 148 -19.82 -18.84 -32.41
N ARG P 149 -20.11 -19.99 -32.99
CA ARG P 149 -20.71 -20.02 -34.33
C ARG P 149 -22.12 -19.45 -34.21
N GLY P 150 -22.29 -18.21 -34.67
CA GLY P 150 -23.52 -17.48 -34.42
C GLY P 150 -23.52 -16.72 -33.11
N GLY P 151 -22.39 -16.18 -32.69
CA GLY P 151 -22.27 -15.51 -31.42
C GLY P 151 -22.03 -14.01 -31.55
N LYS P 152 -21.76 -13.40 -30.41
CA LYS P 152 -21.58 -11.95 -30.32
C LYS P 152 -20.19 -11.62 -29.80
N ILE P 153 -19.53 -10.71 -30.49
CA ILE P 153 -18.12 -10.43 -30.27
C ILE P 153 -17.95 -8.94 -30.08
N GLY P 154 -17.47 -8.55 -28.91
CA GLY P 154 -17.18 -7.16 -28.64
C GLY P 154 -15.74 -6.83 -28.91
N LEU P 155 -15.50 -6.17 -30.03
CA LEU P 155 -14.17 -5.72 -30.41
C LEU P 155 -13.94 -4.34 -29.81
N PHE P 156 -12.86 -4.20 -29.07
CA PHE P 156 -12.51 -2.93 -28.46
C PHE P 156 -11.39 -2.28 -29.27
N GLY P 157 -10.81 -1.21 -28.75
CA GLY P 157 -9.62 -0.65 -29.35
C GLY P 157 -9.91 0.42 -30.38
N GLY P 158 -9.14 1.50 -30.33
CA GLY P 158 -9.27 2.57 -31.29
C GLY P 158 -8.64 2.22 -32.62
N ALA P 159 -8.65 3.20 -33.52
CA ALA P 159 -8.10 2.98 -34.84
C ALA P 159 -6.57 3.03 -34.79
N GLY P 160 -5.96 2.78 -35.95
CA GLY P 160 -4.52 2.82 -36.05
C GLY P 160 -3.81 1.59 -35.55
N VAL P 161 -4.54 0.57 -35.11
CA VAL P 161 -3.94 -0.65 -34.61
C VAL P 161 -4.11 -1.80 -35.60
N GLY P 162 -4.46 -1.48 -36.84
CA GLY P 162 -4.75 -2.52 -37.80
C GLY P 162 -6.05 -3.23 -37.55
N LYS P 163 -7.01 -2.55 -36.91
CA LYS P 163 -8.33 -3.11 -36.67
C LYS P 163 -9.03 -3.44 -37.99
N THR P 164 -8.92 -2.55 -38.97
CA THR P 164 -9.39 -2.87 -40.31
C THR P 164 -8.59 -4.00 -40.94
N VAL P 165 -7.29 -4.06 -40.67
CA VAL P 165 -6.45 -5.15 -41.17
C VAL P 165 -6.88 -6.45 -40.50
N PHE P 166 -7.18 -6.38 -39.21
CA PHE P 166 -7.67 -7.52 -38.45
C PHE P 166 -8.98 -8.04 -39.02
N ILE P 167 -9.89 -7.14 -39.35
CA ILE P 167 -11.18 -7.61 -39.77
C ILE P 167 -11.14 -8.09 -41.23
N GLN P 168 -10.24 -7.54 -42.05
CA GLN P 168 -10.07 -8.10 -43.39
C GLN P 168 -9.43 -9.47 -43.36
N GLU P 169 -8.49 -9.68 -42.43
CA GLU P 169 -7.93 -11.00 -42.23
C GLU P 169 -8.98 -11.98 -41.76
N LEU P 170 -9.92 -11.51 -40.94
CA LEU P 170 -11.07 -12.33 -40.56
C LEU P 170 -11.93 -12.69 -41.76
N ILE P 171 -12.14 -11.73 -42.68
CA ILE P 171 -12.93 -11.97 -43.88
C ILE P 171 -12.29 -13.08 -44.72
N ASN P 172 -10.98 -12.97 -44.95
CA ASN P 172 -10.31 -13.98 -45.75
C ASN P 172 -10.26 -15.32 -45.05
N ASN P 173 -10.13 -15.33 -43.73
CA ASN P 173 -10.08 -16.59 -43.02
C ASN P 173 -11.43 -17.29 -43.01
N ILE P 174 -12.52 -16.53 -42.98
CA ILE P 174 -13.83 -17.16 -43.11
C ILE P 174 -14.08 -17.62 -44.54
N ALA P 175 -13.62 -16.84 -45.51
CA ALA P 175 -13.82 -17.20 -46.92
C ALA P 175 -13.06 -18.47 -47.27
N LYS P 176 -11.85 -18.63 -46.75
CA LYS P 176 -11.09 -19.85 -47.01
C LYS P 176 -11.61 -21.00 -46.15
N ALA P 177 -11.86 -20.73 -44.87
CA ALA P 177 -12.20 -21.80 -43.94
C ALA P 177 -13.61 -22.33 -44.15
N HIS P 178 -14.60 -21.49 -43.92
CA HIS P 178 -15.97 -21.96 -43.96
C HIS P 178 -16.70 -21.60 -45.24
N GLY P 179 -16.18 -20.67 -46.01
CA GLY P 179 -16.82 -20.30 -47.25
C GLY P 179 -18.02 -19.37 -47.10
N GLY P 180 -18.45 -19.08 -45.87
CA GLY P 180 -19.47 -18.09 -45.68
C GLY P 180 -18.97 -16.69 -45.97
N PHE P 181 -19.90 -15.77 -46.12
CA PHE P 181 -19.53 -14.44 -46.56
C PHE P 181 -19.56 -13.43 -45.42
N SER P 182 -19.14 -12.22 -45.75
CA SER P 182 -19.05 -11.13 -44.80
C SER P 182 -19.95 -9.99 -45.25
N VAL P 183 -20.63 -9.38 -44.28
CA VAL P 183 -21.43 -8.20 -44.52
C VAL P 183 -20.93 -7.14 -43.55
N PHE P 184 -20.32 -6.10 -44.09
CA PHE P 184 -19.88 -5.00 -43.25
C PHE P 184 -20.93 -3.91 -43.23
N THR P 185 -21.06 -3.27 -42.08
CA THR P 185 -22.09 -2.27 -41.85
C THR P 185 -21.46 -1.12 -41.05
N GLY P 186 -21.21 -0.02 -41.74
CA GLY P 186 -20.76 1.18 -41.08
C GLY P 186 -21.92 2.09 -40.74
N VAL P 187 -22.40 1.99 -39.51
CA VAL P 187 -23.37 2.91 -38.96
C VAL P 187 -22.64 4.13 -38.42
N GLY P 188 -22.91 5.29 -38.98
CA GLY P 188 -22.19 6.48 -38.58
C GLY P 188 -20.73 6.44 -38.93
N GLU P 189 -20.37 5.79 -40.02
CA GLU P 189 -18.97 5.70 -40.40
C GLU P 189 -18.52 6.99 -41.04
N ARG P 190 -17.31 7.43 -40.67
CA ARG P 190 -16.69 8.57 -41.31
C ARG P 190 -16.50 8.30 -42.80
N THR P 191 -17.08 9.18 -43.61
CA THR P 191 -17.24 8.92 -45.04
C THR P 191 -15.88 8.87 -45.74
N ARG P 192 -14.94 9.71 -45.29
CA ARG P 192 -13.57 9.60 -45.74
C ARG P 192 -12.96 8.27 -45.38
N GLU P 193 -13.14 7.86 -44.12
CA GLU P 193 -12.63 6.58 -43.68
C GLU P 193 -13.38 5.41 -44.31
N GLY P 194 -14.66 5.59 -44.61
CA GLY P 194 -15.37 4.58 -45.38
C GLY P 194 -14.80 4.43 -46.79
N ASN P 195 -14.40 5.56 -47.39
CA ASN P 195 -13.77 5.51 -48.69
C ASN P 195 -12.43 4.81 -48.65
N ASP P 196 -11.63 5.12 -47.62
CA ASP P 196 -10.32 4.48 -47.49
C ASP P 196 -10.47 2.99 -47.22
N LEU P 197 -11.51 2.63 -46.46
CA LEU P 197 -11.83 1.22 -46.23
C LEU P 197 -12.20 0.52 -47.52
N TYR P 198 -13.08 1.13 -48.32
CA TYR P 198 -13.52 0.52 -49.57
C TYR P 198 -12.36 0.39 -50.55
N ARG P 199 -11.49 1.39 -50.59
CA ARG P 199 -10.35 1.35 -51.49
C ARG P 199 -9.37 0.26 -51.07
N GLU P 200 -9.15 0.12 -49.76
CA GLU P 200 -8.29 -0.96 -49.27
C GLU P 200 -8.88 -2.33 -49.53
N MET P 201 -10.18 -2.49 -49.32
CA MET P 201 -10.85 -3.76 -49.56
C MET P 201 -10.87 -4.12 -51.04
N LYS P 202 -10.88 -3.14 -51.92
CA LYS P 202 -10.57 -3.43 -53.32
C LYS P 202 -9.14 -3.91 -53.45
N GLU P 203 -8.20 -3.21 -52.81
CA GLU P 203 -6.79 -3.52 -52.99
C GLU P 203 -6.38 -4.80 -52.32
N THR P 204 -6.98 -5.16 -51.19
CA THR P 204 -6.59 -6.41 -50.56
C THR P 204 -7.32 -7.61 -51.16
N GLY P 205 -8.21 -7.40 -52.11
CA GLY P 205 -8.75 -8.48 -52.89
C GLY P 205 -10.02 -9.10 -52.37
N VAL P 206 -10.48 -8.73 -51.18
CA VAL P 206 -11.76 -9.23 -50.71
C VAL P 206 -12.91 -8.62 -51.50
N ILE P 207 -12.70 -7.45 -52.08
CA ILE P 207 -13.57 -6.92 -53.12
C ILE P 207 -12.84 -7.09 -54.43
N ASN P 208 -13.42 -7.89 -55.31
CA ASN P 208 -12.96 -7.95 -56.69
C ASN P 208 -14.05 -7.32 -57.54
N LEU P 209 -13.73 -6.18 -58.14
CA LEU P 209 -14.67 -5.42 -58.96
C LEU P 209 -15.14 -6.20 -60.18
N GLU P 210 -14.34 -7.12 -60.67
CA GLU P 210 -14.72 -7.95 -61.80
C GLU P 210 -15.00 -9.38 -61.40
N GLY P 211 -14.18 -9.97 -60.55
CA GLY P 211 -14.43 -11.31 -60.07
C GLY P 211 -15.33 -11.31 -58.85
N GLU P 212 -15.13 -12.29 -57.97
CA GLU P 212 -16.04 -12.53 -56.86
C GLU P 212 -15.56 -11.76 -55.64
N SER P 213 -16.21 -10.63 -55.39
CA SER P 213 -16.08 -9.98 -54.11
C SER P 213 -16.77 -10.83 -53.05
N LYS P 214 -16.12 -10.95 -51.90
CA LYS P 214 -16.51 -11.94 -50.90
C LYS P 214 -17.29 -11.30 -49.76
N VAL P 215 -17.88 -10.12 -50.02
CA VAL P 215 -18.33 -9.25 -48.95
C VAL P 215 -19.33 -8.27 -49.53
N ALA P 216 -20.32 -7.90 -48.72
CA ALA P 216 -21.29 -6.87 -49.09
C ALA P 216 -21.17 -5.72 -48.10
N LEU P 217 -21.21 -4.49 -48.63
CA LEU P 217 -21.00 -3.30 -47.83
C LEU P 217 -22.29 -2.50 -47.70
N VAL P 218 -22.58 -2.03 -46.49
CA VAL P 218 -23.64 -1.06 -46.25
C VAL P 218 -23.05 0.04 -45.40
N PHE P 219 -23.06 1.26 -45.91
CA PHE P 219 -22.50 2.41 -45.23
C PHE P 219 -23.57 3.45 -44.98
N GLY P 220 -24.14 3.45 -43.78
CA GLY P 220 -24.91 4.59 -43.36
C GLY P 220 -23.95 5.66 -42.90
N GLN P 221 -23.80 6.70 -43.71
CA GLN P 221 -22.84 7.74 -43.42
C GLN P 221 -23.32 8.60 -42.25
N MET P 222 -22.42 9.46 -41.78
CA MET P 222 -22.72 10.26 -40.60
C MET P 222 -23.71 11.37 -40.90
N ASN P 223 -23.67 11.89 -42.13
CA ASN P 223 -24.56 12.98 -42.54
C ASN P 223 -26.01 12.59 -42.80
N GLU P 224 -26.40 11.38 -42.39
CA GLU P 224 -27.77 10.92 -42.59
C GLU P 224 -28.57 11.10 -41.30
N PRO P 225 -29.83 11.49 -41.43
CA PRO P 225 -30.67 11.70 -40.24
C PRO P 225 -30.71 10.45 -39.37
N PRO P 226 -31.09 10.58 -38.08
CA PRO P 226 -31.05 9.42 -37.18
C PRO P 226 -32.01 8.31 -37.57
N GLY P 227 -33.06 8.62 -38.33
CA GLY P 227 -33.90 7.59 -38.89
C GLY P 227 -33.19 6.66 -39.82
N ALA P 228 -32.17 7.15 -40.54
CA ALA P 228 -31.33 6.25 -41.31
C ALA P 228 -30.48 5.39 -40.40
N ARG P 229 -29.76 6.03 -39.48
CA ARG P 229 -28.74 5.34 -38.70
C ARG P 229 -29.32 4.41 -37.66
N ALA P 230 -30.60 4.53 -37.36
CA ALA P 230 -31.23 3.51 -36.52
C ALA P 230 -31.83 2.38 -37.35
N ARG P 231 -31.52 2.32 -38.65
CA ARG P 231 -32.00 1.26 -39.52
C ARG P 231 -30.92 0.65 -40.40
N VAL P 232 -29.75 1.28 -40.49
CA VAL P 232 -28.63 0.74 -41.26
C VAL P 232 -28.24 -0.63 -40.73
N ALA P 233 -28.25 -0.77 -39.40
CA ALA P 233 -27.96 -2.05 -38.78
C ALA P 233 -28.98 -3.11 -39.16
N LEU P 234 -30.25 -2.74 -39.24
CA LEU P 234 -31.26 -3.72 -39.61
C LEU P 234 -31.17 -4.08 -41.07
N THR P 235 -30.72 -3.15 -41.90
CA THR P 235 -30.47 -3.44 -43.31
C THR P 235 -29.39 -4.49 -43.46
N GLY P 236 -28.24 -4.27 -42.83
CA GLY P 236 -27.16 -5.25 -42.88
C GLY P 236 -27.55 -6.56 -42.25
N LEU P 237 -28.36 -6.50 -41.20
CA LEU P 237 -28.94 -7.69 -40.57
C LEU P 237 -29.73 -8.52 -41.56
N THR P 238 -30.64 -7.89 -42.30
CA THR P 238 -31.50 -8.62 -43.21
C THR P 238 -30.70 -9.21 -44.36
N ILE P 239 -29.68 -8.47 -44.82
CA ILE P 239 -28.79 -9.00 -45.85
C ILE P 239 -28.05 -10.24 -45.37
N ALA P 240 -27.57 -10.22 -44.13
CA ALA P 240 -26.89 -11.40 -43.60
C ALA P 240 -27.87 -12.54 -43.36
N GLU P 241 -29.09 -12.22 -42.94
CA GLU P 241 -30.11 -13.23 -42.71
C GLU P 241 -30.49 -13.94 -43.98
N TYR P 242 -30.44 -13.24 -45.11
CA TYR P 242 -30.69 -13.90 -46.38
C TYR P 242 -29.62 -14.94 -46.68
N PHE P 243 -28.34 -14.57 -46.60
CA PHE P 243 -27.27 -15.51 -46.93
C PHE P 243 -27.19 -16.65 -45.93
N ARG P 244 -27.66 -16.43 -44.71
CA ARG P 244 -27.86 -17.58 -43.81
C ARG P 244 -29.00 -18.46 -44.34
N ASP P 245 -30.19 -17.90 -44.38
CA ASP P 245 -31.37 -18.73 -44.51
C ASP P 245 -31.66 -19.17 -45.93
N GLU P 246 -30.98 -18.60 -46.92
CA GLU P 246 -31.11 -19.08 -48.28
C GLU P 246 -29.99 -20.05 -48.63
N GLU P 247 -28.76 -19.69 -48.28
CA GLU P 247 -27.61 -20.45 -48.73
C GLU P 247 -27.12 -21.46 -47.69
N GLY P 248 -27.63 -21.41 -46.47
CA GLY P 248 -27.26 -22.37 -45.45
C GLY P 248 -25.82 -22.23 -45.00
N GLN P 249 -25.37 -21.01 -44.78
CA GLN P 249 -23.96 -20.79 -44.51
C GLN P 249 -23.74 -20.28 -43.10
N ASP P 250 -22.50 -19.93 -42.79
CA ASP P 250 -22.17 -19.19 -41.57
C ASP P 250 -21.64 -17.84 -42.02
N VAL P 251 -22.45 -16.82 -41.84
CA VAL P 251 -22.21 -15.50 -42.43
C VAL P 251 -21.86 -14.55 -41.30
N LEU P 252 -20.86 -13.70 -41.54
CA LEU P 252 -20.33 -12.84 -40.51
C LEU P 252 -20.76 -11.41 -40.73
N LEU P 253 -21.45 -10.86 -39.75
CA LEU P 253 -21.95 -9.50 -39.78
C LEU P 253 -21.04 -8.63 -38.93
N PHE P 254 -20.45 -7.63 -39.56
CA PHE P 254 -19.50 -6.74 -38.92
C PHE P 254 -20.13 -5.39 -38.78
N ILE P 255 -20.20 -4.89 -37.56
CA ILE P 255 -20.98 -3.69 -37.27
C ILE P 255 -20.09 -2.68 -36.55
N ASP P 256 -19.98 -1.49 -37.12
CA ASP P 256 -19.39 -0.35 -36.43
C ASP P 256 -20.18 0.89 -36.77
N ASN P 257 -20.79 1.54 -35.77
CA ASN P 257 -20.61 1.23 -34.36
C ASN P 257 -21.94 0.95 -33.72
N ILE P 258 -21.94 0.03 -32.76
CA ILE P 258 -23.14 -0.24 -32.00
C ILE P 258 -23.48 0.93 -31.09
N PHE P 259 -22.47 1.69 -30.66
CA PHE P 259 -22.74 2.82 -29.81
C PHE P 259 -23.32 3.99 -30.59
N ARG P 260 -22.86 4.19 -31.83
CA ARG P 260 -23.50 5.18 -32.67
C ARG P 260 -24.91 4.75 -33.04
N PHE P 261 -25.15 3.45 -33.15
CA PHE P 261 -26.51 2.96 -33.35
C PHE P 261 -27.38 3.26 -32.14
N THR P 262 -26.82 3.13 -30.94
CA THR P 262 -27.55 3.47 -29.73
C THR P 262 -27.86 4.95 -29.65
N GLN P 263 -26.89 5.78 -30.05
CA GLN P 263 -27.12 7.22 -30.18
C GLN P 263 -28.23 7.51 -31.17
N ALA P 264 -28.26 6.79 -32.29
CA ALA P 264 -29.28 6.98 -33.30
C ALA P 264 -30.66 6.62 -32.76
N GLY P 265 -30.75 5.52 -32.03
CA GLY P 265 -32.03 5.13 -31.46
C GLY P 265 -32.52 6.10 -30.40
N SER P 266 -31.59 6.63 -29.61
CA SER P 266 -31.96 7.61 -28.60
C SER P 266 -32.41 8.91 -29.24
N GLU P 267 -31.74 9.32 -30.31
CA GLU P 267 -32.15 10.53 -31.01
C GLU P 267 -33.48 10.37 -31.71
N VAL P 268 -33.76 9.17 -32.23
CA VAL P 268 -35.05 8.90 -32.85
C VAL P 268 -36.16 8.99 -31.81
N SER P 269 -35.95 8.37 -30.66
CA SER P 269 -36.92 8.46 -29.58
C SER P 269 -37.06 9.87 -29.02
N ALA P 270 -36.00 10.66 -29.06
CA ALA P 270 -36.08 12.05 -28.69
C ALA P 270 -36.91 12.87 -29.67
N LEU P 271 -36.70 12.67 -30.98
CA LEU P 271 -37.43 13.45 -31.96
C LEU P 271 -38.89 13.06 -32.04
N LEU P 272 -39.23 11.86 -31.57
CA LEU P 272 -40.63 11.47 -31.51
C LEU P 272 -41.32 11.97 -30.26
N GLY P 273 -40.65 12.80 -29.46
CA GLY P 273 -41.28 13.37 -28.30
C GLY P 273 -41.48 12.41 -27.15
N ARG P 274 -40.87 11.24 -27.20
CA ARG P 274 -40.92 10.34 -26.06
C ARG P 274 -40.09 10.91 -24.93
N ILE P 275 -40.50 10.62 -23.71
CA ILE P 275 -39.73 11.05 -22.55
C ILE P 275 -38.43 10.27 -22.51
N PRO P 276 -37.28 10.94 -22.42
CA PRO P 276 -36.01 10.22 -22.33
C PRO P 276 -35.88 9.49 -21.02
N SER P 277 -35.13 8.39 -21.06
CA SER P 277 -34.93 7.57 -19.87
C SER P 277 -33.62 7.93 -19.17
N ALA P 278 -32.91 6.91 -18.70
CA ALA P 278 -31.66 7.11 -18.00
C ALA P 278 -30.54 7.50 -18.96
N VAL P 279 -29.53 8.18 -18.43
CA VAL P 279 -28.37 8.63 -19.19
C VAL P 279 -28.67 9.45 -20.44
N GLY P 280 -29.96 9.61 -20.79
CA GLY P 280 -30.27 10.38 -21.97
C GLY P 280 -30.49 9.43 -23.12
N TYR P 281 -30.41 8.15 -22.78
CA TYR P 281 -30.70 7.12 -23.75
C TYR P 281 -32.21 7.01 -23.94
N GLN P 282 -32.60 6.27 -24.97
CA GLN P 282 -34.01 6.06 -25.21
C GLN P 282 -34.60 5.14 -24.13
N PRO P 283 -35.88 5.28 -23.82
CA PRO P 283 -36.51 4.35 -22.89
C PRO P 283 -36.71 2.97 -23.46
N THR P 284 -36.65 2.81 -24.77
CA THR P 284 -36.84 1.50 -25.40
C THR P 284 -35.53 0.78 -25.62
N LEU P 285 -34.52 1.08 -24.80
CA LEU P 285 -33.15 0.69 -25.07
C LEU P 285 -32.95 -0.81 -25.06
N ALA P 286 -33.51 -1.49 -24.05
CA ALA P 286 -33.41 -2.94 -23.99
C ALA P 286 -34.16 -3.58 -25.15
N THR P 287 -35.31 -3.03 -25.52
CA THR P 287 -36.07 -3.59 -26.62
C THR P 287 -35.41 -3.28 -27.95
N ASP P 288 -34.88 -2.08 -28.11
CA ASP P 288 -34.14 -1.73 -29.32
C ASP P 288 -32.88 -2.54 -29.49
N MET P 289 -32.26 -2.93 -28.39
CA MET P 289 -31.18 -3.89 -28.47
C MET P 289 -31.67 -5.27 -28.83
N GLY P 290 -32.73 -5.75 -28.17
CA GLY P 290 -33.17 -7.12 -28.36
C GLY P 290 -33.75 -7.38 -29.73
N LEU P 291 -34.27 -6.35 -30.38
CA LEU P 291 -34.66 -6.49 -31.77
C LEU P 291 -33.48 -6.62 -32.70
N LEU P 292 -32.30 -6.18 -32.27
CA LEU P 292 -31.11 -6.40 -33.08
C LEU P 292 -30.40 -7.69 -32.74
N GLN P 293 -30.40 -8.08 -31.47
CA GLN P 293 -29.58 -9.21 -31.04
C GLN P 293 -30.23 -10.54 -31.39
N GLU P 294 -31.53 -10.69 -31.11
CA GLU P 294 -32.15 -11.98 -31.24
C GLU P 294 -32.48 -12.32 -32.69
N ARG P 295 -32.31 -11.38 -33.61
CA ARG P 295 -32.30 -11.72 -35.01
C ARG P 295 -30.93 -12.19 -35.49
N ILE P 296 -29.97 -12.28 -34.57
CA ILE P 296 -28.65 -12.81 -34.87
C ILE P 296 -28.46 -14.06 -34.04
N THR P 297 -28.46 -15.22 -34.68
CA THR P 297 -28.44 -16.48 -33.95
C THR P 297 -27.94 -17.58 -34.86
N THR P 298 -27.92 -18.80 -34.33
CA THR P 298 -27.58 -19.99 -35.09
C THR P 298 -28.85 -20.78 -35.33
N THR P 299 -29.27 -20.82 -36.59
CA THR P 299 -30.39 -21.65 -36.99
C THR P 299 -29.91 -23.07 -37.19
N LYS P 300 -30.84 -23.93 -37.60
CA LYS P 300 -30.45 -25.22 -38.13
C LYS P 300 -30.05 -25.11 -39.59
N LYS P 301 -30.48 -24.05 -40.26
CA LYS P 301 -30.01 -23.76 -41.62
C LYS P 301 -28.54 -23.35 -41.59
N GLY P 302 -28.17 -22.52 -40.65
CA GLY P 302 -26.80 -22.06 -40.53
C GLY P 302 -26.69 -21.11 -39.38
N SER P 303 -25.81 -20.13 -39.50
CA SER P 303 -25.66 -19.16 -38.45
C SER P 303 -25.20 -17.83 -39.03
N VAL P 304 -25.50 -16.77 -38.31
CA VAL P 304 -24.88 -15.48 -38.52
C VAL P 304 -24.09 -15.16 -37.28
N THR P 305 -22.77 -15.10 -37.41
CA THR P 305 -21.89 -14.68 -36.34
C THR P 305 -21.60 -13.21 -36.51
N SER P 306 -21.82 -12.43 -35.45
CA SER P 306 -21.70 -10.99 -35.53
C SER P 306 -20.53 -10.51 -34.69
N VAL P 307 -19.61 -9.81 -35.34
CA VAL P 307 -18.55 -9.07 -34.67
C VAL P 307 -18.92 -7.60 -34.80
N GLN P 308 -18.88 -6.89 -33.69
CA GLN P 308 -19.22 -5.48 -33.69
C GLN P 308 -18.32 -4.72 -32.74
N ALA P 309 -17.82 -3.59 -33.21
CA ALA P 309 -16.99 -2.73 -32.38
C ALA P 309 -17.83 -2.06 -31.32
N VAL P 310 -17.22 -1.80 -30.17
CA VAL P 310 -17.89 -1.11 -29.08
C VAL P 310 -17.01 0.03 -28.63
N TYR P 311 -17.47 1.26 -28.79
CA TYR P 311 -16.83 2.40 -28.18
C TYR P 311 -17.31 2.49 -26.73
N VAL P 312 -16.37 2.52 -25.80
CA VAL P 312 -16.74 2.74 -24.41
C VAL P 312 -16.93 4.24 -24.23
N PRO P 313 -18.11 4.68 -23.80
CA PRO P 313 -18.40 6.12 -23.79
C PRO P 313 -17.81 6.76 -22.55
N ALA P 314 -16.81 7.62 -22.75
CA ALA P 314 -16.12 8.38 -21.70
C ALA P 314 -15.51 7.48 -20.63
N ASP P 315 -15.14 6.26 -21.02
CA ASP P 315 -14.50 5.26 -20.17
C ASP P 315 -15.34 4.94 -18.94
N ASP P 316 -16.53 4.43 -19.18
CA ASP P 316 -17.42 4.03 -18.11
C ASP P 316 -18.11 2.74 -18.52
N LEU P 317 -18.26 1.84 -17.56
CA LEU P 317 -18.86 0.53 -17.83
C LEU P 317 -20.20 0.38 -17.14
N THR P 318 -20.55 1.33 -16.28
CA THR P 318 -21.89 1.39 -15.73
C THR P 318 -22.78 2.29 -16.56
N ASP P 319 -22.25 2.84 -17.64
CA ASP P 319 -23.07 3.49 -18.64
C ASP P 319 -24.00 2.44 -19.26
N PRO P 320 -25.31 2.69 -19.31
CA PRO P 320 -26.23 1.64 -19.76
C PRO P 320 -26.10 1.22 -21.22
N ALA P 321 -25.41 1.96 -22.07
CA ALA P 321 -25.29 1.43 -23.43
C ALA P 321 -24.22 0.34 -23.49
N PRO P 322 -23.00 0.49 -22.95
CA PRO P 322 -22.16 -0.70 -22.84
C PRO P 322 -22.67 -1.71 -21.83
N ALA P 323 -23.41 -1.29 -20.81
CA ALA P 323 -23.99 -2.25 -19.89
C ALA P 323 -25.12 -3.06 -20.51
N THR P 324 -25.74 -2.54 -21.56
CA THR P 324 -26.71 -3.29 -22.35
C THR P 324 -26.02 -4.17 -23.36
N THR P 325 -24.97 -3.64 -24.01
CA THR P 325 -24.24 -4.41 -24.99
C THR P 325 -23.52 -5.61 -24.38
N PHE P 326 -23.01 -5.45 -23.16
CA PHE P 326 -22.34 -6.52 -22.46
C PHE P 326 -23.29 -7.62 -21.99
N ALA P 327 -24.60 -7.36 -21.99
CA ALA P 327 -25.58 -8.39 -21.72
C ALA P 327 -25.86 -9.25 -22.94
N HIS P 328 -25.09 -9.09 -24.01
CA HIS P 328 -25.25 -9.91 -25.19
C HIS P 328 -23.94 -10.46 -25.73
N LEU P 329 -22.82 -9.84 -25.42
CA LEU P 329 -21.54 -10.26 -25.97
C LEU P 329 -21.09 -11.56 -25.30
N ASP P 330 -20.91 -12.59 -26.10
CA ASP P 330 -20.44 -13.85 -25.55
C ASP P 330 -18.92 -13.88 -25.52
N ALA P 331 -18.27 -13.14 -26.41
CA ALA P 331 -16.81 -13.12 -26.42
C ALA P 331 -16.32 -11.71 -26.67
N THR P 332 -15.22 -11.36 -26.03
CA THR P 332 -14.59 -10.06 -26.20
C THR P 332 -13.24 -10.21 -26.87
N THR P 333 -12.83 -9.16 -27.57
CA THR P 333 -11.52 -9.13 -28.21
C THR P 333 -10.99 -7.71 -28.07
N VAL P 334 -9.79 -7.58 -27.54
CA VAL P 334 -9.22 -6.27 -27.23
C VAL P 334 -7.98 -6.06 -28.09
N LEU P 335 -8.01 -5.04 -28.93
CA LEU P 335 -6.85 -4.63 -29.72
C LEU P 335 -6.15 -3.51 -28.94
N SER P 336 -5.23 -3.91 -28.06
CA SER P 336 -4.48 -2.94 -27.28
C SER P 336 -3.43 -2.27 -28.16
N ARG P 337 -2.88 -1.16 -27.65
CA ARG P 337 -1.78 -0.50 -28.33
C ARG P 337 -0.46 -1.17 -27.97
N GLY P 338 -0.31 -1.60 -26.72
CA GLY P 338 0.89 -2.21 -26.21
C GLY P 338 1.32 -3.49 -26.92
N ILE P 339 0.37 -4.25 -27.47
CA ILE P 339 0.70 -5.40 -28.27
C ILE P 339 1.17 -5.00 -29.65
N SER P 340 0.49 -4.04 -30.28
CA SER P 340 0.97 -3.43 -31.51
C SER P 340 2.24 -2.64 -31.29
N GLU P 341 2.47 -2.15 -30.07
CA GLU P 341 3.71 -1.47 -29.73
C GLU P 341 4.90 -2.41 -29.84
N LEU P 342 4.70 -3.68 -29.53
CA LEU P 342 5.75 -4.68 -29.63
C LEU P 342 5.87 -5.28 -31.03
N GLY P 343 5.25 -4.65 -32.03
CA GLY P 343 5.35 -5.08 -33.40
C GLY P 343 4.63 -6.38 -33.68
N ILE P 344 3.64 -6.69 -32.85
CA ILE P 344 2.93 -7.96 -32.92
C ILE P 344 1.70 -7.76 -33.78
N TYR P 345 1.57 -8.57 -34.82
CA TYR P 345 0.38 -8.60 -35.64
C TYR P 345 -0.28 -9.96 -35.48
N PRO P 346 -1.49 -10.03 -34.91
CA PRO P 346 -2.38 -8.93 -34.51
C PRO P 346 -2.01 -8.29 -33.19
N ALA P 347 -2.76 -7.26 -32.81
CA ALA P 347 -2.50 -6.49 -31.60
C ALA P 347 -3.34 -6.98 -30.43
N VAL P 348 -3.57 -8.28 -30.34
CA VAL P 348 -4.53 -8.81 -29.40
C VAL P 348 -3.90 -8.83 -28.01
N ASP P 349 -4.56 -8.21 -27.05
CA ASP P 349 -4.22 -8.46 -25.66
C ASP P 349 -4.64 -9.87 -25.29
N PRO P 350 -3.75 -10.68 -24.76
CA PRO P 350 -4.14 -12.04 -24.38
C PRO P 350 -4.99 -12.07 -23.12
N LEU P 351 -4.77 -11.10 -22.23
CA LEU P 351 -5.36 -11.19 -20.91
C LEU P 351 -6.81 -10.75 -20.87
N ASP P 352 -7.20 -9.76 -21.67
CA ASP P 352 -8.52 -9.18 -21.54
C ASP P 352 -9.57 -9.82 -22.43
N SER P 353 -9.15 -10.34 -23.58
CA SER P 353 -10.08 -10.90 -24.55
C SER P 353 -10.62 -12.22 -24.01
N LYS P 354 -11.85 -12.19 -23.50
CA LYS P 354 -12.42 -13.32 -22.80
C LYS P 354 -13.73 -13.75 -23.45
N SER P 355 -14.07 -15.02 -23.27
CA SER P 355 -15.29 -15.59 -23.80
C SER P 355 -16.11 -16.21 -22.68
N ARG P 356 -17.41 -16.27 -22.90
CA ARG P 356 -18.24 -17.14 -22.08
C ARG P 356 -18.17 -18.59 -22.52
N LEU P 357 -17.50 -18.89 -23.63
CA LEU P 357 -17.31 -20.26 -24.07
C LEU P 357 -15.88 -20.74 -23.87
N LEU P 358 -15.19 -20.21 -22.89
CA LEU P 358 -13.87 -20.74 -22.54
C LEU P 358 -14.09 -21.74 -21.42
N ASP P 359 -14.57 -22.92 -21.80
CA ASP P 359 -15.01 -23.91 -20.84
C ASP P 359 -14.70 -25.31 -21.34
N ALA P 360 -14.34 -26.20 -20.41
CA ALA P 360 -13.97 -27.56 -20.75
C ALA P 360 -15.13 -28.36 -21.32
N ALA P 361 -16.37 -28.07 -20.93
CA ALA P 361 -17.49 -28.73 -21.58
C ALA P 361 -17.85 -28.09 -22.91
N VAL P 362 -17.13 -27.06 -23.34
CA VAL P 362 -17.35 -26.41 -24.62
C VAL P 362 -16.26 -26.76 -25.62
N VAL P 363 -15.01 -26.42 -25.28
CA VAL P 363 -13.91 -26.64 -26.21
C VAL P 363 -13.21 -27.96 -26.01
N GLY P 364 -13.77 -28.83 -25.19
CA GLY P 364 -13.04 -30.00 -24.77
C GLY P 364 -12.12 -29.68 -23.60
N GLN P 365 -11.70 -30.74 -22.91
CA GLN P 365 -10.88 -30.55 -21.72
C GLN P 365 -9.48 -30.10 -22.09
N GLU P 366 -8.96 -30.59 -23.22
CA GLU P 366 -7.58 -30.31 -23.59
C GLU P 366 -7.37 -28.86 -23.98
N HIS P 367 -8.25 -28.33 -24.84
CA HIS P 367 -8.15 -26.94 -25.25
C HIS P 367 -8.34 -26.01 -24.07
N TYR P 368 -9.24 -26.38 -23.16
CA TYR P 368 -9.45 -25.62 -21.94
C TYR P 368 -8.21 -25.61 -21.07
N ASP P 369 -7.55 -26.76 -20.92
CA ASP P 369 -6.40 -26.83 -20.05
C ASP P 369 -5.21 -26.10 -20.66
N VAL P 370 -5.09 -26.17 -21.99
CA VAL P 370 -4.04 -25.44 -22.69
C VAL P 370 -4.22 -23.95 -22.51
N ALA P 371 -5.45 -23.45 -22.72
CA ALA P 371 -5.70 -22.03 -22.54
C ALA P 371 -5.57 -21.62 -21.07
N SER P 372 -5.88 -22.54 -20.15
CA SER P 372 -5.72 -22.28 -18.73
C SER P 372 -4.25 -22.08 -18.38
N LYS P 373 -3.40 -22.99 -18.83
CA LYS P 373 -1.97 -22.87 -18.55
C LYS P 373 -1.36 -21.66 -19.25
N VAL P 374 -1.86 -21.32 -20.44
CA VAL P 374 -1.36 -20.15 -21.15
C VAL P 374 -1.72 -18.87 -20.39
N GLN P 375 -2.96 -18.77 -19.91
CA GLN P 375 -3.38 -17.59 -19.16
C GLN P 375 -2.65 -17.50 -17.83
N GLU P 376 -2.44 -18.63 -17.17
CA GLU P 376 -1.68 -18.64 -15.93
C GLU P 376 -0.22 -18.24 -16.15
N THR P 377 0.39 -18.75 -17.22
CA THR P 377 1.78 -18.45 -17.51
C THR P 377 1.96 -16.97 -17.86
N LEU P 378 1.08 -16.44 -18.69
CA LEU P 378 1.17 -15.04 -19.06
C LEU P 378 0.80 -14.13 -17.90
N GLN P 379 -0.08 -14.59 -17.00
CA GLN P 379 -0.42 -13.80 -15.83
C GLN P 379 0.75 -13.70 -14.87
N THR P 380 1.41 -14.84 -14.62
CA THR P 380 2.62 -14.84 -13.81
C THR P 380 3.73 -14.04 -14.47
N TYR P 381 3.83 -14.10 -15.80
CA TYR P 381 4.83 -13.34 -16.54
C TYR P 381 4.60 -11.86 -16.38
N LYS P 382 3.35 -11.41 -16.54
CA LYS P 382 3.01 -10.00 -16.40
C LYS P 382 3.21 -9.52 -14.98
N SER P 383 2.95 -10.39 -14.00
CA SER P 383 3.29 -10.05 -12.62
C SER P 383 4.79 -9.92 -12.42
N LEU P 384 5.57 -10.75 -13.09
CA LEU P 384 7.01 -10.67 -12.96
C LEU P 384 7.63 -9.51 -13.71
N GLN P 385 6.91 -8.94 -14.69
CA GLN P 385 7.46 -7.90 -15.57
C GLN P 385 7.98 -6.66 -14.84
N ASP P 386 7.55 -6.44 -13.60
CA ASP P 386 8.15 -5.39 -12.79
C ASP P 386 9.60 -5.72 -12.44
N ILE P 387 9.81 -6.83 -11.72
CA ILE P 387 11.15 -7.17 -11.27
C ILE P 387 12.02 -7.75 -12.37
N ILE P 388 11.45 -8.06 -13.54
CA ILE P 388 12.28 -8.34 -14.70
C ILE P 388 13.05 -7.10 -15.10
N ALA P 389 12.38 -5.96 -15.20
CA ALA P 389 13.05 -4.72 -15.53
C ALA P 389 13.85 -4.18 -14.36
N ILE P 390 13.39 -4.42 -13.13
CA ILE P 390 14.09 -3.88 -11.97
C ILE P 390 15.33 -4.69 -11.66
N LEU P 391 15.15 -5.97 -11.32
CA LEU P 391 16.22 -6.78 -10.78
C LEU P 391 16.89 -7.67 -11.82
N GLY P 392 16.18 -8.07 -12.86
CA GLY P 392 16.74 -8.94 -13.87
C GLY P 392 16.36 -10.39 -13.66
N MET P 393 17.03 -11.25 -14.45
CA MET P 393 16.78 -12.68 -14.41
C MET P 393 17.45 -13.37 -13.23
N ASP P 394 18.20 -12.62 -12.43
CA ASP P 394 18.81 -13.12 -11.20
C ASP P 394 17.81 -13.68 -10.21
N GLU P 395 16.66 -13.03 -10.06
CA GLU P 395 15.64 -13.45 -9.12
C GLU P 395 14.78 -14.57 -9.66
N LEU P 396 14.91 -14.88 -10.94
CA LEU P 396 14.17 -15.98 -11.52
C LEU P 396 14.80 -17.29 -11.09
N SER P 397 13.99 -18.18 -10.55
CA SER P 397 14.44 -19.55 -10.34
C SER P 397 14.29 -20.32 -11.64
N GLU P 398 14.72 -21.59 -11.63
CA GLU P 398 14.52 -22.44 -12.79
C GLU P 398 13.05 -22.79 -13.00
N GLN P 399 12.24 -22.72 -11.94
CA GLN P 399 10.80 -22.63 -12.11
C GLN P 399 10.41 -21.39 -12.91
N ASP P 400 11.05 -20.27 -12.63
CA ASP P 400 10.58 -18.96 -13.09
C ASP P 400 11.11 -18.59 -14.47
N LYS P 401 12.43 -18.63 -14.66
CA LYS P 401 13.02 -18.23 -15.94
C LYS P 401 12.61 -19.15 -17.06
N LEU P 402 12.28 -20.41 -16.74
CA LEU P 402 11.61 -21.28 -17.69
C LEU P 402 10.29 -20.68 -18.14
N THR P 403 9.42 -20.31 -17.19
CA THR P 403 8.11 -19.77 -17.53
C THR P 403 8.23 -18.40 -18.19
N VAL P 404 9.23 -17.61 -17.78
CA VAL P 404 9.48 -16.32 -18.43
C VAL P 404 9.87 -16.53 -19.89
N GLU P 405 10.76 -17.49 -20.13
CA GLU P 405 11.17 -17.82 -21.49
C GLU P 405 9.99 -18.37 -22.29
N ARG P 406 9.18 -19.22 -21.66
CA ARG P 406 7.99 -19.79 -22.29
C ARG P 406 7.01 -18.72 -22.71
N ALA P 407 6.77 -17.75 -21.83
CA ALA P 407 5.82 -16.69 -22.15
C ALA P 407 6.37 -15.76 -23.22
N ARG P 408 7.69 -15.57 -23.26
CA ARG P 408 8.29 -14.85 -24.38
C ARG P 408 8.10 -15.60 -25.68
N LYS P 409 8.25 -16.92 -25.64
CA LYS P 409 8.08 -17.75 -26.83
C LYS P 409 6.64 -17.73 -27.31
N ILE P 410 5.69 -17.73 -26.37
CA ILE P 410 4.29 -17.64 -26.73
C ILE P 410 3.98 -16.25 -27.30
N GLN P 411 4.54 -15.22 -26.67
CA GLN P 411 4.27 -13.84 -27.04
C GLN P 411 4.78 -13.54 -28.44
N ARG P 412 5.92 -14.12 -28.81
CA ARG P 412 6.29 -14.09 -30.23
C ARG P 412 5.41 -15.03 -31.05
N PHE P 413 5.04 -16.17 -30.47
CA PHE P 413 4.31 -17.20 -31.20
C PHE P 413 2.85 -16.84 -31.40
N LEU P 414 2.32 -15.88 -30.64
CA LEU P 414 0.96 -15.40 -30.89
C LEU P 414 0.88 -14.65 -32.21
N SER P 415 1.99 -14.05 -32.63
CA SER P 415 2.03 -13.28 -33.87
C SER P 415 1.86 -14.20 -35.08
N GLN P 416 1.00 -13.77 -36.00
CA GLN P 416 0.61 -14.55 -37.15
C GLN P 416 0.76 -13.70 -38.39
N PRO P 417 1.34 -14.25 -39.46
CA PRO P 417 1.35 -13.54 -40.73
C PRO P 417 -0.06 -13.37 -41.27
N PHE P 418 -0.28 -12.27 -41.97
CA PHE P 418 -1.59 -11.92 -42.46
C PHE P 418 -1.66 -12.03 -43.98
N ALA P 419 -2.71 -12.69 -44.45
CA ALA P 419 -2.98 -12.74 -45.88
C ALA P 419 -3.35 -11.38 -46.46
N VAL P 420 -3.77 -10.45 -45.61
CA VAL P 420 -3.98 -9.08 -46.03
C VAL P 420 -2.73 -8.22 -45.90
N ALA P 421 -1.80 -8.56 -45.02
CA ALA P 421 -0.53 -7.84 -44.95
C ALA P 421 0.53 -8.52 -45.80
N GLU P 422 0.15 -8.84 -47.02
CA GLU P 422 1.07 -9.39 -48.00
C GLU P 422 1.60 -8.33 -48.94
N VAL P 423 0.79 -7.30 -49.22
CA VAL P 423 1.29 -6.08 -49.82
C VAL P 423 1.98 -5.19 -48.81
N PHE P 424 1.91 -5.52 -47.52
CA PHE P 424 2.52 -4.69 -46.49
C PHE P 424 3.85 -5.29 -46.05
N THR P 425 3.84 -6.55 -45.64
CA THR P 425 5.02 -7.21 -45.13
C THR P 425 5.68 -8.15 -46.12
N GLY P 426 4.95 -8.63 -47.11
CA GLY P 426 5.47 -9.63 -48.03
C GLY P 426 5.34 -11.06 -47.54
N ILE P 427 5.18 -11.28 -46.24
CA ILE P 427 5.06 -12.63 -45.71
C ILE P 427 3.62 -13.08 -45.90
N PRO P 428 3.39 -14.22 -46.54
CA PRO P 428 2.00 -14.67 -46.75
C PRO P 428 1.39 -15.19 -45.46
N GLY P 429 0.10 -14.90 -45.29
CA GLY P 429 -0.61 -15.37 -44.11
C GLY P 429 -0.92 -16.85 -44.18
N LYS P 430 -1.27 -17.41 -43.03
CA LYS P 430 -1.55 -18.83 -42.90
C LYS P 430 -2.91 -18.99 -42.25
N LEU P 431 -3.81 -19.69 -42.93
CA LEU P 431 -5.05 -20.11 -42.29
C LEU P 431 -4.71 -21.21 -41.29
N VAL P 432 -4.45 -20.82 -40.06
CA VAL P 432 -3.95 -21.73 -39.04
C VAL P 432 -5.14 -22.46 -38.44
N ARG P 433 -5.10 -23.79 -38.51
CA ARG P 433 -6.22 -24.58 -38.04
C ARG P 433 -6.24 -24.66 -36.52
N LEU P 434 -7.38 -25.09 -36.00
CA LEU P 434 -7.56 -25.22 -34.56
C LEU P 434 -6.70 -26.33 -33.98
N LYS P 435 -6.76 -27.52 -34.58
CA LYS P 435 -6.08 -28.69 -34.03
C LYS P 435 -4.57 -28.55 -34.10
N ASP P 436 -4.05 -27.86 -35.12
CA ASP P 436 -2.65 -27.48 -35.13
C ASP P 436 -2.32 -26.53 -33.99
N THR P 437 -3.23 -25.59 -33.72
CA THR P 437 -2.96 -24.54 -32.75
C THR P 437 -2.92 -25.10 -31.33
N VAL P 438 -3.85 -26.01 -31.03
CA VAL P 438 -3.92 -26.66 -29.73
C VAL P 438 -2.65 -27.43 -29.45
N ALA P 439 -2.22 -28.26 -30.40
CA ALA P 439 -1.03 -29.07 -30.22
C ALA P 439 0.24 -28.21 -30.21
N SER P 440 0.23 -27.12 -30.97
CA SER P 440 1.39 -26.23 -31.02
C SER P 440 1.61 -25.54 -29.69
N PHE P 441 0.55 -24.90 -29.16
CA PHE P 441 0.66 -24.29 -27.84
C PHE P 441 0.86 -25.34 -26.74
N LYS P 442 0.37 -26.56 -26.93
CA LYS P 442 0.58 -27.57 -25.91
C LYS P 442 2.04 -28.02 -25.88
N ALA P 443 2.66 -28.18 -27.05
CA ALA P 443 4.06 -28.54 -27.09
C ALA P 443 4.95 -27.40 -26.61
N VAL P 444 4.49 -26.16 -26.76
CA VAL P 444 5.22 -25.07 -26.13
C VAL P 444 5.04 -25.11 -24.61
N LEU P 445 3.83 -25.43 -24.15
CA LEU P 445 3.56 -25.54 -22.71
C LEU P 445 4.24 -26.73 -22.05
N GLU P 446 4.69 -27.71 -22.84
CA GLU P 446 5.43 -28.81 -22.24
C GLU P 446 6.92 -28.52 -22.23
N GLY P 447 7.41 -27.73 -23.19
CA GLY P 447 8.79 -27.31 -23.17
C GLY P 447 9.65 -28.03 -24.16
N LYS P 448 9.02 -28.58 -25.20
CA LYS P 448 9.73 -29.37 -26.19
C LYS P 448 10.49 -28.54 -27.20
N TYR P 449 10.46 -27.22 -27.08
CA TYR P 449 11.12 -26.34 -28.03
C TYR P 449 11.81 -25.21 -27.30
N ASP P 450 12.23 -25.48 -26.07
CA ASP P 450 12.94 -24.48 -25.28
C ASP P 450 14.31 -24.20 -25.88
N ASN P 451 14.90 -25.20 -26.53
CA ASN P 451 16.13 -25.03 -27.28
C ASN P 451 15.98 -24.08 -28.47
N ILE P 452 14.78 -24.02 -29.04
CA ILE P 452 14.53 -23.13 -30.18
C ILE P 452 14.55 -21.69 -29.68
N PRO P 453 15.21 -20.76 -30.37
CA PRO P 453 15.26 -19.37 -29.90
C PRO P 453 13.91 -18.69 -29.98
N GLU P 454 13.81 -17.60 -29.22
CA GLU P 454 12.60 -16.79 -29.16
C GLU P 454 12.27 -16.17 -30.51
N HIS P 455 13.30 -15.80 -31.27
CA HIS P 455 13.10 -15.13 -32.55
C HIS P 455 12.49 -16.04 -33.61
N ALA P 456 12.57 -17.35 -33.43
CA ALA P 456 12.02 -18.29 -34.40
C ALA P 456 10.50 -18.47 -34.27
N PHE P 457 9.82 -17.57 -33.56
CA PHE P 457 8.40 -17.68 -33.26
C PHE P 457 7.62 -16.47 -33.73
N TYR P 458 8.32 -15.37 -34.02
CA TYR P 458 7.70 -14.12 -34.43
C TYR P 458 7.11 -14.28 -35.82
N MET P 459 5.79 -14.10 -35.93
CA MET P 459 5.03 -14.10 -37.18
C MET P 459 5.17 -15.44 -37.91
N VAL P 460 4.76 -16.50 -37.23
CA VAL P 460 4.82 -17.86 -37.76
C VAL P 460 3.40 -18.41 -37.87
N GLY P 461 3.23 -19.41 -38.71
CA GLY P 461 1.96 -20.11 -38.82
C GLY P 461 1.72 -21.11 -37.69
N GLY P 462 2.50 -22.19 -37.66
CA GLY P 462 2.26 -23.26 -36.71
C GLY P 462 3.52 -23.97 -36.26
N ILE P 463 3.35 -25.14 -35.64
CA ILE P 463 4.49 -25.87 -35.10
C ILE P 463 5.36 -26.45 -36.21
N GLU P 464 4.77 -26.74 -37.37
CA GLU P 464 5.59 -27.11 -38.52
C GLU P 464 6.40 -25.91 -39.00
N ASP P 465 5.79 -24.73 -38.97
CA ASP P 465 6.53 -23.52 -39.26
C ASP P 465 7.49 -23.16 -38.15
N VAL P 466 7.22 -23.58 -36.92
CA VAL P 466 8.19 -23.46 -35.83
C VAL P 466 9.45 -24.24 -36.17
N VAL P 467 9.28 -25.51 -36.57
CA VAL P 467 10.43 -26.35 -36.90
C VAL P 467 11.14 -25.82 -38.14
N ALA P 468 10.37 -25.34 -39.12
CA ALA P 468 10.95 -24.83 -40.36
C ALA P 468 11.75 -23.55 -40.13
N LYS P 469 11.19 -22.60 -39.36
CA LYS P 469 11.90 -21.37 -39.08
C LYS P 469 13.08 -21.62 -38.15
N ALA P 470 12.98 -22.60 -37.27
CA ALA P 470 14.11 -22.99 -36.43
C ALA P 470 15.26 -23.50 -37.27
N GLU P 471 14.97 -24.39 -38.23
CA GLU P 471 16.02 -24.90 -39.10
C GLU P 471 16.57 -23.82 -40.03
N LYS P 472 15.71 -22.91 -40.49
CA LYS P 472 16.16 -21.84 -41.37
C LYS P 472 17.04 -20.84 -40.63
N LEU P 473 16.66 -20.47 -39.41
CA LEU P 473 17.50 -19.58 -38.63
C LEU P 473 18.76 -20.25 -38.12
N ALA P 474 18.73 -21.58 -37.95
CA ALA P 474 19.95 -22.30 -37.63
C ALA P 474 20.90 -22.32 -38.83
N ALA P 475 20.35 -22.48 -40.03
CA ALA P 475 21.17 -22.47 -41.24
C ALA P 475 21.70 -21.08 -41.55
N GLU P 476 20.90 -20.04 -41.30
CA GLU P 476 21.34 -18.67 -41.49
C GLU P 476 22.33 -18.22 -40.44
N ALA P 477 22.30 -18.83 -39.26
CA ALA P 477 23.35 -18.63 -38.27
C ALA P 477 24.57 -19.51 -38.52
N ASN P 478 24.53 -20.33 -39.56
CA ASN P 478 25.64 -21.22 -39.88
C ASN P 478 26.00 -21.09 -41.35
N THR Q 7 -80.11 8.81 2.68
CA THR Q 7 -80.36 8.50 1.28
C THR Q 7 -79.08 8.11 0.56
N PRO Q 8 -79.15 7.11 -0.31
CA PRO Q 8 -77.97 6.75 -1.09
C PRO Q 8 -77.67 7.79 -2.16
N ILE Q 9 -76.43 8.27 -2.14
CA ILE Q 9 -75.97 9.23 -3.14
C ILE Q 9 -75.19 8.42 -4.17
N THR Q 10 -75.86 8.05 -5.25
CA THR Q 10 -75.33 7.10 -6.21
C THR Q 10 -74.39 7.80 -7.17
N GLY Q 11 -73.22 7.21 -7.35
CA GLY Q 11 -72.25 7.73 -8.29
C GLY Q 11 -71.96 6.70 -9.37
N LYS Q 12 -71.28 7.15 -10.40
CA LYS Q 12 -70.96 6.32 -11.55
C LYS Q 12 -69.46 6.36 -11.81
N VAL Q 13 -68.91 5.20 -12.13
CA VAL Q 13 -67.48 5.12 -12.45
C VAL Q 13 -67.27 5.69 -13.84
N THR Q 14 -66.34 6.65 -13.95
CA THR Q 14 -66.04 7.22 -15.24
C THR Q 14 -64.60 7.01 -15.67
N ALA Q 15 -63.67 6.94 -14.73
CA ALA Q 15 -62.28 6.69 -15.11
C ALA Q 15 -61.67 5.77 -14.07
N VAL Q 16 -60.84 4.85 -14.55
CA VAL Q 16 -60.07 3.98 -13.68
C VAL Q 16 -58.63 4.03 -14.14
N ILE Q 17 -57.75 4.53 -13.28
CA ILE Q 17 -56.31 4.57 -13.56
C ILE Q 17 -55.64 4.04 -12.30
N GLY Q 18 -55.20 2.79 -12.35
CA GLY Q 18 -54.49 2.16 -11.25
C GLY Q 18 -55.35 2.04 -10.01
N ALA Q 19 -54.96 2.77 -8.96
CA ALA Q 19 -55.76 2.88 -7.76
C ALA Q 19 -56.42 4.24 -7.65
N ILE Q 20 -56.58 4.94 -8.76
CA ILE Q 20 -57.20 6.26 -8.78
C ILE Q 20 -58.41 6.18 -9.68
N VAL Q 21 -59.58 6.48 -9.13
CA VAL Q 21 -60.83 6.30 -9.84
C VAL Q 21 -61.68 7.56 -9.76
N ASP Q 22 -62.48 7.78 -10.78
CA ASP Q 22 -63.29 8.98 -10.91
C ASP Q 22 -64.77 8.64 -10.80
N VAL Q 23 -65.48 9.37 -9.96
CA VAL Q 23 -66.89 9.13 -9.73
C VAL Q 23 -67.66 10.37 -10.13
N HIS Q 24 -68.53 10.21 -11.12
CA HIS Q 24 -69.47 11.26 -11.50
C HIS Q 24 -70.71 11.14 -10.64
N PHE Q 25 -71.33 12.26 -10.34
CA PHE Q 25 -72.65 12.27 -9.75
C PHE Q 25 -73.60 13.06 -10.63
N GLU Q 26 -74.86 12.67 -10.59
CA GLU Q 26 -75.93 13.51 -11.10
C GLU Q 26 -76.66 14.25 -10.00
N GLN Q 27 -76.74 13.67 -8.81
CA GLN Q 27 -77.16 14.41 -7.65
C GLN Q 27 -76.10 15.46 -7.31
N SER Q 28 -76.54 16.70 -7.10
CA SER Q 28 -75.59 17.77 -6.83
C SER Q 28 -75.01 17.71 -5.43
N GLU Q 29 -75.54 16.86 -4.57
CA GLU Q 29 -75.07 16.74 -3.19
C GLU Q 29 -73.79 15.92 -3.21
N LEU Q 30 -72.69 16.54 -3.56
CA LEU Q 30 -71.46 15.78 -3.63
C LEU Q 30 -70.91 15.57 -2.22
N PRO Q 31 -70.37 14.39 -1.93
CA PRO Q 31 -69.76 14.18 -0.62
C PRO Q 31 -68.47 14.95 -0.52
N ALA Q 32 -68.18 15.44 0.68
CA ALA Q 32 -67.04 16.30 0.91
C ALA Q 32 -65.74 15.50 0.85
N ILE Q 33 -64.63 16.25 0.94
CA ILE Q 33 -63.30 15.67 0.88
C ILE Q 33 -63.09 14.74 2.07
N LEU Q 34 -62.36 13.65 1.82
CA LEU Q 34 -61.97 12.63 2.79
C LEU Q 34 -63.16 11.87 3.32
N ASN Q 35 -64.21 11.74 2.54
CA ASN Q 35 -65.29 10.85 2.95
C ASN Q 35 -65.13 9.51 2.26
N ALA Q 36 -65.85 8.52 2.77
CA ALA Q 36 -65.65 7.14 2.38
C ALA Q 36 -66.75 6.70 1.42
N LEU Q 37 -66.36 6.37 0.21
CA LEU Q 37 -67.26 5.73 -0.75
C LEU Q 37 -67.04 4.23 -0.69
N GLU Q 38 -68.04 3.48 -1.15
CA GLU Q 38 -67.84 2.05 -1.27
C GLU Q 38 -68.60 1.54 -2.47
N ILE Q 39 -68.11 0.42 -2.99
CA ILE Q 39 -68.61 -0.19 -4.22
C ILE Q 39 -68.72 -1.69 -3.98
N LYS Q 40 -69.89 -2.25 -4.25
CA LYS Q 40 -70.09 -3.69 -4.13
C LYS Q 40 -69.40 -4.38 -5.30
N THR Q 41 -68.36 -5.09 -5.00
CA THR Q 41 -67.61 -5.93 -5.91
C THR Q 41 -68.14 -7.35 -5.83
N PRO Q 42 -67.87 -8.19 -6.84
CA PRO Q 42 -68.07 -9.64 -6.64
C PRO Q 42 -67.17 -10.22 -5.57
N GLN Q 43 -66.07 -9.55 -5.24
CA GLN Q 43 -65.25 -9.91 -4.10
C GLN Q 43 -65.76 -9.32 -2.79
N GLY Q 44 -66.94 -8.70 -2.79
CA GLY Q 44 -67.46 -8.11 -1.57
C GLY Q 44 -67.69 -6.63 -1.69
N LYS Q 45 -66.88 -5.83 -1.01
CA LYS Q 45 -66.97 -4.39 -1.13
C LYS Q 45 -65.57 -3.81 -1.29
N LEU Q 46 -65.53 -2.55 -1.71
CA LEU Q 46 -64.28 -1.85 -1.93
C LEU Q 46 -64.48 -0.42 -1.48
N VAL Q 47 -63.43 0.17 -0.92
CA VAL Q 47 -63.53 1.45 -0.24
C VAL Q 47 -62.74 2.49 -1.02
N LEU Q 48 -63.32 3.66 -1.21
CA LEU Q 48 -62.66 4.79 -1.82
C LEU Q 48 -62.65 5.96 -0.83
N GLU Q 49 -61.72 6.87 -1.03
CA GLU Q 49 -61.59 8.04 -0.18
C GLU Q 49 -61.59 9.28 -1.07
N VAL Q 50 -62.41 10.26 -0.71
CA VAL Q 50 -62.60 11.42 -1.57
C VAL Q 50 -61.37 12.30 -1.52
N ALA Q 51 -60.64 12.35 -2.63
CA ALA Q 51 -59.44 13.16 -2.72
C ALA Q 51 -59.74 14.58 -3.17
N GLN Q 52 -60.34 14.75 -4.34
CA GLN Q 52 -60.54 16.10 -4.83
C GLN Q 52 -61.77 16.24 -5.70
N HIS Q 53 -62.50 17.33 -5.49
CA HIS Q 53 -63.57 17.72 -6.39
C HIS Q 53 -62.95 18.21 -7.69
N LEU Q 54 -63.19 17.50 -8.78
CA LEU Q 54 -62.69 17.95 -10.06
C LEU Q 54 -63.67 18.83 -10.80
N GLY Q 55 -64.77 19.21 -10.17
CA GLY Q 55 -65.78 19.93 -10.88
C GLY Q 55 -66.68 18.97 -11.63
N GLU Q 56 -67.73 19.56 -12.23
CA GLU Q 56 -68.69 18.87 -13.10
C GLU Q 56 -69.39 17.73 -12.38
N ASN Q 57 -69.62 17.93 -11.07
CA ASN Q 57 -70.26 16.97 -10.17
C ASN Q 57 -69.52 15.64 -10.16
N THR Q 58 -68.19 15.72 -10.28
CA THR Q 58 -67.37 14.55 -10.51
C THR Q 58 -66.08 14.69 -9.73
N VAL Q 59 -65.79 13.70 -8.89
CA VAL Q 59 -64.65 13.77 -8.01
C VAL Q 59 -63.64 12.70 -8.40
N ARG Q 60 -62.42 12.88 -7.88
CA ARG Q 60 -61.32 11.95 -8.04
C ARG Q 60 -61.04 11.38 -6.67
N THR Q 61 -60.93 10.05 -6.58
CA THR Q 61 -60.80 9.33 -5.33
C THR Q 61 -59.68 8.30 -5.41
N ILE Q 62 -59.18 7.94 -4.24
CA ILE Q 62 -58.09 7.00 -4.08
C ILE Q 62 -58.66 5.69 -3.55
N ALA Q 63 -58.13 4.58 -4.02
CA ALA Q 63 -58.63 3.26 -3.69
C ALA Q 63 -57.98 2.75 -2.42
N MET Q 64 -58.74 2.02 -1.62
CA MET Q 64 -58.16 1.32 -0.49
C MET Q 64 -57.87 -0.13 -0.81
N ASP Q 65 -58.00 -0.54 -2.06
CA ASP Q 65 -57.88 -1.93 -2.44
C ASP Q 65 -57.46 -1.97 -3.91
N GLY Q 66 -57.05 -3.16 -4.37
CA GLY Q 66 -56.81 -3.36 -5.79
C GLY Q 66 -58.09 -3.20 -6.57
N THR Q 67 -58.00 -2.56 -7.73
CA THR Q 67 -59.15 -2.09 -8.47
C THR Q 67 -59.43 -2.93 -9.70
N GLU Q 68 -59.10 -4.22 -9.63
CA GLU Q 68 -59.13 -5.05 -10.82
C GLU Q 68 -60.56 -5.41 -11.18
N GLY Q 69 -60.87 -5.35 -12.46
CA GLY Q 69 -62.14 -5.82 -12.94
C GLY Q 69 -63.29 -4.88 -12.63
N LEU Q 70 -63.09 -3.59 -12.88
CA LEU Q 70 -64.11 -2.60 -12.62
C LEU Q 70 -64.58 -1.97 -13.92
N VAL Q 71 -65.87 -1.75 -14.01
CA VAL Q 71 -66.51 -1.28 -15.21
C VAL Q 71 -66.88 0.18 -15.03
N ARG Q 72 -66.63 0.99 -16.06
CA ARG Q 72 -67.11 2.36 -16.09
C ARG Q 72 -68.63 2.38 -15.99
N GLY Q 73 -69.14 3.22 -15.09
CA GLY Q 73 -70.55 3.28 -14.85
C GLY Q 73 -71.05 2.35 -13.78
N GLU Q 74 -70.15 1.69 -13.05
CA GLU Q 74 -70.58 0.86 -11.93
C GLU Q 74 -71.08 1.75 -10.81
N LYS Q 75 -72.09 1.25 -10.09
CA LYS Q 75 -72.74 2.04 -9.06
C LYS Q 75 -71.79 2.26 -7.89
N VAL Q 76 -71.77 3.48 -7.38
CA VAL Q 76 -70.88 3.90 -6.32
C VAL Q 76 -71.73 4.38 -5.15
N LEU Q 77 -71.51 3.80 -3.98
CA LEU Q 77 -72.32 4.10 -2.82
C LEU Q 77 -71.52 4.92 -1.81
N ASP Q 78 -72.16 5.94 -1.27
CA ASP Q 78 -71.57 6.82 -0.27
C ASP Q 78 -71.94 6.40 1.13
N THR Q 79 -70.99 6.54 2.06
CA THR Q 79 -71.22 6.26 3.46
C THR Q 79 -71.32 7.52 4.31
N GLY Q 80 -71.23 8.70 3.70
CA GLY Q 80 -71.38 9.93 4.46
C GLY Q 80 -70.09 10.51 4.97
N GLY Q 81 -69.41 9.80 5.86
CA GLY Q 81 -68.27 10.35 6.53
C GLY Q 81 -66.96 9.71 6.13
N PRO Q 82 -65.90 10.02 6.87
CA PRO Q 82 -64.61 9.36 6.63
C PRO Q 82 -64.60 7.93 7.13
N ILE Q 83 -63.44 7.30 7.03
CA ILE Q 83 -63.30 5.90 7.43
C ILE Q 83 -63.26 5.84 8.96
N SER Q 84 -64.38 5.50 9.56
CA SER Q 84 -64.44 5.36 11.01
C SER Q 84 -63.84 4.01 11.40
N VAL Q 85 -63.00 4.04 12.43
CA VAL Q 85 -62.31 2.86 12.89
C VAL Q 85 -62.83 2.53 14.28
N PRO Q 86 -63.11 1.27 14.57
CA PRO Q 86 -63.44 0.86 15.93
C PRO Q 86 -62.25 1.09 16.86
N VAL Q 87 -62.55 1.53 18.08
CA VAL Q 87 -61.55 1.87 19.07
C VAL Q 87 -61.86 1.13 20.36
N GLY Q 88 -61.08 1.41 21.39
CA GLY Q 88 -61.38 0.89 22.69
C GLY Q 88 -60.68 -0.42 23.00
N ARG Q 89 -60.98 -0.92 24.20
CA ARG Q 89 -60.35 -2.13 24.71
C ARG Q 89 -60.75 -3.37 23.95
N GLU Q 90 -61.84 -3.29 23.17
CA GLU Q 90 -62.19 -4.37 22.25
C GLU Q 90 -61.11 -4.60 21.21
N THR Q 91 -60.41 -3.54 20.81
CA THR Q 91 -59.39 -3.62 19.79
C THR Q 91 -58.08 -4.21 20.27
N LEU Q 92 -57.96 -4.46 21.58
CA LEU Q 92 -56.75 -5.04 22.13
C LEU Q 92 -56.55 -6.46 21.63
N GLY Q 93 -55.34 -6.73 21.14
CA GLY Q 93 -55.04 -8.06 20.63
C GLY Q 93 -55.78 -8.42 19.37
N ARG Q 94 -56.18 -7.44 18.57
CA ARG Q 94 -56.88 -7.71 17.34
C ARG Q 94 -56.06 -7.22 16.17
N ILE Q 95 -56.06 -7.99 15.09
CA ILE Q 95 -55.30 -7.64 13.91
C ILE Q 95 -56.25 -6.95 12.94
N ILE Q 96 -56.08 -5.65 12.79
CA ILE Q 96 -57.11 -4.80 12.21
C ILE Q 96 -56.67 -4.36 10.83
N ASN Q 97 -57.59 -4.39 9.88
CA ASN Q 97 -57.32 -3.85 8.56
C ASN Q 97 -57.40 -2.32 8.62
N VAL Q 98 -56.91 -1.68 7.55
CA VAL Q 98 -56.97 -0.24 7.39
C VAL Q 98 -58.40 0.25 7.39
N ILE Q 99 -59.30 -0.55 6.82
CA ILE Q 99 -60.72 -0.22 6.84
C ILE Q 99 -61.26 -0.33 8.26
N GLY Q 100 -60.70 -1.22 9.06
CA GLY Q 100 -61.21 -1.43 10.39
C GLY Q 100 -61.72 -2.84 10.51
N GLU Q 101 -61.28 -3.69 9.59
CA GLU Q 101 -61.74 -5.07 9.56
C GLU Q 101 -60.80 -5.94 10.38
N PRO Q 102 -61.30 -6.66 11.37
CA PRO Q 102 -60.46 -7.65 12.04
C PRO Q 102 -60.14 -8.81 11.11
N ILE Q 103 -58.86 -8.96 10.79
CA ILE Q 103 -58.43 -9.99 9.87
C ILE Q 103 -57.75 -11.14 10.60
N ASP Q 104 -57.89 -11.17 11.93
CA ASP Q 104 -57.53 -12.35 12.72
C ASP Q 104 -58.59 -13.43 12.67
N GLU Q 105 -59.69 -13.19 11.94
CA GLU Q 105 -60.92 -13.99 11.85
C GLU Q 105 -61.46 -14.43 13.21
N ARG Q 106 -61.24 -13.62 14.24
CA ARG Q 106 -61.73 -13.91 15.58
C ARG Q 106 -63.00 -13.14 15.88
N GLY Q 107 -63.85 -12.99 14.87
CA GLY Q 107 -65.10 -12.29 15.03
C GLY Q 107 -64.93 -10.82 14.76
N PRO Q 108 -66.04 -10.08 14.70
CA PRO Q 108 -65.96 -8.65 14.47
C PRO Q 108 -65.55 -7.92 15.75
N ILE Q 109 -64.92 -6.77 15.55
CA ILE Q 109 -64.52 -5.89 16.65
C ILE Q 109 -65.79 -5.22 17.11
N LYS Q 110 -66.33 -5.68 18.23
CA LYS Q 110 -67.59 -5.17 18.76
C LYS Q 110 -67.27 -3.99 19.68
N SER Q 111 -66.86 -2.90 19.05
CA SER Q 111 -66.50 -1.70 19.79
C SER Q 111 -67.74 -0.88 20.07
N LYS Q 112 -67.57 0.09 20.97
CA LYS Q 112 -68.62 1.08 21.18
C LYS Q 112 -68.50 2.19 20.14
N LEU Q 113 -67.30 2.69 19.94
CA LEU Q 113 -67.09 3.89 19.15
C LEU Q 113 -66.28 3.57 17.91
N ARG Q 114 -66.59 4.28 16.83
CA ARG Q 114 -65.80 4.22 15.60
C ARG Q 114 -65.51 5.65 15.19
N LYS Q 115 -64.28 6.05 15.37
CA LYS Q 115 -63.93 7.44 15.11
C LYS Q 115 -63.26 7.58 13.75
N PRO Q 116 -63.51 8.67 13.04
CA PRO Q 116 -62.87 8.86 11.74
C PRO Q 116 -61.39 9.16 11.88
N ILE Q 117 -60.65 8.77 10.85
CA ILE Q 117 -59.19 8.87 10.94
C ILE Q 117 -58.72 10.31 10.76
N HIS Q 118 -59.40 11.08 9.94
CA HIS Q 118 -58.93 12.43 9.64
C HIS Q 118 -59.43 13.36 10.72
N ALA Q 119 -58.66 13.46 11.81
CA ALA Q 119 -58.94 14.40 12.87
C ALA Q 119 -57.83 15.45 12.90
N ASP Q 120 -58.11 16.54 13.58
CA ASP Q 120 -57.17 17.64 13.63
C ASP Q 120 -56.09 17.38 14.67
N PRO Q 121 -54.89 17.89 14.45
CA PRO Q 121 -53.83 17.76 15.45
C PRO Q 121 -54.15 18.59 16.68
N PRO Q 122 -53.60 18.21 17.82
CA PRO Q 122 -53.78 19.02 19.04
C PRO Q 122 -53.12 20.38 18.90
N SER Q 123 -53.76 21.37 19.52
CA SER Q 123 -53.34 22.75 19.34
C SER Q 123 -52.13 23.06 20.22
N PHE Q 124 -51.68 24.30 20.12
CA PHE Q 124 -50.48 24.72 20.82
C PHE Q 124 -50.68 24.78 22.32
N ALA Q 125 -51.89 25.13 22.77
CA ALA Q 125 -52.16 25.16 24.20
C ALA Q 125 -52.21 23.76 24.79
N GLU Q 126 -52.52 22.77 23.98
CA GLU Q 126 -52.60 21.40 24.45
C GLU Q 126 -51.26 20.70 24.50
N GLN Q 127 -50.20 21.37 24.07
CA GLN Q 127 -48.87 20.78 24.08
C GLN Q 127 -48.38 20.57 25.50
N SER Q 128 -47.48 19.62 25.66
CA SER Q 128 -46.89 19.32 26.96
C SER Q 128 -45.45 18.88 26.76
N THR Q 129 -44.57 19.39 27.61
CA THR Q 129 -43.16 19.07 27.53
C THR Q 129 -42.79 18.15 28.68
N SER Q 130 -41.73 17.37 28.47
CA SER Q 130 -41.31 16.39 29.46
C SER Q 130 -39.85 16.03 29.20
N ALA Q 131 -39.12 15.78 30.28
CA ALA Q 131 -37.75 15.28 30.21
C ALA Q 131 -37.60 13.91 30.85
N GLU Q 132 -38.63 13.08 30.77
CA GLU Q 132 -38.59 11.77 31.40
C GLU Q 132 -37.74 10.83 30.55
N ILE Q 133 -36.50 10.62 30.96
CA ILE Q 133 -35.57 9.79 30.22
C ILE Q 133 -35.98 8.33 30.37
N LEU Q 134 -36.13 7.65 29.25
CA LEU Q 134 -36.41 6.22 29.25
C LEU Q 134 -35.10 5.47 29.14
N GLU Q 135 -34.78 4.69 30.17
CA GLU Q 135 -33.65 3.78 30.09
C GLU Q 135 -34.04 2.58 29.25
N THR Q 136 -33.24 2.28 28.23
CA THR Q 136 -33.55 1.21 27.31
C THR Q 136 -32.79 -0.07 27.60
N GLY Q 137 -31.69 0.04 28.32
CA GLY Q 137 -30.76 -1.07 28.44
C GLY Q 137 -29.76 -1.14 27.32
N ILE Q 138 -29.96 -0.41 26.23
CA ILE Q 138 -29.07 -0.44 25.10
C ILE Q 138 -27.99 0.62 25.32
N LYS Q 139 -26.75 0.24 25.03
CA LYS Q 139 -25.59 1.03 25.43
C LYS Q 139 -25.53 2.37 24.70
N VAL Q 140 -25.59 2.33 23.37
CA VAL Q 140 -25.37 3.54 22.59
C VAL Q 140 -26.56 4.49 22.70
N VAL Q 141 -27.75 3.96 23.01
CA VAL Q 141 -28.90 4.82 23.21
C VAL Q 141 -28.78 5.51 24.56
N ASP Q 142 -28.58 4.73 25.62
CA ASP Q 142 -28.52 5.27 26.96
C ASP Q 142 -27.27 6.12 27.19
N LEU Q 143 -26.29 6.04 26.30
CA LEU Q 143 -25.15 6.93 26.36
C LEU Q 143 -25.32 8.16 25.47
N LEU Q 144 -25.55 7.94 24.18
CA LEU Q 144 -25.37 9.02 23.21
C LEU Q 144 -26.65 9.74 22.81
N ALA Q 145 -27.80 9.12 22.97
CA ALA Q 145 -29.04 9.79 22.62
C ALA Q 145 -30.15 9.24 23.49
N PRO Q 146 -30.36 9.81 24.68
CA PRO Q 146 -31.36 9.25 25.60
C PRO Q 146 -32.76 9.45 25.08
N TYR Q 147 -33.65 8.54 25.45
CA TYR Q 147 -34.99 8.59 24.90
C TYR Q 147 -35.97 9.16 25.91
N ALA Q 148 -36.74 10.14 25.46
CA ALA Q 148 -37.71 10.82 26.29
C ALA Q 148 -39.02 10.06 26.27
N ARG Q 149 -39.52 9.71 27.45
CA ARG Q 149 -40.88 9.23 27.56
C ARG Q 149 -41.85 10.32 27.15
N GLY Q 150 -42.74 9.99 26.21
CA GLY Q 150 -43.60 10.98 25.61
C GLY Q 150 -43.02 11.68 24.42
N GLY Q 151 -41.73 11.49 24.13
CA GLY Q 151 -41.11 12.09 22.98
C GLY Q 151 -41.31 11.28 21.73
N LYS Q 152 -40.64 11.70 20.66
CA LYS Q 152 -40.70 11.00 19.39
C LYS Q 152 -39.30 10.56 18.99
N ILE Q 153 -39.21 9.30 18.58
CA ILE Q 153 -37.94 8.61 18.43
C ILE Q 153 -37.85 8.08 17.00
N GLY Q 154 -36.78 8.43 16.31
CA GLY Q 154 -36.60 8.05 14.92
C GLY Q 154 -35.47 7.05 14.75
N LEU Q 155 -35.70 6.07 13.87
CA LEU Q 155 -34.70 5.09 13.48
C LEU Q 155 -34.41 5.27 12.02
N PHE Q 156 -33.46 6.16 11.73
CA PHE Q 156 -33.04 6.38 10.36
C PHE Q 156 -32.14 5.24 9.92
N GLY Q 157 -32.53 4.56 8.86
CA GLY Q 157 -31.75 3.41 8.43
C GLY Q 157 -31.87 3.12 6.95
N GLY Q 158 -30.80 2.55 6.39
CA GLY Q 158 -30.82 2.10 5.02
C GLY Q 158 -31.52 0.76 4.88
N ALA Q 159 -31.13 0.04 3.84
CA ALA Q 159 -31.78 -1.21 3.49
C ALA Q 159 -31.30 -2.32 4.42
N GLY Q 160 -32.21 -2.80 5.26
CA GLY Q 160 -32.05 -4.01 6.04
C GLY Q 160 -30.87 -4.03 7.00
N VAL Q 161 -30.65 -2.92 7.70
CA VAL Q 161 -29.45 -2.80 8.51
C VAL Q 161 -29.82 -2.90 9.97
N GLY Q 162 -30.86 -3.67 10.26
CA GLY Q 162 -31.16 -4.03 11.62
C GLY Q 162 -32.30 -3.27 12.25
N LYS Q 163 -33.05 -2.53 11.43
CA LYS Q 163 -34.10 -1.65 11.91
C LYS Q 163 -35.20 -2.42 12.62
N THR Q 164 -35.80 -3.38 11.92
CA THR Q 164 -36.89 -4.16 12.50
C THR Q 164 -36.41 -4.96 13.70
N VAL Q 165 -35.18 -5.48 13.62
CA VAL Q 165 -34.56 -6.17 14.73
C VAL Q 165 -34.39 -5.22 15.91
N PHE Q 166 -33.99 -3.98 15.64
CA PHE Q 166 -33.81 -3.01 16.70
C PHE Q 166 -35.14 -2.64 17.34
N ILE Q 167 -36.20 -2.57 16.54
CA ILE Q 167 -37.53 -2.30 17.07
C ILE Q 167 -37.99 -3.44 17.96
N GLN Q 168 -37.76 -4.67 17.53
CA GLN Q 168 -38.14 -5.82 18.34
C GLN Q 168 -37.34 -5.88 19.63
N GLU Q 169 -36.08 -5.45 19.58
CA GLU Q 169 -35.27 -5.36 20.78
C GLU Q 169 -35.84 -4.34 21.74
N LEU Q 170 -36.24 -3.18 21.21
CA LEU Q 170 -36.89 -2.14 22.01
C LEU Q 170 -38.19 -2.62 22.62
N ILE Q 171 -39.00 -3.34 21.85
CA ILE Q 171 -40.28 -3.81 22.33
C ILE Q 171 -40.10 -4.84 23.43
N ASN Q 172 -39.20 -5.79 23.20
CA ASN Q 172 -38.85 -6.80 24.18
C ASN Q 172 -38.27 -6.19 25.45
N ASN Q 173 -37.57 -5.08 25.34
CA ASN Q 173 -37.03 -4.41 26.51
C ASN Q 173 -38.04 -3.55 27.23
N ILE Q 174 -39.04 -3.03 26.54
CA ILE Q 174 -39.82 -1.95 27.11
C ILE Q 174 -41.26 -2.36 27.39
N ALA Q 175 -41.91 -2.96 26.40
CA ALA Q 175 -43.36 -3.10 26.38
C ALA Q 175 -43.91 -3.95 27.52
N LYS Q 176 -43.13 -4.89 28.04
CA LYS Q 176 -43.56 -5.61 29.22
C LYS Q 176 -43.51 -4.72 30.45
N ALA Q 177 -42.39 -4.03 30.64
CA ALA Q 177 -42.25 -3.10 31.76
C ALA Q 177 -42.77 -1.72 31.40
N HIS Q 178 -44.01 -1.64 30.94
CA HIS Q 178 -44.57 -0.37 30.50
C HIS Q 178 -45.77 0.07 31.30
N GLY Q 179 -46.73 -0.81 31.55
CA GLY Q 179 -47.88 -0.48 32.36
C GLY Q 179 -49.04 0.15 31.63
N GLY Q 180 -48.78 0.95 30.60
CA GLY Q 180 -49.86 1.56 29.85
C GLY Q 180 -50.35 0.63 28.75
N PHE Q 181 -50.29 1.09 27.51
CA PHE Q 181 -50.71 0.27 26.38
C PHE Q 181 -49.73 0.47 25.24
N SER Q 182 -49.93 -0.31 24.18
CA SER Q 182 -49.02 -0.26 23.06
C SER Q 182 -49.79 -0.52 21.78
N VAL Q 183 -49.37 0.15 20.71
CA VAL Q 183 -49.93 -0.05 19.39
C VAL Q 183 -48.77 -0.27 18.43
N PHE Q 184 -48.73 -1.43 17.81
CA PHE Q 184 -47.83 -1.60 16.69
C PHE Q 184 -48.59 -1.40 15.40
N THR Q 185 -47.91 -0.82 14.41
CA THR Q 185 -48.52 -0.57 13.11
C THR Q 185 -47.52 -0.92 12.03
N GLY Q 186 -47.68 -2.10 11.45
CA GLY Q 186 -46.87 -2.53 10.32
C GLY Q 186 -47.36 -1.93 9.02
N VAL Q 187 -46.60 -0.96 8.52
CA VAL Q 187 -46.95 -0.20 7.33
C VAL Q 187 -45.94 -0.60 6.26
N GLY Q 188 -46.41 -1.29 5.23
CA GLY Q 188 -45.58 -1.59 4.09
C GLY Q 188 -44.45 -2.56 4.36
N GLU Q 189 -44.52 -3.34 5.43
CA GLU Q 189 -43.43 -4.21 5.79
C GLU Q 189 -43.64 -5.59 5.19
N ARG Q 190 -42.87 -6.56 5.66
CA ARG Q 190 -43.03 -7.92 5.21
C ARG Q 190 -44.15 -8.59 5.97
N THR Q 191 -44.97 -9.34 5.23
CA THR Q 191 -46.05 -10.10 5.83
C THR Q 191 -45.53 -11.15 6.80
N ARG Q 192 -44.40 -11.77 6.44
CA ARG Q 192 -43.75 -12.73 7.31
C ARG Q 192 -43.30 -12.09 8.61
N GLU Q 193 -42.80 -10.86 8.53
CA GLU Q 193 -42.38 -10.15 9.73
C GLU Q 193 -43.55 -9.87 10.66
N GLY Q 194 -44.71 -9.52 10.09
CA GLY Q 194 -45.88 -9.32 10.91
C GLY Q 194 -46.37 -10.62 11.53
N ASN Q 195 -46.30 -11.72 10.78
CA ASN Q 195 -46.68 -13.02 11.33
C ASN Q 195 -45.76 -13.43 12.46
N ASP Q 196 -44.46 -13.23 12.29
CA ASP Q 196 -43.52 -13.63 13.32
C ASP Q 196 -43.65 -12.76 14.55
N LEU Q 197 -43.96 -11.47 14.35
CA LEU Q 197 -44.24 -10.60 15.48
C LEU Q 197 -45.50 -11.05 16.22
N TYR Q 198 -46.51 -11.50 15.48
CA TYR Q 198 -47.71 -12.02 16.12
C TYR Q 198 -47.43 -13.29 16.91
N ARG Q 199 -46.55 -14.13 16.36
CA ARG Q 199 -46.05 -15.31 17.09
C ARG Q 199 -45.38 -14.90 18.40
N GLU Q 200 -44.55 -13.87 18.35
CA GLU Q 200 -43.88 -13.40 19.56
C GLU Q 200 -44.87 -12.86 20.57
N MET Q 201 -45.80 -12.02 20.13
CA MET Q 201 -46.77 -11.41 21.03
C MET Q 201 -47.69 -12.43 21.67
N LYS Q 202 -47.97 -13.53 20.97
CA LYS Q 202 -48.61 -14.64 21.66
C LYS Q 202 -47.67 -15.28 22.66
N GLU Q 203 -46.44 -15.59 22.23
CA GLU Q 203 -45.55 -16.40 23.06
C GLU Q 203 -44.98 -15.59 24.21
N THR Q 204 -44.83 -14.28 24.04
CA THR Q 204 -44.48 -13.45 25.18
C THR Q 204 -45.65 -13.19 26.10
N GLY Q 205 -46.87 -13.52 25.66
CA GLY Q 205 -48.04 -13.23 26.46
C GLY Q 205 -48.43 -11.78 26.47
N VAL Q 206 -47.80 -10.95 25.65
CA VAL Q 206 -48.24 -9.57 25.49
C VAL Q 206 -49.60 -9.53 24.85
N ILE Q 207 -49.77 -10.27 23.75
CA ILE Q 207 -51.11 -10.72 23.39
C ILE Q 207 -51.45 -11.90 24.26
N ASN Q 208 -52.52 -11.76 25.02
CA ASN Q 208 -53.18 -12.90 25.64
C ASN Q 208 -54.47 -13.10 24.85
N LEU Q 209 -54.53 -14.23 24.13
CA LEU Q 209 -55.62 -14.46 23.19
C LEU Q 209 -56.95 -14.59 23.91
N GLU Q 210 -56.99 -15.41 24.95
CA GLU Q 210 -58.23 -15.56 25.70
C GLU Q 210 -58.35 -14.53 26.80
N GLY Q 211 -57.25 -14.19 27.45
CA GLY Q 211 -57.23 -13.16 28.46
C GLY Q 211 -57.10 -11.78 27.85
N GLU Q 212 -56.49 -10.89 28.61
CA GLU Q 212 -56.37 -9.49 28.22
C GLU Q 212 -54.98 -9.22 27.69
N SER Q 213 -54.90 -8.55 26.56
CA SER Q 213 -53.66 -8.09 25.99
C SER Q 213 -53.45 -6.62 26.35
N LYS Q 214 -52.32 -6.08 25.92
CA LYS Q 214 -52.06 -4.65 26.09
C LYS Q 214 -51.72 -3.96 24.79
N VAL Q 215 -51.61 -4.70 23.70
CA VAL Q 215 -51.16 -4.15 22.43
C VAL Q 215 -52.31 -4.25 21.45
N ALA Q 216 -52.26 -3.38 20.45
CA ALA Q 216 -53.20 -3.43 19.34
C ALA Q 216 -52.39 -3.44 18.05
N LEU Q 217 -52.81 -4.25 17.10
CA LEU Q 217 -52.08 -4.47 15.87
C LEU Q 217 -52.81 -3.87 14.69
N VAL Q 218 -52.22 -2.86 14.08
CA VAL Q 218 -52.71 -2.30 12.83
C VAL Q 218 -51.68 -2.68 11.78
N PHE Q 219 -52.10 -3.39 10.76
CA PHE Q 219 -51.17 -3.83 9.74
C PHE Q 219 -51.62 -3.39 8.36
N GLY Q 220 -50.78 -3.75 7.40
CA GLY Q 220 -51.05 -3.59 5.99
C GLY Q 220 -49.70 -3.39 5.34
N GLN Q 221 -49.39 -4.23 4.39
CA GLN Q 221 -47.99 -4.49 4.11
C GLN Q 221 -47.65 -4.01 2.73
N MET Q 222 -46.44 -4.34 2.30
CA MET Q 222 -45.97 -3.87 1.01
C MET Q 222 -46.73 -4.50 -0.15
N ASN Q 223 -47.41 -5.64 0.08
CA ASN Q 223 -48.31 -6.18 -0.91
C ASN Q 223 -49.51 -5.28 -1.18
N GLU Q 224 -49.91 -4.51 -0.20
CA GLU Q 224 -51.14 -3.74 -0.28
C GLU Q 224 -50.97 -2.56 -1.23
N PRO Q 225 -52.03 -2.19 -1.95
CA PRO Q 225 -52.00 -1.04 -2.84
C PRO Q 225 -51.76 0.24 -2.06
N PRO Q 226 -51.19 1.28 -2.70
CA PRO Q 226 -50.66 2.43 -1.94
C PRO Q 226 -51.71 3.24 -1.21
N GLY Q 227 -52.94 3.30 -1.72
CA GLY Q 227 -53.97 4.03 -1.00
C GLY Q 227 -54.32 3.40 0.32
N ALA Q 228 -54.24 2.06 0.39
CA ALA Q 228 -54.31 1.40 1.69
C ALA Q 228 -53.11 1.75 2.54
N ARG Q 229 -51.93 1.81 1.92
CA ARG Q 229 -50.74 2.17 2.67
C ARG Q 229 -50.71 3.63 3.06
N ALA Q 230 -51.45 4.47 2.35
CA ALA Q 230 -51.43 5.88 2.66
C ALA Q 230 -52.34 6.25 3.83
N ARG Q 231 -53.03 5.28 4.42
CA ARG Q 231 -53.99 5.58 5.47
C ARG Q 231 -53.86 4.71 6.70
N VAL Q 232 -53.08 3.63 6.62
CA VAL Q 232 -52.93 2.70 7.73
C VAL Q 232 -52.27 3.36 8.94
N ALA Q 233 -51.35 4.30 8.69
CA ALA Q 233 -50.75 5.06 9.76
C ALA Q 233 -51.78 5.92 10.46
N LEU Q 234 -52.72 6.47 9.71
CA LEU Q 234 -53.81 7.24 10.33
C LEU Q 234 -54.71 6.34 11.15
N THR Q 235 -54.86 5.08 10.75
CA THR Q 235 -55.69 4.15 11.50
C THR Q 235 -55.08 3.84 12.86
N GLY Q 236 -53.80 3.44 12.85
CA GLY Q 236 -53.11 3.21 14.10
C GLY Q 236 -52.98 4.47 14.93
N LEU Q 237 -52.87 5.61 14.27
CA LEU Q 237 -52.81 6.90 14.94
C LEU Q 237 -54.09 7.20 15.70
N THR Q 238 -55.24 6.98 15.05
CA THR Q 238 -56.52 7.25 15.69
C THR Q 238 -56.73 6.32 16.87
N ILE Q 239 -56.34 5.05 16.70
CA ILE Q 239 -56.42 4.11 17.79
C ILE Q 239 -55.55 4.53 18.95
N ALA Q 240 -54.33 5.01 18.67
CA ALA Q 240 -53.42 5.42 19.73
C ALA Q 240 -53.94 6.65 20.46
N GLU Q 241 -54.37 7.66 19.71
CA GLU Q 241 -54.82 8.89 20.35
C GLU Q 241 -56.15 8.72 21.05
N TYR Q 242 -56.91 7.67 20.73
CA TYR Q 242 -58.08 7.35 21.53
C TYR Q 242 -57.67 6.98 22.94
N PHE Q 243 -56.74 6.03 23.08
CA PHE Q 243 -56.28 5.64 24.41
C PHE Q 243 -55.52 6.76 25.09
N ARG Q 244 -54.90 7.64 24.32
CA ARG Q 244 -54.30 8.82 24.92
C ARG Q 244 -55.35 9.75 25.48
N ASP Q 245 -56.50 9.86 24.81
CA ASP Q 245 -57.53 10.79 25.24
C ASP Q 245 -58.61 10.16 26.07
N GLU Q 246 -59.22 9.07 25.61
CA GLU Q 246 -60.28 8.43 26.38
C GLU Q 246 -59.75 7.79 27.64
N GLU Q 247 -58.61 7.12 27.56
CA GLU Q 247 -58.10 6.38 28.70
C GLU Q 247 -57.08 7.14 29.50
N GLY Q 248 -56.33 8.05 28.87
CA GLY Q 248 -55.32 8.82 29.57
C GLY Q 248 -54.19 7.96 30.05
N GLN Q 249 -53.66 7.13 29.17
CA GLN Q 249 -52.65 6.15 29.54
C GLN Q 249 -51.34 6.47 28.84
N ASP Q 250 -50.40 5.56 28.95
CA ASP Q 250 -49.11 5.68 28.30
C ASP Q 250 -49.08 4.78 27.08
N VAL Q 251 -48.93 5.38 25.91
CA VAL Q 251 -49.15 4.72 24.64
C VAL Q 251 -47.83 4.56 23.93
N LEU Q 252 -47.43 3.32 23.70
CA LEU Q 252 -46.25 3.03 22.90
C LEU Q 252 -46.68 2.83 21.46
N LEU Q 253 -46.27 3.73 20.59
CA LEU Q 253 -46.66 3.69 19.19
C LEU Q 253 -45.45 3.32 18.36
N PHE Q 254 -45.45 2.12 17.81
CA PHE Q 254 -44.34 1.65 16.99
C PHE Q 254 -44.77 1.67 15.53
N ILE Q 255 -44.02 2.38 14.70
CA ILE Q 255 -44.38 2.60 13.31
C ILE Q 255 -43.27 2.05 12.44
N ASP Q 256 -43.66 1.23 11.47
CA ASP Q 256 -42.71 0.63 10.54
C ASP Q 256 -43.50 0.33 9.28
N ASN Q 257 -43.22 1.03 8.18
CA ASN Q 257 -42.17 2.03 8.06
C ASN Q 257 -42.82 3.36 7.68
N ILE Q 258 -42.40 4.43 8.34
CA ILE Q 258 -42.97 5.75 8.07
C ILE Q 258 -42.61 6.27 6.69
N PHE Q 259 -41.52 5.78 6.09
CA PHE Q 259 -41.16 6.21 4.76
C PHE Q 259 -42.12 5.65 3.73
N ARG Q 260 -42.67 4.46 4.01
CA ARG Q 260 -43.65 3.85 3.12
C ARG Q 260 -44.89 4.71 2.97
N PHE Q 261 -45.25 5.45 4.02
CA PHE Q 261 -46.36 6.38 3.95
C PHE Q 261 -46.10 7.48 2.93
N THR Q 262 -44.94 8.12 3.01
CA THR Q 262 -44.63 9.19 2.07
C THR Q 262 -44.46 8.64 0.66
N GLN Q 263 -43.99 7.40 0.56
CA GLN Q 263 -43.88 6.77 -0.74
C GLN Q 263 -45.25 6.48 -1.34
N ALA Q 264 -46.21 6.08 -0.50
CA ALA Q 264 -47.59 5.92 -0.96
C ALA Q 264 -48.17 7.26 -1.36
N GLY Q 265 -47.79 8.33 -0.66
CA GLY Q 265 -48.16 9.66 -1.09
C GLY Q 265 -47.50 10.08 -2.38
N SER Q 266 -46.38 9.48 -2.74
CA SER Q 266 -45.69 9.81 -3.96
C SER Q 266 -46.26 9.10 -5.18
N GLU Q 267 -46.60 7.82 -5.05
CA GLU Q 267 -47.00 7.00 -6.18
C GLU Q 267 -48.31 7.44 -6.80
N VAL Q 268 -49.24 7.94 -6.00
CA VAL Q 268 -50.54 8.33 -6.52
C VAL Q 268 -50.56 9.76 -7.02
N SER Q 269 -49.63 10.61 -6.59
CA SER Q 269 -49.69 12.04 -6.86
C SER Q 269 -49.49 12.36 -8.33
N ALA Q 270 -48.68 11.57 -9.03
CA ALA Q 270 -48.59 11.70 -10.48
C ALA Q 270 -49.92 11.36 -11.14
N LEU Q 271 -50.66 10.42 -10.58
CA LEU Q 271 -51.96 10.08 -11.13
C LEU Q 271 -53.05 10.95 -10.57
N LEU Q 272 -52.78 11.69 -9.50
CA LEU Q 272 -53.73 12.67 -8.99
C LEU Q 272 -53.61 14.02 -9.69
N GLY Q 273 -52.97 14.06 -10.85
CA GLY Q 273 -52.91 15.27 -11.64
C GLY Q 273 -51.90 16.29 -11.15
N ARG Q 274 -51.17 16.01 -10.10
CA ARG Q 274 -50.19 16.97 -9.61
C ARG Q 274 -48.98 17.01 -10.53
N ILE Q 275 -48.42 18.19 -10.67
CA ILE Q 275 -47.05 18.30 -11.22
C ILE Q 275 -46.11 17.57 -10.29
N PRO Q 276 -45.18 16.76 -10.79
CA PRO Q 276 -44.20 16.12 -9.90
C PRO Q 276 -43.30 17.16 -9.26
N SER Q 277 -43.06 17.00 -7.97
CA SER Q 277 -42.22 17.93 -7.22
C SER Q 277 -40.73 17.61 -7.32
N ALA Q 278 -40.05 17.64 -6.18
CA ALA Q 278 -38.62 17.36 -6.13
C ALA Q 278 -38.32 15.87 -6.14
N VAL Q 279 -37.27 15.51 -6.86
CA VAL Q 279 -36.77 14.13 -7.00
C VAL Q 279 -37.75 13.12 -7.60
N GLY Q 280 -39.00 13.10 -7.13
CA GLY Q 280 -39.97 12.16 -7.63
C GLY Q 280 -41.07 12.05 -6.61
N TYR Q 281 -40.89 12.76 -5.52
CA TYR Q 281 -41.87 12.78 -4.47
C TYR Q 281 -43.02 13.72 -4.81
N GLN Q 282 -44.03 13.73 -3.95
CA GLN Q 282 -45.18 14.55 -4.17
C GLN Q 282 -44.91 15.97 -3.69
N PRO Q 283 -45.64 16.95 -4.20
CA PRO Q 283 -45.54 18.29 -3.64
C PRO Q 283 -46.09 18.41 -2.24
N THR Q 284 -47.05 17.58 -1.85
CA THR Q 284 -47.66 17.69 -0.54
C THR Q 284 -46.94 16.77 0.45
N LEU Q 285 -45.62 16.87 0.46
CA LEU Q 285 -44.82 16.02 1.31
C LEU Q 285 -44.80 16.52 2.74
N ALA Q 286 -44.30 17.74 2.95
CA ALA Q 286 -44.10 18.26 4.30
C ALA Q 286 -45.42 18.53 4.99
N THR Q 287 -46.46 18.86 4.24
CA THR Q 287 -47.77 19.06 4.85
C THR Q 287 -48.36 17.74 5.35
N ASP Q 288 -48.32 16.70 4.53
CA ASP Q 288 -48.85 15.42 4.97
C ASP Q 288 -48.00 14.84 6.07
N MET Q 289 -46.69 15.02 5.98
CA MET Q 289 -45.80 14.65 7.07
C MET Q 289 -46.13 15.40 8.35
N GLY Q 290 -46.47 16.67 8.23
CA GLY Q 290 -46.81 17.45 9.41
C GLY Q 290 -48.12 17.03 10.02
N LEU Q 291 -49.14 16.83 9.19
CA LEU Q 291 -50.44 16.37 9.70
C LEU Q 291 -50.35 14.97 10.28
N LEU Q 292 -49.41 14.18 9.82
CA LEU Q 292 -49.20 12.91 10.48
C LEU Q 292 -48.48 13.09 11.80
N GLN Q 293 -47.42 13.88 11.83
CA GLN Q 293 -46.60 13.94 13.04
C GLN Q 293 -47.25 14.74 14.14
N GLU Q 294 -48.01 15.77 13.79
CA GLU Q 294 -48.54 16.63 14.82
C GLU Q 294 -49.70 16.02 15.57
N ARG Q 295 -50.25 14.93 15.08
CA ARG Q 295 -51.17 14.15 15.86
C ARG Q 295 -50.46 13.16 16.76
N ILE Q 296 -49.16 12.98 16.54
CA ILE Q 296 -48.35 12.09 17.36
C ILE Q 296 -47.68 13.02 18.37
N THR Q 297 -48.31 13.19 19.52
CA THR Q 297 -47.76 14.12 20.50
C THR Q 297 -48.20 13.69 21.89
N THR Q 298 -47.73 14.43 22.89
CA THR Q 298 -48.04 14.18 24.29
C THR Q 298 -48.83 15.37 24.80
N THR Q 299 -50.10 15.16 25.10
CA THR Q 299 -50.93 16.24 25.58
C THR Q 299 -50.85 16.31 27.09
N LYS Q 300 -51.65 17.20 27.65
CA LYS Q 300 -51.89 17.20 29.08
C LYS Q 300 -52.72 16.01 29.52
N LYS Q 301 -53.46 15.40 28.60
CA LYS Q 301 -54.31 14.26 28.92
C LYS Q 301 -53.55 12.94 28.97
N GLY Q 302 -52.59 12.74 28.08
CA GLY Q 302 -51.92 11.45 28.03
C GLY Q 302 -50.54 11.58 27.43
N SER Q 303 -49.80 10.48 27.48
CA SER Q 303 -48.42 10.46 27.07
C SER Q 303 -48.22 9.43 25.97
N VAL Q 304 -47.69 9.89 24.85
CA VAL Q 304 -47.45 9.04 23.68
C VAL Q 304 -45.96 8.99 23.45
N THR Q 305 -45.36 7.83 23.68
CA THR Q 305 -43.97 7.59 23.35
C THR Q 305 -43.95 6.80 22.06
N SER Q 306 -43.51 7.42 20.99
CA SER Q 306 -43.54 6.80 19.67
C SER Q 306 -42.13 6.51 19.19
N VAL Q 307 -41.98 5.37 18.53
CA VAL Q 307 -40.75 4.97 17.87
C VAL Q 307 -41.10 4.66 16.43
N GLN Q 308 -40.40 5.31 15.50
CA GLN Q 308 -40.68 5.18 14.09
C GLN Q 308 -39.41 4.78 13.36
N ALA Q 309 -39.46 3.67 12.64
CA ALA Q 309 -38.37 3.37 11.73
C ALA Q 309 -38.46 4.27 10.52
N VAL Q 310 -37.31 4.71 10.03
CA VAL Q 310 -37.25 5.53 8.83
C VAL Q 310 -36.34 4.83 7.84
N TYR Q 311 -36.92 4.36 6.74
CA TYR Q 311 -36.11 3.89 5.64
C TYR Q 311 -35.41 5.06 4.97
N VAL Q 312 -34.16 4.86 4.60
CA VAL Q 312 -33.38 5.83 3.85
C VAL Q 312 -33.24 5.30 2.44
N PRO Q 313 -33.63 6.04 1.43
CA PRO Q 313 -33.46 5.57 0.05
C PRO Q 313 -32.01 5.59 -0.39
N ALA Q 314 -31.43 4.40 -0.56
CA ALA Q 314 -30.09 4.20 -1.13
C ALA Q 314 -29.02 4.92 -0.33
N ASP Q 315 -29.22 4.99 0.99
CA ASP Q 315 -28.32 5.63 1.96
C ASP Q 315 -28.05 7.09 1.62
N ASP Q 316 -29.06 7.78 1.09
CA ASP Q 316 -28.95 9.20 0.80
C ASP Q 316 -29.75 9.95 1.88
N LEU Q 317 -29.03 10.51 2.85
CA LEU Q 317 -29.71 11.29 3.87
C LEU Q 317 -30.14 12.66 3.38
N THR Q 318 -29.68 13.08 2.21
CA THR Q 318 -30.14 14.30 1.59
C THR Q 318 -31.40 14.11 0.78
N ASP Q 319 -32.00 12.92 0.85
CA ASP Q 319 -33.32 12.73 0.28
C ASP Q 319 -34.31 13.60 1.05
N PRO Q 320 -35.31 14.19 0.37
CA PRO Q 320 -36.20 15.11 1.07
C PRO Q 320 -37.09 14.46 2.11
N ALA Q 321 -37.39 13.17 1.97
CA ALA Q 321 -38.27 12.54 2.97
C ALA Q 321 -37.61 12.35 4.32
N PRO Q 322 -36.40 11.74 4.45
CA PRO Q 322 -35.82 11.68 5.79
C PRO Q 322 -35.36 13.03 6.30
N ALA Q 323 -34.91 13.92 5.41
CA ALA Q 323 -34.55 15.27 5.82
C ALA Q 323 -35.74 16.02 6.38
N THR Q 324 -36.92 15.80 5.80
CA THR Q 324 -38.13 16.33 6.37
C THR Q 324 -38.45 15.66 7.69
N THR Q 325 -38.15 14.37 7.79
CA THR Q 325 -38.46 13.61 8.99
C THR Q 325 -37.62 14.05 10.19
N PHE Q 326 -36.40 14.54 9.93
CA PHE Q 326 -35.54 15.02 11.01
C PHE Q 326 -36.16 16.17 11.79
N ALA Q 327 -36.96 16.99 11.11
CA ALA Q 327 -37.63 18.10 11.77
C ALA Q 327 -38.66 17.67 12.79
N HIS Q 328 -39.12 16.44 12.74
CA HIS Q 328 -40.22 16.02 13.60
C HIS Q 328 -39.78 15.17 14.77
N LEU Q 329 -38.50 14.93 14.94
CA LEU Q 329 -38.04 13.92 15.90
C LEU Q 329 -37.25 14.54 17.02
N ASP Q 330 -37.36 13.93 18.20
CA ASP Q 330 -36.64 14.36 19.37
C ASP Q 330 -35.31 13.65 19.53
N ALA Q 331 -35.22 12.39 19.14
CA ALA Q 331 -34.01 11.60 19.38
C ALA Q 331 -33.70 10.82 18.11
N THR Q 332 -32.71 11.30 17.36
CA THR Q 332 -32.33 10.63 16.14
C THR Q 332 -31.42 9.44 16.45
N THR Q 333 -31.53 8.42 15.61
CA THR Q 333 -30.65 7.26 15.72
C THR Q 333 -30.43 6.74 14.31
N VAL Q 334 -29.19 6.83 13.85
CA VAL Q 334 -28.90 6.59 12.45
C VAL Q 334 -28.07 5.33 12.32
N LEU Q 335 -28.53 4.42 11.49
CA LEU Q 335 -27.84 3.17 11.23
C LEU Q 335 -27.07 3.27 9.92
N SER Q 336 -25.77 3.06 9.98
CA SER Q 336 -24.94 3.05 8.79
C SER Q 336 -24.70 1.62 8.36
N ARG Q 337 -24.69 1.40 7.05
CA ARG Q 337 -24.35 0.08 6.55
C ARG Q 337 -22.88 -0.24 6.78
N GLY Q 338 -22.01 0.76 6.63
CA GLY Q 338 -20.59 0.55 6.84
C GLY Q 338 -20.21 0.16 8.25
N ILE Q 339 -20.98 0.63 9.23
CA ILE Q 339 -20.72 0.20 10.60
C ILE Q 339 -21.15 -1.23 10.81
N SER Q 340 -22.27 -1.62 10.19
CA SER Q 340 -22.70 -3.01 10.21
C SER Q 340 -21.75 -3.93 9.47
N GLU Q 341 -21.04 -3.40 8.46
CA GLU Q 341 -20.07 -4.21 7.73
C GLU Q 341 -18.86 -4.51 8.59
N LEU Q 342 -18.65 -3.76 9.66
CA LEU Q 342 -17.66 -4.14 10.64
C LEU Q 342 -18.24 -5.07 11.70
N GLY Q 343 -19.41 -5.64 11.46
CA GLY Q 343 -20.06 -6.52 12.40
C GLY Q 343 -20.53 -5.85 13.66
N ILE Q 344 -20.66 -4.52 13.66
CA ILE Q 344 -20.95 -3.79 14.88
C ILE Q 344 -22.47 -3.74 15.01
N TYR Q 345 -23.00 -4.49 15.96
CA TYR Q 345 -24.43 -4.52 16.08
C TYR Q 345 -24.86 -4.05 17.44
N PRO Q 346 -25.73 -3.03 17.52
CA PRO Q 346 -26.36 -2.30 16.42
C PRO Q 346 -25.43 -1.32 15.75
N ALA Q 347 -25.73 -0.95 14.50
CA ALA Q 347 -24.80 -0.17 13.69
C ALA Q 347 -25.10 1.31 13.77
N VAL Q 348 -25.48 1.76 14.97
CA VAL Q 348 -25.76 3.15 15.24
C VAL Q 348 -24.53 3.99 14.98
N ASP Q 349 -24.68 5.04 14.20
CA ASP Q 349 -23.60 5.99 14.09
C ASP Q 349 -23.43 6.72 15.41
N PRO Q 350 -22.25 6.73 16.01
CA PRO Q 350 -22.07 7.37 17.31
C PRO Q 350 -22.13 8.88 17.21
N LEU Q 351 -21.76 9.44 16.08
CA LEU Q 351 -21.80 10.89 15.93
C LEU Q 351 -23.22 11.36 15.69
N ASP Q 352 -23.83 10.91 14.60
CA ASP Q 352 -24.98 11.59 14.03
C ASP Q 352 -26.25 11.42 14.86
N SER Q 353 -26.26 10.51 15.82
CA SER Q 353 -27.40 10.43 16.72
C SER Q 353 -27.44 11.65 17.63
N LYS Q 354 -28.64 12.21 17.76
CA LYS Q 354 -28.86 13.41 18.56
C LYS Q 354 -30.01 13.17 19.50
N SER Q 355 -30.19 14.10 20.43
CA SER Q 355 -31.35 14.08 21.29
C SER Q 355 -31.63 15.50 21.75
N ARG Q 356 -32.92 15.80 21.91
CA ARG Q 356 -33.30 17.00 22.64
C ARG Q 356 -32.97 16.87 24.11
N LEU Q 357 -32.82 15.63 24.58
CA LEU Q 357 -32.21 15.31 25.87
C LEU Q 357 -30.70 15.44 25.79
N LEU Q 358 -30.02 14.81 26.75
CA LEU Q 358 -28.57 14.86 26.91
C LEU Q 358 -28.13 16.30 27.16
N ASP Q 359 -28.58 16.80 28.30
CA ASP Q 359 -28.09 18.02 28.90
C ASP Q 359 -27.54 17.67 30.27
N ALA Q 360 -26.47 18.38 30.67
CA ALA Q 360 -25.80 18.07 31.92
C ALA Q 360 -26.69 18.34 33.13
N ALA Q 361 -27.64 19.25 33.01
CA ALA Q 361 -28.66 19.41 34.05
C ALA Q 361 -29.83 18.46 33.87
N VAL Q 362 -29.76 17.53 32.94
CA VAL Q 362 -30.81 16.55 32.71
C VAL Q 362 -30.30 15.14 32.96
N VAL Q 363 -29.25 14.74 32.26
CA VAL Q 363 -28.68 13.41 32.41
C VAL Q 363 -27.62 13.35 33.49
N GLY Q 364 -27.41 14.45 34.20
CA GLY Q 364 -26.24 14.48 35.07
C GLY Q 364 -25.03 14.99 34.33
N GLN Q 365 -24.17 15.71 35.05
CA GLN Q 365 -23.02 16.36 34.45
C GLN Q 365 -22.01 15.33 33.94
N GLU Q 366 -21.80 14.27 34.72
CA GLU Q 366 -20.77 13.29 34.41
C GLU Q 366 -21.13 12.51 33.15
N HIS Q 367 -22.40 12.17 32.99
CA HIS Q 367 -22.89 11.50 31.80
C HIS Q 367 -22.62 12.35 30.57
N TYR Q 368 -22.91 13.65 30.67
CA TYR Q 368 -22.71 14.59 29.58
C TYR Q 368 -21.23 14.70 29.24
N ASP Q 369 -20.38 14.70 30.25
CA ASP Q 369 -18.94 14.83 30.03
C ASP Q 369 -18.37 13.59 29.38
N VAL Q 370 -18.81 12.42 29.82
CA VAL Q 370 -18.35 11.16 29.26
C VAL Q 370 -18.76 11.05 27.79
N ALA Q 371 -20.02 11.38 27.50
CA ALA Q 371 -20.48 11.32 26.11
C ALA Q 371 -19.79 12.35 25.25
N SER Q 372 -19.47 13.52 25.83
CA SER Q 372 -18.72 14.54 25.12
C SER Q 372 -17.33 14.05 24.74
N LYS Q 373 -16.64 13.41 25.67
CA LYS Q 373 -15.30 12.93 25.39
C LYS Q 373 -15.32 11.77 24.41
N VAL Q 374 -16.37 10.95 24.47
CA VAL Q 374 -16.52 9.86 23.51
C VAL Q 374 -16.71 10.40 22.11
N GLN Q 375 -17.57 11.41 21.96
CA GLN Q 375 -17.77 12.00 20.65
C GLN Q 375 -16.52 12.70 20.14
N GLU Q 376 -15.76 13.32 21.04
CA GLU Q 376 -14.50 13.94 20.64
C GLU Q 376 -13.50 12.90 20.16
N THR Q 377 -13.44 11.77 20.86
CA THR Q 377 -12.50 10.73 20.50
C THR Q 377 -12.87 10.11 19.14
N LEU Q 378 -14.15 9.86 18.94
CA LEU Q 378 -14.56 9.23 17.69
C LEU Q 378 -14.50 10.20 16.53
N GLN Q 379 -14.74 11.48 16.78
CA GLN Q 379 -14.56 12.48 15.75
C GLN Q 379 -13.09 12.59 15.36
N THR Q 380 -12.21 12.47 16.35
CA THR Q 380 -10.78 12.49 16.08
C THR Q 380 -10.38 11.29 15.23
N TYR Q 381 -10.95 10.13 15.54
CA TYR Q 381 -10.67 8.93 14.75
C TYR Q 381 -11.19 9.07 13.32
N LYS Q 382 -12.39 9.61 13.17
CA LYS Q 382 -12.96 9.75 11.84
C LYS Q 382 -12.20 10.79 11.03
N SER Q 383 -11.65 11.80 11.70
CA SER Q 383 -10.79 12.74 11.01
C SER Q 383 -9.50 12.07 10.55
N LEU Q 384 -8.90 11.25 11.41
CA LEU Q 384 -7.65 10.59 11.05
C LEU Q 384 -7.82 9.41 10.10
N GLN Q 385 -9.07 9.04 9.81
CA GLN Q 385 -9.40 7.86 9.00
C GLN Q 385 -8.72 7.85 7.64
N ASP Q 386 -8.59 9.01 7.00
CA ASP Q 386 -8.00 9.03 5.65
C ASP Q 386 -6.50 8.78 5.70
N ILE Q 387 -5.83 9.33 6.71
CA ILE Q 387 -4.40 9.10 6.85
C ILE Q 387 -4.15 7.65 7.26
N ILE Q 388 -5.06 7.08 8.04
CA ILE Q 388 -5.01 5.65 8.34
C ILE Q 388 -5.17 4.84 7.06
N ALA Q 389 -6.04 5.28 6.17
CA ALA Q 389 -6.26 4.58 4.91
C ALA Q 389 -5.04 4.66 4.00
N ILE Q 390 -4.36 5.79 3.98
CA ILE Q 390 -3.17 5.90 3.15
C ILE Q 390 -1.94 5.33 3.85
N LEU Q 391 -1.60 5.88 5.01
CA LEU Q 391 -0.34 5.53 5.64
C LEU Q 391 -0.47 4.45 6.69
N GLY Q 392 -1.51 4.49 7.50
CA GLY Q 392 -1.68 3.53 8.57
C GLY Q 392 -1.41 4.17 9.91
N MET Q 393 -1.39 3.31 10.93
CA MET Q 393 -1.22 3.81 12.29
C MET Q 393 0.24 4.14 12.60
N ASP Q 394 1.17 3.72 11.76
CA ASP Q 394 2.59 3.97 12.02
C ASP Q 394 2.97 5.43 11.84
N GLU Q 395 2.31 6.16 10.95
CA GLU Q 395 2.67 7.54 10.65
C GLU Q 395 1.87 8.52 11.48
N LEU Q 396 1.42 8.10 12.66
CA LEU Q 396 0.71 8.95 13.59
C LEU Q 396 1.69 9.52 14.60
N SER Q 397 1.26 10.53 15.33
CA SER Q 397 1.94 10.86 16.57
C SER Q 397 1.42 9.90 17.63
N GLU Q 398 2.17 9.71 18.72
CA GLU Q 398 1.83 8.72 19.72
C GLU Q 398 0.59 9.07 20.51
N GLN Q 399 0.33 10.36 20.74
CA GLN Q 399 -0.93 10.75 21.33
C GLN Q 399 -2.09 10.43 20.41
N ASP Q 400 -1.93 10.75 19.12
CA ASP Q 400 -2.93 10.38 18.12
C ASP Q 400 -3.06 8.88 17.99
N LYS Q 401 -1.95 8.17 18.11
CA LYS Q 401 -1.99 6.71 18.00
C LYS Q 401 -2.72 6.10 19.18
N LEU Q 402 -2.46 6.60 20.38
CA LEU Q 402 -3.21 6.19 21.57
C LEU Q 402 -4.69 6.51 21.45
N THR Q 403 -5.01 7.66 20.88
CA THR Q 403 -6.39 8.05 20.71
C THR Q 403 -7.12 7.13 19.73
N VAL Q 404 -6.44 6.79 18.63
CA VAL Q 404 -7.02 5.88 17.64
C VAL Q 404 -7.22 4.49 18.24
N GLU Q 405 -6.25 4.04 19.02
CA GLU Q 405 -6.36 2.75 19.72
C GLU Q 405 -7.55 2.73 20.66
N ARG Q 406 -7.67 3.77 21.50
CA ARG Q 406 -8.78 3.82 22.44
C ARG Q 406 -10.12 3.95 21.74
N ALA Q 407 -10.18 4.71 20.63
CA ALA Q 407 -11.43 4.87 19.90
C ALA Q 407 -11.87 3.57 19.24
N ARG Q 408 -10.91 2.82 18.70
CA ARG Q 408 -11.25 1.55 18.11
C ARG Q 408 -11.61 0.51 19.16
N LYS Q 409 -11.09 0.65 20.38
CA LYS Q 409 -11.61 -0.16 21.48
C LYS Q 409 -13.06 0.22 21.78
N ILE Q 410 -13.35 1.52 21.77
CA ILE Q 410 -14.69 2.01 22.06
C ILE Q 410 -15.69 1.52 21.06
N GLN Q 411 -15.32 1.49 19.77
CA GLN Q 411 -16.23 1.10 18.71
C GLN Q 411 -16.69 -0.35 18.87
N ARG Q 412 -15.75 -1.25 19.14
CA ARG Q 412 -16.14 -2.62 19.44
C ARG Q 412 -16.88 -2.73 20.74
N PHE Q 413 -16.58 -1.86 21.70
CA PHE Q 413 -17.32 -1.85 22.95
C PHE Q 413 -18.76 -1.38 22.78
N LEU Q 414 -19.04 -0.61 21.72
CA LEU Q 414 -20.39 -0.13 21.49
C LEU Q 414 -21.35 -1.25 21.12
N SER Q 415 -20.87 -2.26 20.41
CA SER Q 415 -21.71 -3.35 19.96
C SER Q 415 -22.26 -4.14 21.13
N GLN Q 416 -23.49 -4.60 20.98
CA GLN Q 416 -24.16 -5.18 22.12
C GLN Q 416 -24.98 -6.39 21.69
N PRO Q 417 -24.83 -7.52 22.39
CA PRO Q 417 -25.56 -8.74 22.02
C PRO Q 417 -27.05 -8.59 22.28
N PHE Q 418 -27.84 -8.99 21.28
CA PHE Q 418 -29.29 -8.85 21.37
C PHE Q 418 -29.95 -10.19 21.62
N ALA Q 419 -30.93 -10.18 22.52
CA ALA Q 419 -31.75 -11.36 22.74
C ALA Q 419 -32.61 -11.69 21.54
N VAL Q 420 -33.04 -10.68 20.79
CA VAL Q 420 -33.78 -10.89 19.56
C VAL Q 420 -32.92 -11.49 18.47
N ALA Q 421 -31.71 -10.98 18.25
CA ALA Q 421 -30.83 -11.49 17.21
C ALA Q 421 -29.94 -12.62 17.71
N GLU Q 422 -30.39 -13.34 18.73
CA GLU Q 422 -29.65 -14.47 19.28
C GLU Q 422 -29.51 -15.58 18.24
N VAL Q 423 -30.50 -15.72 17.35
CA VAL Q 423 -30.40 -16.68 16.27
C VAL Q 423 -29.32 -16.30 15.26
N PHE Q 424 -28.87 -15.04 15.27
CA PHE Q 424 -27.75 -14.65 14.42
C PHE Q 424 -26.44 -14.81 15.16
N THR Q 425 -26.49 -14.90 16.49
CA THR Q 425 -25.28 -14.90 17.30
C THR Q 425 -25.07 -16.18 18.09
N GLY Q 426 -26.15 -16.79 18.59
CA GLY Q 426 -26.00 -17.79 19.61
C GLY Q 426 -25.58 -17.24 20.95
N ILE Q 427 -25.73 -15.93 21.15
CA ILE Q 427 -25.22 -15.25 22.32
C ILE Q 427 -26.42 -14.67 23.07
N PRO Q 428 -26.51 -14.84 24.39
CA PRO Q 428 -27.62 -14.25 25.14
C PRO Q 428 -27.56 -12.74 25.12
N GLY Q 429 -28.76 -12.15 25.15
CA GLY Q 429 -28.85 -10.70 25.09
C GLY Q 429 -28.37 -10.04 26.36
N LYS Q 430 -27.96 -8.78 26.22
CA LYS Q 430 -27.35 -8.05 27.32
C LYS Q 430 -28.18 -6.82 27.61
N LEU Q 431 -28.94 -6.86 28.71
CA LEU Q 431 -29.72 -5.72 29.17
C LEU Q 431 -28.81 -4.97 30.13
N VAL Q 432 -28.04 -4.04 29.60
CA VAL Q 432 -26.98 -3.40 30.35
C VAL Q 432 -27.53 -2.12 30.97
N ARG Q 433 -27.34 -1.96 32.28
CA ARG Q 433 -27.90 -0.84 33.00
C ARG Q 433 -27.18 0.46 32.63
N LEU Q 434 -27.78 1.57 33.04
CA LEU Q 434 -27.29 2.88 32.61
C LEU Q 434 -26.01 3.26 33.35
N LYS Q 435 -26.05 3.22 34.68
CA LYS Q 435 -24.94 3.72 35.49
C LYS Q 435 -23.70 2.88 35.30
N ASP Q 436 -23.88 1.57 35.14
CA ASP Q 436 -22.75 0.69 34.83
C ASP Q 436 -22.16 1.03 33.48
N THR Q 437 -22.99 1.41 32.51
CA THR Q 437 -22.51 1.81 31.20
C THR Q 437 -21.72 3.10 31.29
N VAL Q 438 -22.19 4.03 32.13
CA VAL Q 438 -21.52 5.31 32.32
C VAL Q 438 -20.16 5.09 32.95
N ALA Q 439 -20.10 4.28 34.00
CA ALA Q 439 -18.82 4.00 34.64
C ALA Q 439 -17.90 3.19 33.74
N SER Q 440 -18.47 2.36 32.87
CA SER Q 440 -17.69 1.58 31.93
C SER Q 440 -16.98 2.48 30.94
N PHE Q 441 -17.75 3.35 30.26
CA PHE Q 441 -17.14 4.32 29.36
C PHE Q 441 -16.25 5.31 30.09
N LYS Q 442 -16.53 5.57 31.37
CA LYS Q 442 -15.65 6.41 32.17
C LYS Q 442 -14.28 5.78 32.31
N ALA Q 443 -14.25 4.50 32.68
CA ALA Q 443 -12.98 3.81 32.86
C ALA Q 443 -12.26 3.62 31.53
N VAL Q 444 -13.02 3.52 30.43
CA VAL Q 444 -12.38 3.40 29.13
C VAL Q 444 -11.75 4.72 28.72
N LEU Q 445 -12.46 5.84 28.94
CA LEU Q 445 -11.89 7.16 28.66
C LEU Q 445 -10.71 7.45 29.56
N GLU Q 446 -10.75 6.95 30.79
CA GLU Q 446 -9.60 7.00 31.68
C GLU Q 446 -8.50 6.06 31.26
N GLY Q 447 -8.77 5.14 30.35
CA GLY Q 447 -7.74 4.26 29.84
C GLY Q 447 -7.29 3.19 30.81
N LYS Q 448 -8.16 2.77 31.73
CA LYS Q 448 -7.80 1.73 32.68
C LYS Q 448 -7.70 0.36 32.06
N TYR Q 449 -8.09 0.21 30.80
CA TYR Q 449 -8.12 -1.12 30.18
C TYR Q 449 -7.42 -1.09 28.84
N ASP Q 450 -6.47 -0.17 28.67
CA ASP Q 450 -5.72 -0.07 27.43
C ASP Q 450 -4.83 -1.28 27.20
N ASN Q 451 -4.41 -1.94 28.28
CA ASN Q 451 -3.73 -3.22 28.22
C ASN Q 451 -4.57 -4.31 27.56
N ILE Q 452 -5.88 -4.29 27.76
CA ILE Q 452 -6.76 -5.30 27.18
C ILE Q 452 -6.86 -5.07 25.67
N PRO Q 453 -6.71 -6.11 24.85
CA PRO Q 453 -6.77 -5.92 23.39
C PRO Q 453 -8.17 -5.58 22.92
N GLU Q 454 -8.24 -5.20 21.65
CA GLU Q 454 -9.46 -4.63 21.09
C GLU Q 454 -10.57 -5.67 20.97
N HIS Q 455 -10.19 -6.91 20.63
CA HIS Q 455 -11.17 -7.96 20.36
C HIS Q 455 -11.98 -8.34 21.59
N ALA Q 456 -11.41 -8.17 22.78
CA ALA Q 456 -12.16 -8.45 24.00
C ALA Q 456 -13.24 -7.41 24.27
N PHE Q 457 -13.21 -6.28 23.57
CA PHE Q 457 -14.30 -5.31 23.69
C PHE Q 457 -15.48 -5.67 22.82
N TYR Q 458 -15.30 -6.55 21.84
CA TYR Q 458 -16.30 -6.75 20.80
C TYR Q 458 -17.47 -7.57 21.30
N MET Q 459 -18.68 -7.03 21.10
CA MET Q 459 -19.96 -7.72 21.29
C MET Q 459 -20.09 -8.22 22.73
N VAL Q 460 -20.16 -7.24 23.63
CA VAL Q 460 -19.92 -7.47 25.04
C VAL Q 460 -21.02 -6.78 25.81
N GLY Q 461 -21.16 -7.12 27.09
CA GLY Q 461 -22.09 -6.43 27.94
C GLY Q 461 -21.44 -5.27 28.64
N GLY Q 462 -21.31 -5.34 29.97
CA GLY Q 462 -20.63 -4.32 30.73
C GLY Q 462 -19.12 -4.48 30.70
N ILE Q 463 -18.45 -3.62 31.47
CA ILE Q 463 -16.98 -3.65 31.51
C ILE Q 463 -16.51 -4.91 32.25
N GLU Q 464 -17.33 -5.43 33.16
CA GLU Q 464 -17.02 -6.70 33.82
C GLU Q 464 -17.02 -7.83 32.82
N ASP Q 465 -17.91 -7.75 31.83
CA ASP Q 465 -17.91 -8.73 30.76
C ASP Q 465 -16.70 -8.56 29.85
N VAL Q 466 -16.17 -7.35 29.72
CA VAL Q 466 -14.92 -7.16 28.98
C VAL Q 466 -13.77 -7.81 29.74
N VAL Q 467 -13.80 -7.69 31.07
CA VAL Q 467 -12.81 -8.38 31.91
C VAL Q 467 -12.91 -9.88 31.75
N ALA Q 468 -14.15 -10.39 31.72
CA ALA Q 468 -14.37 -11.83 31.55
C ALA Q 468 -13.92 -12.31 30.18
N LYS Q 469 -14.22 -11.55 29.13
CA LYS Q 469 -13.82 -11.95 27.79
C LYS Q 469 -12.31 -11.84 27.61
N ALA Q 470 -11.68 -10.84 28.23
CA ALA Q 470 -10.23 -10.76 28.20
C ALA Q 470 -9.60 -11.92 28.95
N GLU Q 471 -10.24 -12.36 30.04
CA GLU Q 471 -9.78 -13.54 30.74
C GLU Q 471 -9.90 -14.79 29.88
N LYS Q 472 -11.00 -14.89 29.12
CA LYS Q 472 -11.18 -16.04 28.24
C LYS Q 472 -10.16 -16.02 27.12
N LEU Q 473 -9.89 -14.86 26.54
CA LEU Q 473 -8.88 -14.76 25.50
C LEU Q 473 -7.48 -15.02 26.04
N ALA Q 474 -7.21 -14.64 27.29
CA ALA Q 474 -5.92 -14.93 27.90
C ALA Q 474 -5.78 -16.41 28.19
N ALA Q 475 -6.87 -17.07 28.57
CA ALA Q 475 -6.81 -18.48 28.90
C ALA Q 475 -6.86 -19.38 27.67
N GLU Q 476 -7.37 -18.87 26.56
CA GLU Q 476 -7.57 -19.70 25.37
C GLU Q 476 -6.55 -19.39 24.28
N ALA Q 477 -6.41 -18.11 23.91
CA ALA Q 477 -5.39 -17.74 22.93
C ALA Q 477 -3.99 -17.91 23.50
N ASN Q 478 -3.84 -17.65 24.81
CA ASN Q 478 -2.63 -17.89 25.60
C ASN Q 478 -1.40 -17.16 25.05
N ALA R 1 -20.39 16.22 -1.87
CA ALA R 1 -20.55 15.04 -2.72
C ALA R 1 -20.88 15.45 -4.14
N THR R 2 -20.30 16.55 -4.59
CA THR R 2 -20.54 17.00 -5.95
C THR R 2 -19.68 16.18 -6.91
N LEU R 3 -19.93 16.38 -8.21
CA LEU R 3 -18.98 15.89 -9.20
C LEU R 3 -17.65 16.62 -9.08
N LYS R 4 -17.68 17.89 -8.68
CA LYS R 4 -16.46 18.67 -8.57
C LYS R 4 -15.59 18.17 -7.43
N GLU R 5 -16.20 17.91 -6.27
CA GLU R 5 -15.46 17.43 -5.11
C GLU R 5 -14.83 16.07 -5.38
N VAL R 6 -15.61 15.14 -5.90
CA VAL R 6 -15.13 13.79 -6.15
C VAL R 6 -14.08 13.81 -7.27
N GLU R 7 -14.26 14.68 -8.26
CA GLU R 7 -13.30 14.77 -9.37
C GLU R 7 -11.96 15.30 -8.90
N MET R 8 -11.98 16.43 -8.17
CA MET R 8 -10.76 17.02 -7.67
C MET R 8 -10.07 16.08 -6.68
N ARG R 9 -10.85 15.41 -5.84
CA ARG R 9 -10.28 14.47 -4.89
C ARG R 9 -9.65 13.28 -5.58
N LEU R 10 -10.31 12.73 -6.59
CA LEU R 10 -9.78 11.58 -7.30
C LEU R 10 -8.51 11.95 -8.06
N LYS R 11 -8.48 13.16 -8.62
CA LYS R 11 -7.27 13.63 -9.28
C LYS R 11 -6.13 13.81 -8.29
N SER R 12 -6.45 14.29 -7.08
CA SER R 12 -5.45 14.44 -6.03
C SER R 12 -4.87 13.09 -5.63
N ILE R 13 -5.73 12.10 -5.46
CA ILE R 13 -5.26 10.78 -5.06
C ILE R 13 -4.50 10.08 -6.18
N LYS R 14 -4.84 10.35 -7.45
CA LYS R 14 -4.03 9.85 -8.56
C LYS R 14 -2.64 10.46 -8.54
N ASN R 15 -2.56 11.76 -8.24
CA ASN R 15 -1.26 12.40 -8.08
C ASN R 15 -0.49 11.81 -6.91
N ILE R 16 -1.20 11.49 -5.82
CA ILE R 16 -0.58 10.89 -4.65
C ILE R 16 0.01 9.52 -4.99
N GLU R 17 -0.75 8.70 -5.72
CA GLU R 17 -0.26 7.36 -6.04
C GLU R 17 0.92 7.43 -7.01
N LYS R 18 0.88 8.38 -7.94
CA LYS R 18 2.02 8.60 -8.83
C LYS R 18 3.27 9.00 -8.05
N ILE R 19 3.11 9.88 -7.08
CA ILE R 19 4.26 10.32 -6.29
C ILE R 19 4.78 9.20 -5.39
N THR R 20 3.87 8.39 -4.83
CA THR R 20 4.32 7.26 -4.01
C THR R 20 5.02 6.21 -4.86
N LYS R 21 4.61 6.05 -6.12
CA LYS R 21 5.28 5.13 -7.01
C LYS R 21 6.69 5.59 -7.34
N THR R 22 6.83 6.88 -7.64
CA THR R 22 8.15 7.44 -7.89
C THR R 22 9.02 7.38 -6.63
N MET R 23 8.42 7.57 -5.47
CA MET R 23 9.16 7.50 -4.22
C MET R 23 9.59 6.08 -3.92
N LYS R 24 8.77 5.10 -4.29
CA LYS R 24 9.14 3.70 -4.12
C LYS R 24 10.31 3.34 -5.03
N ILE R 25 10.32 3.87 -6.25
CA ILE R 25 11.41 3.58 -7.17
C ILE R 25 12.71 4.24 -6.69
N VAL R 26 12.63 5.48 -6.21
CA VAL R 26 13.80 6.15 -5.66
C VAL R 26 14.29 5.44 -4.39
N ALA R 27 13.35 4.93 -3.59
CA ALA R 27 13.71 4.16 -2.40
C ALA R 27 14.39 2.86 -2.77
N SER R 28 13.97 2.23 -3.86
CA SER R 28 14.64 1.01 -4.33
C SER R 28 16.05 1.31 -4.80
N THR R 29 16.23 2.43 -5.50
CA THR R 29 17.56 2.82 -5.96
C THR R 29 18.49 3.13 -4.80
N ARG R 30 18.00 3.90 -3.82
CA ARG R 30 18.82 4.20 -2.66
C ARG R 30 19.06 2.98 -1.79
N LEU R 31 18.13 2.03 -1.77
CA LEU R 31 18.33 0.81 -1.01
C LEU R 31 19.40 -0.07 -1.65
N SER R 32 19.35 -0.19 -2.98
CA SER R 32 20.39 -0.90 -3.71
C SER R 32 21.74 -0.24 -3.56
N LYS R 33 21.77 1.09 -3.45
CA LYS R 33 23.03 1.77 -3.19
C LYS R 33 23.53 1.50 -1.78
N ALA R 34 22.62 1.56 -0.80
CA ALA R 34 22.98 1.44 0.60
C ALA R 34 23.37 0.03 1.01
N GLU R 35 22.93 -0.99 0.25
CA GLU R 35 23.36 -2.35 0.55
C GLU R 35 24.86 -2.53 0.37
N LYS R 36 25.45 -1.81 -0.58
CA LYS R 36 26.90 -1.86 -0.78
C LYS R 36 27.63 -1.36 0.46
N ALA R 37 27.16 -0.24 1.01
CA ALA R 37 27.77 0.32 2.21
C ALA R 37 27.54 -0.57 3.42
N LYS R 38 26.35 -1.20 3.50
CA LYS R 38 26.06 -2.11 4.59
C LYS R 38 26.98 -3.33 4.56
N ILE R 39 27.20 -3.90 3.38
CA ILE R 39 28.07 -5.07 3.27
C ILE R 39 29.53 -4.68 3.51
N SER R 40 29.96 -3.54 2.98
CA SER R 40 31.34 -3.13 3.17
C SER R 40 31.63 -2.69 4.60
N ALA R 41 30.61 -2.28 5.35
CA ALA R 41 30.81 -2.03 6.76
C ALA R 41 30.79 -3.33 7.55
N LYS R 42 29.90 -4.26 7.19
CA LYS R 42 29.78 -5.52 7.92
C LYS R 42 31.01 -6.38 7.78
N LYS R 43 31.54 -6.51 6.55
CA LYS R 43 32.72 -7.33 6.34
C LYS R 43 33.96 -6.73 6.97
N MET R 44 34.00 -5.41 7.11
CA MET R 44 35.07 -4.79 7.88
C MET R 44 34.91 -5.07 9.37
N ASP R 45 33.67 -5.01 9.86
CA ASP R 45 33.42 -5.19 11.28
C ASP R 45 33.63 -6.64 11.73
N GLU R 46 33.39 -7.59 10.83
CA GLU R 46 33.53 -9.00 11.18
C GLU R 46 34.97 -9.38 11.45
N ALA R 47 35.92 -8.68 10.82
CA ALA R 47 37.34 -8.90 11.08
C ALA R 47 37.76 -8.51 12.49
N GLU R 48 36.97 -7.71 13.18
CA GLU R 48 37.28 -7.30 14.53
C GLU R 48 36.36 -8.04 15.50
N GLN R 49 35.20 -8.46 15.01
CA GLN R 49 34.27 -9.16 15.87
C GLN R 49 34.57 -10.65 15.96
N LEU R 50 35.22 -11.24 14.96
CA LEU R 50 35.72 -12.60 15.09
C LEU R 50 36.80 -12.67 16.17
N PHE R 51 37.56 -11.58 16.30
CA PHE R 51 38.49 -11.44 17.41
C PHE R 51 37.76 -11.48 18.75
N TYR R 52 36.66 -10.74 18.86
CA TYR R 52 35.89 -10.75 20.10
C TYR R 52 35.17 -12.07 20.32
N LYS R 53 34.91 -12.83 19.26
CA LYS R 53 34.51 -14.22 19.44
C LYS R 53 35.65 -15.01 20.07
N ASN R 54 36.86 -14.84 19.55
CA ASN R 54 38.01 -15.56 20.10
C ASN R 54 38.45 -14.95 21.43
N ALA R 55 38.87 -13.68 21.41
CA ALA R 55 39.14 -12.98 22.67
C ALA R 55 37.80 -12.69 23.31
N GLU R 56 37.38 -13.58 24.19
CA GLU R 56 36.10 -13.47 24.85
C GLU R 56 36.17 -12.31 25.84
N THR R 57 35.64 -11.17 25.43
CA THR R 57 35.74 -9.92 26.16
C THR R 57 34.49 -9.68 27.02
N LYS R 58 33.94 -10.76 27.57
CA LYS R 58 32.62 -10.71 28.17
C LYS R 58 32.70 -10.06 29.55
N ASN R 59 32.05 -8.91 29.70
CA ASN R 59 32.23 -8.10 30.88
C ASN R 59 31.45 -8.64 32.08
N LEU R 60 31.69 -8.03 33.23
CA LEU R 60 30.98 -8.32 34.46
C LEU R 60 30.52 -7.01 35.08
N ASP R 61 29.43 -7.10 35.86
CA ASP R 61 28.79 -5.97 36.55
C ASP R 61 28.40 -4.84 35.61
N LYS R 71 25.27 3.03 36.10
CA LYS R 71 25.55 3.98 35.04
C LYS R 71 25.80 3.25 33.71
N GLU R 72 25.12 3.71 32.66
CA GLU R 72 25.14 3.05 31.37
C GLU R 72 24.87 4.07 30.28
N LEU R 73 25.49 3.86 29.11
CA LEU R 73 25.32 4.72 27.95
C LEU R 73 24.49 3.99 26.90
N ILE R 74 23.45 4.66 26.40
CA ILE R 74 22.56 4.10 25.40
C ILE R 74 22.58 5.00 24.17
N VAL R 75 22.86 4.40 23.01
CA VAL R 75 22.90 5.13 21.75
C VAL R 75 21.90 4.50 20.79
N ALA R 76 20.97 5.30 20.28
CA ALA R 76 19.98 4.87 19.31
C ALA R 76 20.28 5.47 17.96
N ILE R 77 19.87 4.75 16.90
CA ILE R 77 20.23 5.07 15.52
C ILE R 77 18.96 5.10 14.68
N THR R 78 18.46 6.30 14.36
CA THR R 78 17.58 6.47 13.20
C THR R 78 18.10 7.61 12.36
N SER R 79 17.30 8.06 11.40
CA SER R 79 17.68 9.24 10.62
C SER R 79 16.93 10.46 11.10
N ASP R 80 17.13 11.55 10.35
CA ASP R 80 16.39 12.78 10.60
C ASP R 80 14.98 12.69 10.03
N LYS R 81 14.84 12.13 8.84
CA LYS R 81 13.53 11.97 8.21
C LYS R 81 12.76 10.82 8.86
N GLY R 82 11.51 10.67 8.45
CA GLY R 82 10.70 9.56 8.87
C GLY R 82 10.26 8.72 7.70
N LEU R 83 8.95 8.49 7.61
CA LEU R 83 8.28 7.88 6.45
C LEU R 83 8.74 6.45 6.21
N CYS R 84 9.20 5.78 7.26
CA CYS R 84 9.59 4.39 7.14
C CYS R 84 8.80 3.48 8.08
N GLY R 85 7.65 3.94 8.57
CA GLY R 85 6.75 3.07 9.29
C GLY R 85 7.22 2.73 10.69
N SER R 86 7.02 1.47 11.08
CA SER R 86 7.28 1.02 12.45
C SER R 86 8.77 0.77 12.66
N ILE R 87 9.54 1.87 12.59
CA ILE R 87 10.96 1.86 12.89
C ILE R 87 11.27 2.82 14.03
N HIS R 88 10.83 4.07 13.88
CA HIS R 88 11.12 5.11 14.86
C HIS R 88 10.41 4.85 16.18
N SER R 89 9.21 4.27 16.12
CA SER R 89 8.48 3.88 17.31
C SER R 89 8.90 2.51 17.82
N GLN R 90 9.33 1.62 16.93
CA GLN R 90 9.73 0.28 17.35
C GLN R 90 11.07 0.32 18.07
N LEU R 91 12.04 1.06 17.51
CA LEU R 91 13.33 1.21 18.17
C LEU R 91 13.20 2.00 19.46
N ALA R 92 12.28 2.98 19.50
CA ALA R 92 12.01 3.67 20.77
C ALA R 92 11.37 2.73 21.77
N LYS R 93 10.63 1.72 21.29
CA LYS R 93 10.07 0.76 22.22
C LYS R 93 11.14 -0.19 22.75
N ALA R 94 12.16 -0.49 21.94
CA ALA R 94 13.29 -1.25 22.47
C ALA R 94 14.10 -0.42 23.46
N VAL R 95 14.21 0.89 23.19
CA VAL R 95 14.78 1.83 24.16
C VAL R 95 13.98 1.81 25.46
N ARG R 96 12.65 1.73 25.35
CA ARG R 96 11.80 1.66 26.51
C ARG R 96 12.04 0.38 27.30
N ARG R 97 12.20 -0.75 26.60
CA ARG R 97 12.49 -2.03 27.24
C ARG R 97 13.79 -1.96 28.03
N HIS R 98 14.85 -1.47 27.40
CA HIS R 98 16.14 -1.49 28.07
C HIS R 98 16.30 -0.36 29.07
N LEU R 99 15.52 0.71 28.94
CA LEU R 99 15.63 1.87 29.80
C LEU R 99 14.78 1.75 31.04
N ASN R 100 13.71 0.93 30.98
CA ASN R 100 13.01 0.57 32.21
C ASN R 100 13.88 -0.28 33.12
N ASP R 101 14.87 -0.98 32.56
CA ASP R 101 15.81 -1.73 33.38
C ASP R 101 16.75 -0.81 34.13
N GLN R 102 17.35 0.15 33.44
CA GLN R 102 18.28 1.11 34.04
C GLN R 102 17.83 2.51 33.66
N PRO R 103 17.00 3.14 34.51
CA PRO R 103 16.53 4.49 34.19
C PRO R 103 17.59 5.56 34.34
N ASN R 104 18.70 5.27 35.02
CA ASN R 104 19.80 6.19 35.18
C ASN R 104 20.70 6.27 33.96
N ALA R 105 20.47 5.39 32.98
CA ALA R 105 21.35 5.28 31.82
C ALA R 105 21.18 6.47 30.89
N ASP R 106 22.25 7.24 30.72
CA ASP R 106 22.20 8.41 29.87
C ASP R 106 22.19 8.02 28.40
N ILE R 107 21.62 8.91 27.58
CA ILE R 107 21.26 8.59 26.20
C ILE R 107 21.94 9.60 25.29
N VAL R 108 22.55 9.11 24.21
CA VAL R 108 23.03 9.96 23.13
C VAL R 108 22.38 9.46 21.85
N THR R 109 21.43 10.22 21.32
CA THR R 109 20.70 9.83 20.12
C THR R 109 21.45 10.26 18.87
N ILE R 110 21.35 9.44 17.82
CA ILE R 110 21.81 9.82 16.50
C ILE R 110 20.59 9.67 15.60
N GLY R 111 19.99 10.80 15.23
CA GLY R 111 18.74 10.78 14.50
C GLY R 111 17.72 11.68 15.17
N ASP R 112 17.15 12.59 14.39
CA ASP R 112 16.19 13.55 14.92
C ASP R 112 14.90 12.88 15.33
N LYS R 113 14.48 11.85 14.59
CA LYS R 113 13.16 11.26 14.82
C LYS R 113 13.16 10.41 16.07
N ILE R 114 14.22 9.64 16.30
CA ILE R 114 14.34 8.90 17.55
C ILE R 114 14.58 9.85 18.72
N LYS R 115 15.17 11.03 18.45
CA LYS R 115 15.31 12.04 19.49
C LYS R 115 13.97 12.58 19.91
N MET R 116 13.07 12.80 18.95
CA MET R 116 11.74 13.25 19.29
C MET R 116 10.90 12.14 19.93
N GLN R 117 11.18 10.88 19.58
CA GLN R 117 10.56 9.76 20.26
C GLN R 117 10.99 9.69 21.73
N LEU R 118 12.28 9.88 21.98
CA LEU R 118 12.83 9.67 23.31
C LEU R 118 12.76 10.91 24.19
N LEU R 119 12.71 12.09 23.60
CA LEU R 119 12.73 13.32 24.38
C LEU R 119 11.37 13.59 25.00
N ARG R 120 10.31 13.08 24.38
CA ARG R 120 8.98 13.18 24.97
C ARG R 120 8.84 12.26 26.18
N THR R 121 9.42 11.06 26.12
CA THR R 121 9.31 10.13 27.23
C THR R 121 10.44 10.24 28.24
N HIS R 122 11.64 10.63 27.83
CA HIS R 122 12.76 10.76 28.76
C HIS R 122 13.67 11.89 28.28
N PRO R 123 13.33 13.14 28.62
CA PRO R 123 14.24 14.25 28.32
C PRO R 123 15.42 14.34 29.25
N ASN R 124 15.42 13.57 30.34
CA ASN R 124 16.46 13.63 31.35
C ASN R 124 17.76 13.01 30.86
N ASN R 125 17.71 11.80 30.32
CA ASN R 125 18.94 11.07 30.07
C ASN R 125 19.64 11.53 28.80
N ILE R 126 18.97 12.32 27.97
CA ILE R 126 19.56 12.72 26.70
C ILE R 126 20.53 13.88 26.96
N LYS R 127 21.79 13.68 26.56
CA LYS R 127 22.83 14.66 26.79
C LYS R 127 23.63 15.04 25.56
N LEU R 128 23.42 14.37 24.44
CA LEU R 128 24.08 14.73 23.19
C LEU R 128 23.22 14.22 22.05
N SER R 129 23.08 15.05 21.02
CA SER R 129 22.21 14.73 19.89
C SER R 129 22.97 14.99 18.60
N ILE R 130 22.89 14.04 17.68
CA ILE R 130 23.61 14.12 16.42
C ILE R 130 22.61 14.35 15.30
N ASN R 131 22.92 15.30 14.42
CA ASN R 131 21.98 15.72 13.39
C ASN R 131 22.73 15.85 12.07
N GLY R 132 21.98 15.73 10.98
CA GLY R 132 22.57 15.80 9.66
C GLY R 132 23.13 14.46 9.22
N ILE R 133 22.29 13.43 9.26
CA ILE R 133 22.75 12.06 9.15
C ILE R 133 22.14 11.36 7.94
N GLY R 134 20.82 11.24 7.92
CA GLY R 134 20.14 10.32 7.02
C GLY R 134 20.04 10.73 5.56
N LYS R 135 20.84 11.70 5.15
CA LYS R 135 20.85 12.10 3.74
C LYS R 135 21.66 11.16 2.87
N ASP R 136 22.64 10.47 3.45
CA ASP R 136 23.61 9.72 2.68
C ASP R 136 23.94 8.43 3.41
N ALA R 137 24.65 7.55 2.73
CA ALA R 137 25.27 6.43 3.40
C ALA R 137 26.36 6.95 4.31
N PRO R 138 26.44 6.49 5.55
CA PRO R 138 27.39 7.04 6.50
C PRO R 138 28.82 6.61 6.18
N THR R 139 29.75 7.53 6.40
CA THR R 139 31.15 7.28 6.11
C THR R 139 31.91 7.03 7.41
N PHE R 140 33.09 6.43 7.28
CA PHE R 140 33.91 6.22 8.46
C PHE R 140 34.49 7.52 8.99
N GLN R 141 34.62 8.52 8.13
CA GLN R 141 34.99 9.86 8.59
C GLN R 141 33.98 10.38 9.59
N GLU R 142 32.70 10.28 9.25
CA GLU R 142 31.62 10.72 10.14
C GLU R 142 31.57 9.89 11.40
N SER R 143 31.65 8.56 11.26
CA SER R 143 31.49 7.67 12.41
C SER R 143 32.66 7.80 13.37
N ALA R 144 33.88 7.86 12.85
CA ALA R 144 35.05 8.08 13.67
C ALA R 144 35.04 9.45 14.32
N LEU R 145 34.48 10.44 13.63
CA LEU R 145 34.38 11.78 14.20
C LEU R 145 33.41 11.82 15.38
N ILE R 146 32.27 11.14 15.25
CA ILE R 146 31.31 11.10 16.34
C ILE R 146 31.84 10.27 17.50
N ALA R 147 32.56 9.18 17.20
CA ALA R 147 33.19 8.39 18.25
C ALA R 147 34.27 9.18 18.97
N ASP R 148 34.97 10.06 18.26
CA ASP R 148 35.88 10.99 18.91
C ASP R 148 35.13 11.94 19.82
N LYS R 149 33.98 12.44 19.36
CA LYS R 149 33.15 13.32 20.17
C LYS R 149 32.64 12.65 21.44
N LEU R 150 32.41 11.34 21.41
CA LEU R 150 31.95 10.66 22.62
C LEU R 150 33.04 10.58 23.68
N LEU R 151 34.30 10.42 23.27
CA LEU R 151 35.42 10.54 24.20
C LEU R 151 35.97 11.96 24.23
N SER R 152 35.12 12.94 23.97
CA SER R 152 35.48 14.34 24.11
C SER R 152 34.48 15.13 24.93
N VAL R 153 33.20 14.75 24.91
CA VAL R 153 32.19 15.52 25.61
C VAL R 153 31.41 14.58 26.53
N MET R 154 31.50 13.27 26.27
CA MET R 154 30.78 12.31 27.09
C MET R 154 31.70 11.39 27.87
N LYS R 155 32.87 11.06 27.32
CA LYS R 155 33.90 10.23 27.93
C LYS R 155 33.33 8.85 28.31
N ALA R 156 32.96 8.10 27.27
CA ALA R 156 32.30 6.82 27.44
C ALA R 156 33.22 5.74 28.00
N GLY R 157 34.54 5.95 27.98
CA GLY R 157 35.44 5.02 28.63
C GLY R 157 35.25 4.99 30.13
N THR R 158 34.81 6.11 30.70
CA THR R 158 34.39 6.13 32.09
C THR R 158 33.14 5.31 32.33
N TYR R 159 32.31 5.15 31.31
CA TYR R 159 31.04 4.46 31.49
C TYR R 159 31.28 2.95 31.50
N PRO R 160 30.69 2.22 32.44
CA PRO R 160 30.97 0.78 32.54
C PRO R 160 30.38 -0.03 31.41
N LYS R 161 29.12 0.24 31.09
CA LYS R 161 28.36 -0.55 30.12
C LYS R 161 27.85 0.36 29.01
N ILE R 162 28.04 -0.06 27.76
CA ILE R 162 27.65 0.73 26.60
C ILE R 162 26.80 -0.15 25.69
N SER R 163 25.60 0.34 25.36
CA SER R 163 24.70 -0.36 24.44
C SER R 163 24.44 0.51 23.22
N ILE R 164 24.49 -0.12 22.05
CA ILE R 164 24.21 0.54 20.78
C ILE R 164 22.90 -0.02 20.25
N PHE R 165 21.96 0.85 19.94
CA PHE R 165 20.67 0.42 19.42
C PHE R 165 20.57 0.81 17.95
N TYR R 166 20.51 -0.21 17.10
CA TYR R 166 20.39 -0.01 15.67
C TYR R 166 19.18 -0.78 15.18
N ASN R 167 19.03 -0.84 13.88
CA ASN R 167 17.90 -1.54 13.26
C ASN R 167 18.45 -2.55 12.26
N ASP R 168 18.17 -3.81 12.52
CA ASP R 168 18.67 -4.90 11.71
C ASP R 168 17.62 -5.24 10.66
N PRO R 169 17.89 -5.05 9.38
CA PRO R 169 16.96 -5.54 8.37
C PRO R 169 17.06 -7.05 8.27
N VAL R 170 16.06 -7.74 8.82
CA VAL R 170 16.04 -9.20 8.77
C VAL R 170 15.78 -9.66 7.34
N SER R 171 14.88 -8.97 6.65
CA SER R 171 14.70 -9.15 5.21
C SER R 171 14.48 -7.77 4.60
N SER R 172 14.08 -7.74 3.34
CA SER R 172 13.61 -6.49 2.76
C SER R 172 12.20 -6.17 3.24
N LEU R 173 11.45 -7.19 3.62
CA LEU R 173 10.08 -7.04 4.11
C LEU R 173 9.97 -7.14 5.61
N SER R 174 11.07 -7.39 6.31
CA SER R 174 11.07 -7.45 7.77
C SER R 174 12.27 -6.68 8.30
N PHE R 175 12.38 -6.64 9.62
CA PHE R 175 13.36 -5.81 10.29
C PHE R 175 13.53 -6.32 11.72
N GLU R 176 14.46 -5.68 12.45
CA GLU R 176 14.57 -5.86 13.89
C GLU R 176 15.34 -4.71 14.55
N PRO R 177 14.77 -4.08 15.56
CA PRO R 177 15.57 -3.24 16.45
C PRO R 177 16.51 -4.10 17.28
N SER R 178 17.80 -3.81 17.19
CA SER R 178 18.79 -4.73 17.73
C SER R 178 19.79 -3.99 18.62
N GLU R 179 20.29 -4.73 19.60
CA GLU R 179 21.21 -4.24 20.62
C GLU R 179 22.60 -4.80 20.37
N LYS R 180 23.60 -3.94 20.52
CA LYS R 180 24.99 -4.36 20.44
C LYS R 180 25.76 -3.85 21.65
N PRO R 181 26.35 -4.74 22.44
CA PRO R 181 27.14 -4.29 23.58
C PRO R 181 28.54 -3.88 23.15
N ILE R 182 29.10 -2.91 23.87
CA ILE R 182 30.45 -2.44 23.67
C ILE R 182 31.19 -2.66 24.98
N PHE R 183 32.34 -3.31 24.90
CA PHE R 183 33.15 -3.54 26.09
C PHE R 183 34.25 -2.50 26.15
N ASN R 184 34.37 -1.85 27.30
CA ASN R 184 35.42 -0.86 27.47
C ASN R 184 36.80 -1.53 27.53
N ALA R 185 37.83 -0.72 27.38
CA ALA R 185 39.17 -1.26 27.30
C ALA R 185 39.64 -1.83 28.63
N LYS R 186 39.05 -1.35 29.73
CA LYS R 186 39.21 -1.98 31.04
C LYS R 186 38.84 -3.45 31.00
N THR R 187 37.73 -3.79 30.35
CA THR R 187 37.32 -5.17 30.20
C THR R 187 38.28 -5.94 29.31
N ILE R 188 38.91 -5.25 28.35
CA ILE R 188 39.75 -5.91 27.36
C ILE R 188 40.99 -6.54 27.97
N GLU R 189 41.64 -5.87 28.92
CA GLU R 189 42.72 -6.54 29.63
C GLU R 189 42.20 -7.58 30.60
N GLN R 190 40.99 -7.39 31.13
CA GLN R 190 40.39 -8.32 32.06
C GLN R 190 39.78 -9.54 31.39
N SER R 191 39.87 -9.63 30.07
CA SER R 191 39.23 -10.70 29.34
C SER R 191 39.95 -12.01 29.59
N PRO R 192 39.24 -13.13 29.73
CA PRO R 192 39.92 -14.41 29.97
C PRO R 192 40.68 -14.91 28.77
N SER R 193 40.11 -14.81 27.57
CA SER R 193 40.76 -15.35 26.37
C SER R 193 41.58 -14.24 25.71
N PHE R 194 42.35 -13.56 26.52
CA PHE R 194 43.04 -12.36 26.05
C PHE R 194 44.53 -12.52 26.04
N GLY R 195 45.11 -13.18 27.03
CA GLY R 195 46.52 -13.50 26.99
C GLY R 195 46.92 -14.50 25.95
N LYS R 196 45.94 -15.23 25.40
CA LYS R 196 46.16 -16.03 24.21
C LYS R 196 46.67 -15.18 23.06
N PHE R 197 46.06 -14.01 22.88
CA PHE R 197 46.54 -13.06 21.89
C PHE R 197 47.76 -12.33 22.43
N GLU R 198 48.83 -12.33 21.66
CA GLU R 198 50.03 -11.60 22.05
C GLU R 198 49.78 -10.10 21.87
N ILE R 199 50.11 -9.33 22.90
CA ILE R 199 49.86 -7.90 22.87
C ILE R 199 51.02 -7.19 23.56
N ASP R 200 51.41 -6.06 23.01
CA ASP R 200 52.42 -5.22 23.64
C ASP R 200 51.80 -4.45 24.78
N THR R 201 52.46 -4.51 25.94
CA THR R 201 52.04 -3.71 27.08
C THR R 201 52.35 -2.23 26.88
N ASP R 202 53.31 -1.92 26.02
CA ASP R 202 53.88 -0.59 25.90
C ASP R 202 53.39 0.14 24.66
N ALA R 203 52.13 -0.07 24.27
CA ALA R 203 51.63 0.57 23.06
C ALA R 203 50.18 1.04 23.16
N ASN R 204 49.52 0.91 24.31
CA ASN R 204 48.14 1.34 24.56
C ASN R 204 47.15 0.71 23.58
N VAL R 205 47.41 -0.55 23.23
CA VAL R 205 46.62 -1.27 22.24
C VAL R 205 45.17 -1.49 22.70
N PRO R 206 44.85 -1.84 23.97
CA PRO R 206 43.42 -1.85 24.33
C PRO R 206 42.78 -0.49 24.34
N ARG R 207 43.50 0.53 24.79
CA ARG R 207 42.94 1.87 24.90
C ARG R 207 42.76 2.57 23.57
N ASP R 208 43.32 2.03 22.49
CA ASP R 208 43.05 2.50 21.15
C ASP R 208 42.15 1.56 20.38
N LEU R 209 42.24 0.26 20.64
CA LEU R 209 41.38 -0.71 20.00
C LEU R 209 39.96 -0.60 20.49
N PHE R 210 39.76 -0.13 21.72
CA PHE R 210 38.41 0.18 22.19
C PHE R 210 37.81 1.34 21.41
N GLU R 211 38.63 2.36 21.11
CA GLU R 211 38.15 3.45 20.26
C GLU R 211 37.84 2.96 18.86
N TYR R 212 38.69 2.06 18.35
CA TYR R 212 38.50 1.52 17.02
C TYR R 212 37.25 0.64 16.97
N THR R 213 36.99 -0.09 18.05
CA THR R 213 35.77 -0.87 18.21
C THR R 213 34.54 0.02 18.23
N LEU R 214 34.63 1.13 18.98
CA LEU R 214 33.53 2.08 19.07
C LEU R 214 33.22 2.67 17.70
N ALA R 215 34.26 3.03 16.95
CA ALA R 215 34.08 3.63 15.63
C ALA R 215 33.49 2.63 14.65
N ASN R 216 33.97 1.39 14.68
CA ASN R 216 33.46 0.38 13.76
C ASN R 216 32.03 -0.02 14.09
N GLN R 217 31.71 -0.14 15.38
CA GLN R 217 30.35 -0.54 15.72
C GLN R 217 29.38 0.59 15.49
N MET R 218 29.81 1.83 15.66
CA MET R 218 28.98 2.96 15.28
C MET R 218 28.74 2.99 13.77
N LEU R 219 29.79 2.76 12.97
CA LEU R 219 29.64 2.76 11.53
C LEU R 219 28.75 1.61 11.06
N THR R 220 28.88 0.44 11.70
CA THR R 220 28.04 -0.70 11.34
C THR R 220 26.60 -0.46 11.74
N ALA R 221 26.37 0.12 12.91
CA ALA R 221 25.02 0.44 13.35
C ALA R 221 24.36 1.46 12.44
N MET R 222 25.11 2.48 12.02
CA MET R 222 24.56 3.49 11.15
C MET R 222 24.28 2.94 9.76
N ALA R 223 25.24 2.23 9.17
CA ALA R 223 25.07 1.68 7.84
C ALA R 223 24.13 0.48 7.81
N GLN R 224 23.73 -0.03 8.97
CA GLN R 224 22.74 -1.08 9.00
C GLN R 224 21.33 -0.55 9.27
N GLY R 225 21.18 0.35 10.24
CA GLY R 225 19.89 0.98 10.46
C GLY R 225 19.48 1.90 9.33
N TYR R 226 20.45 2.43 8.59
CA TYR R 226 20.17 3.22 7.41
C TYR R 226 19.52 2.38 6.32
N ALA R 227 20.12 1.22 6.04
CA ALA R 227 19.54 0.31 5.06
C ALA R 227 18.21 -0.28 5.55
N ALA R 228 18.08 -0.50 6.86
CA ALA R 228 16.81 -0.97 7.40
C ALA R 228 15.72 0.08 7.24
N GLU R 229 16.07 1.35 7.46
CA GLU R 229 15.16 2.46 7.26
C GLU R 229 14.70 2.54 5.82
N ILE R 230 15.64 2.42 4.88
CA ILE R 230 15.26 2.55 3.47
C ILE R 230 14.46 1.33 3.03
N SER R 231 14.72 0.16 3.63
CA SER R 231 13.91 -1.02 3.35
C SER R 231 12.47 -0.84 3.82
N ALA R 232 12.29 -0.45 5.08
CA ALA R 232 10.93 -0.28 5.61
C ALA R 232 10.24 0.92 4.96
N ARG R 233 11.01 1.92 4.53
CA ARG R 233 10.46 3.05 3.81
C ARG R 233 9.96 2.65 2.44
N ARG R 234 10.74 1.84 1.73
CA ARG R 234 10.31 1.31 0.45
C ARG R 234 9.07 0.43 0.60
N ASN R 235 9.01 -0.35 1.67
CA ASN R 235 7.83 -1.14 1.98
C ASN R 235 6.62 -0.26 2.24
N ALA R 236 6.81 0.83 2.99
CA ALA R 236 5.71 1.73 3.31
C ALA R 236 5.20 2.45 2.07
N MET R 237 6.11 2.84 1.17
CA MET R 237 5.67 3.50 -0.05
C MET R 237 4.98 2.52 -0.98
N ASP R 238 5.37 1.25 -0.95
CA ASP R 238 4.64 0.23 -1.71
C ASP R 238 3.24 0.05 -1.18
N ASN R 239 3.09 -0.02 0.15
CA ASN R 239 1.77 -0.11 0.76
C ASN R 239 0.94 1.12 0.48
N ALA R 240 1.58 2.28 0.42
CA ALA R 240 0.86 3.52 0.11
C ALA R 240 0.36 3.52 -1.33
N SER R 241 1.19 3.06 -2.27
CA SER R 241 0.76 2.96 -3.66
C SER R 241 -0.39 1.97 -3.80
N LYS R 242 -0.33 0.86 -3.07
CA LYS R 242 -1.40 -0.14 -3.12
C LYS R 242 -2.71 0.41 -2.56
N ASN R 243 -2.66 1.05 -1.40
CA ASN R 243 -3.85 1.61 -0.79
C ASN R 243 -4.42 2.74 -1.62
N ALA R 244 -3.55 3.55 -2.22
CA ALA R 244 -4.02 4.65 -3.06
C ALA R 244 -4.68 4.12 -4.32
N GLY R 245 -4.16 3.03 -4.88
CA GLY R 245 -4.81 2.42 -6.04
C GLY R 245 -6.18 1.87 -5.70
N ASP R 246 -6.30 1.23 -4.52
CA ASP R 246 -7.60 0.72 -4.09
C ASP R 246 -8.62 1.84 -3.86
N MET R 247 -8.17 2.93 -3.24
CA MET R 247 -9.08 4.03 -3.00
C MET R 247 -9.46 4.77 -4.28
N ILE R 248 -8.54 4.81 -5.25
CA ILE R 248 -8.88 5.30 -6.59
C ILE R 248 -9.93 4.41 -7.23
N ASN R 249 -9.80 3.10 -7.06
CA ASN R 249 -10.79 2.18 -7.60
C ASN R 249 -12.16 2.33 -6.96
N ARG R 250 -12.21 2.74 -5.70
CA ARG R 250 -13.52 3.05 -5.12
C ARG R 250 -14.07 4.37 -5.66
N TYR R 251 -13.29 5.45 -5.55
CA TYR R 251 -13.81 6.77 -5.87
C TYR R 251 -14.04 6.98 -7.35
N SER R 252 -13.44 6.19 -8.23
CA SER R 252 -13.81 6.25 -9.63
C SER R 252 -15.24 5.77 -9.83
N ILE R 253 -15.64 4.71 -9.12
CA ILE R 253 -16.99 4.20 -9.22
C ILE R 253 -17.97 5.19 -8.59
N LEU R 254 -17.56 5.80 -7.47
CA LEU R 254 -18.36 6.88 -6.89
C LEU R 254 -18.51 8.05 -7.85
N TYR R 255 -17.46 8.37 -8.60
CA TYR R 255 -17.49 9.45 -9.57
C TYR R 255 -18.45 9.14 -10.70
N ASN R 256 -18.43 7.90 -11.18
CA ASN R 256 -19.31 7.54 -12.28
C ASN R 256 -20.77 7.56 -11.87
N ARG R 257 -21.06 7.03 -10.67
CA ARG R 257 -22.44 7.11 -10.16
C ARG R 257 -22.87 8.55 -9.95
N THR R 258 -21.96 9.40 -9.48
CA THR R 258 -22.29 10.80 -9.25
C THR R 258 -22.59 11.52 -10.56
N ARG R 259 -21.76 11.27 -11.58
CA ARG R 259 -21.94 11.92 -12.87
C ARG R 259 -23.25 11.49 -13.54
N GLN R 260 -23.54 10.19 -13.50
CA GLN R 260 -24.78 9.70 -14.08
C GLN R 260 -25.99 10.23 -13.33
N ALA R 261 -25.91 10.30 -11.99
CA ALA R 261 -27.01 10.84 -11.22
C ALA R 261 -27.22 12.32 -11.47
N VAL R 262 -26.15 13.08 -11.66
CA VAL R 262 -26.27 14.52 -11.93
C VAL R 262 -26.95 14.75 -13.27
N ILE R 263 -26.50 14.04 -14.31
CA ILE R 263 -27.09 14.23 -15.64
C ILE R 263 -28.55 13.80 -15.64
N THR R 264 -28.85 12.69 -14.96
CA THR R 264 -30.22 12.21 -14.89
C THR R 264 -31.12 13.19 -14.13
N ASN R 265 -30.66 13.66 -12.97
CA ASN R 265 -31.46 14.55 -12.14
C ASN R 265 -31.69 15.90 -12.78
N GLU R 266 -30.72 16.46 -13.50
CA GLU R 266 -31.01 17.68 -14.22
C GLU R 266 -31.88 17.44 -15.44
N LEU R 267 -31.80 16.26 -16.07
CA LEU R 267 -32.68 15.96 -17.18
C LEU R 267 -34.12 15.79 -16.69
N VAL R 268 -34.29 15.37 -15.44
CA VAL R 268 -35.62 15.29 -14.83
C VAL R 268 -36.26 16.67 -14.77
N ASP R 269 -35.51 17.67 -14.33
CA ASP R 269 -36.01 19.03 -14.29
C ASP R 269 -36.21 19.64 -15.66
N ILE R 270 -35.41 19.22 -16.64
CA ILE R 270 -35.64 19.65 -18.01
C ILE R 270 -36.97 19.12 -18.52
N ILE R 271 -37.26 17.85 -18.22
CA ILE R 271 -38.50 17.24 -18.68
C ILE R 271 -39.69 17.81 -17.92
N THR R 272 -39.52 18.07 -16.63
CA THR R 272 -40.63 18.50 -15.80
C THR R 272 -41.08 19.90 -16.18
N GLY R 273 -40.13 20.74 -16.60
CA GLY R 273 -40.50 22.01 -17.19
C GLY R 273 -41.21 21.85 -18.52
N ALA R 274 -40.77 20.91 -19.33
CA ALA R 274 -41.46 20.59 -20.57
C ALA R 274 -42.72 19.78 -20.33
N SER R 275 -42.89 19.24 -19.14
CA SER R 275 -44.09 18.50 -18.80
C SER R 275 -45.30 19.38 -18.58
N SER R 276 -45.16 20.51 -17.91
CA SER R 276 -46.28 21.37 -17.56
C SER R 276 -46.45 22.48 -18.58
N LEU R 277 -46.55 22.10 -19.85
CA LEU R 277 -46.80 23.04 -20.92
C LEU R 277 -48.29 23.18 -21.13
N GLY R 278 -48.65 24.09 -22.04
CA GLY R 278 -50.05 24.33 -22.35
C GLY R 278 -50.68 23.22 -23.14
N SER S 7 47.02 -23.22 8.37
CA SER S 7 46.74 -23.44 6.96
C SER S 7 48.01 -23.36 6.13
N SER S 8 48.00 -24.00 4.97
CA SER S 8 49.02 -23.74 3.98
C SER S 8 48.80 -22.35 3.40
N GLY S 9 49.78 -21.49 3.56
CA GLY S 9 49.49 -20.09 3.36
C GLY S 9 48.71 -19.57 4.55
N LEU S 10 47.84 -18.59 4.27
CA LEU S 10 47.16 -17.88 5.32
C LEU S 10 45.92 -17.22 4.75
N LYS S 11 44.93 -17.01 5.61
CA LYS S 11 43.70 -16.31 5.23
C LYS S 11 43.84 -14.84 5.59
N LEU S 12 43.99 -14.00 4.58
CA LEU S 12 44.07 -12.56 4.78
C LEU S 12 42.69 -11.93 4.62
N GLN S 13 42.28 -11.19 5.65
CA GLN S 13 41.01 -10.45 5.60
C GLN S 13 41.41 -8.97 5.60
N PHE S 14 41.62 -8.43 4.41
CA PHE S 14 42.01 -7.03 4.22
C PHE S 14 40.76 -6.21 3.99
N ALA S 15 40.38 -5.44 5.00
CA ALA S 15 39.04 -4.88 5.09
C ALA S 15 39.09 -3.37 5.25
N LEU S 16 38.20 -2.69 4.54
CA LEU S 16 38.08 -1.25 4.44
C LEU S 16 36.61 -0.88 4.64
N PRO S 17 36.31 0.36 5.04
CA PRO S 17 34.89 0.73 5.18
C PRO S 17 34.16 0.84 3.86
N HIS S 18 34.84 1.17 2.78
CA HIS S 18 34.19 1.27 1.48
C HIS S 18 34.29 -0.01 0.66
N GLU S 19 35.39 -0.75 0.76
CA GLU S 19 35.53 -1.97 -0.03
C GLU S 19 36.55 -2.88 0.63
N THR S 20 36.06 -3.95 1.25
CA THR S 20 36.94 -4.99 1.78
C THR S 20 37.57 -5.76 0.63
N LEU S 21 38.86 -5.55 0.39
CA LEU S 21 39.51 -6.10 -0.79
C LEU S 21 39.74 -7.60 -0.65
N TYR S 22 40.52 -8.01 0.33
CA TYR S 22 40.78 -9.42 0.58
C TYR S 22 40.01 -9.86 1.79
N SER S 23 39.44 -11.06 1.73
CA SER S 23 38.67 -11.61 2.84
C SER S 23 38.97 -13.10 2.89
N GLY S 24 39.95 -13.47 3.71
CA GLY S 24 40.40 -14.85 3.72
C GLY S 24 41.12 -15.27 2.47
N SER S 25 41.73 -14.32 1.76
CA SER S 25 42.53 -14.63 0.58
C SER S 25 43.78 -15.38 0.99
N GLU S 26 44.07 -16.46 0.28
CA GLU S 26 45.22 -17.29 0.63
C GLU S 26 46.51 -16.62 0.19
N VAL S 27 47.40 -16.44 1.16
CA VAL S 27 48.51 -15.52 1.05
C VAL S 27 49.71 -16.16 1.73
N THR S 28 50.91 -15.84 1.24
CA THR S 28 52.14 -16.34 1.82
C THR S 28 52.71 -15.38 2.86
N GLN S 29 52.76 -14.09 2.53
CA GLN S 29 53.42 -13.08 3.35
C GLN S 29 52.63 -11.79 3.34
N VAL S 30 52.50 -11.17 4.50
CA VAL S 30 52.05 -9.79 4.58
C VAL S 30 53.19 -8.96 5.17
N ASN S 31 53.26 -7.70 4.78
CA ASN S 31 54.29 -6.79 5.23
C ASN S 31 53.62 -5.47 5.58
N LEU S 32 53.64 -5.11 6.86
CA LEU S 32 52.78 -4.05 7.32
C LEU S 32 53.42 -3.14 8.33
N PRO S 33 53.27 -1.83 8.20
CA PRO S 33 53.80 -0.92 9.21
C PRO S 33 52.89 -0.86 10.41
N ALA S 34 53.30 -1.51 11.50
CA ALA S 34 52.59 -1.49 12.76
C ALA S 34 53.35 -0.62 13.75
N LYS S 35 52.85 -0.64 14.99
CA LYS S 35 53.39 0.17 16.07
C LYS S 35 54.85 -0.15 16.35
N SER S 36 55.24 -1.42 16.21
CA SER S 36 56.62 -1.83 16.43
C SER S 36 57.49 -1.66 15.18
N GLY S 37 56.96 -1.12 14.10
CA GLY S 37 57.72 -0.97 12.87
C GLY S 37 57.15 -1.83 11.78
N ARG S 38 57.96 -2.06 10.75
CA ARG S 38 57.50 -2.90 9.65
C ARG S 38 57.61 -4.36 10.07
N ILE S 39 56.49 -5.06 10.04
CA ILE S 39 56.41 -6.45 10.44
C ILE S 39 56.01 -7.28 9.24
N GLY S 40 56.82 -8.28 8.92
CA GLY S 40 56.47 -9.26 7.92
C GLY S 40 56.01 -10.54 8.60
N VAL S 41 54.84 -11.02 8.20
CA VAL S 41 54.22 -12.20 8.79
C VAL S 41 53.99 -13.22 7.69
N LEU S 42 54.41 -14.44 7.94
CA LEU S 42 54.30 -15.54 7.01
C LEU S 42 53.06 -16.36 7.34
N ALA S 43 53.00 -17.56 6.76
CA ALA S 43 51.81 -18.41 6.76
C ALA S 43 51.33 -18.76 8.17
N ASN S 44 52.24 -18.83 9.13
CA ASN S 44 51.85 -19.02 10.51
C ASN S 44 52.39 -17.90 11.38
N HIS S 45 51.72 -17.68 12.51
CA HIS S 45 52.07 -16.62 13.44
C HIS S 45 51.36 -16.87 14.76
N VAL S 46 51.91 -16.29 15.81
CA VAL S 46 51.20 -16.17 17.10
C VAL S 46 49.96 -15.31 16.89
N PRO S 47 48.83 -15.66 17.52
CA PRO S 47 47.72 -14.69 17.64
C PRO S 47 48.19 -13.41 18.31
N THR S 48 48.13 -12.32 17.55
CA THR S 48 48.80 -11.08 17.94
C THR S 48 48.01 -9.90 17.40
N VAL S 49 47.81 -8.89 18.25
CA VAL S 49 47.05 -7.70 17.92
C VAL S 49 48.01 -6.51 17.87
N GLU S 50 47.99 -5.77 16.76
CA GLU S 50 48.91 -4.66 16.54
C GLU S 50 48.15 -3.50 15.93
N GLN S 51 48.38 -2.30 16.43
CA GLN S 51 47.90 -1.11 15.74
C GLN S 51 48.88 -0.74 14.63
N LEU S 52 48.33 -0.28 13.51
CA LEU S 52 49.06 -0.14 12.26
C LEU S 52 49.32 1.32 11.98
N LEU S 53 50.58 1.66 11.78
CA LEU S 53 50.96 3.00 11.38
C LEU S 53 50.73 3.17 9.87
N PRO S 54 50.42 4.40 9.43
CA PRO S 54 50.26 4.65 7.99
C PRO S 54 51.55 4.50 7.22
N GLY S 55 51.62 3.52 6.32
CA GLY S 55 52.86 3.24 5.58
C GLY S 55 52.60 2.30 4.45
N VAL S 56 53.63 1.59 4.00
CA VAL S 56 53.50 0.74 2.83
C VAL S 56 53.33 -0.72 3.25
N VAL S 57 52.22 -1.31 2.83
CA VAL S 57 51.93 -2.71 3.03
C VAL S 57 52.27 -3.45 1.74
N GLU S 58 53.11 -4.46 1.86
CA GLU S 58 53.47 -5.30 0.73
C GLU S 58 52.92 -6.70 0.97
N VAL S 59 52.02 -7.12 0.09
CA VAL S 59 51.31 -8.39 0.23
C VAL S 59 51.90 -9.35 -0.81
N MET S 60 52.67 -10.32 -0.35
CA MET S 60 53.24 -11.33 -1.22
C MET S 60 52.43 -12.60 -1.11
N GLU S 61 52.12 -13.20 -2.26
CA GLU S 61 51.24 -14.35 -2.30
C GLU S 61 51.95 -15.50 -2.99
N GLY S 62 51.18 -16.51 -3.42
CA GLY S 62 51.67 -17.38 -4.48
C GLY S 62 52.07 -16.61 -5.72
N SER S 63 51.37 -15.51 -6.02
CA SER S 63 51.79 -14.53 -7.02
C SER S 63 52.85 -13.59 -6.45
N ASN S 64 53.09 -12.48 -7.14
CA ASN S 64 54.09 -11.52 -6.72
C ASN S 64 53.60 -10.70 -5.52
N SER S 65 54.36 -9.68 -5.14
CA SER S 65 54.07 -8.88 -3.97
C SER S 65 53.53 -7.53 -4.40
N LYS S 66 52.30 -7.24 -3.97
CA LYS S 66 51.65 -5.97 -4.26
C LYS S 66 52.06 -4.92 -3.24
N LYS S 67 52.11 -3.67 -3.68
CA LYS S 67 52.54 -2.56 -2.85
C LYS S 67 51.40 -1.55 -2.70
N PHE S 68 50.84 -1.48 -1.50
CA PHE S 68 49.74 -0.58 -1.19
C PHE S 68 50.20 0.40 -0.12
N PHE S 69 49.53 1.54 -0.03
CA PHE S 69 49.68 2.40 1.14
C PHE S 69 48.48 2.20 2.06
N ILE S 70 48.73 2.35 3.36
CA ILE S 70 47.73 2.18 4.39
C ILE S 70 47.75 3.42 5.27
N SER S 71 46.56 3.84 5.71
CA SER S 71 46.41 4.98 6.57
C SER S 71 46.35 4.59 8.04
N GLY S 72 46.87 3.44 8.40
CA GLY S 72 46.83 2.94 9.76
C GLY S 72 45.61 2.08 10.01
N GLY S 73 45.66 1.33 11.10
CA GLY S 73 44.55 0.45 11.42
C GLY S 73 44.88 -0.60 12.46
N PHE S 74 44.48 -1.85 12.21
CA PHE S 74 44.83 -2.94 13.10
C PHE S 74 45.09 -4.21 12.33
N ALA S 75 46.17 -4.90 12.69
CA ALA S 75 46.46 -6.24 12.22
C ALA S 75 46.25 -7.21 13.38
N THR S 76 45.34 -8.15 13.19
CA THR S 76 44.98 -9.08 14.26
C THR S 76 45.05 -10.50 13.71
N VAL S 77 45.88 -11.33 14.33
CA VAL S 77 46.05 -12.70 13.91
C VAL S 77 44.98 -13.51 14.64
N GLN S 78 43.88 -13.78 13.93
CA GLN S 78 42.92 -14.75 14.39
C GLN S 78 43.59 -16.13 14.50
N PRO S 79 43.37 -16.85 15.60
CA PRO S 79 44.23 -18.00 15.96
C PRO S 79 44.12 -19.19 15.03
N ASP S 80 43.25 -19.16 14.02
CA ASP S 80 43.24 -20.13 12.94
C ASP S 80 44.18 -19.76 11.80
N SER S 81 45.21 -18.94 12.10
CA SER S 81 46.08 -18.29 11.11
C SER S 81 45.25 -17.52 10.08
N GLN S 82 44.34 -16.69 10.58
CA GLN S 82 43.62 -15.75 9.72
C GLN S 82 44.04 -14.34 10.14
N LEU S 83 44.90 -13.71 9.35
CA LEU S 83 45.32 -12.37 9.71
C LEU S 83 44.34 -11.38 9.12
N CYS S 84 43.75 -10.56 9.97
CA CYS S 84 42.81 -9.54 9.56
C CYS S 84 43.48 -8.19 9.63
N VAL S 85 43.67 -7.57 8.46
CA VAL S 85 44.04 -6.17 8.38
C VAL S 85 42.75 -5.39 8.27
N THR S 86 42.51 -4.52 9.23
CA THR S 86 41.29 -3.73 9.29
C THR S 86 41.74 -2.28 9.25
N ALA S 87 41.45 -1.59 8.15
CA ALA S 87 41.99 -0.26 7.94
C ALA S 87 41.02 0.53 7.08
N ILE S 88 41.51 1.62 6.50
CA ILE S 88 40.69 2.60 5.81
C ILE S 88 41.03 2.68 4.33
N GLU S 89 42.27 3.02 4.01
CA GLU S 89 42.64 3.47 2.68
C GLU S 89 43.41 2.39 1.93
N ALA S 90 42.97 2.11 0.71
CA ALA S 90 43.77 1.37 -0.24
C ALA S 90 44.51 2.36 -1.14
N PHE S 91 45.36 1.83 -2.02
CA PHE S 91 46.26 2.69 -2.79
C PHE S 91 46.82 1.92 -3.98
N PRO S 92 46.94 2.54 -5.14
CA PRO S 92 47.58 1.92 -6.32
C PRO S 92 49.09 1.77 -6.20
N LEU S 93 49.76 1.56 -7.34
CA LEU S 93 51.22 1.57 -7.30
C LEU S 93 51.76 2.92 -6.84
N GLU S 94 51.60 3.97 -7.68
CA GLU S 94 51.96 5.33 -7.29
C GLU S 94 51.02 6.39 -7.85
N SER S 95 49.95 6.00 -8.55
CA SER S 95 49.19 6.95 -9.35
C SER S 95 48.36 7.92 -8.50
N PHE S 96 47.74 7.42 -7.45
CA PHE S 96 47.00 8.22 -6.46
C PHE S 96 47.89 9.19 -5.72
N SER S 97 49.19 8.92 -5.66
CA SER S 97 50.18 9.81 -5.07
C SER S 97 50.64 10.82 -6.10
N GLN S 98 50.53 12.10 -5.77
CA GLN S 98 50.99 13.17 -6.65
C GLN S 98 51.72 14.22 -5.83
N GLU S 99 52.94 14.55 -6.27
CA GLU S 99 53.85 15.41 -5.51
C GLU S 99 53.32 16.82 -5.34
N ASN S 100 52.70 17.38 -6.37
CA ASN S 100 52.19 18.74 -6.29
C ASN S 100 51.01 18.82 -5.35
N ILE S 101 50.19 17.75 -5.32
CA ILE S 101 49.13 17.64 -4.35
C ILE S 101 49.68 17.52 -2.93
N LYS S 102 50.76 16.78 -2.74
CA LYS S 102 51.26 16.53 -1.40
C LYS S 102 51.98 17.74 -0.83
N ASN S 103 52.91 18.32 -1.60
CA ASN S 103 53.85 19.29 -1.04
C ASN S 103 53.19 20.63 -0.78
N LEU S 104 52.33 21.06 -1.72
CA LEU S 104 51.63 22.32 -1.55
C LEU S 104 50.64 22.27 -0.40
N LEU S 105 50.06 21.10 -0.16
CA LEU S 105 49.26 20.94 1.05
C LEU S 105 50.14 20.80 2.28
N ALA S 106 51.33 20.22 2.14
CA ALA S 106 52.19 19.99 3.30
C ALA S 106 52.72 21.29 3.86
N GLU S 107 52.99 22.27 2.99
CA GLU S 107 53.42 23.57 3.47
C GLU S 107 52.30 24.28 4.23
N ALA S 108 51.07 24.20 3.69
CA ALA S 108 49.91 24.75 4.40
C ALA S 108 49.65 24.01 5.70
N LYS S 109 49.97 22.72 5.73
CA LYS S 109 49.77 21.94 6.95
C LYS S 109 50.81 22.26 7.99
N LYS S 110 52.03 22.59 7.55
CA LYS S 110 53.02 23.14 8.49
C LYS S 110 52.59 24.50 9.00
N ASN S 111 51.86 25.26 8.18
CA ASN S 111 51.34 26.54 8.64
C ASN S 111 50.21 26.35 9.66
N VAL S 112 49.32 25.40 9.40
CA VAL S 112 48.23 25.09 10.33
C VAL S 112 48.77 24.41 11.58
N SER S 113 49.95 23.80 11.51
CA SER S 113 50.60 23.25 12.71
C SER S 113 51.07 24.34 13.67
N SER S 114 51.06 25.61 13.25
CA SER S 114 51.36 26.72 14.14
C SER S 114 50.12 27.26 14.82
N SER S 115 48.94 26.71 14.51
CA SER S 115 47.69 27.20 15.07
C SER S 115 47.43 26.59 16.45
N ASP S 116 46.18 26.68 16.91
CA ASP S 116 45.77 26.09 18.18
C ASP S 116 45.92 24.58 18.15
N ALA S 117 46.06 24.00 19.36
CA ALA S 117 46.57 22.63 19.51
C ALA S 117 45.61 21.59 18.94
N ARG S 118 44.31 21.88 18.95
CA ARG S 118 43.35 21.04 18.24
C ARG S 118 43.65 21.03 16.74
N GLU S 119 43.97 22.18 16.17
CA GLU S 119 44.38 22.20 14.78
C GLU S 119 45.85 21.83 14.63
N ALA S 120 46.68 22.22 15.60
CA ALA S 120 48.13 22.06 15.46
C ALA S 120 48.55 20.59 15.54
N ALA S 121 47.98 19.83 16.47
CA ALA S 121 48.31 18.41 16.58
C ALA S 121 47.86 17.66 15.34
N GLU S 122 46.64 17.95 14.86
CA GLU S 122 46.11 17.32 13.66
C GLU S 122 46.93 17.68 12.42
N ALA S 123 47.35 18.94 12.32
CA ALA S 123 48.17 19.33 11.18
C ALA S 123 49.56 18.74 11.27
N ALA S 124 50.05 18.53 12.48
CA ALA S 124 51.33 17.84 12.66
C ALA S 124 51.23 16.39 12.22
N ILE S 125 50.10 15.74 12.55
CA ILE S 125 49.80 14.39 12.07
C ILE S 125 49.77 14.38 10.54
N GLN S 126 49.13 15.40 9.94
CA GLN S 126 49.04 15.47 8.49
C GLN S 126 50.40 15.70 7.84
N VAL S 127 51.27 16.47 8.48
CA VAL S 127 52.64 16.64 7.99
C VAL S 127 53.39 15.31 8.07
N GLU S 128 53.21 14.60 9.18
CA GLU S 128 53.81 13.27 9.34
C GLU S 128 53.34 12.31 8.26
N VAL S 129 52.04 12.33 7.95
CA VAL S 129 51.49 11.42 6.95
C VAL S 129 51.98 11.78 5.56
N LEU S 130 52.05 13.08 5.25
CA LEU S 130 52.54 13.49 3.94
C LEU S 130 54.02 13.21 3.78
N GLU S 131 54.78 13.30 4.87
CA GLU S 131 56.20 12.96 4.79
C GLU S 131 56.43 11.45 4.75
N ASN S 132 55.51 10.67 5.32
CA ASN S 132 55.54 9.23 5.10
C ASN S 132 55.17 8.91 3.66
N LEU S 133 54.28 9.69 3.09
CA LEU S 133 53.91 9.57 1.68
C LEU S 133 55.02 10.04 0.77
N GLN S 134 55.95 10.85 1.27
CA GLN S 134 57.15 11.18 0.52
C GLN S 134 58.03 9.95 0.33
N SER S 135 57.98 9.01 1.28
CA SER S 135 58.66 7.73 1.08
C SER S 135 57.92 6.87 0.07
N VAL S 136 56.63 7.12 -0.13
CA VAL S 136 55.90 6.46 -1.20
C VAL S 136 56.24 7.12 -2.54
N LEU S 137 56.46 8.43 -2.52
CA LEU S 137 57.03 9.12 -3.68
C LEU S 137 58.42 8.60 -3.97
N LYS S 138 59.17 8.26 -2.91
CA LYS S 138 60.35 7.40 -2.95
C LYS S 138 61.51 7.99 -3.74
N SER T 1 51.65 13.27 16.77
CA SER T 1 52.70 13.20 17.79
C SER T 1 52.09 12.95 19.16
N ALA T 2 51.91 14.02 19.94
CA ALA T 2 51.20 13.92 21.21
C ALA T 2 49.71 14.21 21.02
N TRP T 3 49.14 13.55 20.01
CA TRP T 3 47.72 13.64 19.75
C TRP T 3 46.92 12.92 20.81
N ARG T 4 47.50 11.92 21.45
CA ARG T 4 46.80 11.19 22.49
C ARG T 4 46.54 12.08 23.70
N LYS T 5 47.48 12.96 24.03
CA LYS T 5 47.27 13.90 25.11
C LYS T 5 46.56 15.16 24.63
N ALA T 6 47.02 15.73 23.51
CA ALA T 6 46.57 17.05 23.09
C ALA T 6 45.57 17.03 21.95
N GLY T 7 45.69 16.09 21.02
CA GLY T 7 44.88 16.15 19.81
C GLY T 7 43.68 15.22 19.79
N ILE T 8 43.81 14.13 19.05
CA ILE T 8 42.65 13.35 18.63
C ILE T 8 42.59 12.03 19.39
N SER T 9 41.47 11.33 19.24
CA SER T 9 41.42 9.93 19.57
C SER T 9 42.06 9.13 18.45
N TYR T 10 42.36 7.86 18.72
CA TYR T 10 43.07 7.05 17.73
C TYR T 10 42.20 6.75 16.52
N ALA T 11 40.89 6.60 16.74
CA ALA T 11 39.95 6.56 15.63
C ALA T 11 39.98 7.87 14.86
N ALA T 12 39.98 8.99 15.58
CA ALA T 12 40.09 10.28 14.91
C ALA T 12 41.49 10.52 14.37
N TYR T 13 42.51 9.90 14.99
CA TYR T 13 43.86 9.95 14.44
C TYR T 13 43.90 9.31 13.06
N LEU T 14 43.31 8.11 12.94
CA LEU T 14 43.24 7.47 11.64
C LEU T 14 42.26 8.18 10.72
N ASN T 15 41.29 8.90 11.27
CA ASN T 15 40.39 9.68 10.44
C ASN T 15 41.13 10.85 9.79
N VAL T 16 41.96 11.54 10.57
CA VAL T 16 42.80 12.60 10.03
C VAL T 16 43.83 12.01 9.06
N ALA T 17 44.30 10.79 9.34
CA ALA T 17 45.18 10.10 8.41
C ALA T 17 44.50 9.81 7.08
N ALA T 18 43.23 9.41 7.13
CA ALA T 18 42.48 9.14 5.92
C ALA T 18 42.17 10.44 5.18
N GLN T 19 41.91 11.51 5.91
CA GLN T 19 41.70 12.81 5.29
C GLN T 19 42.98 13.32 4.63
N ALA T 20 44.14 12.97 5.19
CA ALA T 20 45.39 13.36 4.56
C ALA T 20 45.70 12.49 3.35
N ILE T 21 45.37 11.20 3.43
CA ILE T 21 45.60 10.28 2.31
C ILE T 21 44.70 10.63 1.14
N ARG T 22 43.40 10.76 1.37
CA ARG T 22 42.46 11.23 0.36
C ARG T 22 42.69 12.69 0.01
N SER T 23 43.35 13.45 0.87
CA SER T 23 43.77 14.80 0.53
C SER T 23 44.99 14.78 -0.36
N SER T 24 45.79 13.73 -0.29
CA SER T 24 46.94 13.52 -1.19
C SER T 24 46.55 12.76 -2.44
N LEU T 25 45.30 12.89 -2.87
CA LEU T 25 44.77 12.11 -3.97
C LEU T 25 45.35 12.55 -5.31
N LYS T 26 45.28 11.65 -6.27
CA LYS T 26 45.28 12.05 -7.66
C LYS T 26 43.93 12.67 -7.98
N THR T 27 43.95 13.91 -8.48
CA THR T 27 42.70 14.59 -8.79
C THR T 27 41.94 13.95 -9.95
N GLU T 28 42.63 13.19 -10.80
CA GLU T 28 41.94 12.33 -11.75
C GLU T 28 41.24 11.19 -11.04
N LEU T 29 41.88 10.64 -10.01
CA LEU T 29 41.40 9.47 -9.29
C LEU T 29 40.59 9.85 -8.07
N GLN T 30 40.57 11.13 -7.70
CA GLN T 30 39.76 11.59 -6.58
C GLN T 30 38.30 11.64 -7.01
N THR T 31 37.58 10.54 -6.82
CA THR T 31 36.22 10.43 -7.30
C THR T 31 35.27 11.13 -6.34
N ALA T 32 33.97 11.10 -6.69
CA ALA T 32 32.95 11.68 -5.84
C ALA T 32 32.76 10.91 -4.55
N SER T 33 33.07 9.61 -4.54
CA SER T 33 33.03 8.85 -3.30
C SER T 33 34.09 9.34 -2.32
N VAL T 34 35.19 9.87 -2.83
CA VAL T 34 36.23 10.43 -1.95
C VAL T 34 35.75 11.70 -1.29
N LEU T 35 35.18 12.63 -2.09
CA LEU T 35 34.76 13.91 -1.54
C LEU T 35 33.53 13.75 -0.67
N ASN T 36 32.61 12.87 -1.04
CA ASN T 36 31.47 12.58 -0.19
C ASN T 36 31.89 11.79 1.05
N ARG T 37 32.98 11.04 0.93
CA ARG T 37 33.54 10.36 2.08
C ARG T 37 34.14 11.34 3.07
N SER T 38 34.54 12.53 2.60
CA SER T 38 35.02 13.59 3.46
C SER T 38 34.00 14.70 3.63
N GLN T 39 32.75 14.44 3.24
CA GLN T 39 31.68 15.44 3.36
C GLN T 39 31.19 15.44 4.80
N THR T 40 31.98 16.07 5.68
CA THR T 40 31.69 16.13 7.11
C THR T 40 30.51 17.07 7.33
N ASP T 41 29.33 16.51 7.53
CA ASP T 41 28.10 17.30 7.60
C ASP T 41 27.29 17.01 8.85
N ALA T 42 27.83 16.23 9.78
CA ALA T 42 27.09 15.88 10.99
C ALA T 42 27.13 17.02 11.98
N PHE T 43 25.99 17.26 12.63
CA PHE T 43 25.86 18.33 13.59
C PHE T 43 25.57 17.76 14.96
N TYR T 44 26.41 18.10 15.92
CA TYR T 44 26.31 17.59 17.27
C TYR T 44 25.75 18.69 18.17
N THR T 45 24.86 18.31 19.06
CA THR T 45 24.25 19.25 19.99
C THR T 45 24.24 18.60 21.37
N GLN T 46 25.00 19.15 22.29
CA GLN T 46 25.06 18.63 23.65
C GLN T 46 23.81 19.04 24.40
N TYR T 47 23.00 18.05 24.80
CA TYR T 47 21.89 18.37 25.67
C TYR T 47 22.30 18.26 27.12
N LYS T 48 21.35 18.58 28.01
CA LYS T 48 21.60 18.49 29.43
C LYS T 48 20.58 17.57 30.09
N ASN T 49 20.66 17.47 31.42
CA ASN T 49 19.71 16.66 32.16
C ASN T 49 18.33 17.30 32.19
N GLY T 50 18.25 18.61 31.96
CA GLY T 50 16.97 19.26 31.79
C GLY T 50 16.65 19.41 30.32
N THR T 51 17.34 18.63 29.49
CA THR T 51 17.25 18.67 28.03
C THR T 51 17.50 20.07 27.49
N ALA T 52 18.57 20.72 27.97
CA ALA T 52 18.96 22.03 27.49
C ALA T 52 19.66 21.88 26.14
N ALA T 53 20.22 22.97 25.62
CA ALA T 53 20.78 22.91 24.28
C ALA T 53 22.16 23.53 24.27
N SER T 54 23.02 22.95 23.44
CA SER T 54 24.30 23.54 23.06
C SER T 54 24.20 23.98 21.60
N GLU T 55 25.33 24.42 21.07
CA GLU T 55 25.34 24.81 19.67
C GLU T 55 25.36 23.58 18.77
N PRO T 56 24.54 23.59 17.71
CA PRO T 56 24.63 22.50 16.72
C PRO T 56 25.88 22.68 15.86
N THR T 57 27.02 22.29 16.41
CA THR T 57 28.19 22.75 15.67
C THR T 57 28.58 21.74 14.62
N PRO T 58 29.25 22.21 13.58
CA PRO T 58 29.78 21.28 12.57
C PRO T 58 30.95 20.50 13.12
N ILE T 59 30.79 19.19 13.24
CA ILE T 59 31.86 18.34 13.73
C ILE T 59 32.93 18.22 12.65
N ASN U 53 74.04 -39.71 68.51
CA ASN U 53 74.71 -40.30 67.37
C ASN U 53 74.84 -39.26 66.25
N ASP U 54 75.87 -39.41 65.42
CA ASP U 54 76.08 -38.50 64.30
C ASP U 54 75.06 -38.77 63.20
N GLU U 55 74.67 -40.03 63.03
CA GLU U 55 73.79 -40.42 61.93
C GLU U 55 72.32 -40.43 62.34
N SER U 56 72.02 -40.46 63.65
CA SER U 56 70.62 -40.46 64.09
C SER U 56 69.97 -39.09 63.97
N ILE U 57 70.75 -38.04 63.74
CA ILE U 57 70.16 -36.71 63.56
C ILE U 57 69.49 -36.62 62.19
N LEU U 58 70.10 -37.22 61.17
CA LEU U 58 69.44 -37.33 59.88
C LEU U 58 68.21 -38.23 59.97
N LEU U 59 68.24 -39.23 60.86
CA LEU U 59 67.06 -40.01 61.17
C LEU U 59 65.98 -39.17 61.84
N LEU U 60 66.37 -38.21 62.69
CA LEU U 60 65.40 -37.34 63.34
C LEU U 60 64.75 -36.40 62.32
N THR U 61 65.55 -35.88 61.38
CA THR U 61 65.00 -35.10 60.29
C THR U 61 64.08 -35.95 59.41
N PHE U 62 64.42 -37.23 59.23
CA PHE U 62 63.58 -38.13 58.46
C PHE U 62 62.25 -38.39 59.16
N LEU U 63 62.27 -38.58 60.49
CA LEU U 63 61.03 -38.82 61.22
C LEU U 63 60.14 -37.57 61.24
N GLY U 64 60.74 -36.39 61.43
CA GLY U 64 59.96 -35.17 61.38
C GLY U 64 59.40 -34.88 60.00
N PHE U 65 60.18 -35.20 58.96
CA PHE U 65 59.73 -35.01 57.59
C PHE U 65 58.59 -35.96 57.24
N THR U 66 58.68 -37.23 57.67
CA THR U 66 57.60 -38.16 57.43
C THR U 66 56.37 -37.84 58.27
N GLY U 67 56.55 -37.22 59.43
CA GLY U 67 55.40 -36.70 60.17
C GLY U 67 54.72 -35.56 59.43
N LEU U 68 55.51 -34.68 58.80
CA LEU U 68 54.95 -33.63 57.96
C LEU U 68 54.31 -34.22 56.69
N VAL U 69 54.84 -35.35 56.20
CA VAL U 69 54.24 -36.04 55.07
C VAL U 69 52.87 -36.61 55.44
N ALA U 70 52.78 -37.26 56.59
CA ALA U 70 51.49 -37.74 57.10
C ALA U 70 50.54 -36.59 57.44
N LYS U 71 51.08 -35.41 57.73
CA LYS U 71 50.23 -34.24 57.95
C LYS U 71 49.70 -33.68 56.63
N TYR U 72 50.53 -33.65 55.58
CA TYR U 72 50.26 -32.85 54.40
C TYR U 72 50.00 -33.66 53.14
N LEU U 73 50.89 -34.59 52.79
CA LEU U 73 50.84 -35.28 51.50
C LEU U 73 49.81 -36.40 51.47
N ALA U 74 49.64 -37.11 52.59
CA ALA U 74 48.73 -38.24 52.63
C ALA U 74 47.25 -37.90 52.40
N PRO U 75 46.65 -36.83 52.96
CA PRO U 75 45.26 -36.54 52.57
C PRO U 75 45.11 -36.04 51.15
N ALA U 76 46.12 -35.40 50.58
CA ALA U 76 46.04 -34.93 49.20
C ALA U 76 46.03 -36.09 48.21
N TYR U 77 46.95 -37.04 48.38
CA TYR U 77 46.95 -38.24 47.54
C TYR U 77 45.74 -39.12 47.83
N LYS U 78 45.27 -39.11 49.08
CA LYS U 78 44.01 -39.77 49.44
C LYS U 78 42.84 -39.22 48.62
N ASP U 79 42.73 -37.89 48.55
CA ASP U 79 41.63 -37.26 47.84
C ASP U 79 41.77 -37.43 46.33
N PHE U 80 43.00 -37.42 45.82
CA PHE U 80 43.24 -37.65 44.40
C PHE U 80 42.85 -39.07 43.99
N ALA U 81 43.23 -40.06 44.82
CA ALA U 81 42.86 -41.44 44.55
C ALA U 81 41.36 -41.66 44.68
N ASP U 82 40.72 -41.03 45.68
CA ASP U 82 39.28 -41.15 45.85
C ASP U 82 38.52 -40.51 44.68
N ALA U 83 39.00 -39.37 44.20
CA ALA U 83 38.36 -38.69 43.08
C ALA U 83 38.48 -39.50 41.80
N ARG U 84 39.68 -40.03 41.51
CA ARG U 84 39.84 -40.84 40.30
C ARG U 84 39.08 -42.15 40.42
N MET U 85 38.99 -42.71 41.63
CA MET U 85 38.26 -43.95 41.87
C MET U 85 36.78 -43.76 41.60
N LYS U 86 36.20 -42.70 42.17
CA LYS U 86 34.79 -42.38 41.95
C LYS U 86 34.52 -42.03 40.49
N LYS U 87 35.46 -41.36 39.82
CA LYS U 87 35.26 -41.00 38.42
C LYS U 87 35.23 -42.22 37.51
N VAL U 88 36.22 -43.11 37.67
CA VAL U 88 36.28 -44.32 36.84
C VAL U 88 35.10 -45.23 37.14
N SER U 89 34.71 -45.35 38.42
CA SER U 89 33.57 -46.19 38.78
C SER U 89 32.27 -45.61 38.25
N ASP U 90 32.13 -44.28 38.26
CA ASP U 90 30.91 -43.65 37.77
C ASP U 90 30.79 -43.78 36.26
N VAL U 91 31.89 -43.60 35.53
CA VAL U 91 31.85 -43.75 34.07
C VAL U 91 31.61 -45.21 33.69
N LEU U 92 32.21 -46.15 34.44
CA LEU U 92 32.07 -47.55 34.12
C LEU U 92 30.67 -48.07 34.44
N ASN U 93 30.03 -47.48 35.45
CA ASN U 93 28.63 -47.81 35.73
C ASN U 93 27.69 -47.15 34.73
N ALA U 94 28.00 -45.92 34.31
CA ALA U 94 27.11 -45.18 33.44
C ALA U 94 27.09 -45.73 32.02
N SER U 95 28.24 -46.22 31.52
CA SER U 95 28.27 -46.85 30.20
C SER U 95 27.44 -48.13 30.20
N ARG U 96 27.51 -48.88 31.30
CA ARG U 96 26.73 -50.11 31.41
C ARG U 96 25.24 -49.83 31.48
N ASN U 97 24.85 -48.85 32.29
CA ASN U 97 23.44 -48.46 32.37
C ASN U 97 22.95 -47.90 31.04
N LYS U 98 23.82 -47.18 30.31
CA LYS U 98 23.45 -46.62 29.02
C LYS U 98 23.17 -47.72 28.00
N HIS U 99 24.04 -48.71 27.89
CA HIS U 99 23.67 -49.71 26.89
C HIS U 99 22.69 -50.75 27.42
N VAL U 100 22.41 -50.80 28.73
CA VAL U 100 21.23 -51.51 29.22
C VAL U 100 19.96 -50.82 28.71
N GLU U 101 19.95 -49.49 28.76
CA GLU U 101 18.82 -48.75 28.21
C GLU U 101 18.76 -48.89 26.68
N ALA U 102 19.91 -49.06 26.02
CA ALA U 102 19.91 -49.35 24.60
C ALA U 102 19.33 -50.74 24.30
N VAL U 103 19.60 -51.72 25.16
CA VAL U 103 18.96 -53.02 25.06
C VAL U 103 17.45 -52.89 25.21
N LYS U 104 17.00 -52.06 26.17
CA LYS U 104 15.57 -51.82 26.36
C LYS U 104 14.94 -51.14 25.14
N ASP U 105 15.69 -50.25 24.49
CA ASP U 105 15.20 -49.62 23.27
C ASP U 105 15.09 -50.63 22.13
N ARG U 106 16.05 -51.56 22.05
CA ARG U 106 15.96 -52.63 21.05
C ARG U 106 14.80 -53.58 21.36
N ILE U 107 14.52 -53.80 22.66
CA ILE U 107 13.35 -54.58 23.08
C ILE U 107 12.08 -53.93 22.58
N ASP U 108 11.98 -52.60 22.72
CA ASP U 108 10.79 -51.89 22.27
C ASP U 108 10.67 -51.91 20.75
N SER U 109 11.81 -51.74 20.05
CA SER U 109 11.84 -51.79 18.59
C SER U 109 11.45 -53.14 18.03
N VAL U 110 11.81 -54.23 18.71
CA VAL U 110 11.39 -55.55 18.25
C VAL U 110 9.94 -55.82 18.63
N SER U 111 9.53 -55.38 19.83
CA SER U 111 8.17 -55.59 20.32
C SER U 111 7.14 -54.77 19.56
N GLN U 112 7.58 -53.79 18.77
CA GLN U 112 6.67 -53.20 17.78
C GLN U 112 6.23 -54.21 16.73
N LEU U 113 7.02 -55.25 16.48
CA LEU U 113 6.71 -56.27 15.49
C LEU U 113 6.09 -57.52 16.11
N GLN U 114 5.26 -57.36 17.13
CA GLN U 114 4.74 -58.51 17.88
C GLN U 114 3.73 -59.31 17.07
N ASN U 115 2.59 -58.70 16.75
CA ASN U 115 1.50 -59.39 16.06
C ASN U 115 1.34 -58.93 14.61
N VAL U 116 2.46 -58.62 13.95
CA VAL U 116 2.39 -58.15 12.57
C VAL U 116 2.02 -59.27 11.62
N ALA U 117 2.70 -60.42 11.75
CA ALA U 117 2.55 -61.52 10.79
C ALA U 117 1.17 -62.11 10.81
N GLU U 118 0.60 -62.28 12.02
CA GLU U 118 -0.75 -62.82 12.18
C GLU U 118 -1.80 -61.92 11.54
N THR U 119 -1.53 -60.62 11.51
CA THR U 119 -2.44 -59.68 10.87
C THR U 119 -2.08 -59.38 9.43
N THR U 120 -0.80 -59.42 9.06
CA THR U 120 -0.48 -59.13 7.66
C THR U 120 -0.69 -60.33 6.75
N LYS U 121 -0.79 -61.54 7.29
CA LYS U 121 -1.24 -62.66 6.47
C LYS U 121 -2.73 -62.55 6.13
N VAL U 122 -3.49 -61.78 6.91
CA VAL U 122 -4.85 -61.40 6.55
C VAL U 122 -4.86 -60.20 5.62
N LEU U 123 -3.97 -59.23 5.87
CA LEU U 123 -3.84 -58.04 5.02
C LEU U 123 -3.54 -58.40 3.58
N PHE U 124 -2.54 -59.25 3.36
CA PHE U 124 -2.10 -59.67 2.02
C PHE U 124 -3.24 -60.30 1.24
N ASP U 125 -3.92 -61.26 1.87
CA ASP U 125 -4.97 -62.03 1.20
C ASP U 125 -6.19 -61.17 0.91
N VAL U 126 -6.70 -60.47 1.94
CA VAL U 126 -7.92 -59.70 1.75
C VAL U 126 -7.66 -58.48 0.87
N SER U 127 -6.43 -57.97 0.88
CA SER U 127 -6.06 -56.87 0.00
C SER U 127 -6.05 -57.31 -1.46
N LYS U 128 -5.39 -58.43 -1.78
CA LYS U 128 -5.39 -58.86 -3.17
C LYS U 128 -6.76 -59.36 -3.63
N GLU U 129 -7.59 -59.85 -2.70
CA GLU U 129 -8.97 -60.19 -3.06
C GLU U 129 -9.78 -58.94 -3.40
N THR U 130 -9.67 -57.89 -2.58
CA THR U 130 -10.37 -56.65 -2.90
C THR U 130 -9.80 -55.95 -4.12
N VAL U 131 -8.55 -56.24 -4.50
CA VAL U 131 -8.06 -55.80 -5.80
C VAL U 131 -8.77 -56.58 -6.91
N GLU U 132 -8.79 -57.90 -6.79
CA GLU U 132 -8.93 -58.77 -7.95
C GLU U 132 -10.26 -59.50 -8.03
N LEU U 133 -11.25 -59.13 -7.21
CA LEU U 133 -12.59 -59.70 -7.33
C LEU U 133 -13.55 -58.78 -8.07
N GLU U 134 -13.07 -58.07 -9.10
CA GLU U 134 -13.91 -57.10 -9.80
C GLU U 134 -13.89 -57.25 -11.33
N SER U 135 -13.38 -58.37 -11.84
CA SER U 135 -13.58 -58.69 -13.26
C SER U 135 -15.05 -58.93 -13.58
N GLU U 136 -15.84 -59.34 -12.58
CA GLU U 136 -17.30 -59.38 -12.70
C GLU U 136 -17.84 -58.00 -13.02
N ALA U 137 -17.32 -56.97 -12.35
CA ALA U 137 -17.73 -55.61 -12.63
C ALA U 137 -17.23 -55.13 -13.99
N PHE U 138 -16.07 -55.63 -14.42
CA PHE U 138 -15.56 -55.32 -15.76
C PHE U 138 -16.49 -55.89 -16.84
N GLU U 139 -16.87 -57.15 -16.71
CA GLU U 139 -17.79 -57.74 -17.66
C GLU U 139 -19.21 -57.19 -17.51
N LEU U 140 -19.54 -56.64 -16.35
CA LEU U 140 -20.78 -55.88 -16.21
C LEU U 140 -20.69 -54.56 -16.97
N LYS U 141 -19.51 -53.92 -16.95
CA LYS U 141 -19.28 -52.68 -17.69
C LYS U 141 -19.48 -52.86 -19.18
N GLN U 142 -19.08 -54.03 -19.69
CA GLN U 142 -19.34 -54.35 -21.10
C GLN U 142 -20.84 -54.29 -21.42
N LYS U 143 -21.67 -54.92 -20.57
CA LYS U 143 -23.12 -54.89 -20.77
C LYS U 143 -23.69 -53.49 -20.56
N VAL U 144 -23.10 -52.72 -19.63
CA VAL U 144 -23.57 -51.38 -19.34
C VAL U 144 -23.34 -50.46 -20.53
N GLU U 145 -22.15 -50.53 -21.14
CA GLU U 145 -21.90 -49.68 -22.31
C GLU U 145 -22.69 -50.17 -23.53
N LEU U 146 -22.99 -51.47 -23.59
CA LEU U 146 -23.87 -51.95 -24.66
C LEU U 146 -25.28 -51.39 -24.55
N ALA U 147 -25.86 -51.46 -23.35
CA ALA U 147 -27.20 -50.88 -23.15
C ALA U 147 -27.18 -49.36 -23.26
N HIS U 148 -26.04 -48.74 -22.92
CA HIS U 148 -25.84 -47.31 -23.12
C HIS U 148 -25.93 -46.95 -24.60
N GLU U 149 -25.25 -47.70 -25.46
CA GLU U 149 -25.31 -47.46 -26.89
C GLU U 149 -26.70 -47.74 -27.45
N ALA U 150 -27.38 -48.77 -26.91
CA ALA U 150 -28.72 -49.09 -27.38
C ALA U 150 -29.72 -47.99 -27.03
N LYS U 151 -29.64 -47.46 -25.81
CA LYS U 151 -30.47 -46.34 -25.39
C LYS U 151 -30.17 -45.11 -26.22
N ALA U 152 -28.89 -44.89 -26.55
CA ALA U 152 -28.50 -43.72 -27.34
C ALA U 152 -29.06 -43.80 -28.76
N VAL U 153 -28.98 -44.99 -29.39
CA VAL U 153 -29.45 -45.07 -30.76
C VAL U 153 -30.97 -45.07 -30.83
N LEU U 154 -31.65 -45.60 -29.82
CA LEU U 154 -33.11 -45.50 -29.89
C LEU U 154 -33.58 -44.09 -29.54
N ASP U 155 -32.79 -43.36 -28.73
CA ASP U 155 -33.03 -41.94 -28.59
C ASP U 155 -32.87 -41.21 -29.92
N SER U 156 -31.89 -41.64 -30.74
CA SER U 156 -31.75 -41.07 -32.07
C SER U 156 -32.92 -41.40 -32.98
N TRP U 157 -33.46 -42.61 -32.88
CA TRP U 157 -34.62 -42.97 -33.70
C TRP U 157 -35.86 -42.20 -33.29
N VAL U 158 -36.08 -42.00 -31.99
CA VAL U 158 -37.21 -41.18 -31.53
C VAL U 158 -36.98 -39.72 -31.90
N ARG U 159 -35.72 -39.28 -31.89
CA ARG U 159 -35.35 -37.94 -32.33
C ARG U 159 -35.70 -37.72 -33.78
N TYR U 160 -35.35 -38.68 -34.64
CA TYR U 160 -35.71 -38.57 -36.04
C TYR U 160 -37.21 -38.70 -36.25
N GLU U 161 -37.90 -39.45 -35.39
CA GLU U 161 -39.35 -39.55 -35.47
C GLU U 161 -40.01 -38.19 -35.24
N ALA U 162 -39.57 -37.49 -34.20
CA ALA U 162 -40.09 -36.15 -33.93
C ALA U 162 -39.69 -35.17 -35.02
N SER U 163 -38.48 -35.33 -35.57
CA SER U 163 -38.04 -34.52 -36.69
C SER U 163 -38.93 -34.73 -37.91
N LEU U 164 -39.30 -35.98 -38.17
CA LEU U 164 -40.17 -36.29 -39.30
C LEU U 164 -41.58 -35.74 -39.07
N ARG U 165 -42.05 -35.75 -37.82
CA ARG U 165 -43.32 -35.12 -37.50
C ARG U 165 -43.29 -33.62 -37.77
N GLN U 166 -42.17 -32.97 -37.43
CA GLN U 166 -42.08 -31.53 -37.66
C GLN U 166 -41.95 -31.19 -39.14
N LEU U 167 -41.21 -32.00 -39.89
CA LEU U 167 -41.13 -31.83 -41.33
C LEU U 167 -42.48 -32.06 -42.00
N GLU U 168 -43.24 -33.03 -41.51
CA GLU U 168 -44.62 -33.24 -41.97
C GLU U 168 -45.48 -32.02 -41.67
N GLN U 169 -45.27 -31.41 -40.51
CA GLN U 169 -46.08 -30.26 -40.12
C GLN U 169 -45.75 -29.04 -40.96
N ARG U 170 -44.47 -28.81 -41.28
CA ARG U 170 -44.13 -27.65 -42.11
C ARG U 170 -44.49 -27.87 -43.58
N GLN U 171 -44.45 -29.12 -44.05
CA GLN U 171 -44.93 -29.39 -45.40
C GLN U 171 -46.44 -29.26 -45.47
N LEU U 172 -47.13 -29.56 -44.38
CA LEU U 172 -48.56 -29.24 -44.36
C LEU U 172 -48.82 -27.77 -44.12
N ALA U 173 -47.83 -27.01 -43.64
CA ALA U 173 -48.00 -25.55 -43.58
C ALA U 173 -47.93 -24.93 -44.98
N LYS U 174 -46.96 -25.37 -45.79
CA LYS U 174 -46.98 -24.92 -47.17
C LYS U 174 -48.14 -25.55 -47.95
N SER U 175 -48.66 -26.68 -47.48
CA SER U 175 -49.92 -27.16 -48.02
C SER U 175 -51.10 -26.30 -47.58
N VAL U 176 -51.03 -25.68 -46.40
CA VAL U 176 -52.06 -24.72 -46.00
C VAL U 176 -52.03 -23.51 -46.92
N ILE U 177 -50.83 -23.10 -47.33
CA ILE U 177 -50.68 -22.08 -48.37
C ILE U 177 -51.36 -22.53 -49.67
N SER U 178 -51.17 -23.80 -50.04
CA SER U 178 -51.81 -24.33 -51.23
C SER U 178 -53.34 -24.37 -51.10
N ARG U 179 -53.84 -24.72 -49.92
CA ARG U 179 -55.29 -24.69 -49.64
C ARG U 179 -55.86 -23.29 -49.70
N VAL U 180 -55.12 -22.29 -49.19
CA VAL U 180 -55.58 -20.91 -49.26
C VAL U 180 -55.66 -20.45 -50.71
N GLN U 181 -54.65 -20.80 -51.50
CA GLN U 181 -54.66 -20.47 -52.93
C GLN U 181 -55.77 -21.22 -53.66
N SER U 182 -56.16 -22.40 -53.17
CA SER U 182 -57.33 -23.07 -53.70
C SER U 182 -58.61 -22.33 -53.33
N GLU U 183 -58.66 -21.78 -52.12
CA GLU U 183 -59.89 -21.14 -51.64
C GLU U 183 -60.08 -19.75 -52.23
N LEU U 184 -59.00 -19.14 -52.75
CA LEU U 184 -59.06 -17.74 -53.16
C LEU U 184 -59.92 -17.45 -54.38
N GLY U 185 -59.94 -18.34 -55.38
CA GLY U 185 -60.56 -17.97 -56.64
C GLY U 185 -61.99 -18.42 -56.82
N ASN U 186 -62.77 -18.53 -55.76
CA ASN U 186 -64.05 -19.22 -55.84
C ASN U 186 -65.22 -18.24 -55.89
N PRO U 187 -66.39 -18.70 -56.34
CA PRO U 187 -67.64 -18.00 -56.04
C PRO U 187 -68.22 -18.42 -54.69
N LYS U 188 -67.40 -19.10 -53.88
CA LYS U 188 -67.61 -19.10 -52.44
C LYS U 188 -67.56 -17.70 -51.88
N PHE U 189 -66.75 -16.83 -52.50
CA PHE U 189 -66.85 -15.39 -52.29
C PHE U 189 -68.27 -14.87 -52.48
N GLN U 190 -68.98 -15.39 -53.48
CA GLN U 190 -70.36 -15.01 -53.71
C GLN U 190 -71.32 -15.76 -52.79
N GLU U 191 -71.22 -17.10 -52.76
CA GLU U 191 -72.16 -17.94 -52.03
C GLU U 191 -72.09 -17.73 -50.53
N LYS U 192 -70.90 -17.47 -50.00
CA LYS U 192 -70.63 -17.40 -48.58
C LYS U 192 -71.23 -16.14 -47.96
N VAL U 193 -71.59 -15.15 -48.77
CA VAL U 193 -72.38 -14.02 -48.32
C VAL U 193 -73.72 -14.49 -47.78
N LEU U 194 -74.34 -15.46 -48.46
CA LEU U 194 -75.59 -16.03 -47.97
C LEU U 194 -75.35 -16.85 -46.71
N GLN U 195 -74.13 -17.35 -46.56
CA GLN U 195 -73.74 -18.10 -45.38
C GLN U 195 -73.85 -17.11 -44.23
N GLN U 196 -73.14 -16.00 -44.35
CA GLN U 196 -73.22 -14.94 -43.33
C GLN U 196 -74.65 -14.50 -43.10
N SER U 197 -75.46 -14.46 -44.16
CA SER U 197 -76.84 -14.02 -44.04
C SER U 197 -77.62 -14.93 -43.10
N ILE U 198 -77.70 -16.21 -43.45
CA ILE U 198 -78.42 -17.19 -42.64
C ILE U 198 -77.78 -17.30 -41.25
N SER U 199 -76.47 -17.13 -41.19
CA SER U 199 -75.74 -17.22 -39.93
C SER U 199 -76.18 -16.13 -38.97
N GLU U 200 -76.05 -14.87 -39.40
CA GLU U 200 -76.44 -13.74 -38.59
C GLU U 200 -77.91 -13.80 -38.24
N ILE U 201 -78.73 -14.39 -39.12
CA ILE U 201 -80.11 -14.72 -38.75
C ILE U 201 -80.12 -15.67 -37.55
N GLU U 202 -79.27 -16.70 -37.58
CA GLU U 202 -79.23 -17.66 -36.48
C GLU U 202 -78.73 -17.03 -35.18
N GLN U 203 -77.77 -16.12 -35.28
CA GLN U 203 -77.23 -15.50 -34.07
C GLN U 203 -78.21 -14.50 -33.47
N LEU U 204 -78.81 -13.67 -34.31
CA LEU U 204 -79.67 -12.64 -33.75
C LEU U 204 -81.04 -13.19 -33.40
N LEU U 205 -81.43 -14.33 -33.98
CA LEU U 205 -82.66 -14.97 -33.56
C LEU U 205 -82.46 -15.80 -32.30
N SER U 206 -81.22 -15.97 -31.84
CA SER U 206 -81.00 -16.58 -30.53
C SER U 206 -81.43 -15.68 -29.39
N LYS U 207 -81.54 -14.38 -29.65
CA LYS U 207 -81.94 -13.42 -28.63
C LYS U 207 -83.25 -12.74 -29.00
N ALA V 3 -19.35 -55.19 3.70
CA ALA V 3 -18.47 -56.07 4.45
C ALA V 3 -17.01 -55.69 4.23
N LYS V 4 -16.79 -54.78 3.28
CA LYS V 4 -15.45 -54.31 2.99
C LYS V 4 -14.93 -53.33 4.02
N SER V 5 -15.83 -52.79 4.86
CA SER V 5 -15.45 -51.83 5.90
C SER V 5 -14.51 -52.46 6.93
N ALA V 6 -14.66 -53.75 7.21
CA ALA V 6 -13.71 -54.43 8.09
C ALA V 6 -12.34 -54.58 7.42
N ALA V 7 -12.33 -54.80 6.10
CA ALA V 7 -11.08 -54.89 5.35
C ALA V 7 -10.37 -53.54 5.35
N ASN V 8 -11.13 -52.45 5.24
CA ASN V 8 -10.50 -51.14 5.25
C ASN V 8 -10.14 -50.68 6.66
N LYS V 9 -10.86 -51.17 7.67
CA LYS V 9 -10.44 -50.98 9.05
C LYS V 9 -9.10 -51.66 9.31
N LEU V 10 -8.95 -52.90 8.81
CA LEU V 10 -7.68 -53.59 8.86
C LEU V 10 -6.62 -52.86 8.04
N ASP V 11 -7.04 -52.20 6.95
CA ASP V 11 -6.11 -51.43 6.12
C ASP V 11 -5.58 -50.22 6.88
N TRP V 12 -6.43 -49.50 7.62
CA TRP V 12 -5.90 -48.37 8.37
C TRP V 12 -5.14 -48.81 9.61
N ALA V 13 -5.49 -49.96 10.17
CA ALA V 13 -4.62 -50.57 11.19
C ALA V 13 -3.25 -50.89 10.62
N LYS V 14 -3.21 -51.36 9.38
CA LYS V 14 -1.93 -51.59 8.73
C LYS V 14 -1.25 -50.30 8.29
N VAL V 15 -1.99 -49.21 8.13
CA VAL V 15 -1.35 -47.92 7.88
C VAL V 15 -0.65 -47.41 9.14
N ILE V 16 -1.38 -47.43 10.27
CA ILE V 16 -0.77 -46.99 11.53
C ILE V 16 0.26 -47.97 12.06
N SER V 17 0.31 -49.19 11.53
CA SER V 17 1.45 -50.07 11.77
C SER V 17 2.51 -50.00 10.67
N SER V 18 2.17 -49.47 9.50
CA SER V 18 3.12 -49.20 8.43
C SER V 18 3.85 -47.90 8.64
N LEU V 19 3.45 -47.16 9.68
CA LEU V 19 4.33 -46.15 10.26
C LEU V 19 5.67 -46.75 10.68
N ARG V 20 5.67 -48.02 11.12
CA ARG V 20 6.90 -48.71 11.45
C ARG V 20 7.77 -49.01 10.24
N ILE V 21 7.21 -49.00 9.03
CA ILE V 21 7.97 -49.25 7.80
C ILE V 21 7.66 -48.12 6.82
N THR V 22 8.45 -47.05 6.90
CA THR V 22 8.25 -45.90 6.03
C THR V 22 9.02 -46.10 4.73
N GLY V 23 8.31 -46.01 3.61
CA GLY V 23 8.92 -46.27 2.32
C GLY V 23 8.41 -47.53 1.67
N SER V 24 7.17 -47.89 2.00
CA SER V 24 6.49 -48.98 1.30
C SER V 24 6.21 -48.56 -0.13
N THR V 25 6.86 -49.24 -1.08
CA THR V 25 6.86 -48.78 -2.46
C THR V 25 5.50 -49.01 -3.13
N ALA V 26 4.96 -50.22 -2.99
CA ALA V 26 3.75 -50.56 -3.73
C ALA V 26 2.65 -51.21 -2.89
N THR V 27 2.85 -51.38 -1.58
CA THR V 27 1.77 -51.90 -0.75
C THR V 27 0.70 -50.84 -0.51
N GLN V 28 1.13 -49.62 -0.21
CA GLN V 28 0.22 -48.49 -0.21
C GLN V 28 -0.32 -48.20 -1.61
N LEU V 29 0.47 -48.48 -2.64
CA LEU V 29 -0.04 -48.40 -4.01
C LEU V 29 -1.01 -49.53 -4.30
N SER V 30 -0.87 -50.67 -3.61
CA SER V 30 -1.86 -51.74 -3.77
C SER V 30 -3.18 -51.34 -3.11
N SER V 31 -3.12 -50.69 -1.95
CA SER V 31 -4.32 -50.11 -1.35
C SER V 31 -4.90 -49.01 -2.23
N PHE V 32 -4.03 -48.24 -2.91
CA PHE V 32 -4.47 -47.23 -3.85
C PHE V 32 -5.21 -47.86 -5.02
N LYS V 33 -4.69 -48.95 -5.59
CA LYS V 33 -5.34 -49.59 -6.72
C LYS V 33 -6.65 -50.25 -6.32
N LYS V 34 -6.71 -50.83 -5.11
CA LYS V 34 -7.97 -51.44 -4.69
C LYS V 34 -9.02 -50.39 -4.39
N ARG V 35 -8.61 -49.22 -3.86
CA ARG V 35 -9.57 -48.14 -3.68
C ARG V 35 -10.00 -47.57 -5.03
N ASN V 36 -9.07 -47.52 -5.99
CA ASN V 36 -9.36 -46.98 -7.31
C ASN V 36 -10.41 -47.82 -8.02
N ASP V 37 -10.17 -49.12 -8.15
CA ASP V 37 -11.15 -49.91 -8.88
C ASP V 37 -12.37 -50.24 -8.04
N GLU V 38 -12.30 -50.14 -6.70
CA GLU V 38 -13.51 -50.24 -5.90
C GLU V 38 -14.41 -49.03 -6.10
N ALA V 39 -13.83 -47.83 -6.11
CA ALA V 39 -14.58 -46.63 -6.45
C ALA V 39 -15.10 -46.69 -7.88
N ARG V 40 -14.35 -47.29 -8.80
CA ARG V 40 -14.81 -47.46 -10.16
C ARG V 40 -16.01 -48.40 -10.25
N ARG V 41 -15.96 -49.53 -9.55
CA ARG V 41 -17.05 -50.49 -9.66
C ARG V 41 -18.30 -50.02 -8.93
N GLN V 42 -18.15 -49.27 -7.84
CA GLN V 42 -19.35 -48.82 -7.14
C GLN V 42 -20.08 -47.73 -7.95
N LEU V 43 -19.33 -46.84 -8.60
CA LEU V 43 -19.97 -45.89 -9.50
C LEU V 43 -20.48 -46.58 -10.75
N LEU V 44 -19.87 -47.70 -11.12
CA LEU V 44 -20.33 -48.42 -12.30
C LEU V 44 -21.65 -49.13 -12.03
N GLU V 45 -21.81 -49.70 -10.84
CA GLU V 45 -23.06 -50.37 -10.51
C GLU V 45 -24.14 -49.37 -10.11
N LEU V 46 -23.79 -48.23 -9.53
CA LEU V 46 -24.78 -47.21 -9.26
C LEU V 46 -25.18 -46.47 -10.53
N GLN V 47 -24.24 -46.32 -11.47
CA GLN V 47 -24.53 -45.73 -12.77
C GLN V 47 -25.37 -46.66 -13.62
N SER V 48 -25.30 -47.96 -13.38
CA SER V 48 -25.96 -48.93 -14.23
C SER V 48 -27.48 -48.86 -14.05
N GLN V 49 -28.16 -48.84 -15.19
CA GLN V 49 -29.60 -49.00 -15.26
C GLN V 49 -29.95 -50.47 -15.18
N PRO V 50 -31.23 -50.82 -15.15
CA PRO V 50 -31.61 -52.14 -15.67
C PRO V 50 -31.29 -52.14 -17.16
N THR V 51 -30.25 -52.88 -17.53
CA THR V 51 -29.59 -52.73 -18.83
C THR V 51 -30.46 -53.33 -19.93
N GLU V 52 -31.44 -52.54 -20.37
CA GLU V 52 -32.41 -53.03 -21.32
C GLU V 52 -33.07 -51.86 -22.03
N VAL V 53 -33.75 -52.17 -23.13
CA VAL V 53 -34.66 -51.23 -23.78
C VAL V 53 -36.07 -51.56 -23.32
N ASP V 54 -36.78 -50.54 -22.83
CA ASP V 54 -38.15 -50.74 -22.36
C ASP V 54 -39.08 -51.03 -23.53
N PHE V 55 -39.40 -52.31 -23.72
CA PHE V 55 -40.30 -52.75 -24.78
C PHE V 55 -41.72 -52.24 -24.59
N SER V 56 -42.14 -51.96 -23.36
CA SER V 56 -43.48 -51.46 -23.12
C SER V 56 -43.59 -49.99 -23.49
N HIS V 57 -42.85 -49.13 -22.78
CA HIS V 57 -42.91 -47.70 -23.06
C HIS V 57 -42.00 -47.30 -24.21
N TYR V 58 -40.69 -47.44 -24.00
CA TYR V 58 -39.68 -46.80 -24.83
C TYR V 58 -39.56 -47.41 -26.23
N ARG V 59 -40.07 -48.62 -26.42
CA ARG V 59 -40.30 -49.12 -27.77
C ARG V 59 -41.54 -48.53 -28.41
N SER V 60 -42.65 -48.48 -27.67
CA SER V 60 -43.88 -47.93 -28.20
C SER V 60 -43.86 -46.41 -28.31
N VAL V 61 -42.85 -45.75 -27.74
CA VAL V 61 -42.61 -44.34 -28.05
C VAL V 61 -42.30 -44.17 -29.52
N LEU V 62 -41.38 -44.98 -30.05
CA LEU V 62 -41.12 -44.98 -31.48
C LEU V 62 -42.25 -45.73 -32.17
N LYS V 63 -43.12 -44.98 -32.85
CA LYS V 63 -44.22 -45.55 -33.61
C LYS V 63 -43.74 -46.08 -34.96
N ASN V 64 -42.48 -45.84 -35.29
CA ASN V 64 -41.87 -46.22 -36.56
C ASN V 64 -40.78 -47.22 -36.26
N THR V 65 -41.15 -48.26 -35.51
CA THR V 65 -40.28 -49.10 -34.67
C THR V 65 -39.09 -49.69 -35.41
N SER V 66 -39.32 -50.68 -36.28
CA SER V 66 -38.45 -51.09 -37.38
C SER V 66 -37.03 -51.56 -37.04
N VAL V 67 -36.52 -51.26 -35.84
CA VAL V 67 -35.18 -51.67 -35.43
C VAL V 67 -35.19 -52.12 -33.98
N ILE V 68 -36.27 -51.80 -33.24
CA ILE V 68 -36.23 -52.02 -31.80
C ILE V 68 -36.33 -53.50 -31.49
N ASP V 69 -37.07 -54.25 -32.30
CA ASP V 69 -37.02 -55.70 -32.22
C ASP V 69 -35.63 -56.22 -32.58
N LYS V 70 -34.99 -55.60 -33.58
CA LYS V 70 -33.65 -56.00 -34.01
C LYS V 70 -32.62 -55.77 -32.92
N ILE V 71 -32.56 -54.54 -32.38
CA ILE V 71 -31.57 -54.26 -31.33
C ILE V 71 -31.96 -54.92 -30.01
N GLU V 72 -33.24 -55.18 -29.79
CA GLU V 72 -33.67 -55.85 -28.57
C GLU V 72 -33.23 -57.31 -28.58
N SER V 73 -33.44 -57.99 -29.71
CA SER V 73 -32.95 -59.35 -29.84
C SER V 73 -31.43 -59.39 -30.01
N TYR V 74 -30.82 -58.26 -30.37
CA TYR V 74 -29.37 -58.17 -30.38
C TYR V 74 -28.81 -58.13 -28.96
N VAL V 75 -29.50 -57.41 -28.07
CA VAL V 75 -29.09 -57.38 -26.67
C VAL V 75 -29.39 -58.72 -26.00
N LYS V 76 -30.58 -59.28 -26.24
CA LYS V 76 -30.92 -60.60 -25.71
C LYS V 76 -30.07 -61.70 -26.32
N GLN V 77 -29.53 -61.47 -27.52
CA GLN V 77 -28.53 -62.37 -28.09
C GLN V 77 -27.25 -62.34 -27.27
N TYR V 78 -26.75 -61.14 -26.99
CA TYR V 78 -25.54 -60.97 -26.21
C TYR V 78 -25.83 -60.81 -24.72
N LYS V 79 -27.01 -61.27 -24.28
CA LYS V 79 -27.37 -61.35 -22.88
C LYS V 79 -26.44 -62.30 -22.10
N PRO V 80 -25.95 -63.43 -22.68
CA PRO V 80 -24.71 -64.01 -22.14
C PRO V 80 -23.48 -63.26 -22.66
N VAL V 81 -23.09 -62.19 -21.96
CA VAL V 81 -22.06 -61.25 -22.40
C VAL V 81 -20.71 -61.95 -22.52
N LYS V 82 -20.16 -62.37 -21.39
CA LYS V 82 -18.86 -63.02 -21.24
C LYS V 82 -18.71 -63.39 -19.78
N ILE V 83 -18.12 -64.55 -19.51
CA ILE V 83 -17.86 -64.97 -18.15
C ILE V 83 -16.69 -64.18 -17.57
N ASP V 84 -16.55 -64.24 -16.25
CA ASP V 84 -15.53 -63.48 -15.55
C ASP V 84 -14.17 -64.16 -15.60
N ALA V 85 -13.22 -63.70 -14.80
CA ALA V 85 -11.86 -64.23 -14.81
C ALA V 85 -11.47 -64.63 -13.39
N SER V 86 -11.86 -65.82 -12.97
CA SER V 86 -11.32 -66.44 -11.76
C SER V 86 -10.16 -67.35 -12.12
N LYS V 87 -9.21 -66.82 -12.88
CA LYS V 87 -8.17 -67.64 -13.47
C LYS V 87 -7.07 -67.95 -12.46
N GLN V 88 -6.72 -66.98 -11.64
CA GLN V 88 -5.66 -67.18 -10.65
C GLN V 88 -6.15 -68.07 -9.52
N LEU V 89 -5.60 -69.27 -9.46
CA LEU V 89 -5.64 -70.07 -8.26
C LEU V 89 -4.32 -70.79 -8.02
N GLN V 90 -3.29 -70.50 -8.82
CA GLN V 90 -1.99 -71.16 -8.77
C GLN V 90 -0.84 -70.21 -8.51
N VAL V 91 -0.83 -69.04 -9.13
CA VAL V 91 0.23 -68.07 -8.86
C VAL V 91 -0.11 -67.22 -7.63
N ILE V 92 -1.39 -66.95 -7.40
CA ILE V 92 -1.81 -66.18 -6.24
C ILE V 92 -1.57 -66.96 -4.95
N GLU V 93 -1.73 -68.29 -4.99
CA GLU V 93 -1.43 -69.09 -3.82
C GLU V 93 0.07 -69.18 -3.60
N SER V 94 0.88 -69.00 -4.66
CA SER V 94 2.31 -68.92 -4.47
C SER V 94 2.72 -67.61 -3.83
N PHE V 95 2.05 -66.50 -4.20
CA PHE V 95 2.31 -65.23 -3.54
C PHE V 95 1.98 -65.30 -2.05
N GLU V 96 0.80 -65.85 -1.70
CA GLU V 96 0.50 -65.97 -0.27
C GLU V 96 1.30 -67.09 0.39
N LYS V 97 1.89 -68.00 -0.39
CA LYS V 97 2.79 -69.00 0.18
C LYS V 97 4.10 -68.35 0.62
N HIS V 98 4.69 -67.51 -0.23
CA HIS V 98 5.84 -66.72 0.18
C HIS V 98 5.49 -65.78 1.32
N ALA V 99 4.25 -65.27 1.33
CA ALA V 99 3.77 -64.42 2.41
C ALA V 99 3.75 -65.16 3.74
N MET V 100 3.12 -66.33 3.77
CA MET V 100 3.05 -67.11 5.00
C MET V 100 4.43 -67.61 5.41
N THR V 101 5.30 -67.89 4.43
CA THR V 101 6.67 -68.29 4.69
C THR V 101 7.44 -67.22 5.45
N ASN V 102 7.59 -66.04 4.84
CA ASN V 102 8.36 -64.97 5.45
C ASN V 102 7.67 -64.43 6.70
N ALA V 103 6.34 -64.51 6.75
CA ALA V 103 5.59 -64.07 7.93
C ALA V 103 5.86 -64.98 9.12
N LYS V 104 5.81 -66.30 8.93
CA LYS V 104 6.07 -67.18 10.06
C LYS V 104 7.53 -67.19 10.45
N GLU V 105 8.44 -66.95 9.49
CA GLU V 105 9.84 -66.70 9.82
C GLU V 105 10.00 -65.52 10.77
N THR V 106 9.41 -64.39 10.39
CA THR V 106 9.43 -63.18 11.22
C THR V 106 8.77 -63.41 12.57
N GLU V 107 7.62 -64.08 12.58
CA GLU V 107 6.84 -64.27 13.80
C GLU V 107 7.57 -65.16 14.79
N SER V 108 8.13 -66.27 14.31
CA SER V 108 8.91 -67.13 15.19
C SER V 108 10.16 -66.44 15.68
N LEU V 109 10.82 -65.65 14.82
CA LEU V 109 12.04 -64.97 15.26
C LEU V 109 11.75 -63.90 16.32
N VAL V 110 10.65 -63.15 16.15
CA VAL V 110 10.37 -62.11 17.15
C VAL V 110 9.81 -62.72 18.42
N SER V 111 9.07 -63.84 18.32
CA SER V 111 8.56 -64.49 19.52
C SER V 111 9.67 -65.14 20.32
N LYS V 112 10.75 -65.55 19.63
CA LYS V 112 11.94 -65.99 20.36
C LYS V 112 12.68 -64.81 20.96
N GLU V 113 12.98 -63.79 20.16
CA GLU V 113 13.89 -62.74 20.59
C GLU V 113 13.27 -61.80 21.60
N LEU V 114 11.94 -61.73 21.70
CA LEU V 114 11.29 -60.95 22.75
C LEU V 114 11.64 -61.50 24.13
N LYS V 115 11.41 -62.79 24.35
CA LYS V 115 11.77 -63.41 25.62
C LYS V 115 13.28 -63.52 25.78
N ASP V 116 14.02 -63.63 24.67
CA ASP V 116 15.48 -63.64 24.73
C ASP V 116 16.03 -62.32 25.28
N LEU V 117 15.53 -61.20 24.77
CA LEU V 117 16.04 -59.92 25.25
C LEU V 117 15.43 -59.52 26.58
N GLN V 118 14.25 -60.06 26.93
CA GLN V 118 13.75 -59.91 28.29
C GLN V 118 14.65 -60.65 29.28
N SER V 119 15.11 -61.84 28.91
CA SER V 119 16.07 -62.57 29.74
C SER V 119 17.41 -61.86 29.77
N THR V 120 17.78 -61.18 28.69
CA THR V 120 18.99 -60.37 28.68
C THR V 120 18.87 -59.19 29.65
N LEU V 121 17.69 -58.57 29.72
CA LEU V 121 17.44 -57.50 30.68
C LEU V 121 17.47 -58.01 32.11
N ASP V 122 16.90 -59.20 32.35
CA ASP V 122 16.97 -59.78 33.68
C ASP V 122 18.39 -60.18 34.04
N ASN V 123 19.18 -60.56 33.05
CA ASN V 123 20.59 -60.90 33.25
C ASN V 123 21.40 -59.66 33.59
N ILE V 124 21.06 -58.52 32.98
CA ILE V 124 21.72 -57.27 33.32
C ILE V 124 21.25 -56.76 34.67
N GLN V 125 20.09 -57.23 35.13
CA GLN V 125 19.48 -56.71 36.34
C GLN V 125 20.22 -57.13 37.60
N SER V 126 20.59 -58.41 37.70
CA SER V 126 21.14 -58.95 38.93
C SER V 126 22.55 -59.51 38.78
N ALA V 127 23.24 -59.21 37.68
CA ALA V 127 24.58 -59.74 37.44
C ALA V 127 25.52 -58.64 36.97
N ARG V 128 25.56 -57.53 37.70
CA ARG V 128 26.45 -56.41 37.40
C ARG V 128 27.44 -56.23 38.55
N PRO V 129 28.61 -56.88 38.50
CA PRO V 129 29.65 -56.65 39.52
C PRO V 129 30.57 -55.49 39.13
N PHE V 130 30.00 -54.29 39.05
CA PHE V 130 30.73 -53.16 38.49
C PHE V 130 31.77 -52.57 39.43
N ASP V 131 31.95 -53.16 40.63
CA ASP V 131 33.00 -52.75 41.55
C ASP V 131 33.92 -53.90 41.93
N GLU V 132 33.64 -55.12 41.46
CA GLU V 132 34.40 -56.29 41.90
C GLU V 132 34.68 -57.28 40.77
N LEU V 133 34.53 -56.90 39.51
CA LEU V 133 34.76 -57.84 38.43
C LEU V 133 36.26 -57.96 38.13
N THR V 134 36.66 -59.15 37.68
CA THR V 134 38.06 -59.47 37.44
C THR V 134 38.37 -59.31 35.95
N VAL V 135 39.56 -58.77 35.65
CA VAL V 135 39.99 -58.69 34.25
C VAL V 135 40.35 -60.07 33.70
N ASP V 136 40.70 -61.01 34.57
CA ASP V 136 40.84 -62.39 34.14
C ASP V 136 39.48 -62.98 33.79
N ASP V 137 38.42 -62.54 34.47
CA ASP V 137 37.07 -62.91 34.06
C ASP V 137 36.70 -62.24 32.74
N LEU V 138 37.33 -61.10 32.44
CA LEU V 138 37.11 -60.47 31.13
C LEU V 138 37.84 -61.21 30.02
N THR V 139 39.04 -61.70 30.31
CA THR V 139 39.75 -62.54 29.35
C THR V 139 39.04 -63.88 29.17
N LYS V 140 38.40 -64.37 30.25
CA LYS V 140 37.65 -65.60 30.18
C LYS V 140 36.34 -65.43 29.42
N ILE V 141 35.64 -64.31 29.61
CA ILE V 141 34.43 -64.06 28.85
C ILE V 141 34.77 -63.62 27.43
N LYS V 142 35.96 -63.05 27.20
CA LYS V 142 36.39 -62.58 25.89
C LYS V 142 37.87 -62.86 25.71
N PRO V 143 38.25 -63.93 25.01
CA PRO V 143 39.66 -64.12 24.65
C PRO V 143 40.14 -63.16 23.57
N GLU V 144 39.20 -62.45 22.92
CA GLU V 144 39.54 -61.33 22.04
C GLU V 144 40.31 -60.25 22.77
N ILE V 145 40.05 -60.09 24.09
CA ILE V 145 40.83 -59.19 24.93
C ILE V 145 42.30 -59.61 24.94
N ASP V 146 42.56 -60.89 25.21
CA ASP V 146 43.91 -61.42 25.23
C ASP V 146 44.58 -61.31 23.86
N ALA V 147 43.82 -61.55 22.80
CA ALA V 147 44.37 -61.46 21.45
C ALA V 147 44.79 -60.04 21.10
N LYS V 148 43.93 -59.06 21.44
CA LYS V 148 44.27 -57.67 21.16
C LYS V 148 45.40 -57.17 22.04
N VAL V 149 45.47 -57.63 23.29
CA VAL V 149 46.57 -57.27 24.17
C VAL V 149 47.90 -57.80 23.65
N GLU V 150 47.92 -59.08 23.26
CA GLU V 150 49.16 -59.68 22.78
C GLU V 150 49.58 -59.10 21.44
N GLU V 151 48.62 -58.86 20.54
CA GLU V 151 48.96 -58.24 19.26
C GLU V 151 49.38 -56.78 19.44
N MET V 152 48.80 -56.09 20.42
CA MET V 152 49.16 -54.72 20.70
C MET V 152 50.55 -54.63 21.27
N VAL V 153 50.97 -55.65 22.02
CA VAL V 153 52.36 -55.71 22.46
C VAL V 153 53.28 -56.04 21.30
N LYS V 154 52.91 -57.05 20.49
CA LYS V 154 53.85 -57.58 19.51
C LYS V 154 54.06 -56.64 18.33
N LYS V 155 53.01 -55.95 17.88
CA LYS V 155 53.23 -54.96 16.83
C LYS V 155 53.94 -53.74 17.39
N GLY V 156 53.67 -53.40 18.63
CA GLY V 156 54.31 -52.27 19.26
C GLY V 156 53.53 -50.97 19.22
N LYS V 157 52.23 -51.02 18.93
CA LYS V 157 51.37 -49.84 19.05
C LYS V 157 51.00 -49.67 20.52
N TRP V 158 51.96 -49.17 21.29
CA TRP V 158 51.77 -49.05 22.74
C TRP V 158 50.85 -47.90 23.10
N ASP V 159 50.50 -47.05 22.14
CA ASP V 159 49.37 -46.15 22.30
C ASP V 159 48.10 -46.97 22.42
N VAL V 160 47.20 -46.53 23.30
CA VAL V 160 45.86 -47.11 23.40
C VAL V 160 44.89 -46.07 22.85
N PRO V 161 44.58 -46.09 21.56
CA PRO V 161 43.76 -45.03 20.98
C PRO V 161 42.31 -45.12 21.41
N GLY V 162 41.68 -43.96 21.57
CA GLY V 162 40.31 -43.91 22.03
C GLY V 162 40.11 -44.26 23.48
N TYR V 163 41.18 -44.26 24.28
CA TYR V 163 41.09 -44.49 25.72
C TYR V 163 41.08 -43.21 26.50
N LYS V 164 41.94 -42.26 26.10
CA LYS V 164 42.21 -41.06 26.89
C LYS V 164 41.01 -40.12 26.96
N ASP V 165 40.06 -40.26 26.04
CA ASP V 165 38.90 -39.38 25.99
C ASP V 165 37.99 -39.57 27.21
N ARG V 166 37.47 -40.78 27.42
CA ARG V 166 36.59 -41.01 28.56
C ARG V 166 37.34 -41.51 29.78
N PHE V 167 38.56 -42.00 29.61
CA PHE V 167 39.39 -42.50 30.68
C PHE V 167 40.71 -41.74 30.64
N GLY V 168 40.78 -40.66 31.41
CA GLY V 168 41.91 -39.75 31.31
C GLY V 168 43.21 -40.35 31.80
N ASN V 169 44.32 -39.75 31.35
CA ASN V 169 45.63 -40.35 31.56
C ASN V 169 46.14 -40.13 32.99
N LEU V 170 45.46 -39.25 33.72
CA LEU V 170 45.75 -38.90 35.12
C LEU V 170 47.21 -38.96 35.56
N ASN V 171 48.12 -38.55 34.68
CA ASN V 171 49.53 -38.56 35.01
C ASN V 171 50.00 -37.20 35.54
N VAL V 172 51.31 -37.08 35.73
CA VAL V 172 51.89 -35.82 36.20
C VAL V 172 51.81 -34.77 35.10
N MET V 173 52.30 -35.09 33.91
CA MET V 173 52.18 -34.18 32.78
C MET V 173 51.16 -34.71 31.79
N GLN W 4 -72.35 -24.73 -42.29
CA GLN W 4 -71.59 -23.54 -42.67
C GLN W 4 -70.69 -23.84 -43.86
N ASP W 5 -71.13 -23.43 -45.05
CA ASP W 5 -70.42 -23.76 -46.29
C ASP W 5 -69.04 -23.14 -46.37
N LEU W 6 -68.83 -22.02 -45.68
CA LEU W 6 -67.51 -21.48 -45.41
C LEU W 6 -66.67 -22.56 -44.74
N TYR W 7 -67.11 -22.94 -43.53
CA TYR W 7 -66.44 -23.94 -42.72
C TYR W 7 -66.31 -25.26 -43.46
N LEU W 8 -67.41 -25.75 -44.02
CA LEU W 8 -67.41 -27.08 -44.60
C LEU W 8 -66.53 -27.17 -45.84
N ARG W 9 -66.60 -26.18 -46.75
CA ARG W 9 -65.80 -26.30 -47.96
C ARG W 9 -64.33 -26.02 -47.70
N GLU W 10 -64.03 -25.09 -46.77
CA GLU W 10 -62.64 -24.89 -46.36
C GLU W 10 -62.07 -26.14 -45.72
N LEU W 11 -62.83 -26.80 -44.85
CA LEU W 11 -62.32 -27.98 -44.16
C LEU W 11 -62.25 -29.18 -45.09
N LYS W 12 -63.13 -29.27 -46.09
CA LYS W 12 -63.04 -30.39 -47.02
C LYS W 12 -61.86 -30.22 -47.98
N ASP W 13 -61.59 -29.00 -48.44
CA ASP W 13 -60.35 -28.80 -49.20
C ASP W 13 -59.13 -28.97 -48.32
N THR W 14 -59.25 -28.61 -47.04
CA THR W 14 -58.19 -28.76 -46.06
C THR W 14 -57.86 -30.22 -45.83
N LYS W 15 -58.87 -31.08 -45.83
CA LYS W 15 -58.62 -32.50 -45.69
C LYS W 15 -58.16 -33.11 -47.01
N LEU W 16 -58.81 -32.72 -48.11
CA LEU W 16 -58.71 -33.44 -49.37
C LEU W 16 -57.44 -33.15 -50.14
N ALA W 17 -57.00 -31.89 -50.20
CA ALA W 17 -55.80 -31.60 -50.99
C ALA W 17 -54.52 -32.20 -50.40
N PRO W 18 -54.38 -32.41 -49.09
CA PRO W 18 -53.37 -33.37 -48.61
C PRO W 18 -53.82 -34.82 -48.54
N SER W 19 -55.10 -35.13 -48.80
CA SER W 19 -55.49 -36.54 -48.78
C SER W 19 -54.95 -37.31 -49.97
N THR W 20 -54.60 -36.61 -51.06
CA THR W 20 -53.83 -37.23 -52.14
C THR W 20 -52.35 -37.33 -51.82
N LEU W 21 -51.90 -36.76 -50.70
CA LEU W 21 -50.52 -36.90 -50.25
C LEU W 21 -50.34 -37.97 -49.18
N GLN W 22 -51.38 -38.28 -48.41
CA GLN W 22 -51.24 -39.17 -47.27
C GLN W 22 -52.12 -40.41 -47.36
N ASP W 23 -53.40 -40.26 -47.71
CA ASP W 23 -54.30 -41.40 -47.76
C ASP W 23 -54.02 -42.28 -48.97
N ALA W 24 -54.22 -41.75 -50.17
CA ALA W 24 -53.88 -42.43 -51.41
C ALA W 24 -52.51 -41.96 -51.86
N GLU W 25 -51.62 -42.92 -52.06
CA GLU W 25 -50.25 -42.66 -52.47
C GLU W 25 -50.13 -42.20 -53.92
N GLY W 26 -50.64 -41.00 -54.20
CA GLY W 26 -50.56 -40.43 -55.52
C GLY W 26 -49.54 -39.30 -55.49
N ASN W 27 -48.43 -39.57 -54.81
CA ASN W 27 -47.34 -38.61 -54.64
C ASN W 27 -47.88 -37.27 -54.15
N VAL W 28 -47.82 -36.27 -55.01
CA VAL W 28 -48.29 -34.93 -54.69
C VAL W 28 -48.42 -34.13 -55.97
N LYS W 29 -49.64 -33.94 -56.44
CA LYS W 29 -49.86 -33.18 -57.67
C LYS W 29 -49.18 -31.81 -57.69
N PRO W 30 -49.30 -30.91 -56.66
CA PRO W 30 -48.66 -29.58 -56.82
C PRO W 30 -47.14 -29.58 -56.68
N TRP W 31 -46.58 -30.47 -55.86
CA TRP W 31 -45.13 -30.49 -55.67
C TRP W 31 -44.48 -31.16 -56.87
N ASN W 32 -43.54 -30.45 -57.51
CA ASN W 32 -42.74 -31.05 -58.57
C ASN W 32 -41.68 -32.04 -58.07
N PRO W 33 -40.97 -31.82 -56.94
CA PRO W 33 -40.20 -32.93 -56.38
C PRO W 33 -41.11 -33.96 -55.73
N PRO W 34 -40.74 -35.24 -55.78
CA PRO W 34 -41.56 -36.26 -55.14
C PRO W 34 -41.36 -36.28 -53.64
N GLN W 35 -42.33 -36.90 -52.95
CA GLN W 35 -42.34 -36.99 -51.49
C GLN W 35 -41.91 -38.37 -51.00
N LYS W 36 -42.05 -39.40 -51.83
CA LYS W 36 -41.68 -40.76 -51.41
C LYS W 36 -40.18 -41.00 -51.25
N PRO W 37 -39.23 -40.59 -52.20
CA PRO W 37 -37.82 -40.86 -51.97
C PRO W 37 -37.10 -39.80 -51.14
N ASN W 38 -37.77 -39.31 -50.10
CA ASN W 38 -37.12 -38.41 -49.15
C ASN W 38 -37.12 -39.00 -47.74
N LEU W 39 -38.28 -39.16 -47.11
CA LEU W 39 -38.31 -39.68 -45.75
C LEU W 39 -38.37 -41.22 -45.67
N PRO W 40 -39.25 -41.94 -46.38
CA PRO W 40 -39.22 -43.41 -46.23
C PRO W 40 -38.16 -44.12 -47.06
N GLU W 41 -37.40 -43.43 -47.91
CA GLU W 41 -36.36 -44.10 -48.67
C GLU W 41 -34.97 -43.57 -48.39
N LEU W 42 -34.73 -42.28 -48.63
CA LEU W 42 -33.40 -41.73 -48.46
C LEU W 42 -33.07 -41.51 -46.99
N GLU W 43 -33.92 -40.75 -46.30
CA GLU W 43 -33.76 -40.54 -44.88
C GLU W 43 -34.51 -41.56 -44.04
N LEU W 44 -34.88 -42.72 -44.61
CA LEU W 44 -35.21 -43.86 -43.77
C LEU W 44 -33.97 -44.35 -43.03
N GLN W 45 -32.80 -44.21 -43.67
CA GLN W 45 -31.52 -44.31 -43.00
C GLN W 45 -31.08 -42.99 -42.38
N GLY W 46 -32.00 -42.05 -42.22
CA GLY W 46 -31.78 -40.74 -41.66
C GLY W 46 -31.10 -40.64 -40.31
N PRO W 47 -31.67 -41.26 -39.25
CA PRO W 47 -30.98 -41.23 -37.95
C PRO W 47 -29.68 -42.00 -37.95
N GLU W 48 -29.54 -43.00 -38.82
CA GLU W 48 -28.26 -43.67 -39.00
C GLU W 48 -27.45 -43.05 -40.13
N ALA W 49 -27.98 -42.02 -40.79
CA ALA W 49 -27.15 -41.01 -41.43
C ALA W 49 -26.87 -39.85 -40.49
N LEU W 50 -27.65 -39.73 -39.42
CA LEU W 50 -27.38 -38.82 -38.33
C LEU W 50 -26.52 -39.43 -37.24
N LYS W 51 -26.49 -40.76 -37.14
CA LYS W 51 -25.55 -41.47 -36.30
C LYS W 51 -24.64 -42.33 -37.17
N ALA W 52 -23.79 -43.11 -36.52
CA ALA W 52 -22.90 -44.01 -37.24
C ALA W 52 -23.61 -45.33 -37.53
N TYR W 53 -23.50 -45.78 -38.78
CA TYR W 53 -23.98 -47.10 -39.15
C TYR W 53 -22.90 -48.13 -38.85
N THR W 54 -23.34 -49.39 -38.72
CA THR W 54 -22.60 -50.66 -38.62
C THR W 54 -21.61 -50.76 -37.46
N GLU W 55 -21.49 -49.73 -36.63
CA GLU W 55 -20.86 -49.91 -35.34
C GLU W 55 -21.71 -49.37 -34.20
N GLN W 56 -22.38 -48.25 -34.40
CA GLN W 56 -23.19 -47.64 -33.36
C GLN W 56 -24.60 -48.20 -33.34
N ASN W 57 -25.20 -48.37 -34.51
CA ASN W 57 -26.58 -48.80 -34.62
C ASN W 57 -26.69 -50.32 -34.68
N VAL W 58 -25.69 -50.99 -35.25
CA VAL W 58 -25.53 -52.44 -35.08
C VAL W 58 -25.05 -52.77 -33.68
N GLU W 59 -24.46 -51.80 -32.98
CA GLU W 59 -24.21 -51.66 -31.55
C GLU W 59 -23.00 -52.45 -31.04
N THR W 60 -22.36 -53.29 -31.86
CA THR W 60 -21.07 -53.95 -31.59
C THR W 60 -21.06 -54.72 -30.27
N ALA W 61 -21.79 -55.84 -30.27
CA ALA W 61 -21.70 -56.76 -29.13
C ALA W 61 -20.30 -57.36 -29.13
N HIS W 62 -19.40 -56.70 -28.41
CA HIS W 62 -17.98 -56.94 -28.53
C HIS W 62 -17.51 -57.70 -27.30
N VAL W 63 -16.70 -58.72 -27.53
CA VAL W 63 -16.11 -59.50 -26.44
C VAL W 63 -15.09 -58.64 -25.73
N ALA W 64 -15.05 -58.75 -24.40
CA ALA W 64 -14.08 -57.99 -23.63
C ALA W 64 -12.68 -58.56 -23.85
N LYS W 65 -11.73 -57.66 -24.12
CA LYS W 65 -10.35 -58.06 -24.34
C LYS W 65 -9.75 -58.52 -23.02
N GLU W 66 -9.41 -59.79 -22.95
CA GLU W 66 -9.11 -60.45 -21.69
C GLU W 66 -7.69 -60.11 -21.24
N SER W 67 -7.60 -59.33 -20.17
CA SER W 67 -6.33 -59.13 -19.49
C SER W 67 -6.12 -60.23 -18.47
N GLU W 68 -4.85 -60.51 -18.15
CA GLU W 68 -4.48 -61.66 -17.35
C GLU W 68 -3.88 -61.23 -16.01
N GLU W 69 -3.41 -62.24 -15.27
CA GLU W 69 -2.63 -62.06 -14.05
C GLU W 69 -1.18 -61.82 -14.48
N GLY W 70 -0.25 -61.70 -13.53
CA GLY W 70 1.14 -61.42 -13.84
C GLY W 70 1.94 -62.57 -14.43
N GLU W 71 1.38 -63.17 -15.50
CA GLU W 71 2.04 -64.18 -16.35
C GLU W 71 2.42 -65.45 -15.59
N SER W 72 1.83 -65.66 -14.40
CA SER W 72 1.92 -66.88 -13.60
C SER W 72 3.36 -67.29 -13.28
N GLU W 73 4.22 -66.29 -13.06
CA GLU W 73 5.63 -66.53 -12.79
C GLU W 73 5.98 -65.93 -11.43
N PRO W 74 5.87 -66.76 -10.37
CA PRO W 74 6.13 -66.33 -9.00
C PRO W 74 7.43 -66.87 -8.40
N ILE W 75 8.54 -66.76 -9.13
CA ILE W 75 9.83 -67.23 -8.63
C ILE W 75 10.89 -66.16 -8.85
N GLU W 76 11.27 -65.98 -10.10
CA GLU W 76 12.27 -64.99 -10.50
C GLU W 76 11.85 -63.56 -10.22
N GLU W 77 10.58 -63.33 -9.90
CA GLU W 77 10.14 -62.01 -9.48
C GLU W 77 9.83 -61.91 -7.99
N ASP W 78 9.28 -62.96 -7.35
CA ASP W 78 9.04 -62.88 -5.91
C ASP W 78 10.32 -62.89 -5.11
N TRP W 79 11.34 -63.61 -5.56
CA TRP W 79 12.58 -63.61 -4.78
C TRP W 79 13.34 -62.30 -4.98
N LEU W 80 13.20 -61.67 -6.16
CA LEU W 80 13.75 -60.33 -6.31
C LEU W 80 12.94 -59.31 -5.51
N VAL W 81 11.63 -59.54 -5.36
CA VAL W 81 10.82 -58.71 -4.46
C VAL W 81 11.28 -58.88 -3.01
N LEU W 82 11.64 -60.10 -2.62
CA LEU W 82 12.07 -60.32 -1.24
C LEU W 82 13.45 -59.72 -0.99
N ASP W 83 14.34 -59.77 -2.00
CA ASP W 83 15.65 -59.12 -1.87
C ASP W 83 15.54 -57.61 -1.87
N ASP W 84 14.68 -57.04 -2.72
CA ASP W 84 14.44 -55.61 -2.69
C ASP W 84 13.68 -55.21 -1.44
N ALA W 85 12.98 -56.15 -0.81
CA ALA W 85 12.29 -55.84 0.44
C ALA W 85 13.27 -55.86 1.61
N GLU W 86 14.29 -56.73 1.55
CA GLU W 86 15.46 -56.58 2.41
C GLU W 86 16.09 -55.20 2.24
N GLU W 87 16.22 -54.75 0.99
CA GLU W 87 16.77 -53.41 0.73
C GLU W 87 15.90 -52.29 1.30
N THR W 88 14.58 -52.38 1.11
CA THR W 88 13.71 -51.33 1.62
C THR W 88 13.61 -51.37 3.14
N LYS W 89 13.76 -52.56 3.75
CA LYS W 89 13.78 -52.61 5.20
C LYS W 89 15.10 -52.10 5.75
N GLU W 90 16.20 -52.25 5.01
CA GLU W 90 17.43 -51.53 5.35
C GLU W 90 17.27 -50.03 5.15
N SER W 91 16.31 -49.63 4.31
CA SER W 91 15.93 -48.21 4.28
C SER W 91 14.84 -47.90 5.30
N HIS W 92 14.02 -48.88 5.69
CA HIS W 92 13.03 -48.64 6.74
C HIS W 92 13.71 -48.43 8.09
N VAL X 1 1.62 -53.35 -9.09
CA VAL X 1 1.03 -54.33 -9.98
C VAL X 1 0.40 -55.47 -9.18
N SER X 2 0.83 -55.61 -7.93
CA SER X 2 0.30 -56.60 -7.02
C SER X 2 0.52 -56.12 -5.59
N THR X 3 0.09 -56.93 -4.64
CA THR X 3 0.31 -56.62 -3.23
C THR X 3 1.78 -56.87 -2.88
N LEU X 4 2.56 -55.79 -2.83
CA LEU X 4 3.97 -55.85 -2.50
C LEU X 4 4.13 -56.14 -1.01
N ILE X 5 5.30 -56.65 -0.65
CA ILE X 5 5.43 -57.30 0.66
C ILE X 5 6.75 -56.98 1.39
N PRO X 6 6.92 -55.79 1.98
CA PRO X 6 7.90 -55.64 3.07
C PRO X 6 7.31 -55.52 4.48
N PRO X 7 6.40 -56.42 5.00
CA PRO X 7 6.19 -56.35 6.46
C PRO X 7 6.93 -57.43 7.25
N LYS X 8 7.51 -58.38 6.53
CA LYS X 8 7.87 -59.67 7.13
C LYS X 8 9.25 -60.11 6.70
N VAL X 9 10.13 -59.16 6.38
CA VAL X 9 11.42 -59.45 5.79
C VAL X 9 12.43 -59.20 6.90
N VAL X 10 11.96 -59.38 8.15
CA VAL X 10 12.77 -59.11 9.33
C VAL X 10 13.72 -60.25 9.63
N SER X 11 13.43 -61.47 9.13
CA SER X 11 14.13 -62.67 9.54
C SER X 11 15.58 -62.68 9.06
N SER X 12 15.81 -62.17 7.86
CA SER X 12 17.16 -62.06 7.34
C SER X 12 17.67 -60.61 7.31
N LYS X 13 16.92 -59.69 7.93
CA LYS X 13 17.40 -58.32 8.06
C LYS X 13 18.29 -58.15 9.27
N ASN X 14 18.11 -58.99 10.28
CA ASN X 14 18.60 -58.71 11.64
C ASN X 14 20.07 -59.06 11.84
N ILE X 15 20.89 -59.00 10.79
CA ILE X 15 22.32 -59.17 10.90
C ILE X 15 23.07 -57.86 10.70
N GLY X 16 22.70 -57.09 9.67
CA GLY X 16 23.56 -56.01 9.21
C GLY X 16 23.50 -54.73 10.02
N SER X 17 22.43 -54.52 10.78
CA SER X 17 22.26 -53.24 11.45
C SER X 17 23.15 -53.15 12.69
N ALA X 18 23.33 -51.92 13.16
CA ALA X 18 24.22 -51.60 14.27
C ALA X 18 23.75 -52.08 15.67
N PRO X 19 22.48 -52.04 16.06
CA PRO X 19 22.12 -52.67 17.35
C PRO X 19 22.21 -54.18 17.35
N ASN X 20 22.31 -54.82 16.19
CA ASN X 20 22.53 -56.26 16.15
C ASN X 20 23.93 -56.61 16.66
N ALA X 21 24.94 -55.84 16.25
CA ALA X 21 26.30 -56.10 16.71
C ALA X 21 26.45 -55.81 18.19
N LYS X 22 25.83 -54.72 18.66
CA LYS X 22 25.82 -54.42 20.09
C LYS X 22 25.07 -55.49 20.88
N ARG X 23 23.98 -56.00 20.31
CA ARG X 23 23.18 -57.02 20.99
C ARG X 23 23.95 -58.32 21.11
N ILE X 24 24.62 -58.75 20.02
CA ILE X 24 25.39 -59.98 20.10
C ILE X 24 26.68 -59.78 20.89
N ALA X 25 27.11 -58.54 21.09
CA ALA X 25 28.17 -58.30 22.05
C ALA X 25 27.68 -58.51 23.48
N ASN X 26 26.59 -57.84 23.85
CA ASN X 26 26.26 -57.76 25.26
C ASN X 26 25.39 -58.91 25.77
N VAL X 27 24.81 -59.73 24.89
CA VAL X 27 24.24 -60.98 25.41
C VAL X 27 25.35 -61.96 25.76
N VAL X 28 26.52 -61.82 25.12
CA VAL X 28 27.67 -62.59 25.54
C VAL X 28 28.31 -61.95 26.77
N HIS X 29 28.22 -60.63 26.90
CA HIS X 29 28.83 -59.94 28.03
C HIS X 29 28.10 -60.21 29.35
N PHE X 30 26.83 -60.62 29.31
CA PHE X 30 26.02 -60.64 30.53
C PHE X 30 26.00 -61.98 31.25
N TYR X 31 26.27 -63.10 30.57
CA TYR X 31 26.01 -64.38 31.23
C TYR X 31 27.12 -64.76 32.21
N LYS X 32 28.38 -64.51 31.85
CA LYS X 32 29.50 -64.97 32.67
C LYS X 32 29.85 -63.96 33.76
N SER X 33 29.17 -62.81 33.79
CA SER X 33 29.33 -61.86 34.88
C SER X 33 28.77 -62.44 36.17
N LEU X 34 29.58 -62.40 37.22
CA LEU X 34 29.19 -62.97 38.50
C LEU X 34 28.12 -62.08 39.16
N PRO X 35 27.09 -62.68 39.79
CA PRO X 35 25.87 -61.93 40.12
C PRO X 35 25.99 -60.81 41.15
N GLN X 36 26.42 -61.12 42.37
CA GLN X 36 26.29 -60.19 43.48
C GLN X 36 27.57 -60.15 44.31
N GLY X 37 28.71 -60.08 43.64
CA GLY X 37 29.98 -60.02 44.32
C GLY X 37 30.45 -61.41 44.72
N PRO X 38 29.92 -62.43 44.05
CA PRO X 38 30.28 -63.81 44.38
C PRO X 38 31.70 -64.14 43.92
N ALA X 39 32.28 -65.16 44.59
CA ALA X 39 33.62 -65.70 44.38
C ALA X 39 34.68 -64.62 44.48
N PRO X 40 34.62 -63.76 45.49
CA PRO X 40 35.62 -62.68 45.61
C PRO X 40 36.90 -63.15 46.27
N ALA X 41 36.83 -64.32 46.91
CA ALA X 41 37.93 -64.95 47.66
C ALA X 41 38.45 -64.00 48.75
N ILE X 42 37.59 -63.72 49.72
CA ILE X 42 37.89 -62.75 50.78
C ILE X 42 38.83 -63.30 51.83
N LYS X 43 39.10 -64.60 51.83
CA LYS X 43 40.00 -65.21 52.80
C LYS X 43 41.10 -65.96 52.06
N ALA X 44 42.34 -65.55 52.27
CA ALA X 44 43.49 -66.19 51.64
C ALA X 44 44.72 -65.99 52.51
N ASN X 45 45.60 -66.99 52.53
CA ASN X 45 46.82 -66.94 53.34
C ASN X 45 47.91 -67.73 52.64
N THR X 46 49.06 -67.09 52.43
CA THR X 46 50.24 -67.74 51.87
C THR X 46 51.50 -67.32 52.62
N ARG X 47 51.36 -67.07 53.94
CA ARG X 47 52.36 -66.61 54.91
C ARG X 47 52.77 -65.16 54.70
N LEU X 48 52.29 -64.54 53.62
CA LEU X 48 52.46 -63.13 53.38
C LEU X 48 51.18 -62.48 52.86
N ALA X 49 50.10 -63.26 52.67
CA ALA X 49 48.90 -62.76 52.04
C ALA X 49 47.99 -62.00 53.00
N ARG X 50 48.01 -62.32 54.30
CA ARG X 50 47.22 -61.57 55.26
C ARG X 50 47.76 -60.16 55.44
N TYR X 51 49.07 -59.97 55.24
CA TYR X 51 49.67 -58.64 55.18
C TYR X 51 49.06 -57.81 54.05
N LYS X 52 48.91 -58.41 52.87
CA LYS X 52 48.27 -57.75 51.74
C LYS X 52 46.80 -57.47 52.00
N ALA X 53 46.07 -58.46 52.52
CA ALA X 53 44.63 -58.32 52.72
C ALA X 53 44.29 -57.35 53.84
N LYS X 54 45.19 -57.18 54.80
CA LYS X 54 44.97 -56.23 55.88
C LYS X 54 45.46 -54.84 55.52
N TYR X 55 46.46 -54.74 54.64
CA TYR X 55 47.13 -53.47 54.39
C TYR X 55 46.96 -52.94 52.98
N PHE X 56 47.03 -53.80 51.96
CA PHE X 56 47.26 -53.37 50.58
C PHE X 56 46.05 -53.57 49.69
N ASP X 57 44.85 -53.58 50.26
CA ASP X 57 43.62 -53.53 49.49
C ASP X 57 43.21 -52.09 49.27
N GLY X 58 42.15 -51.87 48.49
CA GLY X 58 41.68 -50.52 48.24
C GLY X 58 40.91 -49.91 49.40
N ASP X 59 40.55 -50.73 50.40
CA ASP X 59 39.83 -50.23 51.56
C ASP X 59 40.75 -49.40 52.45
N ASN X 60 41.83 -50.00 52.95
CA ASN X 60 42.78 -49.26 53.78
C ASN X 60 43.69 -48.41 52.90
N ALA X 61 44.49 -49.07 52.06
CA ALA X 61 45.32 -48.46 51.01
C ALA X 61 46.29 -47.41 51.54
N SER X 62 46.75 -47.55 52.77
CA SER X 62 47.64 -46.57 53.37
C SER X 62 49.09 -47.02 53.23
N GLY X 63 49.97 -46.03 53.07
CA GLY X 63 51.40 -46.27 52.88
C GLY X 63 52.20 -46.53 54.13
N LYS X 64 51.54 -46.55 55.29
CA LYS X 64 52.22 -46.85 56.56
C LYS X 64 52.99 -48.17 56.63
N PRO X 65 52.57 -49.28 55.97
CA PRO X 65 53.50 -50.43 55.88
C PRO X 65 54.83 -50.13 55.20
N LEU X 66 54.84 -49.22 54.22
CA LEU X 66 56.11 -48.71 53.70
C LEU X 66 56.92 -48.05 54.81
N TRP X 67 56.23 -47.27 55.66
CA TRP X 67 56.76 -46.82 56.94
C TRP X 67 57.37 -47.97 57.72
N HIS X 68 56.61 -49.05 57.89
CA HIS X 68 57.13 -50.25 58.53
C HIS X 68 58.28 -50.84 57.72
N PHE X 69 58.15 -50.80 56.39
CA PHE X 69 59.26 -51.19 55.52
C PHE X 69 60.44 -50.26 55.72
N ALA X 70 60.19 -48.95 55.85
CA ALA X 70 61.25 -48.01 56.22
C ALA X 70 61.78 -48.35 57.60
N LEU X 71 60.87 -48.69 58.52
CA LEU X 71 61.27 -49.17 59.84
C LEU X 71 62.05 -50.48 59.73
N GLY X 72 61.68 -51.32 58.75
CA GLY X 72 62.45 -52.52 58.48
C GLY X 72 63.87 -52.19 58.06
N ILE X 73 64.05 -51.14 57.27
CA ILE X 73 65.39 -50.71 56.93
C ILE X 73 66.07 -50.09 58.15
N ILE X 74 65.28 -49.43 59.01
CA ILE X 74 65.78 -49.01 60.32
C ILE X 74 66.06 -50.24 61.17
N ALA X 75 65.30 -51.31 60.98
CA ALA X 75 65.69 -52.59 61.55
C ALA X 75 66.90 -53.18 60.86
N PHE X 76 67.06 -52.95 59.55
CA PHE X 76 68.15 -53.58 58.80
C PHE X 76 69.45 -52.79 58.89
N GLY X 77 69.46 -51.58 58.32
CA GLY X 77 70.71 -50.87 58.09
C GLY X 77 71.38 -50.40 59.35
N TYR X 78 70.59 -49.97 60.33
CA TYR X 78 71.12 -49.66 61.65
C TYR X 78 71.74 -50.89 62.30
N SER X 79 71.12 -52.06 62.12
CA SER X 79 71.76 -53.29 62.57
C SER X 79 72.99 -53.60 61.73
N MET X 80 72.97 -53.21 60.45
CA MET X 80 74.17 -53.27 59.63
C MET X 80 75.22 -52.29 60.15
N GLU X 81 74.77 -51.17 60.75
CA GLU X 81 75.66 -50.31 61.53
C GLU X 81 76.33 -51.11 62.63
N TYR X 82 75.54 -51.91 63.36
CA TYR X 82 76.05 -52.84 64.37
C TYR X 82 76.92 -53.93 63.76
N TYR X 83 76.83 -54.17 62.45
CA TYR X 83 77.70 -55.11 61.77
C TYR X 83 78.91 -54.42 61.13
N PHE X 84 78.84 -53.10 60.91
CA PHE X 84 79.94 -52.38 60.27
C PHE X 84 80.61 -51.37 61.18
N HIS X 85 79.85 -50.44 61.74
CA HIS X 85 80.45 -49.30 62.40
C HIS X 85 79.71 -48.94 63.69
N PHE Y 7 88.47 -52.12 42.81
CA PHE Y 7 88.32 -53.32 43.62
C PHE Y 7 87.16 -54.17 43.14
N TYR Y 8 85.95 -53.71 43.40
CA TYR Y 8 84.72 -54.44 43.08
C TYR Y 8 84.11 -53.98 41.77
N PHE Y 9 84.97 -53.68 40.79
CA PHE Y 9 84.49 -53.27 39.47
C PHE Y 9 83.79 -54.43 38.77
N MET Y 10 84.40 -55.61 38.80
CA MET Y 10 83.79 -56.82 38.25
C MET Y 10 82.52 -57.19 38.99
N ASN Y 11 82.52 -57.01 40.32
CA ASN Y 11 81.40 -57.39 41.16
C ASN Y 11 80.17 -56.54 40.82
N GLN Y 12 80.30 -55.22 40.97
CA GLN Y 12 79.21 -54.30 40.69
C GLN Y 12 78.78 -54.38 39.23
N LEU Y 13 79.75 -54.45 38.32
CA LEU Y 13 79.47 -54.47 36.88
C LEU Y 13 78.74 -55.74 36.46
N THR Y 14 79.17 -56.89 36.97
CA THR Y 14 78.58 -58.15 36.54
C THR Y 14 77.19 -58.34 37.14
N TYR Y 15 77.02 -58.08 38.44
CA TYR Y 15 75.70 -58.20 39.03
C TYR Y 15 74.76 -57.10 38.54
N GLY Y 16 75.30 -55.95 38.15
CA GLY Y 16 74.48 -54.94 37.52
C GLY Y 16 74.03 -55.33 36.13
N PHE Y 17 74.91 -55.95 35.33
CA PHE Y 17 74.52 -56.48 34.02
C PHE Y 17 73.42 -57.52 34.14
N LEU Y 18 73.59 -58.45 35.09
CA LEU Y 18 72.59 -59.49 35.31
C LEU Y 18 71.25 -58.92 35.70
N LEU Y 19 71.23 -57.97 36.65
CA LEU Y 19 69.94 -57.44 37.07
C LEU Y 19 69.35 -56.46 36.04
N MET Y 20 70.19 -55.81 35.22
CA MET Y 20 69.66 -54.97 34.14
C MET Y 20 68.93 -55.79 33.09
N ILE Y 21 69.56 -56.86 32.60
CA ILE Y 21 68.91 -57.69 31.60
C ILE Y 21 67.73 -58.44 32.22
N THR Y 22 67.83 -58.74 33.52
CA THR Y 22 66.74 -59.34 34.28
C THR Y 22 65.52 -58.45 34.30
N LEU Y 23 65.71 -57.17 34.64
CA LEU Y 23 64.56 -56.27 34.72
C LEU Y 23 64.05 -55.90 33.33
N LEU Y 24 64.94 -55.91 32.32
CA LEU Y 24 64.53 -55.73 30.93
C LEU Y 24 63.48 -56.77 30.54
N ILE Y 25 63.87 -58.04 30.59
CA ILE Y 25 62.96 -59.12 30.20
C ILE Y 25 61.78 -59.22 31.18
N LEU Y 26 62.02 -58.91 32.46
CA LEU Y 26 61.00 -59.03 33.50
C LEU Y 26 59.87 -58.02 33.32
N PHE Y 27 60.22 -56.73 33.29
CA PHE Y 27 59.21 -55.70 33.10
C PHE Y 27 58.57 -55.80 31.72
N SER Y 28 59.34 -56.18 30.70
CA SER Y 28 58.79 -56.34 29.35
C SER Y 28 57.72 -57.43 29.31
N GLN Y 29 58.05 -58.63 29.80
CA GLN Y 29 57.10 -59.73 29.68
C GLN Y 29 55.98 -59.64 30.72
N PHE Y 30 56.15 -58.86 31.79
CA PHE Y 30 55.17 -58.90 32.87
C PHE Y 30 54.43 -57.59 33.06
N PHE Y 31 55.13 -56.48 33.30
CA PHE Y 31 54.52 -55.40 34.06
C PHE Y 31 53.94 -54.30 33.22
N LEU Y 32 54.38 -54.16 31.98
CA LEU Y 32 53.70 -53.29 31.03
C LEU Y 32 52.41 -53.92 30.50
N PRO Y 33 52.36 -55.18 30.03
CA PRO Y 33 51.07 -55.69 29.54
C PRO Y 33 50.09 -56.05 30.64
N MET Y 34 50.52 -56.20 31.90
CA MET Y 34 49.54 -56.43 32.98
C MET Y 34 48.70 -55.19 33.25
N ILE Y 35 49.18 -54.02 32.85
CA ILE Y 35 48.40 -52.80 32.92
C ILE Y 35 47.75 -52.51 31.57
N LEU Y 36 48.40 -52.93 30.47
CA LEU Y 36 47.78 -52.82 29.15
C LEU Y 36 46.51 -53.67 29.04
N ARG Y 37 46.44 -54.77 29.80
CA ARG Y 37 45.20 -55.52 29.93
C ARG Y 37 44.11 -54.67 30.58
N LEU Y 38 44.48 -53.86 31.58
CA LEU Y 38 43.49 -52.96 32.21
C LEU Y 38 43.02 -51.90 31.23
N TYR Y 39 43.95 -51.38 30.40
CA TYR Y 39 43.61 -50.42 29.35
C TYR Y 39 42.61 -51.00 28.37
N VAL Y 40 42.95 -52.17 27.78
CA VAL Y 40 42.09 -52.77 26.76
C VAL Y 40 40.78 -53.25 27.37
N SER Y 41 40.79 -53.66 28.64
CA SER Y 41 39.57 -54.11 29.31
C SER Y 41 38.60 -52.96 29.55
N ARG Y 42 39.09 -51.85 30.12
CA ARG Y 42 38.25 -50.69 30.36
C ARG Y 42 37.76 -50.08 29.06
N LEU Y 43 38.63 -50.07 28.03
CA LEU Y 43 38.23 -49.57 26.73
C LEU Y 43 37.17 -50.45 26.09
N PHE Y 44 37.28 -51.77 26.23
CA PHE Y 44 36.31 -52.64 25.59
C PHE Y 44 34.98 -52.66 26.33
N ILE Y 45 34.99 -52.42 27.64
CA ILE Y 45 33.72 -52.28 28.35
C ILE Y 45 33.06 -50.95 28.01
N SER Y 46 33.85 -49.87 27.91
CA SER Y 46 33.28 -48.57 27.63
C SER Y 46 32.80 -48.46 26.19
N LYS Y 47 33.51 -49.07 25.25
CA LYS Y 47 33.05 -49.08 23.86
C LYS Y 47 31.96 -50.11 23.64
N LEU Y 48 31.76 -51.02 24.60
CA LEU Y 48 30.92 -52.22 24.50
C LEU Y 48 31.29 -53.09 23.28
N LEU Z 26 80.27 -62.27 49.90
CA LEU Z 26 79.04 -61.55 49.65
C LEU Z 26 79.30 -60.04 49.70
N THR Z 27 78.53 -59.29 48.92
CA THR Z 27 78.64 -57.85 48.83
C THR Z 27 77.31 -57.24 49.24
N THR Z 28 77.38 -56.12 49.99
CA THR Z 28 76.17 -55.39 50.34
C THR Z 28 75.51 -54.76 49.12
N PHE Z 29 76.28 -54.49 48.07
CA PHE Z 29 75.72 -53.86 46.87
C PHE Z 29 74.82 -54.81 46.10
N SER Z 30 75.27 -56.05 45.88
CA SER Z 30 74.42 -57.04 45.23
C SER Z 30 73.22 -57.40 46.09
N LEU Z 31 73.40 -57.39 47.42
CA LEU Z 31 72.27 -57.56 48.34
C LEU Z 31 71.28 -56.40 48.21
N TYR Z 32 71.77 -55.19 47.97
CA TYR Z 32 70.87 -54.06 47.74
C TYR Z 32 70.11 -54.23 46.43
N THR Z 33 70.76 -54.80 45.41
CA THR Z 33 70.04 -55.08 44.16
C THR Z 33 68.97 -56.15 44.37
N ILE Z 34 69.25 -57.11 45.26
CA ILE Z 34 68.23 -58.11 45.63
C ILE Z 34 67.06 -57.44 46.35
N ILE Z 35 67.36 -56.46 47.23
CA ILE Z 35 66.31 -55.69 47.90
C ILE Z 35 65.49 -54.89 46.87
N VAL Z 36 66.16 -54.38 45.84
CA VAL Z 36 65.48 -53.67 44.75
C VAL Z 36 64.49 -54.61 44.04
N LEU Z 37 64.93 -55.82 43.72
CA LEU Z 37 64.04 -56.78 43.06
C LEU Z 37 62.90 -57.23 43.98
N LEU Z 38 63.15 -57.27 45.31
CA LEU Z 38 62.08 -57.57 46.25
C LEU Z 38 61.05 -56.43 46.31
N VAL Z 39 61.50 -55.19 46.19
CA VAL Z 39 60.57 -54.06 46.12
C VAL Z 39 59.79 -54.10 44.81
N ILE Z 40 60.45 -54.53 43.73
CA ILE Z 40 59.80 -54.70 42.42
C ILE Z 40 58.69 -55.75 42.50
N THR Z 41 58.93 -56.83 43.25
CA THR Z 41 57.84 -57.73 43.60
C THR Z 41 56.80 -57.03 44.47
N SER Z 42 57.26 -56.15 45.36
CA SER Z 42 56.41 -55.39 46.27
C SER Z 42 55.84 -54.11 45.66
N LEU Z 43 55.75 -54.02 44.33
CA LEU Z 43 55.05 -52.92 43.69
C LEU Z 43 53.86 -53.34 42.86
N TYR Z 44 53.74 -54.61 42.52
CA TYR Z 44 52.64 -55.02 41.66
C TYR Z 44 51.85 -56.21 42.18
N THR Z 45 52.51 -57.18 42.82
CA THR Z 45 51.82 -58.38 43.27
C THR Z 45 50.93 -58.08 44.46
N LEU Z 46 51.49 -57.49 45.52
CA LEU Z 46 50.70 -57.03 46.65
C LEU Z 46 49.82 -55.84 46.31
N THR Z 47 50.16 -55.10 45.24
CA THR Z 47 49.31 -54.03 44.76
C THR Z 47 47.98 -54.56 44.23
N ASN Z 48 48.05 -55.51 43.30
CA ASN Z 48 46.87 -55.91 42.54
C ASN Z 48 46.01 -56.84 43.39
N ASN Z 49 44.93 -56.30 43.93
CA ASN Z 49 43.90 -57.12 44.55
C ASN Z 49 43.15 -57.87 43.44
N ASN Z 50 43.47 -59.17 43.35
CA ASN Z 50 42.86 -60.24 42.51
C ASN Z 50 42.41 -59.78 41.12
N ASN Z 51 43.31 -59.03 40.45
CA ASN Z 51 43.17 -58.59 39.05
C ASN Z 51 41.88 -57.82 38.80
N LYS Z 52 41.72 -56.72 39.53
CA LYS Z 52 40.47 -55.97 39.53
C LYS Z 52 40.52 -54.85 38.50
N ILE Z 53 39.35 -54.53 37.94
CA ILE Z 53 39.26 -53.47 36.93
C ILE Z 53 39.45 -52.10 37.57
N ILE Z 54 39.05 -51.96 38.84
CA ILE Z 54 38.78 -50.67 39.45
C ILE Z 54 40.05 -49.84 39.67
N GLY Z 55 41.21 -50.48 39.75
CA GLY Z 55 42.44 -49.72 39.85
C GLY Z 55 42.69 -49.07 41.19
N SER Z 56 43.06 -49.89 42.19
CA SER Z 56 43.23 -49.43 43.57
C SER Z 56 44.38 -48.44 43.68
N ARG Z 57 44.52 -47.90 44.90
CA ARG Z 57 45.34 -46.71 45.16
C ARG Z 57 46.82 -46.95 44.90
N TRP Z 58 47.30 -48.16 45.19
CA TRP Z 58 48.68 -48.50 44.88
C TRP Z 58 48.91 -48.66 43.39
N LEU Z 59 47.86 -48.95 42.62
CA LEU Z 59 47.96 -49.10 41.19
C LEU Z 59 47.79 -47.79 40.44
N ILE Z 60 47.17 -46.79 41.07
CA ILE Z 60 47.00 -45.47 40.47
C ILE Z 60 48.34 -44.80 40.21
N SER Z 61 49.29 -44.98 41.13
CA SER Z 61 50.62 -44.39 40.95
C SER Z 61 51.35 -45.03 39.78
N GLN Z 62 51.29 -46.36 39.66
CA GLN Z 62 51.89 -47.05 38.54
C GLN Z 62 51.21 -46.71 37.23
N GLU Z 63 49.90 -46.50 37.26
CA GLU Z 63 49.15 -46.01 36.12
C GLU Z 63 49.65 -44.65 35.67
N ALA Z 64 49.86 -43.74 36.65
CA ALA Z 64 50.36 -42.41 36.34
C ALA Z 64 51.76 -42.45 35.77
N ILE Z 65 52.61 -43.36 36.29
CA ILE Z 65 53.97 -43.52 35.78
C ILE Z 65 53.95 -44.03 34.35
N TYR Z 66 53.13 -45.06 34.09
CA TYR Z 66 53.02 -45.63 32.76
C TYR Z 66 52.49 -44.60 31.76
N ASP Z 67 51.55 -43.76 32.19
CA ASP Z 67 51.01 -42.74 31.31
C ASP Z 67 51.98 -41.60 31.08
N THR Z 68 52.71 -41.18 32.12
CA THR Z 68 53.66 -40.09 31.93
C THR Z 68 54.93 -40.54 31.24
N ILE Z 69 55.15 -41.84 31.06
CA ILE Z 69 56.25 -42.27 30.22
C ILE Z 69 55.71 -42.51 28.81
N MET Z 70 54.48 -43.01 28.73
CA MET Z 70 53.82 -43.30 27.47
C MET Z 70 53.63 -42.05 26.64
N ASN Z 71 52.96 -41.04 27.20
CA ASN Z 71 52.71 -39.80 26.50
C ASN Z 71 53.98 -39.00 26.30
N MET Z 72 55.00 -39.25 27.11
CA MET Z 72 56.30 -38.63 26.91
C MET Z 72 56.93 -39.18 25.64
N THR Z 73 57.23 -40.48 25.62
CA THR Z 73 57.98 -41.01 24.49
C THR Z 73 57.12 -41.19 23.24
N LYS Z 74 55.80 -41.03 23.34
CA LYS Z 74 54.99 -40.94 22.15
C LYS Z 74 55.28 -39.65 21.39
N GLY Z 75 55.47 -38.55 22.13
CA GLY Z 75 55.83 -37.30 21.52
C GLY Z 75 57.33 -37.09 21.35
N GLN Z 76 58.15 -37.82 22.11
CA GLN Z 76 59.59 -37.58 22.05
C GLN Z 76 60.20 -38.11 20.76
N ILE Z 77 60.23 -39.43 20.61
CA ILE Z 77 60.81 -40.00 19.40
C ILE Z 77 59.82 -39.95 18.24
N GLY Z 78 58.52 -39.94 18.55
CA GLY Z 78 57.47 -39.68 17.59
C GLY Z 78 57.38 -40.64 16.42
N GLY Z 79 58.01 -41.81 16.53
CA GLY Z 79 58.09 -42.69 15.39
C GLY Z 79 56.80 -43.44 15.14
N LYS Z 80 56.68 -43.97 13.92
CA LYS Z 80 55.72 -45.04 13.71
C LYS Z 80 56.07 -46.24 14.57
N ASN Z 81 57.37 -46.54 14.66
CA ASN Z 81 57.89 -47.53 15.59
C ASN Z 81 58.39 -46.80 16.83
N TRP Z 82 57.47 -46.18 17.57
CA TRP Z 82 57.86 -45.49 18.78
C TRP Z 82 57.74 -46.35 20.03
N GLY Z 83 56.74 -47.23 20.09
CA GLY Z 83 56.57 -48.04 21.28
C GLY Z 83 57.55 -49.17 21.43
N LEU Z 84 58.31 -49.47 20.36
CA LEU Z 84 59.18 -50.64 20.32
C LEU Z 84 60.34 -50.52 21.31
N TYR Z 85 60.67 -49.31 21.72
CA TYR Z 85 61.64 -49.10 22.78
C TYR Z 85 61.01 -48.49 24.02
N PHE Z 86 59.69 -48.29 23.98
CA PHE Z 86 58.94 -47.86 25.16
C PHE Z 86 59.09 -48.74 26.41
N PRO Z 87 59.20 -50.08 26.35
CA PRO Z 87 59.56 -50.80 27.59
C PRO Z 87 60.96 -50.46 28.08
N MET Z 88 61.92 -50.32 27.16
CA MET Z 88 63.29 -49.99 27.53
C MET Z 88 63.37 -48.64 28.21
N ILE Z 89 62.73 -47.62 27.60
CA ILE Z 89 62.67 -46.29 28.20
C ILE Z 89 61.84 -46.32 29.48
N PHE Z 90 61.00 -47.33 29.66
CA PHE Z 90 60.40 -47.56 30.96
C PHE Z 90 61.45 -48.08 31.93
N THR Z 91 62.10 -49.19 31.58
CA THR Z 91 62.85 -49.93 32.57
C THR Z 91 64.20 -49.30 32.89
N LEU Z 92 64.72 -48.45 31.99
CA LEU Z 92 65.89 -47.66 32.34
C LEU Z 92 65.55 -46.56 33.33
N PHE Z 93 64.29 -46.14 33.39
CA PHE Z 93 63.89 -45.14 34.37
C PHE Z 93 63.78 -45.75 35.76
N MET Z 94 63.08 -46.88 35.85
CA MET Z 94 62.58 -47.39 37.13
C MET Z 94 63.71 -47.77 38.08
N PHE Z 95 64.81 -48.29 37.51
CA PHE Z 95 66.02 -48.58 38.28
C PHE Z 95 66.51 -47.35 39.02
N ILE Z 96 66.58 -46.22 38.33
CA ILE Z 96 67.00 -45.00 38.99
C ILE Z 96 65.87 -44.48 39.87
N PHE Z 97 64.62 -44.82 39.55
CA PHE Z 97 63.50 -44.40 40.38
C PHE Z 97 63.49 -45.13 41.71
N ILE Z 98 63.89 -46.40 41.72
CA ILE Z 98 63.82 -47.18 42.95
C ILE Z 98 65.10 -47.05 43.77
N ALA Z 99 66.26 -47.06 43.11
CA ALA Z 99 67.54 -46.97 43.83
C ALA Z 99 67.76 -45.63 44.51
N ASN Z 100 67.04 -44.60 44.10
CA ASN Z 100 66.97 -43.36 44.86
C ASN Z 100 65.70 -43.28 45.70
N LEU Z 101 65.22 -44.43 46.19
CA LEU Z 101 64.23 -44.49 47.25
C LEU Z 101 64.71 -45.33 48.42
N ILE Z 102 65.92 -45.88 48.33
CA ILE Z 102 66.49 -46.73 49.37
C ILE Z 102 67.65 -46.05 50.06
N SER Z 103 68.49 -45.35 49.29
CA SER Z 103 69.53 -44.51 49.87
C SER Z 103 68.97 -43.27 50.55
N MET Z 104 67.68 -42.98 50.37
CA MET Z 104 67.02 -41.90 51.09
C MET Z 104 67.00 -42.13 52.59
N ILE Z 105 67.02 -43.40 53.01
CA ILE Z 105 67.16 -43.77 54.41
C ILE Z 105 68.51 -43.27 54.92
N PRO Z 106 68.57 -42.65 56.12
CA PRO Z 106 69.86 -42.22 56.67
C PRO Z 106 70.82 -43.37 56.92
N TYR Z 107 70.36 -44.39 57.64
CA TYR Z 107 71.16 -45.59 57.89
C TYR Z 107 71.08 -46.47 56.64
N SER Z 108 71.89 -46.11 55.64
CA SER Z 108 71.95 -46.81 54.38
C SER Z 108 73.30 -46.54 53.74
N PHE Z 109 73.63 -47.33 52.73
CA PHE Z 109 74.82 -47.12 51.92
C PHE Z 109 74.36 -46.60 50.55
N ALA Z 110 75.27 -45.91 49.87
CA ALA Z 110 74.94 -45.28 48.59
C ALA Z 110 74.75 -46.34 47.51
N LEU Z 111 73.59 -46.30 46.85
CA LEU Z 111 73.26 -47.28 45.84
C LEU Z 111 73.78 -46.89 44.45
N SER Z 112 73.30 -45.75 43.94
CA SER Z 112 73.65 -45.33 42.59
C SER Z 112 74.77 -44.31 42.57
N ALA Z 113 75.44 -44.06 43.70
CA ALA Z 113 76.58 -43.16 43.71
C ALA Z 113 77.88 -43.84 43.33
N HIS Z 114 77.82 -45.08 42.85
CA HIS Z 114 78.98 -45.72 42.25
C HIS Z 114 79.07 -45.26 40.81
N LEU Z 115 79.90 -44.23 40.58
CA LEU Z 115 79.94 -43.54 39.29
C LEU Z 115 80.48 -44.42 38.18
N VAL Z 116 81.33 -45.40 38.52
CA VAL Z 116 81.80 -46.37 37.54
C VAL Z 116 80.61 -47.16 36.98
N PHE Z 117 79.69 -47.55 37.85
CA PHE Z 117 78.53 -48.32 37.44
C PHE Z 117 77.56 -47.52 36.57
N ILE Z 118 77.22 -46.30 36.99
CA ILE Z 118 76.23 -45.50 36.26
C ILE Z 118 76.82 -44.99 34.95
N ILE Z 119 78.08 -44.55 34.97
CA ILE Z 119 78.76 -44.13 33.75
C ILE Z 119 78.94 -45.30 32.80
N SER Z 120 79.20 -46.51 33.32
CA SER Z 120 79.28 -47.68 32.46
C SER Z 120 77.93 -48.04 31.87
N LEU Z 121 76.85 -47.82 32.63
CA LEU Z 121 75.50 -47.97 32.09
C LEU Z 121 75.24 -47.01 30.94
N SER Z 122 75.69 -45.76 31.09
CA SER Z 122 75.55 -44.79 29.99
C SER Z 122 76.39 -45.19 28.79
N ILE Z 123 77.57 -45.77 29.03
CA ILE Z 123 78.42 -46.27 27.95
C ILE Z 123 77.72 -47.40 27.20
N VAL Z 124 77.08 -48.32 27.94
CA VAL Z 124 76.32 -49.42 27.34
C VAL Z 124 75.18 -48.90 26.48
N ILE Z 125 74.43 -47.92 27.00
CA ILE Z 125 73.27 -47.39 26.29
C ILE Z 125 73.74 -46.63 25.04
N TRP Z 126 74.81 -45.86 25.15
CA TRP Z 126 75.32 -45.11 24.01
C TRP Z 126 75.88 -46.04 22.92
N LEU Z 127 76.60 -47.07 23.32
CA LEU Z 127 77.15 -48.00 22.33
C LEU Z 127 76.06 -48.84 21.70
N GLY Z 128 75.01 -49.18 22.46
CA GLY Z 128 73.87 -49.85 21.86
C GLY Z 128 73.13 -48.96 20.87
N ASN Z 129 73.10 -47.66 21.16
CA ASN Z 129 72.53 -46.71 20.21
C ASN Z 129 73.36 -46.62 18.94
N THR Z 130 74.70 -46.63 19.08
CA THR Z 130 75.54 -46.55 17.89
C THR Z 130 75.46 -47.82 17.06
N ILE Z 131 75.39 -48.99 17.71
CA ILE Z 131 75.24 -50.25 16.98
C ILE Z 131 73.86 -50.33 16.32
N LEU Z 132 72.82 -49.79 16.99
CA LEU Z 132 71.50 -49.73 16.39
C LEU Z 132 71.48 -48.81 15.16
N GLY Z 133 72.15 -47.66 15.26
CA GLY Z 133 72.20 -46.74 14.14
C GLY Z 133 73.03 -47.24 12.98
N LEU Z 134 74.10 -47.98 13.27
CA LEU Z 134 74.90 -48.55 12.19
C LEU Z 134 74.25 -49.78 11.58
N TYR Z 135 73.47 -50.53 12.37
CA TYR Z 135 72.76 -51.68 11.80
C TYR Z 135 71.52 -51.23 11.05
N LYS Z 136 70.98 -50.06 11.39
CA LYS Z 136 69.78 -49.57 10.72
C LYS Z 136 70.13 -48.73 9.51
N HIS Z 137 71.23 -47.99 9.57
CA HIS Z 137 71.56 -47.01 8.55
C HIS Z 137 72.96 -47.16 7.97
N GLY Z 138 73.96 -47.51 8.76
CA GLY Z 138 75.28 -47.77 8.23
C GLY Z 138 76.09 -46.54 7.86
N TRP Z 139 76.35 -46.36 6.57
CA TRP Z 139 77.14 -45.22 6.11
C TRP Z 139 76.34 -43.93 6.15
N VAL Z 140 75.01 -44.01 5.94
CA VAL Z 140 74.16 -42.83 6.02
C VAL Z 140 73.85 -42.46 7.47
N PHE Z 141 74.19 -43.34 8.43
CA PHE Z 141 74.17 -42.96 9.84
C PHE Z 141 75.23 -41.90 10.14
N PHE Z 142 76.29 -41.84 9.33
CA PHE Z 142 77.27 -40.76 9.38
C PHE Z 142 76.77 -39.50 8.67
N SER Z 143 75.54 -39.51 8.14
CA SER Z 143 74.87 -38.31 7.68
C SER Z 143 74.31 -37.47 8.82
N LEU Z 144 74.44 -37.93 10.07
CA LEU Z 144 74.03 -37.13 11.22
C LEU Z 144 75.01 -36.01 11.49
N PHE Z 145 76.23 -36.13 10.96
CA PHE Z 145 77.29 -35.14 11.16
C PHE Z 145 77.01 -33.80 10.50
N VAL Z 146 76.09 -33.74 9.54
CA VAL Z 146 75.72 -32.49 8.89
C VAL Z 146 74.28 -32.14 9.25
N PRO Z 147 74.07 -31.25 10.23
CA PRO Z 147 72.69 -30.90 10.60
C PRO Z 147 71.98 -30.06 9.56
N ALA Z 148 72.64 -29.03 9.03
CA ALA Z 148 72.01 -28.13 8.08
C ALA Z 148 73.01 -27.71 7.01
N GLY Z 149 72.48 -27.17 5.93
CA GLY Z 149 73.33 -26.63 4.88
C GLY Z 149 73.96 -25.33 5.31
N THR Z 150 75.29 -25.26 5.23
CA THR Z 150 76.08 -24.14 5.68
C THR Z 150 77.04 -23.75 4.57
N PRO Z 151 77.49 -22.50 4.52
CA PRO Z 151 78.53 -22.12 3.54
C PRO Z 151 79.87 -22.75 3.90
N LEU Z 152 80.77 -22.74 2.90
CA LEU Z 152 81.92 -23.63 2.84
C LEU Z 152 82.89 -23.57 4.03
N PRO Z 153 83.41 -22.40 4.48
CA PRO Z 153 84.55 -22.44 5.42
C PRO Z 153 84.23 -22.92 6.83
N LEU Z 154 83.01 -23.41 7.09
CA LEU Z 154 82.68 -24.07 8.34
C LEU Z 154 81.83 -25.33 8.12
N VAL Z 155 81.87 -25.90 6.91
CA VAL Z 155 81.20 -27.19 6.68
C VAL Z 155 81.88 -28.35 7.39
N PRO Z 156 83.21 -28.56 7.29
CA PRO Z 156 83.80 -29.65 8.08
C PRO Z 156 83.88 -29.36 9.56
N LEU Z 157 84.07 -28.09 9.94
CA LEU Z 157 84.21 -27.72 11.34
C LEU Z 157 82.93 -28.01 12.12
N LEU Z 158 81.77 -27.78 11.47
CA LEU Z 158 80.47 -28.16 12.04
C LEU Z 158 80.38 -29.65 12.31
N VAL Z 159 81.06 -30.46 11.51
CA VAL Z 159 81.16 -31.89 11.80
C VAL Z 159 81.97 -32.11 13.06
N ILE Z 160 83.08 -31.37 13.21
CA ILE Z 160 84.07 -31.66 14.24
C ILE Z 160 83.50 -31.38 15.62
N ILE Z 161 82.84 -30.23 15.78
CA ILE Z 161 82.18 -29.86 17.03
C ILE Z 161 81.00 -30.80 17.27
N GLU Z 162 80.44 -31.36 16.19
CA GLU Z 162 79.50 -32.46 16.33
C GLU Z 162 80.17 -33.69 16.92
N THR Z 163 81.32 -34.08 16.38
CA THR Z 163 82.06 -35.21 16.92
C THR Z 163 82.57 -34.92 18.32
N LEU Z 164 82.96 -33.66 18.55
CA LEU Z 164 83.30 -33.19 19.89
C LEU Z 164 82.11 -33.31 20.83
N SER Z 165 80.90 -33.11 20.32
CA SER Z 165 79.71 -33.35 21.13
C SER Z 165 79.24 -34.79 21.08
N TYR Z 166 79.79 -35.61 20.19
CA TYR Z 166 79.24 -36.94 19.96
C TYR Z 166 79.55 -37.88 21.11
N PHE Z 167 80.76 -37.81 21.66
CA PHE Z 167 81.06 -38.49 22.91
C PHE Z 167 80.56 -37.70 24.11
N ALA Z 168 80.42 -36.38 23.98
CA ALA Z 168 79.82 -35.59 25.04
C ALA Z 168 78.34 -35.90 25.18
N ARG Z 169 77.69 -36.27 24.08
CA ARG Z 169 76.40 -36.95 24.13
C ARG Z 169 76.49 -38.21 24.96
N ALA Z 170 77.59 -38.94 24.81
CA ALA Z 170 77.81 -40.17 25.59
C ALA Z 170 78.07 -39.86 27.05
N ILE Z 171 79.12 -39.10 27.35
CA ILE Z 171 79.75 -39.18 28.66
C ILE Z 171 78.93 -38.46 29.72
N SER Z 172 78.23 -37.39 29.34
CA SER Z 172 77.70 -36.46 30.32
C SER Z 172 76.52 -37.03 31.09
N LEU Z 173 75.62 -37.74 30.40
CA LEU Z 173 74.37 -38.20 30.98
C LEU Z 173 74.60 -39.15 32.14
N GLY Z 174 75.59 -40.03 32.00
CA GLY Z 174 76.04 -40.80 33.15
C GLY Z 174 76.73 -39.93 34.17
N LEU Z 175 77.74 -39.18 33.74
CA LEU Z 175 78.48 -38.31 34.63
C LEU Z 175 77.65 -37.10 35.04
N ARG Z 176 76.35 -37.31 35.19
CA ARG Z 176 75.45 -36.23 35.58
C ARG Z 176 74.30 -36.78 36.44
N LEU Z 177 74.37 -38.06 36.77
CA LEU Z 177 73.33 -38.70 37.57
C LEU Z 177 73.87 -39.10 38.94
N GLY Z 178 74.94 -39.91 38.94
CA GLY Z 178 75.54 -40.36 40.18
C GLY Z 178 76.27 -39.26 40.91
N SER Z 179 76.88 -38.32 40.15
CA SER Z 179 77.49 -37.15 40.75
C SER Z 179 76.46 -36.24 41.39
N ASN Z 180 75.20 -36.35 40.99
CA ASN Z 180 74.12 -35.77 41.78
C ASN Z 180 74.03 -36.45 43.13
N ILE Z 181 73.82 -37.77 43.13
CA ILE Z 181 73.48 -38.51 44.33
C ILE Z 181 74.65 -38.55 45.30
N LEU Z 182 75.87 -38.73 44.78
CA LEU Z 182 77.08 -38.69 45.59
C LEU Z 182 77.29 -37.32 46.21
N ALA Z 183 76.81 -36.26 45.55
CA ALA Z 183 76.89 -34.95 46.16
C ALA Z 183 75.82 -34.75 47.22
N GLY Z 184 74.73 -35.51 47.18
CA GLY Z 184 73.65 -35.28 48.13
C GLY Z 184 73.90 -35.85 49.50
N HIS Z 185 73.99 -37.18 49.57
CA HIS Z 185 73.94 -37.89 50.84
C HIS Z 185 75.19 -37.66 51.67
N LEU Z 186 76.36 -37.60 51.02
CA LEU Z 186 77.59 -37.23 51.70
C LEU Z 186 77.48 -35.83 52.29
N LEU Z 187 76.76 -34.95 51.60
CA LEU Z 187 76.32 -33.67 52.17
C LEU Z 187 75.60 -33.88 53.48
N MET Z 188 74.56 -34.71 53.45
CA MET Z 188 73.84 -35.08 54.66
C MET Z 188 74.66 -35.95 55.60
N VAL Z 189 75.83 -36.44 55.18
CA VAL Z 189 76.80 -36.94 56.16
C VAL Z 189 77.48 -35.77 56.86
N ILE Z 190 78.11 -34.89 56.07
CA ILE Z 190 79.03 -33.91 56.62
C ILE Z 190 78.26 -32.80 57.32
N LEU Z 191 77.06 -32.49 56.82
CA LEU Z 191 76.23 -31.53 57.53
C LEU Z 191 75.58 -32.15 58.75
N ALA Z 192 75.47 -33.48 58.80
CA ALA Z 192 75.23 -34.14 60.08
C ALA Z 192 76.40 -33.89 61.03
N GLY Z 193 77.61 -33.88 60.47
CA GLY Z 193 78.77 -33.40 61.21
C GLY Z 193 78.65 -31.94 61.61
N LEU Z 194 77.90 -31.14 60.84
CA LEU Z 194 77.52 -29.81 61.29
C LEU Z 194 76.76 -29.88 62.60
N THR Z 195 75.77 -30.78 62.68
CA THR Z 195 75.09 -31.02 63.94
C THR Z 195 75.97 -31.75 64.95
N PHE Z 196 77.10 -32.31 64.50
CA PHE Z 196 78.09 -32.80 65.44
C PHE Z 196 79.09 -31.71 65.82
N ASN Z 197 79.11 -30.61 65.07
CA ASN Z 197 79.94 -29.46 65.40
C ASN Z 197 79.15 -28.30 65.99
N PHE Z 198 77.84 -28.29 65.85
CA PHE Z 198 77.02 -27.22 66.40
C PHE Z 198 76.40 -27.59 67.75
N MET Z 199 75.84 -28.79 67.88
CA MET Z 199 75.18 -29.19 69.12
C MET Z 199 76.14 -29.87 70.08
N LEU Z 200 77.44 -29.62 69.94
CA LEU Z 200 78.44 -30.11 70.87
C LEU Z 200 79.25 -28.99 71.53
N ILE Z 201 79.17 -27.76 71.00
CA ILE Z 201 79.67 -26.58 71.69
C ILE Z 201 78.59 -26.12 72.66
N ASN Z 202 78.92 -25.11 73.48
CA ASN Z 202 78.22 -24.68 74.70
C ASN Z 202 76.70 -24.56 74.60
N LEU Z 203 76.00 -24.70 75.75
CA LEU Z 203 74.57 -25.03 75.84
C LEU Z 203 73.65 -24.06 75.11
N PHE Z 204 74.06 -22.80 74.93
CA PHE Z 204 73.26 -21.85 74.17
C PHE Z 204 73.22 -22.14 72.66
N THR Z 205 73.89 -23.21 72.20
CA THR Z 205 73.66 -23.76 70.88
C THR Z 205 72.26 -24.37 70.74
N LEU Z 206 71.59 -24.68 71.85
CA LEU Z 206 70.20 -25.12 71.77
C LEU Z 206 69.25 -23.96 71.55
N VAL Z 207 69.71 -22.74 71.82
CA VAL Z 207 68.97 -21.53 71.50
C VAL Z 207 69.21 -21.23 70.02
N PHE Z 208 68.11 -20.90 69.30
CA PHE Z 208 67.99 -20.74 67.84
C PHE Z 208 68.70 -21.80 67.02
N GLY Z 209 68.75 -23.04 67.52
CA GLY Z 209 69.35 -24.14 66.79
C GLY Z 209 68.34 -24.93 66.00
N PHE Z 210 67.24 -24.28 65.63
CA PHE Z 210 66.18 -24.92 64.86
C PHE Z 210 66.39 -24.77 63.36
N VAL Z 211 67.12 -23.75 62.94
CA VAL Z 211 67.41 -23.53 61.52
C VAL Z 211 68.37 -24.54 60.86
N PRO Z 212 69.33 -25.22 61.53
CA PRO Z 212 69.96 -26.36 60.84
C PRO Z 212 69.03 -27.54 60.63
N LEU Z 213 68.04 -27.73 61.52
CA LEU Z 213 67.06 -28.78 61.35
C LEU Z 213 66.20 -28.54 60.11
N ALA Z 214 65.70 -27.31 59.95
CA ALA Z 214 64.95 -26.96 58.75
C ALA Z 214 65.83 -26.90 57.52
N MET Z 215 67.13 -26.61 57.69
CA MET Z 215 68.03 -26.62 56.55
C MET Z 215 68.26 -28.04 56.03
N ILE Z 216 68.45 -29.01 56.93
CA ILE Z 216 68.57 -30.41 56.51
C ILE Z 216 67.23 -30.94 56.00
N LEU Z 217 66.11 -30.38 56.52
CA LEU Z 217 64.78 -30.66 55.96
C LEU Z 217 64.69 -30.23 54.50
N ALA Z 218 65.19 -29.03 54.20
CA ALA Z 218 65.23 -28.55 52.83
C ALA Z 218 66.19 -29.37 51.97
N ILE Z 219 67.26 -29.88 52.55
CA ILE Z 219 68.19 -30.74 51.80
C ILE Z 219 67.53 -32.08 51.47
N MET Z 220 66.70 -32.59 52.36
CA MET Z 220 65.94 -33.81 52.05
C MET Z 220 64.89 -33.57 50.98
N MET Z 221 64.22 -32.41 51.04
CA MET Z 221 63.35 -31.96 49.95
C MET Z 221 64.11 -31.89 48.63
N LEU Z 222 65.35 -31.40 48.67
CA LEU Z 222 66.21 -31.41 47.50
C LEU Z 222 66.61 -32.82 47.10
N GLU Z 223 66.71 -33.74 48.05
CA GLU Z 223 67.23 -35.07 47.75
C GLU Z 223 66.19 -35.94 47.05
N PHE Z 224 64.92 -35.81 47.43
CA PHE Z 224 63.86 -36.45 46.66
C PHE Z 224 63.80 -35.93 45.23
N ALA Z 225 64.03 -34.64 45.04
CA ALA Z 225 64.10 -34.06 43.69
C ALA Z 225 65.30 -34.61 42.93
N ILE Z 226 66.48 -34.62 43.56
CA ILE Z 226 67.71 -35.04 42.92
C ILE Z 226 67.75 -36.54 42.67
N GLY Z 227 66.84 -37.29 43.29
CA GLY Z 227 66.59 -38.65 42.83
C GLY Z 227 65.61 -38.71 41.67
N ILE Z 228 64.38 -38.26 41.91
CA ILE Z 228 63.26 -38.54 41.01
C ILE Z 228 63.41 -37.78 39.70
N ILE Z 229 63.59 -36.47 39.81
CA ILE Z 229 63.63 -35.61 38.64
C ILE Z 229 64.89 -35.88 37.82
N GLN Z 230 65.99 -36.26 38.50
CA GLN Z 230 67.20 -36.62 37.77
C GLN Z 230 67.05 -37.95 37.05
N GLY Z 231 66.28 -38.88 37.62
CA GLY Z 231 65.95 -40.08 36.88
C GLY Z 231 65.10 -39.78 35.66
N TYR Z 232 64.19 -38.82 35.79
CA TYR Z 232 63.41 -38.41 34.62
C TYR Z 232 64.28 -37.68 33.59
N VAL Z 233 65.31 -36.98 34.07
CA VAL Z 233 66.26 -36.31 33.19
C VAL Z 233 67.04 -37.35 32.39
N TRP Z 234 67.52 -38.39 33.08
CA TRP Z 234 68.11 -39.56 32.44
C TRP Z 234 67.21 -40.10 31.34
N ALA Z 235 65.94 -40.33 31.68
CA ALA Z 235 64.98 -40.90 30.74
C ALA Z 235 64.76 -40.01 29.54
N ILE Z 236 64.61 -38.70 29.76
CA ILE Z 236 64.25 -37.81 28.66
C ILE Z 236 65.46 -37.56 27.76
N LEU Z 237 66.66 -37.54 28.33
CA LEU Z 237 67.85 -37.32 27.52
C LEU Z 237 68.18 -38.54 26.69
N THR Z 238 68.07 -39.74 27.26
CA THR Z 238 68.30 -40.88 26.42
C THR Z 238 67.12 -41.15 25.48
N ALA Z 239 65.94 -40.61 25.76
CA ALA Z 239 64.86 -40.68 24.77
C ALA Z 239 65.16 -39.81 23.56
N SER Z 240 65.69 -38.60 23.82
CA SER Z 240 66.21 -37.78 22.74
C SER Z 240 67.33 -38.48 21.98
N TYR Z 241 68.18 -39.22 22.70
CA TYR Z 241 69.29 -39.92 22.05
C TYR Z 241 68.77 -41.09 21.23
N LEU Z 242 67.67 -41.70 21.67
CA LEU Z 242 66.99 -42.72 20.86
C LEU Z 242 66.43 -42.13 19.57
N LYS Z 243 65.86 -40.93 19.63
CA LYS Z 243 65.41 -40.31 18.38
C LYS Z 243 66.60 -39.93 17.50
N ASP Z 244 67.72 -39.57 18.13
CA ASP Z 244 68.95 -39.31 17.38
C ASP Z 244 69.46 -40.54 16.65
N ALA Z 245 69.55 -41.67 17.35
CA ALA Z 245 70.15 -42.86 16.78
C ALA Z 245 69.21 -43.58 15.80
N VAL Z 246 67.91 -43.64 16.12
CA VAL Z 246 66.96 -44.29 15.23
C VAL Z 246 66.71 -43.46 13.98
N TYR Z 247 66.38 -42.19 14.16
CA TYR Z 247 66.03 -41.32 13.06
C TYR Z 247 67.18 -40.40 12.71
N LEU Z 248 67.64 -40.51 11.47
CA LEU Z 248 68.63 -39.57 10.92
C LEU Z 248 67.93 -38.24 10.71
N HIS Z 249 68.04 -37.38 11.72
CA HIS Z 249 67.42 -36.05 11.79
C HIS Z 249 65.91 -36.09 11.57
N MET AA 1 49.54 -65.76 39.04
CA MET AA 1 50.47 -64.70 39.42
C MET AA 1 50.37 -63.57 38.39
N LEU AA 2 51.22 -63.64 37.36
CA LEU AA 2 51.20 -62.68 36.27
C LEU AA 2 51.24 -63.45 34.97
N LYS AA 3 50.42 -63.03 34.01
CA LYS AA 3 50.30 -63.76 32.75
C LYS AA 3 51.52 -63.45 31.88
N ARG AA 4 52.37 -64.46 31.70
CA ARG AA 4 53.61 -64.27 30.96
C ARG AA 4 53.31 -64.11 29.47
N PHE AA 5 53.83 -63.04 28.88
CA PHE AA 5 53.65 -62.78 27.48
C PHE AA 5 54.97 -62.80 26.75
N PRO AA 6 55.04 -63.39 25.56
CA PRO AA 6 56.30 -63.40 24.79
C PRO AA 6 56.59 -62.03 24.16
N THR AA 7 57.05 -61.12 25.01
CA THR AA 7 57.26 -59.76 24.51
C THR AA 7 58.66 -59.64 23.91
N PRO AA 8 58.79 -58.95 22.77
CA PRO AA 8 60.03 -59.04 21.99
C PRO AA 8 61.22 -58.35 22.65
N ILE AA 9 62.13 -59.16 23.17
CA ILE AA 9 63.36 -58.69 23.79
C ILE AA 9 64.60 -59.32 23.18
N LEU AA 10 64.47 -60.40 22.42
CA LEU AA 10 65.59 -61.00 21.72
C LEU AA 10 65.68 -60.53 20.27
N LYS AA 11 64.55 -60.46 19.58
CA LYS AA 11 64.50 -59.96 18.20
C LYS AA 11 64.38 -58.44 18.13
N VAL AA 12 64.47 -57.74 19.25
CA VAL AA 12 64.45 -56.28 19.30
C VAL AA 12 65.65 -55.72 20.04
N TYR AA 13 65.91 -56.23 21.24
CA TYR AA 13 66.91 -55.65 22.14
C TYR AA 13 68.26 -56.36 22.05
N TRP AA 14 68.64 -56.80 20.85
CA TRP AA 14 69.97 -57.39 20.67
C TRP AA 14 71.14 -56.42 20.86
N PRO AA 15 71.17 -55.18 20.30
CA PRO AA 15 72.46 -54.47 20.30
C PRO AA 15 72.85 -53.91 21.66
N PHE AA 16 71.90 -53.67 22.55
CA PHE AA 16 72.23 -53.27 23.91
C PHE AA 16 72.79 -54.43 24.71
N PHE AA 17 72.32 -55.65 24.43
CA PHE AA 17 72.94 -56.84 25.00
C PHE AA 17 74.36 -57.04 24.48
N VAL AA 18 74.56 -56.80 23.18
CA VAL AA 18 75.89 -56.89 22.57
C VAL AA 18 76.82 -55.84 23.18
N ALA AA 19 76.29 -54.64 23.42
CA ALA AA 19 77.06 -53.59 24.07
C ALA AA 19 77.38 -53.93 25.51
N GLY AA 20 76.47 -54.59 26.21
CA GLY AA 20 76.76 -55.02 27.58
C GLY AA 20 77.87 -56.06 27.64
N ALA AA 21 77.86 -57.00 26.69
CA ALA AA 21 78.94 -57.98 26.62
C ALA AA 21 80.26 -57.34 26.23
N ALA AA 22 80.23 -56.35 25.33
CA ALA AA 22 81.45 -55.66 24.93
C ALA AA 22 82.01 -54.81 26.06
N VAL AA 23 81.13 -54.22 26.88
CA VAL AA 23 81.59 -53.46 28.03
C VAL AA 23 82.12 -54.39 29.12
N TYR AA 24 81.58 -55.61 29.21
CA TYR AA 24 82.19 -56.62 30.09
C TYR AA 24 83.59 -57.00 29.62
N TYR AA 25 83.79 -57.10 28.29
CA TYR AA 25 85.12 -57.39 27.76
C TYR AA 25 86.07 -56.21 27.94
N GLY AA 26 85.55 -54.99 27.82
CA GLY AA 26 86.35 -53.81 28.12
C GLY AA 26 86.70 -53.70 29.58
N MET AA 27 85.81 -54.15 30.47
CA MET AA 27 86.13 -54.23 31.89
C MET AA 27 87.14 -55.33 32.16
N SER AA 28 87.14 -56.40 31.34
CA SER AA 28 88.21 -57.39 31.42
C SER AA 28 89.56 -56.76 31.09
N LYS AA 29 89.61 -55.98 30.00
CA LYS AA 29 90.83 -55.25 29.66
C LYS AA 29 91.23 -54.25 30.73
N ALA AA 30 90.26 -53.54 31.32
CA ALA AA 30 90.56 -52.51 32.30
C ALA AA 30 91.03 -53.11 33.62
N ALA AA 31 90.29 -54.09 34.15
CA ALA AA 31 90.65 -54.78 35.37
C ALA AA 31 91.83 -55.72 35.20
N ASP AA 32 92.29 -55.96 33.97
CA ASP AA 32 93.58 -56.60 33.77
C ASP AA 32 94.67 -55.62 33.37
N LEU AA 33 94.35 -54.33 33.25
CA LEU AA 33 95.36 -53.33 32.91
C LEU AA 33 95.45 -52.20 33.93
N SER AA 34 94.35 -51.87 34.61
CA SER AA 34 94.31 -50.69 35.49
C SER AA 34 93.67 -50.99 36.84
N SER AA 35 93.62 -52.26 37.25
CA SER AA 35 93.13 -52.61 38.58
C SER AA 35 94.25 -52.74 39.60
N ASN AA 36 95.50 -52.58 39.17
CA ASN AA 36 96.65 -52.68 40.06
C ASN AA 36 97.13 -51.33 40.56
N THR AA 37 96.27 -50.32 40.51
CA THR AA 37 96.63 -48.97 40.94
C THR AA 37 96.69 -48.87 42.47
PG ATP BA . -11.06 31.97 -26.11
O1G ATP BA . -11.86 32.09 -27.37
O2G ATP BA . -10.44 33.24 -25.59
O3G ATP BA . -11.70 31.15 -25.03
PB ATP BA . -8.75 31.71 -27.56
O1B ATP BA . -8.24 30.63 -28.45
O2B ATP BA . -9.32 32.96 -28.17
O3B ATP BA . -9.78 31.10 -26.51
PA ATP BA . -6.69 33.34 -27.22
O1A ATP BA . -6.44 33.02 -28.67
O2A ATP BA . -7.40 34.61 -26.83
O3A ATP BA . -7.52 32.12 -26.63
O5' ATP BA . -5.32 33.26 -26.41
C5' ATP BA . -5.36 33.49 -25.01
C4' ATP BA . -4.09 34.27 -24.65
O4' ATP BA . -2.95 33.41 -24.68
C3' ATP BA . -3.87 35.36 -25.68
O3' ATP BA . -3.88 36.62 -25.01
C2' ATP BA . -2.49 35.10 -26.23
O2' ATP BA . -1.72 36.30 -26.25
C1' ATP BA . -1.86 34.10 -25.29
N9 ATP BA . -1.04 33.16 -26.07
C8 ATP BA . -1.43 31.96 -26.52
N7 ATP BA . -0.43 31.36 -27.22
C5 ATP BA . 0.62 32.20 -27.22
C6 ATP BA . 1.99 32.19 -27.77
N6 ATP BA . 2.46 31.15 -28.49
N1 ATP BA . 2.76 33.28 -27.55
C2 ATP BA . 2.30 34.33 -26.85
N3 ATP BA . 1.06 34.40 -26.31
C4 ATP BA . 0.20 33.38 -26.47
PG ATP CA . -25.63 -13.88 -16.54
O1G ATP CA . -26.16 -12.99 -15.44
O2G ATP CA . -26.42 -15.14 -16.77
O3G ATP CA . -25.19 -13.16 -17.78
PB ATP CA . -24.21 -14.89 -14.41
O1B ATP CA . -23.60 -13.81 -13.54
O2B ATP CA . -25.53 -15.51 -14.07
O3B ATP CA . -24.24 -14.39 -15.92
PA ATP CA . -23.68 -17.46 -15.02
O1A ATP CA . -24.33 -18.18 -13.86
O2A ATP CA . -24.47 -17.23 -16.28
O3A ATP CA . -23.15 -16.05 -14.52
O5' ATP CA . -22.28 -18.15 -15.38
C5' ATP CA . -21.20 -17.32 -15.79
C4' ATP CA . -19.96 -18.15 -15.99
O4' ATP CA . -19.46 -18.59 -14.73
C3' ATP CA . -20.26 -19.41 -16.79
O3' ATP CA . -19.53 -19.35 -18.01
C2' ATP CA . -19.76 -20.56 -15.96
O2' ATP CA . -18.88 -21.37 -16.73
C1' ATP CA . -18.96 -19.92 -14.84
N9 ATP CA . -19.14 -20.63 -13.56
C8 ATP CA . -19.70 -20.11 -12.46
N7 ATP CA . -19.71 -21.00 -11.45
C5 ATP CA . -19.12 -22.12 -11.90
C6 ATP CA . -18.80 -23.44 -11.35
N6 ATP CA . -19.12 -23.77 -10.07
N1 ATP CA . -18.19 -24.32 -12.16
C2 ATP CA . -17.86 -24.01 -13.43
N3 ATP CA . -18.13 -22.83 -14.00
C4 ATP CA . -18.75 -21.86 -13.29
PG ATP DA . -32.45 22.20 14.07
O1G ATP DA . -33.17 23.52 13.92
O2G ATP DA . -33.08 21.22 15.02
O3G ATP DA . -31.97 21.62 12.78
PB ATP DA . -31.17 23.49 16.10
O1B ATP DA . -30.50 24.81 15.82
O2B ATP DA . -32.55 23.44 16.68
O3B ATP DA . -31.08 22.60 14.79
PA ATP DA . -30.57 22.85 18.61
O1A ATP DA . -30.66 24.34 18.86
O2A ATP DA . -31.72 21.94 18.95
O3A ATP DA . -30.20 22.68 17.07
O5' ATP DA . -29.26 22.26 19.29
C5' ATP DA . -28.91 20.92 18.97
C4' ATP DA . -28.51 20.23 20.26
O4' ATP DA . -27.17 20.60 20.58
C3' ATP DA . -29.41 20.70 21.39
O3' ATP DA . -30.08 19.58 21.96
C2' ATP DA . -28.50 21.35 22.39
O2' ATP DA . -28.69 20.76 23.68
C1' ATP DA . -27.09 21.08 21.92
N9 ATP DA . -26.33 22.34 21.88
C8 ATP DA . -26.48 23.28 20.95
N7 ATP DA . -25.65 24.32 21.18
C5 ATP DA . -24.95 24.05 22.28
C6 ATP DA . -23.90 24.73 23.07
N6 ATP DA . -23.42 25.94 22.71
N1 ATP DA . -23.43 24.09 24.16
C2 ATP DA . -23.89 22.89 24.52
N3 ATP DA . -24.85 22.22 23.86
C4 ATP DA . -25.40 22.73 22.75
PB ADP EA . -19.47 40.64 -2.82
O1B ADP EA . -19.43 39.21 -3.30
O2B ADP EA . -20.77 41.02 -2.16
O3B ADP EA . -18.92 41.69 -3.73
PA ADP EA . -18.10 41.88 -0.76
O1A ADP EA . -17.37 42.88 -1.60
O2A ADP EA . -19.36 42.25 -0.04
O3A ADP EA . -18.38 40.59 -1.65
O5' ADP EA . -17.10 41.28 0.34
C5' ADP EA . -17.37 41.63 1.68
C4' ADP EA . -16.51 40.79 2.61
O4' ADP EA . -15.22 40.60 2.03
C3' ADP EA . -16.31 41.52 3.92
O3' ADP EA . -16.69 40.68 5.00
C2' ADP EA . -14.84 41.82 3.98
O2' ADP EA . -14.31 41.50 5.28
C1' ADP EA . -14.20 40.92 2.95
N9 ADP EA . -13.16 41.67 2.24
C8 ADP EA . -13.17 41.89 0.92
N7 ADP EA . -12.09 42.61 0.53
C5 ADP EA . -11.38 42.86 1.63
C6 ADP EA . -10.12 43.55 1.91
N6 ADP EA . -9.43 44.16 0.92
N1 ADP EA . -9.69 43.59 3.18
C2 ADP EA . -10.38 43.02 4.17
N3 ADP EA . -11.53 42.35 3.98
C4 ADP EA . -12.08 42.24 2.75
PB ADP FA . -35.97 -4.06 7.75
O1B ADP FA . -36.16 -3.24 8.99
O2B ADP FA . -35.20 -3.38 6.64
O3B ADP FA . -37.19 -4.82 7.30
PA ADP FA . -33.81 -4.84 9.28
O1A ADP FA . -34.27 -5.23 10.66
O2A ADP FA . -33.30 -3.44 9.04
O3A ADP FA . -34.95 -5.19 8.22
O5' ADP FA . -32.67 -5.87 8.83
C5' ADP FA . -32.32 -6.90 9.74
C4' ADP FA . -30.94 -7.38 9.38
O4' ADP FA . -30.02 -6.80 10.28
C3' ADP FA . -30.85 -8.87 9.54
O3' ADP FA . -30.45 -9.46 8.30
C2' ADP FA . -29.78 -9.12 10.57
O2' ADP FA . -28.79 -10.03 10.08
C1' ADP FA . -29.12 -7.78 10.78
N9 ADP FA . -28.99 -7.61 12.24
C8 ADP FA . -29.78 -6.86 13.02
N7 ADP FA . -29.38 -6.92 14.31
C5 ADP FA . -28.34 -7.75 14.35
C6 ADP FA . -27.45 -8.25 15.40
N6 ADP FA . -27.63 -7.87 16.69
N1 ADP FA . -26.46 -9.09 15.03
C2 ADP FA . -26.28 -9.46 13.75
N3 ADP FA . -27.05 -9.04 12.74
C4 ADP FA . -28.08 -8.20 12.99
#